data_9CLZ
#
_entry.id   9CLZ
#
_entity_poly.entity_id   1
_entity_poly.type   'polypeptide(L)'
_entity_poly.pdbx_seq_one_letter_code
;MTDEPVATEEPAARDEVRRAEALGGQAAEQLAMKILVINGPNINFLGIREKGIYGPLNYDDLVEMIKGTAKGLKVKVEVF
QSNHEGAIIDKLQEAYYNDVDGIVINPGAFTHYSYAVRDALASIAAIPKIEVHISNVHTREEFRHTSVTVPVCQGEVVGL
GLGGYLAAMGMLVEMTKSNGSWGSLEHHHHHH
;
_entity_poly.pdbx_strand_id   0,1,2,3,4,5,6,7,8,9,A,B,C,D,E,F,G,H,I,J,K,L,M,N,O,P,Q,R,S,T,U,V,W,X,Y,Z,c,d,e,f,g,h,i,j,k,l,m,n,o,p,q,r,s,t,u,v,w,x,y,z
#
# COMPACT_ATOMS: atom_id res chain seq x y z
N MET A 33 -50.41 78.63 -30.04
CA MET A 33 -50.25 77.19 -29.73
C MET A 33 -51.50 76.64 -29.07
N LYS A 34 -51.94 75.44 -29.48
CA LYS A 34 -53.13 74.72 -28.99
C LYS A 34 -52.73 73.40 -28.33
N ILE A 35 -53.11 73.18 -27.07
CA ILE A 35 -52.83 71.98 -26.29
C ILE A 35 -54.11 71.19 -26.02
N LEU A 36 -54.04 69.86 -26.07
CA LEU A 36 -55.14 68.97 -25.70
C LEU A 36 -54.76 68.12 -24.48
N VAL A 37 -55.58 68.17 -23.42
CA VAL A 37 -55.42 67.37 -22.22
C VAL A 37 -56.49 66.28 -22.16
N ILE A 38 -56.08 65.02 -22.06
CA ILE A 38 -56.97 63.86 -22.02
C ILE A 38 -56.80 63.13 -20.69
N ASN A 39 -57.90 62.98 -19.96
CA ASN A 39 -58.00 62.20 -18.74
C ASN A 39 -58.80 60.91 -18.98
N GLY A 40 -58.28 59.79 -18.53
CA GLY A 40 -58.89 58.47 -18.70
C GLY A 40 -60.05 58.17 -17.74
N PRO A 41 -60.43 56.90 -17.59
CA PRO A 41 -61.50 56.49 -16.68
C PRO A 41 -61.17 56.78 -15.22
N ASN A 42 -62.20 56.95 -14.38
CA ASN A 42 -62.11 57.21 -12.94
C ASN A 42 -61.49 58.54 -12.49
N ILE A 43 -60.77 59.27 -13.35
CA ILE A 43 -60.09 60.53 -12.96
C ILE A 43 -61.07 61.61 -12.50
N ASN A 44 -62.31 61.61 -13.00
CA ASN A 44 -63.35 62.55 -12.55
C ASN A 44 -63.79 62.34 -11.08
N PHE A 45 -63.41 61.22 -10.46
CA PHE A 45 -63.67 60.93 -9.04
C PHE A 45 -62.51 61.27 -8.10
N LEU A 46 -61.49 62.02 -8.53
CA LEU A 46 -60.51 62.60 -7.60
C LEU A 46 -61.18 63.34 -6.44
N GLY A 47 -60.68 63.17 -5.22
CA GLY A 47 -61.24 63.77 -4.00
C GLY A 47 -62.45 63.03 -3.43
N ILE A 48 -63.12 62.18 -4.22
CA ILE A 48 -64.03 61.13 -3.72
C ILE A 48 -63.23 59.85 -3.47
N PRO A 56 -58.07 66.77 -0.25
CA PRO A 56 -59.38 67.42 -0.40
C PRO A 56 -59.61 68.03 -1.81
N LEU A 57 -58.57 68.20 -2.63
CA LEU A 57 -58.72 68.72 -3.99
C LEU A 57 -59.47 67.74 -4.89
N ASN A 58 -60.39 68.25 -5.71
CA ASN A 58 -61.22 67.45 -6.61
C ASN A 58 -60.94 67.75 -8.09
N TYR A 59 -61.64 67.08 -9.00
CA TYR A 59 -61.41 67.22 -10.43
C TYR A 59 -61.64 68.63 -10.97
N ASP A 60 -62.60 69.39 -10.42
CA ASP A 60 -62.81 70.78 -10.87
C ASP A 60 -61.65 71.69 -10.46
N ASP A 61 -60.99 71.42 -9.33
CA ASP A 61 -59.81 72.16 -8.92
C ASP A 61 -58.65 71.95 -9.90
N LEU A 62 -58.46 70.70 -10.36
CA LEU A 62 -57.46 70.36 -11.37
C LEU A 62 -57.75 71.07 -12.70
N VAL A 63 -59.01 71.07 -13.15
CA VAL A 63 -59.39 71.75 -14.38
C VAL A 63 -59.14 73.26 -14.27
N GLU A 64 -59.47 73.89 -13.15
CA GLU A 64 -59.19 75.31 -12.95
C GLU A 64 -57.68 75.62 -12.91
N MET A 65 -56.87 74.80 -12.25
CA MET A 65 -55.41 74.93 -12.27
C MET A 65 -54.85 74.84 -13.70
N ILE A 66 -55.33 73.90 -14.52
CA ILE A 66 -54.90 73.76 -15.91
C ILE A 66 -55.33 74.97 -16.74
N LYS A 67 -56.60 75.38 -16.67
CA LYS A 67 -57.09 76.55 -17.43
C LYS A 67 -56.43 77.86 -17.03
N GLY A 68 -56.10 78.04 -15.75
CA GLY A 68 -55.34 79.21 -15.28
C GLY A 68 -53.89 79.20 -15.76
N THR A 69 -53.23 78.04 -15.71
CA THR A 69 -51.86 77.90 -16.21
C THR A 69 -51.76 78.13 -17.71
N ALA A 70 -52.77 77.73 -18.50
CA ALA A 70 -52.77 77.97 -19.94
C ALA A 70 -52.69 79.47 -20.28
N LYS A 71 -53.47 80.32 -19.61
CA LYS A 71 -53.38 81.78 -19.75
C LYS A 71 -52.01 82.33 -19.36
N GLY A 72 -51.43 81.82 -18.28
CA GLY A 72 -50.09 82.18 -17.85
C GLY A 72 -49.03 81.87 -18.90
N LEU A 73 -49.08 80.69 -19.50
CA LEU A 73 -48.19 80.26 -20.59
C LEU A 73 -48.55 80.84 -21.97
N LYS A 74 -49.64 81.60 -22.09
CA LYS A 74 -50.16 82.17 -23.35
C LYS A 74 -50.47 81.11 -24.42
N VAL A 75 -51.10 80.00 -24.03
CA VAL A 75 -51.55 78.91 -24.92
C VAL A 75 -53.05 78.70 -24.79
N LYS A 76 -53.69 78.16 -25.83
CA LYS A 76 -55.08 77.67 -25.75
C LYS A 76 -55.09 76.22 -25.29
N VAL A 77 -56.06 75.82 -24.47
CA VAL A 77 -56.17 74.46 -23.95
C VAL A 77 -57.59 73.92 -24.07
N GLU A 78 -57.72 72.65 -24.46
CA GLU A 78 -58.94 71.86 -24.29
C GLU A 78 -58.69 70.76 -23.28
N VAL A 79 -59.58 70.58 -22.31
CA VAL A 79 -59.50 69.52 -21.30
C VAL A 79 -60.68 68.56 -21.46
N PHE A 80 -60.41 67.27 -21.61
CA PHE A 80 -61.40 66.23 -21.90
C PHE A 80 -61.25 65.03 -20.96
N GLN A 81 -62.37 64.45 -20.53
CA GLN A 81 -62.41 63.22 -19.76
C GLN A 81 -63.51 62.29 -20.25
N SER A 82 -63.24 60.98 -20.34
CA SER A 82 -64.29 59.98 -20.57
C SER A 82 -63.94 58.65 -19.91
N ASN A 83 -64.98 57.89 -19.51
CA ASN A 83 -64.82 56.53 -19.04
C ASN A 83 -64.73 55.50 -20.17
N HIS A 84 -64.99 55.87 -21.44
CA HIS A 84 -64.99 54.95 -22.57
C HIS A 84 -63.64 54.97 -23.31
N GLU A 85 -63.02 53.80 -23.45
CA GLU A 85 -61.78 53.60 -24.22
C GLU A 85 -61.93 54.08 -25.67
N GLY A 86 -63.06 53.79 -26.30
CA GLY A 86 -63.33 54.21 -27.67
C GLY A 86 -63.51 55.72 -27.84
N ALA A 87 -64.02 56.44 -26.83
CA ALA A 87 -64.14 57.90 -26.89
C ALA A 87 -62.78 58.59 -26.81
N ILE A 88 -61.82 58.01 -26.07
CA ILE A 88 -60.45 58.50 -26.05
C ILE A 88 -59.79 58.31 -27.42
N ILE A 89 -59.96 57.15 -28.06
CA ILE A 89 -59.44 56.91 -29.41
C ILE A 89 -60.09 57.84 -30.43
N ASP A 90 -61.40 58.08 -30.36
CA ASP A 90 -62.06 59.09 -31.19
C ASP A 90 -61.50 60.49 -30.97
N LYS A 91 -61.23 60.88 -29.72
CA LYS A 91 -60.64 62.19 -29.40
C LYS A 91 -59.21 62.33 -29.94
N LEU A 92 -58.39 61.29 -29.84
CA LEU A 92 -57.04 61.28 -30.43
C LEU A 92 -57.09 61.37 -31.97
N GLN A 93 -58.03 60.68 -32.62
CA GLN A 93 -58.19 60.79 -34.07
C GLN A 93 -58.74 62.17 -34.47
N GLU A 94 -59.66 62.75 -33.72
CA GLU A 94 -60.13 64.12 -33.96
C GLU A 94 -59.00 65.15 -33.84
N ALA A 95 -58.11 65.01 -32.86
CA ALA A 95 -56.99 65.94 -32.66
C ALA A 95 -56.07 66.05 -33.88
N TYR A 96 -55.85 64.94 -34.59
CA TYR A 96 -55.05 64.91 -35.82
C TYR A 96 -55.64 65.76 -36.94
N TYR A 97 -56.97 65.83 -37.05
CA TYR A 97 -57.66 66.67 -38.04
C TYR A 97 -57.83 68.13 -37.61
N ASN A 98 -57.46 68.49 -36.39
CA ASN A 98 -57.70 69.83 -35.81
C ASN A 98 -56.42 70.61 -35.47
N ASP A 99 -55.24 70.13 -35.91
CA ASP A 99 -53.96 70.82 -35.74
C ASP A 99 -53.62 71.17 -34.28
N VAL A 100 -53.86 70.22 -33.37
CA VAL A 100 -53.35 70.26 -32.00
C VAL A 100 -51.82 70.23 -32.03
N ASP A 101 -51.16 71.11 -31.29
CA ASP A 101 -49.69 71.22 -31.29
C ASP A 101 -49.00 70.29 -30.30
N GLY A 102 -49.71 69.82 -29.27
CA GLY A 102 -49.21 68.83 -28.32
C GLY A 102 -50.30 68.28 -27.41
N ILE A 103 -50.09 67.06 -26.92
CA ILE A 103 -51.06 66.30 -26.12
C ILE A 103 -50.50 65.98 -24.73
N VAL A 104 -51.28 66.21 -23.68
CA VAL A 104 -51.02 65.68 -22.34
C VAL A 104 -52.04 64.58 -22.06
N ILE A 105 -51.61 63.37 -21.71
CA ILE A 105 -52.54 62.27 -21.44
C ILE A 105 -52.27 61.60 -20.10
N ASN A 106 -53.33 61.35 -19.34
CA ASN A 106 -53.33 60.49 -18.17
C ASN A 106 -54.30 59.34 -18.43
N PRO A 107 -53.85 58.16 -18.88
CA PRO A 107 -54.74 57.07 -19.23
C PRO A 107 -55.44 56.40 -18.04
N GLY A 108 -55.06 56.71 -16.79
CA GLY A 108 -55.49 55.91 -15.65
C GLY A 108 -55.06 54.45 -15.79
N ALA A 109 -55.96 53.51 -15.45
CA ALA A 109 -55.68 52.07 -15.51
C ALA A 109 -55.38 51.51 -16.91
N PHE A 110 -55.86 52.15 -17.99
CA PHE A 110 -55.58 51.72 -19.37
C PHE A 110 -54.08 51.66 -19.71
N THR A 111 -53.25 52.38 -18.97
CA THR A 111 -51.78 52.34 -19.04
C THR A 111 -51.22 50.91 -18.97
N HIS A 112 -51.91 50.03 -18.26
CA HIS A 112 -51.41 48.70 -17.89
C HIS A 112 -52.03 47.56 -18.72
N TYR A 113 -52.93 47.85 -19.67
CA TYR A 113 -53.55 46.83 -20.52
C TYR A 113 -54.08 47.27 -21.91
N SER A 114 -54.32 48.56 -22.17
CA SER A 114 -54.96 48.98 -23.42
C SER A 114 -53.97 49.10 -24.59
N TYR A 115 -53.72 47.98 -25.27
CA TYR A 115 -52.98 48.01 -26.52
C TYR A 115 -53.72 48.80 -27.62
N ALA A 116 -55.05 48.96 -27.54
CA ALA A 116 -55.77 49.80 -28.48
C ALA A 116 -55.44 51.31 -28.33
N VAL A 117 -55.33 51.82 -27.10
CA VAL A 117 -54.92 53.22 -26.85
C VAL A 117 -53.44 53.41 -27.17
N ARG A 118 -52.57 52.44 -26.89
CA ARG A 118 -51.18 52.45 -27.38
C ARG A 118 -51.12 52.64 -28.88
N ASP A 119 -51.81 51.80 -29.64
CA ASP A 119 -51.77 51.88 -31.10
C ASP A 119 -52.46 53.16 -31.63
N ALA A 120 -53.44 53.72 -30.91
CA ALA A 120 -53.99 55.03 -31.24
C ALA A 120 -52.93 56.13 -31.09
N LEU A 121 -52.18 56.16 -29.99
CA LEU A 121 -51.08 57.10 -29.80
C LEU A 121 -49.96 56.91 -30.83
N ALA A 122 -49.67 55.67 -31.22
CA ALA A 122 -48.72 55.38 -32.29
C ALA A 122 -49.18 55.91 -33.66
N SER A 123 -50.48 55.89 -33.94
CA SER A 123 -51.04 56.32 -35.23
C SER A 123 -50.90 57.83 -35.51
N ILE A 124 -50.60 58.65 -34.50
CA ILE A 124 -50.48 60.11 -34.60
C ILE A 124 -49.07 60.62 -34.23
N ALA A 125 -48.03 59.87 -34.60
CA ALA A 125 -46.63 60.15 -34.27
C ALA A 125 -46.11 61.55 -34.67
N ALA A 126 -46.78 62.25 -35.59
CA ALA A 126 -46.47 63.63 -35.94
C ALA A 126 -46.71 64.65 -34.79
N ILE A 127 -47.50 64.30 -33.77
CA ILE A 127 -47.86 65.18 -32.65
C ILE A 127 -47.09 64.73 -31.39
N PRO A 128 -46.40 65.64 -30.67
CA PRO A 128 -45.71 65.30 -29.43
C PRO A 128 -46.71 65.07 -28.28
N LYS A 129 -46.48 64.04 -27.46
CA LYS A 129 -47.32 63.73 -26.30
C LYS A 129 -46.52 63.45 -25.04
N ILE A 130 -47.01 63.92 -23.89
CA ILE A 130 -46.49 63.62 -22.55
C ILE A 130 -47.50 62.78 -21.79
N GLU A 131 -47.07 61.69 -21.16
CA GLU A 131 -47.91 60.90 -20.26
C GLU A 131 -47.78 61.35 -18.80
N VAL A 132 -48.89 61.46 -18.06
CA VAL A 132 -48.93 61.95 -16.68
C VAL A 132 -49.57 60.93 -15.75
N HIS A 133 -48.95 60.66 -14.59
CA HIS A 133 -49.55 59.92 -13.47
C HIS A 133 -49.51 60.71 -12.17
N ILE A 134 -50.65 60.84 -11.50
CA ILE A 134 -50.79 61.63 -10.28
C ILE A 134 -50.06 60.97 -9.11
N SER A 135 -50.30 59.68 -8.89
CA SER A 135 -49.63 58.86 -7.88
C SER A 135 -48.47 58.06 -8.48
N ASN A 136 -47.62 57.48 -7.62
CA ASN A 136 -46.39 56.78 -7.98
C ASN A 136 -46.64 55.38 -8.60
N VAL A 137 -47.47 55.29 -9.64
CA VAL A 137 -48.07 54.02 -10.12
C VAL A 137 -47.08 52.89 -10.36
N THR A 146 -45.16 48.03 -14.92
CA THR A 146 -44.75 48.28 -16.32
C THR A 146 -45.94 48.72 -17.17
N SER A 147 -45.70 49.55 -18.19
CA SER A 147 -46.74 50.27 -18.93
C SER A 147 -46.67 50.03 -20.44
N VAL A 148 -47.83 49.95 -21.11
CA VAL A 148 -47.89 49.73 -22.58
C VAL A 148 -47.89 51.03 -23.41
N THR A 149 -48.31 52.15 -22.84
CA THR A 149 -48.47 53.45 -23.53
C THR A 149 -47.22 54.35 -23.51
N VAL A 150 -46.26 54.11 -22.61
CA VAL A 150 -45.04 54.94 -22.44
C VAL A 150 -44.13 55.01 -23.67
N PRO A 151 -43.75 53.90 -24.35
CA PRO A 151 -42.74 53.97 -25.41
C PRO A 151 -43.20 54.70 -26.69
N VAL A 152 -44.51 54.98 -26.83
CA VAL A 152 -45.10 55.74 -27.94
C VAL A 152 -45.31 57.23 -27.60
N CYS A 153 -44.74 57.72 -26.49
CA CYS A 153 -44.79 59.11 -26.02
C CYS A 153 -43.37 59.72 -25.88
N GLN A 154 -43.26 61.05 -25.93
CA GLN A 154 -41.97 61.76 -25.85
C GLN A 154 -41.46 61.97 -24.42
N GLY A 155 -42.29 61.71 -23.40
CA GLY A 155 -41.89 61.72 -21.99
C GLY A 155 -43.01 61.28 -21.06
N GLU A 156 -42.64 60.94 -19.83
CA GLU A 156 -43.57 60.65 -18.73
C GLU A 156 -43.27 61.50 -17.50
N VAL A 157 -44.31 61.94 -16.79
CA VAL A 157 -44.23 62.64 -15.51
C VAL A 157 -45.01 61.85 -14.47
N VAL A 158 -44.37 61.43 -13.37
CA VAL A 158 -44.95 60.47 -12.42
C VAL A 158 -44.83 60.94 -10.97
N GLY A 159 -45.89 60.82 -10.19
CA GLY A 159 -45.85 60.95 -8.74
C GLY A 159 -45.77 62.39 -8.19
N LEU A 160 -45.89 63.41 -9.03
CA LEU A 160 -45.84 64.82 -8.61
C LEU A 160 -47.21 65.41 -8.24
N GLY A 161 -48.22 64.55 -8.01
CA GLY A 161 -49.58 64.99 -7.70
C GLY A 161 -50.22 65.76 -8.87
N LEU A 162 -51.03 66.76 -8.57
CA LEU A 162 -51.64 67.62 -9.59
C LEU A 162 -50.61 68.53 -10.28
N GLY A 163 -49.41 68.70 -9.71
CA GLY A 163 -48.32 69.45 -10.33
C GLY A 163 -47.76 68.80 -11.61
N GLY A 164 -47.95 67.50 -11.82
CA GLY A 164 -47.42 66.81 -13.00
C GLY A 164 -48.00 67.30 -14.33
N TYR A 165 -49.26 67.74 -14.35
CA TYR A 165 -49.86 68.36 -15.53
C TYR A 165 -49.18 69.69 -15.89
N LEU A 166 -48.76 70.47 -14.90
CA LEU A 166 -48.15 71.78 -15.11
C LEU A 166 -46.74 71.62 -15.68
N ALA A 167 -45.98 70.63 -15.20
CA ALA A 167 -44.72 70.26 -15.83
C ALA A 167 -44.92 69.81 -17.27
N ALA A 168 -45.92 68.96 -17.55
CA ALA A 168 -46.17 68.48 -18.90
C ALA A 168 -46.48 69.63 -19.88
N MET A 169 -47.28 70.62 -19.49
CA MET A 169 -47.50 71.81 -20.32
C MET A 169 -46.22 72.60 -20.52
N GLY A 170 -45.38 72.75 -19.49
CA GLY A 170 -44.06 73.35 -19.62
C GLY A 170 -43.18 72.63 -20.63
N MET A 171 -43.10 71.30 -20.55
CA MET A 171 -42.34 70.47 -21.48
C MET A 171 -42.85 70.53 -22.92
N LEU A 172 -44.12 70.87 -23.17
CA LEU A 172 -44.65 71.05 -24.52
C LEU A 172 -44.41 72.47 -25.05
N VAL A 173 -44.35 73.48 -24.19
CA VAL A 173 -44.00 74.85 -24.57
C VAL A 173 -42.50 74.99 -24.86
N GLU A 174 -41.64 74.21 -24.20
CA GLU A 174 -40.19 74.13 -24.42
C GLU A 174 -39.82 73.40 -25.73
N MET B 33 -32.33 4.72 92.59
CA MET B 33 -32.33 5.11 91.15
C MET B 33 -33.75 5.34 90.65
N LYS B 34 -33.97 6.40 89.88
CA LYS B 34 -35.25 6.77 89.25
C LYS B 34 -35.15 6.74 87.72
N ILE B 35 -36.01 5.98 87.05
CA ILE B 35 -36.07 5.85 85.58
C ILE B 35 -37.37 6.47 85.05
N LEU B 36 -37.30 7.10 83.88
CA LEU B 36 -38.47 7.62 83.17
C LEU B 36 -38.66 6.90 81.82
N VAL B 37 -39.84 6.34 81.59
CA VAL B 37 -40.21 5.70 80.32
C VAL B 37 -41.22 6.56 79.59
N ILE B 38 -40.91 6.94 78.34
CA ILE B 38 -41.75 7.80 77.51
C ILE B 38 -42.19 7.04 76.25
N ASN B 39 -43.50 6.96 76.03
CA ASN B 39 -44.11 6.37 74.85
C ASN B 39 -44.76 7.46 73.98
N GLY B 40 -44.48 7.44 72.69
CA GLY B 40 -44.98 8.41 71.73
C GLY B 40 -46.44 8.19 71.27
N PRO B 41 -46.85 8.84 70.18
CA PRO B 41 -48.20 8.70 69.63
C PRO B 41 -48.49 7.27 69.18
N ASN B 42 -49.77 6.88 69.21
CA ASN B 42 -50.30 5.57 68.80
C ASN B 42 -49.89 4.36 69.67
N ILE B 43 -48.89 4.45 70.55
CA ILE B 43 -48.42 3.29 71.34
C ILE B 43 -49.50 2.76 72.29
N ASN B 44 -50.41 3.60 72.77
CA ASN B 44 -51.54 3.16 73.60
C ASN B 44 -52.53 2.22 72.88
N PHE B 45 -52.46 2.11 71.55
CA PHE B 45 -53.30 1.24 70.73
C PHE B 45 -52.61 -0.08 70.35
N LEU B 46 -51.49 -0.46 70.98
CA LEU B 46 -50.98 -1.84 70.91
C LEU B 46 -52.09 -2.85 71.24
N GLY B 47 -52.17 -3.93 70.47
CA GLY B 47 -53.21 -4.96 70.61
C GLY B 47 -54.54 -4.60 69.95
N ILE B 48 -54.72 -3.36 69.49
CA ILE B 48 -55.79 -2.96 68.55
C ILE B 48 -55.18 -2.78 67.15
N PRO B 56 -51.82 -10.63 70.93
CA PRO B 56 -52.91 -10.38 71.86
C PRO B 56 -52.52 -9.47 73.05
N LEU B 57 -51.24 -9.23 73.31
CA LEU B 57 -50.80 -8.33 74.38
C LEU B 57 -51.14 -6.87 74.06
N ASN B 58 -51.62 -6.12 75.05
CA ASN B 58 -52.01 -4.73 74.90
C ASN B 58 -51.14 -3.77 75.74
N TYR B 59 -51.43 -2.48 75.70
CA TYR B 59 -50.63 -1.47 76.38
C TYR B 59 -50.60 -1.62 77.91
N ASP B 60 -51.67 -2.09 78.55
CA ASP B 60 -51.69 -2.32 79.99
C ASP B 60 -50.77 -3.48 80.40
N ASP B 61 -50.65 -4.50 79.54
CA ASP B 61 -49.71 -5.60 79.77
C ASP B 61 -48.26 -5.11 79.76
N LEU B 62 -47.90 -4.26 78.80
CA LEU B 62 -46.57 -3.64 78.73
C LEU B 62 -46.26 -2.82 79.99
N VAL B 63 -47.20 -2.00 80.47
CA VAL B 63 -47.01 -1.23 81.68
C VAL B 63 -46.80 -2.12 82.89
N GLU B 64 -47.57 -3.19 83.04
CA GLU B 64 -47.39 -4.13 84.16
C GLU B 64 -46.03 -4.84 84.09
N MET B 65 -45.58 -5.28 82.91
CA MET B 65 -44.25 -5.87 82.73
C MET B 65 -43.13 -4.89 83.13
N ILE B 66 -43.23 -3.62 82.75
CA ILE B 66 -42.25 -2.60 83.12
C ILE B 66 -42.26 -2.34 84.63
N LYS B 67 -43.43 -2.17 85.25
CA LYS B 67 -43.54 -1.94 86.70
C LYS B 67 -43.07 -3.12 87.53
N GLY B 68 -43.38 -4.35 87.13
CA GLY B 68 -42.88 -5.56 87.80
C GLY B 68 -41.36 -5.71 87.66
N THR B 69 -40.80 -5.44 86.49
CA THR B 69 -39.35 -5.46 86.27
C THR B 69 -38.64 -4.39 87.09
N ALA B 70 -39.22 -3.21 87.28
CA ALA B 70 -38.63 -2.17 88.11
C ALA B 70 -38.46 -2.62 89.58
N LYS B 71 -39.43 -3.33 90.16
CA LYS B 71 -39.28 -3.95 91.48
C LYS B 71 -38.18 -5.01 91.48
N GLY B 72 -38.09 -5.83 90.43
CA GLY B 72 -37.05 -6.83 90.29
C GLY B 72 -35.64 -6.25 90.26
N LEU B 73 -35.44 -5.16 89.51
CA LEU B 73 -34.18 -4.43 89.43
C LEU B 73 -33.93 -3.48 90.62
N LYS B 74 -34.86 -3.35 91.56
CA LYS B 74 -34.80 -2.42 92.70
C LYS B 74 -34.63 -0.95 92.27
N VAL B 75 -35.44 -0.50 91.32
CA VAL B 75 -35.48 0.90 90.84
C VAL B 75 -36.90 1.45 90.89
N LYS B 76 -37.03 2.78 90.96
CA LYS B 76 -38.33 3.46 90.79
C LYS B 76 -38.53 3.82 89.32
N VAL B 77 -39.74 3.64 88.81
CA VAL B 77 -40.07 3.93 87.40
C VAL B 77 -41.33 4.77 87.27
N GLU B 78 -41.31 5.74 86.37
CA GLU B 78 -42.49 6.45 85.89
C GLU B 78 -42.72 6.10 84.42
N VAL B 79 -43.95 5.73 84.04
CA VAL B 79 -44.31 5.43 82.66
C VAL B 79 -45.33 6.46 82.15
N PHE B 80 -45.02 7.11 81.03
CA PHE B 80 -45.82 8.19 80.45
C PHE B 80 -46.10 7.93 78.96
N GLN B 81 -47.30 8.27 78.50
CA GLN B 81 -47.66 8.24 77.09
C GLN B 81 -48.47 9.48 76.69
N SER B 82 -48.21 10.06 75.52
CA SER B 82 -49.06 11.10 74.95
C SER B 82 -49.02 11.09 73.43
N ASN B 83 -50.13 11.48 72.80
CA ASN B 83 -50.20 11.71 71.35
C ASN B 83 -49.67 13.08 70.92
N HIS B 84 -49.37 13.99 71.85
CA HIS B 84 -48.90 15.34 71.55
C HIS B 84 -47.37 15.44 71.58
N GLU B 85 -46.75 15.91 70.49
CA GLU B 85 -45.31 16.19 70.41
C GLU B 85 -44.86 17.17 71.51
N GLY B 86 -45.64 18.21 71.78
CA GLY B 86 -45.31 19.19 72.81
C GLY B 86 -45.37 18.65 74.23
N ALA B 87 -46.24 17.69 74.52
CA ALA B 87 -46.32 17.09 75.84
C ALA B 87 -45.11 16.18 76.15
N ILE B 88 -44.54 15.55 75.12
CA ILE B 88 -43.28 14.81 75.23
C ILE B 88 -42.14 15.78 75.55
N ILE B 89 -42.05 16.91 74.84
CA ILE B 89 -41.00 17.91 75.11
C ILE B 89 -41.16 18.50 76.52
N ASP B 90 -42.37 18.81 76.98
CA ASP B 90 -42.60 19.23 78.36
C ASP B 90 -42.15 18.18 79.38
N LYS B 91 -42.43 16.89 79.15
CA LYS B 91 -42.04 15.79 80.02
C LYS B 91 -40.51 15.63 80.06
N LEU B 92 -39.82 15.78 78.94
CA LEU B 92 -38.35 15.77 78.90
C LEU B 92 -37.76 16.97 79.65
N GLN B 93 -38.35 18.16 79.53
CA GLN B 93 -37.91 19.32 80.30
C GLN B 93 -38.20 19.15 81.80
N GLU B 94 -39.32 18.54 82.17
CA GLU B 94 -39.63 18.23 83.57
C GLU B 94 -38.62 17.23 84.16
N ALA B 95 -38.18 16.23 83.39
CA ALA B 95 -37.20 15.26 83.84
C ALA B 95 -35.88 15.90 84.27
N TYR B 96 -35.46 16.98 83.62
CA TYR B 96 -34.23 17.70 83.96
C TYR B 96 -34.29 18.38 85.34
N TYR B 97 -35.44 18.88 85.75
CA TYR B 97 -35.65 19.50 87.07
C TYR B 97 -35.97 18.51 88.19
N ASN B 98 -36.17 17.22 87.87
CA ASN B 98 -36.60 16.18 88.81
C ASN B 98 -35.56 15.08 89.07
N ASP B 99 -34.32 15.26 88.62
CA ASP B 99 -33.19 14.35 88.85
C ASP B 99 -33.49 12.89 88.45
N VAL B 100 -34.04 12.71 87.24
CA VAL B 100 -34.16 11.39 86.60
C VAL B 100 -32.76 10.86 86.28
N ASP B 101 -32.48 9.59 86.61
CA ASP B 101 -31.16 8.99 86.42
C ASP B 101 -30.96 8.41 85.02
N GLY B 102 -32.04 8.12 84.29
CA GLY B 102 -31.98 7.64 82.91
C GLY B 102 -33.35 7.57 82.25
N ILE B 103 -33.40 7.67 80.92
CA ILE B 103 -34.63 7.76 80.14
C ILE B 103 -34.72 6.61 79.13
N VAL B 104 -35.86 5.93 79.05
CA VAL B 104 -36.18 5.01 77.97
C VAL B 104 -37.25 5.66 77.10
N ILE B 105 -37.05 5.77 75.79
CA ILE B 105 -38.01 6.44 74.91
C ILE B 105 -38.35 5.61 73.67
N ASN B 106 -39.65 5.49 73.37
CA ASN B 106 -40.15 4.96 72.12
C ASN B 106 -40.95 6.06 71.41
N PRO B 107 -40.36 6.83 70.49
CA PRO B 107 -41.03 7.96 69.87
C PRO B 107 -42.16 7.58 68.92
N GLY B 108 -42.34 6.30 68.57
CA GLY B 108 -43.21 5.93 67.44
C GLY B 108 -42.76 6.62 66.15
N ALA B 109 -43.70 7.10 65.34
CA ALA B 109 -43.42 7.72 64.05
C ALA B 109 -42.59 9.02 64.12
N PHE B 110 -42.57 9.75 65.24
CA PHE B 110 -41.75 10.95 65.41
C PHE B 110 -40.24 10.69 65.20
N THR B 111 -39.81 9.43 65.33
CA THR B 111 -38.46 8.97 65.01
C THR B 111 -38.01 9.35 63.60
N HIS B 112 -38.94 9.50 62.66
CA HIS B 112 -38.66 9.71 61.23
C HIS B 112 -38.87 11.14 60.76
N TYR B 113 -39.29 12.07 61.63
CA TYR B 113 -39.48 13.48 61.24
C TYR B 113 -39.38 14.55 62.35
N SER B 114 -39.49 14.22 63.64
CA SER B 114 -39.51 15.26 64.69
C SER B 114 -38.11 15.76 65.06
N TYR B 115 -37.61 16.74 64.32
CA TYR B 115 -36.40 17.45 64.72
C TYR B 115 -36.58 18.24 66.01
N ALA B 116 -37.82 18.59 66.41
CA ALA B 116 -38.08 19.21 67.70
C ALA B 116 -37.79 18.26 68.87
N VAL B 117 -38.20 16.99 68.78
CA VAL B 117 -37.89 15.98 69.81
C VAL B 117 -36.41 15.61 69.79
N ARG B 118 -35.76 15.52 68.62
CA ARG B 118 -34.30 15.37 68.54
C ARG B 118 -33.59 16.46 69.34
N ASP B 119 -33.92 17.71 69.08
CA ASP B 119 -33.28 18.83 69.76
C ASP B 119 -33.66 18.91 71.25
N ALA B 120 -34.84 18.43 71.65
CA ALA B 120 -35.19 18.30 73.06
C ALA B 120 -34.29 17.28 73.76
N LEU B 121 -34.07 16.10 73.17
CA LEU B 121 -33.14 15.10 73.69
C LEU B 121 -31.69 15.63 73.71
N ALA B 122 -31.27 16.41 72.71
CA ALA B 122 -29.97 17.05 72.72
C ALA B 122 -29.82 18.08 73.86
N SER B 123 -30.90 18.75 74.26
CA SER B 123 -30.87 19.76 75.33
C SER B 123 -30.59 19.18 76.73
N ILE B 124 -30.79 17.88 76.94
CA ILE B 124 -30.61 17.20 78.24
C ILE B 124 -29.47 16.18 78.21
N ALA B 125 -28.35 16.51 77.56
CA ALA B 125 -27.22 15.61 77.34
C ALA B 125 -26.57 15.02 78.62
N ALA B 126 -26.80 15.61 79.78
CA ALA B 126 -26.36 15.08 81.07
C ALA B 126 -27.07 13.78 81.49
N ILE B 127 -28.22 13.45 80.91
CA ILE B 127 -29.02 12.27 81.28
C ILE B 127 -28.85 11.18 80.21
N PRO B 128 -28.53 9.93 80.57
CA PRO B 128 -28.42 8.84 79.61
C PRO B 128 -29.80 8.42 79.08
N LYS B 129 -29.94 8.23 77.77
CA LYS B 129 -31.20 7.77 77.16
C LYS B 129 -31.00 6.60 76.22
N ILE B 130 -31.92 5.64 76.25
CA ILE B 130 -32.01 4.52 75.30
C ILE B 130 -33.26 4.68 74.45
N GLU B 131 -33.13 4.59 73.13
CA GLU B 131 -34.29 4.54 72.22
C GLU B 131 -34.77 3.11 72.01
N VAL B 132 -36.09 2.89 71.95
CA VAL B 132 -36.72 1.57 71.83
C VAL B 132 -37.71 1.51 70.67
N HIS B 133 -37.66 0.46 69.85
CA HIS B 133 -38.68 0.13 68.83
C HIS B 133 -39.15 -1.32 68.98
N ILE B 134 -40.47 -1.52 69.01
CA ILE B 134 -41.08 -2.83 69.22
C ILE B 134 -40.91 -3.71 67.98
N SER B 135 -41.21 -3.17 66.81
CA SER B 135 -41.04 -3.81 65.50
C SER B 135 -39.79 -3.32 64.77
N ASN B 136 -39.40 -4.01 63.70
CA ASN B 136 -38.13 -3.84 62.98
C ASN B 136 -38.10 -2.60 62.07
N VAL B 137 -38.35 -1.40 62.59
CA VAL B 137 -38.64 -0.17 61.81
C VAL B 137 -37.64 0.12 60.69
N THR B 146 -34.21 5.41 57.99
CA THR B 146 -33.26 6.27 58.72
C THR B 146 -33.99 7.14 59.74
N SER B 147 -33.36 7.43 60.88
CA SER B 147 -34.00 8.00 62.08
C SER B 147 -33.30 9.27 62.58
N VAL B 148 -34.07 10.28 62.98
CA VAL B 148 -33.52 11.59 63.43
C VAL B 148 -33.16 11.63 64.92
N THR B 149 -33.71 10.74 65.74
CA THR B 149 -33.53 10.71 67.22
C THR B 149 -32.40 9.79 67.71
N VAL B 150 -31.90 8.87 66.88
CA VAL B 150 -30.85 7.90 67.27
C VAL B 150 -29.51 8.53 67.68
N PRO B 151 -28.89 9.47 66.92
CA PRO B 151 -27.53 9.93 67.23
C PRO B 151 -27.42 10.81 68.48
N VAL B 152 -28.54 11.24 69.06
CA VAL B 152 -28.61 11.98 70.35
C VAL B 152 -28.90 11.09 71.56
N CYS B 153 -28.85 9.76 71.40
CA CYS B 153 -29.06 8.75 72.45
C CYS B 153 -27.83 7.86 72.65
N GLN B 154 -27.68 7.26 73.84
CA GLN B 154 -26.55 6.38 74.16
C GLN B 154 -26.65 4.99 73.51
N GLY B 155 -27.82 4.60 73.03
CA GLY B 155 -28.04 3.36 72.28
C GLY B 155 -29.48 3.21 71.79
N GLU B 156 -29.70 2.24 70.90
CA GLU B 156 -31.02 1.86 70.41
C GLU B 156 -31.25 0.34 70.56
N VAL B 157 -32.48 -0.05 70.87
CA VAL B 157 -32.94 -1.44 70.93
C VAL B 157 -34.13 -1.62 69.97
N VAL B 158 -34.01 -2.51 68.98
CA VAL B 158 -34.96 -2.60 67.87
C VAL B 158 -35.43 -4.03 67.63
N GLY B 159 -36.74 -4.23 67.43
CA GLY B 159 -37.30 -5.47 66.91
C GLY B 159 -37.37 -6.64 67.88
N LEU B 160 -37.15 -6.41 69.19
CA LEU B 160 -37.22 -7.45 70.22
C LEU B 160 -38.61 -7.55 70.88
N GLY B 161 -39.64 -6.96 70.29
CA GLY B 161 -40.98 -6.93 70.87
C GLY B 161 -41.03 -6.12 72.16
N LEU B 162 -41.93 -6.47 73.07
CA LEU B 162 -42.06 -5.82 74.38
C LEU B 162 -40.83 -6.07 75.28
N GLY B 163 -40.02 -7.09 74.98
CA GLY B 163 -38.75 -7.34 75.66
C GLY B 163 -37.70 -6.24 75.46
N GLY B 164 -37.82 -5.40 74.42
CA GLY B 164 -36.87 -4.32 74.18
C GLY B 164 -36.81 -3.29 75.31
N TYR B 165 -37.94 -2.99 75.97
CA TYR B 165 -37.97 -2.12 77.15
C TYR B 165 -37.18 -2.72 78.31
N LEU B 166 -37.22 -4.04 78.48
CA LEU B 166 -36.54 -4.71 79.59
C LEU B 166 -35.03 -4.72 79.37
N ALA B 167 -34.56 -4.91 78.14
CA ALA B 167 -33.15 -4.66 77.82
C ALA B 167 -32.75 -3.22 78.10
N ALA B 168 -33.53 -2.22 77.67
CA ALA B 168 -33.20 -0.84 77.90
C ALA B 168 -33.10 -0.48 79.38
N MET B 169 -34.01 -0.96 80.23
CA MET B 169 -33.89 -0.79 81.68
C MET B 169 -32.62 -1.45 82.22
N GLY B 170 -32.29 -2.66 81.76
CA GLY B 170 -31.05 -3.32 82.15
C GLY B 170 -29.81 -2.52 81.75
N MET B 171 -29.77 -2.00 80.51
CA MET B 171 -28.66 -1.19 80.02
C MET B 171 -28.48 0.12 80.79
N LEU B 172 -29.50 0.65 81.44
CA LEU B 172 -29.39 1.84 82.29
C LEU B 172 -28.95 1.52 83.72
N VAL B 173 -29.26 0.34 84.24
CA VAL B 173 -28.75 -0.13 85.55
C VAL B 173 -27.28 -0.50 85.46
N GLU B 174 -26.82 -1.01 84.33
CA GLU B 174 -25.42 -1.36 84.04
C GLU B 174 -24.49 -0.14 83.88
N MET C 33 29.66 -39.88 -84.62
CA MET C 33 29.77 -38.93 -83.48
C MET C 33 31.22 -38.74 -83.08
N LYS C 34 31.62 -37.49 -82.81
CA LYS C 34 32.97 -37.08 -82.38
C LYS C 34 32.94 -36.45 -80.98
N ILE C 35 33.71 -36.98 -80.04
CA ILE C 35 33.80 -36.50 -78.65
C ILE C 35 35.18 -35.86 -78.40
N LEU C 36 35.24 -34.80 -77.63
CA LEU C 36 36.49 -34.19 -77.16
C LEU C 36 36.62 -34.29 -75.64
N VAL C 37 37.73 -34.83 -75.15
CA VAL C 37 38.04 -34.93 -73.72
C VAL C 37 39.19 -33.97 -73.39
N ILE C 38 38.97 -33.05 -72.46
CA ILE C 38 39.96 -32.06 -72.03
C ILE C 38 40.30 -32.26 -70.55
N ASN C 39 41.59 -32.46 -70.26
CA ASN C 39 42.15 -32.54 -68.93
C ASN C 39 42.97 -31.30 -68.58
N GLY C 40 42.73 -30.72 -67.41
CA GLY C 40 43.41 -29.51 -66.93
C GLY C 40 44.84 -29.73 -66.39
N PRO C 41 45.40 -28.75 -65.68
CA PRO C 41 46.73 -28.83 -65.11
C PRO C 41 46.85 -29.94 -64.07
N ASN C 42 48.05 -30.48 -63.89
CA ASN C 42 48.39 -31.55 -62.93
C ASN C 42 47.77 -32.94 -63.18
N ILE C 43 46.77 -33.08 -64.04
CA ILE C 43 46.09 -34.37 -64.28
C ILE C 43 47.04 -35.42 -64.87
N ASN C 44 48.06 -35.01 -65.64
CA ASN C 44 49.08 -35.91 -66.16
C ASN C 44 49.96 -36.57 -65.08
N PHE C 45 49.93 -36.10 -63.84
CA PHE C 45 50.66 -36.65 -62.70
C PHE C 45 49.81 -37.60 -61.82
N LEU C 46 48.64 -38.07 -62.29
CA LEU C 46 47.95 -39.21 -61.66
C LEU C 46 48.92 -40.38 -61.44
N GLY C 47 48.86 -41.01 -60.27
CA GLY C 47 49.74 -42.13 -59.91
C GLY C 47 51.14 -41.72 -59.44
N ILE C 48 51.52 -40.45 -59.60
CA ILE C 48 52.67 -39.83 -58.90
C ILE C 48 52.14 -39.02 -57.72
N PRO C 56 47.52 -47.13 -57.90
CA PRO C 56 48.60 -47.43 -58.83
C PRO C 56 48.30 -47.08 -60.29
N LEU C 57 47.05 -46.79 -60.66
CA LEU C 57 46.69 -46.38 -62.02
C LEU C 57 47.22 -44.98 -62.34
N ASN C 58 47.78 -44.79 -63.54
CA ASN C 58 48.36 -43.54 -63.99
C ASN C 58 47.60 -42.92 -65.17
N TYR C 59 48.07 -41.79 -65.69
CA TYR C 59 47.40 -41.08 -66.78
C TYR C 59 47.31 -41.89 -68.08
N ASP C 60 48.30 -42.70 -68.42
CA ASP C 60 48.24 -43.54 -69.63
C ASP C 60 47.22 -44.67 -69.51
N ASP C 61 47.00 -45.19 -68.30
CA ASP C 61 45.91 -46.15 -68.04
C ASP C 61 44.55 -45.53 -68.30
N LEU C 62 44.33 -44.28 -67.84
CA LEU C 62 43.10 -43.54 -68.08
C LEU C 62 42.88 -43.27 -69.58
N VAL C 63 43.92 -42.89 -70.33
CA VAL C 63 43.81 -42.69 -71.77
C VAL C 63 43.42 -44.00 -72.48
N GLU C 64 44.02 -45.13 -72.13
CA GLU C 64 43.64 -46.41 -72.73
C GLU C 64 42.20 -46.82 -72.38
N MET C 65 41.75 -46.62 -71.14
CA MET C 65 40.35 -46.85 -70.77
C MET C 65 39.38 -46.01 -71.60
N ILE C 66 39.68 -44.73 -71.82
CA ILE C 66 38.84 -43.84 -72.63
C ILE C 66 38.85 -44.28 -74.10
N LYS C 67 40.01 -44.56 -74.69
CA LYS C 67 40.09 -44.98 -76.10
C LYS C 67 39.44 -46.34 -76.36
N GLY C 68 39.56 -47.28 -75.42
CA GLY C 68 38.88 -48.57 -75.51
C GLY C 68 37.37 -48.43 -75.39
N THR C 69 36.89 -47.61 -74.45
CA THR C 69 35.46 -47.32 -74.31
C THR C 69 34.88 -46.62 -75.54
N ALA C 70 35.63 -45.73 -76.19
CA ALA C 70 35.18 -45.08 -77.42
C ALA C 70 34.88 -46.07 -78.55
N LYS C 71 35.76 -47.05 -78.79
CA LYS C 71 35.48 -48.15 -79.73
C LYS C 71 34.25 -48.95 -79.33
N GLY C 72 34.09 -49.24 -78.04
CA GLY C 72 32.93 -49.94 -77.52
C GLY C 72 31.62 -49.21 -77.79
N LEU C 73 31.57 -47.90 -77.54
CA LEU C 73 30.41 -47.05 -77.81
C LEU C 73 30.24 -46.65 -79.28
N LYS C 74 31.16 -47.04 -80.17
CA LYS C 74 31.19 -46.68 -81.61
C LYS C 74 31.22 -45.17 -81.84
N VAL C 75 32.08 -44.46 -81.11
CA VAL C 75 32.34 -43.01 -81.26
C VAL C 75 33.82 -42.75 -81.55
N LYS C 76 34.13 -41.63 -82.21
CA LYS C 76 35.51 -41.12 -82.30
C LYS C 76 35.81 -40.22 -81.11
N VAL C 77 37.02 -40.29 -80.57
CA VAL C 77 37.43 -39.48 -79.40
C VAL C 77 38.80 -38.84 -79.62
N GLU C 78 38.94 -37.59 -79.20
CA GLU C 78 40.22 -36.91 -79.02
C GLU C 78 40.45 -36.64 -77.53
N VAL C 79 41.61 -37.00 -77.01
CA VAL C 79 41.97 -36.76 -75.60
C VAL C 79 43.13 -35.77 -75.53
N PHE C 80 42.97 -34.68 -74.79
CA PHE C 80 43.92 -33.57 -74.68
C PHE C 80 44.21 -33.19 -73.23
N GLN C 81 45.46 -32.86 -72.91
CA GLN C 81 45.86 -32.32 -71.61
C GLN C 81 46.84 -31.16 -71.77
N SER C 82 46.70 -30.11 -70.97
CA SER C 82 47.71 -29.05 -70.88
C SER C 82 47.75 -28.39 -69.51
N ASN C 83 48.93 -27.93 -69.10
CA ASN C 83 49.07 -27.13 -67.89
C ASN C 83 48.74 -25.64 -68.11
N HIS C 84 48.59 -25.18 -69.35
CA HIS C 84 48.31 -23.78 -69.67
C HIS C 84 46.80 -23.48 -69.78
N GLU C 85 46.31 -22.51 -69.01
CA GLU C 85 44.92 -22.04 -69.07
C GLU C 85 44.53 -21.56 -70.47
N GLY C 86 45.42 -20.83 -71.14
CA GLY C 86 45.18 -20.34 -72.49
C GLY C 86 45.12 -21.44 -73.55
N ALA C 87 45.85 -22.54 -73.39
CA ALA C 87 45.81 -23.66 -74.33
C ALA C 87 44.48 -24.43 -74.26
N ILE C 88 43.86 -24.50 -73.08
CA ILE C 88 42.51 -25.04 -72.92
C ILE C 88 41.49 -24.14 -73.65
N ILE C 89 41.57 -22.83 -73.46
CA ILE C 89 40.67 -21.89 -74.15
C ILE C 89 40.86 -21.96 -75.67
N ASP C 90 42.09 -22.06 -76.18
CA ASP C 90 42.34 -22.30 -77.60
C ASP C 90 41.72 -23.61 -78.09
N LYS C 91 41.82 -24.71 -77.32
CA LYS C 91 41.25 -26.01 -77.68
C LYS C 91 39.72 -25.96 -77.69
N LEU C 92 39.09 -25.26 -76.74
CA LEU C 92 37.65 -25.03 -76.74
C LEU C 92 37.21 -24.19 -77.94
N GLN C 93 37.97 -23.15 -78.32
CA GLN C 93 37.67 -22.37 -79.51
C GLN C 93 37.88 -23.18 -80.80
N GLU C 94 38.90 -24.02 -80.88
CA GLU C 94 39.10 -24.92 -82.02
C GLU C 94 37.95 -25.90 -82.18
N ALA C 95 37.40 -26.44 -81.08
CA ALA C 95 36.31 -27.40 -81.11
C ALA C 95 35.07 -26.84 -81.82
N TYR C 96 34.78 -25.55 -81.66
CA TYR C 96 33.66 -24.87 -82.30
C TYR C 96 33.74 -24.90 -83.84
N TYR C 97 34.95 -24.79 -84.40
CA TYR C 97 35.18 -24.84 -85.84
C TYR C 97 35.32 -26.26 -86.42
N ASN C 98 35.33 -27.30 -85.57
CA ASN C 98 35.63 -28.68 -85.96
C ASN C 98 34.46 -29.65 -85.76
N ASP C 99 33.25 -29.14 -85.46
CA ASP C 99 32.02 -29.93 -85.36
C ASP C 99 32.11 -31.08 -84.34
N VAL C 100 32.74 -30.83 -83.19
CA VAL C 100 32.69 -31.72 -82.03
C VAL C 100 31.25 -31.83 -81.53
N ASP C 101 30.76 -33.04 -81.31
CA ASP C 101 29.36 -33.29 -80.91
C ASP C 101 29.14 -33.19 -79.41
N GLY C 102 30.17 -33.34 -78.58
CA GLY C 102 30.11 -33.15 -77.14
C GLY C 102 31.49 -33.13 -76.48
N ILE C 103 31.57 -32.45 -75.33
CA ILE C 103 32.82 -32.21 -74.60
C ILE C 103 32.77 -32.82 -73.20
N VAL C 104 33.81 -33.56 -72.81
CA VAL C 104 34.04 -33.96 -71.42
C VAL C 104 35.21 -33.15 -70.89
N ILE C 105 35.05 -32.45 -69.76
CA ILE C 105 36.12 -31.61 -69.22
C ILE C 105 36.39 -31.86 -67.74
N ASN C 106 37.67 -31.95 -67.37
CA ASN C 106 38.14 -32.00 -65.99
C ASN C 106 39.12 -30.84 -65.77
N PRO C 107 38.68 -29.68 -65.28
CA PRO C 107 39.52 -28.49 -65.17
C PRO C 107 40.63 -28.59 -64.12
N GLY C 108 40.66 -29.60 -63.27
CA GLY C 108 41.52 -29.60 -62.08
C GLY C 108 41.20 -28.41 -61.18
N ALA C 109 42.23 -27.72 -60.68
CA ALA C 109 42.08 -26.56 -59.80
C ALA C 109 41.38 -25.34 -60.44
N PHE C 110 41.40 -25.18 -61.77
CA PHE C 110 40.73 -24.07 -62.45
C PHE C 110 39.23 -23.98 -62.17
N THR C 111 38.60 -25.08 -61.77
CA THR C 111 37.22 -25.18 -61.27
C THR C 111 36.88 -24.15 -60.20
N HIS C 112 37.86 -23.75 -59.40
CA HIS C 112 37.68 -22.93 -58.20
C HIS C 112 38.09 -21.47 -58.37
N TYR C 113 38.63 -21.06 -59.53
CA TYR C 113 39.05 -19.67 -59.76
C TYR C 113 39.07 -19.18 -61.22
N SER C 114 39.05 -20.03 -62.25
CA SER C 114 39.20 -19.57 -63.63
C SER C 114 37.88 -19.09 -64.23
N TYR C 115 37.55 -17.81 -64.01
CA TYR C 115 36.44 -17.17 -64.72
C TYR C 115 36.69 -17.07 -66.23
N ALA C 116 37.95 -17.10 -66.69
CA ALA C 116 38.25 -17.15 -68.11
C ALA C 116 37.81 -18.47 -68.77
N VAL C 117 38.07 -19.62 -68.15
CA VAL C 117 37.62 -20.92 -68.65
C VAL C 117 36.10 -21.07 -68.55
N ARG C 118 35.47 -20.55 -67.49
CA ARG C 118 34.01 -20.43 -67.40
C ARG C 118 33.43 -19.70 -68.60
N ASP C 119 33.92 -18.50 -68.88
CA ASP C 119 33.41 -17.70 -69.98
C ASP C 119 33.77 -18.29 -71.35
N ALA C 120 34.86 -19.06 -71.47
CA ALA C 120 35.14 -19.82 -72.68
C ALA C 120 34.09 -20.91 -72.92
N LEU C 121 33.71 -21.67 -71.88
CA LEU C 121 32.64 -22.66 -71.97
C LEU C 121 31.28 -22.01 -72.24
N ALA C 122 31.00 -20.84 -71.70
CA ALA C 122 29.78 -20.09 -72.02
C ALA C 122 29.73 -19.63 -73.49
N SER C 123 30.89 -19.32 -74.10
CA SER C 123 30.95 -18.88 -75.51
C SER C 123 30.60 -19.96 -76.54
N ILE C 124 30.59 -21.24 -76.16
CA ILE C 124 30.29 -22.38 -77.04
C ILE C 124 29.01 -23.12 -76.62
N ALA C 125 27.98 -22.39 -76.20
CA ALA C 125 26.72 -22.94 -75.67
C ALA C 125 25.97 -23.91 -76.61
N ALA C 126 26.26 -23.90 -77.92
CA ALA C 126 25.68 -24.84 -78.87
C ALA C 126 26.16 -26.30 -78.69
N ILE C 127 27.29 -26.52 -77.99
CA ILE C 127 27.88 -27.85 -77.80
C ILE C 127 27.59 -28.33 -76.37
N PRO C 128 27.06 -29.54 -76.16
CA PRO C 128 26.83 -30.08 -74.82
C PRO C 128 28.15 -30.44 -74.13
N LYS C 129 28.30 -30.12 -72.85
CA LYS C 129 29.50 -30.46 -72.06
C LYS C 129 29.16 -31.07 -70.70
N ILE C 130 29.93 -32.06 -70.29
CA ILE C 130 29.89 -32.68 -68.96
C ILE C 130 31.20 -32.39 -68.22
N GLU C 131 31.11 -31.95 -66.97
CA GLU C 131 32.26 -31.71 -66.11
C GLU C 131 32.56 -32.92 -65.21
N VAL C 132 33.82 -33.32 -65.07
CA VAL C 132 34.25 -34.53 -64.35
C VAL C 132 35.27 -34.21 -63.26
N HIS C 133 35.09 -34.73 -62.05
CA HIS C 133 36.09 -34.72 -60.98
C HIS C 133 36.38 -36.13 -60.46
N ILE C 134 37.66 -36.48 -60.40
CA ILE C 134 38.11 -37.82 -60.01
C ILE C 134 37.88 -38.06 -58.52
N SER C 135 38.26 -37.10 -57.67
CA SER C 135 38.03 -37.11 -56.23
C SER C 135 36.86 -36.20 -55.84
N ASN C 136 36.39 -36.33 -54.60
CA ASN C 136 35.19 -35.66 -54.07
C ASN C 136 35.40 -34.16 -53.76
N VAL C 137 35.85 -33.36 -54.74
CA VAL C 137 36.37 -31.99 -54.54
C VAL C 137 35.47 -31.07 -53.71
N THR C 146 32.83 -24.69 -53.59
CA THR C 146 31.95 -24.13 -54.63
C THR C 146 32.75 -23.92 -55.92
N SER C 147 32.09 -24.08 -57.08
CA SER C 147 32.76 -24.19 -58.39
C SER C 147 32.21 -23.19 -59.41
N VAL C 148 33.09 -22.57 -60.21
CA VAL C 148 32.71 -21.50 -61.16
C VAL C 148 32.32 -22.02 -62.55
N THR C 149 32.80 -23.20 -62.95
CA THR C 149 32.57 -23.81 -64.28
C THR C 149 31.31 -24.71 -64.37
N VAL C 150 30.74 -25.13 -63.24
CA VAL C 150 29.56 -26.03 -63.19
C VAL C 150 28.30 -25.47 -63.89
N PRO C 151 27.83 -24.23 -63.62
CA PRO C 151 26.52 -23.78 -64.12
C PRO C 151 26.47 -23.53 -65.64
N VAL C 152 27.61 -23.51 -66.33
CA VAL C 152 27.71 -23.40 -67.80
C VAL C 152 27.86 -24.75 -68.51
N CYS C 153 27.64 -25.87 -67.79
CA CYS C 153 27.69 -27.24 -68.30
C CYS C 153 26.34 -27.98 -68.12
N GLN C 154 26.10 -29.02 -68.91
CA GLN C 154 24.85 -29.80 -68.86
C GLN C 154 24.79 -30.84 -67.72
N GLY C 155 25.91 -31.13 -67.08
CA GLY C 155 25.98 -32.00 -65.91
C GLY C 155 27.37 -32.07 -65.29
N GLU C 156 27.44 -32.56 -64.05
CA GLU C 156 28.69 -32.85 -63.35
C GLU C 156 28.71 -34.31 -62.86
N VAL C 157 29.87 -34.96 -62.91
CA VAL C 157 30.14 -36.28 -62.34
C VAL C 157 31.28 -36.15 -61.34
N VAL C 158 31.08 -36.53 -60.08
CA VAL C 158 32.04 -36.26 -59.00
C VAL C 158 32.33 -37.51 -58.17
N GLY C 159 33.62 -37.76 -57.90
CA GLY C 159 34.05 -38.73 -56.90
C GLY C 159 33.98 -40.20 -57.30
N LEU C 160 33.67 -40.51 -58.57
CA LEU C 160 33.61 -41.90 -59.07
C LEU C 160 34.97 -42.43 -59.56
N GLY C 161 36.07 -41.75 -59.28
CA GLY C 161 37.40 -42.14 -59.75
C GLY C 161 37.53 -42.04 -61.27
N LEU C 162 38.35 -42.90 -61.86
CA LEU C 162 38.53 -42.95 -63.32
C LEU C 162 37.25 -43.41 -64.05
N GLY C 163 36.31 -44.03 -63.34
CA GLY C 163 34.99 -44.37 -63.88
C GLY C 163 34.12 -43.17 -64.24
N GLY C 164 34.39 -41.97 -63.70
CA GLY C 164 33.60 -40.77 -63.98
C GLY C 164 33.63 -40.34 -65.45
N TYR C 165 34.75 -40.53 -66.14
CA TYR C 165 34.84 -40.27 -67.58
C TYR C 165 33.94 -41.19 -68.39
N LEU C 166 33.79 -42.44 -67.96
CA LEU C 166 32.99 -43.43 -68.69
C LEU C 166 31.50 -43.13 -68.56
N ALA C 167 31.04 -42.69 -67.39
CA ALA C 167 29.68 -42.18 -67.26
C ALA C 167 29.46 -40.94 -68.13
N ALA C 168 30.39 -39.98 -68.12
CA ALA C 168 30.26 -38.77 -68.92
C ALA C 168 30.14 -39.04 -70.43
N MET C 169 30.95 -39.96 -70.98
CA MET C 169 30.77 -40.40 -72.37
C MET C 169 29.41 -41.05 -72.61
N GLY C 170 28.90 -41.86 -71.69
CA GLY C 170 27.56 -42.43 -71.79
C GLY C 170 26.48 -41.35 -71.81
N MET C 171 26.56 -40.37 -70.91
CA MET C 171 25.64 -39.25 -70.86
C MET C 171 25.64 -38.36 -72.11
N LEU C 172 26.73 -38.34 -72.89
CA LEU C 172 26.77 -37.65 -74.18
C LEU C 172 26.23 -38.50 -75.33
N VAL C 173 26.37 -39.83 -75.27
CA VAL C 173 25.77 -40.74 -76.26
C VAL C 173 24.25 -40.84 -76.11
N GLU C 174 23.73 -40.71 -74.89
CA GLU C 174 22.30 -40.65 -74.56
C GLU C 174 21.62 -39.33 -74.97
N MET D 33 -12.68 44.38 -86.50
CA MET D 33 -11.84 43.83 -85.42
C MET D 33 -10.68 43.02 -86.00
N LYS D 34 -9.47 43.16 -85.44
CA LYS D 34 -8.24 42.47 -85.82
C LYS D 34 -7.73 41.56 -84.70
N ILE D 35 -7.56 40.27 -84.96
CA ILE D 35 -7.06 39.25 -84.01
C ILE D 35 -5.66 38.79 -84.41
N LEU D 36 -4.77 38.57 -83.44
CA LEU D 36 -3.47 37.94 -83.65
C LEU D 36 -3.38 36.58 -82.97
N VAL D 37 -3.00 35.55 -83.71
CA VAL D 37 -2.79 34.19 -83.19
C VAL D 37 -1.30 33.87 -83.19
N ILE D 38 -0.74 33.53 -82.04
CA ILE D 38 0.68 33.20 -81.87
C ILE D 38 0.84 31.75 -81.43
N ASN D 39 1.60 30.97 -82.19
CA ASN D 39 1.98 29.60 -81.89
C ASN D 39 3.46 29.51 -81.51
N GLY D 40 3.77 28.86 -80.41
CA GLY D 40 5.14 28.70 -79.90
C GLY D 40 5.97 27.64 -80.63
N PRO D 41 7.09 27.21 -80.04
CA PRO D 41 7.96 26.19 -80.62
C PRO D 41 7.26 24.85 -80.80
N ASN D 42 7.70 24.07 -81.78
CA ASN D 42 7.21 22.73 -82.12
C ASN D 42 5.77 22.62 -82.64
N ILE D 43 4.92 23.64 -82.52
CA ILE D 43 3.51 23.56 -82.96
C ILE D 43 3.37 23.30 -84.46
N ASN D 44 4.33 23.77 -85.28
CA ASN D 44 4.36 23.48 -86.72
C ASN D 44 4.53 21.99 -87.07
N PHE D 45 4.94 21.14 -86.11
CA PHE D 45 5.07 19.70 -86.26
C PHE D 45 3.85 18.92 -85.75
N LEU D 46 2.71 19.55 -85.49
CA LEU D 46 1.42 18.84 -85.34
C LEU D 46 1.20 17.83 -86.48
N GLY D 47 0.75 16.63 -86.13
CA GLY D 47 0.52 15.55 -87.08
C GLY D 47 1.78 14.81 -87.55
N ILE D 48 2.98 15.33 -87.27
CA ILE D 48 4.24 14.56 -87.30
C ILE D 48 4.54 14.05 -85.87
N PRO D 56 -4.43 12.55 -87.55
CA PRO D 56 -3.94 12.87 -88.89
C PRO D 56 -3.97 14.37 -89.25
N LEU D 57 -4.65 15.23 -88.48
CA LEU D 57 -4.69 16.66 -88.75
C LEU D 57 -3.33 17.33 -88.50
N ASN D 58 -2.89 18.18 -89.42
CA ASN D 58 -1.59 18.84 -89.37
C ASN D 58 -1.70 20.36 -89.10
N TYR D 59 -0.57 21.07 -89.11
CA TYR D 59 -0.56 22.50 -88.85
C TYR D 59 -1.26 23.33 -89.94
N ASP D 60 -1.19 22.94 -91.21
CA ASP D 60 -1.89 23.65 -92.28
C ASP D 60 -3.41 23.51 -92.17
N ASP D 61 -3.89 22.36 -91.71
CA ASP D 61 -5.31 22.16 -91.42
C ASP D 61 -5.80 23.12 -90.33
N LEU D 62 -5.04 23.28 -89.25
CA LEU D 62 -5.33 24.22 -88.18
C LEU D 62 -5.35 25.67 -88.70
N VAL D 63 -4.41 26.07 -89.54
CA VAL D 63 -4.39 27.40 -90.12
C VAL D 63 -5.61 27.64 -91.01
N GLU D 64 -6.02 26.66 -91.82
CA GLU D 64 -7.24 26.79 -92.64
C GLU D 64 -8.51 26.89 -91.78
N MET D 65 -8.63 26.10 -90.70
CA MET D 65 -9.76 26.22 -89.77
C MET D 65 -9.83 27.61 -89.13
N ILE D 66 -8.70 28.18 -88.72
CA ILE D 66 -8.66 29.53 -88.13
C ILE D 66 -9.03 30.59 -89.16
N LYS D 67 -8.44 30.56 -90.35
CA LYS D 67 -8.75 31.55 -91.41
C LYS D 67 -10.20 31.45 -91.90
N GLY D 68 -10.75 30.25 -92.01
CA GLY D 68 -12.16 30.05 -92.35
C GLY D 68 -13.10 30.56 -91.26
N THR D 69 -12.81 30.29 -89.99
CA THR D 69 -13.61 30.78 -88.87
C THR D 69 -13.56 32.30 -88.73
N ALA D 70 -12.45 32.94 -89.05
CA ALA D 70 -12.34 34.40 -89.03
C ALA D 70 -13.33 35.07 -89.98
N LYS D 71 -13.48 34.56 -91.21
CA LYS D 71 -14.52 35.02 -92.15
C LYS D 71 -15.92 34.81 -91.59
N GLY D 72 -16.17 33.66 -90.95
CA GLY D 72 -17.45 33.37 -90.31
C GLY D 72 -17.83 34.38 -89.23
N LEU D 73 -16.89 34.73 -88.35
CA LEU D 73 -17.06 35.73 -87.30
C LEU D 73 -16.92 37.19 -87.79
N LYS D 74 -16.64 37.42 -89.08
CA LYS D 74 -16.43 38.75 -89.69
C LYS D 74 -15.26 39.54 -89.05
N VAL D 75 -14.14 38.88 -88.76
CA VAL D 75 -12.91 39.49 -88.20
C VAL D 75 -11.72 39.27 -89.12
N LYS D 76 -10.72 40.16 -89.05
CA LYS D 76 -9.40 39.92 -89.66
C LYS D 76 -8.53 39.12 -88.70
N VAL D 77 -7.72 38.20 -89.22
CA VAL D 77 -6.80 37.40 -88.40
C VAL D 77 -5.41 37.34 -89.02
N GLU D 78 -4.39 37.44 -88.19
CA GLU D 78 -3.00 37.08 -88.53
C GLU D 78 -2.58 35.86 -87.72
N VAL D 79 -2.03 34.85 -88.37
CA VAL D 79 -1.52 33.63 -87.71
C VAL D 79 -0.02 33.56 -87.86
N PHE D 80 0.70 33.42 -86.75
CA PHE D 80 2.16 33.44 -86.69
C PHE D 80 2.70 32.26 -85.87
N GLN D 81 3.83 31.69 -86.31
CA GLN D 81 4.56 30.66 -85.55
C GLN D 81 6.06 30.90 -85.62
N SER D 82 6.77 30.70 -84.51
CA SER D 82 8.24 30.66 -84.50
C SER D 82 8.79 29.75 -83.41
N ASN D 83 9.95 29.15 -83.66
CA ASN D 83 10.68 28.39 -82.65
C ASN D 83 11.55 29.28 -81.74
N HIS D 84 11.69 30.58 -82.02
CA HIS D 84 12.53 31.50 -81.25
C HIS D 84 11.72 32.27 -80.19
N GLU D 85 12.11 32.18 -78.92
CA GLU D 85 11.52 32.94 -77.82
C GLU D 85 11.58 34.46 -78.07
N GLY D 86 12.69 34.96 -78.59
CA GLY D 86 12.84 36.38 -78.91
C GLY D 86 11.95 36.87 -80.05
N ALA D 87 11.63 36.02 -81.03
CA ALA D 87 10.76 36.41 -82.13
C ALA D 87 9.29 36.52 -81.71
N ILE D 88 8.86 35.74 -80.70
CA ILE D 88 7.54 35.89 -80.08
C ILE D 88 7.46 37.20 -79.32
N ILE D 89 8.48 37.56 -78.54
CA ILE D 89 8.51 38.84 -77.82
C ILE D 89 8.52 40.01 -78.80
N ASP D 90 9.28 39.96 -79.90
CA ASP D 90 9.19 40.96 -80.96
C ASP D 90 7.79 41.07 -81.55
N LYS D 91 7.11 39.94 -81.82
CA LYS D 91 5.74 39.93 -82.37
C LYS D 91 4.73 40.54 -81.40
N LEU D 92 4.83 40.26 -80.10
CA LEU D 92 3.99 40.88 -79.07
C LEU D 92 4.23 42.39 -78.97
N GLN D 93 5.48 42.85 -79.07
CA GLN D 93 5.78 44.28 -79.10
C GLN D 93 5.29 44.94 -80.40
N GLU D 94 5.37 44.27 -81.54
CA GLU D 94 4.82 44.78 -82.80
C GLU D 94 3.31 44.94 -82.73
N ALA D 95 2.60 44.01 -82.09
CA ALA D 95 1.15 44.06 -81.95
C ALA D 95 0.66 45.34 -81.25
N TYR D 96 1.39 45.79 -80.23
CA TYR D 96 1.08 47.02 -79.50
C TYR D 96 1.11 48.28 -80.39
N TYR D 97 2.00 48.33 -81.38
CA TYR D 97 2.09 49.44 -82.33
C TYR D 97 1.16 49.32 -83.55
N ASN D 98 0.42 48.21 -83.68
CA ASN D 98 -0.41 47.90 -84.84
C ASN D 98 -1.92 47.80 -84.53
N ASP D 99 -2.33 48.21 -83.32
CA ASP D 99 -3.73 48.25 -82.88
C ASP D 99 -4.48 46.92 -83.04
N VAL D 100 -3.82 45.82 -82.66
CA VAL D 100 -4.47 44.51 -82.50
C VAL D 100 -5.53 44.59 -81.40
N ASP D 101 -6.72 44.06 -81.64
CA ASP D 101 -7.83 44.14 -80.68
C ASP D 101 -7.86 42.99 -79.65
N GLY D 102 -7.21 41.87 -79.96
CA GLY D 102 -7.10 40.72 -79.06
C GLY D 102 -6.09 39.68 -79.54
N ILE D 103 -5.52 38.92 -78.60
CA ILE D 103 -4.44 37.95 -78.85
C ILE D 103 -4.85 36.54 -78.40
N VAL D 104 -4.67 35.55 -79.26
CA VAL D 104 -4.75 34.14 -78.90
C VAL D 104 -3.33 33.57 -78.91
N ILE D 105 -2.88 32.97 -77.81
CA ILE D 105 -1.50 32.46 -77.72
C ILE D 105 -1.44 31.02 -77.22
N ASN D 106 -0.65 30.19 -77.90
CA ASN D 106 -0.28 28.85 -77.47
C ASN D 106 1.24 28.80 -77.32
N PRO D 107 1.81 29.01 -76.12
CA PRO D 107 3.25 29.07 -75.96
C PRO D 107 3.99 27.73 -76.15
N GLY D 108 3.30 26.61 -76.24
CA GLY D 108 3.93 25.30 -76.12
C GLY D 108 4.66 25.15 -74.78
N ALA D 109 5.85 24.56 -74.78
CA ALA D 109 6.64 24.32 -73.57
C ALA D 109 7.08 25.60 -72.82
N PHE D 110 7.15 26.77 -73.48
CA PHE D 110 7.49 28.04 -72.81
C PHE D 110 6.54 28.41 -71.67
N THR D 111 5.33 27.84 -71.67
CA THR D 111 4.34 27.94 -70.58
C THR D 111 4.90 27.58 -69.21
N HIS D 112 5.89 26.68 -69.18
CA HIS D 112 6.39 26.07 -67.94
C HIS D 112 7.74 26.64 -67.47
N TYR D 113 8.35 27.59 -68.21
CA TYR D 113 9.63 28.19 -67.83
C TYR D 113 9.94 29.59 -68.36
N SER D 114 9.29 30.10 -69.41
CA SER D 114 9.64 31.41 -69.98
C SER D 114 9.06 32.58 -69.19
N TYR D 115 9.77 33.02 -68.17
CA TYR D 115 9.46 34.27 -67.48
C TYR D 115 9.66 35.49 -68.40
N ALA D 116 10.48 35.40 -69.46
CA ALA D 116 10.60 36.47 -70.44
C ALA D 116 9.30 36.69 -71.23
N VAL D 117 8.63 35.63 -71.70
CA VAL D 117 7.34 35.73 -72.40
C VAL D 117 6.21 36.13 -71.45
N ARG D 118 6.22 35.65 -70.20
CA ARG D 118 5.29 36.14 -69.16
C ARG D 118 5.38 37.65 -69.03
N ASP D 119 6.58 38.18 -68.81
CA ASP D 119 6.77 39.62 -68.64
C ASP D 119 6.50 40.40 -69.93
N ALA D 120 6.70 39.80 -71.11
CA ALA D 120 6.29 40.42 -72.37
C ALA D 120 4.77 40.57 -72.46
N LEU D 121 4.00 39.54 -72.12
CA LEU D 121 2.54 39.61 -72.06
C LEU D 121 2.08 40.62 -71.01
N ALA D 122 2.75 40.70 -69.86
CA ALA D 122 2.46 41.71 -68.85
C ALA D 122 2.74 43.14 -69.34
N SER D 123 3.70 43.35 -70.24
CA SER D 123 4.02 44.69 -70.76
C SER D 123 2.94 45.29 -71.66
N ILE D 124 2.06 44.47 -72.24
CA ILE D 124 0.96 44.89 -73.13
C ILE D 124 -0.42 44.71 -72.49
N ALA D 125 -0.55 44.98 -71.20
CA ALA D 125 -1.77 44.76 -70.41
C ALA D 125 -3.05 45.45 -70.94
N ALA D 126 -2.95 46.44 -71.82
CA ALA D 126 -4.08 47.07 -72.48
C ALA D 126 -4.84 46.15 -73.46
N ILE D 127 -4.22 45.07 -73.94
CA ILE D 127 -4.79 44.17 -74.96
C ILE D 127 -5.28 42.88 -74.27
N PRO D 128 -6.51 42.42 -74.53
CA PRO D 128 -7.01 41.16 -74.00
C PRO D 128 -6.34 39.97 -74.67
N LYS D 129 -5.89 38.97 -73.89
CA LYS D 129 -5.27 37.74 -74.41
C LYS D 129 -5.88 36.48 -73.81
N ILE D 130 -6.01 35.43 -74.63
CA ILE D 130 -6.44 34.09 -74.22
C ILE D 130 -5.31 33.09 -74.47
N GLU D 131 -4.95 32.30 -73.45
CA GLU D 131 -4.00 31.21 -73.60
C GLU D 131 -4.67 29.90 -74.04
N VAL D 132 -4.08 29.16 -74.97
CA VAL D 132 -4.64 27.91 -75.52
C VAL D 132 -3.66 26.75 -75.39
N HIS D 133 -4.13 25.59 -74.93
CA HIS D 133 -3.41 24.31 -75.01
C HIS D 133 -4.23 23.22 -75.68
N ILE D 134 -3.63 22.55 -76.66
CA ILE D 134 -4.30 21.51 -77.46
C ILE D 134 -4.53 20.25 -76.63
N SER D 135 -3.50 19.78 -75.93
CA SER D 135 -3.58 18.66 -75.00
C SER D 135 -3.75 19.14 -73.55
N ASN D 136 -4.11 18.22 -72.65
CA ASN D 136 -4.43 18.50 -71.24
C ASN D 136 -3.17 18.77 -70.38
N VAL D 137 -2.32 19.74 -70.74
CA VAL D 137 -0.95 19.89 -70.21
C VAL D 137 -0.85 19.91 -68.69
N THR D 146 1.95 23.34 -63.34
CA THR D 146 1.77 24.77 -63.05
C THR D 146 2.40 25.60 -64.18
N SER D 147 1.81 26.76 -64.48
CA SER D 147 2.12 27.55 -65.67
C SER D 147 2.43 29.01 -65.33
N VAL D 148 3.48 29.58 -65.92
CA VAL D 148 3.95 30.95 -65.60
C VAL D 148 3.21 32.04 -66.39
N THR D 149 2.63 31.71 -67.55
CA THR D 149 1.96 32.65 -68.47
C THR D 149 0.45 32.83 -68.21
N VAL D 150 -0.19 31.96 -67.41
CA VAL D 150 -1.63 32.01 -67.12
C VAL D 150 -2.10 33.29 -66.40
N PRO D 151 -1.48 33.74 -65.29
CA PRO D 151 -2.04 34.84 -64.47
C PRO D 151 -2.00 36.23 -65.15
N VAL D 152 -1.25 36.38 -66.24
CA VAL D 152 -1.16 37.61 -67.04
C VAL D 152 -2.13 37.61 -68.24
N CYS D 153 -3.04 36.63 -68.33
CA CYS D 153 -4.04 36.47 -69.39
C CYS D 153 -5.47 36.56 -68.84
N GLN D 154 -6.43 36.93 -69.69
CA GLN D 154 -7.84 37.08 -69.31
C GLN D 154 -8.64 35.77 -69.28
N GLY D 155 -8.04 34.66 -69.73
CA GLY D 155 -8.61 33.32 -69.67
C GLY D 155 -7.68 32.27 -70.29
N GLU D 156 -7.94 31.00 -70.00
CA GLU D 156 -7.25 29.85 -70.62
C GLU D 156 -8.25 28.83 -71.16
N VAL D 157 -7.92 28.21 -72.30
CA VAL D 157 -8.68 27.09 -72.89
C VAL D 157 -7.76 25.88 -73.02
N VAL D 158 -8.12 24.74 -72.41
CA VAL D 158 -7.22 23.59 -72.29
C VAL D 158 -7.90 22.29 -72.70
N GLY D 159 -7.22 21.45 -73.49
CA GLY D 159 -7.60 20.06 -73.74
C GLY D 159 -8.74 19.84 -74.75
N LEU D 160 -9.25 20.89 -75.39
CA LEU D 160 -10.33 20.80 -76.39
C LEU D 160 -9.82 20.51 -77.81
N GLY D 161 -8.59 20.02 -77.97
CA GLY D 161 -7.97 19.77 -79.27
C GLY D 161 -7.80 21.03 -80.10
N LEU D 162 -7.91 20.92 -81.43
CA LEU D 162 -7.86 22.07 -82.33
C LEU D 162 -9.09 22.99 -82.17
N GLY D 163 -10.16 22.52 -81.53
CA GLY D 163 -11.33 23.33 -81.19
C GLY D 163 -11.05 24.44 -80.17
N GLY D 164 -9.99 24.34 -79.36
CA GLY D 164 -9.66 25.35 -78.35
C GLY D 164 -9.40 26.74 -78.92
N TYR D 165 -8.80 26.83 -80.11
CA TYR D 165 -8.60 28.10 -80.81
C TYR D 165 -9.93 28.77 -81.18
N LEU D 166 -10.94 27.99 -81.56
CA LEU D 166 -12.22 28.51 -82.01
C LEU D 166 -13.02 29.08 -80.83
N ALA D 167 -12.96 28.43 -79.67
CA ALA D 167 -13.49 29.01 -78.44
C ALA D 167 -12.76 30.30 -78.07
N ALA D 168 -11.43 30.33 -78.13
CA ALA D 168 -10.66 31.53 -77.81
C ALA D 168 -11.02 32.71 -78.73
N MET D 169 -11.18 32.50 -80.04
CA MET D 169 -11.67 33.56 -80.93
C MET D 169 -13.08 34.02 -80.56
N GLY D 170 -13.99 33.10 -80.23
CA GLY D 170 -15.33 33.47 -79.74
C GLY D 170 -15.28 34.31 -78.47
N MET D 171 -14.45 33.94 -77.50
CA MET D 171 -14.27 34.68 -76.26
C MET D 171 -13.68 36.09 -76.45
N LEU D 172 -13.02 36.37 -77.57
CA LEU D 172 -12.53 37.72 -77.89
C LEU D 172 -13.56 38.55 -78.65
N VAL D 173 -14.42 37.92 -79.45
CA VAL D 173 -15.56 38.61 -80.10
C VAL D 173 -16.62 39.02 -79.08
N GLU D 174 -16.81 38.23 -78.03
CA GLU D 174 -17.78 38.47 -76.94
C GLU D 174 -17.34 39.58 -75.97
N MET E 33 -47.92 51.47 68.37
CA MET E 33 -47.58 50.22 67.65
C MET E 33 -47.50 49.04 68.62
N LYS E 34 -48.06 47.89 68.25
CA LYS E 34 -48.06 46.63 69.01
C LYS E 34 -47.29 45.53 68.25
N ILE E 35 -46.28 44.94 68.88
CA ILE E 35 -45.44 43.88 68.32
C ILE E 35 -45.72 42.55 69.05
N LEU E 36 -45.72 41.44 68.33
CA LEU E 36 -45.78 40.09 68.92
C LEU E 36 -44.51 39.29 68.65
N VAL E 37 -43.90 38.75 69.70
CA VAL E 37 -42.72 37.88 69.61
C VAL E 37 -43.11 36.44 69.93
N ILE E 38 -42.87 35.52 69.01
CA ILE E 38 -43.18 34.09 69.16
C ILE E 38 -41.90 33.25 69.15
N ASN E 39 -41.69 32.48 70.20
CA ASN E 39 -40.61 31.52 70.34
C ASN E 39 -41.15 30.08 70.26
N GLY E 40 -40.53 29.25 69.43
CA GLY E 40 -40.90 27.85 69.23
C GLY E 40 -40.43 26.89 70.33
N PRO E 41 -40.46 25.57 70.07
CA PRO E 41 -40.05 24.56 71.02
C PRO E 41 -38.56 24.67 71.37
N ASN E 42 -38.20 24.20 72.56
CA ASN E 42 -36.83 24.21 73.12
C ASN E 42 -36.21 25.59 73.43
N ILE E 43 -36.74 26.71 72.93
CA ILE E 43 -36.13 28.03 73.13
C ILE E 43 -36.11 28.45 74.62
N ASN E 44 -37.05 27.99 75.44
CA ASN E 44 -37.04 28.25 76.88
C ASN E 44 -35.85 27.60 77.62
N PHE E 45 -35.14 26.65 76.99
CA PHE E 45 -33.95 26.00 77.55
C PHE E 45 -32.63 26.65 77.09
N LEU E 46 -32.64 27.86 76.52
CA LEU E 46 -31.42 28.66 76.33
C LEU E 46 -30.62 28.77 77.64
N GLY E 47 -29.30 28.62 77.55
CA GLY E 47 -28.40 28.63 78.71
C GLY E 47 -28.37 27.33 79.52
N ILE E 48 -29.29 26.40 79.27
CA ILE E 48 -29.19 25.00 79.70
C ILE E 48 -28.68 24.14 78.54
N PRO E 56 -23.73 31.90 78.97
CA PRO E 56 -24.37 31.92 80.28
C PRO E 56 -25.74 32.62 80.30
N LEU E 57 -26.12 33.35 79.23
CA LEU E 57 -27.42 34.02 79.14
C LEU E 57 -28.56 33.01 79.01
N ASN E 58 -29.64 33.21 79.75
CA ASN E 58 -30.80 32.33 79.75
C ASN E 58 -32.04 33.00 79.12
N TYR E 59 -33.15 32.27 79.04
CA TYR E 59 -34.37 32.77 78.41
C TYR E 59 -34.96 34.02 79.10
N ASP E 60 -34.86 34.15 80.42
CA ASP E 60 -35.35 35.35 81.11
C ASP E 60 -34.50 36.58 80.80
N ASP E 61 -33.20 36.42 80.56
CA ASP E 61 -32.34 37.52 80.09
C ASP E 61 -32.80 38.02 78.72
N LEU E 62 -33.11 37.11 77.80
CA LEU E 62 -33.64 37.46 76.48
C LEU E 62 -34.98 38.20 76.58
N VAL E 63 -35.90 37.76 77.44
CA VAL E 63 -37.17 38.46 77.64
C VAL E 63 -36.95 39.87 78.19
N GLU E 64 -36.05 40.05 79.16
CA GLU E 64 -35.77 41.37 79.72
C GLU E 64 -35.14 42.32 78.68
N MET E 65 -34.21 41.85 77.85
CA MET E 65 -33.66 42.62 76.75
C MET E 65 -34.74 43.07 75.75
N ILE E 66 -35.68 42.19 75.40
CA ILE E 66 -36.77 42.52 74.49
C ILE E 66 -37.73 43.54 75.13
N LYS E 67 -38.16 43.33 76.38
CA LYS E 67 -39.07 44.27 77.06
C LYS E 67 -38.44 45.64 77.31
N GLY E 68 -37.15 45.69 77.62
CA GLY E 68 -36.41 46.96 77.76
C GLY E 68 -36.26 47.69 76.42
N THR E 69 -35.94 46.97 75.34
CA THR E 69 -35.84 47.57 74.00
C THR E 69 -37.20 48.09 73.51
N ALA E 70 -38.31 47.43 73.83
CA ALA E 70 -39.63 47.91 73.47
C ALA E 70 -39.95 49.28 74.07
N LYS E 71 -39.60 49.51 75.34
CA LYS E 71 -39.69 50.87 75.94
C LYS E 71 -38.78 51.86 75.22
N GLY E 72 -37.57 51.46 74.88
CA GLY E 72 -36.63 52.28 74.11
C GLY E 72 -37.20 52.74 72.77
N LEU E 73 -37.80 51.82 72.00
CA LEU E 73 -38.44 52.11 70.72
C LEU E 73 -39.84 52.74 70.84
N LYS E 74 -40.38 52.90 72.05
CA LYS E 74 -41.74 53.40 72.32
C LYS E 74 -42.83 52.54 71.67
N VAL E 75 -42.73 51.22 71.80
CA VAL E 75 -43.72 50.24 71.30
C VAL E 75 -44.20 49.33 72.43
N LYS E 76 -45.37 48.70 72.26
CA LYS E 76 -45.87 47.66 73.17
C LYS E 76 -45.52 46.29 72.61
N VAL E 77 -45.05 45.38 73.45
CA VAL E 77 -44.63 44.04 73.03
C VAL E 77 -45.26 42.94 73.89
N GLU E 78 -45.68 41.87 73.25
CA GLU E 78 -46.03 40.60 73.90
C GLU E 78 -45.00 39.55 73.51
N VAL E 79 -44.45 38.83 74.48
CA VAL E 79 -43.49 37.73 74.25
C VAL E 79 -44.14 36.40 74.64
N PHE E 80 -44.15 35.42 73.75
CA PHE E 80 -44.81 34.14 73.91
C PHE E 80 -43.88 32.98 73.56
N GLN E 81 -43.92 31.89 74.32
CA GLN E 81 -43.22 30.65 74.00
C GLN E 81 -44.12 29.43 74.25
N SER E 82 -44.08 28.44 73.36
CA SER E 82 -44.72 27.14 73.60
C SER E 82 -43.97 26.00 72.91
N ASN E 83 -43.99 24.81 73.50
CA ASN E 83 -43.48 23.59 72.87
C ASN E 83 -44.48 22.94 71.91
N HIS E 84 -45.73 23.40 71.84
CA HIS E 84 -46.77 22.82 70.99
C HIS E 84 -46.91 23.56 69.66
N GLU E 85 -46.82 22.85 68.53
CA GLU E 85 -47.05 23.39 67.19
C GLU E 85 -48.44 24.04 67.07
N GLY E 86 -49.47 23.40 67.61
CA GLY E 86 -50.84 23.93 67.57
C GLY E 86 -51.05 25.20 68.39
N ALA E 87 -50.33 25.38 69.50
CA ALA E 87 -50.44 26.60 70.31
C ALA E 87 -49.80 27.80 69.59
N ILE E 88 -48.75 27.59 68.79
CA ILE E 88 -48.19 28.62 67.91
C ILE E 88 -49.22 29.02 66.86
N ILE E 89 -49.86 28.05 66.19
CA ILE E 89 -50.88 28.35 65.17
C ILE E 89 -52.07 29.10 65.80
N ASP E 90 -52.54 28.70 66.99
CA ASP E 90 -53.58 29.46 67.69
C ASP E 90 -53.15 30.90 68.00
N LYS E 91 -51.91 31.12 68.44
CA LYS E 91 -51.37 32.45 68.73
C LYS E 91 -51.30 33.32 67.46
N LEU E 92 -50.90 32.76 66.32
CA LEU E 92 -50.92 33.46 65.04
C LEU E 92 -52.34 33.82 64.60
N GLN E 93 -53.31 32.93 64.79
CA GLN E 93 -54.71 33.24 64.48
C GLN E 93 -55.29 34.27 65.44
N GLU E 94 -54.91 34.25 66.71
CA GLU E 94 -55.30 35.28 67.68
C GLU E 94 -54.74 36.66 67.30
N ALA E 95 -53.50 36.73 66.80
CA ALA E 95 -52.88 37.98 66.38
C ALA E 95 -53.68 38.69 65.29
N TYR E 96 -54.26 37.96 64.34
CA TYR E 96 -55.10 38.51 63.28
C TYR E 96 -56.34 39.23 63.81
N TYR E 97 -56.96 38.72 64.89
CA TYR E 97 -58.13 39.36 65.51
C TYR E 97 -57.79 40.46 66.51
N ASN E 98 -56.52 40.64 66.87
CA ASN E 98 -56.07 41.60 67.88
C ASN E 98 -55.26 42.78 67.31
N ASP E 99 -55.24 42.94 65.99
CA ASP E 99 -54.59 44.04 65.28
C ASP E 99 -53.10 44.25 65.66
N VAL E 100 -52.34 43.16 65.77
CA VAL E 100 -50.88 43.20 65.90
C VAL E 100 -50.27 43.85 64.66
N ASP E 101 -49.36 44.80 64.84
CA ASP E 101 -48.77 45.57 63.74
C ASP E 101 -47.59 44.86 63.07
N GLY E 102 -46.93 43.93 63.77
CA GLY E 102 -45.85 43.11 63.21
C GLY E 102 -45.44 41.96 64.12
N ILE E 103 -44.89 40.92 63.52
CA ILE E 103 -44.54 39.66 64.20
C ILE E 103 -43.04 39.39 64.09
N VAL E 104 -42.40 39.04 65.21
CA VAL E 104 -41.06 38.46 65.21
C VAL E 104 -41.20 37.00 65.60
N ILE E 105 -40.67 36.06 64.80
CA ILE E 105 -40.81 34.63 65.10
C ILE E 105 -39.48 33.89 65.02
N ASN E 106 -39.21 33.05 66.02
CA ASN E 106 -38.12 32.07 66.02
C ASN E 106 -38.74 30.68 66.15
N PRO E 107 -38.98 29.95 65.05
CA PRO E 107 -39.67 28.66 65.10
C PRO E 107 -38.87 27.53 65.75
N GLY E 108 -37.59 27.71 66.07
CA GLY E 108 -36.72 26.59 66.42
C GLY E 108 -36.66 25.56 65.28
N ALA E 109 -36.74 24.28 65.60
CA ALA E 109 -36.64 23.19 64.62
C ALA E 109 -37.79 23.13 63.59
N PHE E 110 -38.98 23.67 63.89
CA PHE E 110 -40.13 23.69 62.97
C PHE E 110 -39.84 24.39 61.64
N THR E 111 -38.81 25.24 61.61
CA THR E 111 -38.25 25.88 60.43
C THR E 111 -37.94 24.90 59.29
N HIS E 112 -37.61 23.66 59.62
CA HIS E 112 -37.09 22.67 58.68
C HIS E 112 -38.10 21.56 58.31
N TYR E 113 -39.32 21.58 58.88
CA TYR E 113 -40.34 20.57 58.56
C TYR E 113 -41.82 20.98 58.76
N SER E 114 -42.16 22.03 59.51
CA SER E 114 -43.58 22.34 59.77
C SER E 114 -44.23 23.11 58.63
N TYR E 115 -44.78 22.38 57.66
CA TYR E 115 -45.64 22.99 56.64
C TYR E 115 -46.94 23.54 57.23
N ALA E 116 -47.40 23.07 58.40
CA ALA E 116 -48.55 23.64 59.08
C ALA E 116 -48.27 25.08 59.56
N VAL E 117 -47.11 25.35 60.17
CA VAL E 117 -46.72 26.70 60.60
C VAL E 117 -46.42 27.60 59.40
N ARG E 118 -45.80 27.07 58.34
CA ARG E 118 -45.67 27.81 57.06
C ARG E 118 -47.03 28.29 56.58
N ASP E 119 -47.99 27.40 56.45
CA ASP E 119 -49.31 27.77 55.93
C ASP E 119 -50.09 28.67 56.91
N ALA E 120 -49.84 28.58 58.22
CA ALA E 120 -50.40 29.52 59.17
C ALA E 120 -49.88 30.94 58.93
N LEU E 121 -48.57 31.11 58.71
CA LEU E 121 -47.98 32.39 58.38
C LEU E 121 -48.48 32.92 57.03
N ALA E 122 -48.67 32.04 56.04
CA ALA E 122 -49.28 32.42 54.76
C ALA E 122 -50.74 32.89 54.91
N SER E 123 -51.50 32.35 55.87
CA SER E 123 -52.89 32.73 56.10
C SER E 123 -53.09 34.14 56.67
N ILE E 124 -52.04 34.79 57.18
CA ILE E 124 -52.07 36.14 57.76
C ILE E 124 -51.16 37.12 57.00
N ALA E 125 -51.15 37.03 55.67
CA ALA E 125 -50.29 37.82 54.77
C ALA E 125 -50.39 39.36 54.93
N ALA E 126 -51.47 39.87 55.52
CA ALA E 126 -51.64 41.30 55.80
C ALA E 126 -50.69 41.85 56.87
N ILE E 127 -50.10 41.01 57.72
CA ILE E 127 -49.24 41.40 58.84
C ILE E 127 -47.77 41.14 58.46
N PRO E 128 -46.84 42.11 58.62
CA PRO E 128 -45.42 41.90 58.34
C PRO E 128 -44.79 41.00 59.42
N LYS E 129 -43.96 40.03 59.01
CA LYS E 129 -43.24 39.13 59.93
C LYS E 129 -41.76 39.03 59.59
N ILE E 130 -40.92 39.01 60.61
CA ILE E 130 -39.48 38.74 60.52
C ILE E 130 -39.16 37.41 61.20
N GLU E 131 -38.43 36.54 60.52
CA GLU E 131 -37.94 35.29 61.11
C GLU E 131 -36.54 35.45 61.72
N VAL E 132 -36.30 34.87 62.89
CA VAL E 132 -35.04 35.02 63.66
C VAL E 132 -34.44 33.66 64.00
N HIS E 133 -33.13 33.48 63.77
CA HIS E 133 -32.34 32.35 64.31
C HIS E 133 -31.14 32.84 65.11
N ILE E 134 -31.00 32.32 66.33
CA ILE E 134 -29.93 32.71 67.26
C ILE E 134 -28.57 32.22 66.77
N SER E 135 -28.49 30.95 66.36
CA SER E 135 -27.29 30.32 65.79
C SER E 135 -27.35 30.24 64.26
N ASN E 136 -26.23 29.93 63.61
CA ASN E 136 -26.05 29.94 62.16
C ASN E 136 -26.70 28.73 61.45
N VAL E 137 -27.99 28.46 61.69
CA VAL E 137 -28.68 27.20 61.35
C VAL E 137 -28.46 26.71 59.91
N THR E 146 -31.85 24.23 54.35
CA THR E 146 -32.94 24.97 53.69
C THR E 146 -34.21 24.96 54.56
N SER E 147 -35.01 26.03 54.51
CA SER E 147 -36.11 26.31 55.44
C SER E 147 -37.46 26.42 54.73
N VAL E 148 -38.54 25.96 55.38
CA VAL E 148 -39.91 26.00 54.80
C VAL E 148 -40.69 27.29 55.14
N THR E 149 -40.32 28.00 56.21
CA THR E 149 -41.03 29.19 56.73
C THR E 149 -40.54 30.54 56.20
N VAL E 150 -39.33 30.62 55.64
CA VAL E 150 -38.71 31.88 55.16
C VAL E 150 -39.47 32.58 54.01
N PRO E 151 -39.92 31.91 52.93
CA PRO E 151 -40.48 32.61 51.76
C PRO E 151 -41.87 33.24 52.00
N VAL E 152 -42.51 32.96 53.15
CA VAL E 152 -43.78 33.58 53.58
C VAL E 152 -43.58 34.68 54.64
N CYS E 153 -42.34 35.14 54.82
CA CYS E 153 -41.94 36.24 55.71
C CYS E 153 -41.26 37.38 54.94
N GLN E 154 -41.26 38.59 55.51
CA GLN E 154 -40.68 39.78 54.86
C GLN E 154 -39.15 39.92 55.05
N GLY E 155 -38.54 39.09 55.89
CA GLY E 155 -37.09 39.03 56.07
C GLY E 155 -36.67 37.95 57.08
N GLU E 156 -35.38 37.60 57.05
CA GLU E 156 -34.75 36.70 58.03
C GLU E 156 -33.51 37.34 58.65
N VAL E 157 -33.29 37.13 59.94
CA VAL E 157 -32.08 37.51 60.68
C VAL E 157 -31.44 36.26 61.28
N VAL E 158 -30.18 35.99 60.97
CA VAL E 158 -29.54 34.70 61.28
C VAL E 158 -28.17 34.89 61.92
N GLY E 159 -27.89 34.15 62.99
CA GLY E 159 -26.55 33.98 63.55
C GLY E 159 -26.01 35.18 64.35
N LEU E 160 -26.84 36.19 64.65
CA LEU E 160 -26.45 37.37 65.43
C LEU E 160 -26.68 37.20 66.93
N GLY E 161 -26.85 35.97 67.43
CA GLY E 161 -27.13 35.70 68.83
C GLY E 161 -28.45 36.30 69.30
N LEU E 162 -28.50 36.76 70.54
CA LEU E 162 -29.68 37.44 71.09
C LEU E 162 -29.90 38.84 70.46
N GLY E 163 -28.91 39.38 69.74
CA GLY E 163 -29.05 40.63 68.99
C GLY E 163 -30.00 40.54 67.79
N GLY E 164 -30.26 39.34 67.27
CA GLY E 164 -31.15 39.16 66.11
C GLY E 164 -32.59 39.63 66.36
N TYR E 165 -33.12 39.43 67.56
CA TYR E 165 -34.43 39.94 67.95
C TYR E 165 -34.50 41.46 67.94
N LEU E 166 -33.41 42.13 68.33
CA LEU E 166 -33.36 43.59 68.40
C LEU E 166 -33.30 44.21 67.00
N ALA E 167 -32.53 43.62 66.08
CA ALA E 167 -32.61 43.98 64.68
C ALA E 167 -34.01 43.79 64.12
N ALA E 168 -34.65 42.65 64.37
CA ALA E 168 -36.00 42.40 63.88
C ALA E 168 -37.04 43.42 64.38
N MET E 169 -36.99 43.82 65.65
CA MET E 169 -37.84 44.91 66.14
C MET E 169 -37.52 46.24 65.44
N GLY E 170 -36.25 46.56 65.20
CA GLY E 170 -35.87 47.73 64.41
C GLY E 170 -36.44 47.69 62.99
N MET E 171 -36.33 46.55 62.30
CA MET E 171 -36.86 46.37 60.95
C MET E 171 -38.38 46.48 60.87
N LEU E 172 -39.12 46.27 61.96
CA LEU E 172 -40.57 46.47 62.00
C LEU E 172 -40.95 47.93 62.33
N VAL E 173 -40.14 48.66 63.08
CA VAL E 173 -40.33 50.09 63.32
C VAL E 173 -39.99 50.93 62.09
N GLU E 174 -38.98 50.52 61.30
CA GLU E 174 -38.58 51.17 60.05
C GLU E 174 -39.59 50.97 58.90
N MET F 33 7.91 -19.61 95.77
CA MET F 33 7.19 -19.59 94.48
C MET F 33 6.44 -20.91 94.27
N LYS F 34 5.20 -20.84 93.78
CA LYS F 34 4.29 -21.97 93.49
C LYS F 34 3.98 -22.05 91.99
N ILE F 35 4.25 -23.19 91.36
CA ILE F 35 4.00 -23.46 89.93
C ILE F 35 2.88 -24.49 89.78
N LEU F 36 2.03 -24.34 88.76
CA LEU F 36 1.03 -25.33 88.38
C LEU F 36 1.31 -25.88 86.98
N VAL F 37 1.37 -27.20 86.83
CA VAL F 37 1.56 -27.88 85.55
C VAL F 37 0.27 -28.60 85.16
N ILE F 38 -0.30 -28.26 84.01
CA ILE F 38 -1.55 -28.85 83.49
C ILE F 38 -1.29 -29.63 82.22
N ASN F 39 -1.67 -30.90 82.21
CA ASN F 39 -1.61 -31.79 81.04
C ASN F 39 -3.02 -32.11 80.52
N GLY F 40 -3.23 -31.97 79.22
CA GLY F 40 -4.52 -32.21 78.56
C GLY F 40 -4.88 -33.69 78.36
N PRO F 41 -5.86 -33.99 77.49
CA PRO F 41 -6.27 -35.35 77.21
C PRO F 41 -5.14 -36.16 76.56
N ASN F 42 -5.16 -37.47 76.77
CA ASN F 42 -4.22 -38.46 76.22
C ASN F 42 -2.77 -38.38 76.74
N ILE F 43 -2.33 -37.32 77.41
CA ILE F 43 -0.93 -37.18 77.86
C ILE F 43 -0.52 -38.27 78.86
N ASN F 44 -1.46 -38.79 79.66
CA ASN F 44 -1.20 -39.90 80.57
C ASN F 44 -0.81 -41.22 79.88
N PHE F 45 -1.07 -41.35 78.57
CA PHE F 45 -0.71 -42.52 77.77
C PHE F 45 0.65 -42.38 77.05
N LEU F 46 1.51 -41.42 77.43
CA LEU F 46 2.91 -41.41 76.99
C LEU F 46 3.58 -42.77 77.24
N GLY F 47 4.34 -43.26 76.25
CA GLY F 47 5.01 -44.56 76.30
C GLY F 47 4.10 -45.76 75.99
N ILE F 48 2.77 -45.57 75.95
CA ILE F 48 1.83 -46.50 75.32
C ILE F 48 1.55 -46.02 73.89
N PRO F 56 10.69 -45.02 75.34
CA PRO F 56 10.29 -45.91 76.44
C PRO F 56 9.86 -45.16 77.71
N LEU F 57 10.10 -43.85 77.81
CA LEU F 57 9.71 -43.05 78.99
C LEU F 57 8.20 -42.87 79.08
N ASN F 58 7.61 -43.11 80.25
CA ASN F 58 6.17 -43.02 80.47
C ASN F 58 5.77 -41.74 81.22
N TYR F 59 4.48 -41.57 81.51
CA TYR F 59 3.98 -40.40 82.20
C TYR F 59 4.50 -40.27 83.65
N ASP F 60 4.73 -41.37 84.37
CA ASP F 60 5.29 -41.28 85.72
C ASP F 60 6.76 -40.82 85.71
N ASP F 61 7.52 -41.18 84.68
CA ASP F 61 8.89 -40.67 84.48
C ASP F 61 8.90 -39.16 84.31
N LEU F 62 7.98 -38.62 83.50
CA LEU F 62 7.79 -37.18 83.33
C LEU F 62 7.42 -36.49 84.64
N VAL F 63 6.49 -37.06 85.41
CA VAL F 63 6.10 -36.48 86.72
C VAL F 63 7.30 -36.44 87.67
N GLU F 64 8.10 -37.49 87.73
CA GLU F 64 9.29 -37.51 88.59
C GLU F 64 10.37 -36.52 88.14
N MET F 65 10.62 -36.38 86.83
CA MET F 65 11.52 -35.35 86.31
C MET F 65 11.06 -33.94 86.70
N ILE F 66 9.75 -33.64 86.63
CA ILE F 66 9.22 -32.33 87.03
C ILE F 66 9.37 -32.13 88.54
N LYS F 67 8.95 -33.09 89.37
CA LYS F 67 9.04 -32.97 90.83
C LYS F 67 10.49 -32.87 91.33
N GLY F 68 11.42 -33.60 90.73
CA GLY F 68 12.84 -33.48 91.05
C GLY F 68 13.42 -32.13 90.64
N THR F 69 13.07 -31.63 89.46
CA THR F 69 13.52 -30.30 89.00
C THR F 69 12.95 -29.17 89.85
N ALA F 70 11.72 -29.29 90.37
CA ALA F 70 11.14 -28.30 91.27
C ALA F 70 11.96 -28.14 92.56
N LYS F 71 12.40 -29.23 93.19
CA LYS F 71 13.36 -29.17 94.31
C LYS F 71 14.67 -28.50 93.90
N GLY F 72 15.18 -28.82 92.73
CA GLY F 72 16.40 -28.21 92.20
C GLY F 72 16.32 -26.70 92.05
N LEU F 73 15.22 -26.19 91.50
CA LEU F 73 14.93 -24.76 91.36
C LEU F 73 14.42 -24.10 92.65
N LYS F 74 14.21 -24.85 93.73
CA LYS F 74 13.65 -24.38 95.02
C LYS F 74 12.24 -23.76 94.88
N VAL F 75 11.36 -24.41 94.12
CA VAL F 75 9.95 -24.02 93.92
C VAL F 75 9.01 -25.15 94.34
N LYS F 76 7.78 -24.81 94.72
CA LYS F 76 6.70 -25.80 94.91
C LYS F 76 5.98 -26.03 93.59
N VAL F 77 5.59 -27.27 93.31
CA VAL F 77 4.89 -27.63 92.06
C VAL F 77 3.69 -28.52 92.33
N GLU F 78 2.59 -28.27 91.62
CA GLU F 78 1.47 -29.19 91.49
C GLU F 78 1.38 -29.67 90.04
N VAL F 79 1.28 -30.98 89.81
CA VAL F 79 1.13 -31.57 88.48
C VAL F 79 -0.26 -32.20 88.36
N PHE F 80 -1.02 -31.82 87.34
CA PHE F 80 -2.41 -32.23 87.13
C PHE F 80 -2.65 -32.70 85.69
N GLN F 81 -3.44 -33.75 85.51
CA GLN F 81 -3.89 -34.22 84.19
C GLN F 81 -5.36 -34.61 84.22
N SER F 82 -6.10 -34.29 83.16
CA SER F 82 -7.47 -34.80 82.96
C SER F 82 -7.81 -34.93 81.49
N ASN F 83 -8.66 -35.90 81.14
CA ASN F 83 -9.22 -36.04 79.81
C ASN F 83 -10.44 -35.12 79.57
N HIS F 84 -10.96 -34.45 80.59
CA HIS F 84 -12.13 -33.57 80.49
C HIS F 84 -11.76 -32.10 80.26
N GLU F 85 -12.28 -31.48 79.20
CA GLU F 85 -12.08 -30.06 78.92
C GLU F 85 -12.56 -29.18 80.08
N GLY F 86 -13.72 -29.49 80.66
CA GLY F 86 -14.27 -28.72 81.78
C GLY F 86 -13.46 -28.81 83.07
N ALA F 87 -12.79 -29.94 83.33
CA ALA F 87 -11.95 -30.08 84.51
C ALA F 87 -10.68 -29.23 84.42
N ILE F 88 -10.16 -29.00 83.21
CA ILE F 88 -9.05 -28.07 82.98
C ILE F 88 -9.50 -26.64 83.26
N ILE F 89 -10.67 -26.22 82.76
CA ILE F 89 -11.20 -24.89 83.03
C ILE F 89 -11.45 -24.69 84.53
N ASP F 90 -12.01 -25.68 85.23
CA ASP F 90 -12.14 -25.62 86.69
C ASP F 90 -10.78 -25.47 87.39
N LYS F 91 -9.75 -26.19 86.96
CA LYS F 91 -8.39 -26.11 87.53
C LYS F 91 -7.77 -24.74 87.28
N LEU F 92 -7.93 -24.16 86.10
CA LEU F 92 -7.47 -22.80 85.81
C LEU F 92 -8.18 -21.76 86.67
N GLN F 93 -9.50 -21.89 86.87
CA GLN F 93 -10.24 -21.02 87.77
C GLN F 93 -9.84 -21.21 89.23
N GLU F 94 -9.57 -22.44 89.66
CA GLU F 94 -9.05 -22.71 91.01
C GLU F 94 -7.68 -22.06 91.24
N ALA F 95 -6.80 -22.04 90.23
CA ALA F 95 -5.48 -21.43 90.33
C ALA F 95 -5.55 -19.94 90.67
N TYR F 96 -6.52 -19.21 90.11
CA TYR F 96 -6.70 -17.79 90.37
C TYR F 96 -7.04 -17.48 91.83
N TYR F 97 -7.79 -18.35 92.51
CA TYR F 97 -8.10 -18.20 93.94
C TYR F 97 -7.01 -18.72 94.89
N ASN F 98 -5.97 -19.37 94.37
CA ASN F 98 -4.94 -20.05 95.17
C ASN F 98 -3.52 -19.45 95.01
N ASP F 99 -3.41 -18.27 94.40
CA ASP F 99 -2.17 -17.50 94.30
C ASP F 99 -1.00 -18.28 93.65
N VAL F 100 -1.30 -19.00 92.57
CA VAL F 100 -0.28 -19.62 91.71
C VAL F 100 0.56 -18.53 91.06
N ASP F 101 1.88 -18.67 91.07
CA ASP F 101 2.80 -17.65 90.54
C ASP F 101 3.06 -17.80 89.04
N GLY F 102 2.88 -19.01 88.48
CA GLY F 102 2.99 -19.25 87.05
C GLY F 102 2.45 -20.63 86.65
N ILE F 103 2.03 -20.76 85.39
CA ILE F 103 1.38 -21.96 84.86
C ILE F 103 2.16 -22.52 83.67
N VAL F 104 2.41 -23.83 83.66
CA VAL F 104 2.88 -24.55 82.47
C VAL F 104 1.74 -25.41 81.96
N ILE F 105 1.37 -25.29 80.69
CA ILE F 105 0.24 -26.04 80.13
C ILE F 105 0.60 -26.76 78.83
N ASN F 106 0.22 -28.03 78.74
CA ASN F 106 0.27 -28.82 77.50
C ASN F 106 -1.16 -29.27 77.17
N PRO F 107 -1.90 -28.55 76.31
CA PRO F 107 -3.30 -28.86 76.03
C PRO F 107 -3.52 -30.15 75.24
N GLY F 108 -2.49 -30.80 74.69
CA GLY F 108 -2.68 -31.84 73.68
C GLY F 108 -3.47 -31.30 72.47
N ALA F 109 -4.42 -32.08 71.95
CA ALA F 109 -5.23 -31.73 70.79
C ALA F 109 -6.10 -30.47 70.97
N PHE F 110 -6.48 -30.09 72.20
CA PHE F 110 -7.28 -28.88 72.46
C PHE F 110 -6.63 -27.60 71.93
N THR F 111 -5.32 -27.60 71.74
CA THR F 111 -4.53 -26.54 71.08
C THR F 111 -5.10 -26.10 69.74
N HIS F 112 -5.72 -27.03 69.01
CA HIS F 112 -6.15 -26.85 67.63
C HIS F 112 -7.66 -26.59 67.46
N TYR F 113 -8.45 -26.59 68.54
CA TYR F 113 -9.90 -26.35 68.47
C TYR F 113 -10.60 -25.82 69.74
N SER F 114 -10.02 -25.90 70.93
CA SER F 114 -10.73 -25.49 72.15
C SER F 114 -10.70 -23.99 72.38
N TYR F 115 -11.64 -23.27 71.77
CA TYR F 115 -11.83 -21.85 72.07
C TYR F 115 -12.30 -21.63 73.53
N ALA F 116 -12.90 -22.62 74.19
CA ALA F 116 -13.24 -22.50 75.60
C ALA F 116 -12.01 -22.46 76.52
N VAL F 117 -11.01 -23.31 76.28
CA VAL F 117 -9.74 -23.28 77.05
C VAL F 117 -8.93 -22.03 76.74
N ARG F 118 -8.91 -21.57 75.48
CA ARG F 118 -8.34 -20.26 75.12
C ARG F 118 -8.94 -19.15 75.96
N ASP F 119 -10.26 -19.03 75.98
CA ASP F 119 -10.93 -17.99 76.74
C ASP F 119 -10.77 -18.18 78.26
N ALA F 120 -10.60 -19.40 78.76
CA ALA F 120 -10.25 -19.62 80.17
C ALA F 120 -8.87 -19.04 80.50
N LEU F 121 -7.85 -19.31 79.68
CA LEU F 121 -6.51 -18.71 79.82
C LEU F 121 -6.56 -17.19 79.68
N ALA F 122 -7.39 -16.65 78.78
CA ALA F 122 -7.58 -15.21 78.66
C ALA F 122 -8.19 -14.57 79.92
N SER F 123 -9.05 -15.29 80.65
CA SER F 123 -9.70 -14.77 81.86
C SER F 123 -8.77 -14.56 83.05
N ILE F 124 -7.61 -15.22 83.08
CA ILE F 124 -6.62 -15.14 84.17
C ILE F 124 -5.34 -14.42 83.76
N ALA F 125 -5.46 -13.32 82.99
CA ALA F 125 -4.36 -12.57 82.39
C ALA F 125 -3.29 -12.04 83.39
N ALA F 126 -3.60 -11.96 84.68
CA ALA F 126 -2.64 -11.56 85.71
C ALA F 126 -1.53 -12.60 85.95
N ILE F 127 -1.71 -13.86 85.55
CA ILE F 127 -0.80 -14.97 85.82
C ILE F 127 0.01 -15.30 84.56
N PRO F 128 1.35 -15.39 84.62
CA PRO F 128 2.15 -15.77 83.47
C PRO F 128 1.98 -17.26 83.16
N LYS F 129 1.77 -17.61 81.88
CA LYS F 129 1.66 -19.00 81.42
C LYS F 129 2.56 -19.29 80.23
N ILE F 130 3.14 -20.48 80.20
CA ILE F 130 3.94 -21.01 79.10
C ILE F 130 3.25 -22.26 78.54
N GLU F 131 3.09 -22.33 77.21
CA GLU F 131 2.54 -23.51 76.55
C GLU F 131 3.63 -24.48 76.10
N VAL F 132 3.43 -25.79 76.27
CA VAL F 132 4.43 -26.83 75.96
C VAL F 132 3.86 -27.87 75.00
N HIS F 133 4.60 -28.20 73.95
CA HIS F 133 4.36 -29.39 73.11
C HIS F 133 5.57 -30.30 73.05
N ILE F 134 5.36 -31.59 73.36
CA ILE F 134 6.42 -32.60 73.38
C ILE F 134 6.95 -32.86 71.97
N SER F 135 6.04 -33.09 71.02
CA SER F 135 6.33 -33.31 69.60
C SER F 135 6.13 -32.03 68.78
N ASN F 136 6.64 -32.02 67.55
CA ASN F 136 6.72 -30.84 66.67
C ASN F 136 5.36 -30.45 66.02
N VAL F 137 4.30 -30.26 66.81
CA VAL F 137 2.90 -30.23 66.34
C VAL F 137 2.64 -29.29 65.16
N THR F 146 -1.69 -24.45 62.84
CA THR F 146 -2.00 -23.19 63.54
C THR F 146 -2.77 -23.50 64.83
N SER F 147 -2.58 -22.69 65.88
CA SER F 147 -3.04 -22.95 67.24
C SER F 147 -3.90 -21.81 67.80
N VAL F 148 -4.93 -22.14 68.58
CA VAL F 148 -5.85 -21.13 69.17
C VAL F 148 -5.40 -20.62 70.55
N THR F 149 -4.61 -21.40 71.29
CA THR F 149 -4.19 -21.10 72.69
C THR F 149 -2.89 -20.30 72.83
N VAL F 150 -2.03 -20.25 71.81
CA VAL F 150 -0.72 -19.56 71.85
C VAL F 150 -0.78 -18.05 72.14
N PRO F 151 -1.64 -17.24 71.49
CA PRO F 151 -1.54 -15.77 71.61
C PRO F 151 -1.97 -15.21 72.97
N VAL F 152 -2.56 -16.02 73.86
CA VAL F 152 -2.92 -15.65 75.24
C VAL F 152 -1.91 -16.14 76.29
N CYS F 153 -0.72 -16.58 75.86
CA CYS F 153 0.40 -17.02 76.71
C CYS F 153 1.66 -16.15 76.53
N GLN F 154 2.55 -16.13 77.52
CA GLN F 154 3.81 -15.39 77.43
C GLN F 154 4.86 -16.04 76.51
N GLY F 155 4.71 -17.33 76.20
CA GLY F 155 5.61 -18.05 75.29
C GLY F 155 5.16 -19.48 75.04
N GLU F 156 5.78 -20.12 74.03
CA GLU F 156 5.60 -21.54 73.72
C GLU F 156 6.95 -22.26 73.62
N VAL F 157 7.00 -23.52 74.05
CA VAL F 157 8.15 -24.42 73.89
C VAL F 157 7.70 -25.64 73.10
N VAL F 158 8.33 -25.94 71.97
CA VAL F 158 7.85 -26.97 71.02
C VAL F 158 8.98 -27.91 70.59
N GLY F 159 8.69 -29.22 70.60
CA GLY F 159 9.54 -30.23 69.96
C GLY F 159 10.79 -30.65 70.72
N LEU F 160 10.97 -30.20 71.96
CA LEU F 160 12.14 -30.55 72.79
C LEU F 160 11.93 -31.83 73.62
N GLY F 161 10.92 -32.63 73.31
CA GLY F 161 10.59 -33.83 74.07
C GLY F 161 10.15 -33.51 75.50
N LEU F 162 10.47 -34.38 76.46
CA LEU F 162 10.16 -34.14 77.87
C LEU F 162 11.00 -32.99 78.46
N GLY F 163 12.09 -32.58 77.81
CA GLY F 163 12.88 -31.40 78.21
C GLY F 163 12.14 -30.07 78.10
N GLY F 164 11.08 -29.99 77.30
CA GLY F 164 10.30 -28.76 77.13
C GLY F 164 9.63 -28.25 78.41
N TYR F 165 9.22 -29.14 79.30
CA TYR F 165 8.69 -28.76 80.61
C TYR F 165 9.76 -28.11 81.49
N LEU F 166 11.01 -28.54 81.39
CA LEU F 166 12.10 -28.02 82.21
C LEU F 166 12.50 -26.62 81.74
N ALA F 167 12.53 -26.37 80.43
CA ALA F 167 12.69 -25.01 79.93
C ALA F 167 11.55 -24.10 80.38
N ALA F 168 10.29 -24.55 80.32
CA ALA F 168 9.15 -23.74 80.76
C ALA F 168 9.26 -23.36 82.24
N MET F 169 9.62 -24.29 83.12
CA MET F 169 9.86 -23.96 84.54
C MET F 169 11.01 -22.96 84.71
N GLY F 170 12.09 -23.09 83.94
CA GLY F 170 13.17 -22.10 83.95
C GLY F 170 12.69 -20.71 83.52
N MET F 171 11.95 -20.62 82.41
CA MET F 171 11.37 -19.38 81.91
C MET F 171 10.40 -18.72 82.89
N LEU F 172 9.74 -19.47 83.78
CA LEU F 172 8.89 -18.89 84.82
C LEU F 172 9.68 -18.43 86.05
N VAL F 173 10.80 -19.07 86.37
CA VAL F 173 11.68 -18.64 87.47
C VAL F 173 12.47 -17.38 87.11
N GLU F 174 12.80 -17.19 85.83
CA GLU F 174 13.52 -16.03 85.28
C GLU F 174 12.68 -14.73 85.26
N MET G 33 25.68 5.81 -94.48
CA MET G 33 25.05 6.38 -93.25
C MET G 33 25.41 7.85 -93.10
N LYS G 34 24.45 8.68 -92.68
CA LYS G 34 24.58 10.13 -92.42
C LYS G 34 24.31 10.46 -90.96
N ILE G 35 25.24 11.11 -90.28
CA ILE G 35 25.16 11.52 -88.87
C ILE G 35 25.10 13.04 -88.74
N LEU G 36 24.32 13.55 -87.79
CA LEU G 36 24.27 14.97 -87.44
C LEU G 36 24.75 15.20 -86.01
N VAL G 37 25.72 16.08 -85.82
CA VAL G 37 26.24 16.47 -84.51
C VAL G 37 25.82 17.90 -84.19
N ILE G 38 25.10 18.09 -83.08
CA ILE G 38 24.58 19.39 -82.64
C ILE G 38 25.23 19.80 -81.33
N ASN G 39 25.87 20.96 -81.32
CA ASN G 39 26.46 21.59 -80.14
C ASN G 39 25.64 22.82 -79.71
N GLY G 40 25.31 22.91 -78.44
CA GLY G 40 24.52 23.99 -77.85
C GLY G 40 25.29 25.30 -77.62
N PRO G 41 24.72 26.22 -76.83
CA PRO G 41 25.35 27.51 -76.52
C PRO G 41 26.67 27.33 -75.77
N ASN G 42 27.57 28.30 -75.89
CA ASN G 42 28.90 28.35 -75.24
C ASN G 42 29.92 27.28 -75.66
N ILE G 43 29.54 26.20 -76.32
CA ILE G 43 30.46 25.10 -76.69
C ILE G 43 31.59 25.58 -77.63
N ASN G 44 31.34 26.59 -78.47
CA ASN G 44 32.36 27.18 -79.33
C ASN G 44 33.52 27.86 -78.57
N PHE G 45 33.35 28.16 -77.28
CA PHE G 45 34.36 28.76 -76.42
C PHE G 45 35.18 27.73 -75.62
N LEU G 46 35.14 26.44 -75.95
CA LEU G 46 36.13 25.46 -75.44
C LEU G 46 37.56 25.97 -75.61
N GLY G 47 38.39 25.81 -74.58
CA GLY G 47 39.78 26.30 -74.57
C GLY G 47 39.92 27.79 -74.27
N ILE G 48 38.83 28.55 -74.22
CA ILE G 48 38.75 29.88 -73.63
C ILE G 48 38.06 29.79 -72.26
N PRO G 56 44.06 22.76 -73.17
CA PRO G 56 44.49 23.62 -74.29
C PRO G 56 43.73 23.34 -75.60
N LEU G 57 43.03 22.20 -75.72
CA LEU G 57 42.24 21.86 -76.91
C LEU G 57 41.03 22.79 -77.07
N ASN G 58 40.77 23.23 -78.29
CA ASN G 58 39.69 24.16 -78.60
C ASN G 58 38.59 23.52 -79.48
N TYR G 59 37.58 24.30 -79.85
CA TYR G 59 36.46 23.80 -80.65
C TYR G 59 36.87 23.32 -82.05
N ASP G 60 37.84 23.95 -82.70
CA ASP G 60 38.31 23.50 -84.01
C ASP G 60 39.06 22.15 -83.92
N ASP G 61 39.75 21.87 -82.81
CA ASP G 61 40.33 20.56 -82.57
C ASP G 61 39.24 19.48 -82.46
N LEU G 62 38.18 19.75 -81.71
CA LEU G 62 37.04 18.85 -81.59
C LEU G 62 36.37 18.58 -82.94
N VAL G 63 36.17 19.61 -83.77
CA VAL G 63 35.58 19.43 -85.10
C VAL G 63 36.48 18.58 -85.99
N GLU G 64 37.79 18.78 -85.98
CA GLU G 64 38.71 17.94 -86.76
C GLU G 64 38.72 16.49 -86.28
N MET G 65 38.70 16.23 -84.96
CA MET G 65 38.57 14.88 -84.42
C MET G 65 37.29 14.18 -84.90
N ILE G 66 36.15 14.87 -84.89
CA ILE G 66 34.87 14.32 -85.35
C ILE G 66 34.92 14.02 -86.85
N LYS G 67 35.38 14.96 -87.69
CA LYS G 67 35.47 14.76 -89.15
C LYS G 67 36.46 13.67 -89.53
N GLY G 68 37.58 13.53 -88.84
CA GLY G 68 38.53 12.44 -89.07
C GLY G 68 37.97 11.08 -88.67
N THR G 69 37.28 11.00 -87.53
CA THR G 69 36.64 9.75 -87.08
C THR G 69 35.51 9.32 -88.01
N ALA G 70 34.75 10.25 -88.59
CA ALA G 70 33.71 9.91 -89.56
C ALA G 70 34.28 9.18 -90.78
N LYS G 71 35.40 9.65 -91.35
CA LYS G 71 36.11 8.94 -92.42
C LYS G 71 36.61 7.56 -91.97
N GLY G 72 37.07 7.43 -90.73
CA GLY G 72 37.46 6.15 -90.15
C GLY G 72 36.32 5.14 -90.08
N LEU G 73 35.15 5.56 -89.62
CA LEU G 73 33.93 4.74 -89.54
C LEU G 73 33.17 4.60 -90.87
N LYS G 74 33.62 5.25 -91.95
CA LYS G 74 32.97 5.30 -93.28
C LYS G 74 31.54 5.86 -93.24
N VAL G 75 31.32 6.94 -92.52
CA VAL G 75 30.03 7.66 -92.42
C VAL G 75 30.18 9.11 -92.85
N LYS G 76 29.12 9.72 -93.37
CA LYS G 76 29.06 11.18 -93.59
C LYS G 76 28.63 11.88 -92.32
N VAL G 77 29.22 13.03 -92.01
CA VAL G 77 28.90 13.81 -90.80
C VAL G 77 28.70 15.29 -91.10
N GLU G 78 27.68 15.88 -90.51
CA GLU G 78 27.50 17.33 -90.41
C GLU G 78 27.68 17.75 -88.95
N VAL G 79 28.50 18.77 -88.69
CA VAL G 79 28.70 19.34 -87.36
C VAL G 79 28.15 20.77 -87.31
N PHE G 80 27.29 21.06 -86.35
CA PHE G 80 26.59 22.34 -86.22
C PHE G 80 26.65 22.88 -84.79
N GLN G 81 26.82 24.19 -84.63
CA GLN G 81 26.77 24.87 -83.34
C GLN G 81 25.98 26.18 -83.44
N SER G 82 25.17 26.50 -82.43
CA SER G 82 24.54 27.81 -82.31
C SER G 82 24.29 28.20 -80.85
N ASN G 83 24.31 29.50 -80.56
CA ASN G 83 23.90 30.04 -79.26
C ASN G 83 22.39 30.24 -79.12
N HIS G 84 21.61 30.06 -80.19
CA HIS G 84 20.16 30.27 -80.19
C HIS G 84 19.37 28.97 -79.98
N GLU G 85 18.51 28.92 -78.96
CA GLU G 85 17.64 27.77 -78.69
C GLU G 85 16.75 27.43 -79.90
N GLY G 86 16.20 28.44 -80.57
CA GLY G 86 15.34 28.22 -81.74
C GLY G 86 16.08 27.69 -82.97
N ALA G 87 17.35 28.03 -83.15
CA ALA G 87 18.14 27.53 -84.27
C ALA G 87 18.44 26.04 -84.13
N ILE G 88 18.60 25.54 -82.90
CA ILE G 88 18.72 24.12 -82.61
C ILE G 88 17.42 23.40 -82.95
N ILE G 89 16.26 23.95 -82.55
CA ILE G 89 14.96 23.36 -82.88
C ILE G 89 14.74 23.34 -84.40
N ASP G 90 15.08 24.41 -85.12
CA ASP G 90 15.04 24.41 -86.57
C ASP G 90 15.94 23.35 -87.21
N LYS G 91 17.15 23.14 -86.68
CA LYS G 91 18.09 22.13 -87.16
C LYS G 91 17.56 20.71 -86.91
N LEU G 92 16.94 20.44 -85.76
CA LEU G 92 16.30 19.16 -85.48
C LEU G 92 15.10 18.91 -86.40
N GLN G 93 14.28 19.92 -86.68
CA GLN G 93 13.19 19.79 -87.65
C GLN G 93 13.71 19.59 -89.08
N GLU G 94 14.79 20.26 -89.47
CA GLU G 94 15.41 20.03 -90.78
C GLU G 94 15.94 18.61 -90.93
N ALA G 95 16.48 18.00 -89.87
CA ALA G 95 16.98 16.64 -89.91
C ALA G 95 15.90 15.61 -90.27
N TYR G 96 14.66 15.81 -89.80
CA TYR G 96 13.53 14.93 -90.13
C TYR G 96 13.22 14.90 -91.63
N TYR G 97 13.37 16.02 -92.32
CA TYR G 97 13.15 16.13 -93.77
C TYR G 97 14.35 15.70 -94.62
N ASN G 98 15.50 15.40 -94.02
CA ASN G 98 16.77 15.15 -94.73
C ASN G 98 17.34 13.74 -94.51
N ASP G 99 16.56 12.82 -93.94
CA ASP G 99 16.91 11.41 -93.75
C ASP G 99 18.27 11.20 -93.05
N VAL G 100 18.50 11.95 -91.98
CA VAL G 100 19.60 11.73 -91.02
C VAL G 100 19.37 10.39 -90.32
N ASP G 101 20.41 9.55 -90.26
CA ASP G 101 20.30 8.21 -89.68
C ASP G 101 20.50 8.18 -88.16
N GLY G 102 21.13 9.21 -87.57
CA GLY G 102 21.30 9.34 -86.13
C GLY G 102 21.87 10.70 -85.71
N ILE G 103 21.58 11.10 -84.47
CA ILE G 103 21.92 12.42 -83.94
C ILE G 103 22.80 12.31 -82.69
N VAL G 104 23.88 13.08 -82.64
CA VAL G 104 24.66 13.28 -81.40
C VAL G 104 24.40 14.70 -80.93
N ILE G 105 23.96 14.90 -79.69
CA ILE G 105 23.66 16.25 -79.18
C ILE G 105 24.35 16.54 -77.84
N ASN G 106 24.98 17.71 -77.75
CA ASN G 106 25.48 18.28 -76.50
C ASN G 106 24.76 19.61 -76.26
N PRO G 107 23.67 19.64 -75.47
CA PRO G 107 22.86 20.84 -75.31
C PRO G 107 23.53 21.96 -74.51
N GLY G 108 24.68 21.73 -73.87
CA GLY G 108 25.19 22.65 -72.86
C GLY G 108 24.17 22.84 -71.72
N ALA G 109 24.04 24.06 -71.21
CA ALA G 109 23.15 24.37 -70.08
C ALA G 109 21.64 24.15 -70.37
N PHE G 110 21.19 24.13 -71.63
CA PHE G 110 19.80 23.81 -71.98
C PHE G 110 19.33 22.44 -71.46
N THR G 111 20.26 21.54 -71.18
CA THR G 111 20.04 20.25 -70.52
C THR G 111 19.24 20.36 -69.22
N HIS G 112 19.37 21.49 -68.52
CA HIS G 112 18.84 21.70 -67.18
C HIS G 112 17.59 22.59 -67.12
N TYR G 113 17.12 23.11 -68.26
CA TYR G 113 15.90 23.95 -68.29
C TYR G 113 15.10 23.98 -69.59
N SER G 114 15.63 23.59 -70.77
CA SER G 114 14.90 23.74 -72.03
C SER G 114 13.89 22.61 -72.28
N TYR G 115 12.68 22.77 -71.75
CA TYR G 115 11.57 21.90 -72.10
C TYR G 115 11.18 22.03 -73.59
N ALA G 116 11.51 23.14 -74.25
CA ALA G 116 11.30 23.28 -75.69
C ALA G 116 12.20 22.35 -76.51
N VAL G 117 13.50 22.27 -76.19
CA VAL G 117 14.42 21.34 -76.88
C VAL G 117 14.10 19.89 -76.53
N ARG G 118 13.71 19.59 -75.28
CA ARG G 118 13.17 18.27 -74.93
C ARG G 118 12.03 17.87 -75.85
N ASP G 119 11.01 18.70 -75.97
CA ASP G 119 9.85 18.37 -76.79
C ASP G 119 10.18 18.37 -78.29
N ALA G 120 11.17 19.12 -78.75
CA ALA G 120 11.67 19.01 -80.12
C ALA G 120 12.30 17.64 -80.37
N LEU G 121 13.14 17.15 -79.46
CA LEU G 121 13.72 15.79 -79.52
C LEU G 121 12.62 14.72 -79.45
N ALA G 122 11.58 14.93 -78.65
CA ALA G 122 10.43 14.01 -78.61
C ALA G 122 9.64 13.99 -79.93
N SER G 123 9.58 15.09 -80.68
CA SER G 123 8.87 15.14 -81.96
C SER G 123 9.50 14.31 -83.09
N ILE G 124 10.78 13.93 -82.96
CA ILE G 124 11.52 13.16 -83.98
C ILE G 124 11.90 11.77 -83.49
N ALA G 125 11.00 11.09 -82.78
CA ALA G 125 11.23 9.78 -82.17
C ALA G 125 11.66 8.65 -83.14
N ALA G 126 11.43 8.81 -84.44
CA ALA G 126 11.91 7.89 -85.47
C ALA G 126 13.45 7.86 -85.62
N ILE G 127 14.18 8.88 -85.15
CA ILE G 127 15.63 9.01 -85.31
C ILE G 127 16.31 8.69 -83.97
N PRO G 128 17.32 7.80 -83.92
CA PRO G 128 18.07 7.53 -82.70
C PRO G 128 18.98 8.71 -82.35
N LYS G 129 18.99 9.12 -81.07
CA LYS G 129 19.85 10.20 -80.58
C LYS G 129 20.63 9.79 -79.33
N ILE G 130 21.88 10.24 -79.25
CA ILE G 130 22.74 10.12 -78.07
C ILE G 130 23.04 11.51 -77.51
N GLU G 131 22.85 11.71 -76.21
CA GLU G 131 23.25 12.94 -75.52
C GLU G 131 24.69 12.86 -75.00
N VAL G 132 25.47 13.94 -75.10
CA VAL G 132 26.88 13.98 -74.71
C VAL G 132 27.16 15.15 -73.78
N HIS G 133 27.90 14.91 -72.69
CA HIS G 133 28.49 15.95 -71.83
C HIS G 133 29.99 15.77 -71.66
N ILE G 134 30.75 16.85 -71.88
CA ILE G 134 32.22 16.83 -71.84
C ILE G 134 32.72 16.68 -70.40
N SER G 135 32.17 17.47 -69.48
CA SER G 135 32.46 17.40 -68.03
C SER G 135 31.34 16.66 -67.28
N ASN G 136 31.61 16.32 -66.01
CA ASN G 136 30.75 15.47 -65.18
C ASN G 136 29.50 16.21 -64.64
N VAL G 137 28.67 16.79 -65.51
CA VAL G 137 27.62 17.77 -65.14
C VAL G 137 26.67 17.28 -64.03
N THR G 146 20.10 16.84 -62.23
CA THR G 146 19.11 16.09 -63.02
C THR G 146 18.75 16.88 -64.29
N SER G 147 18.41 16.17 -65.37
CA SER G 147 18.36 16.70 -66.75
C SER G 147 17.01 16.47 -67.42
N VAL G 148 16.55 17.41 -68.24
CA VAL G 148 15.23 17.33 -68.92
C VAL G 148 15.27 16.62 -70.28
N THR G 149 16.42 16.58 -70.96
CA THR G 149 16.61 16.01 -72.32
C THR G 149 17.00 14.53 -72.35
N VAL G 150 17.41 13.93 -71.24
CA VAL G 150 17.86 12.53 -71.16
C VAL G 150 16.77 11.49 -71.52
N PRO G 151 15.54 11.53 -70.97
CA PRO G 151 14.57 10.44 -71.18
C PRO G 151 13.96 10.38 -72.58
N VAL G 152 14.27 11.33 -73.46
CA VAL G 152 13.85 11.37 -74.88
C VAL G 152 14.97 10.95 -75.85
N CYS G 153 16.04 10.33 -75.33
CA CYS G 153 17.21 9.85 -76.09
C CYS G 153 17.49 8.36 -75.83
N GLN G 154 18.21 7.68 -76.74
CA GLN G 154 18.56 6.26 -76.57
C GLN G 154 19.67 6.02 -75.52
N GLY G 155 20.47 7.03 -75.20
CA GLY G 155 21.50 6.94 -74.17
C GLY G 155 22.23 8.26 -73.94
N GLU G 156 23.05 8.29 -72.90
CA GLU G 156 23.90 9.43 -72.55
C GLU G 156 25.36 9.01 -72.35
N VAL G 157 26.30 9.84 -72.77
CA VAL G 157 27.74 9.69 -72.52
C VAL G 157 28.23 10.90 -71.74
N VAL G 158 28.80 10.71 -70.55
CA VAL G 158 29.11 11.81 -69.63
C VAL G 158 30.53 11.72 -69.08
N GLY G 159 31.25 12.84 -69.08
CA GLY G 159 32.51 12.98 -68.34
C GLY G 159 33.75 12.35 -68.99
N LEU G 160 33.67 11.92 -70.25
CA LEU G 160 34.78 11.31 -70.98
C LEU G 160 35.58 12.32 -71.83
N GLY G 161 35.46 13.62 -71.53
CA GLY G 161 36.13 14.68 -72.29
C GLY G 161 35.67 14.73 -73.74
N LEU G 162 36.56 15.12 -74.65
CA LEU G 162 36.28 15.14 -76.09
C LEU G 162 36.11 13.71 -76.66
N GLY G 163 36.51 12.68 -75.92
CA GLY G 163 36.28 11.29 -76.29
C GLY G 163 34.81 10.87 -76.28
N GLY G 164 33.94 11.58 -75.56
CA GLY G 164 32.51 11.24 -75.47
C GLY G 164 31.77 11.27 -76.82
N TYR G 165 32.12 12.19 -77.71
CA TYR G 165 31.58 12.24 -79.08
C TYR G 165 31.97 11.00 -79.89
N LEU G 166 33.17 10.48 -79.69
CA LEU G 166 33.68 9.31 -80.42
C LEU G 166 32.94 8.04 -79.98
N ALA G 167 32.68 7.89 -78.69
CA ALA G 167 31.81 6.81 -78.22
C ALA G 167 30.39 6.95 -78.79
N ALA G 168 29.81 8.14 -78.78
CA ALA G 168 28.46 8.34 -79.30
C ALA G 168 28.35 8.00 -80.79
N MET G 169 29.32 8.39 -81.63
CA MET G 169 29.36 7.95 -83.03
C MET G 169 29.49 6.44 -83.15
N GLY G 170 30.32 5.80 -82.32
CA GLY G 170 30.42 4.34 -82.28
C GLY G 170 29.08 3.68 -81.92
N MET G 171 28.41 4.16 -80.88
CA MET G 171 27.11 3.65 -80.45
C MET G 171 26.01 3.80 -81.51
N LEU G 172 26.12 4.76 -82.44
CA LEU G 172 25.17 4.89 -83.55
C LEU G 172 25.51 4.02 -84.75
N VAL G 173 26.79 3.70 -84.98
CA VAL G 173 27.18 2.74 -86.02
C VAL G 173 26.80 1.32 -85.63
N GLU G 174 26.85 0.99 -84.34
CA GLU G 174 26.49 -0.31 -83.77
C GLU G 174 24.98 -0.62 -83.79
N MET H 33 61.23 -76.45 5.44
CA MET H 33 60.84 -75.05 5.73
C MET H 33 61.17 -74.68 7.16
N LYS H 34 61.73 -73.48 7.37
CA LYS H 34 62.10 -72.89 8.67
C LYS H 34 61.25 -71.65 8.98
N ILE H 35 60.56 -71.64 10.12
CA ILE H 35 59.72 -70.53 10.60
C ILE H 35 60.37 -69.89 11.83
N LEU H 36 60.28 -68.57 11.95
CA LEU H 36 60.68 -67.84 13.15
C LEU H 36 59.48 -67.16 13.81
N VAL H 37 59.28 -67.41 15.11
CA VAL H 37 58.22 -66.79 15.91
C VAL H 37 58.84 -65.80 16.89
N ILE H 38 58.40 -64.55 16.85
CA ILE H 38 58.90 -63.46 17.71
C ILE H 38 57.78 -62.92 18.59
N ASN H 39 57.99 -62.96 19.90
CA ASN H 39 57.10 -62.37 20.90
C ASN H 39 57.73 -61.11 21.52
N GLY H 40 56.97 -60.04 21.60
CA GLY H 40 57.41 -58.75 22.14
C GLY H 40 57.44 -58.66 23.66
N PRO H 41 57.54 -57.45 24.22
CA PRO H 41 57.58 -57.25 25.67
C PRO H 41 56.28 -57.72 26.35
N ASN H 42 56.39 -58.08 27.63
CA ASN H 42 55.28 -58.54 28.49
C ASN H 42 54.64 -59.89 28.13
N ILE H 43 54.82 -60.43 26.92
CA ILE H 43 54.15 -61.67 26.50
C ILE H 43 54.54 -62.89 27.38
N ASN H 44 55.74 -62.92 27.94
CA ASN H 44 56.15 -63.98 28.87
C ASN H 44 55.34 -64.04 30.17
N PHE H 45 54.55 -63.02 30.49
CA PHE H 45 53.67 -62.96 31.65
C PHE H 45 52.21 -63.34 31.34
N LEU H 46 51.90 -63.97 30.20
CA LEU H 46 50.60 -64.64 30.00
C LEU H 46 50.28 -65.57 31.18
N GLY H 47 49.04 -65.52 31.66
CA GLY H 47 48.58 -66.28 32.83
C GLY H 47 48.99 -65.69 34.18
N ILE H 48 49.85 -64.67 34.21
CA ILE H 48 50.07 -63.80 35.36
C ILE H 48 49.32 -62.47 35.15
N PRO H 56 43.87 -69.64 32.44
CA PRO H 56 44.86 -70.37 33.21
C PRO H 56 46.10 -70.76 32.40
N LEU H 57 46.08 -70.68 31.06
CA LEU H 57 47.22 -71.01 30.21
C LEU H 57 48.34 -69.97 30.33
N ASN H 58 49.58 -70.42 30.35
CA ASN H 58 50.76 -69.57 30.47
C ASN H 58 51.67 -69.62 29.23
N TYR H 59 52.78 -68.88 29.25
CA TYR H 59 53.68 -68.79 28.11
C TYR H 59 54.33 -70.14 27.73
N ASP H 60 54.63 -71.01 28.68
CA ASP H 60 55.18 -72.34 28.37
C ASP H 60 54.16 -73.26 27.69
N ASP H 61 52.87 -73.11 28.00
CA ASP H 61 51.80 -73.82 27.29
C ASP H 61 51.74 -73.41 25.83
N LEU H 62 51.83 -72.11 25.55
CA LEU H 62 51.86 -71.56 24.20
C LEU H 62 53.07 -72.07 23.40
N VAL H 63 54.26 -72.08 24.00
CA VAL H 63 55.45 -72.62 23.34
C VAL H 63 55.29 -74.10 23.02
N GLU H 64 54.73 -74.91 23.91
CA GLU H 64 54.50 -76.33 23.61
C GLU H 64 53.47 -76.53 22.49
N MET H 65 52.38 -75.76 22.44
CA MET H 65 51.43 -75.80 21.34
C MET H 65 52.08 -75.45 20.00
N ILE H 66 52.95 -74.43 19.95
CA ILE H 66 53.66 -74.04 18.73
C ILE H 66 54.66 -75.12 18.30
N LYS H 67 55.47 -75.65 19.22
CA LYS H 67 56.44 -76.72 18.90
C LYS H 67 55.76 -78.02 18.45
N GLY H 68 54.65 -78.41 19.07
CA GLY H 68 53.87 -79.58 18.65
C GLY H 68 53.21 -79.39 17.28
N THR H 69 52.66 -78.20 17.01
CA THR H 69 52.08 -77.88 15.71
C THR H 69 53.12 -77.86 14.60
N ALA H 70 54.36 -77.43 14.88
CA ALA H 70 55.43 -77.46 13.90
C ALA H 70 55.77 -78.89 13.43
N LYS H 71 55.83 -79.87 14.34
CA LYS H 71 55.94 -81.29 13.97
C LYS H 71 54.76 -81.76 13.14
N GLY H 72 53.54 -81.35 13.51
CA GLY H 72 52.32 -81.66 12.75
C GLY H 72 52.37 -81.18 11.31
N LEU H 73 52.79 -79.94 11.08
CA LEU H 73 52.96 -79.35 9.75
C LEU H 73 54.26 -79.76 9.03
N LYS H 74 55.13 -80.57 9.66
CA LYS H 74 56.45 -80.97 9.14
C LYS H 74 57.37 -79.77 8.82
N VAL H 75 57.41 -78.77 9.71
CA VAL H 75 58.28 -77.60 9.61
C VAL H 75 59.21 -77.50 10.83
N LYS H 76 60.30 -76.75 10.71
CA LYS H 76 61.20 -76.42 11.82
C LYS H 76 60.89 -75.02 12.33
N VAL H 77 60.81 -74.84 13.64
CA VAL H 77 60.42 -73.57 14.26
C VAL H 77 61.42 -73.14 15.32
N GLU H 78 61.71 -71.84 15.36
CA GLU H 78 62.39 -71.17 16.47
C GLU H 78 61.41 -70.20 17.13
N VAL H 79 61.29 -70.24 18.45
CA VAL H 79 60.43 -69.32 19.22
C VAL H 79 61.30 -68.44 20.11
N PHE H 80 61.14 -67.13 19.99
CA PHE H 80 61.95 -66.11 20.68
C PHE H 80 61.06 -65.08 21.38
N GLN H 81 61.47 -64.64 22.57
CA GLN H 81 60.84 -63.53 23.29
C GLN H 81 61.89 -62.61 23.92
N SER H 82 61.69 -61.30 23.87
CA SER H 82 62.50 -60.34 24.63
C SER H 82 61.71 -59.09 24.99
N ASN H 83 62.03 -58.47 26.12
CA ASN H 83 61.47 -57.18 26.53
C ASN H 83 62.19 -55.99 25.87
N HIS H 84 63.31 -56.18 25.17
CA HIS H 84 64.09 -55.13 24.54
C HIS H 84 63.72 -54.92 23.06
N GLU H 85 63.37 -53.70 22.68
CA GLU H 85 63.08 -53.32 21.29
C GLU H 85 64.28 -53.61 20.37
N GLY H 86 65.50 -53.29 20.81
CA GLY H 86 66.70 -53.54 20.01
C GLY H 86 67.03 -55.01 19.81
N ALA H 87 66.69 -55.88 20.75
CA ALA H 87 66.90 -57.32 20.61
C ALA H 87 65.95 -57.94 19.57
N ILE H 88 64.72 -57.41 19.45
CA ILE H 88 63.80 -57.80 18.38
C ILE H 88 64.37 -57.39 17.02
N ILE H 89 64.88 -56.17 16.89
CA ILE H 89 65.50 -55.71 15.65
C ILE H 89 66.74 -56.53 15.31
N ASP H 90 67.61 -56.86 16.26
CA ASP H 90 68.72 -57.78 16.03
C ASP H 90 68.25 -59.17 15.56
N LYS H 91 67.18 -59.72 16.14
CA LYS H 91 66.63 -61.02 15.76
C LYS H 91 66.07 -60.98 14.33
N LEU H 92 65.41 -59.91 13.93
CA LEU H 92 64.94 -59.71 12.56
C LEU H 92 66.10 -59.57 11.56
N GLN H 93 67.16 -58.86 11.92
CA GLN H 93 68.36 -58.77 11.08
C GLN H 93 69.11 -60.10 11.00
N GLU H 94 69.16 -60.87 12.08
CA GLU H 94 69.73 -62.22 12.06
C GLU H 94 68.94 -63.16 11.14
N ALA H 95 67.61 -63.07 11.13
CA ALA H 95 66.77 -63.91 10.28
C ALA H 95 67.10 -63.77 8.79
N TYR H 96 67.43 -62.56 8.34
CA TYR H 96 67.81 -62.30 6.94
C TYR H 96 69.10 -63.03 6.54
N TYR H 97 70.08 -63.15 7.43
CA TYR H 97 71.32 -63.89 7.17
C TYR H 97 71.19 -65.42 7.37
N ASN H 98 70.07 -65.91 7.88
CA ASN H 98 69.87 -67.32 8.25
C ASN H 98 68.79 -68.04 7.43
N ASP H 99 68.33 -67.43 6.33
CA ASP H 99 67.38 -68.04 5.38
C ASP H 99 66.08 -68.55 6.03
N VAL H 100 65.52 -67.76 6.94
CA VAL H 100 64.18 -68.00 7.49
C VAL H 100 63.14 -67.87 6.37
N ASP H 101 62.25 -68.85 6.22
CA ASP H 101 61.27 -68.88 5.14
C ASP H 101 60.00 -68.05 5.43
N GLY H 102 59.71 -67.77 6.69
CA GLY H 102 58.59 -66.91 7.09
C GLY H 102 58.62 -66.55 8.57
N ILE H 103 58.02 -65.42 8.92
CA ILE H 103 58.05 -64.84 10.27
C ILE H 103 56.63 -64.70 10.85
N VAL H 104 56.43 -65.12 12.09
CA VAL H 104 55.22 -64.82 12.87
C VAL H 104 55.61 -63.86 13.98
N ILE H 105 54.98 -62.70 14.08
CA ILE H 105 55.36 -61.70 15.09
C ILE H 105 54.16 -61.17 15.89
N ASN H 106 54.32 -61.09 17.21
CA ASN H 106 53.40 -60.43 18.11
C ASN H 106 54.16 -59.33 18.88
N PRO H 107 54.14 -58.07 18.43
CA PRO H 107 54.93 -57.01 19.05
C PRO H 107 54.46 -56.57 20.44
N GLY H 108 53.30 -57.04 20.93
CA GLY H 108 52.67 -56.43 22.09
C GLY H 108 52.41 -54.94 21.88
N ALA H 109 52.65 -54.11 22.90
CA ALA H 109 52.41 -52.67 22.86
C ALA H 109 53.23 -51.90 21.80
N PHE H 110 54.37 -52.41 21.34
CA PHE H 110 55.18 -51.78 20.27
C PHE H 110 54.41 -51.57 18.96
N THR H 111 53.33 -52.33 18.75
CA THR H 111 52.39 -52.20 17.63
C THR H 111 51.85 -50.77 17.46
N HIS H 112 51.77 -50.02 18.55
CA HIS H 112 51.10 -48.71 18.61
C HIS H 112 52.06 -47.52 18.66
N TYR H 113 53.38 -47.74 18.68
CA TYR H 113 54.37 -46.65 18.69
C TYR H 113 55.77 -46.94 18.12
N SER H 114 56.20 -48.20 17.94
CA SER H 114 57.57 -48.48 17.50
C SER H 114 57.75 -48.34 15.99
N TYR H 115 58.02 -47.12 15.54
CA TYR H 115 58.44 -46.91 14.16
C TYR H 115 59.80 -47.55 13.85
N ALA H 116 60.65 -47.82 14.85
CA ALA H 116 61.89 -48.56 14.62
C ALA H 116 61.64 -50.03 14.23
N VAL H 117 60.72 -50.73 14.91
CA VAL H 117 60.35 -52.11 14.56
C VAL H 117 59.55 -52.16 13.25
N ARG H 118 58.70 -51.16 12.95
CA ARG H 118 58.12 -51.02 11.61
C ARG H 118 59.19 -50.97 10.53
N ASP H 119 60.15 -50.06 10.66
CA ASP H 119 61.20 -49.92 9.66
C ASP H 119 62.15 -51.13 9.60
N ALA H 120 62.34 -51.86 10.71
CA ALA H 120 63.05 -53.12 10.69
C ALA H 120 62.30 -54.17 9.84
N LEU H 121 60.99 -54.34 10.04
CA LEU H 121 60.18 -55.21 9.20
C LEU H 121 60.15 -54.76 7.73
N ALA H 122 60.18 -53.45 7.46
CA ALA H 122 60.29 -52.94 6.10
C ALA H 122 61.65 -53.27 5.45
N SER H 123 62.73 -53.36 6.23
CA SER H 123 64.07 -53.64 5.70
C SER H 123 64.28 -55.07 5.20
N ILE H 124 63.42 -56.01 5.60
CA ILE H 124 63.49 -57.44 5.22
C ILE H 124 62.32 -57.88 4.34
N ALA H 125 61.90 -57.01 3.41
CA ALA H 125 60.72 -57.21 2.55
C ALA H 125 60.71 -58.52 1.70
N ALA H 126 61.85 -59.17 1.50
CA ALA H 126 61.93 -60.47 0.82
C ALA H 126 61.31 -61.64 1.61
N ILE H 127 61.11 -61.51 2.93
CA ILE H 127 60.59 -62.57 3.79
C ILE H 127 59.11 -62.30 4.11
N PRO H 128 58.20 -63.28 3.96
CA PRO H 128 56.80 -63.10 4.31
C PRO H 128 56.62 -63.09 5.83
N LYS H 129 55.84 -62.15 6.36
CA LYS H 129 55.52 -62.06 7.79
C LYS H 129 54.04 -61.94 8.06
N ILE H 130 53.56 -62.59 9.11
CA ILE H 130 52.20 -62.48 9.65
C ILE H 130 52.26 -61.86 11.04
N GLU H 131 51.41 -60.87 11.32
CA GLU H 131 51.29 -60.25 12.64
C GLU H 131 50.15 -60.86 13.45
N VAL H 132 50.38 -61.14 14.73
CA VAL H 132 49.43 -61.82 15.63
C VAL H 132 49.10 -60.98 16.86
N HIS H 133 47.81 -60.83 17.20
CA HIS H 133 47.36 -60.33 18.50
C HIS H 133 46.45 -61.33 19.20
N ILE H 134 46.77 -61.65 20.46
CA ILE H 134 46.02 -62.62 21.27
C ILE H 134 44.63 -62.08 21.62
N SER H 135 44.57 -60.84 22.10
CA SER H 135 43.33 -60.13 22.44
C SER H 135 42.90 -59.15 21.33
N ASN H 136 41.68 -58.64 21.39
CA ASN H 136 41.05 -57.81 20.37
C ASN H 136 41.56 -56.35 20.37
N VAL H 137 42.88 -56.13 20.26
CA VAL H 137 43.53 -54.83 20.56
C VAL H 137 42.90 -53.62 19.86
N THR H 146 44.65 -47.88 16.18
CA THR H 146 45.40 -47.87 14.91
C THR H 146 46.86 -48.29 15.14
N SER H 147 47.46 -48.99 14.18
CA SER H 147 48.73 -49.72 14.35
C SER H 147 49.79 -49.33 13.31
N VAL H 148 51.06 -49.31 13.69
CA VAL H 148 52.17 -48.88 12.81
C VAL H 148 52.87 -50.05 12.08
N THR H 149 52.76 -51.28 12.57
CA THR H 149 53.46 -52.47 12.02
C THR H 149 52.66 -53.28 10.98
N VAL H 150 51.34 -53.13 10.92
CA VAL H 150 50.47 -53.92 10.01
C VAL H 150 50.77 -53.77 8.52
N PRO H 151 50.94 -52.56 7.94
CA PRO H 151 51.03 -52.41 6.48
C PRO H 151 52.34 -52.92 5.87
N VAL H 152 53.34 -53.28 6.68
CA VAL H 152 54.60 -53.91 6.25
C VAL H 152 54.62 -55.43 6.43
N CYS H 153 53.45 -56.04 6.69
CA CYS H 153 53.23 -57.49 6.83
C CYS H 153 52.21 -58.00 5.79
N GLN H 154 52.25 -59.30 5.47
CA GLN H 154 51.35 -59.93 4.49
C GLN H 154 49.93 -60.21 5.05
N GLY H 155 49.73 -60.12 6.36
CA GLY H 155 48.43 -60.28 6.99
C GLY H 155 48.48 -60.10 8.51
N GLU H 156 47.31 -59.92 9.12
CA GLU H 156 47.14 -59.88 10.57
C GLU H 156 46.09 -60.91 11.03
N VAL H 157 46.32 -61.51 12.21
CA VAL H 157 45.38 -62.39 12.90
C VAL H 157 45.11 -61.81 14.28
N VAL H 158 43.86 -61.51 14.61
CA VAL H 158 43.51 -60.75 15.83
C VAL H 158 42.38 -61.41 16.61
N GLY H 159 42.54 -61.52 17.93
CA GLY H 159 41.46 -61.88 18.86
C GLY H 159 41.07 -63.36 18.90
N LEU H 160 41.81 -64.25 18.23
CA LEU H 160 41.55 -65.69 18.23
C LEU H 160 42.24 -66.43 19.40
N GLY H 161 42.64 -65.72 20.45
CA GLY H 161 43.37 -66.31 21.58
C GLY H 161 44.72 -66.90 21.16
N LEU H 162 45.14 -67.98 21.80
CA LEU H 162 46.38 -68.68 21.44
C LEU H 162 46.25 -69.39 20.08
N GLY H 163 45.05 -69.59 19.55
CA GLY H 163 44.84 -70.15 18.20
C GLY H 163 45.36 -69.26 17.06
N GLY H 164 45.54 -67.96 17.29
CA GLY H 164 46.04 -67.05 16.25
C GLY H 164 47.44 -67.39 15.72
N TYR H 165 48.33 -67.88 16.58
CA TYR H 165 49.65 -68.37 16.16
C TYR H 165 49.54 -69.58 15.22
N LEU H 166 48.60 -70.48 15.49
CA LEU H 166 48.43 -71.70 14.70
C LEU H 166 47.86 -71.38 13.31
N ALA H 167 46.94 -70.41 13.23
CA ALA H 167 46.50 -69.90 11.95
C ALA H 167 47.64 -69.25 11.17
N ALA H 168 48.46 -68.42 11.82
CA ALA H 168 49.59 -67.77 11.17
C ALA H 168 50.61 -68.77 10.60
N MET H 169 50.93 -69.85 11.32
CA MET H 169 51.76 -70.93 10.78
C MET H 169 51.11 -71.60 9.56
N GLY H 170 49.81 -71.87 9.61
CA GLY H 170 49.06 -72.39 8.47
C GLY H 170 49.14 -71.45 7.26
N MET H 171 48.91 -70.16 7.45
CA MET H 171 49.00 -69.16 6.39
C MET H 171 50.40 -69.05 5.77
N LEU H 172 51.47 -69.36 6.50
CA LEU H 172 52.83 -69.37 5.94
C LEU H 172 53.16 -70.66 5.18
N VAL H 173 52.59 -71.79 5.58
CA VAL H 173 52.72 -73.07 4.85
C VAL H 173 51.92 -73.05 3.55
N GLU H 174 50.78 -72.36 3.51
CA GLU H 174 49.94 -72.18 2.32
C GLU H 174 50.55 -71.26 1.24
N MET I 33 -51.83 83.23 -0.63
CA MET I 33 -50.56 82.47 -0.50
C MET I 33 -49.42 83.22 -1.16
N LYS I 34 -48.24 83.23 -0.53
CA LYS I 34 -46.99 83.85 -0.98
C LYS I 34 -45.89 82.80 -1.17
N ILE I 35 -45.30 82.74 -2.36
CA ILE I 35 -44.22 81.82 -2.74
C ILE I 35 -42.92 82.58 -2.98
N LEU I 36 -41.79 82.02 -2.58
CA LEU I 36 -40.46 82.55 -2.91
C LEU I 36 -39.68 81.58 -3.80
N VAL I 37 -39.18 82.04 -4.94
CA VAL I 37 -38.34 81.25 -5.85
C VAL I 37 -36.89 81.74 -5.78
N ILE I 38 -35.96 80.87 -5.45
CA ILE I 38 -34.53 81.17 -5.34
C ILE I 38 -33.74 80.39 -6.38
N ASN I 39 -33.00 81.10 -7.22
CA ASN I 39 -32.07 80.57 -8.21
C ASN I 39 -30.61 80.83 -7.78
N GLY I 40 -29.77 79.81 -7.83
CA GLY I 40 -28.36 79.87 -7.43
C GLY I 40 -27.43 80.51 -8.47
N PRO I 41 -26.11 80.33 -8.32
CA PRO I 41 -25.12 80.87 -9.25
C PRO I 41 -25.28 80.30 -10.65
N ASN I 42 -24.86 81.06 -11.66
CA ASN I 42 -24.87 80.70 -13.09
C ASN I 42 -26.25 80.50 -13.75
N ILE I 43 -27.34 80.38 -12.99
CA ILE I 43 -28.70 80.18 -13.57
C ILE I 43 -29.14 81.34 -14.47
N ASN I 44 -28.67 82.57 -14.21
CA ASN I 44 -28.96 83.72 -15.06
C ASN I 44 -28.36 83.62 -16.48
N PHE I 45 -27.43 82.70 -16.73
CA PHE I 45 -26.82 82.44 -18.04
C PHE I 45 -27.48 81.28 -18.80
N LEU I 46 -28.69 80.84 -18.42
CA LEU I 46 -29.51 79.98 -19.30
C LEU I 46 -29.63 80.58 -20.71
N GLY I 47 -29.48 79.74 -21.73
CA GLY I 47 -29.52 80.17 -23.14
C GLY I 47 -28.23 80.84 -23.64
N ILE I 48 -27.25 81.08 -22.77
CA ILE I 48 -25.86 81.39 -23.13
C ILE I 48 -25.01 80.13 -22.87
N PRO I 56 -33.02 77.58 -26.97
CA PRO I 56 -33.08 79.02 -27.18
C PRO I 56 -33.74 79.80 -26.03
N LEU I 57 -34.43 79.13 -25.08
CA LEU I 57 -35.08 79.80 -23.95
C LEU I 57 -34.03 80.32 -22.95
N ASN I 58 -34.16 81.58 -22.55
CA ASN I 58 -33.24 82.25 -21.63
C ASN I 58 -33.84 82.44 -20.22
N TYR I 59 -33.12 83.11 -19.33
CA TYR I 59 -33.59 83.34 -17.96
C TYR I 59 -34.84 84.25 -17.87
N ASP I 60 -34.99 85.25 -18.74
CA ASP I 60 -36.17 86.11 -18.72
C ASP I 60 -37.43 85.36 -19.18
N ASP I 61 -37.30 84.39 -20.08
CA ASP I 61 -38.39 83.50 -20.46
C ASP I 61 -38.87 82.67 -19.27
N LEU I 62 -37.94 82.11 -18.49
CA LEU I 62 -38.25 81.37 -17.27
C LEU I 62 -38.96 82.25 -16.24
N VAL I 63 -38.49 83.49 -16.02
CA VAL I 63 -39.13 84.42 -15.10
C VAL I 63 -40.55 84.76 -15.55
N GLU I 64 -40.77 85.00 -16.84
CA GLU I 64 -42.11 85.25 -17.38
C GLU I 64 -43.04 84.05 -17.21
N MET I 65 -42.57 82.82 -17.47
CA MET I 65 -43.34 81.60 -17.21
C MET I 65 -43.74 81.46 -15.75
N ILE I 66 -42.83 81.70 -14.80
CA ILE I 66 -43.12 81.63 -13.37
C ILE I 66 -44.13 82.70 -12.97
N LYS I 67 -43.93 83.96 -13.37
CA LYS I 67 -44.87 85.05 -13.05
C LYS I 67 -46.26 84.85 -13.66
N GLY I 68 -46.35 84.34 -14.89
CA GLY I 68 -47.62 84.02 -15.53
C GLY I 68 -48.35 82.86 -14.84
N THR I 69 -47.63 81.81 -14.48
CA THR I 69 -48.20 80.66 -13.76
C THR I 69 -48.70 81.04 -12.37
N ALA I 70 -48.02 81.95 -11.67
CA ALA I 70 -48.48 82.43 -10.36
C ALA I 70 -49.85 83.09 -10.43
N LYS I 71 -50.11 83.94 -11.44
CA LYS I 71 -51.45 84.50 -11.68
C LYS I 71 -52.49 83.42 -11.94
N GLY I 72 -52.15 82.41 -12.73
CA GLY I 72 -53.02 81.27 -13.00
C GLY I 72 -53.40 80.48 -11.74
N LEU I 73 -52.44 80.21 -10.88
CA LEU I 73 -52.64 79.54 -9.59
C LEU I 73 -53.23 80.45 -8.49
N LYS I 74 -53.43 81.74 -8.75
CA LYS I 74 -53.91 82.76 -7.79
C LYS I 74 -53.01 82.90 -6.55
N VAL I 75 -51.69 82.89 -6.75
CA VAL I 75 -50.66 83.07 -5.71
C VAL I 75 -49.77 84.28 -6.01
N LYS I 76 -49.19 84.89 -4.98
CA LYS I 76 -48.13 85.90 -5.15
C LYS I 76 -46.77 85.21 -5.19
N VAL I 77 -45.87 85.66 -6.07
CA VAL I 77 -44.53 85.09 -6.21
C VAL I 77 -43.46 86.17 -6.23
N GLU I 78 -42.35 85.92 -5.53
CA GLU I 78 -41.10 86.66 -5.66
C GLU I 78 -40.03 85.75 -6.28
N VAL I 79 -39.34 86.21 -7.32
CA VAL I 79 -38.24 85.46 -7.96
C VAL I 79 -36.91 86.15 -7.72
N PHE I 80 -35.91 85.42 -7.23
CA PHE I 80 -34.61 85.94 -6.84
C PHE I 80 -33.47 85.10 -7.44
N GLN I 81 -32.39 85.75 -7.88
CA GLN I 81 -31.16 85.08 -8.30
C GLN I 81 -29.93 85.82 -7.76
N SER I 82 -28.92 85.09 -7.32
CA SER I 82 -27.61 85.66 -6.99
C SER I 82 -26.48 84.67 -7.21
N ASN I 83 -25.28 85.17 -7.54
CA ASN I 83 -24.07 84.38 -7.61
C ASN I 83 -23.37 84.23 -6.24
N HIS I 84 -23.81 84.93 -5.20
CA HIS I 84 -23.20 84.87 -3.86
C HIS I 84 -23.91 83.88 -2.94
N GLU I 85 -23.20 82.91 -2.39
CA GLU I 85 -23.72 81.94 -1.41
C GLU I 85 -24.32 82.64 -0.18
N GLY I 86 -23.69 83.70 0.31
CA GLY I 86 -24.19 84.46 1.45
C GLY I 86 -25.48 85.23 1.17
N ALA I 87 -25.70 85.70 -0.07
CA ALA I 87 -26.92 86.40 -0.42
C ALA I 87 -28.13 85.46 -0.43
N ILE I 88 -27.93 84.20 -0.81
CA ILE I 88 -28.96 83.16 -0.72
C ILE I 88 -29.33 82.89 0.74
N ILE I 89 -28.33 82.77 1.63
CA ILE I 89 -28.57 82.58 3.06
C ILE I 89 -29.29 83.79 3.66
N ASP I 90 -28.92 85.02 3.32
CA ASP I 90 -29.66 86.21 3.73
C ASP I 90 -31.11 86.20 3.24
N LYS I 91 -31.36 85.80 1.99
CA LYS I 91 -32.72 85.70 1.42
C LYS I 91 -33.56 84.64 2.15
N LEU I 92 -32.99 83.49 2.48
CA LEU I 92 -33.68 82.47 3.26
C LEU I 92 -34.01 82.95 4.68
N GLN I 93 -33.08 83.65 5.33
CA GLN I 93 -33.35 84.24 6.65
C GLN I 93 -34.40 85.36 6.58
N GLU I 94 -34.39 86.19 5.54
CA GLU I 94 -35.43 87.20 5.33
C GLU I 94 -36.82 86.57 5.13
N ALA I 95 -36.90 85.43 4.44
CA ALA I 95 -38.17 84.74 4.22
C ALA I 95 -38.86 84.34 5.53
N TYR I 96 -38.10 83.91 6.54
CA TYR I 96 -38.63 83.56 7.86
C TYR I 96 -39.31 84.73 8.57
N TYR I 97 -38.85 85.96 8.37
CA TYR I 97 -39.45 87.18 8.93
C TYR I 97 -40.58 87.77 8.08
N ASN I 98 -40.85 87.24 6.89
CA ASN I 98 -41.81 87.81 5.93
C ASN I 98 -42.99 86.88 5.62
N ASP I 99 -43.18 85.81 6.40
CA ASP I 99 -44.32 84.89 6.32
C ASP I 99 -44.53 84.27 4.93
N VAL I 100 -43.43 83.88 4.27
CA VAL I 100 -43.46 83.09 3.03
C VAL I 100 -44.10 81.72 3.31
N ASP I 101 -45.06 81.30 2.50
CA ASP I 101 -45.80 80.04 2.70
C ASP I 101 -45.09 78.82 2.12
N GLY I 102 -44.17 79.01 1.18
CA GLY I 102 -43.37 77.94 0.60
C GLY I 102 -42.24 78.45 -0.29
N ILE I 103 -41.18 77.65 -0.42
CA ILE I 103 -39.95 77.99 -1.13
C ILE I 103 -39.67 77.02 -2.27
N VAL I 104 -39.39 77.52 -3.47
CA VAL I 104 -38.82 76.73 -4.57
C VAL I 104 -37.37 77.11 -4.72
N ILE I 105 -36.44 76.16 -4.68
CA ILE I 105 -35.01 76.48 -4.76
C ILE I 105 -34.30 75.63 -5.82
N ASN I 106 -33.47 76.29 -6.64
CA ASN I 106 -32.53 75.64 -7.54
C ASN I 106 -31.11 76.10 -7.17
N PRO I 107 -30.37 75.35 -6.35
CA PRO I 107 -29.08 75.80 -5.84
C PRO I 107 -27.96 75.89 -6.89
N GLY I 108 -28.16 75.39 -8.12
CA GLY I 108 -27.06 75.21 -9.06
C GLY I 108 -26.00 74.26 -8.49
N ALA I 109 -24.72 74.57 -8.68
CA ALA I 109 -23.62 73.72 -8.20
C ALA I 109 -23.54 73.58 -6.66
N PHE I 110 -24.07 74.53 -5.87
CA PHE I 110 -24.05 74.46 -4.40
C PHE I 110 -24.74 73.20 -3.84
N THR I 111 -25.60 72.57 -4.63
CA THR I 111 -26.22 71.25 -4.36
C THR I 111 -25.22 70.17 -3.97
N HIS I 112 -24.01 70.24 -4.53
CA HIS I 112 -23.00 69.19 -4.43
C HIS I 112 -21.87 69.48 -3.43
N TYR I 113 -21.87 70.65 -2.78
CA TYR I 113 -20.83 71.01 -1.79
C TYR I 113 -21.21 72.01 -0.69
N SER I 114 -22.29 72.79 -0.80
CA SER I 114 -22.57 73.85 0.19
C SER I 114 -23.29 73.33 1.43
N TYR I 115 -22.53 72.88 2.43
CA TYR I 115 -23.11 72.55 3.73
C TYR I 115 -23.65 73.79 4.46
N ALA I 116 -23.21 75.02 4.11
CA ALA I 116 -23.78 76.24 4.67
C ALA I 116 -25.22 76.49 4.20
N VAL I 117 -25.53 76.30 2.90
CA VAL I 117 -26.90 76.43 2.39
C VAL I 117 -27.78 75.28 2.87
N ARG I 118 -27.25 74.05 2.99
CA ARG I 118 -27.96 72.94 3.66
C ARG I 118 -28.42 73.34 5.05
N ASP I 119 -27.49 73.81 5.89
CA ASP I 119 -27.82 74.18 7.26
C ASP I 119 -28.71 75.43 7.34
N ALA I 120 -28.65 76.34 6.37
CA ALA I 120 -29.61 77.44 6.28
C ALA I 120 -31.03 76.93 6.03
N LEU I 121 -31.23 76.01 5.09
CA LEU I 121 -32.52 75.38 4.83
C LEU I 121 -33.01 74.57 6.04
N ALA I 122 -32.11 73.90 6.76
CA ALA I 122 -32.46 73.22 8.00
C ALA I 122 -32.91 74.20 9.11
N SER I 123 -32.38 75.42 9.15
CA SER I 123 -32.74 76.42 10.16
C SER I 123 -34.17 76.96 10.04
N ILE I 124 -34.83 76.82 8.88
CA ILE I 124 -36.19 77.29 8.61
C ILE I 124 -37.17 76.14 8.40
N ALA I 125 -37.03 75.06 9.15
CA ALA I 125 -37.81 73.81 9.00
C ALA I 125 -39.35 73.97 9.07
N ALA I 126 -39.85 75.07 9.62
CA ALA I 126 -41.28 75.39 9.63
C ALA I 126 -41.88 75.67 8.23
N ILE I 127 -41.06 76.00 7.23
CA ILE I 127 -41.49 76.39 5.89
C ILE I 127 -41.25 75.23 4.92
N PRO I 128 -42.24 74.81 4.10
CA PRO I 128 -42.06 73.75 3.12
C PRO I 128 -41.19 74.24 1.95
N LYS I 129 -40.24 73.42 1.49
CA LYS I 129 -39.40 73.72 0.32
C LYS I 129 -39.34 72.57 -0.67
N ILE I 130 -39.32 72.90 -1.96
CA ILE I 130 -39.10 71.97 -3.06
C ILE I 130 -37.79 72.34 -3.76
N GLU I 131 -36.91 71.37 -3.99
CA GLU I 131 -35.67 71.57 -4.73
C GLU I 131 -35.83 71.22 -6.22
N VAL I 132 -35.32 72.05 -7.13
CA VAL I 132 -35.50 71.92 -8.58
C VAL I 132 -34.16 71.85 -9.30
N HIS I 133 -34.00 70.90 -10.24
CA HIS I 133 -32.89 70.86 -11.21
C HIS I 133 -33.39 70.79 -12.65
N ILE I 134 -32.88 71.66 -13.52
CA ILE I 134 -33.35 71.77 -14.90
C ILE I 134 -32.89 70.56 -15.73
N SER I 135 -31.61 70.19 -15.61
CA SER I 135 -31.04 68.98 -16.23
C SER I 135 -30.91 67.83 -15.23
N ASN I 136 -30.62 66.63 -15.73
CA ASN I 136 -30.60 65.37 -14.97
C ASN I 136 -29.35 65.21 -14.08
N VAL I 137 -29.07 66.17 -13.19
CA VAL I 137 -27.78 66.32 -12.48
C VAL I 137 -27.28 65.04 -11.80
N THR I 146 -24.50 62.58 -5.96
CA THR I 146 -25.11 62.71 -4.61
C THR I 146 -25.12 64.17 -4.16
N SER I 147 -26.11 64.56 -3.36
CA SER I 147 -26.47 65.96 -3.06
C SER I 147 -26.60 66.22 -1.55
N VAL I 148 -26.19 67.41 -1.08
CA VAL I 148 -26.24 67.76 0.35
C VAL I 148 -27.53 68.48 0.77
N THR I 149 -28.21 69.18 -0.13
CA THR I 149 -29.44 70.00 0.15
C THR I 149 -30.76 69.21 0.10
N VAL I 150 -30.79 68.03 -0.52
CA VAL I 150 -32.02 67.22 -0.70
C VAL I 150 -32.71 66.78 0.60
N PRO I 151 -32.02 66.21 1.61
CA PRO I 151 -32.70 65.61 2.76
C PRO I 151 -33.38 66.61 3.72
N VAL I 152 -33.15 67.91 3.54
CA VAL I 152 -33.78 69.00 4.33
C VAL I 152 -34.94 69.70 3.60
N CYS I 153 -35.41 69.12 2.48
CA CYS I 153 -36.53 69.60 1.66
C CYS I 153 -37.67 68.57 1.59
N GLN I 154 -38.90 69.03 1.33
CA GLN I 154 -40.09 68.15 1.26
C GLN I 154 -40.22 67.37 -0.06
N GLY I 155 -39.45 67.73 -1.08
CA GLY I 155 -39.38 67.01 -2.35
C GLY I 155 -38.33 67.57 -3.30
N GLU I 156 -37.97 66.80 -4.31
CA GLU I 156 -37.12 67.22 -5.42
C GLU I 156 -37.80 66.99 -6.77
N VAL I 157 -37.58 67.88 -7.73
CA VAL I 157 -38.01 67.75 -9.12
C VAL I 157 -36.79 67.85 -10.03
N VAL I 158 -36.52 66.84 -10.84
CA VAL I 158 -35.25 66.74 -11.60
C VAL I 158 -35.49 66.43 -13.07
N GLY I 159 -34.78 67.13 -13.95
CA GLY I 159 -34.66 66.77 -15.37
C GLY I 159 -35.88 67.08 -16.24
N LEU I 160 -36.87 67.82 -15.74
CA LEU I 160 -38.08 68.21 -16.50
C LEU I 160 -37.93 69.55 -17.25
N GLY I 161 -36.70 70.04 -17.44
CA GLY I 161 -36.45 71.33 -18.08
C GLY I 161 -37.03 72.49 -17.27
N LEU I 162 -37.44 73.56 -17.94
CA LEU I 162 -38.09 74.70 -17.30
C LEU I 162 -39.47 74.35 -16.70
N GLY I 163 -40.06 73.22 -17.09
CA GLY I 163 -41.30 72.71 -16.51
C GLY I 163 -41.20 72.29 -15.04
N GLY I 164 -40.00 72.00 -14.53
CA GLY I 164 -39.82 71.55 -13.14
C GLY I 164 -40.25 72.58 -12.10
N TYR I 165 -40.07 73.88 -12.37
CA TYR I 165 -40.57 74.95 -11.53
C TYR I 165 -42.09 74.96 -11.42
N LEU I 166 -42.79 74.63 -12.51
CA LEU I 166 -44.25 74.65 -12.56
C LEU I 166 -44.84 73.50 -11.75
N ALA I 167 -44.22 72.31 -11.81
CA ALA I 167 -44.55 71.23 -10.89
C ALA I 167 -44.30 71.64 -9.44
N ALA I 168 -43.14 72.21 -9.11
CA ALA I 168 -42.83 72.62 -7.75
C ALA I 168 -43.85 73.63 -7.18
N MET I 169 -44.26 74.63 -7.96
CA MET I 169 -45.33 75.54 -7.53
C MET I 169 -46.66 74.82 -7.31
N GLY I 170 -47.03 73.88 -8.19
CA GLY I 170 -48.20 73.03 -8.00
C GLY I 170 -48.13 72.22 -6.71
N MET I 171 -47.00 71.56 -6.44
CA MET I 171 -46.79 70.78 -5.22
C MET I 171 -46.87 71.61 -3.94
N LEU I 172 -46.58 72.91 -3.97
CA LEU I 172 -46.75 73.78 -2.80
C LEU I 172 -48.19 74.28 -2.64
N VAL I 173 -48.95 74.42 -3.73
CA VAL I 173 -50.38 74.78 -3.67
C VAL I 173 -51.22 73.60 -3.17
N GLU I 174 -50.83 72.37 -3.47
CA GLU I 174 -51.48 71.13 -3.03
C GLU I 174 -51.27 70.82 -1.54
N MET J 33 52.47 9.99 -82.33
CA MET J 33 51.99 9.22 -81.17
C MET J 33 51.73 7.76 -81.54
N LYS J 34 52.09 6.83 -80.66
CA LYS J 34 51.91 5.38 -80.77
C LYS J 34 51.03 4.84 -79.66
N ILE J 35 49.93 4.17 -80.00
CA ILE J 35 48.97 3.56 -79.06
C ILE J 35 49.05 2.03 -79.14
N LEU J 36 48.93 1.33 -78.00
CA LEU J 36 48.80 -0.12 -77.94
C LEU J 36 47.43 -0.52 -77.39
N VAL J 37 46.69 -1.37 -78.11
CA VAL J 37 45.41 -1.91 -77.69
C VAL J 37 45.56 -3.39 -77.37
N ILE J 38 45.23 -3.80 -76.14
CA ILE J 38 45.31 -5.18 -75.67
C ILE J 38 43.91 -5.72 -75.36
N ASN J 39 43.54 -6.81 -76.01
CA ASN J 39 42.33 -7.58 -75.75
C ASN J 39 42.67 -8.90 -75.06
N GLY J 40 41.96 -9.20 -73.97
CA GLY J 40 42.16 -10.40 -73.17
C GLY J 40 41.55 -11.68 -73.77
N PRO J 41 41.40 -12.75 -72.97
CA PRO J 41 40.84 -14.01 -73.41
C PRO J 41 39.39 -13.88 -73.87
N ASN J 42 38.93 -14.77 -74.76
CA ASN J 42 37.57 -14.85 -75.30
C ASN J 42 37.09 -13.68 -76.18
N ILE J 43 37.76 -12.52 -76.18
CA ILE J 43 37.31 -11.34 -76.96
C ILE J 43 37.28 -11.60 -78.46
N ASN J 44 38.15 -12.46 -78.99
CA ASN J 44 38.14 -12.86 -80.40
C ASN J 44 36.86 -13.59 -80.84
N PHE J 45 36.03 -14.06 -79.91
CA PHE J 45 34.74 -14.71 -80.17
C PHE J 45 33.53 -13.76 -80.07
N LEU J 46 33.72 -12.43 -80.07
CA LEU J 46 32.62 -11.48 -80.32
C LEU J 46 31.84 -11.86 -81.60
N GLY J 47 30.51 -11.77 -81.54
CA GLY J 47 29.63 -12.15 -82.64
C GLY J 47 29.38 -13.66 -82.77
N ILE J 48 30.15 -14.50 -82.07
CA ILE J 48 29.82 -15.92 -81.82
C ILE J 48 29.20 -16.05 -80.42
N PRO J 56 25.41 -8.53 -84.22
CA PRO J 56 26.02 -9.20 -85.36
C PRO J 56 27.49 -8.80 -85.61
N LEU J 57 28.00 -7.73 -85.00
CA LEU J 57 29.37 -7.27 -85.20
C LEU J 57 30.38 -8.24 -84.56
N ASN J 58 31.43 -8.59 -85.30
CA ASN J 58 32.45 -9.54 -84.85
C ASN J 58 33.77 -8.84 -84.47
N TYR J 59 34.81 -9.62 -84.15
CA TYR J 59 36.11 -9.06 -83.77
C TYR J 59 36.82 -8.32 -84.91
N ASP J 60 36.71 -8.76 -86.15
CA ASP J 60 37.33 -8.07 -87.29
C ASP J 60 36.68 -6.70 -87.55
N ASP J 61 35.38 -6.57 -87.31
CA ASP J 61 34.69 -5.28 -87.37
C ASP J 61 35.24 -4.30 -86.34
N LEU J 62 35.48 -4.76 -85.11
CA LEU J 62 36.09 -3.95 -84.05
C LEU J 62 37.53 -3.54 -84.43
N VAL J 63 38.33 -4.45 -84.97
CA VAL J 63 39.69 -4.11 -85.41
C VAL J 63 39.67 -3.06 -86.52
N GLU J 64 38.77 -3.19 -87.50
CA GLU J 64 38.65 -2.18 -88.56
C GLU J 64 38.18 -0.82 -88.05
N MET J 65 37.21 -0.77 -87.12
CA MET J 65 36.82 0.48 -86.45
C MET J 65 38.00 1.14 -85.74
N ILE J 66 38.82 0.38 -85.02
CA ILE J 66 40.00 0.92 -84.32
C ILE J 66 41.05 1.42 -85.31
N LYS J 67 41.39 0.63 -86.33
CA LYS J 67 42.38 1.04 -87.34
C LYS J 67 41.94 2.23 -88.18
N GLY J 68 40.66 2.33 -88.53
CA GLY J 68 40.12 3.49 -89.22
C GLY J 68 40.13 4.74 -88.34
N THR J 69 39.75 4.62 -87.07
CA THR J 69 39.77 5.74 -86.13
C THR J 69 41.17 6.25 -85.86
N ALA J 70 42.18 5.37 -85.81
CA ALA J 70 43.57 5.78 -85.64
C ALA J 70 44.05 6.73 -86.73
N LYS J 71 43.76 6.44 -88.01
CA LYS J 71 44.04 7.37 -89.12
C LYS J 71 43.30 8.70 -88.95
N GLY J 72 42.04 8.66 -88.51
CA GLY J 72 41.27 9.86 -88.23
C GLY J 72 41.89 10.75 -87.16
N LEU J 73 42.34 10.16 -86.04
CA LEU J 73 43.01 10.86 -84.94
C LEU J 73 44.50 11.18 -85.23
N LYS J 74 45.05 10.79 -86.39
CA LYS J 74 46.45 10.95 -86.77
C LYS J 74 47.45 10.31 -85.78
N VAL J 75 47.15 9.07 -85.36
CA VAL J 75 48.00 8.26 -84.47
C VAL J 75 48.35 6.92 -85.10
N LYS J 76 49.46 6.30 -84.69
CA LYS J 76 49.77 4.90 -85.01
C LYS J 76 49.18 3.99 -83.94
N VAL J 77 48.65 2.83 -84.33
CA VAL J 77 48.04 1.87 -83.41
C VAL J 77 48.53 0.45 -83.68
N GLU J 78 48.78 -0.32 -82.63
CA GLU J 78 48.92 -1.78 -82.66
C GLU J 78 47.77 -2.41 -81.88
N VAL J 79 47.09 -3.40 -82.47
CA VAL J 79 46.02 -4.15 -81.81
C VAL J 79 46.45 -5.60 -81.59
N PHE J 80 46.35 -6.08 -80.35
CA PHE J 80 46.80 -7.40 -79.92
C PHE J 80 45.70 -8.14 -79.16
N GLN J 81 45.59 -9.45 -79.37
CA GLN J 81 44.72 -10.32 -78.58
C GLN J 81 45.42 -11.65 -78.26
N SER J 82 45.26 -12.16 -77.05
CA SER J 82 45.69 -13.53 -76.70
C SER J 82 44.83 -14.14 -75.60
N ASN J 83 44.68 -15.46 -75.61
CA ASN J 83 44.04 -16.20 -74.52
C ASN J 83 44.98 -16.50 -73.34
N HIS J 84 46.28 -16.24 -73.48
CA HIS J 84 47.28 -16.53 -72.44
C HIS J 84 47.56 -15.33 -71.56
N GLU J 85 47.37 -15.46 -70.24
CA GLU J 85 47.70 -14.43 -69.25
C GLU J 85 49.18 -14.02 -69.34
N GLY J 86 50.09 -14.97 -69.53
CA GLY J 86 51.52 -14.70 -69.68
C GLY J 86 51.88 -13.92 -70.94
N ALA J 87 51.19 -14.12 -72.06
CA ALA J 87 51.46 -13.37 -73.29
C ALA J 87 51.03 -11.91 -73.16
N ILE J 88 49.98 -11.63 -72.39
CA ILE J 88 49.59 -10.25 -72.06
C ILE J 88 50.65 -9.58 -71.19
N ILE J 89 51.16 -10.24 -70.16
CA ILE J 89 52.25 -9.69 -69.34
C ILE J 89 53.51 -9.47 -70.18
N ASP J 90 53.89 -10.39 -71.05
CA ASP J 90 55.00 -10.19 -71.98
C ASP J 90 54.78 -8.98 -72.91
N LYS J 91 53.57 -8.79 -73.44
CA LYS J 91 53.22 -7.65 -74.30
C LYS J 91 53.30 -6.33 -73.52
N LEU J 92 52.84 -6.27 -72.27
CA LEU J 92 52.99 -5.09 -71.42
C LEU J 92 54.46 -4.79 -71.12
N GLN J 93 55.29 -5.80 -70.87
CA GLN J 93 56.73 -5.59 -70.68
C GLN J 93 57.43 -5.14 -71.96
N GLU J 94 57.07 -5.71 -73.11
CA GLU J 94 57.58 -5.26 -74.42
C GLU J 94 57.24 -3.80 -74.71
N ALA J 95 56.03 -3.34 -74.37
CA ALA J 95 55.61 -1.96 -74.58
C ALA J 95 56.53 -0.95 -73.90
N TYR J 96 57.04 -1.27 -72.70
CA TYR J 96 57.95 -0.41 -71.95
C TYR J 96 59.28 -0.16 -72.69
N TYR J 97 59.81 -1.16 -73.40
CA TYR J 97 61.04 -1.03 -74.19
C TYR J 97 60.81 -0.41 -75.58
N ASN J 98 59.57 -0.18 -76.00
CA ASN J 98 59.21 0.27 -77.34
C ASN J 98 58.60 1.68 -77.40
N ASP J 99 58.61 2.42 -76.28
CA ASP J 99 58.13 3.81 -76.19
C ASP J 99 56.68 4.00 -76.69
N VAL J 100 55.80 3.09 -76.30
CA VAL J 100 54.34 3.26 -76.43
C VAL J 100 53.89 4.46 -75.61
N ASP J 101 53.09 5.35 -76.19
CA ASP J 101 52.65 6.59 -75.54
C ASP J 101 51.41 6.41 -74.66
N GLY J 102 50.59 5.38 -74.92
CA GLY J 102 49.44 5.04 -74.09
C GLY J 102 48.84 3.67 -74.43
N ILE J 103 48.15 3.07 -73.46
CA ILE J 103 47.62 1.71 -73.55
C ILE J 103 46.11 1.71 -73.36
N VAL J 104 45.39 1.01 -74.24
CA VAL J 104 43.97 0.68 -74.04
C VAL J 104 43.89 -0.81 -73.75
N ILE J 105 43.28 -1.22 -72.65
CA ILE J 105 43.21 -2.64 -72.28
C ILE J 105 41.79 -3.09 -71.92
N ASN J 106 41.38 -4.23 -72.46
CA ASN J 106 40.17 -4.94 -72.06
C ASN J 106 40.58 -6.33 -71.56
N PRO J 107 40.73 -6.54 -70.24
CA PRO J 107 41.23 -7.81 -69.70
C PRO J 107 40.26 -8.98 -69.84
N GLY J 108 39.01 -8.78 -70.28
CA GLY J 108 37.98 -9.80 -70.18
C GLY J 108 37.77 -10.25 -68.73
N ALA J 109 37.62 -11.55 -68.49
CA ALA J 109 37.42 -12.12 -67.16
C ALA J 109 38.60 -11.93 -66.18
N PHE J 110 39.84 -11.75 -66.66
CA PHE J 110 41.00 -11.51 -65.79
C PHE J 110 40.86 -10.29 -64.87
N THR J 111 39.98 -9.34 -65.23
CA THR J 111 39.59 -8.18 -64.42
C THR J 111 39.22 -8.52 -63.00
N HIS J 112 38.66 -9.72 -62.78
CA HIS J 112 38.03 -10.13 -61.53
C HIS J 112 38.88 -11.07 -60.67
N TYR J 113 40.08 -11.47 -61.13
CA TYR J 113 40.96 -12.36 -60.36
C TYR J 113 42.47 -12.26 -60.64
N SER J 114 42.91 -11.70 -61.77
CA SER J 114 44.34 -11.71 -62.12
C SER J 114 45.15 -10.63 -61.40
N TYR J 115 45.63 -10.95 -60.20
CA TYR J 115 46.60 -10.09 -59.53
C TYR J 115 47.94 -10.02 -60.26
N ALA J 116 48.27 -11.00 -61.11
CA ALA J 116 49.47 -10.93 -61.94
C ALA J 116 49.39 -9.85 -63.01
N VAL J 117 48.25 -9.70 -63.71
CA VAL J 117 48.05 -8.64 -64.71
C VAL J 117 47.91 -7.27 -64.04
N ARG J 118 47.25 -7.18 -62.87
CA ARG J 118 47.28 -5.97 -62.04
C ARG J 118 48.71 -5.52 -61.76
N ASP J 119 49.54 -6.40 -61.21
CA ASP J 119 50.91 -6.06 -60.85
C ASP J 119 51.78 -5.80 -62.09
N ALA J 120 51.47 -6.38 -63.24
CA ALA J 120 52.12 -6.03 -64.49
C ALA J 120 51.80 -4.59 -64.91
N LEU J 121 50.53 -4.18 -64.86
CA LEU J 121 50.14 -2.79 -65.11
C LEU J 121 50.74 -1.83 -64.09
N ALA J 122 50.86 -2.23 -62.83
CA ALA J 122 51.55 -1.44 -61.80
C ALA J 122 53.05 -1.27 -62.09
N SER J 123 53.70 -2.25 -62.73
CA SER J 123 55.14 -2.18 -63.03
C SER J 123 55.52 -1.15 -64.09
N ILE J 124 54.57 -0.71 -64.93
CA ILE J 124 54.78 0.25 -66.03
C ILE J 124 54.07 1.59 -65.78
N ALA J 125 54.08 2.06 -64.54
CA ALA J 125 53.37 3.27 -64.10
C ALA J 125 53.70 4.56 -64.87
N ALA J 126 54.83 4.62 -65.59
CA ALA J 126 55.18 5.75 -66.44
C ALA J 126 54.29 5.92 -67.67
N ILE J 127 53.57 4.87 -68.10
CA ILE J 127 52.72 4.88 -69.31
C ILE J 127 51.25 5.00 -68.88
N PRO J 128 50.46 5.93 -69.45
CA PRO J 128 49.03 6.05 -69.13
C PRO J 128 48.22 4.90 -69.75
N LYS J 129 47.26 4.35 -69.00
CA LYS J 129 46.38 3.27 -69.47
C LYS J 129 44.91 3.54 -69.17
N ILE J 130 44.04 3.18 -70.11
CA ILE J 130 42.58 3.18 -69.93
C ILE J 130 42.06 1.75 -70.01
N GLU J 131 41.28 1.33 -69.01
CA GLU J 131 40.58 0.04 -69.04
C GLU J 131 39.22 0.14 -69.75
N VAL J 132 38.86 -0.85 -70.55
CA VAL J 132 37.61 -0.87 -71.35
C VAL J 132 36.82 -2.13 -71.11
N HIS J 133 35.50 -2.01 -70.91
CA HIS J 133 34.55 -3.13 -70.92
C HIS J 133 33.40 -2.91 -71.89
N ILE J 134 33.14 -3.88 -72.76
CA ILE J 134 32.10 -3.78 -73.79
C ILE J 134 30.70 -3.82 -73.16
N SER J 135 30.46 -4.76 -72.25
CA SER J 135 29.22 -4.87 -71.48
C SER J 135 29.36 -4.29 -70.07
N ASN J 136 28.22 -4.09 -69.40
CA ASN J 136 28.11 -3.42 -68.10
C ASN J 136 28.58 -4.32 -66.92
N VAL J 137 29.81 -4.86 -66.98
CA VAL J 137 30.26 -5.98 -66.13
C VAL J 137 30.07 -5.76 -64.63
N THR J 146 33.30 -6.08 -58.42
CA THR J 146 34.53 -5.30 -58.10
C THR J 146 35.73 -5.85 -58.88
N SER J 147 36.66 -4.98 -59.25
CA SER J 147 37.72 -5.26 -60.24
C SER J 147 39.12 -4.97 -59.70
N VAL J 148 40.10 -5.84 -59.94
CA VAL J 148 41.47 -5.70 -59.39
C VAL J 148 42.39 -4.80 -60.22
N THR J 149 42.13 -4.64 -61.52
CA THR J 149 42.94 -3.87 -62.48
C THR J 149 42.61 -2.37 -62.58
N VAL J 150 41.42 -1.94 -62.12
CA VAL J 150 40.96 -0.54 -62.24
C VAL J 150 41.85 0.49 -61.51
N PRO J 151 42.26 0.31 -60.24
CA PRO J 151 42.94 1.37 -59.50
C PRO J 151 44.38 1.63 -59.96
N VAL J 152 44.97 0.74 -60.76
CA VAL J 152 46.30 0.92 -61.40
C VAL J 152 46.21 1.50 -62.82
N CYS J 153 45.04 1.98 -63.24
CA CYS J 153 44.76 2.64 -64.52
C CYS J 153 44.26 4.08 -64.32
N GLN J 154 44.49 4.95 -65.31
CA GLN J 154 44.11 6.37 -65.23
C GLN J 154 42.63 6.64 -65.52
N GLY J 155 41.88 5.62 -65.97
CA GLY J 155 40.42 5.67 -66.14
C GLY J 155 39.85 4.34 -66.59
N GLU J 156 38.53 4.20 -66.48
CA GLU J 156 37.76 3.08 -67.03
C GLU J 156 36.60 3.59 -67.92
N VAL J 157 36.30 2.88 -68.99
CA VAL J 157 35.13 3.09 -69.85
C VAL J 157 34.30 1.81 -69.89
N VAL J 158 33.03 1.86 -69.49
CA VAL J 158 32.22 0.67 -69.26
C VAL J 158 30.85 0.75 -69.93
N GLY J 159 30.45 -0.32 -70.61
CA GLY J 159 29.07 -0.51 -71.07
C GLY J 159 28.66 0.30 -72.30
N LEU J 160 29.60 0.93 -73.00
CA LEU J 160 29.34 1.71 -74.22
C LEU J 160 29.45 0.88 -75.52
N GLY J 161 29.48 -0.45 -75.41
CA GLY J 161 29.66 -1.34 -76.56
C GLY J 161 31.03 -1.17 -77.21
N LEU J 162 31.09 -1.34 -78.53
CA LEU J 162 32.33 -1.13 -79.30
C LEU J 162 32.74 0.36 -79.33
N GLY J 163 31.84 1.29 -78.99
CA GLY J 163 32.16 2.70 -78.85
C GLY J 163 33.15 3.00 -77.72
N GLY J 164 33.27 2.13 -76.72
CA GLY J 164 34.16 2.35 -75.57
C GLY J 164 35.65 2.43 -75.93
N TYR J 165 36.10 1.69 -76.93
CA TYR J 165 37.48 1.78 -77.43
C TYR J 165 37.77 3.15 -78.05
N LEU J 166 36.78 3.75 -78.71
CA LEU J 166 36.95 5.03 -79.40
C LEU J 166 37.03 6.18 -78.41
N ALA J 167 36.23 6.15 -77.34
CA ALA J 167 36.40 7.08 -76.23
C ALA J 167 37.77 6.94 -75.57
N ALA J 168 38.23 5.71 -75.31
CA ALA J 168 39.54 5.49 -74.69
C ALA J 168 40.69 6.06 -75.53
N MET J 169 40.69 5.88 -76.86
CA MET J 169 41.68 6.53 -77.73
C MET J 169 41.57 8.06 -77.67
N GLY J 170 40.35 8.62 -77.63
CA GLY J 170 40.17 10.06 -77.44
C GLY J 170 40.77 10.55 -76.12
N MET J 171 40.51 9.86 -75.01
CA MET J 171 41.07 10.21 -73.71
C MET J 171 42.60 10.12 -73.63
N LEU J 172 43.26 9.34 -74.49
CA LEU J 172 44.71 9.29 -74.58
C LEU J 172 45.28 10.38 -75.49
N VAL J 173 44.56 10.82 -76.52
CA VAL J 173 44.96 11.96 -77.36
C VAL J 173 44.79 13.29 -76.62
N GLU J 174 43.83 13.39 -75.69
CA GLU J 174 43.58 14.55 -74.83
C GLU J 174 44.60 14.70 -73.67
N MET K 33 -68.03 -64.49 -28.94
CA MET K 33 -67.44 -63.57 -27.95
C MET K 33 -68.54 -62.79 -27.24
N LYS K 34 -68.41 -62.59 -25.92
CA LYS K 34 -69.30 -61.82 -25.04
C LYS K 34 -68.57 -60.62 -24.43
N ILE K 35 -69.08 -59.41 -24.65
CA ILE K 35 -68.53 -58.14 -24.13
C ILE K 35 -69.48 -57.56 -23.06
N LEU K 36 -68.92 -56.94 -22.02
CA LEU K 36 -69.68 -56.21 -21.01
C LEU K 36 -69.30 -54.72 -21.03
N VAL K 37 -70.28 -53.83 -21.16
CA VAL K 37 -70.10 -52.38 -21.12
C VAL K 37 -70.69 -51.81 -19.84
N ILE K 38 -69.89 -51.13 -19.03
CA ILE K 38 -70.29 -50.55 -17.75
C ILE K 38 -70.16 -49.02 -17.78
N ASN K 39 -71.25 -48.33 -17.51
CA ASN K 39 -71.32 -46.88 -17.37
C ASN K 39 -71.55 -46.49 -15.90
N GLY K 40 -70.75 -45.54 -15.41
CA GLY K 40 -70.80 -45.06 -14.03
C GLY K 40 -71.94 -44.07 -13.74
N PRO K 41 -71.88 -43.34 -12.61
CA PRO K 41 -72.88 -42.36 -12.25
C PRO K 41 -72.97 -41.21 -13.26
N ASN K 42 -74.13 -40.57 -13.34
CA ASN K 42 -74.44 -39.42 -14.21
C ASN K 42 -74.47 -39.68 -15.73
N ILE K 43 -73.93 -40.79 -16.23
CA ILE K 43 -73.85 -41.08 -17.67
C ILE K 43 -75.25 -41.21 -18.31
N ASN K 44 -76.26 -41.66 -17.57
CA ASN K 44 -77.65 -41.72 -18.07
C ASN K 44 -78.25 -40.34 -18.38
N PHE K 45 -77.66 -39.25 -17.90
CA PHE K 45 -78.08 -37.87 -18.15
C PHE K 45 -77.31 -37.19 -19.30
N LEU K 46 -76.57 -37.91 -20.14
CA LEU K 46 -76.07 -37.39 -21.41
C LEU K 46 -77.18 -36.71 -22.22
N GLY K 47 -76.89 -35.57 -22.82
CA GLY K 47 -77.85 -34.78 -23.60
C GLY K 47 -78.83 -33.94 -22.75
N ILE K 48 -78.91 -34.18 -21.44
CA ILE K 48 -79.48 -33.24 -20.46
C ILE K 48 -78.34 -32.41 -19.85
N PRO K 56 -77.02 -32.85 -29.02
CA PRO K 56 -78.39 -33.35 -28.87
C PRO K 56 -78.47 -34.86 -28.66
N LEU K 57 -77.38 -35.62 -28.84
CA LEU K 57 -77.37 -37.07 -28.62
C LEU K 57 -77.47 -37.41 -27.13
N ASN K 58 -78.29 -38.42 -26.80
CA ASN K 58 -78.56 -38.82 -25.43
C ASN K 58 -78.10 -40.25 -25.13
N TYR K 59 -78.36 -40.75 -23.91
CA TYR K 59 -77.92 -42.08 -23.51
C TYR K 59 -78.57 -43.21 -24.31
N ASP K 60 -79.82 -43.09 -24.74
CA ASP K 60 -80.46 -44.11 -25.57
C ASP K 60 -79.86 -44.17 -26.98
N ASP K 61 -79.40 -43.03 -27.51
CA ASP K 61 -78.65 -43.01 -28.77
C ASP K 61 -77.32 -43.76 -28.64
N LEU K 62 -76.58 -43.52 -27.55
CA LEU K 62 -75.34 -44.24 -27.24
C LEU K 62 -75.58 -45.76 -27.12
N VAL K 63 -76.62 -46.20 -26.42
CA VAL K 63 -76.93 -47.61 -26.30
C VAL K 63 -77.25 -48.24 -27.65
N GLU K 64 -78.03 -47.57 -28.50
CA GLU K 64 -78.33 -48.08 -29.84
C GLU K 64 -77.07 -48.16 -30.73
N MET K 65 -76.17 -47.18 -30.68
CA MET K 65 -74.89 -47.25 -31.39
C MET K 65 -74.05 -48.44 -30.93
N ILE K 66 -73.98 -48.73 -29.64
CA ILE K 66 -73.25 -49.88 -29.10
C ILE K 66 -73.89 -51.20 -29.58
N LYS K 67 -75.21 -51.37 -29.42
CA LYS K 67 -75.90 -52.60 -29.82
C LYS K 67 -75.87 -52.84 -31.32
N GLY K 68 -75.99 -51.81 -32.15
CA GLY K 68 -75.84 -51.93 -33.60
C GLY K 68 -74.42 -52.32 -34.01
N THR K 69 -73.40 -51.72 -33.39
CA THR K 69 -72.01 -52.07 -33.66
C THR K 69 -71.67 -53.49 -33.24
N ALA K 70 -72.24 -54.00 -32.14
CA ALA K 70 -72.04 -55.37 -31.71
C ALA K 70 -72.49 -56.40 -32.77
N LYS K 71 -73.64 -56.19 -33.41
CA LYS K 71 -74.08 -57.03 -34.54
C LYS K 71 -73.13 -56.96 -35.71
N GLY K 72 -72.61 -55.77 -36.03
CA GLY K 72 -71.61 -55.56 -37.08
C GLY K 72 -70.32 -56.33 -36.83
N LEU K 73 -69.78 -56.26 -35.61
CA LEU K 73 -68.59 -57.01 -35.18
C LEU K 73 -68.86 -58.50 -34.90
N LYS K 74 -70.12 -58.96 -34.95
CA LYS K 74 -70.55 -60.32 -34.65
C LYS K 74 -70.23 -60.77 -33.21
N VAL K 75 -70.48 -59.91 -32.23
CA VAL K 75 -70.29 -60.17 -30.79
C VAL K 75 -71.59 -59.98 -30.01
N LYS K 76 -71.76 -60.69 -28.89
CA LYS K 76 -72.83 -60.40 -27.92
C LYS K 76 -72.38 -59.30 -26.97
N VAL K 77 -73.28 -58.37 -26.62
CA VAL K 77 -72.96 -57.26 -25.71
C VAL K 77 -74.05 -57.10 -24.65
N GLU K 78 -73.63 -56.85 -23.42
CA GLU K 78 -74.47 -56.37 -22.32
C GLU K 78 -74.08 -54.94 -21.97
N VAL K 79 -75.05 -54.02 -21.89
CA VAL K 79 -74.81 -52.62 -21.51
C VAL K 79 -75.50 -52.33 -20.18
N PHE K 80 -74.74 -51.82 -19.21
CA PHE K 80 -75.18 -51.58 -17.84
C PHE K 80 -74.83 -50.17 -17.37
N GLN K 81 -75.73 -49.54 -16.61
CA GLN K 81 -75.47 -48.27 -15.92
C GLN K 81 -76.04 -48.28 -14.50
N SER K 82 -75.31 -47.71 -13.54
CA SER K 82 -75.83 -47.45 -12.20
C SER K 82 -75.19 -46.24 -11.56
N ASN K 83 -75.92 -45.56 -10.67
CA ASN K 83 -75.36 -44.49 -9.83
C ASN K 83 -74.69 -45.01 -8.56
N HIS K 84 -74.82 -46.29 -8.22
CA HIS K 84 -74.25 -46.88 -7.00
C HIS K 84 -72.88 -47.51 -7.24
N GLU K 85 -71.85 -47.05 -6.53
CA GLU K 85 -70.49 -47.61 -6.56
C GLU K 85 -70.49 -49.11 -6.28
N GLY K 86 -71.28 -49.57 -5.32
CA GLY K 86 -71.39 -50.98 -4.95
C GLY K 86 -72.06 -51.85 -6.01
N ALA K 87 -73.01 -51.32 -6.77
CA ALA K 87 -73.67 -52.08 -7.84
C ALA K 87 -72.71 -52.34 -9.01
N ILE K 88 -71.77 -51.41 -9.27
CA ILE K 88 -70.70 -51.60 -10.25
C ILE K 88 -69.74 -52.69 -9.79
N ILE K 89 -69.32 -52.69 -8.51
CA ILE K 89 -68.46 -53.75 -7.97
C ILE K 89 -69.18 -55.10 -8.02
N ASP K 90 -70.47 -55.18 -7.68
CA ASP K 90 -71.25 -56.40 -7.86
C ASP K 90 -71.29 -56.87 -9.32
N LYS K 91 -71.47 -55.96 -10.28
CA LYS K 91 -71.49 -56.29 -11.71
C LYS K 91 -70.14 -56.82 -12.19
N LEU K 92 -69.03 -56.24 -11.74
CA LEU K 92 -67.69 -56.75 -12.05
C LEU K 92 -67.45 -58.14 -11.43
N GLN K 93 -67.89 -58.38 -10.20
CA GLN K 93 -67.80 -59.71 -9.58
C GLN K 93 -68.70 -60.72 -10.28
N GLU K 94 -69.88 -60.34 -10.73
CA GLU K 94 -70.76 -61.21 -11.51
C GLU K 94 -70.13 -61.60 -12.85
N ALA K 95 -69.43 -60.69 -13.52
CA ALA K 95 -68.76 -60.95 -14.79
C ALA K 95 -67.75 -62.09 -14.69
N TYR K 96 -67.00 -62.17 -13.60
CA TYR K 96 -66.01 -63.21 -13.36
C TYR K 96 -66.62 -64.62 -13.33
N TYR K 97 -67.83 -64.76 -12.78
CA TYR K 97 -68.56 -66.03 -12.76
C TYR K 97 -69.33 -66.35 -14.04
N ASN K 98 -69.39 -65.42 -15.00
CA ASN K 98 -70.20 -65.53 -16.22
C ASN K 98 -69.37 -65.58 -17.52
N ASP K 99 -68.04 -65.75 -17.44
CA ASP K 99 -67.15 -65.93 -18.59
C ASP K 99 -67.24 -64.80 -19.63
N VAL K 100 -67.31 -63.55 -19.17
CA VAL K 100 -67.18 -62.37 -20.03
C VAL K 100 -65.78 -62.34 -20.65
N ASP K 101 -65.68 -62.11 -21.95
CA ASP K 101 -64.40 -62.13 -22.68
C ASP K 101 -63.64 -60.80 -22.62
N GLY K 102 -64.33 -59.68 -22.36
CA GLY K 102 -63.71 -58.37 -22.22
C GLY K 102 -64.68 -57.29 -21.73
N ILE K 103 -64.15 -56.28 -21.06
CA ILE K 103 -64.92 -55.21 -20.39
C ILE K 103 -64.59 -53.84 -20.97
N VAL K 104 -65.61 -53.05 -21.28
CA VAL K 104 -65.47 -51.61 -21.57
C VAL K 104 -66.06 -50.85 -20.40
N ILE K 105 -65.32 -49.94 -19.77
CA ILE K 105 -65.80 -49.21 -18.59
C ILE K 105 -65.61 -47.70 -18.70
N ASN K 106 -66.65 -46.94 -18.41
CA ASN K 106 -66.60 -45.49 -18.24
C ASN K 106 -67.02 -45.16 -16.80
N PRO K 107 -66.09 -44.98 -15.86
CA PRO K 107 -66.43 -44.79 -14.45
C PRO K 107 -67.08 -43.45 -14.12
N GLY K 108 -67.14 -42.49 -15.05
CA GLY K 108 -67.50 -41.11 -14.70
C GLY K 108 -66.53 -40.53 -13.65
N ALA K 109 -67.06 -39.84 -12.65
CA ALA K 109 -66.27 -39.19 -11.59
C ALA K 109 -65.46 -40.16 -10.70
N PHE K 110 -65.88 -41.43 -10.56
CA PHE K 110 -65.17 -42.43 -9.74
C PHE K 110 -63.72 -42.66 -10.18
N THR K 111 -63.39 -42.32 -11.43
CA THR K 111 -62.04 -42.33 -12.00
C THR K 111 -61.00 -41.60 -11.15
N HIS K 112 -61.43 -40.56 -10.43
CA HIS K 112 -60.54 -39.65 -9.70
C HIS K 112 -60.52 -39.86 -8.18
N TYR K 113 -61.29 -40.82 -7.65
CA TYR K 113 -61.31 -41.11 -6.20
C TYR K 113 -61.68 -42.53 -5.76
N SER K 114 -62.32 -43.37 -6.57
CA SER K 114 -62.76 -44.68 -6.09
C SER K 114 -61.64 -45.71 -6.10
N TYR K 115 -60.89 -45.79 -5.00
CA TYR K 115 -59.95 -46.88 -4.81
C TYR K 115 -60.66 -48.24 -4.66
N ALA K 116 -61.95 -48.28 -4.28
CA ALA K 116 -62.72 -49.52 -4.25
C ALA K 116 -62.98 -50.09 -5.65
N VAL K 117 -63.35 -49.25 -6.63
CA VAL K 117 -63.55 -49.69 -8.02
C VAL K 117 -62.22 -50.05 -8.69
N ARG K 118 -61.13 -49.32 -8.39
CA ARG K 118 -59.78 -49.72 -8.80
C ARG K 118 -59.46 -51.14 -8.33
N ASP K 119 -59.61 -51.42 -7.05
CA ASP K 119 -59.29 -52.73 -6.50
C ASP K 119 -60.28 -53.82 -6.97
N ALA K 120 -61.52 -53.47 -7.31
CA ALA K 120 -62.43 -54.40 -7.96
C ALA K 120 -61.92 -54.81 -9.35
N LEU K 121 -61.50 -53.84 -10.18
CA LEU K 121 -60.89 -54.12 -11.48
C LEU K 121 -59.59 -54.92 -11.34
N ALA K 122 -58.76 -54.62 -10.34
CA ALA K 122 -57.55 -55.40 -10.05
C ALA K 122 -57.85 -56.85 -9.64
N SER K 123 -58.97 -57.10 -8.95
CA SER K 123 -59.32 -58.46 -8.52
C SER K 123 -59.65 -59.42 -9.66
N ILE K 124 -60.09 -58.92 -10.82
CA ILE K 124 -60.48 -59.73 -11.98
C ILE K 124 -59.43 -59.67 -13.11
N ALA K 125 -58.14 -59.65 -12.77
CA ALA K 125 -57.03 -59.44 -13.70
C ALA K 125 -56.95 -60.41 -14.89
N ALA K 126 -57.61 -61.57 -14.84
CA ALA K 126 -57.72 -62.50 -15.97
C ALA K 126 -58.52 -61.94 -17.17
N ILE K 127 -59.37 -60.93 -16.97
CA ILE K 127 -60.24 -60.38 -18.02
C ILE K 127 -59.65 -59.07 -18.54
N PRO K 128 -59.51 -58.87 -19.86
CA PRO K 128 -59.03 -57.60 -20.41
C PRO K 128 -60.09 -56.50 -20.30
N LYS K 129 -59.68 -55.29 -19.90
CA LYS K 129 -60.56 -54.12 -19.80
C LYS K 129 -59.99 -52.89 -20.48
N ILE K 130 -60.85 -52.12 -21.13
CA ILE K 130 -60.55 -50.81 -21.71
C ILE K 130 -61.35 -49.72 -20.98
N GLU K 131 -60.70 -48.66 -20.53
CA GLU K 131 -61.37 -47.51 -19.92
C GLU K 131 -61.72 -46.44 -20.96
N VAL K 132 -62.89 -45.80 -20.84
CA VAL K 132 -63.42 -44.83 -21.82
C VAL K 132 -63.81 -43.52 -21.14
N HIS K 133 -63.45 -42.38 -21.74
CA HIS K 133 -63.98 -41.05 -21.39
C HIS K 133 -64.51 -40.30 -22.60
N ILE K 134 -65.73 -39.79 -22.51
CA ILE K 134 -66.43 -39.10 -23.62
C ILE K 134 -65.80 -37.72 -23.88
N SER K 135 -65.24 -37.09 -22.85
CA SER K 135 -64.60 -35.76 -22.90
C SER K 135 -63.23 -35.80 -22.26
N ASN K 136 -62.41 -34.77 -22.51
CA ASN K 136 -60.97 -34.76 -22.24
C ASN K 136 -60.59 -34.61 -20.74
N VAL K 137 -61.09 -35.48 -19.87
CA VAL K 137 -61.05 -35.33 -18.39
C VAL K 137 -59.66 -35.02 -17.83
N THR K 146 -55.18 -36.59 -12.91
CA THR K 146 -54.59 -37.93 -12.70
C THR K 146 -55.67 -38.90 -12.19
N SER K 147 -55.58 -40.18 -12.58
CA SER K 147 -56.67 -41.16 -12.48
C SER K 147 -56.26 -42.46 -11.76
N VAL K 148 -57.14 -43.05 -10.95
CA VAL K 148 -56.82 -44.24 -10.13
C VAL K 148 -57.11 -45.58 -10.82
N THR K 149 -58.04 -45.62 -11.78
CA THR K 149 -58.48 -46.84 -12.51
C THR K 149 -57.64 -47.16 -13.76
N VAL K 150 -56.88 -46.21 -14.29
CA VAL K 150 -56.06 -46.39 -15.51
C VAL K 150 -55.02 -47.53 -15.42
N PRO K 151 -54.16 -47.63 -14.39
CA PRO K 151 -53.06 -48.60 -14.39
C PRO K 151 -53.49 -50.07 -14.22
N VAL K 152 -54.74 -50.32 -13.87
CA VAL K 152 -55.34 -51.67 -13.74
C VAL K 152 -56.12 -52.10 -15.00
N CYS K 153 -56.01 -51.36 -16.10
CA CYS K 153 -56.66 -51.61 -17.40
C CYS K 153 -55.63 -51.79 -18.53
N GLN K 154 -56.02 -52.48 -19.61
CA GLN K 154 -55.14 -52.75 -20.76
C GLN K 154 -55.06 -51.58 -21.76
N GLY K 155 -55.92 -50.56 -21.64
CA GLY K 155 -55.86 -49.34 -22.44
C GLY K 155 -56.88 -48.30 -21.99
N GLU K 156 -56.71 -47.05 -22.42
CA GLU K 156 -57.66 -45.96 -22.23
C GLU K 156 -57.97 -45.26 -23.56
N VAL K 157 -59.22 -44.88 -23.77
CA VAL K 157 -59.68 -44.08 -24.91
C VAL K 157 -60.32 -42.79 -24.39
N VAL K 158 -59.81 -41.63 -24.78
CA VAL K 158 -60.21 -40.34 -24.17
C VAL K 158 -60.56 -39.30 -25.23
N GLY K 159 -61.71 -38.64 -25.05
CA GLY K 159 -62.05 -37.41 -25.79
C GLY K 159 -62.55 -37.61 -27.22
N LEU K 160 -62.81 -38.84 -27.65
CA LEU K 160 -63.35 -39.15 -28.98
C LEU K 160 -64.88 -39.14 -29.03
N GLY K 161 -65.54 -38.49 -28.07
CA GLY K 161 -67.00 -38.46 -27.97
C GLY K 161 -67.61 -39.85 -27.77
N LEU K 162 -68.80 -40.07 -28.32
CA LEU K 162 -69.45 -41.38 -28.32
C LEU K 162 -68.67 -42.41 -29.17
N GLY K 163 -67.79 -41.96 -30.07
CA GLY K 163 -66.90 -42.82 -30.85
C GLY K 163 -65.90 -43.61 -30.00
N GLY K 164 -65.58 -43.17 -28.79
CA GLY K 164 -64.62 -43.85 -27.92
C GLY K 164 -65.05 -45.27 -27.52
N TYR K 165 -66.34 -45.53 -27.36
CA TYR K 165 -66.84 -46.88 -27.10
C TYR K 165 -66.62 -47.81 -28.29
N LEU K 166 -66.72 -47.30 -29.52
CA LEU K 166 -66.57 -48.10 -30.72
C LEU K 166 -65.09 -48.49 -30.93
N ALA K 167 -64.15 -47.59 -30.66
CA ALA K 167 -62.75 -47.97 -30.60
C ALA K 167 -62.47 -49.03 -29.53
N ALA K 168 -63.01 -48.88 -28.32
CA ALA K 168 -62.79 -49.84 -27.25
C ALA K 168 -63.30 -51.24 -27.62
N MET K 169 -64.47 -51.37 -28.25
CA MET K 169 -64.94 -52.66 -28.75
C MET K 169 -64.03 -53.22 -29.85
N GLY K 170 -63.56 -52.38 -30.78
CA GLY K 170 -62.58 -52.79 -31.78
C GLY K 170 -61.29 -53.31 -31.14
N MET K 171 -60.74 -52.61 -30.16
CA MET K 171 -59.55 -53.02 -29.43
C MET K 171 -59.72 -54.34 -28.65
N LEU K 172 -60.93 -54.72 -28.25
CA LEU K 172 -61.18 -56.02 -27.61
C LEU K 172 -61.41 -57.15 -28.60
N VAL K 173 -61.94 -56.87 -29.80
CA VAL K 173 -62.06 -57.88 -30.86
C VAL K 173 -60.70 -58.21 -31.49
N GLU K 174 -59.76 -57.26 -31.51
CA GLU K 174 -58.37 -57.42 -31.92
C GLU K 174 -57.49 -58.11 -30.86
N MET L 33 -77.19 -40.99 -44.70
CA MET L 33 -75.81 -40.47 -44.66
C MET L 33 -74.86 -41.38 -45.42
N LYS L 34 -73.95 -40.80 -46.20
CA LYS L 34 -72.92 -41.49 -47.01
C LYS L 34 -71.51 -41.16 -46.54
N ILE L 35 -70.70 -42.16 -46.22
CA ILE L 35 -69.30 -42.02 -45.76
C ILE L 35 -68.33 -42.60 -46.79
N LEU L 36 -67.16 -41.98 -46.96
CA LEU L 36 -66.08 -42.49 -47.80
C LEU L 36 -64.83 -42.79 -46.97
N VAL L 37 -64.31 -44.01 -47.06
CA VAL L 37 -63.08 -44.42 -46.38
C VAL L 37 -61.96 -44.58 -47.42
N ILE L 38 -60.85 -43.87 -47.24
CA ILE L 38 -59.70 -43.89 -48.14
C ILE L 38 -58.47 -44.43 -47.42
N ASN L 39 -57.89 -45.50 -47.95
CA ASN L 39 -56.64 -46.10 -47.49
C ASN L 39 -55.50 -45.83 -48.49
N GLY L 40 -54.36 -45.37 -47.99
CA GLY L 40 -53.19 -45.03 -48.78
C GLY L 40 -52.36 -46.23 -49.24
N PRO L 41 -51.12 -45.99 -49.70
CA PRO L 41 -50.22 -47.05 -50.16
C PRO L 41 -49.83 -48.01 -49.02
N ASN L 42 -49.50 -49.24 -49.38
CA ASN L 42 -49.08 -50.32 -48.47
C ASN L 42 -50.14 -50.85 -47.49
N ILE L 43 -51.27 -50.17 -47.28
CA ILE L 43 -52.28 -50.60 -46.29
C ILE L 43 -52.92 -51.96 -46.65
N ASN L 44 -53.01 -52.31 -47.93
CA ASN L 44 -53.52 -53.61 -48.35
C ASN L 44 -52.64 -54.80 -47.91
N PHE L 45 -51.40 -54.56 -47.51
CA PHE L 45 -50.47 -55.58 -47.00
C PHE L 45 -50.48 -55.69 -45.46
N LEU L 46 -51.48 -55.15 -44.76
CA LEU L 46 -51.74 -55.50 -43.36
C LEU L 46 -51.80 -57.02 -43.16
N GLY L 47 -51.18 -57.52 -42.10
CA GLY L 47 -51.08 -58.96 -41.81
C GLY L 47 -50.01 -59.70 -42.61
N ILE L 48 -49.42 -59.08 -43.63
CA ILE L 48 -48.17 -59.52 -44.29
C ILE L 48 -47.01 -58.68 -43.74
N PRO L 56 -52.52 -61.07 -36.54
CA PRO L 56 -53.01 -61.99 -37.57
C PRO L 56 -54.13 -61.41 -38.44
N LEU L 57 -54.73 -60.27 -38.07
CA LEU L 57 -55.78 -59.62 -38.86
C LEU L 57 -55.23 -59.02 -40.16
N ASN L 58 -55.93 -59.22 -41.26
CA ASN L 58 -55.52 -58.72 -42.58
C ASN L 58 -56.47 -57.61 -43.10
N TYR L 59 -56.19 -57.09 -44.29
CA TYR L 59 -56.98 -56.01 -44.86
C TYR L 59 -58.44 -56.39 -45.14
N ASP L 60 -58.75 -57.63 -45.53
CA ASP L 60 -60.13 -58.06 -45.73
C ASP L 60 -60.92 -58.14 -44.42
N ASP L 61 -60.26 -58.45 -43.30
CA ASP L 61 -60.86 -58.39 -41.97
C ASP L 61 -61.26 -56.96 -41.61
N LEU L 62 -60.38 -55.99 -41.87
CA LEU L 62 -60.67 -54.57 -41.66
C LEU L 62 -61.85 -54.10 -42.51
N VAL L 63 -61.91 -54.46 -43.80
CA VAL L 63 -63.02 -54.08 -44.67
C VAL L 63 -64.34 -54.66 -44.15
N GLU L 64 -64.38 -55.92 -43.70
CA GLU L 64 -65.60 -56.51 -43.15
C GLU L 64 -66.04 -55.83 -41.84
N MET L 65 -65.11 -55.49 -40.94
CA MET L 65 -65.42 -54.73 -39.73
C MET L 65 -66.03 -53.36 -40.03
N ILE L 66 -65.49 -52.64 -41.02
CA ILE L 66 -66.04 -51.34 -41.45
C ILE L 66 -67.43 -51.52 -42.06
N LYS L 67 -67.63 -52.46 -42.98
CA LYS L 67 -68.94 -52.71 -43.60
C LYS L 67 -70.00 -53.16 -42.61
N GLY L 68 -69.66 -53.99 -41.62
CA GLY L 68 -70.57 -54.38 -40.55
C GLY L 68 -70.94 -53.22 -39.63
N THR L 69 -69.97 -52.38 -39.27
CA THR L 69 -70.23 -51.20 -38.43
C THR L 69 -71.09 -50.17 -39.14
N ALA L 70 -70.96 -50.00 -40.46
CA ALA L 70 -71.82 -49.11 -41.22
C ALA L 70 -73.31 -49.50 -41.11
N LYS L 71 -73.64 -50.78 -41.23
CA LYS L 71 -75.01 -51.26 -40.97
C LYS L 71 -75.45 -50.98 -39.54
N GLY L 72 -74.57 -51.18 -38.57
CA GLY L 72 -74.83 -50.88 -37.16
C GLY L 72 -75.18 -49.42 -36.90
N LEU L 73 -74.44 -48.49 -37.51
CA LEU L 73 -74.68 -47.04 -37.43
C LEU L 73 -75.77 -46.54 -38.39
N LYS L 74 -76.38 -47.41 -39.22
CA LYS L 74 -77.37 -47.07 -40.26
C LYS L 74 -76.86 -46.05 -41.29
N VAL L 75 -75.63 -46.22 -41.76
CA VAL L 75 -74.98 -45.37 -42.79
C VAL L 75 -74.55 -46.21 -44.00
N LYS L 76 -74.42 -45.57 -45.17
CA LYS L 76 -73.80 -46.18 -46.35
C LYS L 76 -72.30 -45.87 -46.37
N VAL L 77 -71.47 -46.84 -46.72
CA VAL L 77 -70.00 -46.68 -46.75
C VAL L 77 -69.41 -47.19 -48.06
N GLU L 78 -68.45 -46.45 -48.59
CA GLU L 78 -67.54 -46.90 -49.65
C GLU L 78 -66.12 -47.00 -49.07
N VAL L 79 -65.44 -48.13 -49.27
CA VAL L 79 -64.05 -48.31 -48.87
C VAL L 79 -63.15 -48.42 -50.11
N PHE L 80 -62.11 -47.59 -50.18
CA PHE L 80 -61.21 -47.50 -51.32
C PHE L 80 -59.74 -47.58 -50.87
N GLN L 81 -58.92 -48.28 -51.63
CA GLN L 81 -57.47 -48.32 -51.44
C GLN L 81 -56.73 -48.19 -52.77
N SER L 82 -55.65 -47.43 -52.81
CA SER L 82 -54.74 -47.39 -53.95
C SER L 82 -53.31 -47.08 -53.54
N ASN L 83 -52.33 -47.63 -54.26
CA ASN L 83 -50.92 -47.28 -54.09
C ASN L 83 -50.51 -45.99 -54.81
N HIS L 84 -51.37 -45.40 -55.64
CA HIS L 84 -51.06 -44.20 -56.43
C HIS L 84 -51.55 -42.92 -55.75
N GLU L 85 -50.65 -41.96 -55.52
CA GLU L 85 -50.97 -40.63 -54.98
C GLU L 85 -52.03 -39.92 -55.83
N GLY L 86 -51.94 -39.99 -57.16
CA GLY L 86 -52.91 -39.35 -58.05
C GLY L 86 -54.30 -39.98 -58.01
N ALA L 87 -54.40 -41.29 -57.76
CA ALA L 87 -55.71 -41.94 -57.65
C ALA L 87 -56.45 -41.55 -56.37
N ILE L 88 -55.72 -41.28 -55.28
CA ILE L 88 -56.29 -40.71 -54.07
C ILE L 88 -56.84 -39.31 -54.34
N ILE L 89 -56.09 -38.45 -55.04
CA ILE L 89 -56.54 -37.11 -55.40
C ILE L 89 -57.78 -37.18 -56.31
N ASP L 90 -57.79 -38.06 -57.32
CA ASP L 90 -58.99 -38.26 -58.14
C ASP L 90 -60.20 -38.72 -57.32
N LYS L 91 -60.01 -39.62 -56.35
CA LYS L 91 -61.08 -40.09 -55.47
C LYS L 91 -61.62 -38.97 -54.57
N LEU L 92 -60.75 -38.11 -54.04
CA LEU L 92 -61.17 -36.94 -53.27
C LEU L 92 -61.91 -35.92 -54.13
N GLN L 93 -61.48 -35.66 -55.36
CA GLN L 93 -62.21 -34.79 -56.28
C GLN L 93 -63.55 -35.41 -56.71
N GLU L 94 -63.62 -36.72 -56.92
CA GLU L 94 -64.88 -37.41 -57.21
C GLU L 94 -65.87 -37.30 -56.04
N ALA L 95 -65.40 -37.38 -54.79
CA ALA L 95 -66.25 -37.26 -53.62
C ALA L 95 -67.01 -35.93 -53.56
N TYR L 96 -66.38 -34.83 -53.99
CA TYR L 96 -67.01 -33.51 -54.03
C TYR L 96 -68.22 -33.45 -54.96
N TYR L 97 -68.18 -34.13 -56.11
CA TYR L 97 -69.28 -34.20 -57.05
C TYR L 97 -70.38 -35.21 -56.70
N ASN L 98 -70.15 -36.07 -55.70
CA ASN L 98 -71.04 -37.17 -55.32
C ASN L 98 -71.72 -36.98 -53.96
N ASP L 99 -71.61 -35.79 -53.35
CA ASP L 99 -72.27 -35.43 -52.10
C ASP L 99 -71.99 -36.42 -50.94
N VAL L 100 -70.73 -36.80 -50.78
CA VAL L 100 -70.25 -37.52 -49.59
C VAL L 100 -70.42 -36.64 -48.35
N ASP L 101 -70.95 -37.19 -47.27
CA ASP L 101 -71.21 -36.43 -46.03
C ASP L 101 -70.00 -36.35 -45.10
N GLY L 102 -69.05 -37.26 -45.22
CA GLY L 102 -67.81 -37.25 -44.43
C GLY L 102 -66.79 -38.27 -44.91
N ILE L 103 -65.51 -37.99 -44.62
CA ILE L 103 -64.37 -38.78 -45.11
C ILE L 103 -63.53 -39.30 -43.95
N VAL L 104 -63.17 -40.58 -43.99
CA VAL L 104 -62.14 -41.16 -43.10
C VAL L 104 -60.93 -41.47 -43.96
N ILE L 105 -59.74 -40.97 -43.61
CA ILE L 105 -58.54 -41.17 -44.43
C ILE L 105 -57.35 -41.68 -43.62
N ASN L 106 -56.68 -42.71 -44.11
CA ASN L 106 -55.39 -43.17 -43.61
C ASN L 106 -54.36 -43.07 -44.75
N PRO L 107 -53.57 -41.98 -44.83
CA PRO L 107 -52.64 -41.77 -45.92
C PRO L 107 -51.41 -42.70 -45.93
N GLY L 108 -51.17 -43.50 -44.90
CA GLY L 108 -49.89 -44.19 -44.73
C GLY L 108 -48.72 -43.19 -44.72
N ALA L 109 -47.64 -43.52 -45.42
CA ALA L 109 -46.43 -42.70 -45.48
C ALA L 109 -46.62 -41.29 -46.10
N PHE L 110 -47.62 -41.09 -46.96
CA PHE L 110 -47.90 -39.78 -47.57
C PHE L 110 -48.18 -38.68 -46.54
N THR L 111 -48.58 -39.05 -45.33
CA THR L 111 -48.73 -38.17 -44.17
C THR L 111 -47.51 -37.30 -43.88
N HIS L 112 -46.33 -37.78 -44.23
CA HIS L 112 -45.05 -37.16 -43.86
C HIS L 112 -44.34 -36.45 -45.01
N TYR L 113 -44.91 -36.43 -46.22
CA TYR L 113 -44.32 -35.72 -47.36
C TYR L 113 -45.27 -35.26 -48.48
N SER L 114 -46.49 -35.79 -48.61
CA SER L 114 -47.37 -35.42 -49.73
C SER L 114 -48.09 -34.09 -49.51
N TYR L 115 -47.43 -32.99 -49.89
CA TYR L 115 -48.10 -31.69 -49.95
C TYR L 115 -49.20 -31.66 -51.03
N ALA L 116 -49.17 -32.53 -52.03
CA ALA L 116 -50.26 -32.65 -53.00
C ALA L 116 -51.54 -33.19 -52.39
N VAL L 117 -51.48 -34.25 -51.56
CA VAL L 117 -52.66 -34.78 -50.86
C VAL L 117 -53.14 -33.81 -49.77
N ARG L 118 -52.24 -33.11 -49.07
CA ARG L 118 -52.63 -32.00 -48.19
C ARG L 118 -53.49 -30.98 -48.93
N ASP L 119 -52.99 -30.47 -50.05
CA ASP L 119 -53.70 -29.44 -50.80
C ASP L 119 -54.98 -29.97 -51.47
N ALA L 120 -55.06 -31.27 -51.79
CA ALA L 120 -56.29 -31.89 -52.24
C ALA L 120 -57.36 -31.86 -51.16
N LEU L 121 -57.03 -32.22 -49.92
CA LEU L 121 -57.93 -32.14 -48.77
C LEU L 121 -58.33 -30.69 -48.47
N ALA L 122 -57.44 -29.73 -48.62
CA ALA L 122 -57.76 -28.31 -48.48
C ALA L 122 -58.75 -27.82 -49.54
N SER L 123 -58.72 -28.37 -50.76
CA SER L 123 -59.64 -27.98 -51.85
C SER L 123 -61.10 -28.37 -51.63
N ILE L 124 -61.39 -29.28 -50.69
CA ILE L 124 -62.74 -29.77 -50.38
C ILE L 124 -63.17 -29.45 -48.94
N ALA L 125 -62.81 -28.26 -48.44
CA ALA L 125 -63.04 -27.82 -47.06
C ALA L 125 -64.50 -27.86 -46.58
N ALA L 126 -65.47 -27.91 -47.49
CA ALA L 126 -66.89 -28.09 -47.16
C ALA L 126 -67.24 -29.46 -46.55
N ILE L 127 -66.39 -30.48 -46.71
CA ILE L 127 -66.64 -31.85 -46.25
C ILE L 127 -65.79 -32.13 -44.99
N PRO L 128 -66.36 -32.64 -43.89
CA PRO L 128 -65.61 -33.02 -42.71
C PRO L 128 -64.76 -34.27 -42.98
N LYS L 129 -63.50 -34.27 -42.53
CA LYS L 129 -62.61 -35.44 -42.64
C LYS L 129 -61.92 -35.76 -41.32
N ILE L 130 -61.79 -37.04 -41.00
CA ILE L 130 -60.99 -37.55 -39.90
C ILE L 130 -59.78 -38.32 -40.44
N GLU L 131 -58.58 -38.00 -39.97
CA GLU L 131 -57.38 -38.76 -40.30
C GLU L 131 -57.14 -39.91 -39.30
N VAL L 132 -56.73 -41.08 -39.78
CA VAL L 132 -56.55 -42.30 -38.98
C VAL L 132 -55.16 -42.89 -39.16
N HIS L 133 -54.48 -43.24 -38.06
CA HIS L 133 -53.26 -44.06 -38.07
C HIS L 133 -53.39 -45.29 -37.17
N ILE L 134 -53.09 -46.47 -37.71
CA ILE L 134 -53.26 -47.75 -37.02
C ILE L 134 -52.23 -47.91 -35.89
N SER L 135 -50.96 -47.58 -36.17
CA SER L 135 -49.86 -47.57 -35.20
C SER L 135 -49.51 -46.15 -34.76
N ASN L 136 -48.68 -46.03 -33.71
CA ASN L 136 -48.38 -44.80 -33.01
C ASN L 136 -47.40 -43.87 -33.77
N VAL L 137 -47.67 -43.55 -35.04
CA VAL L 137 -46.69 -42.98 -36.00
C VAL L 137 -45.92 -41.76 -35.49
N THR L 146 -43.84 -35.37 -37.20
CA THR L 146 -44.80 -34.30 -37.55
C THR L 146 -45.41 -34.55 -38.93
N SER L 147 -46.68 -34.17 -39.11
CA SER L 147 -47.51 -34.59 -40.24
C SER L 147 -48.03 -33.40 -41.05
N VAL L 148 -48.08 -33.53 -42.38
CA VAL L 148 -48.48 -32.42 -43.29
C VAL L 148 -50.00 -32.36 -43.54
N THR L 149 -50.71 -33.48 -43.40
CA THR L 149 -52.16 -33.62 -43.70
C THR L 149 -53.08 -33.35 -42.50
N VAL L 150 -52.57 -33.35 -41.25
CA VAL L 150 -53.38 -33.15 -40.03
C VAL L 150 -54.11 -31.79 -39.97
N PRO L 151 -53.49 -30.63 -40.22
CA PRO L 151 -54.14 -29.33 -40.00
C PRO L 151 -55.31 -29.02 -40.94
N VAL L 152 -55.47 -29.77 -42.02
CA VAL L 152 -56.58 -29.66 -42.99
C VAL L 152 -57.72 -30.67 -42.75
N CYS L 153 -57.69 -31.36 -41.60
CA CYS L 153 -58.71 -32.31 -41.14
C CYS L 153 -59.33 -31.88 -39.81
N GLN L 154 -60.57 -32.30 -39.54
CA GLN L 154 -61.30 -31.92 -38.32
C GLN L 154 -60.91 -32.72 -37.07
N GLY L 155 -60.09 -33.77 -37.22
CA GLY L 155 -59.53 -34.53 -36.11
C GLY L 155 -58.60 -35.64 -36.58
N GLU L 156 -57.78 -36.17 -35.67
CA GLU L 156 -56.93 -37.34 -35.91
C GLU L 156 -57.17 -38.42 -34.85
N VAL L 157 -57.15 -39.69 -35.25
CA VAL L 157 -57.22 -40.85 -34.37
C VAL L 157 -55.98 -41.71 -34.58
N VAL L 158 -55.18 -41.95 -33.53
CA VAL L 158 -53.85 -42.56 -33.65
C VAL L 158 -53.63 -43.70 -32.66
N GLY L 159 -53.05 -44.80 -33.14
CA GLY L 159 -52.51 -45.86 -32.28
C GLY L 159 -53.53 -46.78 -31.61
N LEU L 160 -54.80 -46.72 -32.01
CA LEU L 160 -55.88 -47.58 -31.49
C LEU L 160 -56.07 -48.88 -32.28
N GLY L 161 -55.10 -49.25 -33.13
CA GLY L 161 -55.21 -50.41 -34.01
C GLY L 161 -56.35 -50.26 -35.02
N LEU L 162 -57.03 -51.35 -35.37
CA LEU L 162 -58.14 -51.31 -36.30
C LEU L 162 -59.38 -50.62 -35.71
N GLY L 163 -59.44 -50.42 -34.39
CA GLY L 163 -60.51 -49.67 -33.71
C GLY L 163 -60.55 -48.19 -34.08
N GLY L 164 -59.47 -47.60 -34.57
CA GLY L 164 -59.42 -46.17 -34.92
C GLY L 164 -60.38 -45.77 -36.05
N TYR L 165 -60.63 -46.65 -37.02
CA TYR L 165 -61.62 -46.42 -38.07
C TYR L 165 -63.05 -46.33 -37.49
N LEU L 166 -63.35 -47.15 -36.48
CA LEU L 166 -64.68 -47.22 -35.88
C LEU L 166 -64.96 -45.97 -35.04
N ALA L 167 -63.96 -45.47 -34.31
CA ALA L 167 -64.06 -44.17 -33.67
C ALA L 167 -64.25 -43.05 -34.70
N ALA L 168 -63.50 -43.04 -35.79
CA ALA L 168 -63.63 -42.03 -36.83
C ALA L 168 -65.03 -42.01 -37.45
N MET L 169 -65.62 -43.17 -37.77
CA MET L 169 -67.01 -43.23 -38.22
C MET L 169 -67.99 -42.70 -37.17
N GLY L 170 -67.79 -43.04 -35.90
CA GLY L 170 -68.59 -42.50 -34.80
C GLY L 170 -68.51 -40.98 -34.71
N MET L 171 -67.31 -40.41 -34.79
CA MET L 171 -67.10 -38.96 -34.78
C MET L 171 -67.74 -38.23 -35.96
N LEU L 172 -67.94 -38.89 -37.11
CA LEU L 172 -68.64 -38.30 -38.25
C LEU L 172 -70.16 -38.40 -38.14
N VAL L 173 -70.69 -39.39 -37.43
CA VAL L 173 -72.13 -39.51 -37.15
C VAL L 173 -72.56 -38.52 -36.06
N GLU L 174 -71.69 -38.25 -35.09
CA GLU L 174 -71.93 -37.29 -34.00
C GLU L 174 -71.97 -35.82 -34.45
N MET M 33 -71.50 -61.93 25.86
CA MET M 33 -70.93 -60.86 25.00
C MET M 33 -71.27 -61.09 23.54
N LYS M 34 -71.64 -60.03 22.80
CA LYS M 34 -71.98 -60.03 21.37
C LYS M 34 -70.99 -59.18 20.57
N ILE M 35 -70.32 -59.79 19.59
CA ILE M 35 -69.35 -59.14 18.69
C ILE M 35 -69.93 -59.01 17.27
N LEU M 36 -69.64 -57.89 16.60
CA LEU M 36 -69.99 -57.69 15.19
C LEU M 36 -68.73 -57.55 14.34
N VAL M 37 -68.59 -58.35 13.28
CA VAL M 37 -67.49 -58.28 12.32
C VAL M 37 -67.99 -57.72 11.00
N ILE M 38 -67.39 -56.63 10.51
CA ILE M 38 -67.75 -55.96 9.27
C ILE M 38 -66.59 -55.99 8.27
N ASN M 39 -66.83 -56.54 7.09
CA ASN M 39 -65.91 -56.57 5.96
C ASN M 39 -66.38 -55.64 4.84
N GLY M 40 -65.48 -54.82 4.32
CA GLY M 40 -65.75 -53.84 3.26
C GLY M 40 -65.85 -54.44 1.85
N PRO M 41 -65.80 -53.60 0.81
CA PRO M 41 -65.87 -54.05 -0.57
C PRO M 41 -64.68 -54.95 -0.94
N ASN M 42 -64.86 -55.82 -1.93
CA ASN M 42 -63.85 -56.76 -2.46
C ASN M 42 -63.35 -57.86 -1.51
N ILE M 43 -63.59 -57.79 -0.20
CA ILE M 43 -63.08 -58.79 0.75
C ILE M 43 -63.68 -60.19 0.49
N ASN M 44 -64.89 -60.29 -0.05
CA ASN M 44 -65.48 -61.57 -0.44
C ASN M 44 -64.73 -62.30 -1.57
N PHE M 45 -63.84 -61.61 -2.29
CA PHE M 45 -62.99 -62.19 -3.34
C PHE M 45 -61.60 -62.62 -2.86
N LEU M 46 -61.36 -62.75 -1.55
CA LEU M 46 -60.17 -63.46 -1.05
C LEU M 46 -60.04 -64.84 -1.70
N GLY M 47 -58.82 -65.21 -2.08
CA GLY M 47 -58.53 -66.47 -2.77
C GLY M 47 -58.85 -66.47 -4.27
N ILE M 48 -59.55 -65.46 -4.78
CA ILE M 48 -59.64 -65.15 -6.21
C ILE M 48 -58.66 -64.00 -6.54
N PRO M 56 -54.23 -69.90 -0.95
CA PRO M 56 -55.37 -70.70 -1.35
C PRO M 56 -56.61 -70.51 -0.45
N LEU M 57 -56.48 -69.89 0.73
CA LEU M 57 -57.61 -69.65 1.64
C LEU M 57 -58.56 -68.58 1.06
N ASN M 58 -59.87 -68.83 1.16
CA ASN M 58 -60.90 -67.94 0.63
C ASN M 58 -61.78 -67.34 1.74
N TYR M 59 -62.78 -66.54 1.35
CA TYR M 59 -63.65 -65.86 2.31
C TYR M 59 -64.45 -66.81 3.21
N ASP M 60 -64.91 -67.96 2.71
CA ASP M 60 -65.63 -68.92 3.55
C ASP M 60 -64.72 -69.61 4.57
N ASP M 61 -63.43 -69.78 4.27
CA ASP M 61 -62.45 -70.23 5.27
C ASP M 61 -62.29 -69.23 6.40
N LEU M 62 -62.18 -67.94 6.07
CA LEU M 62 -62.12 -66.86 7.06
C LEU M 62 -63.38 -66.81 7.93
N VAL M 63 -64.57 -66.90 7.35
CA VAL M 63 -65.82 -66.93 8.11
C VAL M 63 -65.86 -68.12 9.07
N GLU M 64 -65.47 -69.31 8.63
CA GLU M 64 -65.41 -70.47 9.53
C GLU M 64 -64.39 -70.32 10.66
N MET M 65 -63.19 -69.78 10.39
CA MET M 65 -62.21 -69.49 11.44
C MET M 65 -62.74 -68.50 12.48
N ILE M 66 -63.47 -67.47 12.06
CA ILE M 66 -64.08 -66.49 12.98
C ILE M 66 -65.17 -67.16 13.80
N LYS M 67 -66.10 -67.89 13.18
CA LYS M 67 -67.19 -68.57 13.90
C LYS M 67 -66.69 -69.66 14.85
N GLY M 68 -65.64 -70.40 14.50
CA GLY M 68 -65.03 -71.38 15.39
C GLY M 68 -64.35 -70.72 16.60
N THR M 69 -63.61 -69.65 16.39
CA THR M 69 -62.95 -68.90 17.46
C THR M 69 -63.96 -68.27 18.42
N ALA M 70 -65.10 -67.80 17.93
CA ALA M 70 -66.15 -67.24 18.77
C ALA M 70 -66.67 -68.26 19.80
N LYS M 71 -66.89 -69.52 19.39
CA LYS M 71 -67.27 -70.60 20.32
C LYS M 71 -66.16 -70.89 21.32
N GLY M 72 -64.91 -70.87 20.90
CA GLY M 72 -63.76 -71.03 21.79
C GLY M 72 -63.69 -69.94 22.87
N LEU M 73 -63.88 -68.68 22.49
CA LEU M 73 -63.93 -67.53 23.40
C LEU M 73 -65.26 -67.39 24.18
N LYS M 74 -66.26 -68.24 23.91
CA LYS M 74 -67.62 -68.18 24.46
C LYS M 74 -68.35 -66.84 24.21
N VAL M 75 -68.24 -66.31 23.00
CA VAL M 75 -68.92 -65.07 22.57
C VAL M 75 -69.87 -65.37 21.41
N LYS M 76 -70.95 -64.59 21.28
CA LYS M 76 -71.79 -64.60 20.08
C LYS M 76 -71.18 -63.70 19.02
N VAL M 77 -71.20 -64.10 17.75
CA VAL M 77 -70.64 -63.32 16.65
C VAL M 77 -71.59 -63.25 15.45
N GLU M 78 -71.68 -62.06 14.85
CA GLU M 78 -72.27 -61.84 13.54
C GLU M 78 -71.19 -61.37 12.57
N VAL M 79 -71.12 -61.96 11.38
CA VAL M 79 -70.18 -61.57 10.31
C VAL M 79 -70.95 -61.01 9.12
N PHE M 80 -70.57 -59.83 8.66
CA PHE M 80 -71.23 -59.11 7.58
C PHE M 80 -70.24 -58.63 6.52
N GLN M 81 -70.62 -58.70 5.25
CA GLN M 81 -69.86 -58.10 4.15
C GLN M 81 -70.80 -57.42 3.16
N SER M 82 -70.40 -56.25 2.64
CA SER M 82 -71.10 -55.61 1.53
C SER M 82 -70.13 -54.80 0.66
N ASN M 83 -70.44 -54.68 -0.63
CA ASN M 83 -69.74 -53.77 -1.53
C ASN M 83 -70.26 -52.33 -1.49
N HIS M 84 -71.38 -52.06 -0.79
CA HIS M 84 -71.99 -50.74 -0.71
C HIS M 84 -71.55 -49.99 0.55
N GLU M 85 -71.01 -48.78 0.39
CA GLU M 85 -70.62 -47.90 1.50
C GLU M 85 -71.81 -47.58 2.42
N GLY M 86 -73.00 -47.33 1.85
CA GLY M 86 -74.20 -47.04 2.64
C GLY M 86 -74.70 -48.22 3.46
N ALA M 87 -74.51 -49.47 2.99
CA ALA M 87 -74.93 -50.65 3.75
C ALA M 87 -74.07 -50.87 5.00
N ILE M 88 -72.79 -50.50 4.93
CA ILE M 88 -71.89 -50.50 6.09
C ILE M 88 -72.36 -49.46 7.11
N ILE M 89 -72.68 -48.24 6.69
CA ILE M 89 -73.20 -47.21 7.59
C ILE M 89 -74.53 -47.63 8.20
N ASP M 90 -75.44 -48.23 7.45
CA ASP M 90 -76.67 -48.79 8.00
C ASP M 90 -76.39 -49.88 9.04
N LYS M 91 -75.45 -50.79 8.79
CA LYS M 91 -75.05 -51.85 9.73
C LYS M 91 -74.44 -51.27 11.01
N LEU M 92 -73.61 -50.24 10.92
CA LEU M 92 -73.08 -49.55 12.10
C LEU M 92 -74.18 -48.85 12.91
N GLN M 93 -75.15 -48.22 12.25
CA GLN M 93 -76.29 -47.61 12.94
C GLN M 93 -77.21 -48.66 13.56
N GLU M 94 -77.41 -49.80 12.92
CA GLU M 94 -78.16 -50.91 13.49
C GLU M 94 -77.48 -51.49 14.73
N ALA M 95 -76.14 -51.56 14.76
CA ALA M 95 -75.40 -52.07 15.91
C ALA M 95 -75.66 -51.26 17.18
N TYR M 96 -75.78 -49.93 17.06
CA TYR M 96 -76.09 -49.05 18.19
C TYR M 96 -77.45 -49.36 18.84
N TYR M 97 -78.46 -49.69 18.05
CA TYR M 97 -79.79 -50.08 18.54
C TYR M 97 -79.88 -51.54 19.01
N ASN M 98 -78.85 -52.36 18.80
CA ASN M 98 -78.85 -53.80 19.08
C ASN M 98 -77.87 -54.22 20.20
N ASP M 99 -77.30 -53.26 20.94
CA ASP M 99 -76.44 -53.49 22.10
C ASP M 99 -75.25 -54.43 21.81
N VAL M 100 -74.60 -54.24 20.66
CA VAL M 100 -73.32 -54.88 20.33
C VAL M 100 -72.25 -54.42 21.32
N ASP M 101 -71.45 -55.33 21.84
CA ASP M 101 -70.44 -55.04 22.85
C ASP M 101 -69.09 -54.61 22.27
N GLY M 102 -68.82 -54.92 21.00
CA GLY M 102 -67.61 -54.49 20.30
C GLY M 102 -67.64 -54.83 18.82
N ILE M 103 -66.90 -54.07 18.02
CA ILE M 103 -66.89 -54.15 16.55
C ILE M 103 -65.48 -54.46 16.04
N VAL M 104 -65.36 -55.42 15.14
CA VAL M 104 -64.15 -55.63 14.34
C VAL M 104 -64.44 -55.18 12.93
N ILE M 105 -63.66 -54.26 12.35
CA ILE M 105 -63.92 -53.74 11.01
C ILE M 105 -62.70 -53.79 10.10
N ASN M 106 -62.88 -54.30 8.88
CA ASN M 106 -61.91 -54.23 7.80
C ASN M 106 -62.53 -53.42 6.65
N PRO M 107 -62.28 -52.11 6.53
CA PRO M 107 -62.94 -51.26 5.55
C PRO M 107 -62.53 -51.54 4.09
N GLY M 108 -61.51 -52.36 3.82
CA GLY M 108 -60.92 -52.45 2.49
C GLY M 108 -60.37 -51.09 2.04
N ALA M 109 -60.58 -50.72 0.77
CA ALA M 109 -60.11 -49.47 0.20
C ALA M 109 -60.73 -48.20 0.83
N PHE M 110 -61.92 -48.28 1.45
CA PHE M 110 -62.57 -47.14 2.13
C PHE M 110 -61.70 -46.52 3.23
N THR M 111 -60.73 -47.26 3.76
CA THR M 111 -59.71 -46.81 4.71
C THR M 111 -58.99 -45.53 4.29
N HIS M 112 -58.85 -45.33 2.98
CA HIS M 112 -58.02 -44.27 2.40
C HIS M 112 -58.82 -43.11 1.79
N TYR M 113 -60.15 -43.13 1.84
CA TYR M 113 -60.98 -42.04 1.32
C TYR M 113 -62.38 -41.85 1.93
N SER M 114 -62.98 -42.83 2.62
CA SER M 114 -64.36 -42.71 3.10
C SER M 114 -64.47 -41.91 4.39
N TYR M 115 -64.55 -40.59 4.27
CA TYR M 115 -64.88 -39.73 5.42
C TYR M 115 -66.30 -39.99 5.93
N ALA M 116 -67.22 -40.54 5.13
CA ALA M 116 -68.54 -40.93 5.61
C ALA M 116 -68.48 -42.10 6.60
N VAL M 117 -67.70 -43.16 6.31
CA VAL M 117 -67.53 -44.29 7.24
C VAL M 117 -66.73 -43.89 8.47
N ARG M 118 -65.72 -43.02 8.33
CA ARG M 118 -65.05 -42.40 9.49
C ARG M 118 -66.06 -41.73 10.43
N ASP M 119 -66.88 -40.83 9.90
CA ASP M 119 -67.85 -40.12 10.71
C ASP M 119 -68.97 -41.03 11.24
N ALA M 120 -69.31 -42.11 10.54
CA ALA M 120 -70.21 -43.13 11.07
C ALA M 120 -69.62 -43.83 12.30
N LEU M 121 -68.35 -44.22 12.27
CA LEU M 121 -67.64 -44.78 13.43
C LEU M 121 -67.52 -43.76 14.57
N ALA M 122 -67.32 -42.47 14.27
CA ALA M 122 -67.34 -41.43 15.29
C ALA M 122 -68.72 -41.25 15.94
N SER M 123 -69.81 -41.45 15.20
CA SER M 123 -71.18 -41.33 15.72
C SER M 123 -71.57 -42.41 16.74
N ILE M 124 -70.79 -43.49 16.87
CA ILE M 124 -71.03 -44.59 17.82
C ILE M 124 -69.88 -44.75 18.83
N ALA M 125 -69.31 -43.64 19.31
CA ALA M 125 -68.14 -43.61 20.19
C ALA M 125 -68.29 -44.40 21.52
N ALA M 126 -69.51 -44.71 21.94
CA ALA M 126 -69.78 -45.58 23.09
C ALA M 126 -69.34 -47.04 22.90
N ILE M 127 -69.16 -47.52 21.66
CA ILE M 127 -68.84 -48.92 21.36
C ILE M 127 -67.36 -49.04 20.99
N PRO M 128 -66.58 -49.96 21.60
CA PRO M 128 -65.18 -50.17 21.24
C PRO M 128 -65.06 -50.85 19.87
N LYS M 129 -64.14 -50.37 19.03
CA LYS M 129 -63.86 -50.97 17.71
C LYS M 129 -62.37 -51.18 17.47
N ILE M 130 -62.03 -52.28 16.81
CA ILE M 130 -60.69 -52.59 16.31
C ILE M 130 -60.71 -52.61 14.78
N GLU M 131 -59.78 -51.92 14.15
CA GLU M 131 -59.62 -51.94 12.69
C GLU M 131 -58.60 -53.02 12.25
N VAL M 132 -58.90 -53.76 11.18
CA VAL M 132 -58.09 -54.90 10.72
C VAL M 132 -57.70 -54.75 9.26
N HIS M 133 -56.42 -54.98 8.92
CA HIS M 133 -55.94 -55.14 7.53
C HIS M 133 -55.19 -56.45 7.33
N ILE M 134 -55.56 -57.21 6.30
CA ILE M 134 -54.98 -58.54 6.04
C ILE M 134 -53.54 -58.43 5.55
N SER M 135 -53.28 -57.55 4.59
CA SER M 135 -51.93 -57.20 4.12
C SER M 135 -51.45 -55.86 4.68
N ASN M 136 -50.15 -55.55 4.51
CA ASN M 136 -49.46 -54.43 5.15
C ASN M 136 -49.78 -53.07 4.49
N VAL M 137 -51.05 -52.65 4.46
CA VAL M 137 -51.52 -51.50 3.62
C VAL M 137 -50.69 -50.22 3.77
N THR M 146 -51.34 -43.50 4.68
CA THR M 146 -52.04 -42.96 5.87
C THR M 146 -53.56 -43.17 5.74
N SER M 147 -54.24 -43.41 6.86
CA SER M 147 -55.63 -43.90 6.92
C SER M 147 -56.57 -42.95 7.66
N VAL M 148 -57.80 -42.79 7.18
CA VAL M 148 -58.78 -41.83 7.76
C VAL M 148 -59.63 -42.41 8.89
N THR M 149 -59.79 -43.73 8.96
CA THR M 149 -60.64 -44.47 9.93
C THR M 149 -59.92 -44.90 11.22
N VAL M 150 -58.59 -44.81 11.29
CA VAL M 150 -57.79 -45.22 12.48
C VAL M 150 -58.06 -44.38 13.74
N PRO M 151 -58.03 -43.03 13.72
CA PRO M 151 -58.09 -42.24 14.96
C PRO M 151 -59.46 -42.28 15.68
N VAL M 152 -60.49 -42.83 15.04
CA VAL M 152 -61.83 -43.04 15.60
C VAL M 152 -62.04 -44.47 16.14
N CYS M 153 -60.98 -45.28 16.19
CA CYS M 153 -60.97 -46.67 16.71
C CYS M 153 -60.01 -46.83 17.89
N GLN M 154 -60.26 -47.84 18.74
CA GLN M 154 -59.43 -48.09 19.93
C GLN M 154 -58.14 -48.88 19.64
N GLY M 155 -57.98 -49.42 18.45
CA GLY M 155 -56.74 -50.04 17.99
C GLY M 155 -56.79 -50.46 16.52
N GLU M 156 -55.63 -50.75 15.94
CA GLU M 156 -55.49 -51.33 14.61
C GLU M 156 -54.61 -52.58 14.65
N VAL M 157 -54.93 -53.59 13.84
CA VAL M 157 -54.15 -54.81 13.63
C VAL M 157 -53.83 -54.93 12.14
N VAL M 158 -52.55 -55.01 11.77
CA VAL M 158 -52.11 -54.87 10.38
C VAL M 158 -51.13 -55.98 9.99
N GLY M 159 -51.34 -56.59 8.81
CA GLY M 159 -50.35 -57.44 8.15
C GLY M 159 -50.16 -58.85 8.75
N LEU M 160 -51.02 -59.28 9.65
CA LEU M 160 -50.97 -60.62 10.26
C LEU M 160 -51.80 -61.67 9.50
N GLY M 161 -52.19 -61.39 8.25
CA GLY M 161 -53.03 -62.29 7.46
C GLY M 161 -54.42 -62.48 8.05
N LEU M 162 -55.01 -63.66 7.88
CA LEU M 162 -56.31 -63.99 8.46
C LEU M 162 -56.24 -64.09 10.00
N GLY M 163 -55.04 -64.22 10.58
CA GLY M 163 -54.83 -64.16 12.03
C GLY M 163 -55.15 -62.81 12.66
N GLY M 164 -55.18 -61.72 11.89
CA GLY M 164 -55.48 -60.38 12.42
C GLY M 164 -56.87 -60.25 13.05
N TYR M 165 -57.87 -60.94 12.51
CA TYR M 165 -59.22 -61.00 13.10
C TYR M 165 -59.22 -61.69 14.46
N LEU M 166 -58.37 -62.71 14.64
CA LEU M 166 -58.31 -63.48 15.87
C LEU M 166 -57.67 -62.67 17.01
N ALA M 167 -56.63 -61.89 16.71
CA ALA M 167 -56.14 -60.90 17.66
C ALA M 167 -57.21 -59.87 18.00
N ALA M 168 -57.92 -59.33 17.01
CA ALA M 168 -58.92 -58.30 17.26
C ALA M 168 -60.06 -58.78 18.15
N MET M 169 -60.57 -60.00 17.96
CA MET M 169 -61.54 -60.60 18.89
C MET M 169 -60.95 -60.81 20.29
N GLY M 170 -59.70 -61.25 20.40
CA GLY M 170 -59.02 -61.35 21.69
C GLY M 170 -58.93 -60.00 22.40
N MET M 171 -58.51 -58.95 21.69
CA MET M 171 -58.41 -57.60 22.24
C MET M 171 -59.76 -57.02 22.70
N LEU M 172 -60.90 -57.49 22.19
CA LEU M 172 -62.23 -57.07 22.65
C LEU M 172 -62.73 -57.89 23.83
N VAL M 173 -62.29 -59.14 23.99
CA VAL M 173 -62.60 -59.95 25.17
C VAL M 173 -61.77 -59.51 26.38
N GLU M 174 -60.56 -59.00 26.17
CA GLU M 174 -59.67 -58.46 27.21
C GLU M 174 -60.11 -57.09 27.75
N MET N 33 -95.16 -23.13 -5.05
CA MET N 33 -93.72 -23.47 -5.06
C MET N 33 -93.47 -24.79 -4.33
N LYS N 34 -92.61 -25.66 -4.88
CA LYS N 34 -92.18 -26.95 -4.35
C LYS N 34 -90.69 -26.97 -4.06
N ILE N 35 -90.28 -27.28 -2.82
CA ILE N 35 -88.89 -27.35 -2.37
C ILE N 35 -88.51 -28.80 -2.04
N LEU N 36 -87.27 -29.21 -2.35
CA LEU N 36 -86.72 -30.50 -1.96
C LEU N 36 -85.53 -30.33 -1.01
N VAL N 37 -85.58 -30.98 0.15
CA VAL N 37 -84.49 -30.98 1.14
C VAL N 37 -83.83 -32.35 1.17
N ILE N 38 -82.52 -32.39 0.94
CA ILE N 38 -81.71 -33.62 0.90
C ILE N 38 -80.68 -33.60 2.02
N ASN N 39 -80.70 -34.62 2.87
CA ASN N 39 -79.72 -34.86 3.92
C ASN N 39 -78.85 -36.08 3.59
N GLY N 40 -77.53 -35.92 3.70
CA GLY N 40 -76.54 -36.96 3.41
C GLY N 40 -76.40 -38.05 4.48
N PRO N 41 -75.32 -38.83 4.44
CA PRO N 41 -75.05 -39.87 5.42
C PRO N 41 -74.87 -39.31 6.83
N ASN N 42 -75.17 -40.13 7.84
CA ASN N 42 -75.04 -39.80 9.28
C ASN N 42 -75.97 -38.71 9.83
N ILE N 43 -76.63 -37.88 9.02
CA ILE N 43 -77.48 -36.78 9.50
C ILE N 43 -78.67 -37.29 10.33
N ASN N 44 -79.19 -38.48 10.05
CA ASN N 44 -80.25 -39.09 10.85
C ASN N 44 -79.86 -39.39 12.30
N PHE N 45 -78.57 -39.38 12.63
CA PHE N 45 -78.03 -39.59 13.98
C PHE N 45 -77.73 -38.28 14.73
N LEU N 46 -78.23 -37.12 14.29
CA LEU N 46 -78.26 -35.91 15.13
C LEU N 46 -78.84 -36.21 16.52
N GLY N 47 -78.23 -35.66 17.57
CA GLY N 47 -78.63 -35.89 18.95
C GLY N 47 -78.17 -37.23 19.55
N ILE N 48 -77.72 -38.18 18.73
CA ILE N 48 -76.93 -39.34 19.17
C ILE N 48 -75.43 -39.02 19.02
N PRO N 56 -79.65 -31.55 22.71
CA PRO N 56 -80.70 -32.55 22.84
C PRO N 56 -81.61 -32.68 21.60
N LEU N 57 -81.58 -31.73 20.67
CA LEU N 57 -82.41 -31.80 19.46
C LEU N 57 -81.96 -32.93 18.52
N ASN N 58 -82.91 -33.75 18.07
CA ASN N 58 -82.64 -34.90 17.20
C ASN N 58 -83.11 -34.65 15.75
N TYR N 59 -83.01 -35.66 14.90
CA TYR N 59 -83.41 -35.54 13.49
C TYR N 59 -84.92 -35.32 13.30
N ASP N 60 -85.78 -35.92 14.11
CA ASP N 60 -87.23 -35.71 14.00
C ASP N 60 -87.62 -34.27 14.36
N ASP N 61 -86.92 -33.65 15.31
CA ASP N 61 -87.10 -32.23 15.65
C ASP N 61 -86.78 -31.33 14.46
N LEU N 62 -85.67 -31.60 13.75
CA LEU N 62 -85.30 -30.87 12.54
C LEU N 62 -86.35 -31.03 11.43
N VAL N 63 -86.88 -32.23 11.23
CA VAL N 63 -87.92 -32.46 10.22
C VAL N 63 -89.18 -31.68 10.57
N GLU N 64 -89.60 -31.67 11.84
CA GLU N 64 -90.78 -30.90 12.24
C GLU N 64 -90.58 -29.38 12.08
N MET N 65 -89.41 -28.84 12.42
CA MET N 65 -89.10 -27.42 12.16
C MET N 65 -89.16 -27.07 10.68
N ILE N 66 -88.64 -27.92 9.79
CA ILE N 66 -88.71 -27.70 8.35
C ILE N 66 -90.16 -27.76 7.85
N LYS N 67 -90.93 -28.79 8.22
CA LYS N 67 -92.32 -28.92 7.80
C LYS N 67 -93.22 -27.79 8.33
N GLY N 68 -93.01 -27.35 9.57
CA GLY N 68 -93.72 -26.19 10.11
C GLY N 68 -93.37 -24.89 9.39
N THR N 69 -92.09 -24.66 9.11
CA THR N 69 -91.65 -23.46 8.37
C THR N 69 -92.19 -23.43 6.94
N ALA N 70 -92.30 -24.58 6.26
CA ALA N 70 -92.87 -24.64 4.93
C ALA N 70 -94.32 -24.13 4.89
N LYS N 71 -95.18 -24.53 5.84
CA LYS N 71 -96.53 -23.96 5.96
C LYS N 71 -96.51 -22.46 6.23
N GLY N 72 -95.57 -22.00 7.05
CA GLY N 72 -95.37 -20.58 7.33
C GLY N 72 -95.03 -19.75 6.10
N LEU N 73 -94.12 -20.25 5.25
CA LEU N 73 -93.74 -19.61 3.98
C LEU N 73 -94.73 -19.89 2.83
N LYS N 74 -95.78 -20.70 3.05
CA LYS N 74 -96.76 -21.13 2.04
C LYS N 74 -96.13 -21.87 0.84
N VAL N 75 -95.22 -22.81 1.11
CA VAL N 75 -94.58 -23.68 0.12
C VAL N 75 -94.80 -25.15 0.46
N LYS N 76 -94.77 -26.04 -0.54
CA LYS N 76 -94.72 -27.49 -0.32
C LYS N 76 -93.26 -27.93 -0.18
N VAL N 77 -92.99 -28.88 0.71
CA VAL N 77 -91.65 -29.41 0.96
C VAL N 77 -91.62 -30.93 1.02
N GLU N 78 -90.58 -31.54 0.44
CA GLU N 78 -90.22 -32.94 0.64
C GLU N 78 -88.87 -33.00 1.36
N VAL N 79 -88.78 -33.76 2.45
CA VAL N 79 -87.52 -33.97 3.17
C VAL N 79 -87.07 -35.43 3.01
N PHE N 80 -85.83 -35.64 2.57
CA PHE N 80 -85.26 -36.94 2.25
C PHE N 80 -83.89 -37.13 2.91
N GLN N 81 -83.59 -38.33 3.40
CA GLN N 81 -82.27 -38.70 3.91
C GLN N 81 -81.87 -40.09 3.44
N SER N 82 -80.60 -40.29 3.08
CA SER N 82 -80.05 -41.63 2.84
C SER N 82 -78.56 -41.70 3.15
N ASN N 83 -78.08 -42.87 3.57
CA ASN N 83 -76.65 -43.14 3.73
C ASN N 83 -75.95 -43.55 2.41
N HIS N 84 -76.70 -43.83 1.34
CA HIS N 84 -76.15 -44.25 0.05
C HIS N 84 -75.89 -43.07 -0.89
N GLU N 85 -74.65 -42.94 -1.39
CA GLU N 85 -74.28 -41.91 -2.38
C GLU N 85 -75.13 -42.01 -3.65
N GLY N 86 -75.38 -43.22 -4.15
CA GLY N 86 -76.19 -43.43 -5.36
C GLY N 86 -77.65 -43.07 -5.19
N ALA N 87 -78.23 -43.28 -4.01
CA ALA N 87 -79.62 -42.93 -3.75
C ALA N 87 -79.86 -41.41 -3.75
N ILE N 88 -78.85 -40.63 -3.35
CA ILE N 88 -78.88 -39.17 -3.47
C ILE N 88 -78.85 -38.75 -4.94
N ILE N 89 -77.98 -39.34 -5.75
CA ILE N 89 -77.91 -39.03 -7.18
C ILE N 89 -79.23 -39.41 -7.88
N ASP N 90 -79.83 -40.55 -7.55
CA ASP N 90 -81.17 -40.90 -8.04
C ASP N 90 -82.23 -39.86 -7.65
N LYS N 91 -82.21 -39.36 -6.41
CA LYS N 91 -83.15 -38.34 -5.93
C LYS N 91 -82.93 -37.00 -6.65
N LEU N 92 -81.69 -36.59 -6.91
CA LEU N 92 -81.40 -35.40 -7.70
C LEU N 92 -81.88 -35.54 -9.15
N GLN N 93 -81.68 -36.69 -9.78
CA GLN N 93 -82.19 -36.95 -11.12
C GLN N 93 -83.73 -37.01 -11.14
N GLU N 94 -84.37 -37.58 -10.14
CA GLU N 94 -85.83 -37.58 -10.02
C GLU N 94 -86.39 -36.16 -9.91
N ALA N 95 -85.73 -35.26 -9.17
CA ALA N 95 -86.16 -33.88 -9.01
C ALA N 95 -86.29 -33.14 -10.36
N TYR N 96 -85.38 -33.38 -11.30
CA TYR N 96 -85.42 -32.80 -12.64
C TYR N 96 -86.67 -33.18 -13.44
N TYR N 97 -87.19 -34.39 -13.25
CA TYR N 97 -88.43 -34.84 -13.90
C TYR N 97 -89.71 -34.46 -13.14
N ASN N 98 -89.60 -33.89 -11.94
CA ASN N 98 -90.73 -33.60 -11.06
C ASN N 98 -90.96 -32.10 -10.81
N ASP N 99 -90.30 -31.23 -11.58
CA ASP N 99 -90.49 -29.77 -11.54
C ASP N 99 -90.28 -29.15 -10.15
N VAL N 100 -89.24 -29.59 -9.44
CA VAL N 100 -88.81 -28.98 -8.17
C VAL N 100 -88.29 -27.56 -8.44
N ASP N 101 -88.75 -26.58 -7.66
CA ASP N 101 -88.40 -25.17 -7.87
C ASP N 101 -87.08 -24.76 -7.21
N GLY N 102 -86.65 -25.48 -6.17
CA GLY N 102 -85.38 -25.24 -5.51
C GLY N 102 -84.98 -26.39 -4.59
N ILE N 103 -83.67 -26.55 -4.36
CA ILE N 103 -83.10 -27.65 -3.58
C ILE N 103 -82.28 -27.11 -2.40
N VAL N 104 -82.49 -27.65 -1.21
CA VAL N 104 -81.61 -27.44 -0.06
C VAL N 104 -80.86 -28.74 0.17
N ILE N 105 -79.54 -28.72 0.24
CA ILE N 105 -78.74 -29.94 0.41
C ILE N 105 -77.71 -29.81 1.53
N ASN N 106 -77.65 -30.82 2.40
CA ASN N 106 -76.58 -30.99 3.38
C ASN N 106 -75.89 -32.33 3.08
N PRO N 107 -74.79 -32.34 2.31
CA PRO N 107 -74.15 -33.59 1.90
C PRO N 107 -73.47 -34.37 3.04
N GLY N 108 -73.33 -33.80 4.23
CA GLY N 108 -72.44 -34.36 5.25
C GLY N 108 -71.01 -34.46 4.74
N ALA N 109 -70.32 -35.55 5.06
CA ALA N 109 -68.92 -35.77 4.69
C ALA N 109 -68.65 -35.82 3.17
N PHE N 110 -69.64 -36.16 2.33
CA PHE N 110 -69.49 -36.17 0.87
C PHE N 110 -69.05 -34.81 0.28
N THR N 111 -69.26 -33.73 1.01
CA THR N 111 -68.78 -32.38 0.69
C THR N 111 -67.28 -32.31 0.41
N HIS N 112 -66.50 -33.19 1.06
CA HIS N 112 -65.04 -33.18 1.06
C HIS N 112 -64.41 -34.23 0.13
N TYR N 113 -65.20 -35.06 -0.56
CA TYR N 113 -64.66 -36.07 -1.49
C TYR N 113 -65.56 -36.52 -2.65
N SER N 114 -66.89 -36.35 -2.62
CA SER N 114 -67.75 -36.91 -3.66
C SER N 114 -67.81 -36.05 -4.92
N TYR N 115 -66.91 -36.32 -5.86
CA TYR N 115 -67.02 -35.74 -7.20
C TYR N 115 -68.24 -36.25 -7.97
N ALA N 116 -68.79 -37.42 -7.63
CA ALA N 116 -70.02 -37.92 -8.24
C ALA N 116 -71.23 -37.05 -7.87
N VAL N 117 -71.41 -36.68 -6.59
CA VAL N 117 -72.51 -35.81 -6.16
C VAL N 117 -72.32 -34.38 -6.68
N ARG N 118 -71.08 -33.88 -6.73
CA ARG N 118 -70.76 -32.62 -7.42
C ARG N 118 -71.25 -32.63 -8.86
N ASP N 119 -70.84 -33.62 -9.64
CA ASP N 119 -71.23 -33.71 -11.05
C ASP N 119 -72.74 -33.97 -11.23
N ALA N 120 -73.42 -34.62 -10.28
CA ALA N 120 -74.87 -34.71 -10.28
C ALA N 120 -75.52 -33.34 -10.11
N LEU N 121 -75.08 -32.53 -9.16
CA LEU N 121 -75.57 -31.16 -8.98
C LEU N 121 -75.26 -30.28 -10.21
N ALA N 122 -74.09 -30.46 -10.85
CA ALA N 122 -73.78 -29.77 -12.09
C ALA N 122 -74.71 -30.18 -13.25
N SER N 123 -75.19 -31.43 -13.29
CA SER N 123 -76.05 -31.91 -14.37
C SER N 123 -77.45 -31.27 -14.38
N ILE N 124 -77.93 -30.77 -13.23
CA ILE N 124 -79.27 -30.17 -13.08
C ILE N 124 -79.21 -28.64 -12.90
N ALA N 125 -78.30 -27.96 -13.60
CA ALA N 125 -78.03 -26.52 -13.45
C ALA N 125 -79.24 -25.58 -13.66
N ALA N 126 -80.34 -26.04 -14.26
CA ALA N 126 -81.58 -25.25 -14.37
C ALA N 126 -82.27 -24.98 -13.02
N ILE N 127 -81.96 -25.74 -11.96
CA ILE N 127 -82.61 -25.64 -10.64
C ILE N 127 -81.67 -24.94 -9.64
N PRO N 128 -82.13 -23.90 -8.91
CA PRO N 128 -81.31 -23.25 -7.88
C PRO N 128 -81.14 -24.17 -6.66
N LYS N 129 -79.92 -24.27 -6.13
CA LYS N 129 -79.63 -25.04 -4.92
C LYS N 129 -78.84 -24.26 -3.90
N ILE N 130 -79.12 -24.46 -2.62
CA ILE N 130 -78.37 -23.93 -1.47
C ILE N 130 -77.74 -25.09 -0.70
N GLU N 131 -76.45 -25.00 -0.40
CA GLU N 131 -75.76 -25.99 0.44
C GLU N 131 -75.77 -25.56 1.92
N VAL N 132 -76.05 -26.49 2.83
CA VAL N 132 -76.16 -26.23 4.28
C VAL N 132 -75.19 -27.09 5.08
N HIS N 133 -74.43 -26.48 5.99
CA HIS N 133 -73.69 -27.19 7.05
C HIS N 133 -74.09 -26.73 8.45
N ILE N 134 -74.43 -27.69 9.31
CA ILE N 134 -74.90 -27.42 10.68
C ILE N 134 -73.76 -26.86 11.54
N SER N 135 -72.60 -27.51 11.51
CA SER N 135 -71.38 -27.09 12.22
C SER N 135 -70.38 -26.39 11.28
N ASN N 136 -69.36 -25.74 11.84
CA ASN N 136 -68.42 -24.87 11.13
C ASN N 136 -67.36 -25.65 10.30
N VAL N 137 -67.78 -26.54 9.40
CA VAL N 137 -66.92 -27.56 8.77
C VAL N 137 -65.62 -27.03 8.16
N THR N 146 -61.51 -27.42 2.53
CA THR N 146 -61.97 -27.09 1.17
C THR N 146 -63.07 -28.06 0.73
N SER N 147 -64.11 -27.54 0.08
CA SER N 147 -65.33 -28.27 -0.29
C SER N 147 -65.50 -28.37 -1.80
N VAL N 148 -65.84 -29.55 -2.33
CA VAL N 148 -65.94 -29.77 -3.79
C VAL N 148 -67.33 -29.47 -4.38
N THR N 149 -68.38 -29.47 -3.56
CA THR N 149 -69.79 -29.26 -3.97
C THR N 149 -70.25 -27.78 -3.98
N VAL N 150 -69.50 -26.87 -3.33
CA VAL N 150 -69.87 -25.44 -3.22
C VAL N 150 -70.04 -24.70 -4.57
N PRO N 151 -69.10 -24.76 -5.53
CA PRO N 151 -69.14 -23.85 -6.69
C PRO N 151 -70.28 -24.13 -7.68
N VAL N 152 -70.93 -25.30 -7.59
CA VAL N 152 -72.10 -25.68 -8.41
C VAL N 152 -73.45 -25.38 -7.75
N CYS N 153 -73.45 -24.57 -6.68
CA CYS N 153 -74.63 -24.11 -5.94
C CYS N 153 -74.74 -22.57 -5.94
N GLN N 154 -75.95 -22.02 -5.76
CA GLN N 154 -76.16 -20.57 -5.72
C GLN N 154 -75.69 -19.91 -4.41
N GLY N 155 -75.47 -20.68 -3.35
CA GLY N 155 -74.89 -20.20 -2.10
C GLY N 155 -74.70 -21.30 -1.08
N GLU N 156 -73.97 -21.00 0.00
CA GLU N 156 -73.77 -21.88 1.15
C GLU N 156 -74.17 -21.18 2.46
N VAL N 157 -74.76 -21.93 3.39
CA VAL N 157 -75.07 -21.49 4.75
C VAL N 157 -74.32 -22.39 5.73
N VAL N 158 -73.46 -21.84 6.58
CA VAL N 158 -72.55 -22.63 7.43
C VAL N 158 -72.59 -22.18 8.88
N GLY N 159 -72.67 -23.14 9.81
CA GLY N 159 -72.44 -22.93 11.24
C GLY N 159 -73.63 -22.35 12.03
N LEU N 160 -74.76 -22.08 11.40
CA LEU N 160 -75.95 -21.52 12.06
C LEU N 160 -76.84 -22.58 12.75
N GLY N 161 -76.30 -23.76 13.04
CA GLY N 161 -77.04 -24.86 13.65
C GLY N 161 -78.21 -25.33 12.78
N LEU N 162 -79.31 -25.72 13.40
CA LEU N 162 -80.53 -26.13 12.69
C LEU N 162 -81.23 -24.94 12.02
N GLY N 163 -80.91 -23.70 12.39
CA GLY N 163 -81.39 -22.49 11.73
C GLY N 163 -80.88 -22.31 10.29
N GLY N 164 -79.79 -22.97 9.91
CA GLY N 164 -79.25 -22.89 8.54
C GLY N 164 -80.22 -23.34 7.46
N TYR N 165 -81.03 -24.37 7.73
CA TYR N 165 -82.09 -24.81 6.82
C TYR N 165 -83.18 -23.75 6.62
N LEU N 166 -83.48 -22.98 7.66
CA LEU N 166 -84.54 -21.97 7.61
C LEU N 166 -84.08 -20.75 6.82
N ALA N 167 -82.82 -20.34 6.95
CA ALA N 167 -82.23 -19.36 6.05
C ALA N 167 -82.23 -19.87 4.61
N ALA N 168 -81.83 -21.10 4.35
CA ALA N 168 -81.79 -21.66 3.00
C ALA N 168 -83.18 -21.65 2.32
N MET N 169 -84.24 -22.04 3.03
CA MET N 169 -85.59 -21.93 2.48
C MET N 169 -85.99 -20.48 2.20
N GLY N 170 -85.63 -19.53 3.08
CA GLY N 170 -85.84 -18.12 2.83
C GLY N 170 -85.11 -17.63 1.58
N MET N 171 -83.84 -17.99 1.41
CA MET N 171 -83.05 -17.64 0.23
C MET N 171 -83.62 -18.23 -1.07
N LEU N 172 -84.38 -19.33 -1.02
CA LEU N 172 -85.06 -19.89 -2.20
C LEU N 172 -86.41 -19.22 -2.48
N VAL N 173 -87.11 -18.71 -1.47
CA VAL N 173 -88.36 -17.95 -1.66
C VAL N 173 -88.10 -16.53 -2.18
N GLU N 174 -86.96 -15.93 -1.83
CA GLU N 174 -86.51 -14.61 -2.30
C GLU N 174 -86.07 -14.58 -3.77
N MET O 33 -33.30 -70.15 -60.07
CA MET O 33 -33.39 -68.85 -59.37
C MET O 33 -34.03 -67.79 -60.26
N LYS O 34 -34.93 -66.98 -59.72
CA LYS O 34 -35.63 -65.86 -60.38
C LYS O 34 -35.26 -64.52 -59.73
N ILE O 35 -34.73 -63.58 -60.52
CA ILE O 35 -34.35 -62.22 -60.10
C ILE O 35 -35.31 -61.20 -60.69
N LEU O 36 -35.65 -60.15 -59.94
CA LEU O 36 -36.41 -59.00 -60.45
C LEU O 36 -35.57 -57.72 -60.39
N VAL O 37 -35.46 -57.01 -61.51
CA VAL O 37 -34.77 -55.72 -61.59
C VAL O 37 -35.79 -54.60 -61.79
N ILE O 38 -35.82 -53.63 -60.89
CA ILE O 38 -36.75 -52.49 -60.91
C ILE O 38 -35.97 -51.19 -61.12
N ASN O 39 -36.32 -50.44 -62.16
CA ASN O 39 -35.79 -49.12 -62.45
C ASN O 39 -36.86 -48.03 -62.21
N GLY O 40 -36.51 -46.98 -61.49
CA GLY O 40 -37.39 -45.86 -61.15
C GLY O 40 -37.64 -44.86 -62.28
N PRO O 41 -38.18 -43.68 -61.96
CA PRO O 41 -38.43 -42.63 -62.93
C PRO O 41 -37.14 -42.12 -63.57
N ASN O 42 -37.24 -41.60 -64.79
CA ASN O 42 -36.16 -41.01 -65.59
C ASN O 42 -35.04 -41.98 -66.07
N ILE O 43 -34.94 -43.20 -65.53
CA ILE O 43 -33.88 -44.14 -65.92
C ILE O 43 -33.97 -44.55 -67.41
N ASN O 44 -35.16 -44.57 -68.00
CA ASN O 44 -35.34 -44.86 -69.42
C ASN O 44 -34.71 -43.81 -70.37
N PHE O 45 -34.33 -42.64 -69.86
CA PHE O 45 -33.67 -41.57 -70.60
C PHE O 45 -32.14 -41.55 -70.42
N LEU O 46 -31.51 -42.63 -69.93
CA LEU O 46 -30.05 -42.80 -70.03
C LEU O 46 -29.56 -42.57 -71.47
N GLY O 47 -28.44 -41.86 -71.62
CA GLY O 47 -27.88 -41.51 -72.92
C GLY O 47 -28.58 -40.35 -73.64
N ILE O 48 -29.71 -39.87 -73.11
CA ILE O 48 -30.33 -38.58 -73.49
C ILE O 48 -30.05 -37.55 -72.38
N PRO O 56 -22.42 -42.55 -74.14
CA PRO O 56 -23.24 -42.89 -75.30
C PRO O 56 -24.16 -44.09 -75.08
N LEU O 57 -23.95 -44.91 -74.03
CA LEU O 57 -24.80 -46.07 -73.74
C LEU O 57 -26.20 -45.64 -73.31
N ASN O 58 -27.23 -46.30 -73.86
CA ASN O 58 -28.62 -46.00 -73.57
C ASN O 58 -29.29 -47.10 -72.73
N TYR O 59 -30.59 -46.94 -72.45
CA TYR O 59 -31.33 -47.90 -71.62
C TYR O 59 -31.45 -49.31 -72.26
N ASP O 60 -31.57 -49.42 -73.58
CA ASP O 60 -31.63 -50.73 -74.24
C ASP O 60 -30.29 -51.47 -74.14
N ASP O 61 -29.17 -50.76 -74.14
CA ASP O 61 -27.84 -51.35 -73.92
C ASP O 61 -27.74 -51.96 -72.52
N LEU O 62 -28.20 -51.22 -71.50
CA LEU O 62 -28.26 -51.71 -70.12
C LEU O 62 -29.15 -52.96 -70.00
N VAL O 63 -30.33 -52.97 -70.63
CA VAL O 63 -31.21 -54.14 -70.59
C VAL O 63 -30.56 -55.35 -71.25
N GLU O 64 -29.88 -55.18 -72.38
CA GLU O 64 -29.17 -56.29 -73.04
C GLU O 64 -28.00 -56.82 -72.17
N MET O 65 -27.22 -55.94 -71.55
CA MET O 65 -26.17 -56.34 -70.61
C MET O 65 -26.71 -57.17 -69.44
N ILE O 66 -27.85 -56.76 -68.86
CA ILE O 66 -28.49 -57.51 -67.78
C ILE O 66 -29.00 -58.86 -68.27
N LYS O 67 -29.72 -58.93 -69.40
CA LYS O 67 -30.23 -60.19 -69.93
C LYS O 67 -29.13 -61.16 -70.36
N GLY O 68 -28.02 -60.68 -70.91
CA GLY O 68 -26.85 -61.50 -71.24
C GLY O 68 -26.15 -62.04 -69.99
N THR O 69 -25.96 -61.19 -68.98
CA THR O 69 -25.36 -61.60 -67.70
C THR O 69 -26.21 -62.62 -66.96
N ALA O 70 -27.54 -62.54 -67.06
CA ALA O 70 -28.44 -63.53 -66.46
C ALA O 70 -28.22 -64.93 -67.03
N LYS O 71 -28.05 -65.08 -68.35
CA LYS O 71 -27.66 -66.37 -68.97
C LYS O 71 -26.30 -66.84 -68.48
N GLY O 72 -25.34 -65.94 -68.35
CA GLY O 72 -24.01 -66.24 -67.82
C GLY O 72 -24.06 -66.82 -66.39
N LEU O 73 -24.81 -66.18 -65.51
CA LEU O 73 -25.02 -66.63 -64.12
C LEU O 73 -26.03 -67.79 -63.99
N LYS O 74 -26.65 -68.26 -65.07
CA LYS O 74 -27.69 -69.30 -65.09
C LYS O 74 -28.92 -68.97 -64.22
N VAL O 75 -29.41 -67.73 -64.30
CA VAL O 75 -30.61 -67.25 -63.59
C VAL O 75 -31.66 -66.71 -64.56
N LYS O 76 -32.94 -66.75 -64.18
CA LYS O 76 -34.00 -66.04 -64.91
C LYS O 76 -34.12 -64.62 -64.37
N VAL O 77 -34.34 -63.64 -65.26
CA VAL O 77 -34.45 -62.23 -64.88
C VAL O 77 -35.65 -61.55 -65.53
N GLU O 78 -36.35 -60.71 -64.77
CA GLU O 78 -37.33 -59.76 -65.29
C GLU O 78 -36.81 -58.34 -65.07
N VAL O 79 -36.81 -57.50 -66.10
CA VAL O 79 -36.43 -56.08 -66.00
C VAL O 79 -37.66 -55.21 -66.22
N PHE O 80 -37.94 -54.30 -65.29
CA PHE O 80 -39.10 -53.43 -65.28
C PHE O 80 -38.72 -51.98 -65.02
N GLN O 81 -39.38 -51.04 -65.71
CA GLN O 81 -39.22 -49.60 -65.47
C GLN O 81 -40.58 -48.91 -65.51
N SER O 82 -40.81 -47.95 -64.61
CA SER O 82 -41.98 -47.07 -64.66
C SER O 82 -41.68 -45.71 -64.06
N ASN O 83 -42.33 -44.67 -64.57
CA ASN O 83 -42.27 -43.32 -64.00
C ASN O 83 -43.25 -43.11 -62.83
N HIS O 84 -44.13 -44.07 -62.54
CA HIS O 84 -45.14 -43.95 -61.50
C HIS O 84 -44.71 -44.63 -60.20
N GLU O 85 -44.68 -43.89 -59.09
CA GLU O 85 -44.35 -44.41 -57.75
C GLU O 85 -45.27 -45.58 -57.35
N GLY O 86 -46.57 -45.48 -57.63
CA GLY O 86 -47.53 -46.54 -57.33
C GLY O 86 -47.33 -47.81 -58.15
N ALA O 87 -46.84 -47.72 -59.39
CA ALA O 87 -46.59 -48.89 -60.23
C ALA O 87 -45.36 -49.67 -59.74
N ILE O 88 -44.37 -49.00 -59.16
CA ILE O 88 -43.27 -49.65 -58.45
C ILE O 88 -43.80 -50.41 -57.24
N ILE O 89 -44.64 -49.79 -56.41
CA ILE O 89 -45.21 -50.45 -55.23
C ILE O 89 -46.08 -51.65 -55.64
N ASP O 90 -46.89 -51.56 -56.69
CA ASP O 90 -47.62 -52.70 -57.22
C ASP O 90 -46.69 -53.83 -57.68
N LYS O 91 -45.57 -53.51 -58.33
CA LYS O 91 -44.58 -54.50 -58.80
C LYS O 91 -43.88 -55.18 -57.63
N LEU O 92 -43.56 -54.47 -56.57
CA LEU O 92 -43.01 -55.05 -55.33
C LEU O 92 -44.01 -55.95 -54.62
N GLN O 93 -45.29 -55.59 -54.60
CA GLN O 93 -46.33 -56.46 -54.05
C GLN O 93 -46.58 -57.69 -54.94
N GLU O 94 -46.50 -57.55 -56.25
CA GLU O 94 -46.59 -58.68 -57.18
C GLU O 94 -45.43 -59.67 -56.98
N ALA O 95 -44.21 -59.18 -56.75
CA ALA O 95 -43.05 -60.03 -56.52
C ALA O 95 -43.23 -60.97 -55.32
N TYR O 96 -43.86 -60.51 -54.25
CA TYR O 96 -44.14 -61.32 -53.06
C TYR O 96 -45.02 -62.52 -53.36
N TYR O 97 -46.02 -62.39 -54.24
CA TYR O 97 -46.90 -63.48 -54.63
C TYR O 97 -46.34 -64.40 -55.73
N ASN O 98 -45.18 -64.07 -56.30
CA ASN O 98 -44.59 -64.77 -57.43
C ASN O 98 -43.26 -65.47 -57.11
N ASP O 99 -42.86 -65.54 -55.83
CA ASP O 99 -41.66 -66.23 -55.36
C ASP O 99 -40.37 -65.77 -56.08
N VAL O 100 -40.20 -64.46 -56.25
CA VAL O 100 -38.92 -63.86 -56.63
C VAL O 100 -37.88 -64.15 -55.55
N ASP O 101 -36.69 -64.62 -55.94
CA ASP O 101 -35.63 -65.00 -55.01
C ASP O 101 -34.77 -63.82 -54.55
N GLY O 102 -34.73 -62.73 -55.33
CA GLY O 102 -34.02 -61.51 -54.95
C GLY O 102 -34.32 -60.33 -55.87
N ILE O 103 -34.16 -59.11 -55.36
CA ILE O 103 -34.54 -57.87 -56.04
C ILE O 103 -33.34 -56.94 -56.20
N VAL O 104 -33.13 -56.40 -57.40
CA VAL O 104 -32.21 -55.29 -57.64
C VAL O 104 -33.04 -54.05 -57.93
N ILE O 105 -32.83 -52.96 -57.20
CA ILE O 105 -33.63 -51.74 -57.38
C ILE O 105 -32.77 -50.49 -57.53
N ASN O 106 -33.11 -49.67 -58.52
CA ASN O 106 -32.56 -48.32 -58.66
C ASN O 106 -33.74 -47.34 -58.61
N PRO O 107 -34.06 -46.74 -57.45
CA PRO O 107 -35.22 -45.87 -57.31
C PRO O 107 -35.12 -44.53 -58.06
N GLY O 108 -33.97 -44.16 -58.61
CA GLY O 108 -33.73 -42.78 -59.05
C GLY O 108 -33.93 -41.79 -57.88
N ALA O 109 -34.54 -40.65 -58.15
CA ALA O 109 -34.77 -39.58 -57.17
C ALA O 109 -35.69 -39.98 -55.99
N PHE O 110 -36.54 -40.99 -56.12
CA PHE O 110 -37.37 -41.49 -55.01
C PHE O 110 -36.55 -41.92 -53.79
N THR O 111 -35.27 -42.23 -53.98
CA THR O 111 -34.29 -42.50 -52.91
C THR O 111 -34.24 -41.41 -51.84
N HIS O 112 -34.54 -40.17 -52.21
CA HIS O 112 -34.36 -38.99 -51.36
C HIS O 112 -35.64 -38.45 -50.74
N TYR O 113 -36.81 -39.04 -51.04
CA TYR O 113 -38.09 -38.59 -50.49
C TYR O 113 -39.23 -39.62 -50.40
N SER O 114 -39.20 -40.75 -51.13
CA SER O 114 -40.34 -41.68 -51.14
C SER O 114 -40.36 -42.60 -49.91
N TYR O 115 -40.94 -42.12 -48.82
CA TYR O 115 -41.24 -42.97 -47.67
C TYR O 115 -42.26 -44.07 -48.02
N ALA O 116 -43.09 -43.90 -49.05
CA ALA O 116 -43.98 -44.95 -49.51
C ALA O 116 -43.22 -46.13 -50.13
N VAL O 117 -42.20 -45.91 -50.97
CA VAL O 117 -41.36 -46.98 -51.53
C VAL O 117 -40.48 -47.60 -50.45
N ARG O 118 -39.96 -46.82 -49.50
CA ARG O 118 -39.27 -47.34 -48.32
C ARG O 118 -40.14 -48.35 -47.58
N ASP O 119 -41.35 -47.97 -47.22
CA ASP O 119 -42.25 -48.84 -46.47
C ASP O 119 -42.77 -50.01 -47.31
N ALA O 120 -42.84 -49.88 -48.65
CA ALA O 120 -43.12 -51.02 -49.52
C ALA O 120 -42.00 -52.06 -49.43
N LEU O 121 -40.73 -51.64 -49.52
CA LEU O 121 -39.59 -52.52 -49.34
C LEU O 121 -39.54 -53.15 -47.93
N ALA O 122 -39.91 -52.41 -46.88
CA ALA O 122 -40.03 -52.95 -45.53
C ALA O 122 -41.12 -54.02 -45.40
N SER O 123 -42.22 -53.92 -46.17
CA SER O 123 -43.32 -54.89 -46.13
C SER O 123 -42.96 -56.27 -46.67
N ILE O 124 -41.87 -56.41 -47.43
CA ILE O 124 -41.41 -57.66 -48.06
C ILE O 124 -40.03 -58.10 -47.53
N ALA O 125 -39.81 -57.99 -46.22
CA ALA O 125 -38.54 -58.29 -45.56
C ALA O 125 -38.01 -59.73 -45.78
N ALA O 126 -38.88 -60.67 -46.18
CA ALA O 126 -38.51 -62.04 -46.53
C ALA O 126 -37.66 -62.18 -47.81
N ILE O 127 -37.63 -61.16 -48.68
CA ILE O 127 -36.91 -61.20 -49.96
C ILE O 127 -35.66 -60.31 -49.86
N PRO O 128 -34.46 -60.80 -50.23
CA PRO O 128 -33.24 -60.01 -50.22
C PRO O 128 -33.25 -58.97 -51.35
N LYS O 129 -32.88 -57.72 -51.06
CA LYS O 129 -32.78 -56.65 -52.06
C LYS O 129 -31.46 -55.90 -52.00
N ILE O 130 -30.93 -55.54 -53.17
CA ILE O 130 -29.77 -54.65 -53.32
C ILE O 130 -30.21 -53.35 -53.99
N GLU O 131 -29.82 -52.20 -53.44
CA GLU O 131 -30.05 -50.90 -54.06
C GLU O 131 -28.87 -50.48 -54.95
N VAL O 132 -29.13 -49.90 -56.13
CA VAL O 132 -28.10 -49.53 -57.11
C VAL O 132 -28.21 -48.06 -57.51
N HIS O 133 -27.11 -47.31 -57.50
CA HIS O 133 -26.99 -45.98 -58.10
C HIS O 133 -25.89 -45.90 -59.14
N ILE O 134 -26.22 -45.44 -60.35
CA ILE O 134 -25.30 -45.39 -61.48
C ILE O 134 -24.21 -44.33 -61.26
N SER O 135 -24.60 -43.13 -60.85
CA SER O 135 -23.69 -42.02 -60.49
C SER O 135 -23.51 -41.89 -58.98
N ASN O 136 -22.55 -41.09 -58.54
CA ASN O 136 -22.12 -40.94 -57.14
C ASN O 136 -23.10 -40.12 -56.28
N VAL O 137 -24.38 -40.47 -56.23
CA VAL O 137 -25.48 -39.60 -55.72
C VAL O 137 -25.22 -39.01 -54.34
N THR O 146 -28.17 -37.95 -48.13
CA THR O 146 -28.71 -39.03 -47.29
C THR O 146 -29.99 -39.59 -47.91
N SER O 147 -30.26 -40.88 -47.70
CA SER O 147 -31.26 -41.66 -48.45
C SER O 147 -32.27 -42.37 -47.53
N VAL O 148 -33.54 -42.45 -47.94
CA VAL O 148 -34.61 -43.07 -47.13
C VAL O 148 -34.76 -44.58 -47.33
N THR O 149 -34.34 -45.12 -48.49
CA THR O 149 -34.52 -46.53 -48.90
C THR O 149 -33.37 -47.47 -48.55
N VAL O 150 -32.19 -46.95 -48.20
CA VAL O 150 -30.98 -47.76 -47.89
C VAL O 150 -31.14 -48.74 -46.72
N PRO O 151 -31.64 -48.34 -45.53
CA PRO O 151 -31.59 -49.22 -44.34
C PRO O 151 -32.54 -50.43 -44.39
N VAL O 152 -33.46 -50.48 -45.35
CA VAL O 152 -34.39 -51.59 -45.57
C VAL O 152 -33.93 -52.56 -46.69
N CYS O 153 -32.67 -52.44 -47.12
CA CYS O 153 -32.01 -53.29 -48.12
C CYS O 153 -30.78 -54.01 -47.55
N GLN O 154 -30.36 -55.13 -48.13
CA GLN O 154 -29.20 -55.90 -47.67
C GLN O 154 -27.84 -55.29 -48.06
N GLY O 155 -27.82 -54.39 -49.04
CA GLY O 155 -26.63 -53.66 -49.46
C GLY O 155 -26.96 -52.56 -50.48
N GLU O 156 -26.03 -51.63 -50.67
CA GLU O 156 -26.07 -50.62 -51.73
C GLU O 156 -24.81 -50.70 -52.60
N VAL O 157 -24.95 -50.47 -53.90
CA VAL O 157 -23.84 -50.34 -54.87
C VAL O 157 -23.92 -48.97 -55.53
N VAL O 158 -22.88 -48.15 -55.45
CA VAL O 158 -22.94 -46.74 -55.84
C VAL O 158 -21.76 -46.34 -56.74
N GLY O 159 -22.04 -45.62 -57.82
CA GLY O 159 -21.03 -44.93 -58.61
C GLY O 159 -20.19 -45.80 -59.55
N LEU O 160 -20.53 -47.08 -59.72
CA LEU O 160 -19.83 -48.02 -60.60
C LEU O 160 -20.38 -48.02 -62.04
N GLY O 161 -21.17 -47.02 -62.43
CA GLY O 161 -21.79 -46.97 -63.75
C GLY O 161 -22.78 -48.13 -63.96
N LEU O 162 -22.90 -48.61 -65.19
CA LEU O 162 -23.78 -49.74 -65.51
C LEU O 162 -23.24 -51.06 -64.92
N GLY O 163 -21.96 -51.13 -64.53
CA GLY O 163 -21.39 -52.26 -63.81
C GLY O 163 -22.01 -52.53 -62.44
N GLY O 164 -22.65 -51.54 -61.81
CA GLY O 164 -23.28 -51.70 -60.49
C GLY O 164 -24.43 -52.72 -60.48
N TYR O 165 -25.18 -52.85 -61.57
CA TYR O 165 -26.21 -53.87 -61.71
C TYR O 165 -25.61 -55.28 -61.73
N LEU O 166 -24.46 -55.44 -62.39
CA LEU O 166 -23.83 -56.75 -62.53
C LEU O 166 -23.23 -57.20 -61.19
N ALA O 167 -22.64 -56.29 -60.43
CA ALA O 167 -22.27 -56.59 -59.05
C ALA O 167 -23.47 -56.98 -58.21
N ALA O 168 -24.57 -56.25 -58.27
CA ALA O 168 -25.77 -56.57 -57.50
C ALA O 168 -26.33 -57.96 -57.83
N MET O 169 -26.39 -58.36 -59.11
CA MET O 169 -26.76 -59.73 -59.46
C MET O 169 -25.77 -60.76 -58.92
N GLY O 170 -24.47 -60.48 -58.96
CA GLY O 170 -23.47 -61.34 -58.34
C GLY O 170 -23.69 -61.51 -56.84
N MET O 171 -23.94 -60.42 -56.11
CA MET O 171 -24.21 -60.44 -54.68
C MET O 171 -25.48 -61.20 -54.32
N LEU O 172 -26.48 -61.31 -55.21
CA LEU O 172 -27.68 -62.11 -54.95
C LEU O 172 -27.48 -63.61 -55.23
N VAL O 173 -26.57 -63.98 -56.12
CA VAL O 173 -26.21 -65.38 -56.37
C VAL O 173 -25.32 -65.93 -55.25
N GLU O 174 -24.44 -65.11 -54.67
CA GLU O 174 -23.55 -65.45 -53.56
C GLU O 174 -24.26 -65.69 -52.21
N MET P 33 -53.35 -81.45 12.52
CA MET P 33 -52.24 -80.52 12.83
C MET P 33 -52.03 -80.42 14.33
N LYS P 34 -50.78 -80.43 14.79
CA LYS P 34 -50.34 -80.34 16.20
C LYS P 34 -49.48 -79.09 16.42
N ILE P 35 -49.88 -78.24 17.38
CA ILE P 35 -49.20 -76.99 17.74
C ILE P 35 -48.60 -77.11 19.16
N LEU P 36 -47.43 -76.53 19.38
CA LEU P 36 -46.81 -76.41 20.70
C LEU P 36 -46.67 -74.94 21.11
N VAL P 37 -47.18 -74.59 22.29
CA VAL P 37 -47.08 -73.24 22.87
C VAL P 37 -46.13 -73.26 24.06
N ILE P 38 -45.07 -72.47 24.02
CA ILE P 38 -44.05 -72.38 25.07
C ILE P 38 -44.05 -70.99 25.70
N ASN P 39 -44.23 -70.94 27.02
CA ASN P 39 -44.14 -69.74 27.84
C ASN P 39 -42.88 -69.76 28.73
N GLY P 40 -42.13 -68.67 28.71
CA GLY P 40 -40.89 -68.50 29.46
C GLY P 40 -41.06 -68.23 30.96
N PRO P 41 -40.00 -67.79 31.64
CA PRO P 41 -40.03 -67.50 33.07
C PRO P 41 -40.99 -66.36 33.40
N ASN P 42 -41.53 -66.35 34.62
CA ASN P 42 -42.45 -65.34 35.15
C ASN P 42 -43.84 -65.23 34.50
N ILE P 43 -44.08 -65.80 33.32
CA ILE P 43 -45.37 -65.69 32.62
C ILE P 43 -46.53 -66.30 33.43
N ASN P 44 -46.29 -67.30 34.26
CA ASN P 44 -47.30 -67.88 35.14
C ASN P 44 -47.84 -66.90 36.21
N PHE P 45 -47.15 -65.78 36.47
CA PHE P 45 -47.59 -64.73 37.38
C PHE P 45 -48.35 -63.58 36.70
N LEU P 46 -48.82 -63.74 35.46
CA LEU P 46 -49.80 -62.81 34.88
C LEU P 46 -51.00 -62.61 35.83
N GLY P 47 -51.44 -61.35 35.97
CA GLY P 47 -52.53 -60.96 36.86
C GLY P 47 -52.13 -60.84 38.34
N ILE P 48 -50.93 -61.31 38.72
CA ILE P 48 -50.26 -60.97 39.98
C ILE P 48 -49.25 -59.84 39.72
N PRO P 56 -57.05 -57.81 35.00
CA PRO P 56 -57.56 -58.83 35.90
C PRO P 56 -57.40 -60.26 35.39
N LEU P 57 -57.10 -60.49 34.10
CA LEU P 57 -56.92 -61.83 33.54
C LEU P 57 -55.62 -62.48 34.02
N ASN P 58 -55.68 -63.76 34.39
CA ASN P 58 -54.53 -64.51 34.88
C ASN P 58 -54.03 -65.56 33.86
N TYR P 59 -53.01 -66.34 34.23
CA TYR P 59 -52.44 -67.36 33.35
C TYR P 59 -53.45 -68.47 32.96
N ASP P 60 -54.34 -68.88 33.86
CA ASP P 60 -55.34 -69.90 33.54
C ASP P 60 -56.37 -69.40 32.52
N ASP P 61 -56.71 -68.10 32.56
CA ASP P 61 -57.55 -67.47 31.56
C ASP P 61 -56.90 -67.52 30.17
N LEU P 62 -55.60 -67.23 30.07
CA LEU P 62 -54.83 -67.34 28.84
C LEU P 62 -54.81 -68.79 28.31
N VAL P 63 -54.54 -69.76 29.18
CA VAL P 63 -54.54 -71.17 28.76
C VAL P 63 -55.90 -71.60 28.26
N GLU P 64 -56.99 -71.21 28.92
CA GLU P 64 -58.33 -71.56 28.49
C GLU P 64 -58.74 -70.88 27.17
N MET P 65 -58.35 -69.63 26.94
CA MET P 65 -58.52 -68.97 25.65
C MET P 65 -57.79 -69.72 24.53
N ILE P 66 -56.56 -70.17 24.77
CA ILE P 66 -55.78 -70.94 23.79
C ILE P 66 -56.43 -72.31 23.52
N LYS P 67 -56.79 -73.06 24.56
CA LYS P 67 -57.42 -74.37 24.40
C LYS P 67 -58.78 -74.31 23.72
N GLY P 68 -59.58 -73.28 23.98
CA GLY P 68 -60.84 -73.04 23.28
C GLY P 68 -60.63 -72.69 21.81
N THR P 69 -59.66 -71.82 21.51
CA THR P 69 -59.35 -71.43 20.13
C THR P 69 -58.80 -72.60 19.32
N ALA P 70 -58.05 -73.53 19.91
CA ALA P 70 -57.57 -74.71 19.20
C ALA P 70 -58.71 -75.57 18.66
N LYS P 71 -59.77 -75.81 19.45
CA LYS P 71 -60.99 -76.49 18.97
C LYS P 71 -61.66 -75.73 17.83
N GLY P 72 -61.74 -74.41 17.93
CA GLY P 72 -62.28 -73.56 16.88
C GLY P 72 -61.53 -73.68 15.56
N LEU P 73 -60.20 -73.68 15.59
CA LEU P 73 -59.33 -73.88 14.43
C LEU P 73 -59.17 -75.35 14.00
N LYS P 74 -59.76 -76.30 14.73
CA LYS P 74 -59.63 -77.75 14.49
C LYS P 74 -58.18 -78.26 14.52
N VAL P 75 -57.39 -77.80 15.48
CA VAL P 75 -55.99 -78.22 15.72
C VAL P 75 -55.81 -78.79 17.12
N LYS P 76 -54.82 -79.66 17.32
CA LYS P 76 -54.39 -80.10 18.66
C LYS P 76 -53.32 -79.17 19.21
N VAL P 77 -53.38 -78.85 20.50
CA VAL P 77 -52.43 -77.92 21.13
C VAL P 77 -51.88 -78.48 22.44
N GLU P 78 -50.59 -78.31 22.66
CA GLU P 78 -49.93 -78.47 23.96
C GLU P 78 -49.45 -77.11 24.46
N VAL P 79 -49.74 -76.77 25.71
CA VAL P 79 -49.28 -75.52 26.33
C VAL P 79 -48.33 -75.83 27.49
N PHE P 80 -47.14 -75.23 27.50
CA PHE P 80 -46.07 -75.50 28.45
C PHE P 80 -45.49 -74.21 29.02
N GLN P 81 -45.19 -74.17 30.32
CA GLN P 81 -44.46 -73.08 30.98
C GLN P 81 -43.40 -73.62 31.91
N SER P 82 -42.22 -73.00 31.95
CA SER P 82 -41.21 -73.28 32.97
C SER P 82 -40.36 -72.05 33.27
N ASN P 83 -39.87 -71.93 34.50
CA ASN P 83 -38.88 -70.92 34.88
C ASN P 83 -37.45 -71.31 34.53
N HIS P 84 -37.19 -72.55 34.09
CA HIS P 84 -35.83 -73.03 33.77
C HIS P 84 -35.52 -72.91 32.26
N GLU P 85 -34.45 -72.20 31.92
CA GLU P 85 -33.94 -72.06 30.55
C GLU P 85 -33.67 -73.44 29.90
N GLY P 86 -33.06 -74.36 30.65
CA GLY P 86 -32.77 -75.70 30.18
C GLY P 86 -34.01 -76.57 29.94
N ALA P 87 -35.11 -76.36 30.69
CA ALA P 87 -36.34 -77.11 30.46
C ALA P 87 -37.04 -76.66 29.17
N ILE P 88 -36.92 -75.39 28.80
CA ILE P 88 -37.38 -74.88 27.50
C ILE P 88 -36.56 -75.49 26.36
N ILE P 89 -35.24 -75.54 26.47
CA ILE P 89 -34.39 -76.19 25.47
C ILE P 89 -34.71 -77.68 25.34
N ASP P 90 -34.90 -78.40 26.45
CA ASP P 90 -35.37 -79.78 26.41
C ASP P 90 -36.73 -79.94 25.71
N LYS P 91 -37.70 -79.05 25.98
CA LYS P 91 -39.01 -79.07 25.32
C LYS P 91 -38.89 -78.82 23.81
N LEU P 92 -38.06 -77.87 23.36
CA LEU P 92 -37.79 -77.66 21.94
C LEU P 92 -37.14 -78.88 21.29
N GLN P 93 -36.19 -79.53 21.95
CA GLN P 93 -35.58 -80.76 21.44
C GLN P 93 -36.56 -81.93 21.39
N GLU P 94 -37.44 -82.07 22.38
CA GLU P 94 -38.48 -83.09 22.35
C GLU P 94 -39.47 -82.89 21.20
N ALA P 95 -39.83 -81.63 20.88
CA ALA P 95 -40.74 -81.33 19.79
C ALA P 95 -40.26 -81.85 18.44
N TYR P 96 -38.94 -81.81 18.19
CA TYR P 96 -38.33 -82.32 16.96
C TYR P 96 -38.53 -83.82 16.77
N TYR P 97 -38.57 -84.60 17.85
CA TYR P 97 -38.84 -86.05 17.81
C TYR P 97 -40.34 -86.41 17.81
N ASN P 98 -41.23 -85.43 17.99
CA ASN P 98 -42.67 -85.65 18.15
C ASN P 98 -43.52 -85.07 17.00
N ASP P 99 -42.89 -84.62 15.92
CA ASP P 99 -43.56 -84.15 14.70
C ASP P 99 -44.57 -83.01 14.93
N VAL P 100 -44.20 -82.05 15.77
CA VAL P 100 -44.92 -80.79 15.94
C VAL P 100 -44.94 -80.02 14.62
N ASP P 101 -46.09 -79.52 14.19
CA ASP P 101 -46.24 -78.80 12.92
C ASP P 101 -45.90 -77.31 13.01
N GLY P 102 -45.94 -76.72 14.20
CA GLY P 102 -45.57 -75.32 14.43
C GLY P 102 -45.49 -74.94 15.91
N ILE P 103 -44.68 -73.94 16.21
CA ILE P 103 -44.37 -73.51 17.58
C ILE P 103 -44.76 -72.05 17.80
N VAL P 104 -45.49 -71.76 18.87
CA VAL P 104 -45.68 -70.39 19.36
C VAL P 104 -44.85 -70.23 20.62
N ILE P 105 -43.98 -69.23 20.69
CA ILE P 105 -43.10 -69.05 21.85
C ILE P 105 -43.12 -67.62 22.38
N ASN P 106 -43.22 -67.49 23.70
CA ASN P 106 -43.04 -66.24 24.43
C ASN P 106 -41.90 -66.42 25.42
N PRO P 107 -40.66 -66.03 25.08
CA PRO P 107 -39.51 -66.26 25.94
C PRO P 107 -39.47 -65.43 27.24
N GLY P 108 -40.37 -64.45 27.42
CA GLY P 108 -40.24 -63.47 28.50
C GLY P 108 -38.91 -62.71 28.38
N ALA P 109 -38.19 -62.53 29.49
CA ALA P 109 -36.92 -61.80 29.52
C ALA P 109 -35.77 -62.45 28.72
N PHE P 110 -35.79 -63.78 28.49
CA PHE P 110 -34.75 -64.48 27.72
C PHE P 110 -34.57 -63.93 26.30
N THR P 111 -35.59 -63.29 25.76
CA THR P 111 -35.57 -62.54 24.49
C THR P 111 -34.39 -61.59 24.36
N HIS P 112 -33.94 -61.03 25.49
CA HIS P 112 -32.95 -59.95 25.53
C HIS P 112 -31.54 -60.42 25.91
N TYR P 113 -31.33 -61.72 26.21
CA TYR P 113 -30.00 -62.23 26.58
C TYR P 113 -29.72 -63.73 26.33
N SER P 114 -30.71 -64.61 26.17
CA SER P 114 -30.45 -66.05 26.05
C SER P 114 -30.00 -66.46 24.64
N TYR P 115 -28.70 -66.41 24.39
CA TYR P 115 -28.15 -66.99 23.16
C TYR P 115 -28.28 -68.53 23.12
N ALA P 116 -28.43 -69.20 24.26
CA ALA P 116 -28.69 -70.64 24.27
C ALA P 116 -30.08 -71.00 23.72
N VAL P 117 -31.14 -70.25 24.08
CA VAL P 117 -32.48 -70.47 23.52
C VAL P 117 -32.53 -70.07 22.05
N ARG P 118 -31.86 -68.98 21.64
CA ARG P 118 -31.68 -68.63 20.23
C ARG P 118 -31.12 -69.80 19.44
N ASP P 119 -30.00 -70.36 19.88
CA ASP P 119 -29.35 -71.46 19.18
C ASP P 119 -30.15 -72.77 19.26
N ALA P 120 -30.98 -72.96 20.28
CA ALA P 120 -31.94 -74.07 20.31
C ALA P 120 -32.99 -73.92 19.21
N LEU P 121 -33.58 -72.74 19.04
CA LEU P 121 -34.52 -72.44 17.96
C LEU P 121 -33.86 -72.57 16.58
N ALA P 122 -32.59 -72.16 16.43
CA ALA P 122 -31.84 -72.36 15.20
C ALA P 122 -31.60 -73.84 14.88
N SER P 123 -31.47 -74.71 15.88
CA SER P 123 -31.24 -76.14 15.68
C SER P 123 -32.45 -76.89 15.09
N ILE P 124 -33.67 -76.35 15.19
CA ILE P 124 -34.91 -76.98 14.72
C ILE P 124 -35.54 -76.23 13.52
N ALA P 125 -34.72 -75.74 12.60
CA ALA P 125 -35.11 -74.92 11.46
C ALA P 125 -36.18 -75.53 10.51
N ALA P 126 -36.41 -76.85 10.55
CA ALA P 126 -37.47 -77.49 9.79
C ALA P 126 -38.90 -77.13 10.27
N ILE P 127 -39.05 -76.62 11.50
CA ILE P 127 -40.34 -76.33 12.11
C ILE P 127 -40.58 -74.81 12.09
N PRO P 128 -41.75 -74.31 11.61
CA PRO P 128 -42.07 -72.89 11.67
C PRO P 128 -42.36 -72.43 13.10
N LYS P 129 -41.84 -71.27 13.50
CA LYS P 129 -42.07 -70.70 14.83
C LYS P 129 -42.47 -69.24 14.77
N ILE P 130 -43.43 -68.84 15.61
CA ILE P 130 -43.86 -67.45 15.81
C ILE P 130 -43.49 -67.02 17.22
N GLU P 131 -42.84 -65.87 17.38
CA GLU P 131 -42.54 -65.27 18.68
C GLU P 131 -43.62 -64.29 19.13
N VAL P 132 -44.01 -64.31 20.40
CA VAL P 132 -45.10 -63.49 20.94
C VAL P 132 -44.64 -62.69 22.15
N HIS P 133 -44.97 -61.39 22.20
CA HIS P 133 -44.86 -60.55 23.39
C HIS P 133 -46.19 -59.89 23.75
N ILE P 134 -46.61 -60.03 25.01
CA ILE P 134 -47.89 -59.51 25.49
C ILE P 134 -47.88 -57.98 25.54
N SER P 135 -46.84 -57.39 26.14
CA SER P 135 -46.61 -55.95 26.18
C SER P 135 -45.61 -55.49 25.11
N ASN P 136 -45.53 -54.17 24.88
CA ASN P 136 -44.76 -53.54 23.81
C ASN P 136 -43.24 -53.53 24.07
N VAL P 137 -42.61 -54.69 24.31
CA VAL P 137 -41.25 -54.81 24.87
C VAL P 137 -40.17 -54.00 24.14
N THR P 146 -33.84 -54.30 21.65
CA THR P 146 -33.39 -55.24 20.61
C THR P 146 -33.42 -56.67 21.14
N SER P 147 -33.71 -57.66 20.29
CA SER P 147 -34.00 -59.05 20.67
C SER P 147 -33.09 -60.05 19.96
N VAL P 148 -32.61 -61.08 20.67
CA VAL P 148 -31.68 -62.10 20.13
C VAL P 148 -32.39 -63.27 19.45
N THR P 149 -33.65 -63.54 19.79
CA THR P 149 -34.44 -64.70 19.30
C THR P 149 -35.29 -64.43 18.04
N VAL P 150 -35.53 -63.16 17.67
CA VAL P 150 -36.32 -62.78 16.49
C VAL P 150 -35.80 -63.34 15.15
N PRO P 151 -34.50 -63.21 14.78
CA PRO P 151 -34.04 -63.54 13.43
C PRO P 151 -34.05 -65.04 13.10
N VAL P 152 -34.23 -65.92 14.09
CA VAL P 152 -34.36 -67.38 13.92
C VAL P 152 -35.83 -67.86 13.88
N CYS P 153 -36.79 -66.94 13.79
CA CYS P 153 -38.23 -67.19 13.74
C CYS P 153 -38.88 -66.65 12.45
N GLN P 154 -40.02 -67.22 12.05
CA GLN P 154 -40.75 -66.82 10.83
C GLN P 154 -41.63 -65.57 10.99
N GLY P 155 -41.84 -65.10 12.22
CA GLY P 155 -42.55 -63.86 12.51
C GLY P 155 -42.59 -63.52 14.00
N GLU P 156 -42.86 -62.25 14.33
CA GLU P 156 -43.09 -61.77 15.69
C GLU P 156 -44.46 -61.06 15.79
N VAL P 157 -45.16 -61.26 16.91
CA VAL P 157 -46.41 -60.56 17.27
C VAL P 157 -46.20 -59.84 18.59
N VAL P 158 -46.37 -58.51 18.63
CA VAL P 158 -45.98 -57.68 19.79
C VAL P 158 -47.11 -56.74 20.20
N GLY P 159 -47.38 -56.66 21.50
CA GLY P 159 -48.19 -55.60 22.10
C GLY P 159 -49.71 -55.74 21.94
N LEU P 160 -50.20 -56.86 21.41
CA LEU P 160 -51.64 -57.12 21.23
C LEU P 160 -52.30 -57.78 22.45
N GLY P 161 -51.63 -57.77 23.61
CA GLY P 161 -52.13 -58.42 24.82
C GLY P 161 -52.23 -59.93 24.68
N LEU P 162 -53.23 -60.55 25.32
CA LEU P 162 -53.49 -61.97 25.20
C LEU P 162 -54.01 -62.37 23.80
N GLY P 163 -54.44 -61.41 22.99
CA GLY P 163 -54.82 -61.64 21.59
C GLY P 163 -53.65 -62.07 20.70
N GLY P 164 -52.40 -61.76 21.06
CA GLY P 164 -51.23 -62.08 20.24
C GLY P 164 -51.01 -63.58 20.01
N TYR P 165 -51.32 -64.42 21.00
CA TYR P 165 -51.29 -65.87 20.84
C TYR P 165 -52.29 -66.36 19.80
N LEU P 166 -53.46 -65.73 19.70
CA LEU P 166 -54.50 -66.12 18.77
C LEU P 166 -54.13 -65.76 17.32
N ALA P 167 -53.52 -64.59 17.12
CA ALA P 167 -52.93 -64.28 15.81
C ALA P 167 -51.83 -65.26 15.44
N ALA P 168 -50.93 -65.59 16.37
CA ALA P 168 -49.85 -66.53 16.11
C ALA P 168 -50.36 -67.92 15.70
N MET P 169 -51.40 -68.45 16.36
CA MET P 169 -52.05 -69.69 15.91
C MET P 169 -52.69 -69.54 14.52
N GLY P 170 -53.30 -68.40 14.23
CA GLY P 170 -53.81 -68.11 12.88
C GLY P 170 -52.71 -68.16 11.82
N MET P 171 -51.58 -67.49 12.08
CA MET P 171 -50.43 -67.48 11.18
C MET P 171 -49.78 -68.86 10.97
N LEU P 172 -49.97 -69.83 11.86
CA LEU P 172 -49.49 -71.20 11.68
C LEU P 172 -50.49 -72.08 10.91
N VAL P 173 -51.79 -71.80 11.01
CA VAL P 173 -52.81 -72.49 10.21
C VAL P 173 -52.78 -72.00 8.76
N GLU P 174 -52.46 -70.73 8.51
CA GLU P 174 -52.32 -70.13 7.17
C GLU P 174 -51.08 -70.60 6.39
N MET Q 33 -44.42 -22.34 -84.65
CA MET Q 33 -43.96 -22.62 -83.28
C MET Q 33 -45.03 -23.41 -82.52
N LYS Q 34 -44.62 -24.46 -81.78
CA LYS Q 34 -45.45 -25.33 -80.94
C LYS Q 34 -45.08 -25.18 -79.46
N ILE Q 35 -46.03 -24.85 -78.60
CA ILE Q 35 -45.86 -24.66 -77.15
C ILE Q 35 -46.63 -25.75 -76.39
N LEU Q 36 -46.07 -26.23 -75.27
CA LEU Q 36 -46.76 -27.15 -74.37
C LEU Q 36 -46.97 -26.53 -72.98
N VAL Q 37 -48.21 -26.56 -72.49
CA VAL Q 37 -48.57 -26.08 -71.15
C VAL Q 37 -48.93 -27.26 -70.26
N ILE Q 38 -48.25 -27.42 -69.13
CA ILE Q 38 -48.44 -28.52 -68.18
C ILE Q 38 -48.91 -27.98 -66.83
N ASN Q 39 -50.07 -28.44 -66.37
CA ASN Q 39 -50.63 -28.13 -65.06
C ASN Q 39 -50.58 -29.36 -64.14
N GLY Q 40 -50.09 -29.17 -62.92
CA GLY Q 40 -49.91 -30.21 -61.92
C GLY Q 40 -51.20 -30.62 -61.21
N PRO Q 41 -51.09 -31.34 -60.08
CA PRO Q 41 -52.24 -31.79 -59.29
C PRO Q 41 -53.02 -30.61 -58.71
N ASN Q 42 -54.30 -30.82 -58.45
CA ASN Q 42 -55.24 -29.84 -57.87
C ASN Q 42 -55.58 -28.61 -58.75
N ILE Q 43 -54.84 -28.30 -59.81
CA ILE Q 43 -55.07 -27.09 -60.62
C ILE Q 43 -56.42 -27.11 -61.34
N ASN Q 44 -56.96 -28.29 -61.68
CA ASN Q 44 -58.30 -28.41 -62.28
C ASN Q 44 -59.44 -27.96 -61.35
N PHE Q 45 -59.19 -27.80 -60.05
CA PHE Q 45 -60.13 -27.31 -59.05
C PHE Q 45 -60.03 -25.80 -58.77
N LEU Q 46 -59.35 -25.01 -59.61
CA LEU Q 46 -59.47 -23.54 -59.58
C LEU Q 46 -60.94 -23.09 -59.54
N GLY Q 47 -61.26 -22.13 -58.70
CA GLY Q 47 -62.62 -21.62 -58.53
C GLY Q 47 -63.55 -22.52 -57.69
N ILE Q 48 -63.12 -23.73 -57.34
CA ILE Q 48 -63.72 -24.56 -56.28
C ILE Q 48 -62.85 -24.44 -55.02
N PRO Q 56 -63.96 -16.12 -58.94
CA PRO Q 56 -64.99 -16.88 -59.67
C PRO Q 56 -64.46 -17.58 -60.93
N LEU Q 57 -63.26 -17.23 -61.44
CA LEU Q 57 -62.69 -17.86 -62.62
C LEU Q 57 -62.30 -19.31 -62.34
N ASN Q 58 -62.69 -20.22 -63.25
CA ASN Q 58 -62.42 -21.65 -63.11
C ASN Q 58 -61.36 -22.13 -64.13
N TYR Q 59 -61.03 -23.42 -64.09
CA TYR Q 59 -60.00 -23.99 -64.96
C TYR Q 59 -60.35 -23.88 -66.46
N ASP Q 60 -61.62 -24.00 -66.86
CA ASP Q 60 -62.00 -23.85 -68.26
C ASP Q 60 -61.85 -22.41 -68.77
N ASP Q 61 -62.03 -21.41 -67.90
CA ASP Q 61 -61.74 -20.02 -68.24
C ASP Q 61 -60.26 -19.82 -68.56
N LEU Q 62 -59.37 -20.38 -67.75
CA LEU Q 62 -57.93 -20.34 -67.98
C LEU Q 62 -57.55 -21.03 -69.30
N VAL Q 63 -58.14 -22.19 -69.61
CA VAL Q 63 -57.87 -22.88 -70.87
C VAL Q 63 -58.31 -22.05 -72.07
N GLU Q 64 -59.48 -21.39 -72.01
CA GLU Q 64 -59.94 -20.53 -73.10
C GLU Q 64 -59.04 -19.29 -73.28
N MET Q 65 -58.58 -18.67 -72.19
CA MET Q 65 -57.61 -17.56 -72.26
C MET Q 65 -56.30 -17.96 -72.91
N ILE Q 66 -55.76 -19.13 -72.57
CA ILE Q 66 -54.54 -19.66 -73.19
C ILE Q 66 -54.75 -19.94 -74.68
N LYS Q 67 -55.82 -20.64 -75.06
CA LYS Q 67 -56.10 -20.93 -76.47
C LYS Q 67 -56.35 -19.69 -77.31
N GLY Q 68 -57.06 -18.69 -76.78
CA GLY Q 68 -57.24 -17.40 -77.45
C GLY Q 68 -55.93 -16.64 -77.61
N THR Q 69 -55.09 -16.63 -76.58
CA THR Q 69 -53.77 -15.98 -76.66
C THR Q 69 -52.83 -16.67 -77.64
N ALA Q 70 -52.89 -18.00 -77.78
CA ALA Q 70 -52.09 -18.71 -78.77
C ALA Q 70 -52.41 -18.27 -80.21
N LYS Q 71 -53.70 -18.08 -80.56
CA LYS Q 71 -54.08 -17.48 -81.85
C LYS Q 71 -53.57 -16.05 -81.99
N GLY Q 72 -53.64 -15.26 -80.92
CA GLY Q 72 -53.11 -13.90 -80.89
C GLY Q 72 -51.62 -13.83 -81.20
N LEU Q 73 -50.81 -14.69 -80.58
CA LEU Q 73 -49.37 -14.80 -80.81
C LEU Q 73 -48.97 -15.59 -82.06
N LYS Q 74 -49.93 -16.14 -82.81
CA LYS Q 74 -49.71 -17.02 -83.99
C LYS Q 74 -48.84 -18.25 -83.67
N VAL Q 75 -49.20 -18.99 -82.62
CA VAL Q 75 -48.55 -20.24 -82.21
C VAL Q 75 -49.57 -21.36 -82.02
N LYS Q 76 -49.12 -22.61 -82.05
CA LYS Q 76 -49.94 -23.79 -81.68
C LYS Q 76 -49.68 -24.14 -80.23
N VAL Q 77 -50.72 -24.46 -79.47
CA VAL Q 77 -50.61 -24.78 -78.05
C VAL Q 77 -51.34 -26.08 -77.70
N GLU Q 78 -50.72 -26.89 -76.86
CA GLU Q 78 -51.36 -28.02 -76.18
C GLU Q 78 -51.39 -27.72 -74.68
N VAL Q 79 -52.56 -27.88 -74.05
CA VAL Q 79 -52.73 -27.73 -72.60
C VAL Q 79 -53.06 -29.07 -71.98
N PHE Q 80 -52.29 -29.49 -70.97
CA PHE Q 80 -52.41 -30.77 -70.30
C PHE Q 80 -52.49 -30.60 -68.78
N GLN Q 81 -53.34 -31.38 -68.11
CA GLN Q 81 -53.39 -31.46 -66.65
C GLN Q 81 -53.49 -32.91 -66.19
N SER Q 82 -52.77 -33.28 -65.13
CA SER Q 82 -52.97 -34.56 -64.46
C SER Q 82 -52.64 -34.49 -62.97
N ASN Q 83 -53.33 -35.27 -62.16
CA ASN Q 83 -53.01 -35.43 -60.74
C ASN Q 83 -51.88 -36.44 -60.47
N HIS Q 84 -51.40 -37.17 -61.48
CA HIS Q 84 -50.34 -38.17 -61.33
C HIS Q 84 -48.96 -37.61 -61.66
N GLU Q 85 -48.00 -37.72 -60.75
CA GLU Q 85 -46.60 -37.33 -60.96
C GLU Q 85 -45.98 -38.06 -62.15
N GLY Q 86 -46.25 -39.35 -62.31
CA GLY Q 86 -45.74 -40.14 -63.43
C GLY Q 86 -46.32 -39.73 -64.79
N ALA Q 87 -47.55 -39.25 -64.85
CA ALA Q 87 -48.15 -38.80 -66.10
C ALA Q 87 -47.53 -37.49 -66.58
N ILE Q 88 -47.11 -36.61 -65.66
CA ILE Q 88 -46.33 -35.41 -65.99
C ILE Q 88 -44.98 -35.81 -66.58
N ILE Q 89 -44.26 -36.74 -65.96
CA ILE Q 89 -42.96 -37.19 -66.47
C ILE Q 89 -43.12 -37.85 -67.85
N ASP Q 90 -44.14 -38.68 -68.07
CA ASP Q 90 -44.43 -39.20 -69.40
C ASP Q 90 -44.70 -38.10 -70.43
N LYS Q 91 -45.44 -37.05 -70.07
CA LYS Q 91 -45.74 -35.92 -70.95
C LYS Q 91 -44.48 -35.13 -71.28
N LEU Q 92 -43.57 -34.92 -70.33
CA LEU Q 92 -42.28 -34.30 -70.57
C LEU Q 92 -41.38 -35.16 -71.47
N GLN Q 93 -41.36 -36.48 -71.30
CA GLN Q 93 -40.61 -37.36 -72.17
C GLN Q 93 -41.24 -37.44 -73.57
N GLU Q 94 -42.56 -37.38 -73.70
CA GLU Q 94 -43.22 -37.30 -75.00
C GLU Q 94 -42.88 -36.00 -75.72
N ALA Q 95 -42.81 -34.87 -75.02
CA ALA Q 95 -42.48 -33.58 -75.61
C ALA Q 95 -41.13 -33.59 -76.32
N TYR Q 96 -40.13 -34.27 -75.77
CA TYR Q 96 -38.81 -34.41 -76.36
C TYR Q 96 -38.83 -35.13 -77.73
N TYR Q 97 -39.69 -36.12 -77.91
CA TYR Q 97 -39.82 -36.83 -79.18
C TYR Q 97 -40.72 -36.12 -80.21
N ASN Q 98 -41.43 -35.06 -79.81
CA ASN Q 98 -42.43 -34.38 -80.64
C ASN Q 98 -42.05 -32.95 -81.03
N ASP Q 99 -40.81 -32.54 -80.79
CA ASP Q 99 -40.25 -31.24 -81.21
C ASP Q 99 -41.08 -30.03 -80.71
N VAL Q 100 -41.46 -30.07 -79.44
CA VAL Q 100 -42.00 -28.90 -78.73
C VAL Q 100 -40.93 -27.81 -78.65
N ASP Q 101 -41.28 -26.57 -78.98
CA ASP Q 101 -40.35 -25.45 -79.01
C ASP Q 101 -40.16 -24.77 -77.66
N GLY Q 102 -41.11 -24.92 -76.73
CA GLY Q 102 -41.02 -24.40 -75.37
C GLY Q 102 -42.11 -24.92 -74.46
N ILE Q 103 -41.84 -24.93 -73.15
CA ILE Q 103 -42.73 -25.50 -72.13
C ILE Q 103 -43.11 -24.46 -71.08
N VAL Q 104 -44.39 -24.35 -70.75
CA VAL Q 104 -44.87 -23.61 -69.59
C VAL Q 104 -45.36 -24.62 -68.56
N ILE Q 105 -44.87 -24.57 -67.32
CA ILE Q 105 -45.25 -25.56 -66.31
C ILE Q 105 -45.65 -24.92 -64.98
N ASN Q 106 -46.78 -25.36 -64.43
CA ASN Q 106 -47.21 -25.05 -63.07
C ASN Q 106 -47.32 -26.37 -62.28
N PRO Q 107 -46.28 -26.78 -61.54
CA PRO Q 107 -46.27 -28.06 -60.85
C PRO Q 107 -47.25 -28.17 -59.67
N GLY Q 108 -47.90 -27.09 -59.24
CA GLY Q 108 -48.60 -27.07 -57.96
C GLY Q 108 -47.66 -27.44 -56.80
N ALA Q 109 -48.12 -28.26 -55.86
CA ALA Q 109 -47.34 -28.66 -54.69
C ALA Q 109 -46.06 -29.46 -54.99
N PHE Q 110 -45.96 -30.15 -56.13
CA PHE Q 110 -44.73 -30.88 -56.51
C PHE Q 110 -43.48 -30.00 -56.58
N THR Q 111 -43.65 -28.69 -56.72
CA THR Q 111 -42.61 -27.67 -56.63
C THR Q 111 -41.76 -27.76 -55.37
N HIS Q 112 -42.34 -28.24 -54.27
CA HIS Q 112 -41.73 -28.23 -52.94
C HIS Q 112 -41.18 -29.60 -52.49
N TYR Q 113 -41.34 -30.66 -53.29
CA TYR Q 113 -40.83 -31.99 -52.93
C TYR Q 113 -40.50 -32.96 -54.08
N SER Q 114 -40.97 -32.75 -55.32
CA SER Q 114 -40.76 -33.73 -56.39
C SER Q 114 -39.38 -33.61 -57.03
N TYR Q 115 -38.38 -34.26 -56.44
CA TYR Q 115 -37.07 -34.40 -57.06
C TYR Q 115 -37.15 -35.24 -58.35
N ALA Q 116 -38.17 -36.08 -58.54
CA ALA Q 116 -38.38 -36.80 -59.78
C ALA Q 116 -38.80 -35.87 -60.93
N VAL Q 117 -39.70 -34.92 -60.72
CA VAL Q 117 -40.08 -33.92 -61.73
C VAL Q 117 -38.94 -32.93 -61.98
N ARG Q 118 -38.18 -32.53 -60.95
CA ARG Q 118 -36.94 -31.77 -61.13
C ARG Q 118 -36.02 -32.47 -62.12
N ASP Q 119 -35.68 -33.73 -61.85
CA ASP Q 119 -34.75 -34.47 -62.70
C ASP Q 119 -35.35 -34.79 -64.08
N ALA Q 120 -36.67 -34.90 -64.22
CA ALA Q 120 -37.31 -35.00 -65.53
C ALA Q 120 -37.09 -33.72 -66.35
N LEU Q 121 -37.27 -32.55 -65.75
CA LEU Q 121 -36.99 -31.26 -66.41
C LEU Q 121 -35.51 -31.12 -66.75
N ALA Q 122 -34.60 -31.58 -65.89
CA ALA Q 122 -33.17 -31.62 -66.20
C ALA Q 122 -32.84 -32.54 -67.39
N SER Q 123 -33.56 -33.65 -67.55
CA SER Q 123 -33.30 -34.62 -68.63
C SER Q 123 -33.61 -34.10 -70.03
N ILE Q 124 -34.33 -32.97 -70.17
CA ILE Q 124 -34.70 -32.34 -71.44
C ILE Q 124 -34.14 -30.91 -71.55
N ALA Q 125 -32.91 -30.70 -71.10
CA ALA Q 125 -32.25 -29.39 -71.07
C ALA Q 125 -32.19 -28.63 -72.42
N ALA Q 126 -32.36 -29.32 -73.54
CA ALA Q 126 -32.42 -28.72 -74.87
C ALA Q 126 -33.67 -27.86 -75.13
N ILE Q 127 -34.74 -28.00 -74.34
CA ILE Q 127 -36.02 -27.30 -74.54
C ILE Q 127 -36.15 -26.19 -73.48
N PRO Q 128 -36.46 -24.93 -73.83
CA PRO Q 128 -36.64 -23.87 -72.86
C PRO Q 128 -37.94 -24.05 -72.08
N LYS Q 129 -37.92 -23.85 -70.76
CA LYS Q 129 -39.12 -23.91 -69.91
C LYS Q 129 -39.26 -22.72 -68.99
N ILE Q 130 -40.49 -22.27 -68.79
CA ILE Q 130 -40.86 -21.25 -67.79
C ILE Q 130 -41.75 -21.90 -66.74
N GLU Q 131 -41.41 -21.76 -65.47
CA GLU Q 131 -42.26 -22.18 -64.35
C GLU Q 131 -43.26 -21.08 -63.95
N VAL Q 132 -44.51 -21.43 -63.62
CA VAL Q 132 -45.59 -20.49 -63.30
C VAL Q 132 -46.26 -20.83 -61.97
N HIS Q 133 -46.48 -19.84 -61.12
CA HIS Q 133 -47.34 -19.93 -59.93
C HIS Q 133 -48.42 -18.86 -59.92
N ILE Q 134 -49.68 -19.27 -59.74
CA ILE Q 134 -50.84 -18.36 -59.75
C ILE Q 134 -50.83 -17.44 -58.53
N SER Q 135 -50.60 -18.01 -57.35
CA SER Q 135 -50.48 -17.29 -56.08
C SER Q 135 -49.02 -17.16 -55.63
N ASN Q 136 -48.75 -16.29 -54.64
CA ASN Q 136 -47.41 -15.90 -54.18
C ASN Q 136 -46.72 -16.98 -53.34
N VAL Q 137 -46.56 -18.21 -53.84
CA VAL Q 137 -46.17 -19.41 -53.07
C VAL Q 137 -44.94 -19.23 -52.18
N THR Q 146 -39.03 -22.25 -50.41
CA THR Q 146 -37.98 -22.60 -51.38
C THR Q 146 -38.42 -23.79 -52.24
N SER Q 147 -37.97 -23.84 -53.50
CA SER Q 147 -38.51 -24.72 -54.55
C SER Q 147 -37.43 -25.59 -55.22
N VAL Q 148 -37.76 -26.83 -55.58
CA VAL Q 148 -36.79 -27.78 -56.17
C VAL Q 148 -36.73 -27.72 -57.71
N THR Q 149 -37.79 -27.28 -58.38
CA THR Q 149 -37.91 -27.27 -59.86
C THR Q 149 -37.40 -25.97 -60.53
N VAL Q 150 -37.18 -24.89 -59.77
CA VAL Q 150 -36.75 -23.58 -60.29
C VAL Q 150 -35.41 -23.56 -61.04
N PRO Q 151 -34.29 -24.10 -60.51
CA PRO Q 151 -32.97 -23.90 -61.11
C PRO Q 151 -32.72 -24.68 -62.41
N VAL Q 152 -33.64 -25.59 -62.78
CA VAL Q 152 -33.63 -26.33 -64.05
C VAL Q 152 -34.57 -25.74 -65.12
N CYS Q 153 -35.06 -24.52 -64.88
CA CYS Q 153 -35.90 -23.73 -65.79
C CYS Q 153 -35.24 -22.38 -66.15
N GLN Q 154 -35.59 -21.81 -67.31
CA GLN Q 154 -35.00 -20.56 -67.81
C GLN Q 154 -35.64 -19.29 -67.20
N GLY Q 155 -36.73 -19.43 -66.44
CA GLY Q 155 -37.36 -18.34 -65.69
C GLY Q 155 -38.55 -18.82 -64.86
N GLU Q 156 -38.97 -18.02 -63.89
CA GLU Q 156 -40.20 -18.23 -63.12
C GLU Q 156 -41.09 -16.98 -63.15
N VAL Q 157 -42.41 -17.16 -63.18
CA VAL Q 157 -43.42 -16.10 -63.05
C VAL Q 157 -44.32 -16.42 -61.88
N VAL Q 158 -44.45 -15.50 -60.91
CA VAL Q 158 -45.11 -15.78 -59.63
C VAL Q 158 -46.10 -14.68 -59.25
N GLY Q 159 -47.30 -15.06 -58.79
CA GLY Q 159 -48.23 -14.16 -58.11
C GLY Q 159 -49.01 -13.19 -59.01
N LEU Q 160 -48.92 -13.31 -60.33
CA LEU Q 160 -49.65 -12.48 -61.29
C LEU Q 160 -51.04 -13.03 -61.64
N GLY Q 161 -51.58 -13.95 -60.84
CA GLY Q 161 -52.85 -14.60 -61.13
C GLY Q 161 -52.81 -15.41 -62.42
N LEU Q 162 -53.94 -15.49 -63.14
CA LEU Q 162 -54.01 -16.18 -64.43
C LEU Q 162 -53.20 -15.44 -65.51
N GLY Q 163 -52.79 -14.19 -65.29
CA GLY Q 163 -51.90 -13.45 -66.19
C GLY Q 163 -50.49 -14.04 -66.29
N GLY Q 164 -50.04 -14.82 -65.30
CA GLY Q 164 -48.69 -15.40 -65.31
C GLY Q 164 -48.42 -16.36 -66.47
N TYR Q 165 -49.44 -17.09 -66.93
CA TYR Q 165 -49.34 -17.94 -68.12
C TYR Q 165 -49.12 -17.12 -69.39
N LEU Q 166 -49.76 -15.96 -69.49
CA LEU Q 166 -49.66 -15.11 -70.68
C LEU Q 166 -48.28 -14.45 -70.77
N ALA Q 167 -47.72 -14.04 -69.64
CA ALA Q 167 -46.32 -13.63 -69.61
C ALA Q 167 -45.39 -14.76 -70.02
N ALA Q 168 -45.57 -15.98 -69.50
CA ALA Q 168 -44.74 -17.11 -69.85
C ALA Q 168 -44.79 -17.45 -71.34
N MET Q 169 -45.96 -17.43 -71.98
CA MET Q 169 -46.05 -17.58 -73.44
C MET Q 169 -45.32 -16.45 -74.18
N GLY Q 170 -45.46 -15.20 -73.74
CA GLY Q 170 -44.72 -14.08 -74.31
C GLY Q 170 -43.21 -14.24 -74.19
N MET Q 171 -42.71 -14.65 -73.02
CA MET Q 171 -41.29 -14.89 -72.80
C MET Q 171 -40.72 -16.03 -73.64
N LEU Q 172 -41.53 -16.98 -74.10
CA LEU Q 172 -41.09 -18.04 -75.01
C LEU Q 172 -41.09 -17.61 -76.48
N VAL Q 173 -42.00 -16.70 -76.88
CA VAL Q 173 -42.00 -16.12 -78.22
C VAL Q 173 -40.84 -15.13 -78.41
N GLU Q 174 -40.43 -14.42 -77.36
CA GLU Q 174 -39.29 -13.50 -77.34
C GLU Q 174 -37.92 -14.18 -77.47
N MET R 33 -92.88 -20.04 24.49
CA MET R 33 -91.73 -19.13 24.24
C MET R 33 -92.19 -17.87 23.52
N LYS R 34 -91.69 -16.71 23.94
CA LYS R 34 -91.97 -15.37 23.39
C LYS R 34 -90.72 -14.72 22.80
N ILE R 35 -90.74 -14.34 21.53
CA ILE R 35 -89.64 -13.68 20.81
C ILE R 35 -89.99 -12.23 20.50
N LEU R 36 -89.02 -11.32 20.56
CA LEU R 36 -89.15 -9.93 20.13
C LEU R 36 -88.23 -9.62 18.95
N VAL R 37 -88.79 -9.10 17.87
CA VAL R 37 -88.03 -8.68 16.68
C VAL R 37 -88.02 -7.16 16.58
N ILE R 38 -86.84 -6.55 16.57
CA ILE R 38 -86.64 -5.10 16.51
C ILE R 38 -85.94 -4.72 15.21
N ASN R 39 -86.56 -3.84 14.43
CA ASN R 39 -86.01 -3.25 13.22
C ASN R 39 -85.70 -1.77 13.43
N GLY R 40 -84.50 -1.33 13.06
CA GLY R 40 -84.02 0.03 13.21
C GLY R 40 -84.58 1.03 12.17
N PRO R 41 -83.96 2.21 12.04
CA PRO R 41 -84.38 3.22 11.08
C PRO R 41 -84.24 2.73 9.63
N ASN R 42 -85.04 3.29 8.73
CA ASN R 42 -85.08 2.99 7.29
C ASN R 42 -85.54 1.58 6.88
N ILE R 43 -85.59 0.59 7.76
CA ILE R 43 -85.95 -0.79 7.39
C ILE R 43 -87.38 -0.88 6.83
N ASN R 44 -88.31 -0.03 7.26
CA ASN R 44 -89.67 0.01 6.73
C ASN R 44 -89.76 0.40 5.24
N PHE R 45 -88.67 0.91 4.66
CA PHE R 45 -88.54 1.27 3.25
C PHE R 45 -87.87 0.18 2.38
N LEU R 46 -87.71 -1.06 2.88
CA LEU R 46 -87.38 -2.20 2.01
C LEU R 46 -88.27 -2.24 0.76
N GLY R 47 -87.67 -2.46 -0.40
CA GLY R 47 -88.39 -2.52 -1.68
C GLY R 47 -88.74 -1.15 -2.28
N ILE R 48 -88.58 -0.07 -1.54
CA ILE R 48 -88.50 1.31 -2.07
C ILE R 48 -87.01 1.70 -2.21
N PRO R 56 -88.06 -7.08 -5.33
CA PRO R 56 -89.44 -6.61 -5.28
C PRO R 56 -90.13 -6.81 -3.92
N LEU R 57 -89.56 -7.62 -3.02
CA LEU R 57 -90.14 -7.86 -1.69
C LEU R 57 -90.06 -6.61 -0.81
N ASN R 58 -91.11 -6.32 -0.05
CA ASN R 58 -91.20 -5.14 0.81
C ASN R 58 -91.28 -5.51 2.31
N TYR R 59 -91.41 -4.50 3.17
CA TYR R 59 -91.47 -4.70 4.61
C TYR R 59 -92.67 -5.53 5.08
N ASP R 60 -93.85 -5.40 4.46
CA ASP R 60 -95.00 -6.22 4.82
C ASP R 60 -94.80 -7.70 4.46
N ASP R 61 -94.08 -7.99 3.38
CA ASP R 61 -93.71 -9.37 3.03
C ASP R 61 -92.80 -9.99 4.09
N LEU R 62 -91.81 -9.22 4.58
CA LEU R 62 -90.94 -9.65 5.66
C LEU R 62 -91.73 -9.90 6.97
N VAL R 63 -92.67 -9.02 7.33
CA VAL R 63 -93.51 -9.22 8.51
C VAL R 63 -94.34 -10.50 8.38
N GLU R 64 -94.94 -10.76 7.22
CA GLU R 64 -95.71 -11.99 7.01
C GLU R 64 -94.83 -13.25 7.07
N MET R 65 -93.63 -13.24 6.49
CA MET R 65 -92.68 -14.35 6.61
C MET R 65 -92.30 -14.64 8.06
N ILE R 66 -92.07 -13.61 8.87
CA ILE R 66 -91.73 -13.77 10.28
C ILE R 66 -92.93 -14.33 11.07
N LYS R 67 -94.12 -13.77 10.91
CA LYS R 67 -95.32 -14.25 11.61
C LYS R 67 -95.73 -15.67 11.21
N GLY R 68 -95.60 -16.03 9.93
CA GLY R 68 -95.83 -17.41 9.47
C GLY R 68 -94.81 -18.39 10.04
N THR R 69 -93.53 -18.02 10.06
CA THR R 69 -92.48 -18.87 10.64
C THR R 69 -92.66 -19.07 12.14
N ALA R 70 -93.12 -18.05 12.88
CA ALA R 70 -93.39 -18.18 14.31
C ALA R 70 -94.44 -19.26 14.62
N LYS R 71 -95.53 -19.31 13.86
CA LYS R 71 -96.51 -20.41 13.96
C LYS R 71 -95.88 -21.77 13.64
N GLY R 72 -95.02 -21.82 12.62
CA GLY R 72 -94.30 -23.03 12.26
C GLY R 72 -93.40 -23.57 13.37
N LEU R 73 -92.63 -22.69 14.01
CA LEU R 73 -91.78 -23.03 15.16
C LEU R 73 -92.54 -23.12 16.49
N LYS R 74 -93.86 -22.89 16.51
CA LYS R 74 -94.71 -22.90 17.71
C LYS R 74 -94.28 -21.90 18.79
N VAL R 75 -93.95 -20.67 18.40
CA VAL R 75 -93.56 -19.56 19.29
C VAL R 75 -94.47 -18.34 19.10
N LYS R 76 -94.62 -17.51 20.14
CA LYS R 76 -95.23 -16.18 20.01
C LYS R 76 -94.19 -15.16 19.58
N VAL R 77 -94.55 -14.22 18.71
CA VAL R 77 -93.64 -13.18 18.20
C VAL R 77 -94.28 -11.80 18.22
N GLU R 78 -93.50 -10.79 18.60
CA GLU R 78 -93.80 -9.37 18.39
C GLU R 78 -92.78 -8.79 17.42
N VAL R 79 -93.24 -8.09 16.38
CA VAL R 79 -92.37 -7.39 15.43
C VAL R 79 -92.55 -5.88 15.56
N PHE R 80 -91.46 -5.15 15.76
CA PHE R 80 -91.46 -3.70 16.02
C PHE R 80 -90.45 -2.98 15.12
N GLN R 81 -90.81 -1.80 14.62
CA GLN R 81 -89.91 -0.91 13.90
C GLN R 81 -90.10 0.54 14.35
N SER R 82 -89.01 1.29 14.48
CA SER R 82 -89.07 2.74 14.67
C SER R 82 -87.85 3.44 14.08
N ASN R 83 -88.02 4.69 13.64
CA ASN R 83 -86.92 5.54 13.19
C ASN R 83 -86.22 6.27 14.35
N HIS R 84 -86.74 6.24 15.57
CA HIS R 84 -86.17 6.92 16.73
C HIS R 84 -85.26 6.01 17.56
N GLU R 85 -84.01 6.39 17.76
CA GLU R 85 -83.05 5.66 18.61
C GLU R 85 -83.58 5.45 20.03
N GLY R 86 -84.21 6.46 20.63
CA GLY R 86 -84.77 6.37 21.97
C GLY R 86 -85.98 5.43 22.08
N ALA R 87 -86.78 5.28 21.02
CA ALA R 87 -87.91 4.35 21.04
C ALA R 87 -87.45 2.90 21.02
N ILE R 88 -86.32 2.60 20.40
CA ILE R 88 -85.69 1.29 20.45
C ILE R 88 -85.19 1.00 21.87
N ILE R 89 -84.52 1.96 22.52
CA ILE R 89 -84.06 1.80 23.91
C ILE R 89 -85.24 1.59 24.85
N ASP R 90 -86.33 2.33 24.71
CA ASP R 90 -87.56 2.08 25.48
C ASP R 90 -88.12 0.67 25.26
N LYS R 91 -88.13 0.17 24.02
CA LYS R 91 -88.60 -1.18 23.68
C LYS R 91 -87.71 -2.26 24.29
N LEU R 92 -86.39 -2.10 24.26
CA LEU R 92 -85.46 -3.00 24.93
C LEU R 92 -85.66 -3.02 26.45
N GLN R 93 -85.92 -1.88 27.08
CA GLN R 93 -86.23 -1.80 28.50
C GLN R 93 -87.60 -2.41 28.81
N GLU R 94 -88.62 -2.20 27.98
CA GLU R 94 -89.93 -2.83 28.15
C GLU R 94 -89.83 -4.37 28.09
N ALA R 95 -89.00 -4.92 27.21
CA ALA R 95 -88.81 -6.37 27.08
C ALA R 95 -88.35 -7.03 28.39
N TYR R 96 -87.48 -6.36 29.15
CA TYR R 96 -86.98 -6.85 30.43
C TYR R 96 -88.08 -6.99 31.49
N TYR R 97 -89.08 -6.12 31.50
CA TYR R 97 -90.23 -6.21 32.40
C TYR R 97 -91.34 -7.16 31.92
N ASN R 98 -91.23 -7.71 30.71
CA ASN R 98 -92.27 -8.53 30.07
C ASN R 98 -91.84 -9.98 29.78
N ASP R 99 -90.69 -10.41 30.32
CA ASP R 99 -90.21 -11.79 30.25
C ASP R 99 -90.11 -12.34 28.81
N VAL R 100 -89.57 -11.53 27.89
CA VAL R 100 -89.17 -11.97 26.55
C VAL R 100 -88.06 -13.02 26.67
N ASP R 101 -88.17 -14.13 25.94
CA ASP R 101 -87.20 -15.23 26.01
C ASP R 101 -85.99 -15.04 25.10
N GLY R 102 -86.11 -14.24 24.04
CA GLY R 102 -85.01 -13.93 23.13
C GLY R 102 -85.33 -12.78 22.19
N ILE R 103 -84.29 -12.09 21.70
CA ILE R 103 -84.39 -10.88 20.88
C ILE R 103 -83.69 -11.06 19.54
N VAL R 104 -84.35 -10.72 18.45
CA VAL R 104 -83.73 -10.57 17.14
C VAL R 104 -83.67 -9.08 16.82
N ILE R 105 -82.50 -8.53 16.52
CA ILE R 105 -82.36 -7.10 16.24
C ILE R 105 -81.61 -6.81 14.95
N ASN R 106 -82.17 -5.94 14.11
CA ASN R 106 -81.49 -5.35 12.96
C ASN R 106 -81.41 -3.83 13.18
N PRO R 107 -80.29 -3.30 13.71
CA PRO R 107 -80.19 -1.88 14.04
C PRO R 107 -80.16 -0.95 12.82
N GLY R 108 -80.02 -1.44 11.59
CA GLY R 108 -79.68 -0.59 10.46
C GLY R 108 -78.35 0.15 10.69
N ALA R 109 -78.27 1.43 10.31
CA ALA R 109 -77.05 2.23 10.41
C ALA R 109 -76.54 2.45 11.85
N PHE R 110 -77.40 2.36 12.88
CA PHE R 110 -76.98 2.50 14.28
C PHE R 110 -75.91 1.49 14.71
N THR R 111 -75.77 0.38 13.99
CA THR R 111 -74.70 -0.62 14.13
C THR R 111 -73.31 -0.01 14.14
N HIS R 112 -73.12 1.10 13.43
CA HIS R 112 -71.81 1.71 13.16
C HIS R 112 -71.52 2.97 13.99
N TYR R 113 -72.45 3.40 14.86
CA TYR R 113 -72.23 4.59 15.70
C TYR R 113 -73.03 4.67 17.02
N SER R 114 -74.13 3.93 17.21
CA SER R 114 -74.96 4.08 18.41
C SER R 114 -74.39 3.34 19.62
N TYR R 115 -73.50 4.00 20.37
CA TYR R 115 -73.08 3.50 21.68
C TYR R 115 -74.23 3.48 22.69
N ALA R 116 -75.26 4.31 22.53
CA ALA R 116 -76.44 4.26 23.39
C ALA R 116 -77.21 2.95 23.23
N VAL R 117 -77.43 2.47 21.99
CA VAL R 117 -78.08 1.18 21.75
C VAL R 117 -77.19 0.01 22.14
N ARG R 118 -75.87 0.10 21.94
CA ARG R 118 -74.91 -0.88 22.49
C ARG R 118 -75.09 -1.04 24.00
N ASP R 119 -75.03 0.06 24.74
CA ASP R 119 -75.14 0.01 26.19
C ASP R 119 -76.55 -0.38 26.67
N ALA R 120 -77.60 -0.11 25.89
CA ALA R 120 -78.93 -0.65 26.18
C ALA R 120 -78.95 -2.17 26.08
N LEU R 121 -78.39 -2.76 25.02
CA LEU R 121 -78.25 -4.21 24.88
C LEU R 121 -77.37 -4.82 25.98
N ALA R 122 -76.30 -4.14 26.37
CA ALA R 122 -75.47 -4.56 27.50
C ALA R 122 -76.22 -4.54 28.83
N SER R 123 -77.17 -3.64 29.02
CA SER R 123 -77.94 -3.53 30.27
C SER R 123 -78.89 -4.70 30.54
N ILE R 124 -79.29 -5.44 29.50
CA ILE R 124 -80.22 -6.59 29.59
C ILE R 124 -79.53 -7.93 29.32
N ALA R 125 -78.29 -8.11 29.79
CA ALA R 125 -77.44 -9.28 29.53
C ALA R 125 -78.06 -10.65 29.90
N ALA R 126 -79.11 -10.69 30.72
CA ALA R 126 -79.85 -11.91 31.03
C ALA R 126 -80.63 -12.50 29.83
N ILE R 127 -80.91 -11.72 28.79
CA ILE R 127 -81.74 -12.14 27.64
C ILE R 127 -80.82 -12.41 26.43
N PRO R 128 -80.95 -13.55 25.73
CA PRO R 128 -80.16 -13.84 24.54
C PRO R 128 -80.61 -12.98 23.36
N LYS R 129 -79.67 -12.41 22.60
CA LYS R 129 -79.95 -11.62 21.40
C LYS R 129 -79.12 -12.05 20.20
N ILE R 130 -79.72 -12.04 19.02
CA ILE R 130 -79.05 -12.24 17.73
C ILE R 130 -79.15 -10.97 16.89
N GLU R 131 -78.03 -10.50 16.36
CA GLU R 131 -78.01 -9.37 15.44
C GLU R 131 -78.18 -9.82 13.98
N VAL R 132 -78.96 -9.11 13.17
CA VAL R 132 -79.25 -9.46 11.77
C VAL R 132 -78.91 -8.31 10.83
N HIS R 133 -78.22 -8.60 9.72
CA HIS R 133 -78.07 -7.68 8.57
C HIS R 133 -78.50 -8.33 7.27
N ILE R 134 -79.36 -7.64 6.52
CA ILE R 134 -79.94 -8.15 5.27
C ILE R 134 -78.89 -8.19 4.16
N SER R 135 -78.10 -7.12 4.03
CA SER R 135 -76.97 -7.02 3.09
C SER R 135 -75.62 -7.21 3.78
N ASN R 136 -74.56 -7.40 2.99
CA ASN R 136 -73.21 -7.73 3.45
C ASN R 136 -72.46 -6.54 4.06
N VAL R 137 -73.03 -5.86 5.06
CA VAL R 137 -72.58 -4.54 5.57
C VAL R 137 -71.09 -4.45 5.88
N THR R 146 -66.63 -2.24 10.64
CA THR R 146 -66.62 -2.72 12.05
C THR R 146 -67.85 -2.16 12.79
N SER R 147 -68.37 -2.92 13.76
CA SER R 147 -69.68 -2.70 14.37
C SER R 147 -69.61 -2.60 15.89
N VAL R 148 -70.37 -1.69 16.51
CA VAL R 148 -70.33 -1.47 17.98
C VAL R 148 -71.30 -2.37 18.76
N THR R 149 -72.37 -2.88 18.14
CA THR R 149 -73.42 -3.69 18.79
C THR R 149 -73.17 -5.21 18.80
N VAL R 150 -72.24 -5.73 17.99
CA VAL R 150 -71.99 -7.17 17.87
C VAL R 150 -71.48 -7.85 19.17
N PRO R 151 -70.46 -7.32 19.89
CA PRO R 151 -69.87 -8.06 21.01
C PRO R 151 -70.76 -8.19 22.27
N VAL R 152 -71.89 -7.47 22.32
CA VAL R 152 -72.91 -7.56 23.38
C VAL R 152 -74.09 -8.47 23.02
N CYS R 153 -73.96 -9.28 21.95
CA CYS R 153 -74.95 -10.24 21.43
C CYS R 153 -74.37 -11.67 21.38
N GLN R 154 -75.24 -12.69 21.37
CA GLN R 154 -74.82 -14.10 21.29
C GLN R 154 -74.40 -14.55 19.88
N GLY R 155 -74.75 -13.81 18.84
CA GLY R 155 -74.34 -14.07 17.46
C GLY R 155 -74.81 -13.02 16.48
N GLU R 156 -74.25 -13.03 15.27
CA GLU R 156 -74.67 -12.21 14.15
C GLU R 156 -74.98 -13.07 12.92
N VAL R 157 -75.99 -12.69 12.14
CA VAL R 157 -76.33 -13.30 10.85
C VAL R 157 -76.28 -12.23 9.77
N VAL R 158 -75.46 -12.40 8.73
CA VAL R 158 -75.15 -11.32 7.77
C VAL R 158 -75.29 -11.80 6.33
N GLY R 159 -75.93 -11.00 5.48
CA GLY R 159 -75.92 -11.16 4.03
C GLY R 159 -76.81 -12.28 3.48
N LEU R 160 -77.62 -12.94 4.30
CA LEU R 160 -78.54 -14.01 3.87
C LEU R 160 -79.90 -13.47 3.40
N GLY R 161 -79.99 -12.18 3.08
CA GLY R 161 -81.25 -11.54 2.67
C GLY R 161 -82.30 -11.58 3.78
N LEU R 162 -83.57 -11.68 3.41
CA LEU R 162 -84.67 -11.81 4.37
C LEU R 162 -84.63 -13.15 5.12
N GLY R 163 -83.90 -14.16 4.61
CA GLY R 163 -83.69 -15.43 5.29
C GLY R 163 -82.88 -15.33 6.59
N GLY R 164 -82.11 -14.26 6.80
CA GLY R 164 -81.33 -14.07 8.02
C GLY R 164 -82.18 -14.01 9.30
N TYR R 165 -83.39 -13.45 9.23
CA TYR R 165 -84.34 -13.48 10.35
C TYR R 165 -84.79 -14.90 10.70
N LEU R 166 -84.95 -15.77 9.71
CA LEU R 166 -85.43 -17.14 9.92
C LEU R 166 -84.36 -17.99 10.59
N ALA R 167 -83.09 -17.84 10.19
CA ALA R 167 -81.99 -18.45 10.93
C ALA R 167 -81.90 -17.92 12.36
N ALA R 168 -82.00 -16.62 12.58
CA ALA R 168 -81.96 -16.04 13.93
C ALA R 168 -83.05 -16.59 14.84
N MET R 169 -84.30 -16.73 14.36
CA MET R 169 -85.36 -17.38 15.14
C MET R 169 -85.05 -18.85 15.44
N GLY R 170 -84.48 -19.59 14.49
CA GLY R 170 -84.03 -20.96 14.74
C GLY R 170 -82.94 -21.03 15.80
N MET R 171 -81.95 -20.16 15.73
CA MET R 171 -80.86 -20.09 16.72
C MET R 171 -81.33 -19.71 18.13
N LEU R 172 -82.48 -19.05 18.29
CA LEU R 172 -83.08 -18.79 19.61
C LEU R 172 -83.92 -19.97 20.13
N VAL R 173 -84.53 -20.76 19.26
CA VAL R 173 -85.26 -21.98 19.66
C VAL R 173 -84.30 -23.10 20.07
N GLU R 174 -83.14 -23.19 19.43
CA GLU R 174 -82.06 -24.15 19.73
C GLU R 174 -81.33 -23.89 21.07
N MET S 33 -13.59 -57.27 -78.40
CA MET S 33 -12.85 -56.82 -77.20
C MET S 33 -12.27 -58.01 -76.45
N LYS S 34 -10.99 -57.94 -76.03
CA LYS S 34 -10.27 -58.95 -75.25
C LYS S 34 -9.93 -58.42 -73.86
N ILE S 35 -10.37 -59.11 -72.81
CA ILE S 35 -10.14 -58.80 -71.40
C ILE S 35 -9.18 -59.81 -70.78
N LEU S 36 -8.26 -59.36 -69.91
CA LEU S 36 -7.39 -60.22 -69.12
C LEU S 36 -7.69 -60.09 -67.63
N VAL S 37 -7.95 -61.19 -66.95
CA VAL S 37 -8.18 -61.25 -65.50
C VAL S 37 -6.98 -61.91 -64.81
N ILE S 38 -6.36 -61.21 -63.85
CA ILE S 38 -5.21 -61.69 -63.10
C ILE S 38 -5.54 -61.80 -61.61
N ASN S 39 -5.38 -63.00 -61.05
CA ASN S 39 -5.50 -63.28 -59.63
C ASN S 39 -4.13 -63.55 -59.00
N GLY S 40 -3.83 -62.90 -57.88
CA GLY S 40 -2.57 -63.02 -57.16
C GLY S 40 -2.45 -64.29 -56.29
N PRO S 41 -1.50 -64.31 -55.34
CA PRO S 41 -1.29 -65.45 -54.46
C PRO S 41 -2.49 -65.72 -53.55
N ASN S 42 -2.64 -66.97 -53.12
CA ASN S 42 -3.70 -67.47 -52.23
C ASN S 42 -5.15 -67.46 -52.78
N ILE S 43 -5.45 -66.74 -53.87
CA ILE S 43 -6.82 -66.64 -54.41
C ILE S 43 -7.37 -68.00 -54.86
N ASN S 44 -6.53 -68.93 -55.31
CA ASN S 44 -6.96 -70.28 -55.67
C ASN S 44 -7.49 -71.11 -54.48
N PHE S 45 -7.27 -70.67 -53.24
CA PHE S 45 -7.77 -71.31 -52.01
C PHE S 45 -9.06 -70.68 -51.47
N LEU S 46 -9.81 -69.88 -52.26
CA LEU S 46 -11.19 -69.50 -51.93
C LEU S 46 -12.02 -70.73 -51.56
N GLY S 47 -12.80 -70.64 -50.48
CA GLY S 47 -13.64 -71.73 -49.97
C GLY S 47 -12.89 -72.80 -49.17
N ILE S 48 -11.56 -72.77 -49.14
CA ILE S 48 -10.73 -73.48 -48.15
C ILE S 48 -10.31 -72.49 -47.06
N PRO S 56 -19.35 -71.04 -49.14
CA PRO S 56 -19.17 -72.32 -49.81
C PRO S 56 -18.66 -72.20 -51.25
N LEU S 57 -18.72 -71.02 -51.88
CA LEU S 57 -18.20 -70.81 -53.24
C LEU S 57 -16.67 -70.90 -53.27
N ASN S 58 -16.12 -71.55 -54.30
CA ASN S 58 -14.68 -71.76 -54.46
C ASN S 58 -14.13 -71.10 -55.75
N TYR S 59 -12.84 -71.28 -56.03
CA TYR S 59 -12.20 -70.63 -57.17
C TYR S 59 -12.77 -71.10 -58.53
N ASP S 60 -13.17 -72.36 -58.67
CA ASP S 60 -13.77 -72.84 -59.93
C ASP S 60 -15.16 -72.22 -60.17
N ASP S 61 -15.91 -71.90 -59.12
CA ASP S 61 -17.16 -71.16 -59.24
C ASP S 61 -16.93 -69.74 -59.75
N LEU S 62 -15.93 -69.04 -59.20
CA LEU S 62 -15.56 -67.70 -59.65
C LEU S 62 -15.12 -67.70 -61.12
N VAL S 63 -14.32 -68.67 -61.56
CA VAL S 63 -13.93 -68.78 -62.97
C VAL S 63 -15.14 -69.01 -63.87
N GLU S 64 -16.07 -69.89 -63.49
CA GLU S 64 -17.29 -70.11 -64.29
C GLU S 64 -18.19 -68.86 -64.35
N MET S 65 -18.36 -68.12 -63.24
CA MET S 65 -19.08 -66.85 -63.26
C MET S 65 -18.46 -65.82 -64.20
N ILE S 66 -17.13 -65.68 -64.20
CA ILE S 66 -16.42 -64.76 -65.10
C ILE S 66 -16.60 -65.21 -66.56
N LYS S 67 -16.38 -66.48 -66.88
CA LYS S 67 -16.51 -67.00 -68.25
C LYS S 67 -17.95 -66.92 -68.78
N GLY S 68 -18.95 -67.17 -67.94
CA GLY S 68 -20.36 -67.00 -68.31
C GLY S 68 -20.71 -65.54 -68.57
N THR S 69 -20.24 -64.62 -67.73
CA THR S 69 -20.47 -63.19 -67.92
C THR S 69 -19.81 -62.66 -69.17
N ALA S 70 -18.63 -63.15 -69.54
CA ALA S 70 -17.95 -62.74 -70.77
C ALA S 70 -18.78 -63.02 -72.03
N LYS S 71 -19.38 -64.21 -72.14
CA LYS S 71 -20.32 -64.53 -73.24
C LYS S 71 -21.52 -63.58 -73.25
N GLY S 72 -22.07 -63.28 -72.08
CA GLY S 72 -23.19 -62.33 -71.95
C GLY S 72 -22.85 -60.92 -72.42
N LEU S 73 -21.66 -60.41 -72.10
CA LEU S 73 -21.16 -59.11 -72.55
C LEU S 73 -20.56 -59.13 -73.97
N LYS S 74 -20.49 -60.29 -74.62
CA LYS S 74 -19.88 -60.48 -75.95
C LYS S 74 -18.39 -60.07 -76.01
N VAL S 75 -17.61 -60.45 -74.99
CA VAL S 75 -16.16 -60.21 -74.90
C VAL S 75 -15.40 -61.53 -74.79
N LYS S 76 -14.15 -61.57 -75.25
CA LYS S 76 -13.24 -62.69 -74.98
C LYS S 76 -12.51 -62.45 -73.67
N VAL S 77 -12.35 -63.47 -72.85
CA VAL S 77 -11.69 -63.34 -71.54
C VAL S 77 -10.64 -64.43 -71.34
N GLU S 78 -9.49 -64.05 -70.79
CA GLU S 78 -8.48 -64.96 -70.27
C GLU S 78 -8.40 -64.78 -68.75
N VAL S 79 -8.46 -65.88 -67.99
CA VAL S 79 -8.34 -65.86 -66.53
C VAL S 79 -7.05 -66.56 -66.11
N PHE S 80 -6.21 -65.89 -65.32
CA PHE S 80 -4.90 -66.37 -64.88
C PHE S 80 -4.74 -66.23 -63.36
N GLN S 81 -4.07 -67.20 -62.73
CA GLN S 81 -3.66 -67.12 -61.33
C GLN S 81 -2.24 -67.64 -61.13
N SER S 82 -1.47 -67.00 -60.26
CA SER S 82 -0.17 -67.54 -59.83
C SER S 82 0.19 -67.09 -58.42
N ASN S 83 0.95 -67.91 -57.70
CA ASN S 83 1.55 -67.54 -56.42
C ASN S 83 2.89 -66.80 -56.56
N HIS S 84 3.44 -66.69 -57.77
CA HIS S 84 4.73 -66.05 -58.03
C HIS S 84 4.58 -64.59 -58.49
N GLU S 85 5.16 -63.65 -57.76
CA GLU S 85 5.21 -62.23 -58.12
C GLU S 85 5.77 -62.01 -59.54
N GLY S 86 6.85 -62.72 -59.88
CA GLY S 86 7.49 -62.62 -61.20
C GLY S 86 6.63 -63.15 -62.35
N ALA S 87 5.79 -64.16 -62.12
CA ALA S 87 4.89 -64.68 -63.15
C ALA S 87 3.77 -63.70 -63.47
N ILE S 88 3.31 -62.93 -62.48
CA ILE S 88 2.35 -61.84 -62.69
C ILE S 88 2.98 -60.74 -63.54
N ILE S 89 4.20 -60.31 -63.23
CA ILE S 89 4.91 -59.30 -64.02
C ILE S 89 5.15 -59.79 -65.45
N ASP S 90 5.52 -61.05 -65.66
CA ASP S 90 5.61 -61.63 -66.99
C ASP S 90 4.27 -61.60 -67.73
N LYS S 91 3.15 -61.93 -67.07
CA LYS S 91 1.81 -61.92 -67.68
C LYS S 91 1.38 -60.50 -68.06
N LEU S 92 1.66 -59.50 -67.24
CA LEU S 92 1.42 -58.09 -67.58
C LEU S 92 2.27 -57.65 -68.78
N GLN S 93 3.55 -58.02 -68.84
CA GLN S 93 4.40 -57.71 -69.98
C GLN S 93 3.94 -58.44 -71.25
N GLU S 94 3.47 -59.69 -71.14
CA GLU S 94 2.90 -60.41 -72.28
C GLU S 94 1.63 -59.75 -72.80
N ALA S 95 0.76 -59.23 -71.92
CA ALA S 95 -0.47 -58.55 -72.32
C ALA S 95 -0.20 -57.34 -73.22
N TYR S 96 0.86 -56.58 -72.95
CA TYR S 96 1.27 -55.44 -73.78
C TYR S 96 1.59 -55.84 -75.22
N TYR S 97 2.21 -56.99 -75.45
CA TYR S 97 2.50 -57.50 -76.78
C TYR S 97 1.32 -58.23 -77.46
N ASN S 98 0.22 -58.47 -76.74
CA ASN S 98 -0.93 -59.25 -77.23
C ASN S 98 -2.21 -58.42 -77.43
N ASP S 99 -2.12 -57.10 -77.38
CA ASP S 99 -3.24 -56.17 -77.65
C ASP S 99 -4.48 -56.44 -76.78
N VAL S 100 -4.26 -56.69 -75.49
CA VAL S 100 -5.35 -56.74 -74.50
C VAL S 100 -6.00 -55.36 -74.38
N ASP S 101 -7.33 -55.31 -74.37
CA ASP S 101 -8.09 -54.05 -74.34
C ASP S 101 -8.35 -53.52 -72.93
N GLY S 102 -8.30 -54.38 -71.91
CA GLY S 102 -8.43 -53.98 -70.51
C GLY S 102 -8.08 -55.11 -69.54
N ILE S 103 -7.60 -54.75 -68.35
CA ILE S 103 -7.14 -55.69 -67.31
C ILE S 103 -7.99 -55.57 -66.05
N VAL S 104 -8.40 -56.71 -65.49
CA VAL S 104 -8.94 -56.79 -64.12
C VAL S 104 -7.91 -57.49 -63.25
N ILE S 105 -7.48 -56.89 -62.14
CA ILE S 105 -6.45 -57.48 -61.28
C ILE S 105 -6.86 -57.53 -59.82
N ASN S 106 -6.63 -58.66 -59.17
CA ASN S 106 -6.76 -58.83 -57.72
C ASN S 106 -5.40 -59.30 -57.19
N PRO S 107 -4.54 -58.40 -56.69
CA PRO S 107 -3.19 -58.77 -56.29
C PRO S 107 -3.10 -59.62 -55.02
N GLY S 108 -4.18 -59.84 -54.28
CA GLY S 108 -4.10 -60.40 -52.93
C GLY S 108 -3.23 -59.52 -52.02
N ALA S 109 -2.37 -60.13 -51.20
CA ALA S 109 -1.50 -59.42 -50.27
C ALA S 109 -0.45 -58.50 -50.93
N PHE S 110 -0.05 -58.73 -52.20
CA PHE S 110 0.91 -57.87 -52.91
C PHE S 110 0.48 -56.39 -52.99
N THR S 111 -0.82 -56.13 -52.86
CA THR S 111 -1.43 -54.79 -52.76
C THR S 111 -0.79 -53.90 -51.71
N HIS S 112 -0.24 -54.50 -50.64
CA HIS S 112 0.25 -53.78 -49.47
C HIS S 112 1.78 -53.72 -49.38
N TYR S 113 2.52 -54.32 -50.32
CA TYR S 113 3.99 -54.28 -50.29
C TYR S 113 4.73 -54.42 -51.64
N SER S 114 4.12 -54.93 -52.72
CA SER S 114 4.85 -55.14 -53.97
C SER S 114 4.98 -53.87 -54.81
N TYR S 115 6.03 -53.10 -54.58
CA TYR S 115 6.38 -52.00 -55.47
C TYR S 115 6.82 -52.49 -56.86
N ALA S 116 7.27 -53.74 -57.01
CA ALA S 116 7.57 -54.29 -58.32
C ALA S 116 6.31 -54.47 -59.19
N VAL S 117 5.21 -54.97 -58.64
CA VAL S 117 3.93 -55.10 -59.36
C VAL S 117 3.31 -53.74 -59.64
N ARG S 118 3.40 -52.78 -58.71
CA ARG S 118 3.02 -51.38 -58.96
C ARG S 118 3.73 -50.82 -60.18
N ASP S 119 5.06 -50.91 -60.20
CA ASP S 119 5.83 -50.38 -61.32
C ASP S 119 5.64 -51.18 -62.62
N ALA S 120 5.27 -52.46 -62.56
CA ALA S 120 4.84 -53.21 -63.73
C ALA S 120 3.53 -52.66 -64.31
N LEU S 121 2.53 -52.41 -63.48
CA LEU S 121 1.28 -51.78 -63.91
C LEU S 121 1.52 -50.37 -64.46
N ALA S 122 2.43 -49.60 -63.87
CA ALA S 122 2.82 -48.30 -64.40
C ALA S 122 3.49 -48.39 -65.78
N SER S 123 4.26 -49.45 -66.06
CA SER S 123 4.95 -49.62 -67.34
C SER S 123 4.03 -49.86 -68.54
N ILE S 124 2.75 -50.18 -68.32
CA ILE S 124 1.75 -50.47 -69.36
C ILE S 124 0.59 -49.45 -69.37
N ALA S 125 0.88 -48.18 -69.09
CA ALA S 125 -0.13 -47.12 -68.93
C ALA S 125 -1.09 -46.91 -70.12
N ALA S 126 -0.79 -47.42 -71.31
CA ALA S 126 -1.69 -47.41 -72.46
C ALA S 126 -2.94 -48.30 -72.28
N ILE S 127 -2.91 -49.28 -71.37
CA ILE S 127 -4.01 -50.24 -71.16
C ILE S 127 -4.80 -49.85 -69.90
N PRO S 128 -6.14 -49.76 -69.93
CA PRO S 128 -6.94 -49.49 -68.75
C PRO S 128 -6.99 -50.70 -67.82
N LYS S 129 -6.86 -50.47 -66.50
CA LYS S 129 -6.94 -51.54 -65.49
C LYS S 129 -7.87 -51.17 -64.33
N ILE S 130 -8.61 -52.16 -63.83
CA ILE S 130 -9.43 -52.07 -62.62
C ILE S 130 -8.89 -53.03 -61.57
N GLU S 131 -8.68 -52.55 -60.34
CA GLU S 131 -8.27 -53.38 -59.22
C GLU S 131 -9.48 -53.89 -58.41
N VAL S 132 -9.46 -55.16 -57.99
CA VAL S 132 -10.57 -55.81 -57.29
C VAL S 132 -10.11 -56.38 -55.95
N HIS S 133 -10.88 -56.17 -54.88
CA HIS S 133 -10.75 -56.90 -53.61
C HIS S 133 -12.07 -57.55 -53.19
N ILE S 134 -12.03 -58.85 -52.90
CA ILE S 134 -13.23 -59.63 -52.55
C ILE S 134 -13.77 -59.20 -51.18
N SER S 135 -12.89 -59.14 -50.17
CA SER S 135 -13.21 -58.63 -48.83
C SER S 135 -12.80 -57.18 -48.65
N ASN S 136 -13.28 -56.54 -47.59
CA ASN S 136 -13.18 -55.10 -47.33
C ASN S 136 -11.78 -54.66 -46.83
N VAL S 137 -10.72 -54.98 -47.58
CA VAL S 137 -9.31 -54.91 -47.12
C VAL S 137 -8.91 -53.59 -46.46
N THR S 146 -3.92 -48.88 -46.35
CA THR S 146 -3.50 -48.12 -47.55
C THR S 146 -2.74 -49.04 -48.52
N SER S 147 -2.91 -48.81 -49.83
CA SER S 147 -2.50 -49.74 -50.89
C SER S 147 -1.52 -49.10 -51.88
N VAL S 148 -0.49 -49.83 -52.32
CA VAL S 148 0.55 -49.29 -53.23
C VAL S 148 0.18 -49.36 -54.72
N THR S 149 -0.71 -50.28 -55.10
CA THR S 149 -1.13 -50.53 -56.50
C THR S 149 -2.31 -49.69 -57.00
N VAL S 150 -3.09 -49.06 -56.09
CA VAL S 150 -4.29 -48.27 -56.44
C VAL S 150 -4.03 -47.06 -57.36
N PRO S 151 -3.06 -46.16 -57.09
CA PRO S 151 -2.95 -44.91 -57.85
C PRO S 151 -2.50 -45.10 -59.31
N VAL S 152 -2.01 -46.28 -59.69
CA VAL S 152 -1.62 -46.64 -61.07
C VAL S 152 -2.73 -47.38 -61.85
N CYS S 153 -3.95 -47.46 -61.31
CA CYS S 153 -5.14 -48.06 -61.93
C CYS S 153 -6.27 -47.03 -62.13
N GLN S 154 -7.17 -47.31 -63.08
CA GLN S 154 -8.27 -46.40 -63.43
C GLN S 154 -9.51 -46.52 -62.52
N GLY S 155 -9.53 -47.49 -61.61
CA GLY S 155 -10.58 -47.65 -60.60
C GLY S 155 -10.32 -48.84 -59.68
N GLU S 156 -10.98 -48.85 -58.52
CA GLU S 156 -10.96 -49.97 -57.57
C GLU S 156 -12.38 -50.39 -57.19
N VAL S 157 -12.62 -51.69 -57.06
CA VAL S 157 -13.88 -52.27 -56.57
C VAL S 157 -13.58 -53.10 -55.33
N VAL S 158 -14.18 -52.79 -54.20
CA VAL S 158 -13.82 -53.36 -52.89
C VAL S 158 -15.04 -53.87 -52.13
N GLY S 159 -14.96 -55.07 -51.56
CA GLY S 159 -15.93 -55.57 -50.58
C GLY S 159 -17.28 -56.02 -51.14
N LEU S 160 -17.45 -56.12 -52.46
CA LEU S 160 -18.66 -56.62 -53.11
C LEU S 160 -18.64 -58.15 -53.33
N GLY S 161 -17.74 -58.88 -52.66
CA GLY S 161 -17.59 -60.32 -52.82
C GLY S 161 -17.14 -60.71 -54.22
N LEU S 162 -17.60 -61.86 -54.71
CA LEU S 162 -17.33 -62.31 -56.07
C LEU S 162 -18.04 -61.44 -57.12
N GLY S 163 -19.03 -60.63 -56.72
CA GLY S 163 -19.68 -59.65 -57.60
C GLY S 163 -18.75 -58.52 -58.06
N GLY S 164 -17.65 -58.25 -57.35
CA GLY S 164 -16.72 -57.18 -57.72
C GLY S 164 -16.04 -57.36 -59.07
N TYR S 165 -15.76 -58.60 -59.47
CA TYR S 165 -15.24 -58.91 -60.81
C TYR S 165 -16.24 -58.56 -61.91
N LEU S 166 -17.54 -58.72 -61.66
CA LEU S 166 -18.57 -58.45 -62.65
C LEU S 166 -18.74 -56.94 -62.86
N ALA S 167 -18.70 -56.15 -61.79
CA ALA S 167 -18.63 -54.70 -61.93
C ALA S 167 -17.38 -54.28 -62.71
N ALA S 168 -16.20 -54.80 -62.38
CA ALA S 168 -14.97 -54.44 -63.07
C ALA S 168 -15.01 -54.74 -64.58
N MET S 169 -15.58 -55.88 -65.00
CA MET S 169 -15.80 -56.15 -66.43
C MET S 169 -16.77 -55.15 -67.06
N GLY S 170 -17.88 -54.83 -66.38
CA GLY S 170 -18.81 -53.80 -66.82
C GLY S 170 -18.13 -52.45 -67.02
N MET S 171 -17.32 -52.00 -66.05
CA MET S 171 -16.58 -50.75 -66.13
C MET S 171 -15.55 -50.69 -67.26
N LEU S 172 -15.09 -51.83 -67.79
CA LEU S 172 -14.19 -51.86 -68.95
C LEU S 172 -14.96 -51.88 -70.28
N VAL S 173 -16.14 -52.51 -70.32
CA VAL S 173 -17.02 -52.50 -71.49
C VAL S 173 -17.64 -51.12 -71.71
N GLU S 174 -17.87 -50.36 -70.64
CA GLU S 174 -18.33 -48.96 -70.63
C GLU S 174 -17.21 -47.96 -70.95
N MET T 33 -65.56 -5.09 -72.80
CA MET T 33 -64.50 -4.41 -72.00
C MET T 33 -63.54 -3.65 -72.93
N LYS T 34 -63.17 -2.42 -72.54
CA LYS T 34 -62.25 -1.52 -73.26
C LYS T 34 -60.99 -1.25 -72.43
N ILE T 35 -59.82 -1.57 -72.97
CA ILE T 35 -58.50 -1.36 -72.34
C ILE T 35 -57.75 -0.23 -73.06
N LEU T 36 -57.04 0.61 -72.32
CA LEU T 36 -56.11 1.61 -72.87
C LEU T 36 -54.67 1.28 -72.47
N VAL T 37 -53.77 1.20 -73.45
CA VAL T 37 -52.33 1.00 -73.24
C VAL T 37 -51.58 2.28 -73.57
N ILE T 38 -50.81 2.81 -72.61
CA ILE T 38 -50.02 4.03 -72.75
C ILE T 38 -48.53 3.73 -72.62
N ASN T 39 -47.76 4.08 -73.65
CA ASN T 39 -46.30 3.99 -73.68
C ASN T 39 -45.68 5.40 -73.61
N GLY T 40 -44.71 5.58 -72.72
CA GLY T 40 -44.01 6.84 -72.50
C GLY T 40 -42.95 7.18 -73.56
N PRO T 41 -42.05 8.14 -73.26
CA PRO T 41 -40.99 8.54 -74.17
C PRO T 41 -40.01 7.41 -74.44
N ASN T 42 -39.34 7.46 -75.59
CA ASN T 42 -38.34 6.51 -76.07
C ASN T 42 -38.82 5.07 -76.37
N ILE T 43 -40.01 4.66 -75.94
CA ILE T 43 -40.50 3.28 -76.15
C ILE T 43 -40.68 2.93 -77.62
N ASN T 44 -40.97 3.90 -78.49
CA ASN T 44 -41.04 3.69 -79.94
C ASN T 44 -39.70 3.29 -80.58
N PHE T 45 -38.58 3.44 -79.89
CA PHE T 45 -37.24 3.06 -80.34
C PHE T 45 -36.77 1.69 -79.82
N LEU T 46 -37.65 0.84 -79.30
CA LEU T 46 -37.36 -0.60 -79.08
C LEU T 46 -36.75 -1.22 -80.35
N GLY T 47 -35.69 -2.01 -80.20
CA GLY T 47 -34.98 -2.65 -81.30
C GLY T 47 -34.00 -1.74 -82.05
N ILE T 48 -34.04 -0.43 -81.83
CA ILE T 48 -32.95 0.51 -82.17
C ILE T 48 -32.09 0.74 -80.92
N PRO T 56 -33.99 -8.40 -81.33
CA PRO T 56 -34.39 -7.95 -82.65
C PRO T 56 -35.85 -7.45 -82.73
N LEU T 57 -36.69 -7.72 -81.72
CA LEU T 57 -38.09 -7.27 -81.70
C LEU T 57 -38.20 -5.76 -81.55
N ASN T 58 -39.08 -5.14 -82.32
CA ASN T 58 -39.28 -3.69 -82.33
C ASN T 58 -40.67 -3.28 -81.80
N TYR T 59 -40.96 -1.98 -81.80
CA TYR T 59 -42.22 -1.47 -81.27
C TYR T 59 -43.45 -1.96 -82.05
N ASP T 60 -43.37 -2.10 -83.37
CA ASP T 60 -44.50 -2.62 -84.16
C ASP T 60 -44.79 -4.10 -83.87
N ASP T 61 -43.77 -4.88 -83.54
CA ASP T 61 -43.96 -6.26 -83.08
C ASP T 61 -44.74 -6.31 -81.77
N LEU T 62 -44.42 -5.43 -80.82
CA LEU T 62 -45.15 -5.31 -79.56
C LEU T 62 -46.61 -4.88 -79.77
N VAL T 63 -46.87 -3.93 -80.65
CA VAL T 63 -48.25 -3.53 -80.96
C VAL T 63 -49.05 -4.69 -81.56
N GLU T 64 -48.47 -5.46 -82.48
CA GLU T 64 -49.14 -6.63 -83.03
C GLU T 64 -49.40 -7.72 -81.96
N MET T 65 -48.46 -7.99 -81.05
CA MET T 65 -48.69 -8.91 -79.94
C MET T 65 -49.84 -8.45 -79.04
N ILE T 66 -49.93 -7.15 -78.72
CA ILE T 66 -51.00 -6.60 -77.90
C ILE T 66 -52.35 -6.70 -78.62
N LYS T 67 -52.44 -6.28 -79.89
CA LYS T 67 -53.69 -6.35 -80.67
C LYS T 67 -54.16 -7.79 -80.93
N GLY T 68 -53.24 -8.73 -81.13
CA GLY T 68 -53.57 -10.15 -81.24
C GLY T 68 -54.09 -10.74 -79.93
N THR T 69 -53.44 -10.41 -78.82
CA THR T 69 -53.87 -10.87 -77.49
C THR T 69 -55.23 -10.30 -77.10
N ALA T 70 -55.53 -9.05 -77.48
CA ALA T 70 -56.84 -8.45 -77.21
C ALA T 70 -57.99 -9.26 -77.83
N LYS T 71 -57.87 -9.71 -79.07
CA LYS T 71 -58.87 -10.59 -79.70
C LYS T 71 -59.01 -11.91 -78.96
N GLY T 72 -57.90 -12.50 -78.54
CA GLY T 72 -57.88 -13.74 -77.75
C GLY T 72 -58.62 -13.61 -76.41
N LEU T 73 -58.41 -12.52 -75.68
CA LEU T 73 -59.10 -12.21 -74.44
C LEU T 73 -60.53 -11.66 -74.63
N LYS T 74 -60.97 -11.43 -75.88
CA LYS T 74 -62.25 -10.80 -76.23
C LYS T 74 -62.44 -9.39 -75.63
N VAL T 75 -61.41 -8.56 -75.70
CA VAL T 75 -61.44 -7.14 -75.26
C VAL T 75 -61.11 -6.21 -76.40
N LYS T 76 -61.61 -4.97 -76.37
CA LYS T 76 -61.16 -3.89 -77.26
C LYS T 76 -59.95 -3.20 -76.66
N VAL T 77 -58.96 -2.85 -77.47
CA VAL T 77 -57.73 -2.18 -77.00
C VAL T 77 -57.39 -0.97 -77.86
N GLU T 78 -56.98 0.11 -77.21
CA GLU T 78 -56.31 1.25 -77.83
C GLU T 78 -54.85 1.30 -77.35
N VAL T 79 -53.89 1.41 -78.27
CA VAL T 79 -52.47 1.54 -77.95
C VAL T 79 -51.98 2.93 -78.34
N PHE T 80 -51.37 3.64 -77.41
CA PHE T 80 -50.91 5.03 -77.57
C PHE T 80 -49.44 5.18 -77.14
N GLN T 81 -48.68 6.00 -77.86
CA GLN T 81 -47.33 6.39 -77.46
C GLN T 81 -47.08 7.87 -77.74
N SER T 82 -46.39 8.57 -76.84
CA SER T 82 -45.91 9.93 -77.07
C SER T 82 -44.62 10.23 -76.32
N ASN T 83 -43.79 11.11 -76.87
CA ASN T 83 -42.61 11.64 -76.18
C ASN T 83 -42.93 12.83 -75.26
N HIS T 84 -44.17 13.35 -75.28
CA HIS T 84 -44.56 14.52 -74.50
C HIS T 84 -45.30 14.13 -73.20
N GLU T 85 -44.80 14.59 -72.06
CA GLU T 85 -45.43 14.39 -70.75
C GLU T 85 -46.87 14.92 -70.71
N GLY T 86 -47.12 16.08 -71.30
CA GLY T 86 -48.46 16.67 -71.34
C GLY T 86 -49.46 15.92 -72.22
N ALA T 87 -49.01 15.27 -73.29
CA ALA T 87 -49.89 14.47 -74.14
C ALA T 87 -50.34 13.18 -73.45
N ILE T 88 -49.51 12.62 -72.58
CA ILE T 88 -49.88 11.50 -71.71
C ILE T 88 -50.95 11.94 -70.71
N ILE T 89 -50.80 13.09 -70.06
CA ILE T 89 -51.81 13.62 -69.14
C ILE T 89 -53.12 13.92 -69.87
N ASP T 90 -53.08 14.49 -71.07
CA ASP T 90 -54.28 14.67 -71.89
C ASP T 90 -54.98 13.34 -72.20
N LYS T 91 -54.22 12.29 -72.54
CA LYS T 91 -54.75 10.95 -72.83
C LYS T 91 -55.37 10.31 -71.59
N LEU T 92 -54.75 10.44 -70.42
CA LEU T 92 -55.32 9.98 -69.15
C LEU T 92 -56.61 10.73 -68.79
N GLN T 93 -56.67 12.04 -69.00
CA GLN T 93 -57.90 12.81 -68.79
C GLN T 93 -58.97 12.45 -69.81
N GLU T 94 -58.63 12.20 -71.07
CA GLU T 94 -59.59 11.74 -72.07
C GLU T 94 -60.20 10.38 -71.71
N ALA T 95 -59.41 9.46 -71.15
CA ALA T 95 -59.89 8.15 -70.74
C ALA T 95 -61.04 8.22 -69.74
N TYR T 96 -60.99 9.16 -68.80
CA TYR T 96 -62.04 9.38 -67.79
C TYR T 96 -63.40 9.73 -68.42
N TYR T 97 -63.42 10.48 -69.53
CA TYR T 97 -64.64 10.83 -70.26
C TYR T 97 -65.11 9.76 -71.26
N ASN T 98 -64.33 8.69 -71.46
CA ASN T 98 -64.58 7.67 -72.49
C ASN T 98 -64.85 6.27 -71.94
N ASP T 99 -65.07 6.13 -70.63
CA ASP T 99 -65.43 4.87 -69.97
C ASP T 99 -64.45 3.71 -70.26
N VAL T 100 -63.15 4.00 -70.22
CA VAL T 100 -62.10 2.98 -70.23
C VAL T 100 -62.23 2.12 -68.97
N ASP T 101 -62.20 0.79 -69.12
CA ASP T 101 -62.38 -0.14 -68.00
C ASP T 101 -61.10 -0.41 -67.22
N GLY T 102 -59.93 -0.21 -67.83
CA GLY T 102 -58.63 -0.35 -67.17
C GLY T 102 -57.47 0.13 -68.04
N ILE T 103 -56.39 0.54 -67.39
CA ILE T 103 -55.23 1.17 -68.06
C ILE T 103 -53.97 0.32 -67.83
N VAL T 104 -53.20 0.08 -68.89
CA VAL T 104 -51.83 -0.44 -68.79
C VAL T 104 -50.86 0.68 -69.14
N ILE T 105 -49.92 1.01 -68.26
CA ILE T 105 -49.01 2.14 -68.49
C ILE T 105 -47.54 1.75 -68.31
N ASN T 106 -46.69 2.15 -69.25
CA ASN T 106 -45.24 2.09 -69.13
C ASN T 106 -44.69 3.51 -69.29
N PRO T 107 -44.42 4.24 -68.19
CA PRO T 107 -44.00 5.63 -68.27
C PRO T 107 -42.59 5.85 -68.84
N GLY T 108 -41.79 4.81 -69.08
CA GLY T 108 -40.38 4.97 -69.37
C GLY T 108 -39.67 5.72 -68.23
N ALA T 109 -38.81 6.68 -68.55
CA ALA T 109 -38.03 7.44 -67.57
C ALA T 109 -38.88 8.32 -66.63
N PHE T 110 -40.10 8.73 -67.01
CA PHE T 110 -40.97 9.55 -66.15
C PHE T 110 -41.32 8.88 -64.82
N THR T 111 -41.18 7.56 -64.73
CA THR T 111 -41.32 6.73 -63.52
C THR T 111 -40.49 7.24 -62.34
N HIS T 112 -39.37 7.91 -62.62
CA HIS T 112 -38.38 8.29 -61.61
C HIS T 112 -38.34 9.79 -61.30
N TYR T 113 -39.18 10.62 -61.94
CA TYR T 113 -39.24 12.07 -61.66
C TYR T 113 -40.57 12.78 -61.93
N SER T 114 -41.49 12.24 -62.73
CA SER T 114 -42.72 12.97 -63.08
C SER T 114 -43.78 12.90 -61.98
N TYR T 115 -43.74 13.83 -61.03
CA TYR T 115 -44.83 14.02 -60.09
C TYR T 115 -46.11 14.52 -60.78
N ALA T 116 -46.02 15.14 -61.96
CA ALA T 116 -47.21 15.51 -62.72
C ALA T 116 -47.99 14.29 -63.22
N VAL T 117 -47.31 13.27 -63.77
CA VAL T 117 -47.96 12.03 -64.22
C VAL T 117 -48.46 11.21 -63.04
N ARG T 118 -47.72 11.16 -61.91
CA ARG T 118 -48.22 10.57 -60.66
C ARG T 118 -49.56 11.17 -60.27
N ASP T 119 -49.65 12.48 -60.18
CA ASP T 119 -50.87 13.15 -59.76
C ASP T 119 -51.99 13.06 -60.82
N ALA T 120 -51.65 12.92 -62.10
CA ALA T 120 -52.63 12.60 -63.13
C ALA T 120 -53.25 11.22 -62.92
N LEU T 121 -52.44 10.19 -62.66
CA LEU T 121 -52.92 8.85 -62.31
C LEU T 121 -53.73 8.86 -61.00
N ALA T 122 -53.35 9.66 -60.01
CA ALA T 122 -54.13 9.84 -58.79
C ALA T 122 -55.49 10.51 -59.05
N SER T 123 -55.59 11.42 -60.01
CA SER T 123 -56.83 12.13 -60.32
C SER T 123 -57.93 11.23 -60.90
N ILE T 124 -57.60 10.06 -61.43
CA ILE T 124 -58.52 9.10 -62.03
C ILE T 124 -58.64 7.79 -61.21
N ALA T 125 -58.67 7.91 -59.88
CA ALA T 125 -58.70 6.78 -58.95
C ALA T 125 -59.86 5.77 -59.15
N ALA T 126 -60.92 6.16 -59.85
CA ALA T 126 -62.02 5.27 -60.22
C ALA T 126 -61.62 4.13 -61.18
N ILE T 127 -60.54 4.29 -61.95
CA ILE T 127 -60.13 3.35 -63.00
C ILE T 127 -58.92 2.52 -62.52
N PRO T 128 -58.93 1.18 -62.64
CA PRO T 128 -57.77 0.36 -62.28
C PRO T 128 -56.64 0.52 -63.30
N LYS T 129 -55.40 0.63 -62.81
CA LYS T 129 -54.20 0.73 -63.66
C LYS T 129 -53.09 -0.22 -63.22
N ILE T 130 -52.39 -0.81 -64.19
CA ILE T 130 -51.20 -1.63 -63.99
C ILE T 130 -49.99 -0.92 -64.60
N GLU T 131 -48.92 -0.76 -63.83
CA GLU T 131 -47.65 -0.24 -64.35
C GLU T 131 -46.76 -1.36 -64.91
N VAL T 132 -46.08 -1.13 -66.03
CA VAL T 132 -45.26 -2.14 -66.72
C VAL T 132 -43.85 -1.62 -66.99
N HIS T 133 -42.82 -2.43 -66.72
CA HIS T 133 -41.45 -2.19 -67.17
C HIS T 133 -40.86 -3.39 -67.90
N ILE T 134 -40.29 -3.14 -69.08
CA ILE T 134 -39.75 -4.20 -69.95
C ILE T 134 -38.48 -4.80 -69.35
N SER T 135 -37.53 -3.95 -68.92
CA SER T 135 -36.32 -4.36 -68.22
C SER T 135 -36.42 -4.13 -66.71
N ASN T 136 -35.48 -4.68 -65.94
CA ASN T 136 -35.52 -4.76 -64.47
C ASN T 136 -35.18 -3.41 -63.79
N VAL T 137 -35.91 -2.34 -64.07
CA VAL T 137 -35.52 -0.95 -63.74
C VAL T 137 -35.11 -0.71 -62.29
N THR T 146 -35.99 3.53 -56.90
CA THR T 146 -37.33 3.79 -56.33
C THR T 146 -38.16 4.64 -57.29
N SER T 147 -39.47 4.36 -57.37
CA SER T 147 -40.37 4.90 -58.42
C SER T 147 -41.52 5.71 -57.83
N VAL T 148 -41.91 6.81 -58.49
CA VAL T 148 -42.95 7.74 -57.97
C VAL T 148 -44.38 7.40 -58.42
N THR T 149 -44.56 6.65 -59.51
CA THR T 149 -45.88 6.29 -60.10
C THR T 149 -46.49 4.98 -59.58
N VAL T 150 -45.72 4.10 -58.92
CA VAL T 150 -46.18 2.80 -58.40
C VAL T 150 -47.31 2.89 -57.37
N PRO T 151 -47.24 3.71 -56.29
CA PRO T 151 -48.23 3.64 -55.20
C PRO T 151 -49.64 4.14 -55.57
N VAL T 152 -49.81 4.77 -56.74
CA VAL T 152 -51.12 5.20 -57.28
C VAL T 152 -51.70 4.21 -58.30
N CYS T 153 -51.11 3.02 -58.43
CA CYS T 153 -51.53 1.93 -59.33
C CYS T 153 -51.89 0.65 -58.54
N GLN T 154 -52.74 -0.21 -59.12
CA GLN T 154 -53.19 -1.45 -58.48
C GLN T 154 -52.18 -2.61 -58.60
N GLY T 155 -51.12 -2.47 -59.38
CA GLY T 155 -50.01 -3.42 -59.45
C GLY T 155 -48.90 -2.95 -60.38
N GLU T 156 -47.72 -3.56 -60.25
CA GLU T 156 -46.60 -3.39 -61.19
C GLU T 156 -46.14 -4.75 -61.73
N VAL T 157 -45.74 -4.79 -63.00
CA VAL T 157 -45.12 -5.96 -63.66
C VAL T 157 -43.75 -5.54 -64.19
N VAL T 158 -42.67 -6.20 -63.77
CA VAL T 158 -41.30 -5.74 -64.03
C VAL T 158 -40.41 -6.85 -64.57
N GLY T 159 -39.62 -6.56 -65.60
CA GLY T 159 -38.52 -7.41 -66.06
C GLY T 159 -38.91 -8.64 -66.87
N LEU T 160 -40.20 -8.84 -67.16
CA LEU T 160 -40.69 -9.97 -67.96
C LEU T 160 -40.63 -9.71 -69.48
N GLY T 161 -39.88 -8.71 -69.93
CA GLY T 161 -39.78 -8.36 -71.35
C GLY T 161 -41.11 -7.88 -71.94
N LEU T 162 -41.34 -8.18 -73.22
CA LEU T 162 -42.60 -7.83 -73.89
C LEU T 162 -43.79 -8.65 -73.32
N GLY T 163 -43.53 -9.77 -72.65
CA GLY T 163 -44.55 -10.55 -71.95
C GLY T 163 -45.22 -9.81 -70.79
N GLY T 164 -44.58 -8.78 -70.22
CA GLY T 164 -45.16 -8.02 -69.11
C GLY T 164 -46.48 -7.32 -69.45
N TYR T 165 -46.67 -6.87 -70.69
CA TYR T 165 -47.94 -6.32 -71.15
C TYR T 165 -49.05 -7.36 -71.17
N LEU T 166 -48.73 -8.60 -71.51
CA LEU T 166 -49.72 -9.67 -71.61
C LEU T 166 -50.20 -10.10 -70.22
N ALA T 167 -49.29 -10.16 -69.24
CA ALA T 167 -49.69 -10.32 -67.84
C ALA T 167 -50.60 -9.18 -67.38
N ALA T 168 -50.23 -7.93 -67.65
CA ALA T 168 -51.03 -6.78 -67.24
C ALA T 168 -52.46 -6.83 -67.82
N MET T 169 -52.63 -7.18 -69.10
CA MET T 169 -53.97 -7.37 -69.67
C MET T 169 -54.73 -8.51 -68.99
N GLY T 170 -54.06 -9.64 -68.70
CA GLY T 170 -54.68 -10.72 -67.92
C GLY T 170 -55.12 -10.27 -66.54
N MET T 171 -54.29 -9.52 -65.81
CA MET T 171 -54.63 -8.97 -64.49
C MET T 171 -55.79 -7.97 -64.52
N LEU T 172 -56.10 -7.33 -65.65
CA LEU T 172 -57.27 -6.45 -65.76
C LEU T 172 -58.55 -7.20 -66.13
N VAL T 173 -58.45 -8.31 -66.86
CA VAL T 173 -59.59 -9.19 -67.17
C VAL T 173 -60.03 -9.97 -65.93
N GLU T 174 -59.11 -10.28 -65.02
CA GLU T 174 -59.35 -10.91 -63.71
C GLU T 174 -59.90 -9.94 -62.65
N MET U 33 -94.81 23.68 -8.66
CA MET U 33 -93.66 23.02 -8.00
C MET U 33 -93.76 23.16 -6.49
N LYS U 34 -93.47 22.09 -5.75
CA LYS U 34 -93.49 21.99 -4.28
C LYS U 34 -92.09 21.72 -3.72
N ILE U 35 -91.59 22.57 -2.82
CA ILE U 35 -90.29 22.47 -2.16
C ILE U 35 -90.46 22.14 -0.67
N LEU U 36 -89.63 21.25 -0.14
CA LEU U 36 -89.56 20.98 1.30
C LEU U 36 -88.21 21.45 1.88
N VAL U 37 -88.23 22.25 2.94
CA VAL U 37 -87.04 22.72 3.64
C VAL U 37 -86.97 22.08 5.03
N ILE U 38 -85.88 21.38 5.32
CA ILE U 38 -85.66 20.67 6.58
C ILE U 38 -84.47 21.25 7.33
N ASN U 39 -84.69 21.69 8.56
CA ASN U 39 -83.66 22.17 9.48
C ASN U 39 -83.44 21.19 10.64
N GLY U 40 -82.18 20.87 10.93
CA GLY U 40 -81.78 19.93 11.97
C GLY U 40 -81.87 20.47 13.40
N PRO U 41 -81.25 19.78 14.37
CA PRO U 41 -81.22 20.22 15.77
C PRO U 41 -80.49 21.56 15.92
N ASN U 42 -80.84 22.32 16.97
CA ASN U 42 -80.25 23.62 17.33
C ASN U 42 -80.49 24.79 16.36
N ILE U 43 -80.94 24.57 15.12
CA ILE U 43 -81.13 25.65 14.13
C ILE U 43 -82.19 26.67 14.58
N ASN U 44 -83.18 26.26 15.37
CA ASN U 44 -84.18 27.17 15.93
C ASN U 44 -83.60 28.21 16.91
N PHE U 45 -82.38 28.00 17.41
CA PHE U 45 -81.69 28.94 18.30
C PHE U 45 -80.74 29.91 17.57
N LEU U 46 -80.84 30.07 16.24
CA LEU U 46 -80.20 31.20 15.54
C LEU U 46 -80.53 32.53 16.21
N GLY U 47 -79.52 33.40 16.35
CA GLY U 47 -79.67 34.69 17.03
C GLY U 47 -79.67 34.62 18.56
N ILE U 48 -79.71 33.43 19.15
CA ILE U 48 -79.42 33.17 20.57
C ILE U 48 -78.02 32.54 20.69
N PRO U 56 -77.74 39.51 14.61
CA PRO U 56 -79.03 39.78 15.27
C PRO U 56 -80.21 39.04 14.63
N LEU U 57 -80.07 38.48 13.42
CA LEU U 57 -81.15 37.74 12.75
C LEU U 57 -81.44 36.42 13.45
N ASN U 58 -82.72 36.04 13.53
CA ASN U 58 -83.18 34.84 14.21
C ASN U 58 -83.87 33.84 13.26
N TYR U 59 -84.35 32.73 13.80
CA TYR U 59 -85.00 31.69 13.00
C TYR U 59 -86.29 32.16 12.32
N ASP U 60 -87.08 33.03 12.95
CA ASP U 60 -88.29 33.58 12.31
C ASP U 60 -87.97 34.51 11.14
N ASP U 61 -86.85 35.25 11.21
CA ASP U 61 -86.37 36.04 10.08
C ASP U 61 -86.02 35.14 8.88
N LEU U 62 -85.32 34.04 9.13
CA LEU U 62 -84.99 33.06 8.10
C LEU U 62 -86.25 32.42 7.49
N VAL U 63 -87.23 32.04 8.30
CA VAL U 63 -88.49 31.49 7.79
C VAL U 63 -89.24 32.49 6.93
N GLU U 64 -89.32 33.76 7.34
CA GLU U 64 -89.95 34.80 6.53
C GLU U 64 -89.21 35.04 5.21
N MET U 65 -87.88 35.08 5.21
CA MET U 65 -87.10 35.18 3.97
C MET U 65 -87.34 34.01 3.02
N ILE U 66 -87.44 32.78 3.52
CA ILE U 66 -87.74 31.61 2.70
C ILE U 66 -89.16 31.70 2.13
N LYS U 67 -90.17 31.98 2.96
CA LYS U 67 -91.57 32.08 2.51
C LYS U 67 -91.80 33.23 1.53
N GLY U 68 -91.12 34.37 1.71
CA GLY U 68 -91.17 35.48 0.75
C GLY U 68 -90.50 35.16 -0.58
N THR U 69 -89.34 34.51 -0.55
CA THR U 69 -88.63 34.10 -1.77
C THR U 69 -89.41 33.04 -2.55
N ALA U 70 -90.12 32.13 -1.89
CA ALA U 70 -90.95 31.14 -2.56
C ALA U 70 -92.04 31.79 -3.43
N LYS U 71 -92.73 32.83 -2.93
CA LYS U 71 -93.69 33.60 -3.74
C LYS U 71 -93.02 34.29 -4.94
N GLY U 72 -91.83 34.83 -4.74
CA GLY U 72 -91.05 35.43 -5.82
C GLY U 72 -90.70 34.43 -6.93
N LEU U 73 -90.26 33.24 -6.57
CA LEU U 73 -89.97 32.14 -7.51
C LEU U 73 -91.22 31.41 -8.04
N LYS U 74 -92.42 31.75 -7.56
CA LYS U 74 -93.70 31.10 -7.90
C LYS U 74 -93.72 29.59 -7.56
N VAL U 75 -93.20 29.22 -6.38
CA VAL U 75 -93.20 27.84 -5.86
C VAL U 75 -93.93 27.77 -4.52
N LYS U 76 -94.49 26.60 -4.20
CA LYS U 76 -95.00 26.31 -2.85
C LYS U 76 -93.89 25.77 -1.97
N VAL U 77 -93.83 26.19 -0.71
CA VAL U 77 -92.78 25.76 0.22
C VAL U 77 -93.35 25.32 1.57
N GLU U 78 -92.83 24.24 2.12
CA GLU U 78 -93.01 23.81 3.50
C GLU U 78 -91.67 23.93 4.23
N VAL U 79 -91.65 24.57 5.40
CA VAL U 79 -90.45 24.68 6.25
C VAL U 79 -90.66 23.93 7.55
N PHE U 80 -89.72 23.07 7.92
CA PHE U 80 -89.79 22.18 9.07
C PHE U 80 -88.48 22.18 9.88
N GLN U 81 -88.57 22.14 11.21
CA GLN U 81 -87.43 21.96 12.10
C GLN U 81 -87.76 20.97 13.21
N SER U 82 -86.81 20.12 13.59
CA SER U 82 -86.93 19.29 14.79
C SER U 82 -85.56 18.98 15.41
N ASN U 83 -85.52 18.78 16.72
CA ASN U 83 -84.33 18.31 17.43
C ASN U 83 -84.19 16.77 17.41
N HIS U 84 -85.19 16.03 16.94
CA HIS U 84 -85.18 14.57 16.89
C HIS U 84 -84.72 14.04 15.54
N GLU U 85 -83.65 13.23 15.52
CA GLU U 85 -83.16 12.53 14.32
C GLU U 85 -84.26 11.68 13.66
N GLY U 86 -85.10 11.01 14.45
CA GLY U 86 -86.21 10.21 13.94
C GLY U 86 -87.32 11.02 13.29
N ALA U 87 -87.60 12.24 13.76
CA ALA U 87 -88.62 13.09 13.15
C ALA U 87 -88.18 13.58 11.76
N ILE U 88 -86.88 13.81 11.56
CA ILE U 88 -86.31 14.15 10.25
C ILE U 88 -86.44 12.96 9.29
N ILE U 89 -86.13 11.75 9.74
CA ILE U 89 -86.29 10.54 8.92
C ILE U 89 -87.78 10.31 8.58
N ASP U 90 -88.70 10.48 9.53
CA ASP U 90 -90.14 10.44 9.24
C ASP U 90 -90.57 11.49 8.20
N LYS U 91 -90.07 12.73 8.31
CA LYS U 91 -90.38 13.81 7.37
C LYS U 91 -89.86 13.50 5.96
N LEU U 92 -88.66 12.94 5.83
CA LEU U 92 -88.12 12.49 4.54
C LEU U 92 -88.95 11.34 3.94
N GLN U 93 -89.36 10.36 4.74
CA GLN U 93 -90.24 9.29 4.26
C GLN U 93 -91.63 9.81 3.89
N GLU U 94 -92.17 10.78 4.60
CA GLU U 94 -93.44 11.42 4.24
C GLU U 94 -93.33 12.18 2.92
N ALA U 95 -92.21 12.86 2.64
CA ALA U 95 -92.00 13.60 1.40
C ALA U 95 -92.14 12.71 0.16
N TYR U 96 -91.63 11.49 0.22
CA TYR U 96 -91.73 10.50 -0.85
C TYR U 96 -93.18 10.14 -1.21
N TYR U 97 -94.07 10.08 -0.22
CA TYR U 97 -95.50 9.82 -0.44
C TYR U 97 -96.31 11.07 -0.81
N ASN U 98 -95.72 12.26 -0.78
CA ASN U 98 -96.40 13.54 -0.98
C ASN U 98 -95.98 14.29 -2.25
N ASP U 99 -95.19 13.66 -3.12
CA ASP U 99 -94.75 14.21 -4.41
C ASP U 99 -94.06 15.58 -4.29
N VAL U 100 -93.17 15.73 -3.31
CA VAL U 100 -92.24 16.86 -3.22
C VAL U 100 -91.30 16.85 -4.42
N ASP U 101 -91.13 17.99 -5.09
CA ASP U 101 -90.30 18.10 -6.29
C ASP U 101 -88.81 18.31 -5.98
N GLY U 102 -88.46 18.81 -4.80
CA GLY U 102 -87.08 18.97 -4.36
C GLY U 102 -86.95 19.31 -2.87
N ILE U 103 -85.81 18.97 -2.27
CA ILE U 103 -85.55 19.11 -0.84
C ILE U 103 -84.34 20.00 -0.58
N VAL U 104 -84.47 20.96 0.33
CA VAL U 104 -83.33 21.72 0.88
C VAL U 104 -83.13 21.26 2.32
N ILE U 105 -81.93 20.82 2.69
CA ILE U 105 -81.68 20.29 4.04
C ILE U 105 -80.44 20.92 4.69
N ASN U 106 -80.57 21.35 5.95
CA ASN U 106 -79.47 21.74 6.80
C ASN U 106 -79.46 20.82 8.03
N PRO U 107 -78.66 19.74 8.03
CA PRO U 107 -78.69 18.77 9.12
C PRO U 107 -78.13 19.27 10.46
N GLY U 108 -77.50 20.45 10.52
CA GLY U 108 -76.69 20.84 11.67
C GLY U 108 -75.58 19.82 11.92
N ALA U 109 -75.34 19.48 13.19
CA ALA U 109 -74.29 18.55 13.60
C ALA U 109 -74.44 17.10 13.06
N PHE U 110 -75.66 16.65 12.73
CA PHE U 110 -75.89 15.31 12.16
C PHE U 110 -75.11 15.06 10.86
N THR U 111 -74.70 16.12 10.17
CA THR U 111 -73.79 16.09 9.01
C THR U 111 -72.50 15.30 9.26
N HIS U 112 -72.05 15.27 10.51
CA HIS U 112 -70.75 14.72 10.90
C HIS U 112 -70.82 13.35 11.59
N TYR U 113 -72.02 12.79 11.81
CA TYR U 113 -72.17 11.47 12.44
C TYR U 113 -73.43 10.66 12.11
N SER U 114 -74.52 11.23 11.61
CA SER U 114 -75.76 10.47 11.39
C SER U 114 -75.74 9.67 10.10
N TYR U 115 -75.26 8.43 10.16
CA TYR U 115 -75.41 7.48 9.06
C TYR U 115 -76.87 7.07 8.85
N ALA U 116 -77.75 7.19 9.86
CA ALA U 116 -79.18 6.96 9.68
C ALA U 116 -79.83 8.00 8.76
N VAL U 117 -79.50 9.30 8.92
CA VAL U 117 -80.01 10.36 8.03
C VAL U 117 -79.37 10.27 6.64
N ARG U 118 -78.09 9.92 6.53
CA ARG U 118 -77.46 9.59 5.23
C ARG U 118 -78.27 8.53 4.49
N ASP U 119 -78.52 7.39 5.14
CA ASP U 119 -79.21 6.28 4.51
C ASP U 119 -80.70 6.60 4.23
N ALA U 120 -81.32 7.48 5.01
CA ALA U 120 -82.65 8.00 4.69
C ALA U 120 -82.63 8.82 3.39
N LEU U 121 -81.66 9.72 3.22
CA LEU U 121 -81.50 10.49 1.98
C LEU U 121 -81.18 9.59 0.80
N ALA U 122 -80.38 8.53 0.98
CA ALA U 122 -80.15 7.53 -0.05
C ALA U 122 -81.42 6.76 -0.43
N SER U 123 -82.33 6.51 0.51
CA SER U 123 -83.58 5.77 0.24
C SER U 123 -84.58 6.51 -0.66
N ILE U 124 -84.43 7.82 -0.84
CA ILE U 124 -85.32 8.66 -1.67
C ILE U 124 -84.59 9.27 -2.88
N ALA U 125 -83.69 8.52 -3.50
CA ALA U 125 -82.84 8.97 -4.62
C ALA U 125 -83.59 9.53 -5.85
N ALA U 126 -84.88 9.27 -5.99
CA ALA U 126 -85.72 9.86 -7.04
C ALA U 126 -85.93 11.38 -6.87
N ILE U 127 -85.73 11.95 -5.68
CA ILE U 127 -85.97 13.37 -5.38
C ILE U 127 -84.63 14.12 -5.31
N PRO U 128 -84.44 15.25 -6.01
CA PRO U 128 -83.21 16.04 -5.91
C PRO U 128 -83.13 16.77 -4.56
N LYS U 129 -81.96 16.77 -3.92
CA LYS U 129 -81.72 17.47 -2.65
C LYS U 129 -80.45 18.31 -2.66
N ILE U 130 -80.52 19.49 -2.05
CA ILE U 130 -79.37 20.38 -1.81
C ILE U 130 -79.09 20.44 -0.32
N GLU U 131 -77.84 20.22 0.10
CA GLU U 131 -77.42 20.41 1.49
C GLU U 131 -76.93 21.86 1.73
N VAL U 132 -77.28 22.45 2.87
CA VAL U 132 -76.98 23.84 3.23
C VAL U 132 -76.28 23.94 4.57
N HIS U 133 -75.20 24.74 4.66
CA HIS U 133 -74.58 25.16 5.93
C HIS U 133 -74.42 26.67 6.03
N ILE U 134 -74.86 27.24 7.14
CA ILE U 134 -74.86 28.69 7.36
C ILE U 134 -73.43 29.21 7.58
N SER U 135 -72.68 28.56 8.45
CA SER U 135 -71.25 28.84 8.70
C SER U 135 -70.34 27.88 7.93
N ASN U 136 -69.04 28.19 7.85
CA ASN U 136 -68.03 27.48 7.05
C ASN U 136 -67.60 26.13 7.67
N VAL U 137 -68.53 25.21 7.94
CA VAL U 137 -68.32 24.01 8.79
C VAL U 137 -67.12 23.15 8.40
N THR U 146 -65.01 16.75 7.44
CA THR U 146 -65.56 15.82 6.45
C THR U 146 -66.98 15.39 6.85
N SER U 147 -67.87 15.18 5.87
CA SER U 147 -69.32 15.07 6.07
C SER U 147 -69.90 13.78 5.49
N VAL U 148 -70.85 13.15 6.20
CA VAL U 148 -71.42 11.85 5.79
C VAL U 148 -72.62 11.97 4.84
N THR U 149 -73.35 13.08 4.86
CA THR U 149 -74.57 13.34 4.07
C THR U 149 -74.33 13.97 2.68
N VAL U 150 -73.13 14.47 2.39
CA VAL U 150 -72.80 15.14 1.10
C VAL U 150 -72.94 14.24 -0.14
N PRO U 151 -72.36 13.03 -0.22
CA PRO U 151 -72.36 12.26 -1.46
C PRO U 151 -73.74 11.72 -1.89
N VAL U 152 -74.74 11.75 -1.00
CA VAL U 152 -76.13 11.35 -1.28
C VAL U 152 -77.03 12.53 -1.66
N CYS U 153 -76.46 13.73 -1.86
CA CYS U 153 -77.13 14.96 -2.29
C CYS U 153 -76.56 15.47 -3.63
N GLN U 154 -77.36 16.23 -4.39
CA GLN U 154 -76.98 16.70 -5.72
C GLN U 154 -76.13 17.99 -5.72
N GLY U 155 -75.99 18.65 -4.57
CA GLY U 155 -75.11 19.80 -4.37
C GLY U 155 -75.03 20.23 -2.91
N GLU U 156 -74.00 20.99 -2.56
CA GLU U 156 -73.85 21.64 -1.25
C GLU U 156 -73.67 23.16 -1.42
N VAL U 157 -74.26 23.95 -0.52
CA VAL U 157 -74.05 25.41 -0.41
C VAL U 157 -73.53 25.71 1.00
N VAL U 158 -72.36 26.30 1.12
CA VAL U 158 -71.65 26.43 2.40
C VAL U 158 -71.15 27.85 2.66
N GLY U 159 -71.37 28.36 3.87
CA GLY U 159 -70.74 29.58 4.36
C GLY U 159 -71.33 30.89 3.85
N LEU U 160 -72.43 30.87 3.10
CA LEU U 160 -73.08 32.07 2.56
C LEU U 160 -74.11 32.71 3.52
N GLY U 161 -74.07 32.36 4.81
CA GLY U 161 -75.04 32.85 5.79
C GLY U 161 -76.46 32.40 5.49
N LEU U 162 -77.46 33.21 5.84
CA LEU U 162 -78.87 32.91 5.54
C LEU U 162 -79.16 32.95 4.02
N GLY U 163 -78.28 33.54 3.22
CA GLY U 163 -78.37 33.52 1.76
C GLY U 163 -78.22 32.14 1.13
N GLY U 164 -77.61 31.17 1.83
CA GLY U 164 -77.41 29.81 1.30
C GLY U 164 -78.70 29.07 0.96
N TYR U 165 -79.78 29.29 1.72
CA TYR U 165 -81.10 28.75 1.41
C TYR U 165 -81.67 29.31 0.11
N LEU U 166 -81.41 30.59 -0.19
CA LEU U 166 -81.94 31.25 -1.37
C LEU U 166 -81.26 30.74 -2.64
N ALA U 167 -79.94 30.52 -2.60
CA ALA U 167 -79.26 29.83 -3.68
C ALA U 167 -79.78 28.40 -3.86
N ALA U 168 -79.96 27.64 -2.78
CA ALA U 168 -80.45 26.27 -2.88
C ALA U 168 -81.83 26.17 -3.52
N MET U 169 -82.77 27.06 -3.16
CA MET U 169 -84.07 27.12 -3.86
C MET U 169 -83.91 27.49 -5.34
N GLY U 170 -83.03 28.44 -5.67
CA GLY U 170 -82.72 28.78 -7.06
C GLY U 170 -82.18 27.58 -7.84
N MET U 171 -81.23 26.83 -7.28
CA MET U 171 -80.67 25.63 -7.88
C MET U 171 -81.71 24.52 -8.08
N LEU U 172 -82.79 24.47 -7.31
CA LEU U 172 -83.88 23.50 -7.52
C LEU U 172 -84.90 23.96 -8.57
N VAL U 173 -85.08 25.26 -8.76
CA VAL U 173 -85.93 25.79 -9.83
C VAL U 173 -85.26 25.66 -11.20
N GLU U 174 -83.94 25.75 -11.26
CA GLU U 174 -83.12 25.60 -12.46
C GLU U 174 -83.07 24.16 -13.02
N MET V 33 -4.56 -91.31 35.68
CA MET V 33 -5.10 -89.94 35.44
C MET V 33 -6.58 -90.01 35.08
N LYS V 34 -7.39 -89.10 35.64
CA LYS V 34 -8.84 -88.95 35.43
C LYS V 34 -9.15 -87.62 34.75
N ILE V 35 -9.84 -87.64 33.60
CA ILE V 35 -10.26 -86.46 32.83
C ILE V 35 -11.78 -86.32 32.85
N LEU V 36 -12.29 -85.10 32.95
CA LEU V 36 -13.71 -84.79 32.82
C LEU V 36 -13.99 -83.93 31.59
N VAL V 37 -14.91 -84.36 30.73
CA VAL V 37 -15.34 -83.63 29.54
C VAL V 37 -16.77 -83.11 29.74
N ILE V 38 -16.97 -81.79 29.65
CA ILE V 38 -18.28 -81.15 29.81
C ILE V 38 -18.71 -80.50 28.50
N ASN V 39 -19.88 -80.87 28.01
CA ASN V 39 -20.54 -80.27 26.86
C ASN V 39 -21.76 -79.45 27.29
N GLY V 40 -21.88 -78.23 26.81
CA GLY V 40 -22.96 -77.30 27.13
C GLY V 40 -24.30 -77.57 26.43
N PRO V 41 -25.22 -76.59 26.44
CA PRO V 41 -26.52 -76.72 25.80
C PRO V 41 -26.39 -76.89 24.28
N ASN V 42 -27.37 -77.54 23.66
CA ASN V 42 -27.47 -77.81 22.22
C ASN V 42 -26.41 -78.74 21.60
N ILE V 43 -25.30 -79.04 22.27
CA ILE V 43 -24.23 -79.89 21.71
C ILE V 43 -24.72 -81.32 21.40
N ASN V 44 -25.71 -81.83 22.11
CA ASN V 44 -26.31 -83.14 21.83
C ASN V 44 -27.02 -83.23 20.48
N PHE V 45 -27.30 -82.10 19.81
CA PHE V 45 -27.93 -82.01 18.50
C PHE V 45 -26.93 -81.85 17.34
N LEU V 46 -25.63 -82.10 17.53
CA LEU V 46 -24.70 -82.30 16.41
C LEU V 46 -25.24 -83.30 15.39
N GLY V 47 -25.10 -82.99 14.09
CA GLY V 47 -25.61 -83.80 13.00
C GLY V 47 -27.11 -83.64 12.73
N ILE V 48 -27.84 -82.95 13.60
CA ILE V 48 -29.21 -82.44 13.34
C ILE V 48 -29.12 -80.94 13.02
N PRO V 56 -22.18 -85.29 8.61
CA PRO V 56 -23.00 -86.44 8.98
C PRO V 56 -22.65 -87.03 10.36
N LEU V 57 -21.52 -86.67 10.98
CA LEU V 57 -21.16 -87.14 12.32
C LEU V 57 -22.10 -86.56 13.38
N ASN V 58 -22.57 -87.38 14.30
CA ASN V 58 -23.46 -86.97 15.39
C ASN V 58 -22.78 -86.97 16.76
N TYR V 59 -23.52 -86.65 17.82
CA TYR V 59 -22.98 -86.60 19.17
C TYR V 59 -22.45 -87.96 19.67
N ASP V 60 -23.07 -89.08 19.29
CA ASP V 60 -22.59 -90.40 19.71
C ASP V 60 -21.26 -90.77 19.05
N ASP V 61 -21.03 -90.32 17.81
CA ASP V 61 -19.74 -90.49 17.14
C ASP V 61 -18.63 -89.73 17.88
N LEU V 62 -18.91 -88.50 18.32
CA LEU V 62 -17.98 -87.71 19.14
C LEU V 62 -17.68 -88.41 20.48
N VAL V 63 -18.70 -88.94 21.17
CA VAL V 63 -18.48 -89.67 22.43
C VAL V 63 -17.62 -90.91 22.22
N GLU V 64 -17.86 -91.69 21.15
CA GLU V 64 -17.03 -92.86 20.85
C GLU V 64 -15.58 -92.48 20.48
N MET V 65 -15.36 -91.41 19.71
CA MET V 65 -14.01 -90.90 19.45
C MET V 65 -13.29 -90.52 20.73
N ILE V 66 -13.94 -89.83 21.67
CA ILE V 66 -13.34 -89.45 22.95
C ILE V 66 -13.04 -90.69 23.81
N LYS V 67 -13.99 -91.62 23.97
CA LYS V 67 -13.77 -92.84 24.76
C LYS V 67 -12.70 -93.75 24.17
N GLY V 68 -12.62 -93.85 22.84
CA GLY V 68 -11.56 -94.62 22.18
C GLY V 68 -10.19 -93.98 22.35
N THR V 69 -10.10 -92.65 22.24
CA THR V 69 -8.84 -91.92 22.47
C THR V 69 -8.37 -92.02 23.92
N ALA V 70 -9.27 -92.06 24.90
CA ALA V 70 -8.89 -92.21 26.30
C ALA V 70 -8.13 -93.52 26.58
N LYS V 71 -8.59 -94.65 26.02
CA LYS V 71 -7.86 -95.93 26.08
C LYS V 71 -6.50 -95.84 25.40
N GLY V 72 -6.42 -95.17 24.26
CA GLY V 72 -5.16 -94.93 23.55
C GLY V 72 -4.14 -94.16 24.38
N LEU V 73 -4.57 -93.08 25.03
CA LEU V 73 -3.74 -92.26 25.92
C LEU V 73 -3.53 -92.86 27.32
N LYS V 74 -4.15 -94.00 27.64
CA LYS V 74 -4.10 -94.66 28.97
C LYS V 74 -4.61 -93.76 30.10
N VAL V 75 -5.75 -93.11 29.89
CA VAL V 75 -6.45 -92.26 30.87
C VAL V 75 -7.89 -92.73 31.07
N LYS V 76 -8.49 -92.42 32.22
CA LYS V 76 -9.92 -92.60 32.47
C LYS V 76 -10.66 -91.31 32.15
N VAL V 77 -11.81 -91.41 31.48
CA VAL V 77 -12.60 -90.25 31.06
C VAL V 77 -14.07 -90.37 31.47
N GLU V 78 -14.67 -89.27 31.90
CA GLU V 78 -16.11 -89.11 32.01
C GLU V 78 -16.58 -88.04 31.03
N VAL V 79 -17.63 -88.31 30.25
CA VAL V 79 -18.22 -87.36 29.31
C VAL V 79 -19.63 -87.01 29.75
N PHE V 80 -19.93 -85.72 29.88
CA PHE V 80 -21.19 -85.22 30.41
C PHE V 80 -21.77 -84.12 29.52
N GLN V 81 -23.09 -84.10 29.34
CA GLN V 81 -23.80 -83.03 28.65
C GLN V 81 -25.09 -82.65 29.38
N SER V 82 -25.41 -81.37 29.46
CA SER V 82 -26.71 -80.88 29.94
C SER V 82 -27.11 -79.57 29.29
N ASN V 83 -28.41 -79.34 29.13
CA ASN V 83 -28.93 -78.05 28.69
C ASN V 83 -29.07 -77.03 29.84
N HIS V 84 -28.88 -77.43 31.10
CA HIS V 84 -29.05 -76.56 32.27
C HIS V 84 -27.72 -75.93 32.72
N GLU V 85 -27.67 -74.61 32.80
CA GLU V 85 -26.52 -73.85 33.34
C GLU V 85 -26.15 -74.32 34.77
N GLY V 86 -27.15 -74.54 35.62
CA GLY V 86 -26.92 -74.99 37.00
C GLY V 86 -26.38 -76.41 37.10
N ALA V 87 -26.74 -77.32 36.19
CA ALA V 87 -26.20 -78.68 36.21
C ALA V 87 -24.72 -78.72 35.81
N ILE V 88 -24.27 -77.81 34.95
CA ILE V 88 -22.86 -77.64 34.64
C ILE V 88 -22.10 -77.15 35.87
N ILE V 89 -22.62 -76.15 36.59
CA ILE V 89 -22.00 -75.67 37.82
C ILE V 89 -21.97 -76.76 38.90
N ASP V 90 -23.03 -77.53 39.07
CA ASP V 90 -23.02 -78.69 39.97
C ASP V 90 -21.95 -79.71 39.60
N LYS V 91 -21.78 -80.01 38.31
CA LYS V 91 -20.75 -80.95 37.82
C LYS V 91 -19.36 -80.41 38.08
N LEU V 92 -19.10 -79.12 37.87
CA LEU V 92 -17.81 -78.50 38.20
C LEU V 92 -17.53 -78.53 39.70
N GLN V 93 -18.53 -78.30 40.55
CA GLN V 93 -18.37 -78.42 42.00
C GLN V 93 -18.14 -79.87 42.43
N GLU V 94 -18.83 -80.84 41.83
CA GLU V 94 -18.60 -82.26 42.09
C GLU V 94 -17.19 -82.69 41.70
N ALA V 95 -16.64 -82.16 40.60
CA ALA V 95 -15.28 -82.48 40.15
C ALA V 95 -14.22 -82.15 41.20
N TYR V 96 -14.39 -81.04 41.93
CA TYR V 96 -13.46 -80.64 43.01
C TYR V 96 -13.40 -81.66 44.15
N TYR V 97 -14.53 -82.27 44.51
CA TYR V 97 -14.59 -83.28 45.57
C TYR V 97 -14.16 -84.69 45.12
N ASN V 98 -13.91 -84.90 43.82
CA ASN V 98 -13.66 -86.21 43.23
C ASN V 98 -12.28 -86.35 42.56
N ASP V 99 -11.36 -85.41 42.82
CA ASP V 99 -9.96 -85.49 42.38
C ASP V 99 -9.78 -85.68 40.87
N VAL V 100 -10.57 -84.98 40.06
CA VAL V 100 -10.36 -84.87 38.61
C VAL V 100 -9.01 -84.19 38.34
N ASP V 101 -8.21 -84.73 37.43
CA ASP V 101 -6.87 -84.20 37.13
C ASP V 101 -6.87 -83.10 36.06
N GLY V 102 -7.90 -83.02 35.23
CA GLY V 102 -8.07 -81.95 34.25
C GLY V 102 -9.45 -81.98 33.59
N ILE V 103 -9.90 -80.81 33.11
CA ILE V 103 -11.24 -80.60 32.56
C ILE V 103 -11.16 -80.13 31.11
N VAL V 104 -11.92 -80.76 30.21
CA VAL V 104 -12.16 -80.23 28.86
C VAL V 104 -13.58 -79.71 28.82
N ILE V 105 -13.80 -78.46 28.42
CA ILE V 105 -15.14 -77.86 28.42
C ILE V 105 -15.49 -77.19 27.09
N ASN V 106 -16.68 -77.45 26.59
CA ASN V 106 -17.29 -76.73 25.47
C ASN V 106 -18.61 -76.11 25.95
N PRO V 107 -18.63 -74.84 26.36
CA PRO V 107 -19.82 -74.24 26.93
C PRO V 107 -20.96 -73.98 25.94
N GLY V 108 -20.76 -74.14 24.64
CA GLY V 108 -21.72 -73.66 23.64
C GLY V 108 -21.94 -72.15 23.77
N ALA V 109 -23.18 -71.69 23.65
CA ALA V 109 -23.53 -70.27 23.71
C ALA V 109 -23.21 -69.58 25.05
N PHE V 110 -23.14 -70.31 26.18
CA PHE V 110 -22.81 -69.74 27.50
C PHE V 110 -21.44 -69.03 27.52
N THR V 111 -20.56 -69.36 26.59
CA THR V 111 -19.27 -68.69 26.35
C THR V 111 -19.40 -67.17 26.20
N HIS V 112 -20.55 -66.70 25.71
CA HIS V 112 -20.77 -65.29 25.33
C HIS V 112 -21.63 -64.50 26.33
N TYR V 113 -22.12 -65.12 27.41
CA TYR V 113 -22.94 -64.43 28.42
C TYR V 113 -22.94 -65.01 29.85
N SER V 114 -22.55 -66.27 30.09
CA SER V 114 -22.67 -66.86 31.44
C SER V 114 -21.51 -66.46 32.37
N TYR V 115 -21.66 -65.33 33.05
CA TYR V 115 -20.75 -64.96 34.13
C TYR V 115 -20.82 -65.93 35.32
N ALA V 116 -21.92 -66.68 35.50
CA ALA V 116 -22.02 -67.70 36.53
C ALA V 116 -21.09 -68.88 36.27
N VAL V 117 -21.03 -69.40 35.03
CA VAL V 117 -20.11 -70.50 34.67
C VAL V 117 -18.66 -70.02 34.66
N ARG V 118 -18.38 -68.79 34.24
CA ARG V 118 -17.05 -68.17 34.41
C ARG V 118 -16.61 -68.21 35.87
N ASP V 119 -17.43 -67.69 36.78
CA ASP V 119 -17.10 -67.67 38.19
C ASP V 119 -17.06 -69.07 38.82
N ALA V 120 -17.79 -70.05 38.27
CA ALA V 120 -17.65 -71.45 38.69
C ALA V 120 -16.28 -72.01 38.31
N LEU V 121 -15.83 -71.81 37.08
CA LEU V 121 -14.49 -72.18 36.64
C LEU V 121 -13.39 -71.47 37.44
N ALA V 122 -13.60 -70.21 37.81
CA ALA V 122 -12.69 -69.48 38.69
C ALA V 122 -12.63 -70.07 40.11
N SER V 123 -13.72 -70.64 40.63
CA SER V 123 -13.74 -71.22 41.98
C SER V 123 -12.87 -72.48 42.11
N ILE V 124 -12.63 -73.21 41.03
CA ILE V 124 -11.82 -74.44 41.00
C ILE V 124 -10.44 -74.22 40.37
N ALA V 125 -9.79 -73.09 40.64
CA ALA V 125 -8.52 -72.67 40.04
C ALA V 125 -7.35 -73.68 40.21
N ALA V 126 -7.43 -74.61 41.16
CA ALA V 126 -6.46 -75.69 41.34
C ALA V 126 -6.44 -76.74 40.22
N ILE V 127 -7.50 -76.85 39.42
CA ILE V 127 -7.63 -77.87 38.37
C ILE V 127 -7.37 -77.23 36.99
N PRO V 128 -6.50 -77.80 36.14
CA PRO V 128 -6.27 -77.27 34.80
C PRO V 128 -7.47 -77.55 33.89
N LYS V 129 -7.90 -76.55 33.11
CA LYS V 129 -9.00 -76.69 32.15
C LYS V 129 -8.67 -76.14 30.77
N ILE V 130 -9.11 -76.82 29.73
CA ILE V 130 -9.02 -76.39 28.33
C ILE V 130 -10.43 -76.12 27.80
N GLU V 131 -10.65 -74.96 27.18
CA GLU V 131 -11.90 -74.65 26.50
C GLU V 131 -11.88 -75.08 25.02
N VAL V 132 -12.96 -75.65 24.50
CA VAL V 132 -13.05 -76.18 23.12
C VAL V 132 -14.25 -75.60 22.38
N HIS V 133 -14.04 -75.17 21.13
CA HIS V 133 -15.10 -74.81 20.18
C HIS V 133 -14.99 -75.57 18.86
N ILE V 134 -16.09 -76.17 18.42
CA ILE V 134 -16.13 -76.99 17.20
C ILE V 134 -16.04 -76.13 15.94
N SER V 135 -16.79 -75.03 15.89
CA SER V 135 -16.77 -74.03 14.81
C SER V 135 -15.98 -72.78 15.21
N ASN V 136 -15.65 -71.92 14.24
CA ASN V 136 -14.79 -70.73 14.41
C ASN V 136 -15.51 -69.56 15.11
N VAL V 137 -16.04 -69.76 16.33
CA VAL V 137 -16.99 -68.83 16.99
C VAL V 137 -16.53 -67.36 17.04
N THR V 146 -16.10 -62.02 21.29
CA THR V 146 -15.33 -62.05 22.54
C THR V 146 -16.04 -62.95 23.57
N SER V 147 -15.26 -63.60 24.45
CA SER V 147 -15.73 -64.67 25.33
C SER V 147 -15.48 -64.36 26.81
N VAL V 148 -16.40 -64.77 27.70
CA VAL V 148 -16.30 -64.52 29.14
C VAL V 148 -15.57 -65.64 29.92
N THR V 149 -15.53 -66.86 29.38
CA THR V 149 -14.94 -68.06 30.03
C THR V 149 -13.46 -68.33 29.71
N VAL V 150 -12.89 -67.70 28.67
CA VAL V 150 -11.50 -67.92 28.22
C VAL V 150 -10.42 -67.60 29.27
N PRO V 151 -10.40 -66.41 29.92
CA PRO V 151 -9.26 -66.01 30.75
C PRO V 151 -9.12 -66.78 32.07
N VAL V 152 -10.09 -67.62 32.42
CA VAL V 152 -10.05 -68.53 33.59
C VAL V 152 -9.70 -69.98 33.21
N CYS V 153 -9.22 -70.22 31.99
CA CYS V 153 -8.76 -71.51 31.47
C CYS V 153 -7.28 -71.47 31.04
N GLN V 154 -6.59 -72.62 31.07
CA GLN V 154 -5.17 -72.70 30.69
C GLN V 154 -4.93 -72.69 29.18
N GLY V 155 -5.97 -72.84 28.36
CA GLY V 155 -5.90 -72.72 26.91
C GLY V 155 -7.27 -72.82 26.24
N GLU V 156 -7.33 -72.43 24.97
CA GLU V 156 -8.50 -72.60 24.11
C GLU V 156 -8.11 -73.32 22.81
N VAL V 157 -8.99 -74.20 22.32
CA VAL V 157 -8.89 -74.85 21.01
C VAL V 157 -10.12 -74.47 20.20
N VAL V 158 -9.94 -73.89 19.01
CA VAL V 158 -11.04 -73.32 18.21
C VAL V 158 -11.01 -73.77 16.77
N GLY V 159 -12.15 -74.17 16.22
CA GLY V 159 -12.35 -74.35 14.78
C GLY V 159 -11.73 -75.60 14.15
N LEU V 160 -11.22 -76.54 14.94
CA LEU V 160 -10.64 -77.80 14.44
C LEU V 160 -11.67 -78.93 14.31
N GLY V 161 -12.97 -78.62 14.33
CA GLY V 161 -14.04 -79.61 14.28
C GLY V 161 -14.04 -80.53 15.51
N LEU V 162 -14.44 -81.78 15.35
CA LEU V 162 -14.43 -82.78 16.42
C LEU V 162 -13.00 -83.15 16.85
N GLY V 163 -11.98 -82.86 16.04
CA GLY V 163 -10.58 -83.03 16.40
C GLY V 163 -10.12 -82.14 17.56
N GLY V 164 -10.81 -81.05 17.86
CA GLY V 164 -10.43 -80.13 18.94
C GLY V 164 -10.42 -80.75 20.33
N TYR V 165 -11.33 -81.69 20.61
CA TYR V 165 -11.33 -82.44 21.86
C TYR V 165 -10.09 -83.31 22.02
N LEU V 166 -9.58 -83.87 20.92
CA LEU V 166 -8.42 -84.77 20.95
C LEU V 166 -7.14 -83.97 21.20
N ALA V 167 -7.01 -82.78 20.64
CA ALA V 167 -5.94 -81.86 21.03
C ALA V 167 -6.03 -81.50 22.51
N ALA V 168 -7.21 -81.13 23.01
CA ALA V 168 -7.38 -80.75 24.41
C ALA V 168 -7.00 -81.87 25.38
N MET V 169 -7.38 -83.13 25.11
CA MET V 169 -6.91 -84.26 25.90
C MET V 169 -5.39 -84.43 25.83
N GLY V 170 -4.77 -84.24 24.66
CA GLY V 170 -3.32 -84.25 24.53
C GLY V 170 -2.65 -83.16 25.37
N MET V 171 -3.16 -81.93 25.32
CA MET V 171 -2.67 -80.82 26.11
C MET V 171 -2.79 -81.03 27.63
N LEU V 172 -3.74 -81.83 28.11
CA LEU V 172 -3.86 -82.18 29.52
C LEU V 172 -2.93 -83.32 29.95
N VAL V 173 -2.61 -84.24 29.05
CA VAL V 173 -1.64 -85.32 29.30
C VAL V 173 -0.21 -84.79 29.31
N GLU V 174 0.09 -83.76 28.51
CA GLU V 174 1.39 -83.09 28.43
C GLU V 174 1.70 -82.19 29.65
N MET W 33 -42.41 -62.25 62.81
CA MET W 33 -41.89 -61.87 61.48
C MET W 33 -41.13 -63.04 60.85
N LYS W 34 -41.30 -63.28 59.55
CA LYS W 34 -40.66 -64.33 58.74
C LYS W 34 -39.76 -63.72 57.65
N ILE W 35 -38.48 -64.04 57.65
CA ILE W 35 -37.48 -63.56 56.67
C ILE W 35 -37.03 -64.71 55.76
N LEU W 36 -36.84 -64.44 54.47
CA LEU W 36 -36.25 -65.38 53.52
C LEU W 36 -34.91 -64.87 53.01
N VAL W 37 -33.86 -65.68 53.14
CA VAL W 37 -32.53 -65.38 52.62
C VAL W 37 -32.22 -66.28 51.42
N ILE W 38 -31.89 -65.67 50.28
CA ILE W 38 -31.59 -66.38 49.03
C ILE W 38 -30.15 -66.10 48.60
N ASN W 39 -29.37 -67.15 48.42
CA ASN W 39 -28.02 -67.12 47.88
C ASN W 39 -27.98 -67.72 46.47
N GLY W 40 -27.35 -67.03 45.53
CA GLY W 40 -27.24 -67.44 44.13
C GLY W 40 -26.19 -68.53 43.86
N PRO W 41 -25.80 -68.72 42.60
CA PRO W 41 -24.80 -69.72 42.21
C PRO W 41 -23.44 -69.41 42.82
N ASN W 42 -22.62 -70.45 43.01
CA ASN W 42 -21.24 -70.40 43.54
C ASN W 42 -21.06 -69.97 45.00
N ILE W 43 -22.07 -69.38 45.66
CA ILE W 43 -21.94 -68.90 47.05
C ILE W 43 -21.66 -70.04 48.04
N ASN W 44 -22.12 -71.27 47.77
CA ASN W 44 -21.82 -72.42 48.61
C ASN W 44 -20.32 -72.79 48.65
N PHE W 45 -19.50 -72.27 47.73
CA PHE W 45 -18.05 -72.48 47.68
C PHE W 45 -17.24 -71.38 48.36
N LEU W 46 -17.83 -70.49 49.17
CA LEU W 46 -17.07 -69.61 50.08
C LEU W 46 -16.07 -70.40 50.92
N GLY W 47 -14.86 -69.88 51.06
CA GLY W 47 -13.77 -70.53 51.79
C GLY W 47 -13.03 -71.62 51.01
N ILE W 48 -13.59 -72.08 49.87
CA ILE W 48 -12.86 -72.83 48.84
C ILE W 48 -12.40 -71.85 47.76
N PRO W 56 -10.77 -67.81 56.05
CA PRO W 56 -11.05 -69.19 56.44
C PRO W 56 -12.54 -69.51 56.64
N LEU W 57 -13.43 -68.51 56.74
CA LEU W 57 -14.86 -68.74 56.95
C LEU W 57 -15.54 -69.35 55.72
N ASN W 58 -16.33 -70.40 55.92
CA ASN W 58 -17.03 -71.11 54.85
C ASN W 58 -18.55 -70.83 54.86
N TYR W 59 -19.28 -71.45 53.93
CA TYR W 59 -20.73 -71.22 53.81
C TYR W 59 -21.51 -71.64 55.06
N ASP W 60 -21.12 -72.71 55.75
CA ASP W 60 -21.81 -73.13 56.97
C ASP W 60 -21.57 -72.16 58.14
N ASP W 61 -20.42 -71.49 58.18
CA ASP W 61 -20.18 -70.44 59.16
C ASP W 61 -21.15 -69.25 58.96
N LEU W 62 -21.37 -68.85 57.71
CA LEU W 62 -22.35 -67.82 57.37
C LEU W 62 -23.77 -68.24 57.74
N VAL W 63 -24.17 -69.48 57.46
CA VAL W 63 -25.50 -69.97 57.83
C VAL W 63 -25.70 -69.94 59.34
N GLU W 64 -24.71 -70.37 60.12
CA GLU W 64 -24.79 -70.30 61.58
C GLU W 64 -24.86 -68.86 62.10
N MET W 65 -24.09 -67.92 61.54
CA MET W 65 -24.22 -66.50 61.88
C MET W 65 -25.63 -65.96 61.61
N ILE W 66 -26.24 -66.29 60.47
CA ILE W 66 -27.60 -65.85 60.14
C ILE W 66 -28.63 -66.47 61.09
N LYS W 67 -28.58 -67.79 61.33
CA LYS W 67 -29.52 -68.46 62.24
C LYS W 67 -29.37 -67.99 63.69
N GLY W 68 -28.16 -67.69 64.15
CA GLY W 68 -27.92 -67.11 65.47
C GLY W 68 -28.46 -65.68 65.58
N THR W 69 -28.23 -64.86 64.56
CA THR W 69 -28.74 -63.49 64.54
C THR W 69 -30.26 -63.43 64.47
N ALA W 70 -30.92 -64.35 63.78
CA ALA W 70 -32.38 -64.40 63.72
C ALA W 70 -33.01 -64.59 65.10
N LYS W 71 -32.47 -65.50 65.93
CA LYS W 71 -32.89 -65.65 67.33
C LYS W 71 -32.67 -64.36 68.14
N GLY W 72 -31.51 -63.72 67.95
CA GLY W 72 -31.22 -62.44 68.60
C GLY W 72 -32.23 -61.35 68.26
N LEU W 73 -32.59 -61.20 67.00
CA LEU W 73 -33.59 -60.25 66.51
C LEU W 73 -35.05 -60.69 66.76
N LYS W 74 -35.30 -61.89 67.31
CA LYS W 74 -36.64 -62.48 67.52
C LYS W 74 -37.46 -62.61 66.23
N VAL W 75 -36.84 -63.11 65.17
CA VAL W 75 -37.47 -63.39 63.86
C VAL W 75 -37.26 -64.84 63.45
N LYS W 76 -38.13 -65.38 62.59
CA LYS W 76 -37.91 -66.67 61.92
C LYS W 76 -37.20 -66.46 60.60
N VAL W 77 -36.28 -67.35 60.24
CA VAL W 77 -35.50 -67.26 59.00
C VAL W 77 -35.45 -68.58 58.24
N GLU W 78 -35.58 -68.53 56.92
CA GLU W 78 -35.24 -69.60 56.00
C GLU W 78 -34.04 -69.18 55.16
N VAL W 79 -33.01 -70.02 55.07
CA VAL W 79 -31.84 -69.77 54.24
C VAL W 79 -31.79 -70.78 53.10
N PHE W 80 -31.70 -70.30 51.86
CA PHE W 80 -31.76 -71.11 50.64
C PHE W 80 -30.60 -70.78 49.69
N GLN W 81 -30.03 -71.80 49.05
CA GLN W 81 -29.03 -71.63 47.99
C GLN W 81 -29.28 -72.60 46.84
N SER W 82 -29.13 -72.15 45.59
CA SER W 82 -29.12 -73.03 44.43
C SER W 82 -28.25 -72.48 43.30
N ASN W 83 -27.67 -73.35 42.49
CA ASN W 83 -26.97 -72.97 41.26
C ASN W 83 -27.91 -72.75 40.07
N HIS W 84 -29.20 -73.08 40.18
CA HIS W 84 -30.17 -72.95 39.09
C HIS W 84 -30.94 -71.63 39.15
N GLU W 85 -30.87 -70.82 38.09
CA GLU W 85 -31.63 -69.57 37.94
C GLU W 85 -33.13 -69.81 38.12
N GLY W 86 -33.67 -70.88 37.53
CA GLY W 86 -35.08 -71.23 37.65
C GLY W 86 -35.51 -71.62 39.07
N ALA W 87 -34.62 -72.24 39.86
CA ALA W 87 -34.96 -72.59 41.24
C ALA W 87 -35.03 -71.36 42.14
N ILE W 88 -34.24 -70.32 41.87
CA ILE W 88 -34.36 -69.02 42.52
C ILE W 88 -35.71 -68.39 42.19
N ILE W 89 -36.10 -68.37 40.92
CA ILE W 89 -37.40 -67.82 40.49
C ILE W 89 -38.57 -68.60 41.11
N ASP W 90 -38.50 -69.93 41.16
CA ASP W 90 -39.49 -70.75 41.87
C ASP W 90 -39.56 -70.41 43.37
N LYS W 91 -38.42 -70.21 44.04
CA LYS W 91 -38.37 -69.83 45.46
C LYS W 91 -38.97 -68.45 45.69
N LEU W 92 -38.70 -67.48 44.83
CA LEU W 92 -39.33 -66.16 44.89
C LEU W 92 -40.84 -66.22 44.67
N GLN W 93 -41.32 -67.04 43.75
CA GLN W 93 -42.75 -67.24 43.55
C GLN W 93 -43.41 -67.98 44.73
N GLU W 94 -42.75 -68.97 45.31
CA GLU W 94 -43.24 -69.66 46.51
C GLU W 94 -43.39 -68.70 47.70
N ALA W 95 -42.46 -67.75 47.86
CA ALA W 95 -42.48 -66.78 48.94
C ALA W 95 -43.75 -65.92 48.94
N TYR W 96 -44.23 -65.51 47.77
CA TYR W 96 -45.46 -64.73 47.62
C TYR W 96 -46.70 -65.46 48.17
N TYR W 97 -46.77 -66.79 48.02
CA TYR W 97 -47.86 -67.60 48.55
C TYR W 97 -47.69 -67.99 50.03
N ASN W 98 -46.54 -67.73 50.64
CA ASN W 98 -46.20 -68.16 51.99
C ASN W 98 -46.10 -67.00 53.01
N ASP W 99 -46.49 -65.79 52.64
CA ASP W 99 -46.53 -64.60 53.51
C ASP W 99 -45.17 -64.29 54.18
N VAL W 100 -44.10 -64.33 53.39
CA VAL W 100 -42.78 -63.83 53.79
C VAL W 100 -42.86 -62.31 54.00
N ASP W 101 -42.30 -61.80 55.10
CA ASP W 101 -42.36 -60.38 55.45
C ASP W 101 -41.22 -59.56 54.84
N GLY W 102 -40.10 -60.18 54.48
CA GLY W 102 -38.99 -59.54 53.79
C GLY W 102 -37.96 -60.52 53.26
N ILE W 103 -37.25 -60.11 52.20
CA ILE W 103 -36.29 -60.96 51.48
C ILE W 103 -34.90 -60.34 51.50
N VAL W 104 -33.87 -61.14 51.84
CA VAL W 104 -32.47 -60.79 51.63
C VAL W 104 -31.95 -61.63 50.47
N ILE W 105 -31.38 -61.02 49.43
CA ILE W 105 -30.89 -61.76 48.27
C ILE W 105 -29.46 -61.39 47.89
N ASN W 106 -28.61 -62.39 47.67
CA ASN W 106 -27.31 -62.24 47.05
C ASN W 106 -27.31 -63.03 45.73
N PRO W 107 -27.55 -62.40 44.58
CA PRO W 107 -27.67 -63.11 43.31
C PRO W 107 -26.36 -63.70 42.79
N GLY W 108 -25.20 -63.38 43.37
CA GLY W 108 -23.91 -63.70 42.75
C GLY W 108 -23.79 -63.05 41.36
N ALA W 109 -23.23 -63.76 40.39
CA ALA W 109 -23.02 -63.24 39.04
C ALA W 109 -24.31 -62.87 38.28
N PHE W 110 -25.47 -63.46 38.61
CA PHE W 110 -26.75 -63.11 37.97
C PHE W 110 -27.13 -61.63 38.09
N THR W 111 -26.54 -60.91 39.05
CA THR W 111 -26.65 -59.45 39.21
C THR W 111 -26.35 -58.67 37.93
N HIS W 112 -25.46 -59.20 37.09
CA HIS W 112 -24.88 -58.49 35.95
C HIS W 112 -25.48 -58.91 34.59
N TYR W 113 -26.40 -59.87 34.56
CA TYR W 113 -27.03 -60.33 33.31
C TYR W 113 -28.45 -60.95 33.43
N SER W 114 -28.92 -61.41 34.58
CA SER W 114 -30.21 -62.08 34.66
C SER W 114 -31.39 -61.13 34.68
N TYR W 115 -31.88 -60.74 33.51
CA TYR W 115 -33.14 -60.02 33.39
C TYR W 115 -34.33 -60.86 33.84
N ALA W 116 -34.24 -62.20 33.83
CA ALA W 116 -35.30 -63.05 34.35
C ALA W 116 -35.46 -62.94 35.87
N VAL W 117 -34.36 -62.92 36.64
CA VAL W 117 -34.41 -62.74 38.09
C VAL W 117 -34.80 -61.30 38.46
N ARG W 118 -34.37 -60.29 37.69
CA ARG W 118 -34.87 -58.91 37.83
C ARG W 118 -36.39 -58.88 37.73
N ASP W 119 -36.95 -59.43 36.66
CA ASP W 119 -38.40 -59.42 36.45
C ASP W 119 -39.14 -60.32 37.46
N ALA W 120 -38.51 -61.36 37.99
CA ALA W 120 -39.08 -62.12 39.10
C ALA W 120 -39.21 -61.25 40.36
N LEU W 121 -38.15 -60.52 40.74
CA LEU W 121 -38.20 -59.58 41.86
C LEU W 121 -39.20 -58.44 41.62
N ALA W 122 -39.33 -57.94 40.40
CA ALA W 122 -40.35 -56.96 40.05
C ALA W 122 -41.78 -57.51 40.19
N SER W 123 -41.99 -58.81 39.95
CA SER W 123 -43.33 -59.42 40.03
C SER W 123 -43.89 -59.51 41.44
N ILE W 124 -43.07 -59.41 42.49
CA ILE W 124 -43.46 -59.53 43.91
C ILE W 124 -43.26 -58.23 44.69
N ALA W 125 -43.53 -57.09 44.05
CA ALA W 125 -43.27 -55.74 44.59
C ALA W 125 -43.94 -55.41 45.96
N ALA W 126 -44.96 -56.17 46.38
CA ALA W 126 -45.56 -56.05 47.70
C ALA W 126 -44.62 -56.43 48.86
N ILE W 127 -43.55 -57.20 48.61
CA ILE W 127 -42.60 -57.67 49.63
C ILE W 127 -41.32 -56.83 49.56
N PRO W 128 -40.81 -56.28 50.67
CA PRO W 128 -39.54 -55.54 50.68
C PRO W 128 -38.35 -56.49 50.53
N LYS W 129 -37.36 -56.11 49.70
CA LYS W 129 -36.13 -56.89 49.51
C LYS W 129 -34.89 -56.03 49.59
N ILE W 130 -33.84 -56.57 50.20
CA ILE W 130 -32.49 -55.98 50.25
C ILE W 130 -31.52 -56.87 49.45
N GLU W 131 -30.72 -56.26 48.58
CA GLU W 131 -29.68 -56.97 47.83
C GLU W 131 -28.32 -56.89 48.55
N VAL W 132 -27.58 -58.00 48.64
CA VAL W 132 -26.33 -58.10 49.39
C VAL W 132 -25.19 -58.57 48.49
N HIS W 133 -24.02 -57.93 48.56
CA HIS W 133 -22.76 -58.41 47.96
C HIS W 133 -21.64 -58.50 48.99
N ILE W 134 -20.96 -59.64 49.03
CA ILE W 134 -19.89 -59.90 50.01
C ILE W 134 -18.65 -59.08 49.68
N SER W 135 -18.18 -59.13 48.43
CA SER W 135 -17.08 -58.30 47.93
C SER W 135 -17.57 -57.06 47.19
N ASN W 136 -16.69 -56.11 46.95
CA ASN W 136 -16.98 -54.79 46.37
C ASN W 136 -17.27 -54.85 44.85
N VAL W 137 -18.25 -55.65 44.40
CA VAL W 137 -18.48 -55.99 42.98
C VAL W 137 -18.50 -54.80 42.03
N THR W 146 -22.06 -52.24 36.77
CA THR W 146 -23.49 -51.87 36.81
C THR W 146 -24.36 -53.13 36.92
N SER W 147 -25.52 -53.03 37.58
CA SER W 147 -26.33 -54.16 38.03
C SER W 147 -27.80 -54.06 37.58
N VAL W 148 -28.42 -55.17 37.19
CA VAL W 148 -29.82 -55.19 36.67
C VAL W 148 -30.87 -55.42 37.77
N THR W 149 -30.50 -56.05 38.89
CA THR W 149 -31.40 -56.39 40.01
C THR W 149 -31.56 -55.29 41.08
N VAL W 150 -30.66 -54.29 41.12
CA VAL W 150 -30.68 -53.21 42.12
C VAL W 150 -31.93 -52.31 42.09
N PRO W 151 -32.38 -51.76 40.94
CA PRO W 151 -33.47 -50.78 40.94
C PRO W 151 -34.86 -51.36 41.27
N VAL W 152 -34.98 -52.70 41.33
CA VAL W 152 -36.21 -53.41 41.75
C VAL W 152 -36.17 -53.86 43.22
N CYS W 153 -35.21 -53.38 44.01
CA CYS W 153 -35.04 -53.65 45.44
C CYS W 153 -35.07 -52.36 46.28
N GLN W 154 -35.41 -52.47 47.57
CA GLN W 154 -35.55 -51.32 48.47
C GLN W 154 -34.21 -50.82 49.07
N GLY W 155 -33.13 -51.55 48.88
CA GLY W 155 -31.78 -51.14 49.27
C GLY W 155 -30.71 -52.15 48.83
N GLU W 156 -29.45 -51.73 48.85
CA GLU W 156 -28.28 -52.59 48.61
C GLU W 156 -27.23 -52.45 49.72
N VAL W 157 -26.59 -53.55 50.10
CA VAL W 157 -25.45 -53.58 51.04
C VAL W 157 -24.27 -54.22 50.33
N VAL W 158 -23.14 -53.52 50.23
CA VAL W 158 -22.00 -53.94 49.38
C VAL W 158 -20.68 -53.89 50.13
N GLY W 159 -19.87 -54.95 50.02
CA GLY W 159 -18.46 -54.94 50.41
C GLY W 159 -18.19 -55.06 51.92
N LEU W 160 -19.20 -55.33 52.75
CA LEU W 160 -19.05 -55.49 54.20
C LEU W 160 -18.72 -56.93 54.63
N GLY W 161 -18.33 -57.81 53.70
CA GLY W 161 -18.07 -59.21 53.99
C GLY W 161 -19.34 -59.95 54.43
N LEU W 162 -19.21 -60.91 55.34
CA LEU W 162 -20.36 -61.64 55.89
C LEU W 162 -21.23 -60.76 56.80
N GLY W 163 -20.72 -59.61 57.26
CA GLY W 163 -21.50 -58.63 58.03
C GLY W 163 -22.66 -58.01 57.25
N GLY W 164 -22.61 -57.98 55.91
CA GLY W 164 -23.64 -57.36 55.09
C GLY W 164 -25.03 -58.01 55.21
N TYR W 165 -25.09 -59.32 55.42
CA TYR W 165 -26.35 -60.02 55.69
C TYR W 165 -26.99 -59.57 57.01
N LEU W 166 -26.18 -59.28 58.02
CA LEU W 166 -26.67 -58.88 59.34
C LEU W 166 -27.22 -57.45 59.31
N ALA W 167 -26.57 -56.54 58.58
CA ALA W 167 -27.16 -55.24 58.30
C ALA W 167 -28.49 -55.37 57.55
N ALA W 168 -28.56 -56.21 56.51
CA ALA W 168 -29.78 -56.38 55.74
C ALA W 168 -30.96 -56.90 56.58
N MET W 169 -30.75 -57.85 57.48
CA MET W 169 -31.78 -58.25 58.43
C MET W 169 -32.19 -57.11 59.37
N GLY W 170 -31.24 -56.31 59.86
CA GLY W 170 -31.56 -55.11 60.64
C GLY W 170 -32.42 -54.12 59.86
N MET W 171 -32.08 -53.84 58.61
CA MET W 171 -32.85 -52.95 57.74
C MET W 171 -34.27 -53.45 57.44
N LEU W 172 -34.53 -54.76 57.52
CA LEU W 172 -35.87 -55.32 57.37
C LEU W 172 -36.65 -55.35 58.68
N VAL W 173 -35.99 -55.43 59.83
CA VAL W 173 -36.64 -55.32 61.14
C VAL W 173 -37.02 -53.87 61.45
N GLU W 174 -36.23 -52.90 60.99
CA GLU W 174 -36.49 -51.46 61.13
C GLU W 174 -37.67 -50.96 60.27
N MET X 33 -82.17 29.99 44.42
CA MET X 33 -81.43 29.36 43.31
C MET X 33 -82.17 28.13 42.79
N LYS X 34 -82.23 27.95 41.46
CA LYS X 34 -82.87 26.83 40.75
C LYS X 34 -81.83 26.03 39.95
N ILE X 35 -81.73 24.73 40.21
CA ILE X 35 -80.81 23.80 39.55
C ILE X 35 -81.59 22.81 38.68
N LEU X 36 -81.04 22.44 37.53
CA LEU X 36 -81.59 21.39 36.66
C LEU X 36 -80.61 20.22 36.52
N VAL X 37 -81.05 19.00 36.83
CA VAL X 37 -80.27 17.78 36.67
C VAL X 37 -80.80 16.98 35.49
N ILE X 38 -79.96 16.69 34.50
CA ILE X 38 -80.32 15.92 33.29
C ILE X 38 -79.53 14.61 33.24
N ASN X 39 -80.25 13.50 33.16
CA ASN X 39 -79.72 12.16 32.96
C ASN X 39 -80.03 11.65 31.54
N GLY X 40 -79.01 11.14 30.85
CA GLY X 40 -79.13 10.60 29.50
C GLY X 40 -79.75 9.20 29.41
N PRO X 41 -79.58 8.52 28.26
CA PRO X 41 -80.10 7.17 28.05
C PRO X 41 -79.47 6.16 29.00
N ASN X 42 -80.19 5.07 29.30
CA ASN X 42 -79.78 3.96 30.15
C ASN X 42 -79.58 4.25 31.65
N ILE X 43 -79.53 5.51 32.08
CA ILE X 43 -79.29 5.85 33.49
C ILE X 43 -80.43 5.39 34.41
N ASN X 44 -81.67 5.32 33.90
CA ASN X 44 -82.81 4.79 34.66
C ASN X 44 -82.70 3.29 35.02
N PHE X 45 -81.76 2.55 34.42
CA PHE X 45 -81.49 1.13 34.70
C PHE X 45 -80.30 0.91 35.65
N LEU X 46 -79.84 1.92 36.39
CA LEU X 46 -78.96 1.70 37.55
C LEU X 46 -79.55 0.64 38.49
N GLY X 47 -78.71 -0.27 38.98
CA GLY X 47 -79.14 -1.39 39.82
C GLY X 47 -79.76 -2.57 39.08
N ILE X 48 -80.00 -2.44 37.77
CA ILE X 48 -80.30 -3.55 36.85
C ILE X 48 -79.07 -3.82 35.97
N PRO X 56 -76.37 -2.39 44.77
CA PRO X 56 -77.81 -2.56 44.92
C PRO X 56 -78.59 -1.24 44.80
N LEU X 57 -77.95 -0.08 44.85
CA LEU X 57 -78.61 1.22 44.71
C LEU X 57 -79.18 1.42 43.30
N ASN X 58 -80.41 1.92 43.21
CA ASN X 58 -81.12 2.10 41.94
C ASN X 58 -81.34 3.59 41.61
N TYR X 59 -82.05 3.88 40.51
CA TYR X 59 -82.29 5.25 40.08
C TYR X 59 -83.17 6.05 41.06
N ASP X 60 -84.16 5.43 41.72
CA ASP X 60 -84.98 6.13 42.71
C ASP X 60 -84.17 6.53 43.96
N ASP X 61 -83.19 5.71 44.36
CA ASP X 61 -82.27 6.07 45.44
C ASP X 61 -81.44 7.29 45.08
N LEU X 62 -80.91 7.35 43.86
CA LEU X 62 -80.19 8.52 43.36
C LEU X 62 -81.07 9.77 43.32
N VAL X 63 -82.32 9.66 42.88
CA VAL X 63 -83.24 10.80 42.89
C VAL X 63 -83.50 11.29 44.30
N GLU X 64 -83.72 10.40 45.27
CA GLU X 64 -83.95 10.80 46.66
C GLU X 64 -82.71 11.45 47.29
N MET X 65 -81.50 10.95 47.01
CA MET X 65 -80.26 11.60 47.44
C MET X 65 -80.14 13.02 46.89
N ILE X 66 -80.46 13.25 45.62
CA ILE X 66 -80.41 14.57 45.00
C ILE X 66 -81.48 15.50 45.61
N LYS X 67 -82.74 15.05 45.72
CA LYS X 67 -83.81 15.86 46.30
C LYS X 67 -83.61 16.17 47.77
N GLY X 68 -83.04 15.26 48.56
CA GLY X 68 -82.68 15.51 49.95
C GLY X 68 -81.54 16.51 50.09
N THR X 69 -80.51 16.38 49.26
CA THR X 69 -79.36 17.31 49.27
C THR X 69 -79.76 18.72 48.84
N ALA X 70 -80.73 18.87 47.93
CA ALA X 70 -81.23 20.18 47.54
C ALA X 70 -81.84 20.96 48.71
N LYS X 71 -82.63 20.30 49.58
CA LYS X 71 -83.12 20.91 50.81
C LYS X 71 -81.99 21.29 51.76
N GLY X 72 -80.98 20.43 51.88
CA GLY X 72 -79.79 20.72 52.68
C GLY X 72 -79.05 21.98 52.23
N LEU X 73 -78.83 22.14 50.92
CA LEU X 73 -78.19 23.31 50.32
C LEU X 73 -79.11 24.53 50.18
N LYS X 74 -80.40 24.42 50.52
CA LYS X 74 -81.43 25.47 50.37
C LYS X 74 -81.62 25.93 48.92
N VAL X 75 -81.63 24.99 47.96
CA VAL X 75 -81.87 25.24 46.53
C VAL X 75 -83.10 24.47 46.04
N LYS X 76 -83.76 24.95 44.98
CA LYS X 76 -84.76 24.16 44.25
C LYS X 76 -84.08 23.33 43.16
N VAL X 77 -84.55 22.11 42.94
CA VAL X 77 -84.00 21.20 41.92
C VAL X 77 -85.10 20.56 41.08
N GLU X 78 -84.88 20.48 39.78
CA GLU X 78 -85.64 19.65 38.85
C GLU X 78 -84.75 18.52 38.37
N VAL X 79 -85.22 17.27 38.43
CA VAL X 79 -84.48 16.09 37.95
C VAL X 79 -85.20 15.46 36.76
N PHE X 80 -84.50 15.25 35.65
CA PHE X 80 -85.06 14.77 34.40
C PHE X 80 -84.23 13.63 33.78
N GLN X 81 -84.89 12.65 33.19
CA GLN X 81 -84.24 11.58 32.42
C GLN X 81 -85.01 11.27 31.14
N SER X 82 -84.31 11.04 30.03
CA SER X 82 -84.91 10.50 28.81
C SER X 82 -83.93 9.66 28.01
N ASN X 83 -84.43 8.68 27.26
CA ASN X 83 -83.63 7.92 26.29
C ASN X 83 -83.52 8.62 24.93
N HIS X 84 -84.30 9.68 24.66
CA HIS X 84 -84.27 10.41 23.39
C HIS X 84 -83.30 11.58 23.40
N GLU X 85 -82.33 11.59 22.48
CA GLU X 85 -81.38 12.69 22.28
C GLU X 85 -82.10 14.03 22.06
N GLY X 86 -83.18 14.05 21.28
CA GLY X 86 -83.95 15.25 21.02
C GLY X 86 -84.71 15.78 22.24
N ALA X 87 -85.13 14.93 23.17
CA ALA X 87 -85.81 15.37 24.39
C ALA X 87 -84.84 16.08 25.35
N ILE X 88 -83.57 15.67 25.38
CA ILE X 88 -82.52 16.38 26.11
C ILE X 88 -82.30 17.76 25.52
N ILE X 89 -82.19 17.88 24.19
CA ILE X 89 -82.01 19.17 23.53
C ILE X 89 -83.21 20.09 23.77
N ASP X 90 -84.44 19.58 23.70
CA ASP X 90 -85.62 20.35 24.09
C ASP X 90 -85.56 20.84 25.54
N LYS X 91 -85.14 20.00 26.48
CA LYS X 91 -85.02 20.35 27.91
C LYS X 91 -83.96 21.42 28.12
N LEU X 92 -82.80 21.33 27.47
CA LEU X 92 -81.78 22.38 27.51
C LEU X 92 -82.29 23.71 26.92
N GLN X 93 -83.02 23.68 25.81
CA GLN X 93 -83.62 24.89 25.25
C GLN X 93 -84.72 25.46 26.14
N GLU X 94 -85.52 24.62 26.80
CA GLU X 94 -86.50 25.07 27.77
C GLU X 94 -85.85 25.74 28.99
N ALA X 95 -84.71 25.22 29.46
CA ALA X 95 -83.99 25.77 30.60
C ALA X 95 -83.60 27.24 30.38
N TYR X 96 -83.19 27.59 29.16
CA TYR X 96 -82.84 28.96 28.79
C TYR X 96 -84.00 29.95 28.93
N TYR X 97 -85.23 29.52 28.66
CA TYR X 97 -86.43 30.34 28.83
C TYR X 97 -86.98 30.34 30.27
N ASN X 98 -86.48 29.47 31.15
CA ASN X 98 -87.00 29.28 32.51
C ASN X 98 -86.04 29.77 33.60
N ASP X 99 -84.98 30.50 33.25
CA ASP X 99 -84.04 31.12 34.20
C ASP X 99 -83.41 30.13 35.19
N VAL X 100 -83.05 28.94 34.71
CA VAL X 100 -82.23 27.98 35.47
C VAL X 100 -80.87 28.60 35.79
N ASP X 101 -80.42 28.50 37.05
CA ASP X 101 -79.17 29.11 37.50
C ASP X 101 -77.94 28.24 37.25
N GLY X 102 -78.11 26.92 37.13
CA GLY X 102 -77.02 25.99 36.81
C GLY X 102 -77.54 24.60 36.43
N ILE X 103 -76.76 23.89 35.62
CA ILE X 103 -77.11 22.58 35.06
C ILE X 103 -76.11 21.51 35.49
N VAL X 104 -76.59 20.37 35.96
CA VAL X 104 -75.79 19.15 36.12
C VAL X 104 -76.21 18.17 35.04
N ILE X 105 -75.30 17.63 34.25
CA ILE X 105 -75.64 16.69 33.18
C ILE X 105 -74.78 15.44 33.19
N ASN X 106 -75.42 14.28 33.04
CA ASN X 106 -74.76 13.01 32.79
C ASN X 106 -75.28 12.45 31.45
N PRO X 107 -74.57 12.66 30.33
CA PRO X 107 -75.04 12.26 29.02
C PRO X 107 -75.10 10.74 28.79
N GLY X 108 -74.53 9.91 29.66
CA GLY X 108 -74.29 8.50 29.35
C GLY X 108 -73.40 8.35 28.10
N ALA X 109 -73.73 7.41 27.22
CA ALA X 109 -72.96 7.12 26.01
C ALA X 109 -72.86 8.29 25.00
N PHE X 110 -73.82 9.24 25.00
CA PHE X 110 -73.78 10.41 24.12
C PHE X 110 -72.54 11.29 24.29
N THR X 111 -71.85 11.18 25.43
CA THR X 111 -70.55 11.81 25.71
C THR X 111 -69.50 11.56 24.63
N HIS X 112 -69.58 10.41 23.97
CA HIS X 112 -68.56 9.92 23.04
C HIS X 112 -68.92 10.08 21.56
N TYR X 113 -70.12 10.58 21.23
CA TYR X 113 -70.54 10.76 19.83
C TYR X 113 -71.57 11.87 19.53
N SER X 114 -72.35 12.37 20.50
CA SER X 114 -73.40 13.35 20.20
C SER X 114 -72.86 14.77 20.04
N TYR X 115 -72.46 15.12 18.82
CA TYR X 115 -72.15 16.51 18.49
C TYR X 115 -73.39 17.41 18.53
N ALA X 116 -74.60 16.87 18.41
CA ALA X 116 -75.82 17.64 18.58
C ALA X 116 -76.00 18.13 20.02
N VAL X 117 -75.79 17.26 21.03
CA VAL X 117 -75.88 17.64 22.44
C VAL X 117 -74.73 18.57 22.84
N ARG X 118 -73.52 18.37 22.30
CA ARG X 118 -72.42 19.34 22.45
C ARG X 118 -72.86 20.73 21.99
N ASP X 119 -73.35 20.84 20.76
CA ASP X 119 -73.75 22.14 20.22
C ASP X 119 -74.98 22.72 20.93
N ALA X 120 -75.86 21.89 21.48
CA ALA X 120 -76.94 22.36 22.34
C ALA X 120 -76.39 23.01 23.62
N LEU X 121 -75.43 22.37 24.30
CA LEU X 121 -74.77 22.94 25.47
C LEU X 121 -74.00 24.22 25.11
N ALA X 122 -73.35 24.27 23.95
CA ALA X 122 -72.70 25.48 23.47
C ALA X 122 -73.69 26.62 23.19
N SER X 123 -74.91 26.33 22.75
CA SER X 123 -75.93 27.34 22.45
C SER X 123 -76.47 28.08 23.66
N ILE X 124 -76.20 27.62 24.88
CA ILE X 124 -76.69 28.20 26.14
C ILE X 124 -75.53 28.63 27.07
N ALA X 125 -74.44 29.15 26.51
CA ALA X 125 -73.21 29.51 27.22
C ALA X 125 -73.37 30.50 28.40
N ALA X 126 -74.49 31.23 28.49
CA ALA X 126 -74.81 32.06 29.64
C ALA X 126 -75.02 31.29 30.96
N ILE X 127 -75.35 29.99 30.90
CA ILE X 127 -75.69 29.16 32.06
C ILE X 127 -74.49 28.24 32.40
N PRO X 128 -74.04 28.17 33.66
CA PRO X 128 -72.96 27.28 34.06
C PRO X 128 -73.43 25.81 34.09
N LYS X 129 -72.61 24.89 33.58
CA LYS X 129 -72.89 23.44 33.60
C LYS X 129 -71.72 22.61 34.10
N ILE X 130 -72.02 21.57 34.86
CA ILE X 130 -71.08 20.53 35.29
C ILE X 130 -71.46 19.19 34.66
N GLU X 131 -70.50 18.48 34.08
CA GLU X 131 -70.70 17.13 33.56
C GLU X 131 -70.33 16.06 34.58
N VAL X 132 -71.14 15.01 34.72
CA VAL X 132 -70.97 13.95 35.72
C VAL X 132 -70.89 12.58 35.08
N HIS X 133 -69.93 11.74 35.49
CA HIS X 133 -69.90 10.30 35.19
C HIS X 133 -69.79 9.45 36.45
N ILE X 134 -70.65 8.44 36.56
CA ILE X 134 -70.74 7.58 37.75
C ILE X 134 -69.52 6.67 37.84
N SER X 135 -69.20 5.96 36.76
CA SER X 135 -68.00 5.11 36.63
C SER X 135 -66.86 5.81 35.90
N ASN X 136 -65.66 5.22 35.93
CA ASN X 136 -64.41 5.79 35.44
C ASN X 136 -64.29 5.82 33.89
N VAL X 137 -65.27 6.38 33.18
CA VAL X 137 -65.47 6.20 31.72
C VAL X 137 -64.22 6.45 30.87
N THR X 146 -61.93 9.65 25.06
CA THR X 146 -62.02 11.11 24.83
C THR X 146 -63.47 11.51 24.56
N SER X 147 -63.88 12.72 24.99
CA SER X 147 -65.28 13.13 25.11
C SER X 147 -65.59 14.43 24.35
N VAL X 148 -66.77 14.54 23.73
CA VAL X 148 -67.16 15.72 22.93
C VAL X 148 -67.90 16.80 23.73
N THR X 149 -68.54 16.46 24.84
CA THR X 149 -69.34 17.37 25.68
C THR X 149 -68.55 18.11 26.77
N VAL X 150 -67.34 17.65 27.12
CA VAL X 150 -66.50 18.22 28.19
C VAL X 150 -66.07 19.68 27.93
N PRO X 151 -65.50 20.06 26.76
CA PRO X 151 -64.91 21.39 26.59
C PRO X 151 -65.92 22.55 26.51
N VAL X 152 -67.23 22.24 26.46
CA VAL X 152 -68.33 23.23 26.51
C VAL X 152 -68.96 23.35 27.90
N CYS X 153 -68.34 22.77 28.94
CA CYS X 153 -68.79 22.79 30.34
C CYS X 153 -67.76 23.46 31.28
N GLN X 154 -68.21 23.97 32.43
CA GLN X 154 -67.32 24.60 33.43
C GLN X 154 -66.44 23.61 34.21
N GLY X 155 -66.82 22.33 34.24
CA GLY X 155 -66.02 21.27 34.86
C GLY X 155 -66.65 19.88 34.69
N GLU X 156 -65.88 18.86 35.01
CA GLU X 156 -66.31 17.45 35.01
C GLU X 156 -66.01 16.77 36.36
N VAL X 157 -66.92 15.90 36.80
CA VAL X 157 -66.75 15.05 38.00
C VAL X 157 -66.89 13.59 37.57
N VAL X 158 -65.85 12.78 37.78
CA VAL X 158 -65.77 11.42 37.22
C VAL X 158 -65.41 10.37 38.27
N GLY X 159 -66.10 9.23 38.26
CA GLY X 159 -65.70 8.03 38.99
C GLY X 159 -66.02 8.02 40.49
N LEU X 160 -66.69 9.04 41.02
CA LEU X 160 -67.06 9.14 42.43
C LEU X 160 -68.40 8.45 42.77
N GLY X 161 -68.91 7.60 41.87
CA GLY X 161 -70.20 6.93 42.05
C GLY X 161 -71.37 7.91 42.10
N LEU X 162 -72.41 7.60 42.87
CA LEU X 162 -73.55 8.49 43.06
C LEU X 162 -73.16 9.78 43.81
N GLY X 163 -72.01 9.80 44.50
CA GLY X 163 -71.47 10.99 45.15
C GLY X 163 -71.08 12.11 44.17
N GLY X 164 -70.85 11.80 42.89
CA GLY X 164 -70.46 12.80 41.89
C GLY X 164 -71.51 13.88 41.65
N TYR X 165 -72.80 13.56 41.75
CA TYR X 165 -73.88 14.54 41.66
C TYR X 165 -73.86 15.54 42.82
N LEU X 166 -73.48 15.08 44.02
CA LEU X 166 -73.46 15.92 45.21
C LEU X 166 -72.32 16.94 45.15
N ALA X 167 -71.15 16.52 44.66
CA ALA X 167 -70.06 17.46 44.37
C ALA X 167 -70.49 18.47 43.30
N ALA X 168 -71.11 18.04 42.21
CA ALA X 168 -71.55 18.94 41.16
C ALA X 168 -72.54 20.00 41.66
N MET X 169 -73.49 19.65 42.52
CA MET X 169 -74.37 20.65 43.14
C MET X 169 -73.59 21.60 44.06
N GLY X 170 -72.65 21.10 44.85
CA GLY X 170 -71.77 21.94 45.66
C GLY X 170 -70.98 22.93 44.81
N MET X 171 -70.38 22.48 43.71
CA MET X 171 -69.65 23.33 42.77
C MET X 171 -70.51 24.40 42.10
N LEU X 172 -71.83 24.21 41.97
CA LEU X 172 -72.73 25.24 41.43
C LEU X 172 -73.18 26.25 42.50
N VAL X 173 -73.28 25.84 43.76
CA VAL X 173 -73.59 26.76 44.86
C VAL X 173 -72.39 27.67 45.18
N GLU X 174 -71.17 27.16 45.04
CA GLU X 174 -69.91 27.89 45.23
C GLU X 174 -69.63 28.97 44.18
N MET Y 33 -9.50 -97.39 6.99
CA MET Y 33 -8.75 -96.16 6.64
C MET Y 33 -7.28 -96.28 7.04
N LYS Y 34 -6.37 -95.84 6.16
CA LYS Y 34 -4.91 -95.83 6.35
C LYS Y 34 -4.36 -94.39 6.39
N ILE Y 35 -3.68 -94.01 7.46
CA ILE Y 35 -3.06 -92.70 7.67
C ILE Y 35 -1.53 -92.82 7.61
N LEU Y 36 -0.85 -91.84 7.00
CA LEU Y 36 0.61 -91.73 7.03
C LEU Y 36 1.05 -90.46 7.77
N VAL Y 37 1.91 -90.60 8.77
CA VAL Y 37 2.47 -89.49 9.54
C VAL Y 37 3.94 -89.31 9.18
N ILE Y 38 4.33 -88.12 8.72
CA ILE Y 38 5.70 -87.80 8.32
C ILE Y 38 6.28 -86.71 9.22
N ASN Y 39 7.40 -87.00 9.85
CA ASN Y 39 8.19 -86.08 10.65
C ASN Y 39 9.49 -85.71 9.95
N GLY Y 40 9.81 -84.42 9.88
CA GLY Y 40 10.99 -83.88 9.22
C GLY Y 40 12.30 -84.02 10.02
N PRO Y 41 13.35 -83.29 9.62
CA PRO Y 41 14.64 -83.31 10.32
C PRO Y 41 14.52 -82.81 11.75
N ASN Y 42 15.43 -83.24 12.61
CA ASN Y 42 15.53 -82.87 14.04
C ASN Y 42 14.38 -83.30 14.96
N ILE Y 43 13.21 -83.70 14.46
CA ILE Y 43 12.06 -84.06 15.29
C ILE Y 43 12.35 -85.25 16.22
N ASN Y 44 13.22 -86.18 15.81
CA ASN Y 44 13.64 -87.31 16.64
C ASN Y 44 14.37 -86.90 17.93
N PHE Y 45 14.84 -85.66 18.04
CA PHE Y 45 15.51 -85.10 19.22
C PHE Y 45 14.57 -84.30 20.14
N LEU Y 46 13.25 -84.41 20.03
CA LEU Y 46 12.33 -83.92 21.07
C LEU Y 46 12.73 -84.46 22.46
N GLY Y 47 12.68 -83.59 23.48
CA GLY Y 47 13.08 -83.93 24.84
C GLY Y 47 14.60 -83.93 25.08
N ILE Y 48 15.41 -83.87 24.04
CA ILE Y 48 16.83 -83.50 24.11
C ILE Y 48 16.98 -82.01 23.75
N PRO Y 56 9.79 -83.03 29.44
CA PRO Y 56 10.42 -84.34 29.56
C PRO Y 56 9.95 -85.34 28.49
N LEU Y 57 8.85 -85.08 27.77
CA LEU Y 57 8.34 -86.00 26.75
C LEU Y 57 9.29 -86.07 25.55
N ASN Y 58 9.54 -87.28 25.04
CA ASN Y 58 10.47 -87.51 23.94
C ASN Y 58 9.75 -88.06 22.68
N TYR Y 59 10.51 -88.36 21.63
CA TYR Y 59 9.95 -88.83 20.37
C TYR Y 59 9.24 -90.19 20.50
N ASP Y 60 9.70 -91.11 21.35
CA ASP Y 60 9.04 -92.39 21.56
C ASP Y 60 7.69 -92.24 22.27
N ASP Y 61 7.56 -91.25 23.17
CA ASP Y 61 6.28 -90.90 23.76
C ASP Y 61 5.29 -90.42 22.70
N LEU Y 62 5.72 -89.53 21.80
CA LEU Y 62 4.90 -89.04 20.70
C LEU Y 62 4.44 -90.18 19.78
N VAL Y 63 5.33 -91.12 19.45
CA VAL Y 63 4.98 -92.27 18.62
C VAL Y 63 3.95 -93.16 19.32
N GLU Y 64 4.11 -93.44 20.61
CA GLU Y 64 3.12 -94.22 21.36
C GLU Y 64 1.76 -93.52 21.46
N MET Y 65 1.73 -92.20 21.68
CA MET Y 65 0.48 -91.44 21.67
C MET Y 65 -0.23 -91.54 20.32
N ILE Y 66 0.48 -91.42 19.21
CA ILE Y 66 -0.09 -91.55 17.86
C ILE Y 66 -0.61 -92.97 17.63
N LYS Y 67 0.19 -94.00 17.93
CA LYS Y 67 -0.22 -95.40 17.72
C LYS Y 67 -1.41 -95.83 18.59
N GLY Y 68 -1.45 -95.37 19.85
CA GLY Y 68 -2.59 -95.63 20.73
C GLY Y 68 -3.87 -94.92 20.27
N THR Y 69 -3.76 -93.66 19.84
CA THR Y 69 -4.89 -92.92 19.29
C THR Y 69 -5.42 -93.52 18.00
N ALA Y 70 -4.56 -94.09 17.14
CA ALA Y 70 -5.01 -94.77 15.93
C ALA Y 70 -5.94 -95.95 16.22
N LYS Y 71 -5.64 -96.78 17.24
CA LYS Y 71 -6.57 -97.83 17.71
C LYS Y 71 -7.87 -97.25 18.22
N GLY Y 72 -7.82 -96.14 18.95
CA GLY Y 72 -9.00 -95.44 19.46
C GLY Y 72 -9.92 -94.94 18.34
N LEU Y 73 -9.35 -94.37 17.28
CA LEU Y 73 -10.09 -93.92 16.09
C LEU Y 73 -10.41 -95.04 15.09
N LYS Y 74 -9.97 -96.29 15.34
CA LYS Y 74 -10.11 -97.45 14.45
C LYS Y 74 -9.49 -97.24 13.06
N VAL Y 75 -8.28 -96.69 13.00
CA VAL Y 75 -7.52 -96.48 11.76
C VAL Y 75 -6.16 -97.17 11.80
N LYS Y 76 -5.61 -97.56 10.65
CA LYS Y 76 -4.21 -98.00 10.55
C LYS Y 76 -3.31 -96.78 10.39
N VAL Y 77 -2.15 -96.78 11.04
CA VAL Y 77 -1.20 -95.67 10.96
C VAL Y 77 0.22 -96.15 10.69
N GLU Y 78 0.93 -95.45 9.83
CA GLU Y 78 2.38 -95.54 9.67
C GLU Y 78 3.03 -94.23 10.14
N VAL Y 79 4.05 -94.31 10.99
CA VAL Y 79 4.81 -93.14 11.45
C VAL Y 79 6.25 -93.21 10.94
N PHE Y 80 6.71 -92.16 10.27
CA PHE Y 80 8.02 -92.09 9.62
C PHE Y 80 8.76 -90.80 9.99
N GLN Y 81 10.07 -90.90 10.18
CA GLN Y 81 10.95 -89.74 10.38
C GLN Y 81 12.24 -89.89 9.58
N SER Y 82 12.74 -88.80 9.01
CA SER Y 82 14.08 -88.76 8.40
C SER Y 82 14.70 -87.36 8.43
N ASN Y 83 16.02 -87.28 8.51
CA ASN Y 83 16.77 -86.03 8.38
C ASN Y 83 17.05 -85.62 6.92
N HIS Y 84 16.74 -86.49 5.94
CA HIS Y 84 16.99 -86.23 4.52
C HIS Y 84 15.75 -85.69 3.80
N GLU Y 85 15.87 -84.53 3.15
CA GLU Y 85 14.82 -83.94 2.33
C GLU Y 85 14.35 -84.90 1.22
N GLY Y 86 15.27 -85.60 0.57
CA GLY Y 86 14.95 -86.56 -0.49
C GLY Y 86 14.21 -87.79 0.00
N ALA Y 87 14.46 -88.27 1.22
CA ALA Y 87 13.76 -89.42 1.77
C ALA Y 87 12.28 -89.10 2.06
N ILE Y 88 11.97 -87.86 2.44
CA ILE Y 88 10.60 -87.39 2.60
C ILE Y 88 9.89 -87.36 1.25
N ILE Y 89 10.53 -86.83 0.20
CA ILE Y 89 9.94 -86.82 -1.15
C ILE Y 89 9.71 -88.25 -1.66
N ASP Y 90 10.66 -89.17 -1.44
CA ASP Y 90 10.44 -90.59 -1.76
C ASP Y 90 9.26 -91.19 -0.99
N LYS Y 91 9.10 -90.89 0.29
CA LYS Y 91 7.98 -91.36 1.12
C LYS Y 91 6.64 -90.82 0.62
N LEU Y 92 6.57 -89.54 0.24
CA LEU Y 92 5.36 -88.96 -0.35
C LEU Y 92 5.02 -89.60 -1.70
N GLN Y 93 6.01 -89.88 -2.54
CA GLN Y 93 5.78 -90.59 -3.80
C GLN Y 93 5.37 -92.04 -3.59
N GLU Y 94 5.92 -92.73 -2.59
CA GLU Y 94 5.50 -94.08 -2.24
C GLU Y 94 4.03 -94.10 -1.78
N ALA Y 95 3.58 -93.10 -1.03
CA ALA Y 95 2.21 -93.02 -0.54
C ALA Y 95 1.18 -93.01 -1.68
N TYR Y 96 1.48 -92.33 -2.79
CA TYR Y 96 0.61 -92.28 -3.96
C TYR Y 96 0.36 -93.67 -4.58
N TYR Y 97 1.36 -94.54 -4.58
CA TYR Y 97 1.24 -95.92 -5.07
C TYR Y 97 0.67 -96.92 -4.05
N ASN Y 98 0.44 -96.51 -2.80
CA ASN Y 98 0.01 -97.39 -1.70
C ASN Y 98 -1.38 -97.06 -1.16
N ASP Y 99 -2.14 -96.20 -1.82
CA ASP Y 99 -3.52 -95.83 -1.47
C ASP Y 99 -3.68 -95.38 -0.01
N VAL Y 100 -2.78 -94.51 0.46
CA VAL Y 100 -2.92 -93.77 1.72
C VAL Y 100 -4.15 -92.87 1.62
N ASP Y 101 -5.01 -92.86 2.64
CA ASP Y 101 -6.25 -92.08 2.65
C ASP Y 101 -6.06 -90.64 3.12
N GLY Y 102 -5.00 -90.34 3.87
CA GLY Y 102 -4.65 -89.00 4.30
C GLY Y 102 -3.28 -88.92 4.97
N ILE Y 103 -2.69 -87.72 4.98
CA ILE Y 103 -1.31 -87.48 5.43
C ILE Y 103 -1.28 -86.42 6.53
N VAL Y 104 -0.53 -86.68 7.60
CA VAL Y 104 -0.16 -85.67 8.60
C VAL Y 104 1.32 -85.39 8.45
N ILE Y 105 1.73 -84.13 8.27
CA ILE Y 105 3.14 -83.80 8.07
C ILE Y 105 3.62 -82.67 8.98
N ASN Y 106 4.78 -82.88 9.62
CA ASN Y 106 5.51 -81.84 10.34
C ASN Y 106 6.89 -81.68 9.69
N PRO Y 107 7.08 -80.72 8.78
CA PRO Y 107 8.33 -80.60 8.04
C PRO Y 107 9.53 -80.12 8.86
N GLY Y 108 9.37 -79.71 10.11
CA GLY Y 108 10.42 -78.98 10.83
C GLY Y 108 10.81 -77.70 10.09
N ALA Y 109 12.10 -77.38 10.02
CA ALA Y 109 12.62 -76.17 9.37
C ALA Y 109 12.37 -76.09 7.85
N PHE Y 110 12.20 -77.21 7.15
CA PHE Y 110 11.90 -77.23 5.70
C PHE Y 110 10.64 -76.42 5.33
N THR Y 111 9.75 -76.20 6.29
CA THR Y 111 8.58 -75.32 6.19
C THR Y 111 8.91 -73.93 5.66
N HIS Y 112 10.11 -73.43 5.95
CA HIS Y 112 10.51 -72.05 5.67
C HIS Y 112 11.44 -71.90 4.46
N TYR Y 113 11.80 -72.99 3.77
CA TYR Y 113 12.68 -72.92 2.59
C TYR Y 113 12.56 -74.05 1.55
N SER Y 114 12.01 -75.23 1.86
CA SER Y 114 12.00 -76.34 0.89
C SER Y 114 10.89 -76.21 -0.14
N TYR Y 115 11.17 -75.51 -1.23
CA TYR Y 115 10.29 -75.52 -2.40
C TYR Y 115 10.20 -76.90 -3.06
N ALA Y 116 11.20 -77.78 -2.88
CA ALA Y 116 11.11 -79.15 -3.37
C ALA Y 116 10.04 -79.96 -2.65
N VAL Y 117 9.94 -79.87 -1.32
CA VAL Y 117 8.90 -80.56 -0.55
C VAL Y 117 7.51 -79.94 -0.76
N ARG Y 118 7.43 -78.62 -0.93
CA ARG Y 118 6.19 -77.96 -1.38
C ARG Y 118 5.69 -78.57 -2.69
N ASP Y 119 6.54 -78.63 -3.70
CA ASP Y 119 6.14 -79.16 -5.00
C ASP Y 119 5.89 -80.67 -4.97
N ALA Y 120 6.53 -81.43 -4.09
CA ALA Y 120 6.20 -82.83 -3.86
C ALA Y 120 4.77 -82.98 -3.30
N LEU Y 121 4.38 -82.18 -2.31
CA LEU Y 121 3.03 -82.15 -1.79
C LEU Y 121 2.01 -81.68 -2.84
N ALA Y 122 2.36 -80.73 -3.69
CA ALA Y 122 1.52 -80.34 -4.82
C ALA Y 122 1.32 -81.48 -5.84
N SER Y 123 2.31 -82.35 -6.03
CA SER Y 123 2.23 -83.45 -7.00
C SER Y 123 1.23 -84.55 -6.61
N ILE Y 124 0.84 -84.65 -5.35
CA ILE Y 124 -0.13 -85.64 -4.83
C ILE Y 124 -1.43 -84.99 -4.38
N ALA Y 125 -1.93 -84.02 -5.15
CA ALA Y 125 -3.14 -83.23 -4.84
C ALA Y 125 -4.42 -84.04 -4.57
N ALA Y 126 -4.49 -85.28 -5.04
CA ALA Y 126 -5.60 -86.19 -4.79
C ALA Y 126 -5.72 -86.66 -3.32
N ILE Y 127 -4.65 -86.55 -2.52
CA ILE Y 127 -4.60 -87.03 -1.14
C ILE Y 127 -4.71 -85.84 -0.18
N PRO Y 128 -5.63 -85.86 0.82
CA PRO Y 128 -5.74 -84.78 1.79
C PRO Y 128 -4.56 -84.78 2.76
N LYS Y 129 -3.97 -83.62 3.05
CA LYS Y 129 -2.86 -83.48 4.00
C LYS Y 129 -3.09 -82.36 5.01
N ILE Y 130 -2.70 -82.59 6.25
CA ILE Y 130 -2.70 -81.59 7.34
C ILE Y 130 -1.25 -81.32 7.76
N GLU Y 131 -0.85 -80.05 7.82
CA GLU Y 131 0.46 -79.65 8.33
C GLU Y 131 0.42 -79.39 9.85
N VAL Y 132 1.43 -79.83 10.59
CA VAL Y 132 1.50 -79.74 12.06
C VAL Y 132 2.78 -79.05 12.52
N HIS Y 133 2.67 -78.10 13.46
CA HIS Y 133 3.80 -77.54 14.21
C HIS Y 133 3.61 -77.62 15.71
N ILE Y 134 4.62 -78.12 16.42
CA ILE Y 134 4.55 -78.35 17.87
C ILE Y 134 4.58 -77.03 18.64
N SER Y 135 5.52 -76.13 18.32
CA SER Y 135 5.60 -74.77 18.87
C SER Y 135 5.04 -73.72 17.91
N ASN Y 136 4.87 -72.48 18.39
CA ASN Y 136 4.20 -71.37 17.68
C ASN Y 136 5.07 -70.75 16.56
N VAL Y 137 5.54 -71.54 15.60
CA VAL Y 137 6.62 -71.16 14.65
C VAL Y 137 6.40 -69.82 13.92
N THR Y 146 6.56 -66.77 7.74
CA THR Y 146 5.73 -67.25 6.61
C THR Y 146 6.27 -68.56 6.06
N SER Y 147 5.38 -69.43 5.58
CA SER Y 147 5.66 -70.86 5.29
C SER Y 147 5.35 -71.24 3.83
N VAL Y 148 6.22 -72.03 3.20
CA VAL Y 148 6.07 -72.39 1.77
C VAL Y 148 5.14 -73.60 1.54
N THR Y 149 4.98 -74.47 2.54
CA THR Y 149 4.20 -75.73 2.46
C THR Y 149 2.71 -75.61 2.82
N VAL Y 150 2.26 -74.51 3.45
CA VAL Y 150 0.86 -74.31 3.87
C VAL Y 150 -0.17 -74.32 2.71
N PRO Y 151 0.00 -73.54 1.62
CA PRO Y 151 -1.07 -73.40 0.61
C PRO Y 151 -1.32 -74.67 -0.23
N VAL Y 152 -0.42 -75.66 -0.17
CA VAL Y 152 -0.58 -76.97 -0.82
C VAL Y 152 -1.19 -78.03 0.11
N CYS Y 153 -1.66 -77.64 1.29
CA CYS Y 153 -2.29 -78.51 2.31
C CYS Y 153 -3.72 -78.08 2.62
N GLN Y 154 -4.55 -79.02 3.09
CA GLN Y 154 -5.97 -78.77 3.41
C GLN Y 154 -6.19 -78.14 4.80
N GLY Y 155 -5.15 -78.04 5.63
CA GLY Y 155 -5.21 -77.33 6.91
C GLY Y 155 -3.85 -77.31 7.62
N GLU Y 156 -3.71 -76.42 8.60
CA GLU Y 156 -2.56 -76.36 9.50
C GLU Y 156 -3.01 -76.39 10.98
N VAL Y 157 -2.27 -77.08 11.83
CA VAL Y 157 -2.45 -77.09 13.29
C VAL Y 157 -1.15 -76.62 13.94
N VAL Y 158 -1.19 -75.55 14.73
CA VAL Y 158 0.03 -74.88 15.22
C VAL Y 158 -0.03 -74.61 16.72
N GLY Y 159 1.05 -74.93 17.44
CA GLY Y 159 1.26 -74.48 18.82
C GLY Y 159 0.54 -75.29 19.91
N LEU Y 160 -0.18 -76.35 19.56
CA LEU Y 160 -0.91 -77.19 20.52
C LEU Y 160 -0.04 -78.31 21.14
N GLY Y 161 1.28 -78.22 21.03
CA GLY Y 161 2.19 -79.25 21.54
C GLY Y 161 2.03 -80.58 20.82
N LEU Y 162 2.27 -81.68 21.53
CA LEU Y 162 2.10 -83.03 20.99
C LEU Y 162 0.61 -83.35 20.71
N GLY Y 163 -0.33 -82.58 21.27
CA GLY Y 163 -1.75 -82.67 20.95
C GLY Y 163 -2.11 -82.28 19.52
N GLY Y 164 -1.26 -81.52 18.82
CA GLY Y 164 -1.52 -81.10 17.43
C GLY Y 164 -1.66 -82.28 16.46
N TYR Y 165 -0.91 -83.37 16.66
CA TYR Y 165 -1.06 -84.58 15.86
C TYR Y 165 -2.42 -85.24 16.05
N LEU Y 166 -2.97 -85.19 17.27
CA LEU Y 166 -4.25 -85.83 17.59
C LEU Y 166 -5.41 -85.07 16.96
N ALA Y 167 -5.37 -83.73 16.95
CA ALA Y 167 -6.31 -82.95 16.17
C ALA Y 167 -6.20 -83.25 14.67
N ALA Y 168 -4.99 -83.30 14.12
CA ALA Y 168 -4.79 -83.57 12.70
C ALA Y 168 -5.35 -84.93 12.27
N MET Y 169 -5.15 -85.98 13.07
CA MET Y 169 -5.78 -87.28 12.82
C MET Y 169 -7.31 -87.19 12.91
N GLY Y 170 -7.85 -86.47 13.89
CA GLY Y 170 -9.30 -86.23 13.99
C GLY Y 170 -9.85 -85.54 12.74
N MET Y 171 -9.19 -84.48 12.27
CA MET Y 171 -9.58 -83.75 11.07
C MET Y 171 -9.54 -84.58 9.79
N LEU Y 172 -8.76 -85.66 9.73
CA LEU Y 172 -8.76 -86.59 8.58
C LEU Y 172 -9.84 -87.67 8.69
N VAL Y 173 -10.22 -88.08 9.89
CA VAL Y 173 -11.34 -89.01 10.10
C VAL Y 173 -12.69 -88.33 9.85
N GLU Y 174 -12.80 -87.04 10.13
CA GLU Y 174 -13.99 -86.20 9.87
C GLU Y 174 -14.24 -85.92 8.37
N MET Z 33 3.02 -90.43 -37.88
CA MET Z 33 3.01 -88.95 -37.96
C MET Z 33 3.96 -88.47 -39.04
N LYS Z 34 3.54 -87.49 -39.86
CA LYS Z 34 4.29 -86.87 -40.95
C LYS Z 34 4.52 -85.38 -40.69
N ILE Z 35 5.77 -84.93 -40.67
CA ILE Z 35 6.19 -83.53 -40.44
C ILE Z 35 6.75 -82.94 -41.74
N LEU Z 36 6.46 -81.67 -42.00
CA LEU Z 36 7.07 -80.91 -43.11
C LEU Z 36 7.91 -79.75 -42.58
N VAL Z 37 9.18 -79.68 -42.99
CA VAL Z 37 10.11 -78.61 -42.63
C VAL Z 37 10.37 -77.73 -43.84
N ILE Z 38 10.09 -76.43 -43.73
CA ILE Z 38 10.26 -75.46 -44.81
C ILE Z 38 11.30 -74.41 -44.42
N ASN Z 39 12.32 -74.26 -45.25
CA ASN Z 39 13.38 -73.27 -45.13
C ASN Z 39 13.26 -72.20 -46.22
N GLY Z 40 13.32 -70.93 -45.86
CA GLY Z 40 13.19 -69.79 -46.76
C GLY Z 40 14.45 -69.47 -47.58
N PRO Z 41 14.51 -68.27 -48.20
CA PRO Z 41 15.66 -67.84 -48.98
C PRO Z 41 16.93 -67.75 -48.14
N ASN Z 42 18.09 -67.91 -48.78
CA ASN Z 42 19.43 -67.83 -48.18
C ASN Z 42 19.81 -68.91 -47.15
N ILE Z 43 18.88 -69.69 -46.60
CA ILE Z 43 19.19 -70.69 -45.57
C ILE Z 43 20.13 -71.79 -46.09
N ASN Z 44 20.12 -72.10 -47.38
CA ASN Z 44 21.05 -73.07 -47.98
C ASN Z 44 22.52 -72.62 -47.93
N PHE Z 45 22.80 -71.35 -47.65
CA PHE Z 45 24.15 -70.80 -47.50
C PHE Z 45 24.60 -70.72 -46.03
N LEU Z 46 23.95 -71.41 -45.08
CA LEU Z 46 24.53 -71.65 -43.75
C LEU Z 46 25.97 -72.17 -43.85
N GLY Z 47 26.87 -71.63 -43.03
CA GLY Z 47 28.29 -72.00 -43.02
C GLY Z 47 29.13 -71.38 -44.14
N ILE Z 48 28.52 -70.75 -45.15
CA ILE Z 48 29.15 -69.82 -46.08
C ILE Z 48 28.90 -68.38 -45.59
N PRO Z 56 31.16 -73.46 -38.31
CA PRO Z 56 31.57 -74.32 -39.42
C PRO Z 56 30.44 -75.24 -39.91
N LEU Z 57 29.35 -75.41 -39.16
CA LEU Z 57 28.21 -76.24 -39.57
C LEU Z 57 27.48 -75.65 -40.78
N ASN Z 58 27.14 -76.48 -41.75
CA ASN Z 58 26.48 -76.06 -42.98
C ASN Z 58 25.06 -76.62 -43.12
N TYR Z 59 24.40 -76.35 -44.25
CA TYR Z 59 23.02 -76.78 -44.46
C TYR Z 59 22.87 -78.31 -44.51
N ASP Z 60 23.83 -79.04 -45.07
CA ASP Z 60 23.75 -80.51 -45.11
C ASP Z 60 23.86 -81.12 -43.70
N ASP Z 61 24.65 -80.51 -42.82
CA ASP Z 61 24.72 -80.92 -41.42
C ASP Z 61 23.36 -80.76 -40.72
N LEU Z 62 22.67 -79.64 -40.94
CA LEU Z 62 21.33 -79.40 -40.41
C LEU Z 62 20.31 -80.42 -40.94
N VAL Z 63 20.35 -80.73 -42.23
CA VAL Z 63 19.45 -81.74 -42.81
C VAL Z 63 19.72 -83.12 -42.21
N GLU Z 64 20.97 -83.51 -41.99
CA GLU Z 64 21.28 -84.79 -41.34
C GLU Z 64 20.81 -84.82 -39.87
N MET Z 65 21.00 -83.74 -39.10
CA MET Z 65 20.46 -83.62 -37.75
C MET Z 65 18.94 -83.77 -37.70
N ILE Z 66 18.21 -83.13 -38.61
CA ILE Z 66 16.74 -83.26 -38.69
C ILE Z 66 16.33 -84.69 -39.06
N LYS Z 67 16.91 -85.27 -40.11
CA LYS Z 67 16.57 -86.63 -40.56
C LYS Z 67 16.92 -87.70 -39.52
N GLY Z 68 18.03 -87.56 -38.80
CA GLY Z 68 18.37 -88.45 -37.69
C GLY Z 68 17.42 -88.33 -36.51
N THR Z 69 17.03 -87.10 -36.16
CA THR Z 69 16.07 -86.87 -35.06
C THR Z 69 14.67 -87.40 -35.38
N ALA Z 70 14.23 -87.34 -36.64
CA ALA Z 70 12.95 -87.89 -37.04
C ALA Z 70 12.85 -89.40 -36.76
N LYS Z 71 13.90 -90.19 -37.05
CA LYS Z 71 13.96 -91.61 -36.68
C LYS Z 71 13.93 -91.80 -35.16
N GLY Z 72 14.63 -90.96 -34.42
CA GLY Z 72 14.62 -90.98 -32.96
C GLY Z 72 13.24 -90.76 -32.36
N LEU Z 73 12.48 -89.79 -32.87
CA LEU Z 73 11.10 -89.51 -32.47
C LEU Z 73 10.05 -90.45 -33.12
N LYS Z 74 10.46 -91.39 -33.99
CA LYS Z 74 9.56 -92.29 -34.74
C LYS Z 74 8.52 -91.56 -35.60
N VAL Z 75 8.94 -90.52 -36.32
CA VAL Z 75 8.12 -89.74 -37.26
C VAL Z 75 8.73 -89.73 -38.66
N LYS Z 76 7.90 -89.54 -39.70
CA LYS Z 76 8.39 -89.25 -41.06
C LYS Z 76 8.59 -87.76 -41.24
N VAL Z 77 9.62 -87.35 -41.97
CA VAL Z 77 9.92 -85.93 -42.23
C VAL Z 77 10.24 -85.68 -43.69
N GLU Z 78 9.74 -84.57 -44.23
CA GLU Z 78 10.18 -83.98 -45.49
C GLU Z 78 10.84 -82.63 -45.20
N VAL Z 79 12.03 -82.39 -45.76
CA VAL Z 79 12.75 -81.11 -45.63
C VAL Z 79 12.84 -80.43 -46.99
N PHE Z 80 12.42 -79.17 -47.08
CA PHE Z 80 12.36 -78.40 -48.32
C PHE Z 80 12.98 -77.01 -48.14
N GLN Z 81 13.70 -76.54 -49.15
CA GLN Z 81 14.21 -75.16 -49.22
C GLN Z 81 13.98 -74.58 -50.61
N SER Z 82 13.59 -73.30 -50.68
CA SER Z 82 13.62 -72.56 -51.94
C SER Z 82 13.89 -71.08 -51.71
N ASN Z 83 14.52 -70.43 -52.69
CA ASN Z 83 14.69 -68.98 -52.71
C ASN Z 83 13.46 -68.23 -53.24
N HIS Z 84 12.46 -68.93 -53.78
CA HIS Z 84 11.25 -68.32 -54.35
C HIS Z 84 10.09 -68.27 -53.35
N GLU Z 85 9.54 -67.08 -53.11
CA GLU Z 85 8.36 -66.88 -52.26
C GLU Z 85 7.16 -67.71 -52.75
N GLY Z 86 6.94 -67.76 -54.07
CA GLY Z 86 5.84 -68.54 -54.64
C GLY Z 86 6.01 -70.05 -54.52
N ALA Z 87 7.24 -70.58 -54.48
CA ALA Z 87 7.46 -72.01 -54.31
C ALA Z 87 7.14 -72.45 -52.87
N ILE Z 88 7.38 -71.60 -51.88
CA ILE Z 88 6.97 -71.83 -50.50
C ILE Z 88 5.44 -71.85 -50.39
N ILE Z 89 4.74 -70.91 -51.01
CA ILE Z 89 3.28 -70.88 -51.01
C ILE Z 89 2.71 -72.12 -51.72
N ASP Z 90 3.27 -72.54 -52.85
CA ASP Z 90 2.88 -73.81 -53.49
C ASP Z 90 3.10 -75.01 -52.57
N LYS Z 91 4.23 -75.09 -51.86
CA LYS Z 91 4.54 -76.17 -50.92
C LYS Z 91 3.56 -76.20 -49.74
N LEU Z 92 3.19 -75.05 -49.19
CA LEU Z 92 2.16 -74.96 -48.15
C LEU Z 92 0.78 -75.41 -48.66
N GLN Z 93 0.39 -75.03 -49.87
CA GLN Z 93 -0.86 -75.50 -50.47
C GLN Z 93 -0.81 -77.00 -50.76
N GLU Z 94 0.31 -77.54 -51.22
CA GLU Z 94 0.48 -78.98 -51.42
C GLU Z 94 0.34 -79.75 -50.10
N ALA Z 95 0.87 -79.25 -49.00
CA ALA Z 95 0.79 -79.89 -47.69
C ALA Z 95 -0.66 -80.12 -47.24
N TYR Z 96 -1.57 -79.18 -47.52
CA TYR Z 96 -2.98 -79.30 -47.17
C TYR Z 96 -3.67 -80.49 -47.86
N TYR Z 97 -3.30 -80.81 -49.10
CA TYR Z 97 -3.83 -81.97 -49.83
C TYR Z 97 -3.15 -83.29 -49.50
N ASN Z 98 -2.08 -83.28 -48.68
CA ASN Z 98 -1.22 -84.44 -48.43
C ASN Z 98 -1.22 -84.89 -46.95
N ASP Z 99 -2.13 -84.39 -46.11
CA ASP Z 99 -2.32 -84.80 -44.72
C ASP Z 99 -1.03 -84.73 -43.87
N VAL Z 100 -0.29 -83.63 -44.01
CA VAL Z 100 0.80 -83.29 -43.09
C VAL Z 100 0.23 -83.03 -41.69
N ASP Z 101 0.85 -83.59 -40.65
CA ASP Z 101 0.37 -83.47 -39.27
C ASP Z 101 0.87 -82.22 -38.56
N GLY Z 102 1.98 -81.62 -39.01
CA GLY Z 102 2.53 -80.40 -38.46
C GLY Z 102 3.65 -79.82 -39.33
N ILE Z 103 3.85 -78.50 -39.24
CA ILE Z 103 4.79 -77.76 -40.08
C ILE Z 103 5.82 -77.03 -39.22
N VAL Z 104 7.11 -77.17 -39.54
CA VAL Z 104 8.17 -76.34 -38.98
C VAL Z 104 8.63 -75.40 -40.08
N ILE Z 105 8.62 -74.09 -39.85
CA ILE Z 105 9.00 -73.12 -40.89
C ILE Z 105 10.02 -72.10 -40.39
N ASN Z 106 11.08 -71.88 -41.17
CA ASN Z 106 12.02 -70.80 -41.00
C ASN Z 106 11.96 -69.90 -42.24
N PRO Z 107 11.18 -68.81 -42.23
CA PRO Z 107 10.99 -67.97 -43.41
C PRO Z 107 12.23 -67.19 -43.85
N GLY Z 108 13.31 -67.14 -43.05
CA GLY Z 108 14.40 -66.20 -43.29
C GLY Z 108 13.90 -64.75 -43.28
N ALA Z 109 14.35 -63.94 -44.23
CA ALA Z 109 13.97 -62.53 -44.32
C ALA Z 109 12.48 -62.27 -44.60
N PHE Z 110 11.74 -63.21 -45.21
CA PHE Z 110 10.31 -63.03 -45.49
C PHE Z 110 9.46 -62.79 -44.24
N THR Z 111 9.96 -63.18 -43.07
CA THR Z 111 9.38 -62.90 -41.75
C THR Z 111 9.03 -61.43 -41.54
N HIS Z 112 9.81 -60.53 -42.14
CA HIS Z 112 9.76 -59.09 -41.88
C HIS Z 112 9.03 -58.29 -42.95
N TYR Z 113 8.52 -58.93 -44.02
CA TYR Z 113 7.77 -58.24 -45.09
C TYR Z 113 6.76 -59.07 -45.90
N SER Z 114 6.80 -60.40 -45.91
CA SER Z 114 5.92 -61.19 -46.79
C SER Z 114 4.53 -61.39 -46.21
N TYR Z 115 3.62 -60.47 -46.51
CA TYR Z 115 2.20 -60.67 -46.21
C TYR Z 115 1.58 -61.80 -47.04
N ALA Z 116 2.14 -62.16 -48.21
CA ALA Z 116 1.67 -63.30 -48.97
C ALA Z 116 1.93 -64.64 -48.26
N VAL Z 117 3.10 -64.83 -47.65
CA VAL Z 117 3.41 -66.05 -46.86
C VAL Z 117 2.62 -66.08 -45.56
N ARG Z 118 2.44 -64.95 -44.89
CA ARG Z 118 1.51 -64.85 -43.74
C ARG Z 118 0.12 -65.35 -44.11
N ASP Z 119 -0.47 -64.82 -45.18
CA ASP Z 119 -1.81 -65.21 -45.58
C ASP Z 119 -1.88 -66.65 -46.11
N ALA Z 120 -0.80 -67.20 -46.66
CA ALA Z 120 -0.71 -68.63 -46.99
C ALA Z 120 -0.79 -69.49 -45.72
N LEU Z 121 -0.02 -69.18 -44.67
CA LEU Z 121 -0.08 -69.86 -43.38
C LEU Z 121 -1.47 -69.70 -42.73
N ALA Z 122 -2.10 -68.54 -42.85
CA ALA Z 122 -3.46 -68.32 -42.37
C ALA Z 122 -4.49 -69.19 -43.10
N SER Z 123 -4.29 -69.49 -44.39
CA SER Z 123 -5.22 -70.29 -45.18
C SER Z 123 -5.30 -71.77 -44.77
N ILE Z 124 -4.27 -72.30 -44.09
CA ILE Z 124 -4.19 -73.70 -43.65
C ILE Z 124 -4.28 -73.86 -42.12
N ALA Z 125 -5.15 -73.07 -41.48
CA ALA Z 125 -5.32 -72.99 -40.03
C ALA Z 125 -5.61 -74.32 -39.31
N ALA Z 126 -6.06 -75.36 -40.02
CA ALA Z 126 -6.28 -76.69 -39.46
C ALA Z 126 -4.98 -77.43 -39.09
N ILE Z 127 -3.82 -77.03 -39.62
CA ILE Z 127 -2.53 -77.69 -39.41
C ILE Z 127 -1.70 -76.87 -38.39
N PRO Z 128 -1.15 -77.46 -37.32
CA PRO Z 128 -0.30 -76.76 -36.37
C PRO Z 128 1.07 -76.43 -36.99
N LYS Z 129 1.56 -75.20 -36.79
CA LYS Z 129 2.88 -74.78 -37.28
C LYS Z 129 3.71 -74.10 -36.21
N ILE Z 130 5.02 -74.33 -36.23
CA ILE Z 130 6.02 -73.66 -35.39
C ILE Z 130 6.97 -72.84 -36.27
N GLU Z 131 7.15 -71.56 -35.97
CA GLU Z 131 8.16 -70.73 -36.61
C GLU Z 131 9.53 -70.85 -35.93
N VAL Z 132 10.62 -70.91 -36.68
CA VAL Z 132 11.99 -71.08 -36.16
C VAL Z 132 12.91 -70.00 -36.68
N HIS Z 133 13.71 -69.39 -35.80
CA HIS Z 133 14.83 -68.53 -36.15
C HIS Z 133 16.13 -68.99 -35.51
N ILE Z 134 17.17 -69.17 -36.32
CA ILE Z 134 18.48 -69.66 -35.87
C ILE Z 134 19.18 -68.62 -35.00
N SER Z 135 19.22 -67.37 -35.46
CA SER Z 135 19.79 -66.23 -34.74
C SER Z 135 18.72 -65.38 -34.05
N ASN Z 136 19.15 -64.49 -33.15
CA ASN Z 136 18.28 -63.69 -32.26
C ASN Z 136 17.58 -62.52 -32.99
N VAL Z 137 16.87 -62.79 -34.10
CA VAL Z 137 16.41 -61.78 -35.07
C VAL Z 137 15.63 -60.61 -34.47
N THR Z 146 10.05 -56.70 -35.38
CA THR Z 146 8.65 -57.17 -35.40
C THR Z 146 8.39 -58.00 -36.66
N SER Z 147 7.54 -59.03 -36.54
CA SER Z 147 7.38 -60.09 -37.53
C SER Z 147 5.92 -60.27 -37.96
N VAL Z 148 5.67 -60.50 -39.26
CA VAL Z 148 4.29 -60.60 -39.79
C VAL Z 148 3.74 -62.04 -39.76
N THR Z 149 4.60 -63.06 -39.73
CA THR Z 149 4.22 -64.50 -39.79
C THR Z 149 3.96 -65.17 -38.43
N VAL Z 150 4.39 -64.56 -37.31
CA VAL Z 150 4.26 -65.13 -35.96
C VAL Z 150 2.81 -65.38 -35.48
N PRO Z 151 1.86 -64.42 -35.58
CA PRO Z 151 0.55 -64.58 -34.93
C PRO Z 151 -0.35 -65.64 -35.60
N VAL Z 152 0.00 -66.11 -36.80
CA VAL Z 152 -0.70 -67.19 -37.52
C VAL Z 152 -0.07 -68.58 -37.31
N CYS Z 153 0.82 -68.71 -36.31
CA CYS Z 153 1.50 -69.95 -35.90
C CYS Z 153 1.22 -70.28 -34.42
N GLN Z 154 1.32 -71.56 -34.04
CA GLN Z 154 1.07 -72.00 -32.66
C GLN Z 154 2.25 -71.74 -31.70
N GLY Z 155 3.43 -71.40 -32.21
CA GLY Z 155 4.58 -71.01 -31.40
C GLY Z 155 5.76 -70.54 -32.25
N GLU Z 156 6.71 -69.87 -31.60
CA GLU Z 156 8.00 -69.50 -32.20
C GLU Z 156 9.16 -69.99 -31.34
N VAL Z 157 10.27 -70.40 -31.96
CA VAL Z 157 11.53 -70.75 -31.31
C VAL Z 157 12.63 -69.87 -31.87
N VAL Z 158 13.36 -69.13 -31.02
CA VAL Z 158 14.29 -68.10 -31.49
C VAL Z 158 15.65 -68.20 -30.80
N GLY Z 159 16.73 -68.09 -31.57
CA GLY Z 159 18.09 -67.89 -31.05
C GLY Z 159 18.79 -69.12 -30.50
N LEU Z 160 18.18 -70.31 -30.56
CA LEU Z 160 18.77 -71.56 -30.06
C LEU Z 160 19.68 -72.26 -31.08
N GLY Z 161 20.13 -71.55 -32.12
CA GLY Z 161 20.98 -72.12 -33.18
C GLY Z 161 20.26 -73.22 -33.96
N LEU Z 162 21.00 -74.23 -34.42
CA LEU Z 162 20.42 -75.37 -35.13
C LEU Z 162 19.55 -76.25 -34.20
N GLY Z 163 19.70 -76.11 -32.88
CA GLY Z 163 18.84 -76.77 -31.90
C GLY Z 163 17.38 -76.32 -31.94
N GLY Z 164 17.07 -75.15 -32.49
CA GLY Z 164 15.69 -74.65 -32.58
C GLY Z 164 14.74 -75.56 -33.36
N TYR Z 165 15.22 -76.20 -34.44
CA TYR Z 165 14.44 -77.18 -35.19
C TYR Z 165 14.10 -78.42 -34.35
N LEU Z 166 14.98 -78.82 -33.45
CA LEU Z 166 14.78 -80.01 -32.63
C LEU Z 166 13.73 -79.75 -31.53
N ALA Z 167 13.74 -78.57 -30.92
CA ALA Z 167 12.64 -78.15 -30.07
C ALA Z 167 11.32 -78.09 -30.84
N ALA Z 168 11.30 -77.50 -32.02
CA ALA Z 168 10.09 -77.41 -32.82
C ALA Z 168 9.49 -78.79 -33.16
N MET Z 169 10.31 -79.77 -33.54
CA MET Z 169 9.82 -81.13 -33.77
C MET Z 169 9.27 -81.75 -32.48
N GLY Z 170 9.94 -81.56 -31.34
CA GLY Z 170 9.44 -82.03 -30.05
C GLY Z 170 8.09 -81.41 -29.70
N MET Z 171 7.93 -80.09 -29.87
CA MET Z 171 6.68 -79.38 -29.63
C MET Z 171 5.53 -79.82 -30.54
N LEU Z 172 5.80 -80.39 -31.73
CA LEU Z 172 4.75 -80.93 -32.60
C LEU Z 172 4.41 -82.38 -32.26
N VAL Z 173 5.33 -83.16 -31.67
CA VAL Z 173 5.04 -84.51 -31.17
C VAL Z 173 4.20 -84.47 -29.89
N GLU Z 174 4.42 -83.46 -29.04
CA GLU Z 174 3.72 -83.24 -27.77
C GLU Z 174 2.26 -82.75 -27.95
N MET AA 33 -84.60 49.72 1.76
CA MET AA 33 -83.28 49.37 1.17
C MET AA 33 -83.37 49.30 -0.35
N LYS AA 34 -82.34 49.82 -1.04
CA LYS AA 34 -82.19 49.85 -2.50
C LYS AA 34 -80.94 49.07 -2.95
N ILE AA 35 -81.10 48.10 -3.84
CA ILE AA 35 -80.04 47.26 -4.39
C ILE AA 35 -79.83 47.55 -5.88
N LEU AA 36 -78.59 47.54 -6.36
CA LEU AA 36 -78.27 47.64 -7.77
C LEU AA 36 -77.58 46.37 -8.27
N VAL AA 37 -78.13 45.76 -9.33
CA VAL AA 37 -77.55 44.58 -9.98
C VAL AA 37 -76.96 44.97 -11.32
N ILE AA 38 -75.67 44.72 -11.53
CA ILE AA 38 -74.94 45.03 -12.77
C ILE AA 38 -74.48 43.74 -13.45
N ASN AA 39 -74.90 43.54 -14.70
CA ASN AA 39 -74.46 42.46 -15.57
C ASN AA 39 -73.54 43.00 -16.67
N GLY AA 40 -72.40 42.35 -16.87
CA GLY AA 40 -71.39 42.72 -17.86
C GLY AA 40 -71.72 42.35 -19.30
N PRO AA 41 -70.72 42.36 -20.20
CA PRO AA 41 -70.91 41.98 -21.60
C PRO AA 41 -71.33 40.51 -21.75
N ASN AA 42 -72.02 40.18 -22.83
CA ASN AA 42 -72.48 38.84 -23.20
C ASN AA 42 -73.55 38.18 -22.29
N ILE AA 43 -73.81 38.69 -21.09
CA ILE AA 43 -74.77 38.08 -20.16
C ILE AA 43 -76.20 38.08 -20.72
N ASN AA 44 -76.57 39.05 -21.54
CA ASN AA 44 -77.86 39.08 -22.21
C ASN AA 44 -78.09 37.92 -23.20
N PHE AA 45 -77.05 37.18 -23.59
CA PHE AA 45 -77.14 36.00 -24.45
C PHE AA 45 -77.20 34.67 -23.68
N LEU AA 46 -77.44 34.66 -22.37
CA LEU AA 46 -77.81 33.42 -21.66
C LEU AA 46 -78.97 32.71 -22.37
N GLY AA 47 -78.87 31.38 -22.48
CA GLY AA 47 -79.86 30.55 -23.17
C GLY AA 47 -79.72 30.53 -24.70
N ILE AA 48 -78.96 31.46 -25.28
CA ILE AA 48 -78.46 31.38 -26.67
C ILE AA 48 -77.04 30.80 -26.66
N PRO AA 56 -82.04 25.75 -20.61
CA PRO AA 56 -83.10 26.40 -21.36
C PRO AA 56 -83.46 27.81 -20.85
N LEU AA 57 -83.06 28.20 -19.64
CA LEU AA 57 -83.37 29.51 -19.06
C LEU AA 57 -82.60 30.64 -19.75
N ASN AA 58 -83.25 31.77 -19.99
CA ASN AA 58 -82.67 32.93 -20.67
C ASN AA 58 -82.50 34.14 -19.73
N TYR AA 59 -82.01 35.26 -20.27
CA TYR AA 59 -81.78 36.47 -19.47
C TYR AA 59 -83.08 37.06 -18.88
N ASP AA 60 -84.22 36.98 -19.56
CA ASP AA 60 -85.48 37.48 -19.01
C ASP AA 60 -86.00 36.62 -17.86
N ASP AA 61 -85.75 35.31 -17.88
CA ASP AA 61 -86.04 34.43 -16.75
C ASP AA 61 -85.23 34.84 -15.51
N LEU AA 62 -83.94 35.13 -15.69
CA LEU AA 62 -83.07 35.64 -14.62
C LEU AA 62 -83.59 36.98 -14.06
N VAL AA 63 -83.98 37.91 -14.91
CA VAL AA 63 -84.50 39.20 -14.46
C VAL AA 63 -85.79 39.01 -13.64
N GLU AA 64 -86.71 38.15 -14.08
CA GLU AA 64 -87.94 37.91 -13.32
C GLU AA 64 -87.67 37.22 -11.98
N MET AA 65 -86.74 36.27 -11.91
CA MET AA 65 -86.33 35.67 -10.63
C MET AA 65 -85.77 36.71 -9.67
N ILE AA 66 -84.94 37.66 -10.15
CA ILE AA 66 -84.40 38.74 -9.31
C ILE AA 66 -85.52 39.68 -8.85
N LYS AA 67 -86.39 40.14 -9.75
CA LYS AA 67 -87.48 41.05 -9.39
C LYS AA 67 -88.50 40.44 -8.43
N GLY AA 68 -88.83 39.15 -8.59
CA GLY AA 68 -89.69 38.44 -7.64
C GLY AA 68 -89.02 38.27 -6.28
N THR AA 69 -87.73 37.92 -6.25
CA THR AA 69 -86.99 37.79 -4.98
C THR AA 69 -86.86 39.12 -4.25
N ALA AA 70 -86.74 40.25 -4.94
CA ALA AA 70 -86.71 41.57 -4.30
C ALA AA 70 -88.01 41.87 -3.54
N LYS AA 71 -89.18 41.59 -4.13
CA LYS AA 71 -90.46 41.69 -3.41
C LYS AA 71 -90.51 40.74 -2.21
N GLY AA 72 -90.01 39.53 -2.36
CA GLY AA 72 -89.91 38.56 -1.27
C GLY AA 72 -89.07 39.04 -0.09
N LEU AA 73 -87.91 39.64 -0.36
CA LEU AA 73 -87.01 40.21 0.66
C LEU AA 73 -87.41 41.62 1.14
N LYS AA 74 -88.47 42.22 0.58
CA LYS AA 74 -88.92 43.59 0.87
C LYS AA 74 -87.85 44.66 0.59
N VAL AA 75 -87.17 44.55 -0.55
CA VAL AA 75 -86.17 45.52 -1.04
C VAL AA 75 -86.55 46.06 -2.42
N LYS AA 76 -86.07 47.26 -2.77
CA LYS AA 76 -86.14 47.78 -4.14
C LYS AA 76 -84.90 47.36 -4.91
N VAL AA 77 -85.05 47.00 -6.18
CA VAL AA 77 -83.94 46.57 -7.05
C VAL AA 77 -83.96 47.28 -8.40
N GLU AA 78 -82.79 47.66 -8.89
CA GLU AA 78 -82.55 48.02 -10.29
C GLU AA 78 -81.64 46.98 -10.92
N VAL AA 79 -82.02 46.44 -12.07
CA VAL AA 79 -81.21 45.48 -12.84
C VAL AA 79 -80.75 46.11 -14.14
N PHE AA 80 -79.44 46.10 -14.40
CA PHE AA 80 -78.82 46.77 -15.54
C PHE AA 80 -77.82 45.85 -16.26
N GLN AA 81 -77.76 45.93 -17.59
CA GLN AA 81 -76.79 45.21 -18.41
C GLN AA 81 -76.24 46.10 -19.51
N SER AA 82 -74.93 46.01 -19.79
CA SER AA 82 -74.34 46.66 -20.96
C SER AA 82 -73.12 45.89 -21.49
N ASN AA 83 -72.89 45.97 -22.80
CA ASN AA 83 -71.66 45.47 -23.40
C ASN AA 83 -70.49 46.46 -23.32
N HIS AA 84 -70.71 47.70 -22.90
CA HIS AA 84 -69.68 48.74 -22.84
C HIS AA 84 -69.04 48.86 -21.45
N GLU AA 85 -67.72 48.69 -21.34
CA GLU AA 85 -66.95 48.87 -20.11
C GLU AA 85 -67.19 50.26 -19.48
N GLY AA 86 -67.21 51.31 -20.31
CA GLY AA 86 -67.46 52.67 -19.83
C GLY AA 86 -68.86 52.90 -19.28
N ALA AA 87 -69.88 52.21 -19.80
CA ALA AA 87 -71.23 52.35 -19.28
C ALA AA 87 -71.41 51.70 -17.90
N ILE AA 88 -70.65 50.65 -17.62
CA ILE AA 88 -70.58 50.04 -16.29
C ILE AA 88 -69.91 51.01 -15.30
N ILE AA 89 -68.79 51.64 -15.68
CA ILE AA 89 -68.13 52.64 -14.84
C ILE AA 89 -69.05 53.84 -14.60
N ASP AA 90 -69.76 54.33 -15.61
CA ASP AA 90 -70.77 55.38 -15.43
C ASP AA 90 -71.89 54.97 -14.46
N LYS AA 91 -72.41 53.74 -14.57
CA LYS AA 91 -73.44 53.22 -13.67
C LYS AA 91 -72.94 53.09 -12.23
N LEU AA 92 -71.70 52.65 -12.02
CA LEU AA 92 -71.07 52.64 -10.70
C LEU AA 92 -70.89 54.04 -10.12
N GLN AA 93 -70.47 55.01 -10.91
CA GLN AA 93 -70.36 56.40 -10.47
C GLN AA 93 -71.74 57.01 -10.18
N GLU AA 94 -72.75 56.71 -10.97
CA GLU AA 94 -74.12 57.16 -10.72
C GLU AA 94 -74.67 56.61 -9.40
N ALA AA 95 -74.39 55.34 -9.07
CA ALA AA 95 -74.86 54.71 -7.84
C ALA AA 95 -74.39 55.43 -6.58
N TYR AA 96 -73.17 55.99 -6.59
CA TYR AA 96 -72.63 56.77 -5.48
C TYR AA 96 -73.43 58.05 -5.19
N TYR AA 97 -73.98 58.70 -6.21
CA TYR AA 97 -74.82 59.89 -6.07
C TYR AA 97 -76.29 59.57 -5.76
N ASN AA 98 -76.70 58.30 -5.86
CA ASN AA 98 -78.10 57.87 -5.75
C ASN AA 98 -78.40 57.03 -4.49
N ASP AA 99 -77.45 56.95 -3.55
CA ASP AA 99 -77.62 56.29 -2.25
C ASP AA 99 -78.07 54.82 -2.34
N VAL AA 100 -77.48 54.07 -3.27
CA VAL AA 100 -77.61 52.61 -3.32
C VAL AA 100 -77.02 52.00 -2.05
N ASP AA 101 -77.71 51.04 -1.44
CA ASP AA 101 -77.28 50.40 -0.19
C ASP AA 101 -76.36 49.21 -0.39
N GLY AA 102 -76.38 48.58 -1.58
CA GLY AA 102 -75.46 47.50 -1.93
C GLY AA 102 -75.53 47.12 -3.41
N ILE AA 103 -74.43 46.56 -3.93
CA ILE AA 103 -74.25 46.24 -5.35
C ILE AA 103 -74.01 44.74 -5.54
N VAL AA 104 -74.71 44.13 -6.49
CA VAL AA 104 -74.40 42.78 -6.98
C VAL AA 104 -73.82 42.92 -8.39
N ILE AA 105 -72.63 42.38 -8.65
CA ILE AA 105 -71.99 42.55 -9.97
C ILE AA 105 -71.52 41.23 -10.56
N ASN AA 106 -71.82 41.00 -11.84
CA ASN AA 106 -71.25 39.93 -12.65
C ASN AA 106 -70.51 40.55 -13.84
N PRO AA 107 -69.18 40.74 -13.76
CA PRO AA 107 -68.42 41.40 -14.80
C PRO AA 107 -68.29 40.62 -16.11
N GLY AA 108 -68.69 39.35 -16.17
CA GLY AA 108 -68.35 38.46 -17.29
C GLY AA 108 -66.83 38.37 -17.48
N ALA AA 109 -66.34 38.47 -18.71
CA ALA AA 109 -64.91 38.38 -19.01
C ALA AA 109 -64.05 39.51 -18.43
N PHE AA 110 -64.60 40.70 -18.14
CA PHE AA 110 -63.85 41.82 -17.56
C PHE AA 110 -63.18 41.47 -16.21
N THR AA 111 -63.68 40.46 -15.52
CA THR AA 111 -63.09 39.85 -14.32
C THR AA 111 -61.61 39.53 -14.44
N HIS AA 112 -61.16 39.19 -15.66
CA HIS AA 112 -59.82 38.67 -15.93
C HIS AA 112 -58.87 39.67 -16.57
N TYR AA 113 -59.32 40.91 -16.84
CA TYR AA 113 -58.46 41.95 -17.44
C TYR AA 113 -58.82 43.43 -17.19
N SER AA 114 -60.05 43.78 -16.79
CA SER AA 114 -60.42 45.19 -16.64
C SER AA 114 -59.92 45.79 -15.33
N TYR AA 115 -58.71 46.35 -15.34
CA TYR AA 115 -58.24 47.15 -14.22
C TYR AA 115 -59.04 48.46 -14.08
N ALA AA 116 -59.67 48.96 -15.14
CA ALA AA 116 -60.53 50.14 -15.05
C ALA AA 116 -61.79 49.89 -14.20
N VAL AA 117 -62.45 48.74 -14.38
CA VAL AA 117 -63.62 48.35 -13.56
C VAL AA 117 -63.20 48.02 -12.13
N ARG AA 118 -62.05 47.36 -11.92
CA ARG AA 118 -61.48 47.20 -10.58
C ARG AA 118 -61.33 48.53 -9.86
N ASP AA 119 -60.66 49.49 -10.49
CA ASP AA 119 -60.43 50.80 -9.87
C ASP AA 119 -61.72 51.61 -9.72
N ALA AA 120 -62.73 51.40 -10.56
CA ALA AA 120 -64.05 51.98 -10.36
C ALA AA 120 -64.72 51.44 -9.10
N LEU AA 121 -64.70 50.12 -8.88
CA LEU AA 121 -65.21 49.49 -7.66
C LEU AA 121 -64.43 49.95 -6.41
N ALA AA 122 -63.12 50.13 -6.52
CA ALA AA 122 -62.31 50.69 -5.43
C ALA AA 122 -62.68 52.15 -5.12
N SER AA 123 -63.10 52.94 -6.10
CA SER AA 123 -63.47 54.36 -5.90
C SER AA 123 -64.74 54.57 -5.07
N ILE AA 124 -65.57 53.55 -4.86
CA ILE AA 124 -66.85 53.62 -4.13
C ILE AA 124 -66.86 52.72 -2.89
N ALA AA 125 -65.74 52.64 -2.17
CA ALA AA 125 -65.55 51.75 -1.02
C ALA AA 125 -66.55 51.91 0.14
N ALA AA 126 -67.31 53.01 0.20
CA ALA AA 126 -68.41 53.19 1.14
C ALA AA 126 -69.60 52.24 0.91
N ILE AA 127 -69.75 51.66 -0.29
CA ILE AA 127 -70.88 50.79 -0.66
C ILE AA 127 -70.42 49.32 -0.67
N PRO AA 128 -71.12 48.39 -0.01
CA PRO AA 128 -70.79 46.96 -0.07
C PRO AA 128 -71.14 46.36 -1.43
N LYS AA 129 -70.27 45.51 -1.98
CA LYS AA 129 -70.51 44.79 -3.23
C LYS AA 129 -70.20 43.30 -3.13
N ILE AA 130 -71.01 42.48 -3.77
CA ILE AA 130 -70.81 41.04 -3.94
C ILE AA 130 -70.59 40.74 -5.44
N GLU AA 131 -69.55 39.99 -5.76
CA GLU AA 131 -69.29 39.54 -7.13
C GLU AA 131 -69.91 38.16 -7.41
N VAL AA 132 -70.52 37.94 -8.58
CA VAL AA 132 -71.23 36.71 -8.93
C VAL AA 132 -70.72 36.13 -10.24
N HIS AA 133 -70.46 34.82 -10.28
CA HIS AA 133 -70.22 34.05 -11.51
C HIS AA 133 -71.18 32.88 -11.67
N ILE AA 134 -71.85 32.80 -12.82
CA ILE AA 134 -72.87 31.77 -13.08
C ILE AA 134 -72.21 30.40 -13.25
N SER AA 135 -71.14 30.33 -14.05
CA SER AA 135 -70.32 29.13 -14.23
C SER AA 135 -69.04 29.17 -13.37
N ASN AA 136 -68.36 28.04 -13.24
CA ASN AA 136 -67.21 27.85 -12.33
C ASN AA 136 -65.91 28.48 -12.87
N VAL AA 137 -65.91 29.78 -13.18
CA VAL AA 137 -64.85 30.46 -13.97
C VAL AA 137 -63.42 30.19 -13.49
N THR AA 146 -57.45 33.29 -12.11
CA THR AA 146 -57.29 34.36 -11.11
C THR AA 146 -57.96 35.65 -11.62
N SER AA 147 -58.51 36.46 -10.71
CA SER AA 147 -59.41 37.58 -11.02
C SER AA 147 -58.94 38.92 -10.44
N VAL AA 148 -59.14 40.03 -11.17
CA VAL AA 148 -58.67 41.36 -10.75
C VAL AA 148 -59.69 42.14 -9.90
N THR AA 149 -60.99 41.85 -10.03
CA THR AA 149 -62.10 42.56 -9.37
C THR AA 149 -62.47 42.03 -7.97
N VAL AA 150 -62.10 40.79 -7.64
CA VAL AA 150 -62.44 40.11 -6.37
C VAL AA 150 -61.94 40.83 -5.10
N PRO AA 151 -60.68 41.26 -4.96
CA PRO AA 151 -60.17 41.74 -3.67
C PRO AA 151 -60.74 43.10 -3.22
N VAL AA 152 -61.42 43.83 -4.11
CA VAL AA 152 -62.10 45.11 -3.81
C VAL AA 152 -63.61 44.94 -3.58
N CYS AA 153 -64.07 43.69 -3.38
CA CYS AA 153 -65.45 43.33 -3.05
C CYS AA 153 -65.54 42.60 -1.69
N GLN AA 154 -66.70 42.66 -1.03
CA GLN AA 154 -66.90 42.06 0.30
C GLN AA 154 -67.16 40.54 0.26
N GLY AA 155 -67.39 39.96 -0.92
CA GLY AA 155 -67.47 38.53 -1.13
C GLY AA 155 -67.67 38.15 -2.60
N GLU AA 156 -67.46 36.86 -2.91
CA GLU AA 156 -67.75 36.28 -4.22
C GLU AA 156 -68.67 35.06 -4.09
N VAL AA 157 -69.57 34.87 -5.05
CA VAL AA 157 -70.44 33.68 -5.18
C VAL AA 157 -70.20 33.06 -6.55
N VAL AA 158 -69.77 31.80 -6.62
CA VAL AA 158 -69.30 31.18 -7.86
C VAL AA 158 -69.95 29.82 -8.12
N GLY AA 159 -70.40 29.58 -9.35
CA GLY AA 159 -70.76 28.24 -9.83
C GLY AA 159 -72.10 27.71 -9.35
N LEU AA 160 -72.95 28.53 -8.73
CA LEU AA 160 -74.29 28.13 -8.27
C LEU AA 160 -75.38 28.39 -9.32
N GLY AA 161 -75.01 28.65 -10.58
CA GLY AA 161 -75.97 28.97 -11.64
C GLY AA 161 -76.71 30.28 -11.38
N LEU AA 162 -77.97 30.37 -11.79
CA LEU AA 162 -78.80 31.55 -11.58
C LEU AA 162 -79.16 31.74 -10.09
N GLY AA 163 -78.95 30.72 -9.24
CA GLY AA 163 -79.10 30.84 -7.79
C GLY AA 163 -78.08 31.76 -7.14
N GLY AA 164 -76.94 32.04 -7.77
CA GLY AA 164 -75.88 32.87 -7.20
C GLY AA 164 -76.31 34.31 -6.91
N TYR AA 165 -77.15 34.91 -7.74
CA TYR AA 165 -77.71 36.24 -7.50
C TYR AA 165 -78.59 36.28 -6.25
N LEU AA 166 -79.32 35.20 -5.99
CA LEU AA 166 -80.25 35.12 -4.86
C LEU AA 166 -79.48 35.01 -3.54
N ALA AA 167 -78.40 34.23 -3.50
CA ALA AA 167 -77.50 34.26 -2.36
C ALA AA 167 -76.87 35.64 -2.16
N ALA AA 168 -76.42 36.30 -3.21
CA ALA AA 168 -75.80 37.62 -3.11
C ALA AA 168 -76.76 38.67 -2.53
N MET AA 169 -78.03 38.69 -2.95
CA MET AA 169 -79.03 39.57 -2.33
C MET AA 169 -79.26 39.22 -0.86
N GLY AA 170 -79.29 37.94 -0.50
CA GLY AA 170 -79.32 37.51 0.89
C GLY AA 170 -78.13 38.04 1.70
N MET AA 171 -76.91 37.90 1.19
CA MET AA 171 -75.70 38.40 1.83
C MET AA 171 -75.69 39.92 2.00
N LEU AA 172 -76.40 40.69 1.17
CA LEU AA 172 -76.53 42.14 1.34
C LEU AA 172 -77.65 42.54 2.30
N VAL AA 173 -78.71 41.74 2.43
CA VAL AA 173 -79.78 41.97 3.42
C VAL AA 173 -79.30 41.62 4.84
N GLU AA 174 -78.43 40.62 4.98
CA GLU AA 174 -77.81 40.21 6.26
C GLU AA 174 -76.77 41.20 6.80
N MET BA 33 -54.60 48.26 -65.63
CA MET BA 33 -53.71 47.16 -65.18
C MET BA 33 -54.15 45.84 -65.80
N LYS BA 34 -53.20 45.03 -66.29
CA LYS BA 34 -53.37 43.71 -66.90
C LYS BA 34 -52.71 42.61 -66.07
N ILE BA 35 -53.49 41.61 -65.66
CA ILE BA 35 -53.04 40.45 -64.87
C ILE BA 35 -53.07 39.18 -65.73
N LEU BA 36 -52.10 38.29 -65.55
CA LEU BA 36 -52.08 36.96 -66.17
C LEU BA 36 -52.11 35.87 -65.10
N VAL BA 37 -53.08 34.95 -65.20
CA VAL BA 37 -53.19 33.79 -64.31
C VAL BA 37 -52.82 32.51 -65.06
N ILE BA 38 -51.84 31.78 -64.55
CA ILE BA 38 -51.34 30.53 -65.14
C ILE BA 38 -51.57 29.36 -64.19
N ASN BA 39 -52.31 28.35 -64.65
CA ASN BA 39 -52.55 27.09 -63.96
C ASN BA 39 -51.78 25.95 -64.62
N GLY BA 40 -51.09 25.14 -63.82
CA GLY BA 40 -50.27 24.02 -64.27
C GLY BA 40 -51.06 22.75 -64.64
N PRO BA 41 -50.37 21.61 -64.77
CA PRO BA 41 -50.99 20.33 -65.09
C PRO BA 41 -51.97 19.88 -64.01
N ASN BA 42 -52.98 19.10 -64.39
CA ASN BA 42 -54.03 18.53 -63.54
C ASN BA 42 -55.02 19.51 -62.90
N ILE BA 43 -54.74 20.81 -62.84
CA ILE BA 43 -55.61 21.80 -62.18
C ILE BA 43 -57.01 21.86 -62.80
N ASN BA 44 -57.15 21.60 -64.11
CA ASN BA 44 -58.45 21.53 -64.77
C ASN BA 44 -59.37 20.39 -64.26
N PHE BA 45 -58.83 19.42 -63.52
CA PHE BA 45 -59.59 18.33 -62.89
C PHE BA 45 -59.99 18.61 -61.42
N LEU BA 46 -59.94 19.85 -60.94
CA LEU BA 46 -60.60 20.23 -59.69
C LEU BA 46 -62.07 19.75 -59.66
N GLY BA 47 -62.49 19.21 -58.52
CA GLY BA 47 -63.84 18.66 -58.34
C GLY BA 47 -64.06 17.28 -58.96
N ILE BA 48 -63.14 16.79 -59.78
CA ILE BA 48 -63.04 15.36 -60.16
C ILE BA 48 -61.97 14.69 -59.28
N PRO BA 56 -67.23 20.25 -53.87
CA PRO BA 56 -68.06 20.19 -55.08
C PRO BA 56 -67.68 21.24 -56.13
N LEU BA 57 -66.87 22.24 -55.81
CA LEU BA 57 -66.45 23.28 -56.76
C LEU BA 57 -65.48 22.74 -57.81
N ASN BA 58 -65.62 23.19 -59.06
CA ASN BA 58 -64.80 22.75 -60.18
C ASN BA 58 -63.97 23.88 -60.81
N TYR BA 59 -63.23 23.60 -61.87
CA TYR BA 59 -62.37 24.58 -62.52
C TYR BA 59 -63.14 25.76 -63.14
N ASP BA 60 -64.33 25.55 -63.69
CA ASP BA 60 -65.13 26.66 -64.24
C ASP BA 60 -65.65 27.59 -63.15
N ASP BA 61 -65.94 27.08 -61.95
CA ASP BA 61 -66.30 27.91 -60.80
C ASP BA 61 -65.14 28.84 -60.41
N LEU BA 62 -63.92 28.30 -60.36
CA LEU BA 62 -62.71 29.06 -60.08
C LEU BA 62 -62.45 30.13 -61.16
N VAL BA 63 -62.63 29.81 -62.43
CA VAL BA 63 -62.48 30.79 -63.51
C VAL BA 63 -63.50 31.93 -63.38
N GLU BA 64 -64.76 31.63 -63.08
CA GLU BA 64 -65.76 32.68 -62.87
C GLU BA 64 -65.47 33.55 -61.64
N MET BA 65 -65.02 32.97 -60.52
CA MET BA 65 -64.59 33.74 -59.35
C MET BA 65 -63.46 34.71 -59.69
N ILE BA 66 -62.47 34.28 -60.47
CA ILE BA 66 -61.36 35.14 -60.90
C ILE BA 66 -61.86 36.25 -61.83
N LYS BA 67 -62.64 35.93 -62.86
CA LYS BA 67 -63.17 36.93 -63.80
C LYS BA 67 -64.11 37.93 -63.14
N GLY BA 68 -64.92 37.51 -62.18
CA GLY BA 68 -65.78 38.40 -61.40
C GLY BA 68 -64.97 39.31 -60.48
N THR BA 69 -63.98 38.78 -59.78
CA THR BA 69 -63.10 39.57 -58.91
C THR BA 69 -62.27 40.59 -59.70
N ALA BA 70 -61.84 40.26 -60.92
CA ALA BA 70 -61.12 41.20 -61.77
C ALA BA 70 -61.96 42.46 -62.08
N LYS BA 71 -63.24 42.30 -62.41
CA LYS BA 71 -64.16 43.44 -62.58
C LYS BA 71 -64.32 44.24 -61.28
N GLY BA 72 -64.40 43.57 -60.15
CA GLY BA 72 -64.46 44.23 -58.84
C GLY BA 72 -63.25 45.10 -58.53
N LEU BA 73 -62.05 44.59 -58.80
CA LEU BA 73 -60.79 45.32 -58.65
C LEU BA 73 -60.48 46.30 -59.79
N LYS BA 74 -61.32 46.37 -60.83
CA LYS BA 74 -61.12 47.17 -62.05
C LYS BA 74 -59.81 46.87 -62.79
N VAL BA 75 -59.50 45.58 -62.97
CA VAL BA 75 -58.33 45.10 -63.74
C VAL BA 75 -58.77 44.20 -64.90
N LYS BA 76 -57.98 44.14 -65.97
CA LYS BA 76 -58.16 43.10 -67.00
C LYS BA 76 -57.40 41.86 -66.61
N VAL BA 77 -57.98 40.68 -66.85
CA VAL BA 77 -57.36 39.39 -66.51
C VAL BA 77 -57.43 38.42 -67.67
N GLU BA 78 -56.35 37.69 -67.91
CA GLU BA 78 -56.32 36.50 -68.76
C GLU BA 78 -56.07 35.27 -67.88
N VAL BA 79 -56.86 34.22 -68.05
CA VAL BA 79 -56.70 32.95 -67.34
C VAL BA 79 -56.32 31.84 -68.31
N PHE BA 80 -55.25 31.11 -68.01
CA PHE BA 80 -54.68 30.08 -68.87
C PHE BA 80 -54.37 28.79 -68.08
N GLN BA 81 -54.60 27.63 -68.70
CA GLN BA 81 -54.20 26.34 -68.15
C GLN BA 81 -53.61 25.45 -69.24
N SER BA 82 -52.56 24.68 -68.92
CA SER BA 82 -52.06 23.63 -69.81
C SER BA 82 -51.42 22.48 -69.05
N ASN BA 83 -51.50 21.28 -69.60
CA ASN BA 83 -50.79 20.10 -69.09
C ASN BA 83 -49.33 20.04 -69.58
N HIS BA 84 -48.90 20.90 -70.50
CA HIS BA 84 -47.55 20.88 -71.07
C HIS BA 84 -46.62 21.90 -70.39
N GLU BA 85 -45.47 21.45 -69.90
CA GLU BA 85 -44.43 22.31 -69.31
C GLU BA 85 -43.94 23.37 -70.32
N GLY BA 86 -43.77 23.00 -71.59
CA GLY BA 86 -43.32 23.92 -72.62
C GLY BA 86 -44.33 25.01 -72.96
N ALA BA 87 -45.63 24.71 -72.90
CA ALA BA 87 -46.67 25.70 -73.18
C ALA BA 87 -46.72 26.80 -72.10
N ILE BA 88 -46.41 26.45 -70.85
CA ILE BA 88 -46.29 27.40 -69.76
C ILE BA 88 -45.09 28.32 -69.98
N ILE BA 89 -43.94 27.78 -70.37
CA ILE BA 89 -42.75 28.59 -70.68
C ILE BA 89 -43.03 29.51 -71.89
N ASP BA 90 -43.71 29.04 -72.93
CA ASP BA 90 -44.13 29.89 -74.03
C ASP BA 90 -45.07 31.03 -73.57
N LYS BA 91 -46.02 30.74 -72.69
CA LYS BA 91 -46.95 31.74 -72.15
C LYS BA 91 -46.21 32.76 -71.29
N LEU BA 92 -45.25 32.37 -70.46
CA LEU BA 92 -44.42 33.30 -69.70
C LEU BA 92 -43.56 34.18 -70.62
N GLN BA 93 -42.97 33.63 -71.68
CA GLN BA 93 -42.22 34.41 -72.65
C GLN BA 93 -43.11 35.37 -73.46
N GLU BA 94 -44.33 34.95 -73.81
CA GLU BA 94 -45.31 35.83 -74.44
C GLU BA 94 -45.72 37.00 -73.54
N ALA BA 95 -45.85 36.78 -72.23
CA ALA BA 95 -46.20 37.82 -71.28
C ALA BA 95 -45.18 38.98 -71.27
N TYR BA 96 -43.89 38.68 -71.42
CA TYR BA 96 -42.84 39.70 -71.50
C TYR BA 96 -43.01 40.66 -72.68
N TYR BA 97 -43.44 40.16 -73.84
CA TYR BA 97 -43.68 40.98 -75.03
C TYR BA 97 -45.04 41.69 -75.05
N ASN BA 98 -45.95 41.36 -74.13
CA ASN BA 98 -47.34 41.86 -74.12
C ASN BA 98 -47.65 42.80 -72.93
N ASP BA 99 -46.62 43.26 -72.20
CA ASP BA 99 -46.75 44.24 -71.12
C ASP BA 99 -47.76 43.85 -70.03
N VAL BA 100 -47.72 42.59 -69.58
CA VAL BA 100 -48.41 42.13 -68.38
C VAL BA 100 -47.84 42.84 -67.15
N ASP BA 101 -48.69 43.35 -66.28
CA ASP BA 101 -48.28 44.10 -65.08
C ASP BA 101 -47.98 43.21 -63.87
N GLY BA 102 -48.51 41.98 -63.85
CA GLY BA 102 -48.25 41.01 -62.80
C GLY BA 102 -48.81 39.63 -63.11
N ILE BA 103 -48.19 38.59 -62.55
CA ILE BA 103 -48.50 37.18 -62.82
C ILE BA 103 -48.93 36.44 -61.55
N VAL BA 104 -50.01 35.68 -61.63
CA VAL BA 104 -50.38 34.70 -60.60
C VAL BA 104 -50.15 33.31 -61.16
N ILE BA 105 -49.35 32.48 -60.50
CA ILE BA 105 -49.04 31.13 -61.01
C ILE BA 105 -49.28 30.03 -59.98
N ASN BA 106 -49.97 28.97 -60.39
CA ASN BA 106 -50.11 27.74 -59.64
C ASN BA 106 -49.49 26.60 -60.45
N PRO BA 107 -48.22 26.23 -60.23
CA PRO BA 107 -47.53 25.25 -61.05
C PRO BA 107 -48.04 23.81 -60.90
N GLY BA 108 -48.88 23.51 -59.91
CA GLY BA 108 -49.16 22.12 -59.53
C GLY BA 108 -47.87 21.38 -59.14
N ALA BA 109 -47.73 20.13 -59.59
CA ALA BA 109 -46.57 19.29 -59.25
C ALA BA 109 -45.22 19.81 -59.77
N PHE BA 110 -45.18 20.64 -60.83
CA PHE BA 110 -43.94 21.25 -61.33
C PHE BA 110 -43.18 22.07 -60.27
N THR BA 111 -43.87 22.50 -59.22
CA THR BA 111 -43.30 23.18 -58.05
C THR BA 111 -42.12 22.43 -57.42
N HIS BA 112 -42.14 21.11 -57.50
CA HIS BA 112 -41.21 20.22 -56.80
C HIS BA 112 -40.08 19.67 -57.67
N TYR BA 113 -40.07 19.94 -58.98
CA TYR BA 113 -39.04 19.42 -59.89
C TYR BA 113 -38.73 20.24 -61.15
N SER BA 114 -39.57 21.17 -61.61
CA SER BA 114 -39.32 21.87 -62.87
C SER BA 114 -38.33 23.02 -62.72
N TYR BA 115 -37.03 22.72 -62.82
CA TYR BA 115 -36.01 23.75 -62.91
C TYR BA 115 -36.14 24.57 -64.21
N ALA BA 116 -36.75 24.03 -65.27
CA ALA BA 116 -37.04 24.79 -66.47
C ALA BA 116 -38.06 25.92 -66.22
N VAL BA 117 -39.16 25.66 -65.50
CA VAL BA 117 -40.16 26.68 -65.17
C VAL BA 117 -39.61 27.68 -64.16
N ARG BA 118 -38.80 27.23 -63.18
CA ARG BA 118 -38.04 28.15 -62.31
C ARG BA 118 -37.21 29.12 -63.13
N ASP BA 119 -36.36 28.63 -64.03
CA ASP BA 119 -35.50 29.49 -64.83
C ASP BA 119 -36.29 30.37 -65.81
N ALA BA 120 -37.45 29.93 -66.28
CA ALA BA 120 -38.34 30.78 -67.06
C ALA BA 120 -38.86 31.96 -66.23
N LEU BA 121 -39.31 31.74 -65.00
CA LEU BA 121 -39.71 32.81 -64.09
C LEU BA 121 -38.54 33.73 -63.73
N ALA BA 122 -37.32 33.19 -63.58
CA ALA BA 122 -36.13 34.00 -63.38
C ALA BA 122 -35.78 34.87 -64.61
N SER BA 123 -36.07 34.41 -65.83
CA SER BA 123 -35.80 35.18 -67.05
C SER BA 123 -36.65 36.45 -67.22
N ILE BA 124 -37.77 36.57 -66.52
CA ILE BA 124 -38.70 37.71 -66.60
C ILE BA 124 -38.76 38.53 -65.29
N ALA BA 125 -37.61 38.72 -64.63
CA ALA BA 125 -37.52 39.35 -63.31
C ALA BA 125 -38.11 40.77 -63.21
N ALA BA 126 -38.31 41.48 -64.32
CA ALA BA 126 -38.97 42.78 -64.36
C ALA BA 126 -40.47 42.74 -64.01
N ILE BA 127 -41.13 41.57 -64.06
CA ILE BA 127 -42.57 41.42 -63.80
C ILE BA 127 -42.78 40.79 -62.41
N PRO BA 128 -43.62 41.37 -61.54
CA PRO BA 128 -43.92 40.77 -60.24
C PRO BA 128 -44.79 39.53 -60.37
N LYS BA 129 -44.48 38.46 -59.62
CA LYS BA 129 -45.28 37.22 -59.62
C LYS BA 129 -45.57 36.72 -58.21
N ILE BA 130 -46.77 36.19 -58.02
CA ILE BA 130 -47.20 35.49 -56.80
C ILE BA 130 -47.44 34.01 -57.12
N GLU BA 131 -46.86 33.11 -56.34
CA GLU BA 131 -47.13 31.68 -56.46
C GLU BA 131 -48.30 31.26 -55.55
N VAL BA 132 -49.19 30.40 -56.03
CA VAL BA 132 -50.42 29.98 -55.32
C VAL BA 132 -50.52 28.46 -55.21
N HIS BA 133 -50.89 27.94 -54.04
CA HIS BA 133 -51.29 26.54 -53.84
C HIS BA 133 -52.63 26.43 -53.14
N ILE BA 134 -53.52 25.58 -53.69
CA ILE BA 134 -54.88 25.41 -53.16
C ILE BA 134 -54.87 24.65 -51.84
N SER BA 135 -54.12 23.55 -51.77
CA SER BA 135 -53.91 22.75 -50.56
C SER BA 135 -52.56 23.02 -49.89
N ASN BA 136 -52.37 22.52 -48.67
CA ASN BA 136 -51.21 22.81 -47.81
C ASN BA 136 -49.93 22.07 -48.23
N VAL BA 137 -49.48 22.20 -49.48
CA VAL BA 137 -48.48 21.32 -50.12
C VAL BA 137 -47.20 21.08 -49.29
N THR BA 146 -40.33 20.95 -49.91
CA THR BA 146 -39.50 22.07 -50.39
C THR BA 146 -39.77 22.31 -51.88
N SER BA 147 -39.71 23.57 -52.33
CA SER BA 147 -40.19 24.01 -53.65
C SER BA 147 -39.11 24.78 -54.42
N VAL BA 148 -39.00 24.56 -55.74
CA VAL BA 148 -37.94 25.18 -56.57
C VAL BA 148 -38.34 26.53 -57.18
N THR BA 149 -39.63 26.82 -57.30
CA THR BA 149 -40.20 28.04 -57.93
C THR BA 149 -40.43 29.21 -56.97
N VAL BA 150 -40.44 28.99 -55.64
CA VAL BA 150 -40.68 30.03 -54.62
C VAL BA 150 -39.66 31.19 -54.63
N PRO BA 151 -38.33 30.96 -54.62
CA PRO BA 151 -37.37 32.05 -54.43
C PRO BA 151 -37.26 33.02 -55.63
N VAL BA 152 -37.84 32.68 -56.77
CA VAL BA 152 -37.92 33.55 -57.97
C VAL BA 152 -39.25 34.31 -58.10
N CYS BA 153 -40.09 34.27 -57.06
CA CYS BA 153 -41.38 34.97 -56.95
C CYS BA 153 -41.39 35.96 -55.78
N GLN BA 154 -42.23 37.00 -55.84
CA GLN BA 154 -42.30 38.05 -54.82
C GLN BA 154 -43.17 37.68 -53.61
N GLY BA 155 -43.91 36.57 -53.67
CA GLY BA 155 -44.66 36.01 -52.53
C GLY BA 155 -45.28 34.65 -52.87
N GLU BA 156 -45.65 33.89 -51.84
CA GLU BA 156 -46.43 32.67 -51.96
C GLU BA 156 -47.70 32.74 -51.11
N VAL BA 157 -48.80 32.17 -51.61
CA VAL BA 157 -50.06 32.01 -50.88
C VAL BA 157 -50.42 30.52 -50.86
N VAL BA 158 -50.58 29.93 -49.69
CA VAL BA 158 -50.70 28.46 -49.54
C VAL BA 158 -51.87 28.07 -48.67
N GLY BA 159 -52.65 27.08 -49.08
CA GLY BA 159 -53.63 26.39 -48.24
C GLY BA 159 -54.94 27.14 -47.97
N LEU BA 160 -55.18 28.28 -48.63
CA LEU BA 160 -56.42 29.06 -48.47
C LEU BA 160 -57.53 28.63 -49.44
N GLY BA 161 -57.45 27.43 -50.01
CA GLY BA 161 -58.42 26.94 -50.99
C GLY BA 161 -58.46 27.79 -52.25
N LEU BA 162 -59.64 27.96 -52.84
CA LEU BA 162 -59.82 28.82 -54.01
C LEU BA 162 -59.68 30.32 -53.65
N GLY BA 163 -59.72 30.68 -52.37
CA GLY BA 163 -59.49 32.05 -51.90
C GLY BA 163 -58.05 32.54 -52.11
N GLY BA 164 -57.08 31.65 -52.26
CA GLY BA 164 -55.68 32.03 -52.45
C GLY BA 164 -55.41 32.86 -53.71
N TYR BA 165 -56.13 32.61 -54.80
CA TYR BA 165 -56.07 33.42 -56.01
C TYR BA 165 -56.52 34.86 -55.78
N LEU BA 166 -57.55 35.05 -54.95
CA LEU BA 166 -58.11 36.37 -54.68
C LEU BA 166 -57.16 37.21 -53.82
N ALA BA 167 -56.51 36.60 -52.84
CA ALA BA 167 -55.43 37.27 -52.13
C ALA BA 167 -54.28 37.64 -53.07
N ALA BA 168 -53.83 36.74 -53.94
CA ALA BA 168 -52.74 37.01 -54.87
C ALA BA 168 -53.07 38.18 -55.81
N MET BA 169 -54.29 38.26 -56.36
CA MET BA 169 -54.71 39.42 -57.15
C MET BA 169 -54.74 40.71 -56.32
N GLY BA 170 -55.18 40.66 -55.07
CA GLY BA 170 -55.09 41.80 -54.15
C GLY BA 170 -53.65 42.25 -53.93
N MET BA 171 -52.73 41.32 -53.66
CA MET BA 171 -51.31 41.61 -53.47
C MET BA 171 -50.64 42.22 -54.71
N LEU BA 172 -51.13 41.95 -55.92
CA LEU BA 172 -50.62 42.60 -57.13
C LEU BA 172 -51.21 44.01 -57.36
N VAL BA 173 -52.45 44.25 -56.94
CA VAL BA 173 -53.07 45.57 -57.00
C VAL BA 173 -52.45 46.53 -55.99
N GLU BA 174 -52.02 46.03 -54.82
CA GLU BA 174 -51.37 46.79 -53.75
C GLU BA 174 -49.91 47.19 -54.07
N MET CA 33 -76.56 34.98 -50.55
CA MET CA 33 -75.65 34.93 -49.38
C MET CA 33 -75.36 36.34 -48.87
N LYS CA 34 -75.33 36.52 -47.54
CA LYS CA 34 -75.05 37.77 -46.82
C LYS CA 34 -73.80 37.64 -45.96
N ILE CA 35 -72.80 38.49 -46.15
CA ILE CA 35 -71.53 38.51 -45.41
C ILE CA 35 -71.43 39.79 -44.57
N LEU CA 36 -70.88 39.70 -43.36
CA LEU CA 36 -70.58 40.84 -42.50
C LEU CA 36 -69.07 40.99 -42.27
N VAL CA 37 -68.52 42.16 -42.55
CA VAL CA 37 -67.11 42.50 -42.31
C VAL CA 37 -67.01 43.49 -41.16
N ILE CA 38 -66.27 43.13 -40.12
CA ILE CA 38 -66.06 43.95 -38.92
C ILE CA 38 -64.59 44.33 -38.79
N ASN CA 39 -64.34 45.63 -38.71
CA ASN CA 39 -63.02 46.22 -38.47
C ASN CA 39 -62.97 46.83 -37.06
N GLY CA 40 -61.93 46.49 -36.30
CA GLY CA 40 -61.72 46.96 -34.94
C GLY CA 40 -61.21 48.40 -34.81
N PRO CA 41 -60.70 48.80 -33.63
CA PRO CA 41 -60.18 50.13 -33.40
C PRO CA 41 -58.97 50.43 -34.26
N ASN CA 42 -58.73 51.71 -34.55
CA ASN CA 42 -57.63 52.24 -35.35
C ASN CA 42 -57.60 51.87 -36.85
N ILE CA 43 -58.35 50.87 -37.31
CA ILE CA 43 -58.31 50.42 -38.71
C ILE CA 43 -58.76 51.51 -39.70
N ASN CA 44 -59.62 52.44 -39.28
CA ASN CA 44 -60.01 53.59 -40.11
C ASN CA 44 -58.85 54.55 -40.44
N PHE CA 45 -57.70 54.46 -39.77
CA PHE CA 45 -56.52 55.28 -39.99
C PHE CA 45 -55.45 54.63 -40.89
N LEU CA 46 -55.75 53.54 -41.61
CA LEU CA 46 -54.87 53.02 -42.67
C LEU CA 46 -54.44 54.12 -43.64
N GLY CA 47 -53.16 54.16 -43.99
CA GLY CA 47 -52.59 55.18 -44.90
C GLY CA 47 -52.29 56.53 -44.25
N ILE CA 48 -52.79 56.78 -43.02
CA ILE CA 48 -52.28 57.82 -42.12
C ILE CA 48 -51.25 57.20 -41.17
N PRO CA 56 -49.69 53.84 -49.70
CA PRO CA 56 -50.56 54.97 -50.00
C PRO CA 56 -52.07 54.63 -49.95
N LEU CA 57 -52.45 53.35 -49.92
CA LEU CA 57 -53.87 52.95 -49.88
C LEU CA 57 -54.49 53.26 -48.51
N ASN CA 58 -55.69 53.84 -48.50
CA ASN CA 58 -56.39 54.22 -47.28
C ASN CA 58 -57.59 53.29 -46.99
N TYR CA 59 -58.32 53.56 -45.90
CA TYR CA 59 -59.47 52.75 -45.51
C TYR CA 59 -60.60 52.76 -46.56
N ASP CA 60 -60.85 53.87 -47.25
CA ASP CA 60 -61.89 53.92 -48.29
C ASP CA 60 -61.52 53.10 -49.53
N ASP CA 61 -60.23 52.99 -49.86
CA ASP CA 61 -59.76 52.10 -50.92
C ASP CA 61 -60.07 50.64 -50.58
N LEU CA 62 -59.82 50.22 -49.34
CA LEU CA 62 -60.15 48.87 -48.86
C LEU CA 62 -61.65 48.61 -48.92
N VAL CA 63 -62.48 49.56 -48.50
CA VAL CA 63 -63.93 49.41 -48.57
C VAL CA 63 -64.40 49.23 -50.01
N GLU CA 64 -63.87 50.00 -50.95
CA GLU CA 64 -64.22 49.84 -52.36
C GLU CA 64 -63.72 48.50 -52.93
N MET CA 65 -62.53 48.04 -52.59
CA MET CA 65 -62.06 46.70 -52.98
C MET CA 65 -62.99 45.60 -52.46
N ILE CA 66 -63.44 45.68 -51.21
CA ILE CA 66 -64.37 44.70 -50.63
C ILE CA 66 -65.74 44.77 -51.32
N LYS CA 67 -66.34 45.96 -51.47
CA LYS CA 67 -67.65 46.09 -52.12
C LYS CA 67 -67.63 45.70 -53.59
N GLY CA 68 -66.55 45.98 -54.31
CA GLY CA 68 -66.37 45.52 -55.69
C GLY CA 68 -66.22 44.01 -55.79
N THR CA 69 -65.46 43.39 -54.89
CA THR CA 69 -65.30 41.92 -54.85
C THR CA 69 -66.61 41.21 -54.52
N ALA CA 70 -67.46 41.79 -53.67
CA ALA CA 70 -68.75 41.19 -53.34
C ALA CA 70 -69.66 41.04 -54.57
N LYS CA 71 -69.74 42.07 -55.42
CA LYS CA 71 -70.45 41.99 -56.71
C LYS CA 71 -69.87 40.90 -57.62
N GLY CA 72 -68.55 40.77 -57.65
CA GLY CA 72 -67.86 39.72 -58.41
C GLY CA 72 -68.23 38.31 -57.93
N LEU CA 73 -68.21 38.07 -56.62
CA LEU CA 73 -68.60 36.80 -56.01
C LEU CA 73 -70.13 36.57 -55.95
N LYS CA 74 -70.94 37.56 -56.36
CA LYS CA 74 -72.41 37.52 -56.31
C LYS CA 74 -72.97 37.35 -54.89
N VAL CA 75 -72.41 38.06 -53.92
CA VAL CA 75 -72.83 38.07 -52.51
C VAL CA 75 -73.18 39.49 -52.05
N LYS CA 76 -74.06 39.64 -51.06
CA LYS CA 76 -74.28 40.92 -50.37
C LYS CA 76 -73.31 41.06 -49.22
N VAL CA 77 -72.79 42.27 -48.99
CA VAL CA 77 -71.82 42.54 -47.94
C VAL CA 77 -72.19 43.79 -47.15
N GLU CA 78 -72.00 43.75 -45.82
CA GLU CA 78 -72.00 44.92 -44.95
C GLU CA 78 -70.60 45.11 -44.38
N VAL CA 79 -70.07 46.33 -44.42
CA VAL CA 79 -68.75 46.66 -43.84
C VAL CA 79 -68.92 47.65 -42.70
N PHE CA 80 -68.41 47.31 -41.52
CA PHE CA 80 -68.57 48.08 -40.28
C PHE CA 80 -67.21 48.32 -39.61
N GLN CA 81 -67.01 49.50 -39.04
CA GLN CA 81 -65.86 49.83 -38.21
C GLN CA 81 -66.26 50.62 -36.98
N SER CA 82 -65.65 50.33 -35.83
CA SER CA 82 -65.81 51.17 -34.63
C SER CA 82 -64.58 51.12 -33.73
N ASN CA 83 -64.30 52.20 -33.01
CA ASN CA 83 -63.29 52.22 -31.96
C ASN CA 83 -63.78 51.67 -30.62
N HIS CA 84 -65.09 51.39 -30.46
CA HIS CA 84 -65.66 50.92 -29.20
C HIS CA 84 -65.79 49.39 -29.16
N GLU CA 85 -65.20 48.74 -28.16
CA GLU CA 85 -65.32 47.30 -27.92
C GLU CA 85 -66.78 46.85 -27.78
N GLY CA 86 -67.60 47.62 -27.06
CA GLY CA 86 -69.02 47.32 -26.90
C GLY CA 86 -69.83 47.44 -28.19
N ALA CA 87 -69.48 48.34 -29.11
CA ALA CA 87 -70.19 48.47 -30.38
C ALA CA 87 -69.93 47.26 -31.29
N ILE CA 88 -68.74 46.67 -31.22
CA ILE CA 88 -68.42 45.42 -31.91
C ILE CA 88 -69.25 44.27 -31.35
N ILE CA 89 -69.35 44.13 -30.01
CA ILE CA 89 -70.16 43.08 -29.40
C ILE CA 89 -71.65 43.27 -29.73
N ASP CA 90 -72.17 44.50 -29.73
CA ASP CA 90 -73.52 44.77 -30.22
C ASP CA 90 -73.72 44.34 -31.69
N LYS CA 91 -72.75 44.63 -32.56
CA LYS CA 91 -72.81 44.23 -33.98
C LYS CA 91 -72.77 42.72 -34.15
N LEU CA 92 -71.96 41.99 -33.38
CA LEU CA 92 -71.96 40.54 -33.37
C LEU CA 92 -73.28 39.96 -32.88
N GLN CA 93 -73.88 40.53 -31.83
CA GLN CA 93 -75.19 40.09 -31.36
C GLN CA 93 -76.30 40.41 -32.36
N GLU CA 94 -76.26 41.57 -33.02
CA GLU CA 94 -77.20 41.91 -34.09
C GLU CA 94 -77.12 40.95 -35.27
N ALA CA 95 -75.93 40.50 -35.65
CA ALA CA 95 -75.73 39.56 -36.76
C ALA CA 95 -76.48 38.24 -36.54
N TYR CA 96 -76.53 37.74 -35.31
CA TYR CA 96 -77.26 36.51 -34.97
C TYR CA 96 -78.76 36.61 -35.24
N TYR CA 97 -79.38 37.76 -34.99
CA TYR CA 97 -80.81 37.99 -35.27
C TYR CA 97 -81.11 38.31 -36.75
N ASN CA 98 -80.09 38.58 -37.57
CA ASN CA 98 -80.24 39.05 -38.95
C ASN CA 98 -79.84 38.01 -40.02
N ASP CA 99 -79.60 36.76 -39.62
CA ASP CA 99 -79.30 35.64 -40.53
C ASP CA 99 -78.11 35.89 -41.46
N VAL CA 100 -77.03 36.46 -40.93
CA VAL CA 100 -75.73 36.58 -41.60
C VAL CA 100 -75.16 35.19 -41.84
N ASP CA 101 -74.67 34.92 -43.06
CA ASP CA 101 -74.16 33.61 -43.46
C ASP CA 101 -72.68 33.37 -43.09
N GLY CA 102 -71.91 34.44 -42.91
CA GLY CA 102 -70.52 34.36 -42.47
C GLY CA 102 -69.93 35.72 -42.10
N ILE CA 103 -68.91 35.72 -41.25
CA ILE CA 103 -68.29 36.93 -40.68
C ILE CA 103 -66.80 36.98 -41.00
N VAL CA 104 -66.32 38.12 -41.48
CA VAL CA 104 -64.88 38.41 -41.58
C VAL CA 104 -64.55 39.44 -40.51
N ILE CA 105 -63.58 39.19 -39.64
CA ILE CA 105 -63.25 40.11 -38.54
C ILE CA 105 -61.76 40.43 -38.48
N ASN CA 106 -61.44 41.71 -38.30
CA ASN CA 106 -60.10 42.18 -37.98
C ASN CA 106 -60.17 42.96 -36.66
N PRO CA 107 -59.89 42.32 -35.51
CA PRO CA 107 -60.03 42.97 -34.21
C PRO CA 107 -59.00 44.07 -33.93
N GLY CA 108 -57.97 44.24 -34.77
CA GLY CA 108 -56.81 45.07 -34.42
C GLY CA 108 -56.16 44.61 -33.12
N ALA CA 109 -55.82 45.54 -32.22
CA ALA CA 109 -55.16 45.25 -30.95
C ALA CA 109 -55.97 44.35 -29.98
N PHE CA 110 -57.31 44.35 -30.05
CA PHE CA 110 -58.17 43.51 -29.19
C PHE CA 110 -57.87 42.01 -29.30
N THR CA 111 -57.24 41.58 -30.38
CA THR CA 111 -56.73 40.22 -30.60
C THR CA 111 -55.85 39.70 -29.46
N HIS CA 112 -55.16 40.60 -28.76
CA HIS CA 112 -54.13 40.27 -27.76
C HIS CA 112 -54.59 40.51 -26.32
N TYR CA 113 -55.83 40.95 -26.07
CA TYR CA 113 -56.33 41.15 -24.70
C TYR CA 113 -57.85 41.10 -24.49
N SER CA 114 -58.71 41.25 -25.51
CA SER CA 114 -60.16 41.31 -25.28
C SER CA 114 -60.80 39.93 -25.13
N TYR CA 115 -60.82 39.42 -23.90
CA TYR CA 115 -61.59 38.22 -23.58
C TYR CA 115 -63.11 38.44 -23.74
N ALA CA 116 -63.59 39.68 -23.67
CA ALA CA 116 -65.00 39.98 -23.94
C ALA CA 116 -65.40 39.73 -25.40
N VAL CA 117 -64.59 40.16 -26.37
CA VAL CA 117 -64.83 39.91 -27.80
C VAL CA 117 -64.63 38.44 -28.14
N ARG CA 118 -63.65 37.75 -27.55
CA ARG CA 118 -63.53 36.29 -27.63
C ARG CA 118 -64.82 35.60 -27.24
N ASP CA 119 -65.35 35.91 -26.06
CA ASP CA 119 -66.58 35.27 -25.59
C ASP CA 119 -67.81 35.70 -26.39
N ALA CA 120 -67.83 36.89 -27.00
CA ALA CA 120 -68.87 37.27 -27.94
C ALA CA 120 -68.83 36.41 -29.22
N LEU CA 121 -67.66 36.18 -29.81
CA LEU CA 121 -67.48 35.28 -30.93
C LEU CA 121 -67.85 33.84 -30.56
N ALA CA 122 -67.54 33.39 -29.36
CA ALA CA 122 -67.96 32.07 -28.86
C ALA CA 122 -69.48 31.95 -28.71
N SER CA 123 -70.18 33.04 -28.39
CA SER CA 123 -71.64 33.03 -28.20
C SER CA 123 -72.45 32.81 -29.49
N ILE CA 124 -71.85 32.99 -30.66
CA ILE CA 124 -72.50 32.85 -31.97
C ILE CA 124 -71.90 31.71 -32.81
N ALA CA 125 -71.57 30.58 -32.16
CA ALA CA 125 -70.91 29.43 -32.77
C ALA CA 125 -71.63 28.82 -34.01
N ALA CA 126 -72.92 29.08 -34.18
CA ALA CA 126 -73.68 28.67 -35.36
C ALA CA 126 -73.22 29.35 -36.67
N ILE CA 127 -72.51 30.48 -36.59
CA ILE CA 127 -72.07 31.27 -37.76
C ILE CA 127 -70.55 31.07 -37.98
N PRO CA 128 -70.09 30.78 -39.20
CA PRO CA 128 -68.66 30.67 -39.50
C PRO CA 128 -67.99 32.04 -39.53
N LYS CA 129 -66.80 32.16 -38.94
CA LYS CA 129 -66.01 33.40 -38.94
C LYS CA 129 -64.56 33.18 -39.33
N ILE CA 130 -63.99 34.10 -40.09
CA ILE CA 130 -62.57 34.15 -40.44
C ILE CA 130 -61.93 35.40 -39.83
N GLU CA 131 -60.79 35.25 -39.17
CA GLU CA 131 -60.03 36.38 -38.62
C GLU CA 131 -58.93 36.85 -39.58
N VAL CA 132 -58.80 38.17 -39.76
CA VAL CA 132 -57.86 38.78 -40.71
C VAL CA 132 -56.90 39.74 -40.02
N HIS CA 133 -55.59 39.62 -40.30
CA HIS CA 133 -54.57 40.63 -39.97
C HIS CA 133 -53.85 41.14 -41.20
N ILE CA 134 -53.81 42.46 -41.37
CA ILE CA 134 -53.18 43.10 -42.54
C ILE CA 134 -51.65 42.95 -42.50
N SER CA 135 -51.05 43.19 -41.34
CA SER CA 135 -49.62 43.01 -41.07
C SER CA 135 -49.33 41.69 -40.34
N ASN CA 136 -48.07 41.27 -40.32
CA ASN CA 136 -47.62 39.98 -39.79
C ASN CA 136 -47.60 39.92 -38.25
N VAL CA 137 -48.72 40.21 -37.57
CA VAL CA 137 -48.77 40.50 -36.12
C VAL CA 137 -48.09 39.46 -35.23
N THR CA 146 -49.05 35.75 -29.45
CA THR CA 146 -50.14 34.79 -29.21
C THR CA 146 -51.47 35.54 -29.01
N SER CA 147 -52.58 34.95 -29.46
CA SER CA 147 -53.88 35.62 -29.64
C SER CA 147 -55.02 34.92 -28.90
N VAL CA 148 -56.00 35.69 -28.41
CA VAL CA 148 -57.14 35.15 -27.63
C VAL CA 148 -58.38 34.82 -28.50
N THR CA 149 -58.55 35.47 -29.65
CA THR CA 149 -59.73 35.36 -30.53
C THR CA 149 -59.63 34.25 -31.60
N VAL CA 150 -58.43 33.76 -31.92
CA VAL CA 150 -58.20 32.75 -32.99
C VAL CA 150 -58.93 31.40 -32.75
N PRO CA 151 -58.85 30.74 -31.58
CA PRO CA 151 -59.38 29.38 -31.43
C PRO CA 151 -60.92 29.28 -31.44
N VAL CA 152 -61.64 30.41 -31.41
CA VAL CA 152 -63.10 30.47 -31.55
C VAL CA 152 -63.55 30.86 -32.98
N CYS CA 153 -62.64 30.84 -33.96
CA CYS CA 153 -62.87 31.11 -35.38
C CYS CA 153 -62.52 29.89 -36.25
N GLN CA 154 -63.12 29.81 -37.44
CA GLN CA 154 -62.92 28.68 -38.37
C GLN CA 154 -61.63 28.79 -39.21
N GLY CA 155 -60.95 29.94 -39.19
CA GLY CA 155 -59.65 30.14 -39.83
C GLY CA 155 -59.08 31.53 -39.56
N GLU CA 156 -57.78 31.68 -39.81
CA GLU CA 156 -57.07 32.98 -39.77
C GLU CA 156 -56.30 33.23 -41.07
N VAL CA 157 -56.26 34.48 -41.52
CA VAL CA 157 -55.47 34.95 -42.66
C VAL CA 157 -54.57 36.08 -42.17
N VAL CA 158 -53.24 35.94 -42.33
CA VAL CA 158 -52.27 36.88 -41.72
C VAL CA 158 -51.24 37.36 -42.73
N GLY CA 159 -50.97 38.67 -42.73
CA GLY CA 159 -49.80 39.25 -43.40
C GLY CA 159 -49.88 39.36 -44.92
N LEU CA 160 -51.05 39.10 -45.52
CA LEU CA 160 -51.27 39.23 -46.97
C LEU CA 160 -51.70 40.64 -47.39
N GLY CA 161 -51.51 41.65 -46.54
CA GLY CA 161 -51.93 43.02 -46.80
C GLY CA 161 -53.45 43.15 -46.93
N LEU CA 162 -53.92 44.06 -47.78
CA LEU CA 162 -55.35 44.24 -48.04
C LEU CA 162 -55.95 43.03 -48.79
N GLY CA 163 -55.13 42.18 -49.42
CA GLY CA 163 -55.57 40.94 -50.04
C GLY CA 163 -56.14 39.91 -49.06
N GLY CA 164 -55.84 40.01 -47.76
CA GLY CA 164 -56.31 39.04 -46.75
C GLY CA 164 -57.84 39.00 -46.61
N TYR CA 165 -58.53 40.12 -46.75
CA TYR CA 165 -59.99 40.17 -46.76
C TYR CA 165 -60.58 39.43 -47.95
N LEU CA 166 -59.93 39.46 -49.11
CA LEU CA 166 -60.42 38.83 -50.32
C LEU CA 166 -60.29 37.30 -50.24
N ALA CA 167 -59.20 36.79 -49.67
CA ALA CA 167 -59.11 35.37 -49.33
C ALA CA 167 -60.19 34.96 -48.33
N ALA CA 168 -60.42 35.74 -47.27
CA ALA CA 168 -61.44 35.43 -46.28
C ALA CA 168 -62.85 35.35 -46.89
N MET CA 169 -63.23 36.26 -47.77
CA MET CA 169 -64.50 36.15 -48.50
C MET CA 169 -64.54 34.92 -49.40
N GLY CA 170 -63.45 34.58 -50.09
CA GLY CA 170 -63.37 33.33 -50.86
C GLY CA 170 -63.57 32.10 -49.97
N MET CA 171 -62.92 32.03 -48.82
CA MET CA 171 -63.07 30.93 -47.87
C MET CA 171 -64.48 30.79 -47.28
N LEU CA 172 -65.28 31.86 -47.22
CA LEU CA 172 -66.67 31.79 -46.78
C LEU CA 172 -67.63 31.38 -47.90
N VAL CA 173 -67.32 31.70 -49.15
CA VAL CA 173 -68.09 31.24 -50.31
C VAL CA 173 -67.85 29.76 -50.61
N GLU CA 174 -66.63 29.26 -50.37
CA GLU CA 174 -66.24 27.84 -50.52
C GLU CA 174 -66.90 26.89 -49.50
N MET DA 33 31.18 -88.34 -28.83
CA MET DA 33 30.76 -87.37 -27.79
C MET DA 33 29.85 -88.03 -26.76
N LYS DA 34 30.05 -87.75 -25.48
CA LYS DA 34 29.30 -88.25 -24.32
C LYS DA 34 28.54 -87.12 -23.61
N ILE DA 35 27.23 -87.24 -23.48
CA ILE DA 35 26.34 -86.26 -22.84
C ILE DA 35 25.78 -86.84 -21.54
N LEU DA 36 25.62 -86.01 -20.51
CA LEU DA 36 24.94 -86.37 -19.26
C LEU DA 36 23.70 -85.50 -19.03
N VAL DA 37 22.55 -86.12 -18.81
CA VAL DA 37 21.28 -85.45 -18.51
C VAL DA 37 20.91 -85.69 -17.05
N ILE DA 38 20.73 -84.61 -16.28
CA ILE DA 38 20.38 -84.66 -14.85
C ILE DA 38 19.03 -84.03 -14.62
N ASN DA 39 18.11 -84.79 -14.05
CA ASN DA 39 16.78 -84.36 -13.63
C ASN DA 39 16.69 -84.27 -12.09
N GLY DA 40 16.21 -83.14 -11.58
CA GLY DA 40 16.07 -82.87 -10.16
C GLY DA 40 14.89 -83.59 -9.48
N PRO DA 41 14.52 -83.18 -8.27
CA PRO DA 41 13.39 -83.75 -7.55
C PRO DA 41 12.07 -83.55 -8.29
N ASN DA 42 11.10 -84.43 -8.05
CA ASN DA 42 9.75 -84.44 -8.62
C ASN DA 42 9.63 -84.69 -10.13
N ILE DA 43 10.68 -84.57 -10.93
CA ILE DA 43 10.60 -84.72 -12.40
C ILE DA 43 10.11 -86.12 -12.81
N ASN DA 44 10.39 -87.16 -12.02
CA ASN DA 44 9.89 -88.51 -12.26
C ASN DA 44 8.35 -88.64 -12.20
N PHE DA 45 7.64 -87.66 -11.65
CA PHE DA 45 6.17 -87.62 -11.57
C PHE DA 45 5.50 -86.78 -12.68
N LEU DA 46 6.21 -86.42 -13.76
CA LEU DA 46 5.55 -85.93 -14.98
C LEU DA 46 4.42 -86.85 -15.43
N GLY DA 47 3.29 -86.29 -15.85
CA GLY DA 47 2.10 -87.04 -16.25
C GLY DA 47 1.26 -87.58 -15.09
N ILE DA 48 1.75 -87.49 -13.85
CA ILE DA 48 0.97 -87.65 -12.62
C ILE DA 48 0.67 -86.28 -12.01
N PRO DA 56 -0.55 -85.93 -21.17
CA PRO DA 56 -0.52 -87.36 -20.94
C PRO DA 56 0.90 -87.97 -20.99
N LEU DA 57 1.92 -87.25 -21.49
CA LEU DA 57 3.28 -87.75 -21.56
C LEU DA 57 3.92 -87.87 -20.18
N ASN DA 58 4.51 -89.03 -19.88
CA ASN DA 58 5.15 -89.31 -18.58
C ASN DA 58 6.68 -89.29 -18.66
N TYR DA 59 7.34 -89.57 -17.55
CA TYR DA 59 8.81 -89.56 -17.49
C TYR DA 59 9.46 -90.61 -18.40
N ASP DA 60 8.88 -91.79 -18.57
CA ASP DA 60 9.45 -92.80 -19.46
C ASP DA 60 9.33 -92.41 -20.94
N ASP DA 61 8.30 -91.64 -21.31
CA ASP DA 61 8.21 -91.05 -22.65
C ASP DA 61 9.34 -90.05 -22.91
N LEU DA 62 9.65 -89.18 -21.95
CA LEU DA 62 10.76 -88.25 -22.02
C LEU DA 62 12.11 -88.97 -22.15
N VAL DA 63 12.33 -90.02 -21.37
CA VAL DA 63 13.58 -90.81 -21.46
C VAL DA 63 13.72 -91.45 -22.84
N GLU DA 64 12.65 -92.00 -23.42
CA GLU DA 64 12.70 -92.57 -24.76
C GLU DA 64 12.96 -91.52 -25.85
N MET DA 65 12.35 -90.32 -25.76
CA MET DA 65 12.64 -89.21 -26.66
C MET DA 65 14.12 -88.81 -26.62
N ILE DA 66 14.71 -88.70 -25.43
CA ILE DA 66 16.13 -88.35 -25.27
C ILE DA 66 17.03 -89.45 -25.86
N LYS DA 67 16.81 -90.72 -25.50
CA LYS DA 67 17.62 -91.83 -26.00
C LYS DA 67 17.51 -92.03 -27.50
N GLY DA 68 16.33 -91.85 -28.09
CA GLY DA 68 16.16 -91.89 -29.54
C GLY DA 68 16.87 -90.73 -30.25
N THR DA 69 16.76 -89.52 -29.71
CA THR DA 69 17.44 -88.35 -30.27
C THR DA 69 18.97 -88.48 -30.21
N ALA DA 70 19.52 -89.09 -29.16
CA ALA DA 70 20.95 -89.32 -29.06
C ALA DA 70 21.50 -90.18 -30.21
N LYS DA 71 20.81 -91.26 -30.59
CA LYS DA 71 21.16 -92.04 -31.80
C LYS DA 71 21.08 -91.19 -33.06
N GLY DA 72 20.07 -90.34 -33.18
CA GLY DA 72 19.90 -89.43 -34.31
C GLY DA 72 21.07 -88.46 -34.46
N LEU DA 73 21.50 -87.84 -33.36
CA LEU DA 73 22.66 -86.94 -33.31
C LEU DA 73 24.01 -87.67 -33.28
N LYS DA 74 24.03 -89.01 -33.26
CA LYS DA 74 25.25 -89.84 -33.13
C LYS DA 74 26.09 -89.53 -31.88
N VAL DA 75 25.44 -89.42 -30.72
CA VAL DA 75 26.09 -89.18 -29.42
C VAL DA 75 25.71 -90.28 -28.42
N LYS DA 76 26.55 -90.52 -27.42
CA LYS DA 76 26.18 -91.34 -26.25
C LYS DA 76 25.53 -90.47 -25.18
N VAL DA 77 24.51 -90.98 -24.50
CA VAL DA 77 23.80 -90.24 -23.44
C VAL DA 77 23.56 -91.11 -22.20
N GLU DA 78 23.73 -90.53 -21.03
CA GLU DA 78 23.26 -91.05 -19.75
C GLU DA 78 22.16 -90.14 -19.21
N VAL DA 79 21.02 -90.70 -18.82
CA VAL DA 79 19.93 -89.96 -18.17
C VAL DA 79 19.81 -90.39 -16.71
N PHE DA 80 19.83 -89.43 -15.79
CA PHE DA 80 19.79 -89.66 -14.34
C PHE DA 80 18.74 -88.79 -13.66
N GLN DA 81 18.04 -89.31 -12.66
CA GLN DA 81 17.12 -88.56 -11.80
C GLN DA 81 17.29 -88.97 -10.34
N SER DA 82 17.24 -88.01 -9.43
CA SER DA 82 17.16 -88.27 -7.99
C SER DA 82 16.42 -87.17 -7.25
N ASN DA 83 15.74 -87.52 -6.15
CA ASN DA 83 15.13 -86.55 -5.24
C ASN DA 83 16.11 -85.97 -4.21
N HIS DA 84 17.34 -86.49 -4.11
CA HIS DA 84 18.35 -86.02 -3.15
C HIS DA 84 19.28 -84.96 -3.74
N GLU DA 85 19.36 -83.79 -3.13
CA GLU DA 85 20.31 -82.72 -3.49
C GLU DA 85 21.76 -83.21 -3.50
N GLY DA 86 22.15 -84.01 -2.50
CA GLY DA 86 23.49 -84.56 -2.40
C GLY DA 86 23.82 -85.61 -3.47
N ALA DA 87 22.85 -86.40 -3.93
CA ALA DA 87 23.09 -87.37 -4.99
C ALA DA 87 23.33 -86.69 -6.35
N ILE DA 88 22.72 -85.53 -6.57
CA ILE DA 88 23.00 -84.71 -7.75
C ILE DA 88 24.42 -84.15 -7.70
N ILE DA 89 24.86 -83.64 -6.55
CA ILE DA 89 26.24 -83.14 -6.39
C ILE DA 89 27.25 -84.27 -6.56
N ASP DA 90 27.00 -85.47 -6.03
CA ASP DA 90 27.84 -86.63 -6.30
C ASP DA 90 27.91 -86.98 -7.79
N LYS DA 91 26.79 -86.92 -8.52
CA LYS DA 91 26.75 -87.18 -9.97
C LYS DA 91 27.53 -86.11 -10.76
N LEU DA 92 27.41 -84.84 -10.39
CA LEU DA 92 28.22 -83.77 -11.01
C LEU DA 92 29.72 -83.96 -10.76
N GLN DA 93 30.11 -84.37 -9.55
CA GLN DA 93 31.52 -84.67 -9.26
C GLN DA 93 32.00 -85.92 -9.99
N GLU DA 94 31.17 -86.97 -10.11
CA GLU DA 94 31.52 -88.15 -10.89
C GLU DA 94 31.76 -87.82 -12.37
N ALA DA 95 30.95 -86.93 -12.95
CA ALA DA 95 31.08 -86.53 -14.35
C ALA DA 95 32.45 -85.94 -14.69
N TYR DA 96 33.03 -85.16 -13.78
CA TYR DA 96 34.36 -84.57 -13.95
C TYR DA 96 35.46 -85.62 -14.08
N TYR DA 97 35.36 -86.75 -13.39
CA TYR DA 97 36.32 -87.86 -13.49
C TYR DA 97 36.03 -88.82 -14.67
N ASN DA 98 34.91 -88.67 -15.37
CA ASN DA 98 34.45 -89.59 -16.41
C ASN DA 98 34.49 -89.00 -17.83
N ASP DA 99 35.10 -87.82 -18.02
CA ASP DA 99 35.27 -87.16 -19.31
C ASP DA 99 33.94 -86.97 -20.08
N VAL DA 100 32.91 -86.49 -19.38
CA VAL DA 100 31.66 -86.01 -19.99
C VAL DA 100 31.94 -84.75 -20.81
N ASP DA 101 31.43 -84.68 -22.04
CA ASP DA 101 31.67 -83.57 -22.95
C ASP DA 101 30.68 -82.42 -22.78
N GLY DA 102 29.51 -82.67 -22.21
CA GLY DA 102 28.51 -81.63 -21.93
C GLY DA 102 27.37 -82.13 -21.05
N ILE DA 103 26.76 -81.22 -20.30
CA ILE DA 103 25.71 -81.52 -19.31
C ILE DA 103 24.41 -80.80 -19.64
N VAL DA 104 23.28 -81.51 -19.60
CA VAL DA 104 21.94 -80.92 -19.62
C VAL DA 104 21.34 -81.08 -18.24
N ILE DA 105 20.87 -80.02 -17.59
CA ILE DA 105 20.33 -80.11 -16.23
C ILE DA 105 18.98 -79.43 -16.07
N ASN DA 106 18.04 -80.10 -15.44
CA ASN DA 106 16.76 -79.54 -15.00
C ASN DA 106 16.66 -79.68 -13.48
N PRO DA 107 17.03 -78.65 -12.70
CA PRO DA 107 17.06 -78.77 -11.24
C PRO DA 107 15.69 -78.86 -10.58
N GLY DA 108 14.58 -78.63 -11.29
CA GLY DA 108 13.28 -78.43 -10.66
C GLY DA 108 13.32 -77.25 -9.67
N ALA DA 109 12.68 -77.39 -8.51
CA ALA DA 109 12.61 -76.34 -7.48
C ALA DA 109 13.97 -75.88 -6.92
N PHE DA 110 15.02 -76.72 -6.97
CA PHE DA 110 16.36 -76.33 -6.51
C PHE DA 110 16.93 -75.10 -7.23
N THR DA 111 16.42 -74.79 -8.42
CA THR DA 111 16.73 -73.58 -9.19
C THR DA 111 16.56 -72.29 -8.38
N HIS DA 112 15.65 -72.28 -7.42
CA HIS DA 112 15.21 -71.10 -6.69
C HIS DA 112 15.80 -70.99 -5.28
N TYR DA 113 16.60 -71.96 -4.83
CA TYR DA 113 17.22 -71.92 -3.49
C TYR DA 113 18.51 -72.72 -3.28
N SER DA 114 18.89 -73.70 -4.12
CA SER DA 114 20.07 -74.52 -3.84
C SER DA 114 21.37 -73.83 -4.23
N TYR DA 115 21.94 -73.04 -3.31
CA TYR DA 115 23.29 -72.52 -3.48
C TYR DA 115 24.35 -73.63 -3.47
N ALA DA 116 24.07 -74.80 -2.89
CA ALA DA 116 24.98 -75.94 -2.96
C ALA DA 116 25.11 -76.49 -4.39
N VAL DA 117 24.00 -76.66 -5.11
CA VAL DA 117 24.02 -77.12 -6.52
C VAL DA 117 24.60 -76.06 -7.44
N ARG DA 118 24.33 -74.77 -7.20
CA ARG DA 118 25.02 -73.67 -7.88
C ARG DA 118 26.54 -73.82 -7.75
N ASP DA 119 27.05 -73.94 -6.53
CA ASP DA 119 28.49 -74.03 -6.30
C ASP DA 119 29.07 -75.35 -6.81
N ALA DA 120 28.30 -76.44 -6.88
CA ALA DA 120 28.73 -77.66 -7.53
C ALA DA 120 28.94 -77.46 -9.03
N LEU DA 121 28.00 -76.81 -9.72
CA LEU DA 121 28.14 -76.46 -11.14
C LEU DA 121 29.30 -75.49 -11.38
N ALA DA 122 29.55 -74.55 -10.47
CA ALA DA 122 30.71 -73.67 -10.54
C ALA DA 122 32.05 -74.43 -10.38
N SER DA 123 32.09 -75.51 -9.60
CA SER DA 123 33.31 -76.30 -9.40
C SER DA 123 33.79 -77.07 -10.62
N ILE DA 124 32.93 -77.33 -11.60
CA ILE DA 124 33.23 -78.08 -12.84
C ILE DA 124 33.21 -77.17 -14.09
N ALA DA 125 33.70 -75.94 -13.96
CA ALA DA 125 33.62 -74.90 -14.99
C ALA DA 125 34.23 -75.26 -16.37
N ALA DA 126 35.11 -76.26 -16.44
CA ALA DA 126 35.68 -76.74 -17.71
C ALA DA 126 34.65 -77.41 -18.65
N ILE DA 127 33.49 -77.84 -18.13
CA ILE DA 127 32.48 -78.58 -18.90
C ILE DA 127 31.32 -77.64 -19.27
N PRO DA 128 30.85 -77.61 -20.52
CA PRO DA 128 29.69 -76.82 -20.91
C PRO DA 128 28.39 -77.43 -20.36
N LYS DA 129 27.50 -76.59 -19.81
CA LYS DA 129 26.19 -77.01 -19.31
C LYS DA 129 25.07 -76.12 -19.80
N ILE DA 130 23.92 -76.73 -20.10
CA ILE DA 130 22.66 -76.05 -20.44
C ILE DA 130 21.61 -76.35 -19.38
N GLU DA 131 20.97 -75.33 -18.84
CA GLU DA 131 19.84 -75.49 -17.92
C GLU DA 131 18.50 -75.57 -18.68
N VAL DA 132 17.60 -76.48 -18.29
CA VAL DA 132 16.32 -76.73 -18.95
C VAL DA 132 15.16 -76.60 -17.97
N HIS DA 133 14.12 -75.84 -18.33
CA HIS DA 133 12.81 -75.85 -17.66
C HIS DA 133 11.67 -76.20 -18.61
N ILE DA 134 10.86 -77.19 -18.23
CA ILE DA 134 9.73 -77.66 -19.04
C ILE DA 134 8.63 -76.60 -19.11
N SER DA 135 8.25 -76.04 -17.97
CA SER DA 135 7.27 -74.96 -17.84
C SER DA 135 7.94 -73.59 -17.68
N ASN DA 136 7.16 -72.51 -17.83
CA ASN DA 136 7.61 -71.13 -17.91
C ASN DA 136 8.00 -70.52 -16.55
N VAL DA 137 8.89 -71.16 -15.79
CA VAL DA 137 9.12 -70.90 -14.35
C VAL DA 137 9.34 -69.42 -13.99
N THR DA 146 13.33 -65.44 -10.21
CA THR DA 146 14.80 -65.34 -10.34
C THR DA 146 15.47 -66.64 -9.91
N SER DA 147 16.57 -67.00 -10.55
CA SER DA 147 17.19 -68.34 -10.46
C SER DA 147 18.65 -68.27 -10.02
N VAL DA 148 19.09 -69.16 -9.12
CA VAL DA 148 20.47 -69.15 -8.58
C VAL DA 148 21.47 -69.97 -9.42
N THR DA 149 21.01 -70.94 -10.21
CA THR DA 149 21.85 -71.86 -11.02
C THR DA 149 22.16 -71.37 -12.45
N VAL DA 150 21.39 -70.42 -12.99
CA VAL DA 150 21.56 -69.91 -14.37
C VAL DA 150 22.91 -69.25 -14.66
N PRO DA 151 23.46 -68.34 -13.81
CA PRO DA 151 24.68 -67.59 -14.18
C PRO DA 151 25.98 -68.41 -14.20
N VAL DA 152 25.94 -69.69 -13.81
CA VAL DA 152 27.06 -70.64 -13.87
C VAL DA 152 26.89 -71.69 -15.00
N CYS DA 153 25.99 -71.43 -15.95
CA CYS DA 153 25.71 -72.26 -17.13
C CYS DA 153 25.93 -71.48 -18.44
N GLN DA 154 26.21 -72.17 -19.55
CA GLN DA 154 26.42 -71.53 -20.86
C GLN DA 154 25.12 -71.07 -21.55
N GLY DA 155 23.96 -71.57 -21.12
CA GLY DA 155 22.65 -71.13 -21.61
C GLY DA 155 21.49 -71.73 -20.83
N GLU DA 156 20.30 -71.17 -21.01
CA GLU DA 156 19.04 -71.68 -20.47
C GLU DA 156 18.00 -71.88 -21.58
N VAL DA 157 17.21 -72.94 -21.51
CA VAL DA 157 16.06 -73.20 -22.37
C VAL DA 157 14.81 -73.33 -21.51
N VAL DA 158 13.78 -72.51 -21.75
CA VAL DA 158 12.63 -72.38 -20.84
C VAL DA 158 11.31 -72.44 -21.60
N GLY DA 159 10.34 -73.20 -21.09
CA GLY DA 159 8.94 -73.15 -21.53
C GLY DA 159 8.61 -73.86 -22.84
N LEU DA 160 9.56 -74.59 -23.44
CA LEU DA 160 9.34 -75.34 -24.70
C LEU DA 160 8.81 -76.76 -24.48
N GLY DA 161 8.27 -77.07 -23.30
CA GLY DA 161 7.80 -78.40 -22.96
C GLY DA 161 8.92 -79.44 -22.95
N LEU DA 162 8.62 -80.68 -23.34
CA LEU DA 162 9.63 -81.73 -23.45
C LEU DA 162 10.60 -81.48 -24.62
N GLY DA 163 10.26 -80.58 -25.56
CA GLY DA 163 11.15 -80.17 -26.65
C GLY DA 163 12.40 -79.43 -26.16
N GLY DA 164 12.39 -78.83 -24.97
CA GLY DA 164 13.53 -78.09 -24.44
C GLY DA 164 14.80 -78.93 -24.24
N TYR DA 165 14.67 -80.21 -23.91
CA TYR DA 165 15.82 -81.12 -23.84
C TYR DA 165 16.47 -81.34 -25.20
N LEU DA 166 15.68 -81.39 -26.27
CA LEU DA 166 16.18 -81.63 -27.61
C LEU DA 166 16.94 -80.43 -28.16
N ALA DA 167 16.48 -79.21 -27.89
CA ALA DA 167 17.27 -78.02 -28.16
C ALA DA 167 18.57 -77.99 -27.36
N ALA DA 168 18.53 -78.31 -26.07
CA ALA DA 168 19.74 -78.33 -25.25
C ALA DA 168 20.78 -79.33 -25.78
N MET DA 169 20.39 -80.53 -26.20
CA MET DA 169 21.30 -81.47 -26.85
C MET DA 169 21.86 -80.93 -28.16
N GLY DA 170 21.04 -80.27 -28.98
CA GLY DA 170 21.51 -79.59 -30.18
C GLY DA 170 22.55 -78.51 -29.87
N MET DA 171 22.30 -77.66 -28.89
CA MET DA 171 23.23 -76.60 -28.48
C MET DA 171 24.57 -77.12 -27.95
N LEU DA 172 24.65 -78.35 -27.46
CA LEU DA 172 25.91 -78.97 -27.03
C LEU DA 172 26.67 -79.64 -28.18
N VAL DA 173 25.99 -80.06 -29.24
CA VAL DA 173 26.64 -80.62 -30.44
C VAL DA 173 27.19 -79.51 -31.34
N GLU DA 174 26.54 -78.34 -31.36
CA GLU DA 174 26.98 -77.13 -32.08
C GLU DA 174 28.24 -76.47 -31.50
N MET EA 33 -76.94 5.56 60.56
CA MET EA 33 -75.51 5.70 60.23
C MET EA 33 -74.93 6.97 60.85
N LYS EA 34 -73.74 6.89 61.44
CA LYS EA 34 -72.99 8.00 62.06
C LYS EA 34 -71.68 8.28 61.32
N ILE EA 35 -71.48 9.50 60.85
CA ILE EA 35 -70.28 9.96 60.12
C ILE EA 35 -69.47 10.92 61.00
N LEU EA 36 -68.15 10.86 60.93
CA LEU EA 36 -67.26 11.82 61.58
C LEU EA 36 -66.43 12.60 60.54
N VAL EA 37 -66.48 13.93 60.58
CA VAL EA 37 -65.71 14.81 59.72
C VAL EA 37 -64.59 15.47 60.52
N ILE EA 38 -63.34 15.30 60.10
CA ILE EA 38 -62.16 15.87 60.76
C ILE EA 38 -61.45 16.85 59.84
N ASN EA 39 -61.31 18.09 60.27
CA ASN EA 39 -60.57 19.15 59.60
C ASN EA 39 -59.26 19.46 60.35
N GLY EA 40 -58.15 19.52 59.61
CA GLY EA 40 -56.82 19.75 60.14
C GLY EA 40 -56.51 21.21 60.49
N PRO EA 41 -55.23 21.55 60.69
CA PRO EA 41 -54.81 22.90 61.01
C PRO EA 41 -55.10 23.87 59.87
N ASN EA 42 -55.26 25.15 60.20
CA ASN EA 42 -55.54 26.25 59.28
C ASN EA 42 -56.91 26.23 58.55
N ILE EA 43 -57.65 25.13 58.55
CA ILE EA 43 -58.92 25.03 57.81
C ILE EA 43 -59.99 25.99 58.34
N ASN EA 44 -59.98 26.32 59.62
CA ASN EA 44 -60.91 27.29 60.20
C ASN EA 44 -60.75 28.73 59.66
N PHE EA 45 -59.66 29.04 58.98
CA PHE EA 45 -59.39 30.33 58.35
C PHE EA 45 -59.78 30.39 56.86
N LEU EA 46 -60.57 29.44 56.32
CA LEU EA 46 -61.22 29.61 55.01
C LEU EA 46 -61.95 30.96 54.92
N GLY EA 47 -61.81 31.64 53.79
CA GLY EA 47 -62.40 32.98 53.57
C GLY EA 47 -61.61 34.13 54.19
N ILE EA 48 -60.62 33.85 55.05
CA ILE EA 48 -59.59 34.79 55.48
C ILE EA 48 -58.29 34.50 54.69
N PRO EA 56 -65.57 34.19 48.91
CA PRO EA 56 -66.20 34.76 50.10
C PRO EA 56 -66.77 33.72 51.08
N LEU EA 57 -66.87 32.44 50.70
CA LEU EA 57 -67.36 31.38 51.59
C LEU EA 57 -66.36 31.09 52.71
N ASN EA 58 -66.85 31.02 53.94
CA ASN EA 58 -66.02 30.80 55.13
C ASN EA 58 -66.23 29.41 55.76
N TYR EA 59 -65.54 29.11 56.86
CA TYR EA 59 -65.65 27.82 57.53
C TYR EA 59 -67.06 27.54 58.09
N ASP EA 60 -67.77 28.54 58.60
CA ASP EA 60 -69.13 28.33 59.10
C ASP EA 60 -70.12 27.98 57.97
N ASP EA 61 -69.91 28.52 56.77
CA ASP EA 61 -70.68 28.13 55.58
C ASP EA 61 -70.46 26.66 55.22
N LEU EA 62 -69.20 26.19 55.25
CA LEU EA 62 -68.87 24.78 55.04
C LEU EA 62 -69.54 23.87 56.07
N VAL EA 63 -69.52 24.24 57.36
CA VAL EA 63 -70.18 23.44 58.40
C VAL EA 63 -71.69 23.37 58.17
N GLU EA 64 -72.34 24.47 57.81
CA GLU EA 64 -73.77 24.44 57.52
C GLU EA 64 -74.12 23.60 56.28
N MET EA 65 -73.32 23.65 55.21
CA MET EA 65 -73.49 22.77 54.05
C MET EA 65 -73.37 21.29 54.42
N ILE EA 66 -72.41 20.92 55.25
CA ILE EA 66 -72.25 19.54 55.72
C ILE EA 66 -73.44 19.10 56.59
N LYS EA 67 -73.86 19.92 57.56
CA LYS EA 67 -75.00 19.59 58.42
C LYS EA 67 -76.33 19.50 57.67
N GLY EA 68 -76.57 20.39 56.70
CA GLY EA 68 -77.76 20.33 55.85
C GLY EA 68 -77.76 19.09 54.96
N THR EA 69 -76.62 18.73 54.39
CA THR EA 69 -76.49 17.51 53.57
C THR EA 69 -76.69 16.24 54.39
N ALA EA 70 -76.25 16.20 55.65
CA ALA EA 70 -76.46 15.05 56.52
C ALA EA 70 -77.96 14.73 56.72
N LYS EA 71 -78.81 15.74 56.93
CA LYS EA 71 -80.28 15.55 56.97
C LYS EA 71 -80.81 15.00 55.66
N GLY EA 72 -80.36 15.55 54.53
CA GLY EA 72 -80.75 15.08 53.20
C GLY EA 72 -80.41 13.62 52.95
N LEU EA 73 -79.22 13.18 53.33
CA LEU EA 73 -78.79 11.79 53.25
C LEU EA 73 -79.35 10.89 54.38
N LYS EA 74 -80.10 11.44 55.34
CA LYS EA 74 -80.62 10.74 56.53
C LYS EA 74 -79.53 10.07 57.38
N VAL EA 75 -78.43 10.79 57.64
CA VAL EA 75 -77.31 10.35 58.49
C VAL EA 75 -77.05 11.31 59.63
N LYS EA 76 -76.45 10.85 60.73
CA LYS EA 76 -75.94 11.72 61.80
C LYS EA 76 -74.50 12.09 61.49
N VAL EA 77 -74.11 13.34 61.75
CA VAL EA 77 -72.75 13.84 61.47
C VAL EA 77 -72.19 14.59 62.68
N GLU EA 78 -70.92 14.36 62.98
CA GLU EA 78 -70.12 15.20 63.87
C GLU EA 78 -69.02 15.88 63.05
N VAL EA 79 -68.86 17.19 63.19
CA VAL EA 79 -67.81 17.96 62.51
C VAL EA 79 -66.83 18.52 63.54
N PHE EA 80 -65.54 18.26 63.36
CA PHE EA 80 -64.48 18.61 64.29
C PHE EA 80 -63.31 19.30 63.57
N GLN EA 81 -62.69 20.29 64.21
CA GLN EA 81 -61.48 20.94 63.72
C GLN EA 81 -60.49 21.20 64.87
N SER EA 82 -59.20 20.99 64.64
CA SER EA 82 -58.15 21.40 65.59
C SER EA 82 -56.84 21.73 64.89
N ASN EA 83 -56.09 22.68 65.45
CA ASN EA 83 -54.73 22.99 65.02
C ASN EA 83 -53.67 22.03 65.60
N HIS EA 84 -54.01 21.18 66.56
CA HIS EA 84 -53.08 20.25 67.22
C HIS EA 84 -53.09 18.87 66.57
N GLU EA 85 -51.93 18.37 66.17
CA GLU EA 85 -51.76 17.01 65.63
C GLU EA 85 -52.25 15.94 66.62
N GLY EA 86 -51.92 16.07 67.90
CA GLY EA 86 -52.33 15.11 68.93
C GLY EA 86 -53.84 15.09 69.19
N ALA EA 87 -54.53 16.21 69.03
CA ALA EA 87 -55.98 16.26 69.21
C ALA EA 87 -56.72 15.53 68.07
N ILE EA 88 -56.18 15.56 66.85
CA ILE EA 88 -56.67 14.75 65.74
C ILE EA 88 -56.49 13.26 66.06
N ILE EA 89 -55.31 12.84 66.53
CA ILE EA 89 -55.06 11.45 66.90
C ILE EA 89 -55.98 11.00 68.04
N ASP EA 90 -56.20 11.82 69.06
CA ASP EA 90 -57.18 11.52 70.11
C ASP EA 90 -58.60 11.36 69.55
N LYS EA 91 -59.03 12.22 68.62
CA LYS EA 91 -60.36 12.13 67.98
C LYS EA 91 -60.49 10.84 67.16
N LEU EA 92 -59.47 10.43 66.43
CA LEU EA 92 -59.45 9.15 65.73
C LEU EA 92 -59.51 7.95 66.68
N GLN EA 93 -58.80 7.99 67.81
CA GLN EA 93 -58.90 6.94 68.82
C GLN EA 93 -60.26 6.94 69.52
N GLU EA 94 -60.88 8.10 69.75
CA GLU EA 94 -62.22 8.19 70.30
C GLU EA 94 -63.27 7.60 69.34
N ALA EA 95 -63.12 7.78 68.03
CA ALA EA 95 -64.03 7.24 67.03
C ALA EA 95 -64.12 5.71 67.08
N TYR EA 96 -63.01 5.04 67.36
CA TYR EA 96 -62.97 3.58 67.50
C TYR EA 96 -63.83 3.07 68.67
N TYR EA 97 -63.88 3.78 69.79
CA TYR EA 97 -64.71 3.43 70.94
C TYR EA 97 -66.17 3.89 70.84
N ASN EA 98 -66.54 4.66 69.81
CA ASN EA 98 -67.86 5.28 69.66
C ASN EA 98 -68.65 4.76 68.44
N ASP EA 99 -68.21 3.67 67.81
CA ASP EA 99 -68.91 3.00 66.71
C ASP EA 99 -69.26 3.95 65.54
N VAL EA 100 -68.31 4.80 65.14
CA VAL EA 100 -68.42 5.61 63.93
C VAL EA 100 -68.45 4.71 62.70
N ASP EA 101 -69.38 4.94 61.77
CA ASP EA 101 -69.54 4.09 60.59
C ASP EA 101 -68.62 4.49 59.42
N GLY EA 102 -68.15 5.74 59.38
CA GLY EA 102 -67.19 6.21 58.38
C GLY EA 102 -66.62 7.59 58.70
N ILE EA 103 -65.44 7.88 58.17
CA ILE EA 103 -64.68 9.10 58.45
C ILE EA 103 -64.40 9.89 57.17
N VAL EA 104 -64.64 11.20 57.20
CA VAL EA 104 -64.15 12.13 56.17
C VAL EA 104 -63.05 12.97 56.79
N ILE EA 105 -61.86 13.02 56.20
CA ILE EA 105 -60.73 13.76 56.77
C ILE EA 105 -60.06 14.69 55.75
N ASN EA 106 -59.79 15.93 56.17
CA ASN EA 106 -58.96 16.88 55.44
C ASN EA 106 -57.78 17.27 56.35
N PRO EA 107 -56.61 16.62 56.22
CA PRO EA 107 -55.48 16.85 57.11
C PRO EA 107 -54.81 18.23 56.95
N GLY EA 108 -55.17 19.03 55.95
CA GLY EA 108 -54.41 20.23 55.60
C GLY EA 108 -52.96 19.87 55.27
N ALA EA 109 -52.00 20.63 55.78
CA ALA EA 109 -50.57 20.43 55.53
C ALA EA 109 -50.00 19.10 56.09
N PHE EA 110 -50.61 18.49 57.12
CA PHE EA 110 -50.15 17.22 57.69
C PHE EA 110 -50.10 16.06 56.68
N THR EA 111 -50.83 16.18 55.58
CA THR EA 111 -50.82 15.29 54.42
C THR EA 111 -49.41 14.99 53.89
N HIS EA 112 -48.49 15.94 54.02
CA HIS EA 112 -47.17 15.90 53.40
C HIS EA 112 -46.01 15.63 54.38
N TYR EA 113 -46.30 15.43 55.68
CA TYR EA 113 -45.26 15.11 56.67
C TYR EA 113 -45.69 14.32 57.92
N SER EA 114 -46.97 14.27 58.29
CA SER EA 114 -47.37 13.61 59.55
C SER EA 114 -47.46 12.09 59.41
N TYR EA 115 -46.36 11.40 59.61
CA TYR EA 115 -46.37 9.94 59.73
C TYR EA 115 -47.12 9.48 60.99
N ALA EA 116 -47.25 10.31 62.03
CA ALA EA 116 -48.05 9.98 63.20
C ALA EA 116 -49.55 9.90 62.87
N VAL EA 117 -50.10 10.83 62.08
CA VAL EA 117 -51.50 10.78 61.63
C VAL EA 117 -51.72 9.66 60.62
N ARG EA 118 -50.77 9.37 59.73
CA ARG EA 118 -50.81 8.16 58.88
C ARG EA 118 -50.97 6.91 59.73
N ASP EA 119 -50.10 6.70 60.71
CA ASP EA 119 -50.15 5.51 61.54
C ASP EA 119 -51.38 5.47 62.46
N ALA EA 120 -51.93 6.61 62.86
CA ALA EA 120 -53.23 6.67 63.54
C ALA EA 120 -54.36 6.15 62.65
N LEU EA 121 -54.43 6.61 61.39
CA LEU EA 121 -55.40 6.10 60.42
C LEU EA 121 -55.20 4.61 60.13
N ALA EA 122 -53.96 4.13 60.07
CA ALA EA 122 -53.69 2.71 59.94
C ALA EA 122 -54.16 1.89 61.16
N SER EA 123 -54.09 2.45 62.37
CA SER EA 123 -54.50 1.75 63.59
C SER EA 123 -56.00 1.48 63.71
N ILE EA 124 -56.84 2.17 62.93
CA ILE EA 124 -58.31 2.02 62.93
C ILE EA 124 -58.84 1.47 61.60
N ALA EA 125 -58.11 0.54 60.98
CA ALA EA 125 -58.41 -0.01 59.65
C ALA EA 125 -59.81 -0.64 59.48
N ALA EA 126 -60.51 -0.98 60.56
CA ALA EA 126 -61.89 -1.47 60.53
C ALA EA 126 -62.91 -0.41 60.05
N ILE EA 127 -62.59 0.88 60.12
CA ILE EA 127 -63.50 1.98 59.76
C ILE EA 127 -63.11 2.53 58.38
N PRO EA 128 -64.05 2.68 57.42
CA PRO EA 128 -63.75 3.26 56.12
C PRO EA 128 -63.51 4.78 56.23
N LYS EA 129 -62.48 5.30 55.56
CA LYS EA 129 -62.17 6.73 55.54
C LYS EA 129 -61.91 7.26 54.14
N ILE EA 130 -62.38 8.47 53.86
CA ILE EA 130 -62.12 9.22 52.63
C ILE EA 130 -61.29 10.47 52.96
N GLU EA 131 -60.20 10.70 52.24
CA GLU EA 131 -59.41 11.93 52.35
C GLU EA 131 -59.91 13.02 51.39
N VAL EA 132 -59.95 14.28 51.83
CA VAL EA 132 -60.49 15.41 51.06
C VAL EA 132 -59.48 16.56 50.97
N HIS EA 133 -59.28 17.13 49.79
CA HIS EA 133 -58.56 18.39 49.59
C HIS EA 133 -59.39 19.40 48.79
N ILE EA 134 -59.50 20.62 49.31
CA ILE EA 134 -60.33 21.67 48.71
C ILE EA 134 -59.71 22.20 47.42
N SER EA 135 -58.42 22.49 47.44
CA SER EA 135 -57.62 22.92 46.28
C SER EA 135 -56.76 21.77 45.72
N ASN EA 136 -56.18 21.97 44.53
CA ASN EA 136 -55.49 20.94 43.74
C ASN EA 136 -54.09 20.60 44.28
N VAL EA 137 -53.96 20.20 45.55
CA VAL EA 137 -52.67 20.15 46.29
C VAL EA 137 -51.55 19.39 45.56
N THR EA 146 -46.71 14.58 46.55
CA THR EA 146 -46.98 13.20 47.00
C THR EA 146 -47.32 13.19 48.49
N SER EA 147 -48.27 12.34 48.90
CA SER EA 147 -48.94 12.39 50.22
C SER EA 147 -48.74 11.11 51.03
N VAL EA 148 -48.59 11.25 52.36
CA VAL EA 148 -48.33 10.09 53.26
C VAL EA 148 -49.60 9.43 53.82
N THR EA 149 -50.73 10.14 53.86
CA THR EA 149 -52.01 9.68 54.43
C THR EA 149 -52.95 9.00 53.42
N VAL EA 150 -52.75 9.17 52.11
CA VAL EA 150 -53.59 8.56 51.05
C VAL EA 150 -53.61 7.02 51.07
N PRO EA 151 -52.47 6.29 51.14
CA PRO EA 151 -52.49 4.83 50.98
C PRO EA 151 -53.15 4.06 52.15
N VAL EA 152 -53.44 4.72 53.27
CA VAL EA 152 -54.17 4.15 54.42
C VAL EA 152 -55.66 4.54 54.45
N CYS EA 153 -56.19 5.09 53.36
CA CYS EA 153 -57.58 5.48 53.17
C CYS EA 153 -58.23 4.75 51.98
N GLN EA 154 -59.56 4.62 51.99
CA GLN EA 154 -60.30 3.92 50.93
C GLN EA 154 -60.58 4.77 49.67
N GLY EA 155 -60.29 6.07 49.72
CA GLY EA 155 -60.38 6.97 48.56
C GLY EA 155 -59.90 8.38 48.88
N GLU EA 156 -59.62 9.15 47.83
CA GLU EA 156 -59.32 10.58 47.92
C GLU EA 156 -60.24 11.39 46.99
N VAL EA 157 -60.65 12.59 47.41
CA VAL EA 157 -61.36 13.58 46.59
C VAL EA 157 -60.58 14.88 46.60
N VAL EA 158 -60.20 15.39 45.43
CA VAL EA 158 -59.26 16.52 45.31
C VAL EA 158 -59.77 17.59 44.36
N GLY EA 159 -59.67 18.86 44.76
CA GLY EA 159 -59.83 20.01 43.86
C GLY EA 159 -61.26 20.37 43.49
N LEU EA 160 -62.28 19.75 44.11
CA LEU EA 160 -63.69 20.04 43.84
C LEU EA 160 -64.26 21.16 44.73
N GLY EA 161 -63.39 21.96 45.37
CA GLY EA 161 -63.81 22.99 46.31
C GLY EA 161 -64.50 22.42 47.54
N LEU EA 162 -65.47 23.15 48.10
CA LEU EA 162 -66.28 22.69 49.22
C LEU EA 162 -67.20 21.52 48.83
N GLY EA 163 -67.43 21.27 47.54
CA GLY EA 163 -68.18 20.12 47.06
C GLY EA 163 -67.52 18.76 47.34
N GLY EA 164 -66.20 18.73 47.56
CA GLY EA 164 -65.48 17.47 47.82
C GLY EA 164 -65.95 16.72 49.07
N TYR EA 165 -66.35 17.45 50.12
CA TYR EA 165 -66.94 16.86 51.31
C TYR EA 165 -68.27 16.16 51.02
N LEU EA 166 -69.09 16.74 50.13
CA LEU EA 166 -70.40 16.20 49.80
C LEU EA 166 -70.26 14.91 48.99
N ALA EA 167 -69.31 14.86 48.05
CA ALA EA 167 -68.98 13.61 47.39
C ALA EA 167 -68.48 12.55 48.38
N ALA EA 168 -67.60 12.90 49.31
CA ALA EA 168 -67.09 11.97 50.31
C ALA EA 168 -68.20 11.40 51.21
N MET EA 169 -69.15 12.20 51.68
CA MET EA 169 -70.32 11.68 52.40
C MET EA 169 -71.15 10.75 51.52
N GLY EA 170 -71.34 11.08 50.24
CA GLY EA 170 -72.03 10.21 49.30
C GLY EA 170 -71.33 8.87 49.13
N MET EA 171 -70.01 8.87 48.94
CA MET EA 171 -69.20 7.67 48.81
C MET EA 171 -69.22 6.77 50.05
N LEU EA 172 -69.48 7.30 51.24
CA LEU EA 172 -69.64 6.52 52.46
C LEU EA 172 -71.05 5.95 52.64
N VAL EA 173 -72.08 6.62 52.14
CA VAL EA 173 -73.45 6.09 52.11
C VAL EA 173 -73.59 4.96 51.09
N GLU EA 174 -72.88 5.03 49.97
CA GLU EA 174 -72.83 4.02 48.91
C GLU EA 174 -72.13 2.71 49.32
N MET FA 33 39.74 -60.84 -65.98
CA MET FA 33 38.69 -60.44 -65.01
C MET FA 33 37.30 -60.75 -65.56
N LYS FA 34 36.41 -61.29 -64.72
CA LYS FA 34 35.01 -61.62 -65.03
C LYS FA 34 34.03 -60.76 -64.21
N ILE FA 35 33.11 -60.06 -64.88
CA ILE FA 35 32.09 -59.20 -64.26
C ILE FA 35 30.70 -59.79 -64.49
N LEU FA 36 29.82 -59.69 -63.49
CA LEU FA 36 28.41 -60.06 -63.61
C LEU FA 36 27.50 -58.83 -63.44
N VAL FA 37 26.62 -58.59 -64.40
CA VAL FA 37 25.63 -57.51 -64.34
C VAL FA 37 24.24 -58.09 -64.13
N ILE FA 38 23.56 -57.70 -63.06
CA ILE FA 38 22.21 -58.16 -62.71
C ILE FA 38 21.21 -57.01 -62.76
N ASN FA 39 20.17 -57.17 -63.57
CA ASN FA 39 19.05 -56.25 -63.68
C ASN FA 39 17.78 -56.87 -63.07
N GLY FA 40 17.07 -56.12 -62.22
CA GLY FA 40 15.87 -56.55 -61.52
C GLY FA 40 14.60 -56.57 -62.39
N PRO FA 41 13.42 -56.65 -61.77
CA PRO FA 41 12.14 -56.62 -62.48
C PRO FA 41 11.92 -55.31 -63.22
N ASN FA 42 11.11 -55.35 -64.28
CA ASN FA 42 10.73 -54.22 -65.13
C ASN FA 42 11.83 -53.56 -65.98
N ILE FA 43 13.12 -53.80 -65.70
CA ILE FA 43 14.22 -53.15 -66.44
C ILE FA 43 14.22 -53.50 -67.94
N ASN FA 44 13.74 -54.68 -68.32
CA ASN FA 44 13.61 -55.07 -69.73
C ASN FA 44 12.61 -54.22 -70.53
N PHE FA 45 11.76 -53.44 -69.87
CA PHE FA 45 10.80 -52.52 -70.50
C PHE FA 45 11.32 -51.07 -70.58
N LEU FA 46 12.62 -50.81 -70.43
CA LEU FA 46 13.21 -49.54 -70.88
C LEU FA 46 12.83 -49.25 -72.34
N GLY FA 47 12.51 -48.00 -72.65
CA GLY FA 47 12.02 -47.57 -73.96
C GLY FA 47 10.53 -47.85 -74.21
N ILE FA 48 9.85 -48.57 -73.33
CA ILE FA 48 8.39 -48.75 -73.31
C ILE FA 48 7.80 -48.02 -72.10
N PRO FA 56 14.35 -42.70 -76.18
CA PRO FA 56 14.15 -43.71 -77.22
C PRO FA 56 15.04 -44.95 -77.05
N LEU FA 57 16.08 -44.92 -76.21
CA LEU FA 57 16.94 -46.08 -75.96
C LEU FA 57 16.20 -47.19 -75.23
N ASN FA 58 16.37 -48.43 -75.70
CA ASN FA 58 15.73 -49.61 -75.13
C ASN FA 58 16.73 -50.51 -74.38
N TYR FA 59 16.26 -51.63 -73.83
CA TYR FA 59 17.09 -52.55 -73.07
C TYR FA 59 18.20 -53.20 -73.93
N ASP FA 60 17.95 -53.51 -75.20
CA ASP FA 60 18.98 -54.08 -76.07
C ASP FA 60 20.11 -53.08 -76.38
N ASP FA 61 19.81 -51.79 -76.44
CA ASP FA 61 20.83 -50.75 -76.56
C ASP FA 61 21.75 -50.72 -75.34
N LEU FA 62 21.19 -50.78 -74.13
CA LEU FA 62 21.95 -50.86 -72.89
C LEU FA 62 22.83 -52.11 -72.84
N VAL FA 63 22.31 -53.27 -73.25
CA VAL FA 63 23.11 -54.50 -73.30
C VAL FA 63 24.28 -54.36 -74.27
N GLU FA 64 24.07 -53.80 -75.45
CA GLU FA 64 25.18 -53.59 -76.41
C GLU FA 64 26.21 -52.58 -75.89
N MET FA 65 25.79 -51.49 -75.24
CA MET FA 65 26.74 -50.55 -74.60
C MET FA 65 27.59 -51.24 -73.54
N ILE FA 66 27.00 -52.09 -72.70
CA ILE FA 66 27.74 -52.85 -71.68
C ILE FA 66 28.72 -53.83 -72.33
N LYS FA 67 28.28 -54.62 -73.31
CA LYS FA 67 29.15 -55.58 -74.00
C LYS FA 67 30.28 -54.92 -74.78
N GLY FA 68 30.04 -53.80 -75.44
CA GLY FA 68 31.08 -53.03 -76.13
C GLY FA 68 32.10 -52.43 -75.17
N THR FA 69 31.64 -51.90 -74.04
CA THR FA 69 32.53 -51.35 -73.00
C THR FA 69 33.38 -52.43 -72.35
N ALA FA 70 32.87 -53.65 -72.16
CA ALA FA 70 33.64 -54.76 -71.62
C ALA FA 70 34.86 -55.10 -72.49
N LYS FA 71 34.69 -55.16 -73.82
CA LYS FA 71 35.83 -55.30 -74.76
C LYS FA 71 36.81 -54.16 -74.66
N GLY FA 72 36.31 -52.92 -74.52
CA GLY FA 72 37.15 -51.74 -74.34
C GLY FA 72 38.02 -51.79 -73.08
N LEU FA 73 37.43 -52.19 -71.95
CA LEU FA 73 38.12 -52.37 -70.67
C LEU FA 73 38.92 -53.68 -70.55
N LYS FA 74 38.88 -54.55 -71.57
CA LYS FA 74 39.50 -55.88 -71.58
C LYS FA 74 39.04 -56.80 -70.44
N VAL FA 75 37.73 -56.84 -70.18
CA VAL FA 75 37.09 -57.73 -69.20
C VAL FA 75 36.03 -58.61 -69.86
N LYS FA 76 35.77 -59.79 -69.30
CA LYS FA 76 34.61 -60.61 -69.69
C LYS FA 76 33.39 -60.19 -68.89
N VAL FA 77 32.23 -60.13 -69.53
CA VAL FA 77 30.97 -59.74 -68.87
C VAL FA 77 29.84 -60.72 -69.17
N GLU FA 78 29.04 -61.03 -68.16
CA GLU FA 78 27.74 -61.67 -68.29
C GLU FA 78 26.64 -60.68 -67.87
N VAL FA 79 25.60 -60.53 -68.67
CA VAL FA 79 24.45 -59.65 -68.38
C VAL FA 79 23.18 -60.48 -68.20
N PHE FA 80 22.49 -60.31 -67.08
CA PHE FA 80 21.31 -61.08 -66.69
C PHE FA 80 20.15 -60.18 -66.26
N GLN FA 81 18.92 -60.54 -66.63
CA GLN FA 81 17.70 -59.89 -66.16
C GLN FA 81 16.62 -60.92 -65.82
N SER FA 82 15.88 -60.73 -64.74
CA SER FA 82 14.71 -61.53 -64.41
C SER FA 82 13.67 -60.75 -63.62
N ASN FA 83 12.39 -61.07 -63.80
CA ASN FA 83 11.30 -60.52 -62.99
C ASN FA 83 11.09 -61.28 -61.66
N HIS FA 84 11.76 -62.40 -61.44
CA HIS FA 84 11.62 -63.21 -60.23
C HIS FA 84 12.68 -62.88 -59.18
N GLU FA 85 12.27 -62.50 -57.98
CA GLU FA 85 13.16 -62.26 -56.82
C GLU FA 85 14.04 -63.49 -56.52
N GLY FA 86 13.48 -64.69 -56.58
CA GLY FA 86 14.24 -65.92 -56.34
C GLY FA 86 15.29 -66.22 -57.40
N ALA FA 87 15.06 -65.86 -58.66
CA ALA FA 87 16.04 -66.09 -59.72
C ALA FA 87 17.27 -65.19 -59.57
N ILE FA 88 17.10 -63.99 -59.03
CA ILE FA 88 18.20 -63.10 -58.68
C ILE FA 88 19.03 -63.71 -57.55
N ILE FA 89 18.39 -64.20 -56.49
CA ILE FA 89 19.10 -64.86 -55.38
C ILE FA 89 19.84 -66.11 -55.87
N ASP FA 90 19.25 -66.93 -56.74
CA ASP FA 90 19.94 -68.05 -57.36
C ASP FA 90 21.15 -67.61 -58.18
N LYS FA 91 21.04 -66.53 -58.98
CA LYS FA 91 22.14 -65.99 -59.78
C LYS FA 91 23.27 -65.46 -58.89
N LEU FA 92 22.97 -64.80 -57.78
CA LEU FA 92 23.98 -64.37 -56.81
C LEU FA 92 24.67 -65.56 -56.12
N GLN FA 93 23.95 -66.61 -55.78
CA GLN FA 93 24.55 -67.82 -55.22
C GLN FA 93 25.39 -68.57 -56.25
N GLU FA 94 24.98 -68.61 -57.52
CA GLU FA 94 25.78 -69.17 -58.61
C GLU FA 94 27.09 -68.38 -58.79
N ALA FA 95 27.08 -67.06 -58.65
CA ALA FA 95 28.27 -66.23 -58.79
C ALA FA 95 29.38 -66.61 -57.79
N TYR FA 96 29.02 -66.95 -56.56
CA TYR FA 96 29.98 -67.38 -55.54
C TYR FA 96 30.71 -68.68 -55.93
N TYR FA 97 30.03 -69.62 -56.58
CA TYR FA 97 30.63 -70.86 -57.07
C TYR FA 97 31.36 -70.73 -58.41
N ASN FA 98 31.32 -69.57 -59.06
CA ASN FA 98 31.87 -69.36 -60.40
C ASN FA 98 33.01 -68.33 -60.46
N ASP FA 99 33.51 -67.87 -59.32
CA ASP FA 99 34.65 -66.95 -59.22
C ASP FA 99 34.46 -65.66 -60.04
N VAL FA 100 33.27 -65.06 -59.93
CA VAL FA 100 33.01 -63.70 -60.42
C VAL FA 100 33.86 -62.71 -59.63
N ASP FA 101 34.57 -61.81 -60.31
CA ASP FA 101 35.48 -60.86 -59.66
C ASP FA 101 34.78 -59.60 -59.13
N GLY FA 102 33.60 -59.27 -59.65
CA GLY FA 102 32.77 -58.16 -59.18
C GLY FA 102 31.37 -58.15 -59.79
N ILE FA 103 30.42 -57.53 -59.10
CA ILE FA 103 28.99 -57.51 -59.47
C ILE FA 103 28.49 -56.09 -59.64
N VAL FA 104 27.77 -55.81 -60.73
CA VAL FA 104 26.99 -54.59 -60.89
C VAL FA 104 25.52 -54.96 -60.77
N ILE FA 105 24.75 -54.32 -59.88
CA ILE FA 105 23.34 -54.66 -59.68
C ILE FA 105 22.42 -53.45 -59.74
N ASN FA 106 21.31 -53.57 -60.47
CA ASN FA 106 20.20 -52.63 -60.46
C ASN FA 106 18.93 -53.37 -60.02
N PRO FA 107 18.56 -53.35 -58.73
CA PRO FA 107 17.43 -54.13 -58.23
C PRO FA 107 16.06 -53.65 -58.71
N GLY FA 108 15.93 -52.49 -59.36
CA GLY FA 108 14.62 -51.85 -59.57
C GLY FA 108 13.93 -51.58 -58.23
N ALA FA 109 12.62 -51.83 -58.16
CA ALA FA 109 11.82 -51.59 -56.95
C ALA FA 109 12.22 -52.44 -55.73
N PHE FA 110 12.87 -53.61 -55.90
CA PHE FA 110 13.34 -54.43 -54.79
C PHE FA 110 14.29 -53.70 -53.84
N THR FA 111 14.92 -52.62 -54.30
CA THR FA 111 15.74 -51.70 -53.50
C THR FA 111 15.04 -51.19 -52.24
N HIS FA 112 13.71 -51.07 -52.28
CA HIS FA 112 12.91 -50.41 -51.26
C HIS FA 112 12.13 -51.38 -50.36
N TYR FA 113 12.23 -52.70 -50.57
CA TYR FA 113 11.55 -53.69 -49.73
C TYR FA 113 12.16 -55.10 -49.66
N SER FA 114 13.04 -55.53 -50.58
CA SER FA 114 13.52 -56.91 -50.59
C SER FA 114 14.65 -57.15 -49.59
N TYR FA 115 14.29 -57.42 -48.34
CA TYR FA 115 15.26 -57.88 -47.35
C TYR FA 115 15.88 -59.24 -47.71
N ALA FA 116 15.22 -60.06 -48.52
CA ALA FA 116 15.82 -61.31 -49.00
C ALA FA 116 16.99 -61.06 -49.95
N VAL FA 117 16.89 -60.11 -50.88
CA VAL FA 117 18.01 -59.75 -51.77
C VAL FA 117 19.12 -59.03 -51.02
N ARG FA 118 18.79 -58.17 -50.04
CA ARG FA 118 19.79 -57.60 -49.12
C ARG FA 118 20.60 -58.68 -48.44
N ASP FA 119 19.95 -59.65 -47.81
CA ASP FA 119 20.64 -60.72 -47.11
C ASP FA 119 21.38 -61.66 -48.07
N ALA FA 120 20.92 -61.82 -49.32
CA ALA FA 120 21.68 -62.55 -50.33
C ALA FA 120 23.00 -61.84 -50.66
N LEU FA 121 22.98 -60.53 -50.89
CA LEU FA 121 24.20 -59.74 -51.09
C LEU FA 121 25.12 -59.76 -49.88
N ALA FA 122 24.58 -59.75 -48.66
CA ALA FA 122 25.37 -59.91 -47.44
C ALA FA 122 26.01 -61.29 -47.32
N SER FA 123 25.41 -62.36 -47.86
CA SER FA 123 25.95 -63.72 -47.81
C SER FA 123 27.20 -63.92 -48.67
N ILE FA 124 27.47 -63.05 -49.65
CA ILE FA 124 28.61 -63.13 -50.57
C ILE FA 124 29.59 -61.97 -50.39
N ALA FA 125 29.86 -61.57 -49.15
CA ALA FA 125 30.68 -60.40 -48.81
C ALA FA 125 32.13 -60.41 -49.35
N ALA FA 126 32.66 -61.55 -49.77
CA ALA FA 126 33.96 -61.65 -50.41
C ALA FA 126 34.02 -61.01 -51.81
N ILE FA 127 32.89 -60.79 -52.48
CA ILE FA 127 32.82 -60.24 -53.83
C ILE FA 127 32.43 -58.75 -53.77
N PRO FA 128 33.17 -57.84 -54.43
CA PRO FA 128 32.80 -56.43 -54.47
C PRO FA 128 31.57 -56.21 -55.36
N LYS FA 129 30.61 -55.40 -54.89
CA LYS FA 129 29.41 -55.05 -55.66
C LYS FA 129 29.15 -53.55 -55.68
N ILE FA 130 28.71 -53.05 -56.83
CA ILE FA 130 28.24 -51.68 -57.03
C ILE FA 130 26.75 -51.69 -57.36
N GLU FA 131 25.95 -50.89 -56.64
CA GLU FA 131 24.53 -50.72 -56.95
C GLU FA 131 24.27 -49.57 -57.92
N VAL FA 132 23.36 -49.72 -58.88
CA VAL FA 132 23.08 -48.74 -59.94
C VAL FA 132 21.60 -48.39 -60.00
N HIS FA 133 21.27 -47.09 -60.09
CA HIS FA 133 19.94 -46.58 -60.45
C HIS FA 133 19.98 -45.65 -61.65
N ILE FA 134 19.16 -45.90 -62.66
CA ILE FA 134 19.13 -45.11 -63.90
C ILE FA 134 18.58 -43.71 -63.64
N SER FA 135 17.46 -43.63 -62.91
CA SER FA 135 16.82 -42.38 -62.50
C SER FA 135 17.11 -42.02 -61.04
N ASN FA 136 16.80 -40.79 -60.64
CA ASN FA 136 17.13 -40.19 -59.35
C ASN FA 136 16.26 -40.71 -58.18
N VAL FA 137 16.17 -42.04 -57.99
CA VAL FA 137 15.16 -42.70 -57.14
C VAL FA 137 15.04 -42.14 -55.72
N THR FA 146 14.75 -44.02 -49.04
CA THR FA 146 15.79 -44.80 -48.35
C THR FA 146 15.76 -46.26 -48.81
N SER FA 147 16.93 -46.92 -48.86
CA SER FA 147 17.14 -48.19 -49.56
C SER FA 147 17.68 -49.29 -48.65
N VAL FA 148 17.26 -50.54 -48.85
CA VAL FA 148 17.68 -51.68 -47.99
C VAL FA 148 18.96 -52.37 -48.48
N THR FA 149 19.28 -52.30 -49.78
CA THR FA 149 20.42 -52.98 -50.42
C THR FA 149 21.73 -52.17 -50.44
N VAL FA 150 21.69 -50.85 -50.21
CA VAL FA 150 22.88 -49.98 -50.25
C VAL FA 150 23.97 -50.33 -49.23
N PRO FA 151 23.70 -50.51 -47.92
CA PRO FA 151 24.76 -50.67 -46.92
C PRO FA 151 25.53 -52.00 -47.00
N VAL FA 152 25.03 -52.97 -47.78
CA VAL FA 152 25.71 -54.25 -48.05
C VAL FA 152 26.52 -54.24 -49.37
N CYS FA 153 26.70 -53.08 -49.99
CA CYS FA 153 27.44 -52.87 -51.24
C CYS FA 153 28.62 -51.89 -51.06
N GLN FA 154 29.65 -51.98 -51.91
CA GLN FA 154 30.86 -51.15 -51.81
C GLN FA 154 30.71 -49.74 -52.44
N GLY FA 155 29.61 -49.47 -53.16
CA GLY FA 155 29.26 -48.15 -53.66
C GLY FA 155 27.90 -48.12 -54.36
N GLU FA 156 27.38 -46.91 -54.60
CA GLU FA 156 26.16 -46.69 -55.39
C GLU FA 156 26.39 -45.62 -56.46
N VAL FA 157 25.79 -45.79 -57.63
CA VAL FA 157 25.75 -44.82 -58.73
C VAL FA 157 24.29 -44.50 -59.06
N VAL FA 158 23.89 -43.23 -59.00
CA VAL FA 158 22.48 -42.83 -59.11
C VAL FA 158 22.28 -41.69 -60.11
N GLY FA 159 21.27 -41.80 -60.97
CA GLY FA 159 20.77 -40.68 -61.78
C GLY FA 159 21.61 -40.29 -63.00
N LEU FA 160 22.63 -41.07 -63.35
CA LEU FA 160 23.50 -40.81 -64.51
C LEU FA 160 22.98 -41.46 -65.80
N GLY FA 161 21.71 -41.87 -65.85
CA GLY FA 161 21.13 -42.56 -67.00
C GLY FA 161 21.79 -43.91 -67.28
N LEU FA 162 21.86 -44.30 -68.54
CA LEU FA 162 22.53 -45.54 -68.94
C LEU FA 162 24.05 -45.47 -68.73
N GLY FA 163 24.63 -44.28 -68.55
CA GLY FA 163 26.04 -44.10 -68.20
C GLY FA 163 26.42 -44.64 -66.83
N GLY FA 164 25.46 -44.83 -65.91
CA GLY FA 164 25.74 -45.33 -64.56
C GLY FA 164 26.37 -46.72 -64.51
N TYR FA 165 26.01 -47.61 -65.43
CA TYR FA 165 26.64 -48.93 -65.55
C TYR FA 165 28.11 -48.82 -65.96
N LEU FA 166 28.46 -47.85 -66.81
CA LEU FA 166 29.81 -47.65 -67.30
C LEU FA 166 30.72 -47.14 -66.19
N ALA FA 167 30.23 -46.22 -65.35
CA ALA FA 167 30.94 -45.86 -64.13
C ALA FA 167 31.12 -47.06 -63.19
N ALA FA 168 30.07 -47.85 -62.94
CA ALA FA 168 30.17 -49.01 -62.06
C ALA FA 168 31.20 -50.04 -62.56
N MET FA 169 31.24 -50.35 -63.85
CA MET FA 169 32.29 -51.21 -64.40
C MET FA 169 33.68 -50.59 -64.25
N GLY FA 170 33.83 -49.28 -64.48
CA GLY FA 170 35.10 -48.59 -64.25
C GLY FA 170 35.55 -48.68 -62.79
N MET FA 171 34.65 -48.45 -61.84
CA MET FA 171 34.93 -48.58 -60.40
C MET FA 171 35.32 -50.00 -59.98
N LEU FA 172 34.87 -51.05 -60.68
CA LEU FA 172 35.31 -52.43 -60.40
C LEU FA 172 36.66 -52.76 -61.03
N VAL FA 173 37.03 -52.13 -62.13
CA VAL FA 173 38.36 -52.30 -62.74
C VAL FA 173 39.43 -51.56 -61.95
N GLU FA 174 39.09 -50.44 -61.31
CA GLU FA 174 39.96 -49.64 -60.44
C GLU FA 174 40.30 -50.32 -59.10
N MET GA 33 -14.48 -64.15 72.84
CA MET GA 33 -14.24 -62.81 72.27
C MET GA 33 -15.08 -61.77 72.99
N LYS GA 34 -14.49 -60.61 73.31
CA LYS GA 34 -15.12 -59.47 74.00
C LYS GA 34 -15.15 -58.23 73.12
N ILE GA 35 -16.34 -57.67 72.87
CA ILE GA 35 -16.57 -56.47 72.07
C ILE GA 35 -17.01 -55.31 72.97
N LEU GA 36 -16.52 -54.11 72.68
CA LEU GA 36 -16.97 -52.87 73.31
C LEU GA 36 -17.70 -51.97 72.31
N VAL GA 37 -18.91 -51.56 72.63
CA VAL GA 37 -19.70 -50.62 71.82
C VAL GA 37 -19.80 -49.27 72.51
N ILE GA 38 -19.37 -48.20 71.87
CA ILE GA 38 -19.36 -46.83 72.40
C ILE GA 38 -20.27 -45.92 71.58
N ASN GA 39 -21.23 -45.30 72.23
CA ASN GA 39 -22.13 -44.30 71.66
C ASN GA 39 -21.81 -42.89 72.22
N GLY GA 40 -21.70 -41.90 71.34
CA GLY GA 40 -21.38 -40.53 71.68
C GLY GA 40 -22.56 -39.70 72.24
N PRO GA 41 -22.42 -38.37 72.31
CA PRO GA 41 -23.47 -37.50 72.80
C PRO GA 41 -24.74 -37.57 71.94
N ASN GA 42 -25.89 -37.29 72.56
CA ASN GA 42 -27.23 -37.28 71.94
C ASN GA 42 -27.79 -38.61 71.43
N ILE GA 43 -26.98 -39.67 71.29
CA ILE GA 43 -27.46 -40.96 70.77
C ILE GA 43 -28.53 -41.60 71.67
N ASN GA 44 -28.54 -41.32 72.97
CA ASN GA 44 -29.59 -41.77 73.88
C ASN GA 44 -30.98 -41.16 73.60
N PHE GA 45 -31.08 -40.13 72.75
CA PHE GA 45 -32.34 -39.49 72.33
C PHE GA 45 -32.83 -39.96 70.95
N LEU GA 46 -32.33 -41.09 70.42
CA LEU GA 46 -33.00 -41.76 69.29
C LEU GA 46 -34.49 -41.96 69.58
N GLY GA 47 -35.35 -41.72 68.59
CA GLY GA 47 -36.81 -41.81 68.72
C GLY GA 47 -37.46 -40.63 69.43
N ILE GA 48 -36.68 -39.70 69.98
CA ILE GA 48 -37.14 -38.37 70.43
C ILE GA 48 -36.66 -37.32 69.42
N PRO GA 56 -39.89 -44.83 65.01
CA PRO GA 56 -40.37 -45.12 66.36
C PRO GA 56 -39.37 -45.90 67.21
N LEU GA 57 -38.31 -46.49 66.64
CA LEU GA 57 -37.30 -47.22 67.41
C LEU GA 57 -36.45 -46.27 68.26
N ASN GA 58 -36.21 -46.63 69.51
CA ASN GA 58 -35.47 -45.82 70.47
C ASN GA 58 -34.14 -46.48 70.90
N TYR GA 59 -33.41 -45.83 71.82
CA TYR GA 59 -32.12 -46.32 72.26
C TYR GA 59 -32.18 -47.68 72.99
N ASP GA 60 -33.25 -47.96 73.75
CA ASP GA 60 -33.38 -49.27 74.41
C ASP GA 60 -33.62 -50.39 73.40
N ASP GA 61 -34.31 -50.11 72.29
CA ASP GA 61 -34.46 -51.07 71.19
C ASP GA 61 -33.11 -51.42 70.55
N LEU GA 62 -32.29 -50.40 70.29
CA LEU GA 62 -30.94 -50.57 69.75
C LEU GA 62 -30.06 -51.40 70.71
N VAL GA 63 -30.11 -51.14 72.02
CA VAL GA 63 -29.34 -51.93 72.98
C VAL GA 63 -29.79 -53.38 73.00
N GLU GA 64 -31.10 -53.66 72.96
CA GLU GA 64 -31.59 -55.03 72.92
C GLU GA 64 -31.21 -55.76 71.61
N MET GA 65 -31.28 -55.10 70.46
CA MET GA 65 -30.78 -55.67 69.20
C MET GA 65 -29.30 -56.04 69.27
N ILE GA 66 -28.46 -55.17 69.84
CA ILE GA 66 -27.02 -55.43 69.99
C ILE GA 66 -26.77 -56.59 70.97
N LYS GA 67 -27.40 -56.60 72.14
CA LYS GA 67 -27.25 -57.69 73.12
C LYS GA 67 -27.76 -59.04 72.61
N GLY GA 68 -28.88 -59.06 71.88
CA GLY GA 68 -29.40 -60.29 71.27
C GLY GA 68 -28.50 -60.82 70.16
N THR GA 69 -27.97 -59.93 69.31
CA THR GA 69 -27.03 -60.33 68.26
C THR GA 69 -25.72 -60.86 68.81
N ALA GA 70 -25.24 -60.33 69.94
CA ALA GA 70 -24.02 -60.84 70.59
C ALA GA 70 -24.15 -62.30 71.00
N LYS GA 71 -25.29 -62.73 71.57
CA LYS GA 71 -25.57 -64.14 71.84
C LYS GA 71 -25.59 -64.97 70.56
N GLY GA 72 -26.18 -64.45 69.49
CA GLY GA 72 -26.19 -65.11 68.19
C GLY GA 72 -24.80 -65.35 67.62
N LEU GA 73 -23.92 -64.35 67.68
CA LEU GA 73 -22.52 -64.44 67.26
C LEU GA 73 -21.60 -65.15 68.26
N LYS GA 74 -22.10 -65.56 69.44
CA LYS GA 74 -21.33 -66.17 70.54
C LYS GA 74 -20.17 -65.29 71.03
N VAL GA 75 -20.43 -64.00 71.23
CA VAL GA 75 -19.47 -63.02 71.77
C VAL GA 75 -20.03 -62.35 73.03
N LYS GA 76 -19.17 -61.89 73.93
CA LYS GA 76 -19.57 -60.98 75.01
C LYS GA 76 -19.52 -59.54 74.53
N VAL GA 77 -20.49 -58.72 74.93
CA VAL GA 77 -20.58 -57.31 74.54
C VAL GA 77 -20.85 -56.42 75.74
N GLU GA 78 -20.17 -55.28 75.79
CA GLU GA 78 -20.49 -54.15 76.67
C GLU GA 78 -20.96 -52.98 75.82
N VAL GA 79 -22.09 -52.36 76.17
CA VAL GA 79 -22.63 -51.18 75.48
C VAL GA 79 -22.59 -49.97 76.41
N PHE GA 80 -22.00 -48.86 75.95
CA PHE GA 80 -21.78 -47.65 76.74
C PHE GA 80 -22.21 -46.40 75.98
N GLN GA 81 -22.78 -45.41 76.68
CA GLN GA 81 -23.10 -44.10 76.14
C GLN GA 81 -22.77 -43.00 77.13
N SER GA 82 -22.23 -41.87 76.67
CA SER GA 82 -22.07 -40.68 77.49
C SER GA 82 -22.13 -39.39 76.66
N ASN GA 83 -22.62 -38.31 77.27
CA ASN GA 83 -22.59 -36.98 76.67
C ASN GA 83 -21.25 -36.25 76.89
N HIS GA 84 -20.34 -36.80 77.70
CA HIS GA 84 -19.05 -36.18 78.00
C HIS GA 84 -17.91 -36.73 77.12
N GLU GA 85 -17.20 -35.86 76.41
CA GLU GA 85 -16.04 -36.21 75.59
C GLU GA 85 -14.95 -36.93 76.41
N GLY GA 86 -14.67 -36.44 77.63
CA GLY GA 86 -13.67 -37.04 78.50
C GLY GA 86 -14.04 -38.43 79.01
N ALA GA 87 -15.33 -38.74 79.19
CA ALA GA 87 -15.76 -40.06 79.63
C ALA GA 87 -15.57 -41.11 78.53
N ILE GA 88 -15.71 -40.73 77.26
CA ILE GA 88 -15.40 -41.59 76.12
C ILE GA 88 -13.89 -41.89 76.06
N ILE GA 89 -13.04 -40.87 76.25
CA ILE GA 89 -11.59 -41.07 76.30
C ILE GA 89 -11.19 -41.96 77.49
N ASP GA 90 -11.78 -41.77 78.67
CA ASP GA 90 -11.57 -42.69 79.79
C ASP GA 90 -11.99 -44.13 79.47
N LYS GA 91 -13.12 -44.33 78.80
CA LYS GA 91 -13.61 -45.67 78.41
C LYS GA 91 -12.67 -46.32 77.39
N LEU GA 92 -12.15 -45.59 76.41
CA LEU GA 92 -11.16 -46.10 75.47
C LEU GA 92 -9.84 -46.47 76.16
N GLN GA 93 -9.38 -45.67 77.13
CA GLN GA 93 -8.20 -46.01 77.91
C GLN GA 93 -8.43 -47.22 78.82
N GLU GA 94 -9.62 -47.37 79.40
CA GLU GA 94 -9.97 -48.56 80.18
C GLU GA 94 -9.97 -49.82 79.31
N ALA GA 95 -10.43 -49.73 78.06
CA ALA GA 95 -10.47 -50.87 77.15
C ALA GA 95 -9.08 -51.49 76.92
N TYR GA 96 -8.03 -50.67 76.82
CA TYR GA 96 -6.66 -51.11 76.67
C TYR GA 96 -6.19 -51.99 77.84
N TYR GA 97 -6.57 -51.66 79.07
CA TYR GA 97 -6.24 -52.44 80.27
C TYR GA 97 -7.13 -53.67 80.48
N ASN GA 98 -8.20 -53.84 79.72
CA ASN GA 98 -9.21 -54.89 79.91
C ASN GA 98 -9.25 -55.93 78.77
N ASP GA 99 -8.29 -55.90 77.85
CA ASP GA 99 -8.14 -56.86 76.75
C ASP GA 99 -9.42 -57.01 75.90
N VAL GA 100 -10.04 -55.88 75.56
CA VAL GA 100 -11.10 -55.82 74.55
C VAL GA 100 -10.55 -56.26 73.20
N ASP GA 101 -11.27 -57.15 72.51
CA ASP GA 101 -10.83 -57.70 71.22
C ASP GA 101 -11.19 -56.81 70.02
N GLY GA 102 -12.21 -55.97 70.14
CA GLY GA 102 -12.58 -55.00 69.11
C GLY GA 102 -13.59 -53.97 69.59
N ILE GA 103 -13.59 -52.81 68.94
CA ILE GA 103 -14.41 -51.65 69.32
C ILE GA 103 -15.36 -51.25 68.18
N VAL GA 104 -16.63 -51.04 68.49
CA VAL GA 104 -17.58 -50.37 67.60
C VAL GA 104 -17.86 -48.99 68.17
N ILE GA 105 -17.68 -47.91 67.41
CA ILE GA 105 -17.89 -46.55 67.91
C ILE GA 105 -18.78 -45.70 66.99
N ASN GA 106 -19.75 -45.00 67.59
CA ASN GA 106 -20.53 -43.97 66.93
C ASN GA 106 -20.33 -42.65 67.68
N PRO GA 107 -19.41 -41.77 67.25
CA PRO GA 107 -19.10 -40.55 67.97
C PRO GA 107 -20.20 -39.48 67.96
N GLY GA 108 -21.27 -39.63 67.18
CA GLY GA 108 -22.20 -38.53 66.94
C GLY GA 108 -21.48 -37.31 66.34
N ALA GA 109 -21.79 -36.10 66.81
CA ALA GA 109 -21.21 -34.86 66.28
C ALA GA 109 -19.69 -34.72 66.47
N PHE GA 110 -19.08 -35.39 67.46
CA PHE GA 110 -17.62 -35.35 67.68
C PHE GA 110 -16.80 -35.81 66.47
N THR GA 111 -17.41 -36.58 65.57
CA THR GA 111 -16.84 -37.01 64.28
C THR GA 111 -16.26 -35.87 63.45
N HIS GA 112 -16.81 -34.67 63.58
CA HIS GA 112 -16.49 -33.52 62.72
C HIS GA 112 -15.60 -32.47 63.39
N TYR GA 113 -15.23 -32.65 64.67
CA TYR GA 113 -14.37 -31.67 65.37
C TYR GA 113 -13.49 -32.20 66.51
N SER GA 114 -13.76 -33.36 67.11
CA SER GA 114 -12.98 -33.83 68.26
C SER GA 114 -11.65 -34.46 67.87
N TYR GA 115 -10.62 -33.64 67.72
CA TYR GA 115 -9.25 -34.13 67.56
C TYR GA 115 -8.75 -34.85 68.82
N ALA GA 116 -9.32 -34.59 70.01
CA ALA GA 116 -8.97 -35.34 71.20
C ALA GA 116 -9.43 -36.81 71.13
N VAL GA 117 -10.66 -37.09 70.66
CA VAL GA 117 -11.14 -38.46 70.47
C VAL GA 117 -10.41 -39.15 69.32
N ARG GA 118 -10.10 -38.44 68.23
CA ARG GA 118 -9.22 -38.95 67.18
C ARG GA 118 -7.89 -39.44 67.76
N ASP GA 119 -7.21 -38.60 68.53
CA ASP GA 119 -5.91 -38.96 69.10
C ASP GA 119 -6.02 -40.04 70.17
N ALA GA 120 -7.14 -40.14 70.89
CA ALA GA 120 -7.41 -41.25 71.79
C ALA GA 120 -7.50 -42.58 71.03
N LEU GA 121 -8.24 -42.62 69.92
CA LEU GA 121 -8.33 -43.80 69.05
C LEU GA 121 -6.97 -44.15 68.43
N ALA GA 122 -6.17 -43.16 68.05
CA ALA GA 122 -4.80 -43.39 67.59
C ALA GA 122 -3.89 -43.98 68.68
N SER GA 123 -4.10 -43.63 69.96
CA SER GA 123 -3.28 -44.13 71.07
C SER GA 123 -3.44 -45.64 71.36
N ILE GA 124 -4.48 -46.28 70.83
CA ILE GA 124 -4.77 -47.71 71.03
C ILE GA 124 -4.79 -48.49 69.71
N ALA GA 125 -3.86 -48.20 68.81
CA ALA GA 125 -3.75 -48.82 67.48
C ALA GA 125 -3.66 -50.36 67.47
N ALA GA 126 -3.31 -50.99 68.60
CA ALA GA 126 -3.31 -52.44 68.74
C ALA GA 126 -4.71 -53.09 68.68
N ILE GA 127 -5.78 -52.34 68.91
CA ILE GA 127 -7.16 -52.86 68.96
C ILE GA 127 -7.90 -52.45 67.67
N PRO GA 128 -8.56 -53.38 66.95
CA PRO GA 128 -9.34 -53.05 65.77
C PRO GA 128 -10.62 -52.29 66.13
N LYS GA 129 -10.94 -51.22 65.39
CA LYS GA 129 -12.16 -50.44 65.60
C LYS GA 129 -12.92 -50.18 64.30
N ILE GA 130 -14.25 -50.23 64.37
CA ILE GA 130 -15.17 -49.86 63.29
C ILE GA 130 -15.97 -48.62 63.71
N GLU GA 131 -16.05 -47.63 62.84
CA GLU GA 131 -16.87 -46.44 63.06
C GLU GA 131 -18.27 -46.57 62.41
N VAL GA 132 -19.33 -46.18 63.11
CA VAL GA 132 -20.73 -46.36 62.67
C VAL GA 132 -21.49 -45.03 62.65
N HIS GA 133 -22.19 -44.73 61.57
CA HIS GA 133 -23.18 -43.64 61.48
C HIS GA 133 -24.57 -44.13 61.07
N ILE GA 134 -25.59 -43.77 61.85
CA ILE GA 134 -26.96 -44.22 61.63
C ILE GA 134 -27.55 -43.57 60.37
N SER GA 135 -27.48 -42.25 60.28
CA SER GA 135 -27.86 -41.48 59.09
C SER GA 135 -26.66 -41.19 58.18
N ASN GA 136 -26.92 -40.74 56.96
CA ASN GA 136 -25.94 -40.54 55.89
C ASN GA 136 -25.07 -39.29 56.08
N VAL GA 137 -24.39 -39.13 57.23
CA VAL GA 137 -23.79 -37.86 57.69
C VAL GA 137 -22.91 -37.16 56.65
N THR GA 146 -16.77 -33.99 55.67
CA THR GA 146 -15.51 -34.71 55.94
C THR GA 146 -15.29 -34.87 57.45
N SER GA 147 -14.64 -35.97 57.86
CA SER GA 147 -14.61 -36.45 59.24
C SER GA 147 -13.18 -36.65 59.78
N VAL GA 148 -12.94 -36.36 61.06
CA VAL GA 148 -11.58 -36.42 61.66
C VAL GA 148 -11.24 -37.80 62.26
N THR GA 149 -12.23 -38.60 62.64
CA THR GA 149 -12.06 -39.91 63.32
C THR GA 149 -11.93 -41.12 62.39
N VAL GA 150 -12.28 -40.98 61.09
CA VAL GA 150 -12.26 -42.08 60.11
C VAL GA 150 -10.88 -42.72 59.86
N PRO GA 151 -9.79 -41.96 59.58
CA PRO GA 151 -8.52 -42.56 59.14
C PRO GA 151 -7.75 -43.32 60.24
N VAL GA 152 -8.18 -43.20 61.51
CA VAL GA 152 -7.63 -43.93 62.66
C VAL GA 152 -8.43 -45.20 63.02
N CYS GA 153 -9.37 -45.60 62.15
CA CYS GA 153 -10.22 -46.79 62.29
C CYS GA 153 -10.02 -47.77 61.13
N GLN GA 154 -10.26 -49.06 61.36
CA GLN GA 154 -10.07 -50.11 60.35
C GLN GA 154 -11.23 -50.21 59.35
N GLY GA 155 -12.35 -49.52 59.58
CA GLY GA 155 -13.46 -49.40 58.63
C GLY GA 155 -14.56 -48.45 59.12
N GLU GA 156 -15.43 -48.02 58.22
CA GLU GA 156 -16.63 -47.25 58.53
C GLU GA 156 -17.89 -47.88 57.91
N VAL GA 157 -19.02 -47.78 58.61
CA VAL GA 157 -20.34 -48.21 58.15
C VAL GA 157 -21.30 -47.03 58.25
N VAL GA 158 -21.95 -46.64 57.15
CA VAL GA 158 -22.73 -45.39 57.08
C VAL GA 158 -24.13 -45.61 56.48
N GLY GA 159 -25.14 -45.03 57.10
CA GLY GA 159 -26.47 -44.83 56.48
C GLY GA 159 -27.37 -46.06 56.46
N LEU GA 160 -26.97 -47.17 57.09
CA LEU GA 160 -27.75 -48.43 57.15
C LEU GA 160 -28.73 -48.47 58.34
N GLY GA 161 -29.00 -47.34 58.97
CA GLY GA 161 -29.85 -47.27 60.15
C GLY GA 161 -29.28 -48.06 61.34
N LEU GA 162 -30.14 -48.65 62.16
CA LEU GA 162 -29.71 -49.46 63.31
C LEU GA 162 -29.02 -50.76 62.86
N GLY GA 163 -29.15 -51.17 61.60
CA GLY GA 163 -28.43 -52.30 61.02
C GLY GA 163 -26.92 -52.10 60.93
N GLY GA 164 -26.43 -50.85 60.93
CA GLY GA 164 -24.99 -50.58 60.81
C GLY GA 164 -24.15 -51.17 61.95
N TYR GA 165 -24.69 -51.22 63.17
CA TYR GA 165 -24.03 -51.87 64.31
C TYR GA 165 -23.88 -53.38 64.10
N LEU GA 166 -24.86 -54.02 63.46
CA LEU GA 166 -24.85 -55.47 63.23
C LEU GA 166 -23.82 -55.84 62.18
N ALA GA 167 -23.68 -55.05 61.11
CA ALA GA 167 -22.57 -55.21 60.19
C ALA GA 167 -21.22 -55.00 60.88
N ALA GA 168 -21.08 -53.97 61.71
CA ALA GA 168 -19.84 -53.70 62.41
C ALA GA 168 -19.42 -54.86 63.34
N MET GA 169 -20.35 -55.46 64.09
CA MET GA 169 -20.06 -56.65 64.88
C MET GA 169 -19.65 -57.83 63.99
N GLY GA 170 -20.32 -58.04 62.86
CA GLY GA 170 -19.92 -59.07 61.90
C GLY GA 170 -18.52 -58.85 61.36
N MET GA 171 -18.18 -57.62 60.97
CA MET GA 171 -16.85 -57.25 60.50
C MET GA 171 -15.75 -57.44 61.54
N LEU GA 172 -16.06 -57.43 62.84
CA LEU GA 172 -15.09 -57.73 63.90
C LEU GA 172 -14.95 -59.22 64.18
N VAL GA 173 -16.00 -60.01 64.01
CA VAL GA 173 -15.93 -61.48 64.13
C VAL GA 173 -15.19 -62.11 62.96
N GLU GA 174 -15.28 -61.53 61.77
CA GLU GA 174 -14.58 -61.96 60.54
C GLU GA 174 -13.07 -61.68 60.55
N MET HA 33 -20.14 16.76 -94.51
CA MET HA 33 -20.50 16.50 -93.10
C MET HA 33 -21.68 17.37 -92.68
N LYS HA 34 -22.65 16.80 -91.96
CA LYS HA 34 -23.87 17.43 -91.46
C LYS HA 34 -23.91 17.45 -89.92
N ILE HA 35 -24.04 18.63 -89.32
CA ILE HA 35 -24.10 18.84 -87.86
C ILE HA 35 -25.50 19.30 -87.44
N LEU HA 36 -25.97 18.84 -86.28
CA LEU HA 36 -27.22 19.30 -85.67
C LEU HA 36 -26.96 19.97 -84.32
N VAL HA 37 -27.40 21.21 -84.16
CA VAL HA 37 -27.29 21.97 -82.91
C VAL HA 37 -28.66 22.08 -82.25
N ILE HA 38 -28.78 21.60 -81.01
CA ILE HA 38 -30.03 21.60 -80.23
C ILE HA 38 -29.88 22.46 -78.98
N ASN HA 39 -30.75 23.46 -78.85
CA ASN HA 39 -30.86 24.34 -77.70
C ASN HA 39 -32.14 24.05 -76.90
N GLY HA 40 -32.02 23.90 -75.58
CA GLY HA 40 -33.14 23.58 -74.68
C GLY HA 40 -34.07 24.76 -74.36
N PRO HA 41 -34.90 24.63 -73.31
CA PRO HA 41 -35.79 25.70 -72.88
C PRO HA 41 -35.02 26.94 -72.43
N ASN HA 42 -35.65 28.10 -72.51
CA ASN HA 42 -35.12 29.41 -72.10
C ASN HA 42 -33.93 29.97 -72.90
N ILE HA 43 -33.21 29.18 -73.69
CA ILE HA 43 -32.02 29.64 -74.45
C ILE HA 43 -32.37 30.73 -75.46
N ASN HA 44 -33.57 30.76 -76.03
CA ASN HA 44 -34.00 31.81 -76.93
C ASN HA 44 -34.10 33.21 -76.27
N PHE HA 45 -34.12 33.28 -74.94
CA PHE HA 45 -34.14 34.53 -74.17
C PHE HA 45 -32.73 35.00 -73.72
N LEU HA 46 -31.64 34.48 -74.29
CA LEU HA 46 -30.33 35.10 -74.15
C LEU HA 46 -30.37 36.59 -74.53
N GLY HA 47 -29.70 37.43 -73.72
CA GLY HA 47 -29.73 38.89 -73.88
C GLY HA 47 -30.97 39.57 -73.30
N ILE HA 48 -31.97 38.81 -72.86
CA ILE HA 48 -33.10 39.27 -72.02
C ILE HA 48 -32.90 38.72 -70.61
N PRO HA 56 -24.83 41.88 -73.86
CA PRO HA 56 -25.73 42.41 -74.89
C PRO HA 56 -25.99 41.45 -76.05
N LEU HA 57 -25.20 40.38 -76.24
CA LEU HA 57 -25.40 39.43 -77.33
C LEU HA 57 -26.67 38.60 -77.13
N ASN HA 58 -27.51 38.51 -78.15
CA ASN HA 58 -28.80 37.80 -78.08
C ASN HA 58 -28.76 36.45 -78.81
N TYR HA 59 -29.88 35.74 -78.86
CA TYR HA 59 -29.96 34.44 -79.52
C TYR HA 59 -29.69 34.51 -81.04
N ASP HA 60 -30.12 35.56 -81.73
CA ASP HA 60 -29.85 35.69 -83.17
C ASP HA 60 -28.36 35.90 -83.45
N ASP HA 61 -27.63 36.59 -82.56
CA ASP HA 61 -26.18 36.71 -82.65
C ASP HA 61 -25.50 35.35 -82.55
N LEU HA 62 -25.93 34.50 -81.63
CA LEU HA 62 -25.42 33.14 -81.49
C LEU HA 62 -25.69 32.30 -82.75
N VAL HA 63 -26.91 32.37 -83.30
CA VAL HA 63 -27.25 31.64 -84.53
C VAL HA 63 -26.37 32.09 -85.69
N GLU HA 64 -26.13 33.39 -85.85
CA GLU HA 64 -25.26 33.89 -86.91
C GLU HA 64 -23.79 33.46 -86.73
N MET HA 65 -23.26 33.48 -85.51
CA MET HA 65 -21.92 32.95 -85.23
C MET HA 65 -21.80 31.47 -85.60
N ILE HA 66 -22.79 30.65 -85.27
CA ILE HA 66 -22.80 29.23 -85.62
C ILE HA 66 -22.88 29.03 -87.13
N LYS HA 67 -23.82 29.67 -87.82
CA LYS HA 67 -23.98 29.53 -89.27
C LYS HA 67 -22.76 30.04 -90.06
N GLY HA 68 -22.14 31.14 -89.62
CA GLY HA 68 -20.91 31.63 -90.21
C GLY HA 68 -19.72 30.68 -90.00
N THR HA 69 -19.58 30.12 -88.81
CA THR HA 69 -18.52 29.16 -88.50
C THR HA 69 -18.68 27.86 -89.29
N ALA HA 70 -19.91 27.40 -89.55
CA ALA HA 70 -20.12 26.19 -90.36
C ALA HA 70 -19.58 26.35 -91.79
N LYS HA 71 -19.79 27.51 -92.44
CA LYS HA 71 -19.15 27.82 -93.72
C LYS HA 71 -17.62 27.82 -93.64
N GLY HA 72 -17.07 28.37 -92.56
CA GLY HA 72 -15.62 28.37 -92.32
C GLY HA 72 -15.03 26.97 -92.21
N LEU HA 73 -15.68 26.07 -91.47
CA LEU HA 73 -15.29 24.67 -91.32
C LEU HA 73 -15.72 23.78 -92.50
N LYS HA 74 -16.41 24.31 -93.50
CA LYS HA 74 -16.95 23.59 -94.66
C LYS HA 74 -17.89 22.43 -94.30
N VAL HA 75 -18.84 22.68 -93.39
CA VAL HA 75 -19.87 21.72 -92.96
C VAL HA 75 -21.27 22.31 -93.12
N LYS HA 76 -22.30 21.47 -93.25
CA LYS HA 76 -23.70 21.89 -93.14
C LYS HA 76 -24.15 21.86 -91.68
N VAL HA 77 -24.99 22.82 -91.27
CA VAL HA 77 -25.52 22.89 -89.90
C VAL HA 77 -27.01 23.17 -89.89
N GLU HA 78 -27.74 22.49 -89.01
CA GLU HA 78 -29.11 22.84 -88.62
C GLU HA 78 -29.10 23.31 -87.17
N VAL HA 79 -29.73 24.45 -86.88
CA VAL HA 79 -29.88 24.96 -85.52
C VAL HA 79 -31.35 24.90 -85.10
N PHE HA 80 -31.64 24.28 -83.97
CA PHE HA 80 -32.99 24.06 -83.46
C PHE HA 80 -33.11 24.47 -81.99
N GLN HA 81 -34.23 25.08 -81.63
CA GLN HA 81 -34.57 25.38 -80.24
C GLN HA 81 -36.03 25.06 -79.95
N SER HA 82 -36.33 24.51 -78.77
CA SER HA 82 -37.71 24.39 -78.29
C SER HA 82 -37.79 24.42 -76.77
N ASN HA 83 -38.91 24.93 -76.23
CA ASN HA 83 -39.21 24.87 -74.81
C ASN HA 83 -39.83 23.53 -74.38
N HIS HA 84 -40.22 22.66 -75.31
CA HIS HA 84 -40.83 21.36 -75.03
C HIS HA 84 -39.82 20.22 -74.96
N GLU HA 85 -39.75 19.51 -73.84
CA GLU HA 85 -38.91 18.31 -73.65
C GLU HA 85 -39.19 17.24 -74.71
N GLY HA 86 -40.46 16.99 -75.04
CA GLY HA 86 -40.84 16.02 -76.05
C GLY HA 86 -40.44 16.41 -77.48
N ALA HA 87 -40.39 17.70 -77.81
CA ALA HA 87 -39.96 18.14 -79.14
C ALA HA 87 -38.46 17.95 -79.34
N ILE HA 88 -37.65 18.06 -78.28
CA ILE HA 88 -36.24 17.73 -78.31
C ILE HA 88 -36.05 16.23 -78.53
N ILE HA 89 -36.80 15.37 -77.83
CA ILE HA 89 -36.75 13.92 -78.04
C ILE HA 89 -37.17 13.55 -79.47
N ASP HA 90 -38.22 14.15 -80.03
CA ASP HA 90 -38.58 13.96 -81.43
C ASP HA 90 -37.46 14.37 -82.38
N LYS HA 91 -36.79 15.50 -82.14
CA LYS HA 91 -35.68 15.98 -82.97
C LYS HA 91 -34.49 15.03 -82.92
N LEU HA 92 -34.15 14.50 -81.75
CA LEU HA 92 -33.10 13.49 -81.61
C LEU HA 92 -33.44 12.19 -82.35
N GLN HA 93 -34.69 11.73 -82.28
CA GLN HA 93 -35.13 10.56 -83.04
C GLN HA 93 -35.14 10.84 -84.55
N GLU HA 94 -35.55 12.02 -84.99
CA GLU HA 94 -35.49 12.40 -86.40
C GLU HA 94 -34.06 12.38 -86.94
N ALA HA 95 -33.07 12.82 -86.15
CA ALA HA 95 -31.68 12.85 -86.55
C ALA HA 95 -31.15 11.45 -86.92
N TYR HA 96 -31.58 10.40 -86.22
CA TYR HA 96 -31.18 9.03 -86.49
C TYR HA 96 -31.60 8.56 -87.88
N TYR HA 97 -32.76 8.99 -88.36
CA TYR HA 97 -33.27 8.67 -89.71
C TYR HA 97 -32.72 9.57 -90.82
N ASN HA 98 -31.89 10.56 -90.50
CA ASN HA 98 -31.44 11.59 -91.45
C ASN HA 98 -29.91 11.65 -91.62
N ASP HA 99 -29.16 10.69 -91.07
CA ASP HA 99 -27.70 10.59 -91.22
C ASP HA 99 -26.95 11.87 -90.81
N VAL HA 100 -27.34 12.45 -89.67
CA VAL HA 100 -26.56 13.47 -88.98
C VAL HA 100 -25.22 12.87 -88.52
N ASP HA 101 -24.11 13.53 -88.81
CA ASP HA 101 -22.77 13.03 -88.47
C ASP HA 101 -22.33 13.37 -87.04
N GLY HA 102 -22.91 14.40 -86.42
CA GLY HA 102 -22.63 14.75 -85.03
C GLY HA 102 -23.61 15.77 -84.46
N ILE HA 103 -23.78 15.74 -83.14
CA ILE HA 103 -24.77 16.56 -82.43
C ILE HA 103 -24.09 17.46 -81.40
N VAL HA 104 -24.44 18.75 -81.39
CA VAL HA 104 -24.09 19.67 -80.29
C VAL HA 104 -25.37 19.96 -79.51
N ILE HA 105 -25.39 19.74 -78.20
CA ILE HA 105 -26.59 19.97 -77.39
C ILE HA 105 -26.33 20.83 -76.16
N ASN HA 106 -27.19 21.82 -75.94
CA ASN HA 106 -27.26 22.59 -74.70
C ASN HA 106 -28.64 22.39 -74.08
N PRO HA 107 -28.82 21.46 -73.13
CA PRO HA 107 -30.13 21.14 -72.60
C PRO HA 107 -30.77 22.23 -71.73
N GLY HA 108 -30.05 23.29 -71.36
CA GLY HA 108 -30.49 24.21 -70.31
C GLY HA 108 -30.74 23.45 -68.99
N ALA HA 109 -31.80 23.78 -68.27
CA ALA HA 109 -32.12 23.19 -66.98
C ALA HA 109 -32.40 21.66 -67.02
N PHE HA 110 -32.82 21.09 -68.16
CA PHE HA 110 -33.06 19.65 -68.31
C PHE HA 110 -31.83 18.80 -67.97
N THR HA 111 -30.63 19.38 -68.05
CA THR HA 111 -29.35 18.78 -67.62
C THR HA 111 -29.40 18.18 -66.22
N HIS HA 112 -30.22 18.76 -65.33
CA HIS HA 112 -30.22 18.44 -63.90
C HIS HA 112 -31.40 17.55 -63.46
N TYR HA 113 -32.32 17.19 -64.35
CA TYR HA 113 -33.47 16.35 -64.00
C TYR HA 113 -34.08 15.49 -65.12
N SER HA 114 -33.85 15.77 -66.41
CA SER HA 114 -34.52 15.04 -67.49
C SER HA 114 -33.86 13.70 -67.78
N TYR HA 115 -34.25 12.67 -67.06
CA TYR HA 115 -33.89 11.29 -67.39
C TYR HA 115 -34.47 10.84 -68.74
N ALA HA 116 -35.57 11.45 -69.22
CA ALA HA 116 -36.09 11.15 -70.54
C ALA HA 116 -35.15 11.62 -71.66
N VAL HA 117 -34.57 12.83 -71.57
CA VAL HA 117 -33.59 13.32 -72.56
C VAL HA 117 -32.27 12.53 -72.45
N ARG HA 118 -31.83 12.17 -71.24
CA ARG HA 118 -30.69 11.26 -71.06
C ARG HA 118 -30.91 9.96 -71.83
N ASP HA 119 -32.03 9.30 -71.62
CA ASP HA 119 -32.31 8.02 -72.28
C ASP HA 119 -32.55 8.19 -73.78
N ALA HA 120 -33.03 9.35 -74.25
CA ALA HA 120 -33.08 9.64 -75.68
C ALA HA 120 -31.67 9.72 -76.29
N LEU HA 121 -30.73 10.41 -75.64
CA LEU HA 121 -29.34 10.46 -76.08
C LEU HA 121 -28.67 9.08 -76.03
N ALA HA 122 -28.98 8.26 -75.02
CA ALA HA 122 -28.50 6.88 -74.96
C ALA HA 122 -29.06 6.01 -76.11
N SER HA 123 -30.27 6.27 -76.58
CA SER HA 123 -30.90 5.50 -77.67
C SER HA 123 -30.23 5.68 -79.05
N ILE HA 124 -29.42 6.71 -79.23
CA ILE HA 124 -28.73 7.03 -80.49
C ILE HA 124 -27.20 6.98 -80.34
N ALA HA 125 -26.69 6.02 -79.57
CA ALA HA 125 -25.27 5.87 -79.25
C ALA HA 125 -24.31 5.75 -80.46
N ALA HA 126 -24.83 5.44 -81.65
CA ALA HA 126 -24.06 5.42 -82.90
C ALA HA 126 -23.60 6.80 -83.37
N ILE HA 127 -24.19 7.89 -82.88
CA ILE HA 127 -23.90 9.27 -83.31
C ILE HA 127 -23.07 9.98 -82.21
N PRO HA 128 -21.95 10.63 -82.52
CA PRO HA 128 -21.17 11.37 -81.54
C PRO HA 128 -21.88 12.66 -81.11
N LYS HA 129 -21.91 12.96 -79.80
CA LYS HA 129 -22.51 14.20 -79.28
C LYS HA 129 -21.60 14.92 -78.29
N ILE HA 130 -21.60 16.24 -78.35
CA ILE HA 130 -20.94 17.12 -77.37
C ILE HA 130 -22.01 17.94 -76.63
N GLU HA 131 -21.92 17.99 -75.31
CA GLU HA 131 -22.78 18.83 -74.48
C GLU HA 131 -22.14 20.21 -74.20
N VAL HA 132 -22.92 21.29 -74.24
CA VAL HA 132 -22.44 22.66 -74.07
C VAL HA 132 -23.21 23.41 -72.98
N HIS HA 133 -22.49 24.12 -72.10
CA HIS HA 133 -23.06 25.10 -71.17
C HIS HA 133 -22.40 26.48 -71.28
N ILE HA 134 -23.21 27.52 -71.42
CA ILE HA 134 -22.73 28.89 -71.65
C ILE HA 134 -22.10 29.47 -70.38
N SER HA 135 -22.69 29.18 -69.21
CA SER HA 135 -22.18 29.57 -67.89
C SER HA 135 -21.71 28.37 -67.07
N ASN HA 136 -21.02 28.61 -65.96
CA ASN HA 136 -20.33 27.61 -65.14
C ASN HA 136 -21.29 26.76 -64.26
N VAL HA 137 -22.29 26.10 -64.86
CA VAL HA 137 -23.43 25.47 -64.16
C VAL HA 137 -23.03 24.54 -63.01
N THR HA 146 -24.49 18.53 -60.16
CA THR HA 146 -24.35 17.21 -60.82
C THR HA 146 -25.38 17.08 -61.95
N SER HA 147 -25.00 16.40 -63.03
CA SER HA 147 -25.75 16.38 -64.31
C SER HA 147 -26.09 14.97 -64.76
N VAL HA 148 -27.28 14.76 -65.34
CA VAL HA 148 -27.74 13.43 -65.80
C VAL HA 148 -27.40 13.12 -67.26
N THR HA 149 -27.18 14.14 -68.11
CA THR HA 149 -26.94 13.99 -69.56
C THR HA 149 -25.46 13.85 -69.97
N VAL HA 150 -24.50 14.16 -69.09
CA VAL HA 150 -23.06 14.12 -69.39
C VAL HA 150 -22.52 12.72 -69.74
N PRO HA 151 -22.80 11.64 -68.96
CA PRO HA 151 -22.12 10.35 -69.17
C PRO HA 151 -22.54 9.60 -70.45
N VAL HA 152 -23.58 10.08 -71.16
CA VAL HA 152 -24.05 9.54 -72.45
C VAL HA 152 -23.58 10.36 -73.66
N CYS HA 153 -22.61 11.26 -73.46
CA CYS HA 153 -21.98 12.12 -74.47
C CYS HA 153 -20.47 11.90 -74.58
N GLN HA 154 -19.87 12.22 -75.72
CA GLN HA 154 -18.42 12.05 -75.95
C GLN HA 154 -17.54 13.16 -75.32
N GLY HA 155 -18.14 14.26 -74.87
CA GLY HA 155 -17.45 15.33 -74.16
C GLY HA 155 -18.39 16.45 -73.72
N GLU HA 156 -17.95 17.28 -72.78
CA GLU HA 156 -18.66 18.48 -72.32
C GLU HA 156 -17.79 19.73 -72.47
N VAL HA 157 -18.39 20.87 -72.82
CA VAL HA 157 -17.75 22.18 -72.88
C VAL HA 157 -18.49 23.15 -71.97
N VAL HA 158 -17.84 23.74 -70.97
CA VAL HA 158 -18.51 24.51 -69.91
C VAL HA 158 -17.87 25.88 -69.68
N GLY HA 159 -18.69 26.92 -69.57
CA GLY HA 159 -18.29 28.23 -69.06
C GLY HA 159 -17.52 29.12 -70.04
N LEU HA 160 -17.36 28.73 -71.30
CA LEU HA 160 -16.65 29.51 -72.32
C LEU HA 160 -17.55 30.54 -73.06
N GLY HA 161 -18.74 30.84 -72.52
CA GLY HA 161 -19.70 31.73 -73.17
C GLY HA 161 -20.20 31.18 -74.50
N LEU HA 162 -20.48 32.05 -75.46
CA LEU HA 162 -20.92 31.65 -76.80
C LEU HA 162 -19.80 30.93 -77.59
N GLY HA 163 -18.54 31.06 -77.17
CA GLY HA 163 -17.42 30.31 -77.74
C GLY HA 163 -17.49 28.79 -77.53
N GLY HA 164 -18.25 28.31 -76.55
CA GLY HA 164 -18.36 26.88 -76.28
C GLY HA 164 -18.97 26.07 -77.44
N TYR HA 165 -19.91 26.65 -78.18
CA TYR HA 165 -20.44 26.04 -79.40
C TYR HA 165 -19.38 25.87 -80.48
N LEU HA 166 -18.49 26.85 -80.61
CA LEU HA 166 -17.45 26.85 -81.64
C LEU HA 166 -16.39 25.79 -81.33
N ALA HA 167 -16.01 25.62 -80.06
CA ALA HA 167 -15.19 24.48 -79.67
C ALA HA 167 -15.87 23.14 -79.96
N ALA HA 168 -17.15 22.98 -79.61
CA ALA HA 168 -17.88 21.74 -79.86
C ALA HA 168 -17.92 21.38 -81.34
N MET HA 169 -18.18 22.33 -82.24
CA MET HA 169 -18.11 22.09 -83.68
C MET HA 169 -16.71 21.67 -84.13
N GLY HA 170 -15.65 22.29 -83.58
CA GLY HA 170 -14.28 21.85 -83.85
C GLY HA 170 -14.02 20.42 -83.39
N MET HA 171 -14.44 20.06 -82.17
CA MET HA 171 -14.31 18.71 -81.64
C MET HA 171 -15.07 17.65 -82.44
N LEU HA 172 -16.13 17.99 -83.15
CA LEU HA 172 -16.83 17.05 -84.03
C LEU HA 172 -16.16 16.91 -85.39
N VAL HA 173 -15.52 17.95 -85.92
CA VAL HA 173 -14.75 17.88 -87.17
C VAL HA 173 -13.45 17.10 -86.99
N GLU HA 174 -12.85 17.14 -85.80
CA GLU HA 174 -11.65 16.39 -85.41
C GLU HA 174 -11.89 14.88 -85.20
N MET IA 33 40.97 -85.49 25.16
CA MET IA 33 39.96 -84.67 24.46
C MET IA 33 39.70 -85.20 23.06
N LYS IA 34 38.43 -85.26 22.64
CA LYS IA 34 37.96 -85.72 21.32
C LYS IA 34 37.31 -84.57 20.55
N ILE IA 35 37.79 -84.29 19.34
CA ILE IA 35 37.28 -83.23 18.45
C ILE IA 35 36.63 -83.86 17.22
N LEU IA 36 35.55 -83.27 16.73
CA LEU IA 36 34.92 -83.65 15.46
C LEU IA 36 34.97 -82.50 14.44
N VAL IA 37 35.50 -82.77 13.25
CA VAL IA 37 35.54 -81.81 12.15
C VAL IA 37 34.56 -82.22 11.05
N ILE IA 38 33.65 -81.32 10.68
CA ILE IA 38 32.62 -81.55 9.67
C ILE IA 38 32.78 -80.57 8.51
N ASN IA 39 32.95 -81.10 7.31
CA ASN IA 39 33.01 -80.35 6.06
C ASN IA 39 31.73 -80.57 5.23
N GLY IA 40 31.13 -79.49 4.74
CA GLY IA 40 29.88 -79.53 3.97
C GLY IA 40 30.05 -79.94 2.50
N PRO IA 41 29.05 -79.68 1.65
CA PRO IA 41 29.10 -80.01 0.23
C PRO IA 41 30.21 -79.25 -0.49
N ASN IA 42 30.72 -79.81 -1.59
CA ASN IA 42 31.76 -79.26 -2.46
C ASN IA 42 33.17 -79.13 -1.86
N ILE IA 43 33.35 -79.18 -0.54
CA ILE IA 43 34.66 -78.99 0.12
C ILE IA 43 35.69 -80.05 -0.31
N ASN IA 44 35.27 -81.27 -0.68
CA ASN IA 44 36.16 -82.29 -1.20
C ASN IA 44 36.82 -81.94 -2.56
N PHE IA 45 36.32 -80.93 -3.26
CA PHE IA 45 36.85 -80.45 -4.54
C PHE IA 45 37.76 -79.21 -4.42
N LEU IA 46 38.27 -78.88 -3.22
CA LEU IA 46 39.40 -77.94 -3.09
C LEU IA 46 40.56 -78.33 -4.01
N GLY IA 47 41.17 -77.36 -4.68
CA GLY IA 47 42.27 -77.58 -5.61
C GLY IA 47 41.85 -78.06 -7.01
N ILE IA 48 40.60 -78.48 -7.18
CA ILE IA 48 39.94 -78.58 -8.50
C ILE IA 48 39.14 -77.28 -8.74
N PRO IA 56 47.39 -74.76 -5.30
CA PRO IA 56 47.57 -76.17 -5.63
C PRO IA 56 47.23 -77.12 -4.46
N LEU IA 57 46.98 -76.63 -3.23
CA LEU IA 57 46.61 -77.48 -2.10
C LEU IA 57 45.19 -78.05 -2.29
N ASN IA 58 45.02 -79.33 -1.97
CA ASN IA 58 43.76 -80.05 -2.15
C ASN IA 58 43.19 -80.57 -0.81
N TYR IA 59 42.06 -81.26 -0.85
CA TYR IA 59 41.38 -81.74 0.35
C TYR IA 59 42.20 -82.76 1.15
N ASP IA 60 42.99 -83.61 0.50
CA ASP IA 60 43.86 -84.56 1.23
C ASP IA 60 45.00 -83.85 1.97
N ASP IA 61 45.49 -82.73 1.45
CA ASP IA 61 46.45 -81.90 2.16
C ASP IA 61 45.86 -81.29 3.43
N LEU IA 62 44.63 -80.78 3.35
CA LEU IA 62 43.90 -80.24 4.50
C LEU IA 62 43.67 -81.31 5.57
N VAL IA 63 43.28 -82.52 5.19
CA VAL IA 63 43.11 -83.62 6.15
C VAL IA 63 44.41 -83.98 6.84
N GLU IA 64 45.54 -84.04 6.11
CA GLU IA 64 46.84 -84.30 6.72
C GLU IA 64 47.30 -83.18 7.67
N MET IA 65 47.07 -81.90 7.33
CA MET IA 65 47.34 -80.79 8.23
C MET IA 65 46.53 -80.89 9.53
N ILE IA 66 45.25 -81.25 9.44
CA ILE IA 66 44.38 -81.42 10.61
C ILE IA 66 44.84 -82.61 11.47
N LYS IA 67 45.07 -83.77 10.87
CA LYS IA 67 45.54 -84.96 11.59
C LYS IA 67 46.93 -84.79 12.20
N GLY IA 68 47.84 -84.07 11.55
CA GLY IA 68 49.15 -83.73 12.11
C GLY IA 68 49.06 -82.77 13.29
N THR IA 69 48.25 -81.72 13.16
CA THR IA 69 48.04 -80.74 14.25
C THR IA 69 47.37 -81.37 15.47
N ALA IA 70 46.47 -82.34 15.28
CA ALA IA 70 45.85 -83.05 16.39
C ALA IA 70 46.88 -83.76 17.28
N LYS IA 71 47.86 -84.47 16.70
CA LYS IA 71 48.98 -85.03 17.46
C LYS IA 71 49.78 -83.96 18.19
N GLY IA 72 50.02 -82.81 17.54
CA GLY IA 72 50.71 -81.68 18.14
C GLY IA 72 50.00 -81.15 19.39
N LEU IA 73 48.69 -80.94 19.32
CA LEU IA 73 47.85 -80.50 20.44
C LEU IA 73 47.52 -81.62 21.46
N LYS IA 74 47.93 -82.86 21.20
CA LYS IA 74 47.62 -84.06 22.01
C LYS IA 74 46.11 -84.35 22.15
N VAL IA 75 45.36 -84.22 21.05
CA VAL IA 75 43.91 -84.49 20.99
C VAL IA 75 43.59 -85.56 19.94
N LYS IA 76 42.49 -86.29 20.12
CA LYS IA 76 41.94 -87.19 19.09
C LYS IA 76 41.03 -86.40 18.18
N VAL IA 77 41.10 -86.64 16.87
CA VAL IA 77 40.26 -85.94 15.88
C VAL IA 77 39.60 -86.93 14.94
N GLU IA 78 38.33 -86.71 14.62
CA GLU IA 78 37.63 -87.33 13.50
C GLU IA 78 37.33 -86.27 12.44
N VAL IA 79 37.62 -86.54 11.17
CA VAL IA 79 37.33 -85.65 10.05
C VAL IA 79 36.31 -86.28 9.12
N PHE IA 80 35.24 -85.57 8.81
CA PHE IA 80 34.10 -86.06 8.02
C PHE IA 80 33.70 -85.06 6.93
N GLN IA 81 33.32 -85.56 5.75
CA GLN IA 81 32.74 -84.76 4.68
C GLN IA 81 31.57 -85.49 4.02
N SER IA 82 30.51 -84.78 3.69
CA SER IA 82 29.42 -85.31 2.85
C SER IA 82 28.74 -84.20 2.05
N ASN IA 83 28.22 -84.55 0.87
CA ASN IA 83 27.40 -83.65 0.06
C ASN IA 83 25.92 -83.65 0.47
N HIS IA 84 25.49 -84.50 1.40
CA HIS IA 84 24.10 -84.60 1.86
C HIS IA 84 23.84 -83.81 3.15
N GLU IA 85 22.88 -82.87 3.12
CA GLU IA 85 22.44 -82.12 4.30
C GLU IA 85 22.01 -83.05 5.44
N GLY IA 86 21.30 -84.14 5.12
CA GLY IA 86 20.83 -85.10 6.11
C GLY IA 86 21.94 -85.92 6.77
N ALA IA 87 23.01 -86.24 6.06
CA ALA IA 87 24.14 -86.98 6.64
C ALA IA 87 24.92 -86.12 7.63
N ILE IA 88 24.99 -84.80 7.42
CA ILE IA 88 25.56 -83.87 8.38
C ILE IA 88 24.71 -83.82 9.66
N ILE IA 89 23.39 -83.74 9.54
CA ILE IA 89 22.49 -83.75 10.69
C ILE IA 89 22.60 -85.09 11.45
N ASP IA 90 22.68 -86.22 10.75
CA ASP IA 90 22.94 -87.51 11.41
C ASP IA 90 24.27 -87.54 12.15
N LYS IA 91 25.35 -87.00 11.57
CA LYS IA 91 26.67 -86.93 12.21
C LYS IA 91 26.66 -86.03 13.45
N LEU IA 92 25.96 -84.91 13.42
CA LEU IA 92 25.76 -84.05 14.59
C LEU IA 92 24.96 -84.75 15.69
N GLN IA 93 23.91 -85.50 15.34
CA GLN IA 93 23.16 -86.29 16.31
C GLN IA 93 23.99 -87.45 16.87
N GLU IA 94 24.83 -88.10 16.07
CA GLU IA 94 25.75 -89.13 16.54
C GLU IA 94 26.79 -88.57 17.54
N ALA IA 95 27.30 -87.36 17.32
CA ALA IA 95 28.26 -86.73 18.21
C ALA IA 95 27.73 -86.58 19.65
N TYR IA 96 26.44 -86.27 19.81
CA TYR IA 96 25.80 -86.13 21.11
C TYR IA 96 25.80 -87.43 21.91
N TYR IA 97 25.70 -88.60 21.26
CA TYR IA 97 25.77 -89.90 21.92
C TYR IA 97 27.20 -90.43 22.14
N ASN IA 98 28.22 -89.78 21.56
CA ASN IA 98 29.61 -90.25 21.57
C ASN IA 98 30.57 -89.38 22.39
N ASP IA 99 30.04 -88.44 23.18
CA ASP IA 99 30.82 -87.57 24.09
C ASP IA 99 31.97 -86.82 23.38
N VAL IA 100 31.67 -86.25 22.22
CA VAL IA 100 32.57 -85.30 21.54
C VAL IA 100 32.72 -84.04 22.39
N ASP IA 101 33.95 -83.57 22.59
CA ASP IA 101 34.23 -82.41 23.46
C ASP IA 101 34.10 -81.06 22.74
N GLY IA 102 34.21 -81.04 21.41
CA GLY IA 102 34.01 -79.83 20.61
C GLY IA 102 33.94 -80.12 19.11
N ILE IA 103 33.28 -79.24 18.37
CA ILE IA 103 33.00 -79.39 16.95
C ILE IA 103 33.60 -78.23 16.14
N VAL IA 104 34.28 -78.54 15.04
CA VAL IA 104 34.66 -77.56 14.02
C VAL IA 104 33.83 -77.83 12.78
N ILE IA 105 33.10 -76.84 12.26
CA ILE IA 105 32.22 -77.06 11.11
C ILE IA 105 32.42 -76.01 10.01
N ASN IA 106 32.51 -76.46 8.76
CA ASN IA 106 32.49 -75.60 7.58
C ASN IA 106 31.30 -76.04 6.70
N PRO IA 107 30.13 -75.39 6.80
CA PRO IA 107 28.94 -75.83 6.09
C PRO IA 107 28.98 -75.64 4.57
N GLY IA 108 29.98 -74.96 4.01
CA GLY IA 108 29.90 -74.49 2.63
C GLY IA 108 28.67 -73.59 2.43
N ALA IA 109 27.98 -73.72 1.29
CA ALA IA 109 26.82 -72.91 0.93
C ALA IA 109 25.61 -73.05 1.88
N PHE IA 110 25.48 -74.16 2.62
CA PHE IA 110 24.38 -74.34 3.60
C PHE IA 110 24.33 -73.24 4.67
N THR IA 111 25.45 -72.56 4.90
CA THR IA 111 25.57 -71.36 5.76
C THR IA 111 24.55 -70.28 5.42
N HIS IA 112 24.12 -70.21 4.16
CA HIS IA 112 23.30 -69.12 3.61
C HIS IA 112 21.83 -69.50 3.39
N TYR IA 113 21.43 -70.76 3.67
CA TYR IA 113 20.03 -71.19 3.50
C TYR IA 113 19.54 -72.37 4.36
N SER IA 114 20.42 -73.21 4.94
CA SER IA 114 19.96 -74.39 5.67
C SER IA 114 19.52 -74.07 7.09
N TYR IA 115 18.23 -73.78 7.26
CA TYR IA 115 17.63 -73.69 8.60
C TYR IA 115 17.57 -75.06 9.30
N ALA IA 116 17.61 -76.18 8.57
CA ALA IA 116 17.67 -77.50 9.18
C ALA IA 116 19.01 -77.75 9.89
N VAL IA 117 20.15 -77.38 9.29
CA VAL IA 117 21.47 -77.51 9.91
C VAL IA 117 21.64 -76.52 11.05
N ARG IA 118 21.11 -75.30 10.94
CA ARG IA 118 21.02 -74.36 12.08
C ARG IA 118 20.33 -75.00 13.27
N ASP IA 119 19.12 -75.53 13.08
CA ASP IA 119 18.35 -76.11 14.16
C ASP IA 119 18.98 -77.42 14.69
N ALA IA 120 19.73 -78.15 13.87
CA ALA IA 120 20.52 -79.29 14.34
C ALA IA 120 21.64 -78.84 15.28
N LEU IA 121 22.40 -77.80 14.94
CA LEU IA 121 23.42 -77.20 15.81
C LEU IA 121 22.80 -76.64 17.09
N ALA IA 122 21.62 -76.02 17.02
CA ALA IA 122 20.90 -75.56 18.20
C ALA IA 122 20.45 -76.71 19.12
N SER IA 123 20.13 -77.89 18.56
CA SER IA 123 19.68 -79.05 19.35
C SER IA 123 20.76 -79.67 20.25
N ILE IA 124 22.04 -79.41 19.97
CA ILE IA 124 23.19 -79.94 20.73
C ILE IA 124 23.96 -78.84 21.48
N ALA IA 125 23.23 -77.89 22.08
CA ALA IA 125 23.79 -76.71 22.75
C ALA IA 125 24.82 -77.01 23.87
N ALA IA 126 24.84 -78.23 24.42
CA ALA IA 126 25.82 -78.66 25.40
C ALA IA 126 27.26 -78.78 24.87
N ILE IA 127 27.46 -78.90 23.55
CA ILE IA 127 28.78 -79.10 22.93
C ILE IA 127 29.23 -77.77 22.28
N PRO IA 128 30.45 -77.27 22.55
CA PRO IA 128 30.95 -76.05 21.92
C PRO IA 128 31.28 -76.28 20.44
N LYS IA 129 30.93 -75.32 19.57
CA LYS IA 129 31.22 -75.38 18.14
C LYS IA 129 31.82 -74.09 17.60
N ILE IA 130 32.79 -74.21 16.70
CA ILE IA 130 33.38 -73.11 15.94
C ILE IA 130 33.05 -73.28 14.46
N GLU IA 131 32.54 -72.23 13.80
CA GLU IA 131 32.28 -72.24 12.36
C GLU IA 131 33.49 -71.71 11.57
N VAL IA 132 33.86 -72.36 10.46
CA VAL IA 132 35.04 -72.02 9.66
C VAL IA 132 34.67 -71.74 8.21
N HIS IA 133 35.17 -70.65 7.63
CA HIS IA 133 35.13 -70.37 6.19
C HIS IA 133 36.53 -70.10 5.63
N ILE IA 134 36.88 -70.82 4.56
CA ILE IA 134 38.21 -70.72 3.93
C ILE IA 134 38.37 -69.37 3.22
N SER IA 135 37.38 -68.98 2.42
CA SER IA 135 37.34 -67.69 1.74
C SER IA 135 36.52 -66.65 2.53
N ASN IA 136 36.64 -65.37 2.15
CA ASN IA 136 36.03 -64.22 2.84
C ASN IA 136 34.52 -64.08 2.58
N VAL IA 137 33.73 -65.14 2.83
CA VAL IA 137 32.34 -65.29 2.35
C VAL IA 137 31.42 -64.10 2.62
N THR IA 146 25.12 -62.54 4.77
CA THR IA 146 24.56 -62.88 6.10
C THR IA 146 24.31 -64.39 6.21
N SER IA 147 24.48 -64.94 7.41
CA SER IA 147 24.58 -66.39 7.66
C SER IA 147 23.60 -66.87 8.71
N VAL IA 148 22.99 -68.04 8.51
CA VAL IA 148 21.96 -68.59 9.44
C VAL IA 148 22.55 -69.44 10.57
N THR IA 149 23.74 -70.03 10.37
CA THR IA 149 24.41 -70.96 11.32
C THR IA 149 25.33 -70.26 12.35
N VAL IA 150 25.72 -69.00 12.15
CA VAL IA 150 26.62 -68.26 13.06
C VAL IA 150 26.11 -68.09 14.49
N PRO IA 151 24.88 -67.59 14.76
CA PRO IA 151 24.47 -67.25 16.12
C PRO IA 151 24.24 -68.45 17.05
N VAL IA 152 24.18 -69.67 16.51
CA VAL IA 152 24.08 -70.93 17.27
C VAL IA 152 25.46 -71.57 17.56
N CYS IA 153 26.56 -70.85 17.27
CA CYS IA 153 27.95 -71.28 17.51
C CYS IA 153 28.70 -70.35 18.47
N GLN IA 154 29.75 -70.86 19.12
CA GLN IA 154 30.55 -70.11 20.10
C GLN IA 154 31.62 -69.20 19.45
N GLY IA 155 31.84 -69.29 18.15
CA GLY IA 155 32.72 -68.40 17.39
C GLY IA 155 32.76 -68.72 15.90
N GLU IA 156 33.25 -67.78 15.10
CA GLU IA 156 33.51 -67.96 13.66
C GLU IA 156 34.94 -67.56 13.30
N VAL IA 157 35.57 -68.31 12.38
CA VAL IA 157 36.88 -68.01 11.80
C VAL IA 157 36.72 -67.90 10.28
N VAL IA 158 37.07 -66.76 9.70
CA VAL IA 158 36.75 -66.45 8.28
C VAL IA 158 37.96 -65.92 7.54
N GLY IA 159 38.20 -66.41 6.32
CA GLY IA 159 39.14 -65.81 5.37
C GLY IA 159 40.62 -66.09 5.63
N LEU IA 160 40.96 -66.95 6.59
CA LEU IA 160 42.34 -67.33 6.91
C LEU IA 160 42.83 -68.55 6.11
N GLY IA 161 42.15 -68.92 5.02
CA GLY IA 161 42.51 -70.08 4.21
C GLY IA 161 42.40 -71.40 4.99
N LEU IA 162 43.28 -72.35 4.69
CA LEU IA 162 43.35 -73.63 5.41
C LEU IA 162 43.86 -73.44 6.86
N GLY IA 163 44.47 -72.30 7.19
CA GLY IA 163 44.85 -71.95 8.56
C GLY IA 163 43.65 -71.76 9.50
N GLY IA 164 42.45 -71.47 9.00
CA GLY IA 164 41.27 -71.26 9.83
C GLY IA 164 40.87 -72.49 10.67
N TYR IA 165 41.07 -73.70 10.15
CA TYR IA 165 40.85 -74.92 10.91
C TYR IA 165 41.80 -75.06 12.09
N LEU IA 166 43.04 -74.60 11.95
CA LEU IA 166 44.06 -74.68 13.00
C LEU IA 166 43.75 -73.69 14.13
N ALA IA 167 43.29 -72.48 13.81
CA ALA IA 167 42.77 -71.57 14.83
C ALA IA 167 41.56 -72.17 15.57
N ALA IA 168 40.60 -72.75 14.85
CA ALA IA 168 39.41 -73.33 15.47
C ALA IA 168 39.76 -74.46 16.45
N MET IA 169 40.70 -75.35 16.11
CA MET IA 169 41.17 -76.36 17.05
C MET IA 169 41.88 -75.74 18.27
N GLY IA 170 42.69 -74.70 18.07
CA GLY IA 170 43.28 -73.96 19.17
C GLY IA 170 42.23 -73.33 20.10
N MET IA 171 41.21 -72.70 19.56
CA MET IA 171 40.11 -72.11 20.33
C MET IA 171 39.29 -73.14 21.10
N LEU IA 172 39.24 -74.41 20.68
CA LEU IA 172 38.57 -75.47 21.43
C LEU IA 172 39.45 -76.07 22.53
N VAL IA 173 40.78 -76.12 22.35
CA VAL IA 173 41.71 -76.55 23.40
C VAL IA 173 41.81 -75.51 24.53
N GLU IA 174 41.62 -74.23 24.21
CA GLU IA 174 41.56 -73.11 25.16
C GLU IA 174 40.21 -72.99 25.88
N MET JA 33 -45.82 -20.54 84.25
CA MET JA 33 -44.74 -20.73 83.25
C MET JA 33 -43.39 -20.96 83.95
N LYS JA 34 -42.60 -21.91 83.45
CA LYS JA 34 -41.26 -22.29 83.93
C LYS JA 34 -40.19 -22.02 82.86
N ILE JA 35 -39.19 -21.21 83.18
CA ILE JA 35 -38.07 -20.85 82.29
C ILE JA 35 -36.77 -21.49 82.80
N LEU JA 36 -35.91 -21.93 81.89
CA LEU JA 36 -34.56 -22.41 82.21
C LEU JA 36 -33.49 -21.52 81.57
N VAL JA 37 -32.54 -21.02 82.37
CA VAL JA 37 -31.40 -20.22 81.90
C VAL JA 37 -30.12 -21.04 82.01
N ILE JA 38 -29.40 -21.21 80.91
CA ILE JA 38 -28.15 -21.98 80.83
C ILE JA 38 -26.98 -21.06 80.44
N ASN JA 39 -25.95 -21.03 81.27
CA ASN JA 39 -24.70 -20.32 81.01
C ASN JA 39 -23.55 -21.31 80.75
N GLY JA 40 -22.81 -21.10 79.68
CA GLY JA 40 -21.69 -21.95 79.27
C GLY JA 40 -20.41 -21.75 80.09
N PRO JA 41 -19.26 -22.23 79.58
CA PRO JA 41 -17.98 -22.08 80.25
C PRO JA 41 -17.55 -20.62 80.40
N ASN JA 42 -16.74 -20.34 81.42
CA ASN JA 42 -16.16 -19.02 81.74
C ASN JA 42 -17.15 -17.93 82.21
N ILE JA 43 -18.46 -18.06 82.03
CA ILE JA 43 -19.43 -17.02 82.39
C ILE JA 43 -19.45 -16.72 83.90
N ASN JA 44 -19.15 -17.69 84.75
CA ASN JA 44 -19.03 -17.47 86.19
C ASN JA 44 -17.89 -16.50 86.58
N PHE JA 45 -16.94 -16.22 85.69
CA PHE JA 45 -15.86 -15.26 85.87
C PHE JA 45 -16.17 -13.85 85.32
N LEU JA 46 -17.43 -13.52 85.01
CA LEU JA 46 -17.83 -12.12 84.80
C LEU JA 46 -17.34 -11.22 85.95
N GLY JA 47 -16.80 -10.06 85.61
CA GLY JA 47 -16.25 -9.10 86.58
C GLY JA 47 -14.85 -9.44 87.10
N ILE JA 48 -14.35 -10.65 86.85
CA ILE JA 48 -12.92 -10.99 86.95
C ILE JA 48 -12.28 -10.87 85.57
N PRO JA 56 -17.69 -3.56 86.75
CA PRO JA 56 -17.63 -4.06 88.12
C PRO JA 56 -18.71 -5.11 88.45
N LEU JA 57 -19.76 -5.24 87.64
CA LEU JA 57 -20.82 -6.23 87.85
C LEU JA 57 -20.31 -7.65 87.65
N ASN JA 58 -20.69 -8.58 88.53
CA ASN JA 58 -20.23 -9.97 88.52
C ASN JA 58 -21.37 -10.97 88.26
N TYR JA 59 -21.06 -12.27 88.26
CA TYR JA 59 -22.05 -13.30 87.98
C TYR JA 59 -23.19 -13.36 89.02
N ASP JA 60 -22.93 -13.10 90.29
CA ASP JA 60 -24.00 -13.07 91.30
C ASP JA 60 -24.94 -11.87 91.11
N ASP JA 61 -24.45 -10.74 90.60
CA ASP JA 61 -25.30 -9.63 90.21
C ASP JA 61 -26.25 -10.00 89.07
N LEU JA 62 -25.74 -10.68 88.04
CA LEU JA 62 -26.56 -11.20 86.94
C LEU JA 62 -27.61 -12.21 87.43
N VAL JA 63 -27.26 -13.11 88.34
CA VAL JA 63 -28.24 -14.06 88.89
C VAL JA 63 -29.35 -13.33 89.66
N GLU JA 64 -29.01 -12.35 90.49
CA GLU JA 64 -30.03 -11.58 91.21
C GLU JA 64 -30.92 -10.75 90.27
N MET JA 65 -30.36 -10.15 89.21
CA MET JA 65 -31.16 -9.47 88.18
C MET JA 65 -32.16 -10.42 87.50
N ILE JA 66 -31.75 -11.63 87.15
CA ILE JA 66 -32.64 -12.62 86.52
C ILE JA 66 -33.71 -13.08 87.52
N LYS JA 67 -33.35 -13.42 88.75
CA LYS JA 67 -34.33 -13.88 89.76
C LYS JA 67 -35.32 -12.78 90.16
N GLY JA 68 -34.89 -11.52 90.24
CA GLY JA 68 -35.79 -10.40 90.49
C GLY JA 68 -36.75 -10.17 89.32
N THR JA 69 -36.25 -10.21 88.09
CA THR JA 69 -37.09 -10.04 86.89
C THR JA 69 -38.11 -11.15 86.74
N ALA JA 70 -37.78 -12.40 87.10
CA ALA JA 70 -38.71 -13.51 87.05
C ALA JA 70 -39.96 -13.27 87.92
N LYS JA 71 -39.80 -12.77 89.15
CA LYS JA 71 -40.92 -12.38 90.01
C LYS JA 71 -41.75 -11.27 89.39
N GLY JA 72 -41.10 -10.28 88.78
CA GLY JA 72 -41.77 -9.20 88.07
C GLY JA 72 -42.65 -9.68 86.92
N LEU JA 73 -42.13 -10.59 86.09
CA LEU JA 73 -42.87 -11.22 84.99
C LEU JA 73 -43.84 -12.32 85.45
N LYS JA 74 -43.88 -12.65 86.75
CA LYS JA 74 -44.68 -13.73 87.34
C LYS JA 74 -44.40 -15.12 86.75
N VAL JA 75 -43.12 -15.46 86.57
CA VAL JA 75 -42.63 -16.76 86.08
C VAL JA 75 -41.69 -17.42 87.07
N LYS JA 76 -41.61 -18.75 87.07
CA LYS JA 76 -40.57 -19.49 87.80
C LYS JA 76 -39.32 -19.65 86.92
N VAL JA 77 -38.14 -19.51 87.50
CA VAL JA 77 -36.88 -19.60 86.76
C VAL JA 77 -35.86 -20.49 87.48
N GLU JA 78 -35.14 -21.30 86.71
CA GLU JA 78 -33.94 -22.00 87.14
C GLU JA 78 -32.73 -21.43 86.40
N VAL JA 79 -31.66 -21.08 87.13
CA VAL JA 79 -30.42 -20.58 86.53
C VAL JA 79 -29.28 -21.56 86.77
N PHE JA 80 -28.59 -21.97 85.70
CA PHE JA 80 -27.56 -23.00 85.72
C PHE JA 80 -26.29 -22.56 84.99
N GLN JA 81 -25.13 -22.95 85.49
CA GLN JA 81 -23.84 -22.77 84.82
C GLN JA 81 -22.96 -24.00 84.98
N SER JA 82 -22.22 -24.37 83.93
CA SER JA 82 -21.16 -25.37 84.03
C SER JA 82 -20.05 -25.13 83.00
N ASN JA 83 -18.81 -25.51 83.33
CA ASN JA 83 -17.71 -25.51 82.39
C ASN JA 83 -17.65 -26.78 81.52
N HIS JA 84 -18.46 -27.80 81.79
CA HIS JA 84 -18.47 -29.07 81.05
C HIS JA 84 -19.53 -29.08 79.94
N GLU JA 85 -19.11 -29.30 78.70
CA GLU JA 85 -20.01 -29.44 77.54
C GLU JA 85 -21.06 -30.53 77.76
N GLY JA 86 -20.67 -31.68 78.33
CA GLY JA 86 -21.58 -32.78 78.60
C GLY JA 86 -22.61 -32.48 79.69
N ALA JA 87 -22.30 -31.65 80.68
CA ALA JA 87 -23.25 -31.27 81.72
C ALA JA 87 -24.35 -30.35 81.17
N ILE JA 88 -24.02 -29.53 80.17
CA ILE JA 88 -25.02 -28.72 79.44
C ILE JA 88 -25.95 -29.63 78.65
N ILE JA 89 -25.43 -30.62 77.92
CA ILE JA 89 -26.26 -31.57 77.17
C ILE JA 89 -27.15 -32.39 78.12
N ASP JA 90 -26.65 -32.84 79.27
CA ASP JA 90 -27.48 -33.47 80.28
C ASP JA 90 -28.59 -32.55 80.80
N LYS JA 91 -28.31 -31.27 81.04
CA LYS JA 91 -29.29 -30.28 81.49
C LYS JA 91 -30.37 -30.04 80.43
N LEU JA 92 -30.00 -29.92 79.16
CA LEU JA 92 -30.96 -29.82 78.05
C LEU JA 92 -31.83 -31.07 77.92
N GLN JA 93 -31.26 -32.27 78.08
CA GLN JA 93 -32.04 -33.50 78.08
C GLN JA 93 -32.95 -33.63 79.30
N GLU JA 94 -32.51 -33.19 80.48
CA GLU JA 94 -33.35 -33.14 81.66
C GLU JA 94 -34.53 -32.18 81.48
N ALA JA 95 -34.34 -31.03 80.83
CA ALA JA 95 -35.39 -30.06 80.59
C ALA JA 95 -36.57 -30.65 79.81
N TYR JA 96 -36.31 -31.51 78.83
CA TYR JA 96 -37.33 -32.20 78.06
C TYR JA 96 -38.25 -33.09 78.91
N TYR JA 97 -37.71 -33.75 79.93
CA TYR JA 97 -38.49 -34.57 80.87
C TYR JA 97 -39.17 -33.79 81.99
N ASN JA 98 -38.92 -32.49 82.11
CA ASN JA 98 -39.39 -31.66 83.23
C ASN JA 98 -40.36 -30.54 82.81
N ASP JA 99 -40.87 -30.57 81.57
CA ASP JA 99 -41.88 -29.64 81.06
C ASP JA 99 -41.50 -28.15 81.21
N VAL JA 100 -40.24 -27.82 80.89
CA VAL JA 100 -39.77 -26.44 80.73
C VAL JA 100 -40.49 -25.77 79.56
N ASP JA 101 -40.99 -24.55 79.75
CA ASP JA 101 -41.77 -23.82 78.73
C ASP JA 101 -40.89 -23.02 77.76
N GLY JA 102 -39.66 -22.68 78.14
CA GLY JA 102 -38.71 -21.99 77.28
C GLY JA 102 -37.31 -21.93 77.86
N ILE JA 103 -36.31 -21.84 76.99
CA ILE JA 103 -34.89 -21.88 77.35
C ILE JA 103 -34.19 -20.59 76.92
N VAL JA 104 -33.41 -20.00 77.82
CA VAL JA 104 -32.46 -18.92 77.49
C VAL JA 104 -31.06 -19.52 77.60
N ILE JA 105 -30.24 -19.43 76.56
CA ILE JA 105 -28.90 -20.02 76.57
C ILE JA 105 -27.82 -19.07 76.10
N ASN JA 106 -26.72 -18.99 76.85
CA ASN JA 106 -25.49 -18.31 76.46
C ASN JA 106 -24.36 -19.35 76.43
N PRO JA 107 -24.03 -19.94 75.27
CA PRO JA 107 -23.05 -21.01 75.19
C PRO JA 107 -21.61 -20.58 75.46
N GLY JA 108 -21.31 -19.29 75.56
CA GLY JA 108 -19.93 -18.82 75.51
C GLY JA 108 -19.24 -19.26 74.22
N ALA JA 109 -17.98 -19.68 74.30
CA ALA JA 109 -17.17 -20.09 73.14
C ALA JA 109 -17.72 -21.30 72.37
N PHE JA 110 -18.50 -22.20 72.99
CA PHE JA 110 -19.12 -23.35 72.32
C PHE JA 110 -19.97 -22.97 71.10
N THR JA 111 -20.47 -21.73 71.05
CA THR JA 111 -21.17 -21.13 69.92
C THR JA 111 -20.42 -21.26 68.60
N HIS JA 112 -19.09 -21.26 68.65
CA HIS JA 112 -18.22 -21.20 67.48
C HIS JA 112 -17.63 -22.56 67.08
N TYR JA 113 -17.91 -23.65 67.81
CA TYR JA 113 -17.37 -24.98 67.48
C TYR JA 113 -18.16 -26.21 67.97
N SER JA 114 -19.04 -26.12 68.98
CA SER JA 114 -19.71 -27.30 69.52
C SER JA 114 -20.91 -27.75 68.69
N TYR JA 115 -20.65 -28.59 67.70
CA TYR JA 115 -21.73 -29.26 66.97
C TYR JA 115 -22.50 -30.25 67.87
N ALA JA 116 -21.94 -30.72 68.98
CA ALA JA 116 -22.67 -31.56 69.93
C ALA JA 116 -23.77 -30.78 70.66
N VAL JA 117 -23.50 -29.54 71.11
CA VAL JA 117 -24.52 -28.69 71.75
C VAL JA 117 -25.56 -28.23 70.73
N ARG JA 118 -25.17 -27.92 69.49
CA ARG JA 118 -26.11 -27.67 68.40
C ARG JA 118 -27.09 -28.84 68.23
N ASP JA 119 -26.58 -30.06 68.09
CA ASP JA 119 -27.44 -31.22 67.89
C ASP JA 119 -28.25 -31.56 69.14
N ALA JA 120 -27.80 -31.21 70.35
CA ALA JA 120 -28.61 -31.30 71.55
C ALA JA 120 -29.80 -30.34 71.50
N LEU JA 121 -29.59 -29.08 71.12
CA LEU JA 121 -30.66 -28.10 70.93
C LEU JA 121 -31.60 -28.51 69.80
N ALA JA 122 -31.10 -29.11 68.72
CA ALA JA 122 -31.94 -29.65 67.66
C ALA JA 122 -32.82 -30.83 68.13
N SER JA 123 -32.34 -31.63 69.09
CA SER JA 123 -33.08 -32.79 69.59
C SER JA 123 -34.33 -32.44 70.40
N ILE JA 124 -34.37 -31.27 71.04
CA ILE JA 124 -35.50 -30.80 71.88
C ILE JA 124 -36.37 -29.76 71.16
N ALA JA 125 -36.56 -29.89 69.85
CA ALA JA 125 -37.22 -28.91 68.98
C ALA JA 125 -38.64 -28.46 69.40
N ALA JA 126 -39.33 -29.23 70.25
CA ALA JA 126 -40.63 -28.85 70.81
C ALA JA 126 -40.57 -27.63 71.76
N ILE JA 127 -39.41 -27.29 72.31
CA ILE JA 127 -39.24 -26.23 73.31
C ILE JA 127 -38.62 -24.99 72.63
N PRO JA 128 -39.19 -23.77 72.80
CA PRO JA 128 -38.61 -22.55 72.24
C PRO JA 128 -37.33 -22.14 73.00
N LYS JA 129 -36.30 -21.71 72.27
CA LYS JA 129 -35.04 -21.23 72.85
C LYS JA 129 -34.57 -19.91 72.26
N ILE JA 130 -34.04 -19.03 73.11
CA ILE JA 130 -33.36 -17.79 72.71
C ILE JA 130 -31.87 -17.89 73.05
N GLU JA 131 -31.00 -17.62 72.08
CA GLU JA 131 -29.56 -17.52 72.31
C GLU JA 131 -29.16 -16.10 72.74
N VAL JA 132 -28.25 -15.96 73.69
CA VAL JA 132 -27.82 -14.67 74.26
C VAL JA 132 -26.30 -14.52 74.24
N HIS JA 133 -25.80 -13.36 73.82
CA HIS JA 133 -24.39 -12.97 73.98
C HIS JA 133 -24.24 -11.59 74.62
N ILE JA 134 -23.37 -11.49 75.63
CA ILE JA 134 -23.19 -10.26 76.41
C ILE JA 134 -22.45 -9.21 75.59
N SER JA 135 -21.32 -9.57 74.98
CA SER JA 135 -20.52 -8.73 74.09
C SER JA 135 -20.86 -8.96 72.61
N ASN JA 136 -20.40 -8.07 71.73
CA ASN JA 136 -20.71 -8.04 70.30
C ASN JA 136 -19.98 -9.14 69.49
N VAL JA 137 -20.10 -10.41 69.88
CA VAL JA 137 -19.22 -11.51 69.43
C VAL JA 137 -19.09 -11.65 67.91
N THR JA 146 -19.16 -16.15 62.73
CA THR JA 146 -20.31 -17.02 62.40
C THR JA 146 -20.49 -18.10 63.48
N SER JA 147 -21.72 -18.56 63.70
CA SER JA 147 -22.12 -19.35 64.87
C SER JA 147 -22.87 -20.63 64.48
N VAL JA 148 -22.59 -21.76 65.15
CA VAL JA 148 -23.19 -23.07 64.81
C VAL JA 148 -24.53 -23.34 65.50
N THR JA 149 -24.79 -22.71 66.66
CA THR JA 149 -26.01 -22.90 67.48
C THR JA 149 -27.20 -22.00 67.10
N VAL JA 150 -26.99 -20.91 66.37
CA VAL JA 150 -28.04 -19.94 66.00
C VAL JA 150 -29.21 -20.53 65.19
N PRO JA 151 -29.00 -21.32 64.11
CA PRO JA 151 -30.11 -21.74 63.23
C PRO JA 151 -31.06 -22.78 63.87
N VAL JA 152 -30.69 -23.37 65.00
CA VAL JA 152 -31.53 -24.29 65.80
C VAL JA 152 -32.25 -23.59 66.97
N CYS JA 153 -32.21 -22.25 67.03
CA CYS JA 153 -32.88 -21.42 68.03
C CYS JA 153 -33.91 -20.46 67.41
N GLN JA 154 -34.92 -20.04 68.18
CA GLN JA 154 -36.01 -19.19 67.70
C GLN JA 154 -35.68 -17.68 67.68
N GLY JA 155 -34.54 -17.28 68.24
CA GLY JA 155 -34.02 -15.91 68.20
C GLY JA 155 -32.63 -15.79 68.83
N GLU JA 156 -31.92 -14.72 68.52
CA GLU JA 156 -30.67 -14.33 69.16
C GLU JA 156 -30.72 -12.90 69.66
N VAL JA 157 -30.12 -12.63 70.83
CA VAL JA 157 -29.92 -11.30 71.40
C VAL JA 157 -28.43 -11.08 71.63
N VAL JA 158 -27.84 -10.03 71.04
CA VAL JA 158 -26.38 -9.84 71.02
C VAL JA 158 -25.99 -8.42 71.41
N GLY JA 159 -24.97 -8.30 72.27
CA GLY JA 159 -24.27 -7.04 72.52
C GLY JA 159 -25.00 -6.04 73.44
N LEU JA 160 -26.14 -6.42 74.03
CA LEU JA 160 -26.90 -5.57 74.96
C LEU JA 160 -26.46 -5.70 76.42
N GLY JA 161 -25.28 -6.25 76.69
CA GLY JA 161 -24.76 -6.46 78.05
C GLY JA 161 -25.61 -7.42 78.87
N LEU JA 162 -25.70 -7.20 80.17
CA LEU JA 162 -26.54 -8.01 81.07
C LEU JA 162 -28.04 -7.79 80.78
N GLY JA 163 -28.42 -6.75 80.04
CA GLY JA 163 -29.79 -6.53 79.57
C GLY JA 163 -30.26 -7.57 78.54
N GLY JA 164 -29.36 -8.27 77.86
CA GLY JA 164 -29.73 -9.27 76.85
C GLY JA 164 -30.57 -10.43 77.40
N TYR JA 165 -30.29 -10.87 78.62
CA TYR JA 165 -31.10 -11.89 79.30
C TYR JA 165 -32.52 -11.41 79.59
N LEU JA 166 -32.70 -10.13 79.93
CA LEU JA 166 -34.01 -9.60 80.27
C LEU JA 166 -34.89 -9.48 79.02
N ALA JA 167 -34.33 -9.06 77.88
CA ALA JA 167 -35.04 -9.14 76.61
C ALA JA 167 -35.40 -10.57 76.24
N ALA JA 168 -34.48 -11.53 76.40
CA ALA JA 168 -34.75 -12.93 76.08
C ALA JA 168 -35.90 -13.51 76.93
N MET JA 169 -35.97 -13.20 78.21
CA MET JA 169 -37.14 -13.58 79.03
C MET JA 169 -38.43 -12.91 78.55
N GLY JA 170 -38.39 -11.62 78.20
CA GLY JA 170 -39.53 -10.95 77.59
C GLY JA 170 -40.01 -11.62 76.31
N MET JA 171 -39.09 -11.97 75.40
CA MET JA 171 -39.42 -12.67 74.16
C MET JA 171 -40.02 -14.07 74.37
N LEU JA 172 -39.79 -14.72 75.51
CA LEU JA 172 -40.41 -16.01 75.83
C LEU JA 172 -41.79 -15.85 76.48
N VAL JA 173 -42.03 -14.80 77.25
CA VAL JA 173 -43.36 -14.50 77.80
C VAL JA 173 -44.32 -14.03 76.70
N GLU JA 174 -43.83 -13.30 75.70
CA GLU JA 174 -44.60 -12.82 74.54
C GLU JA 174 -45.01 -13.93 73.56
N MET KA 33 82.26 42.02 33.15
CA MET KA 33 81.32 41.60 32.08
C MET KA 33 81.18 42.70 31.03
N LYS KA 34 81.17 42.33 29.74
CA LYS KA 34 81.02 43.21 28.57
C LYS KA 34 79.74 42.89 27.79
N ILE KA 35 78.87 43.88 27.59
CA ILE KA 35 77.60 43.78 26.85
C ILE KA 35 77.70 44.55 25.53
N LEU KA 36 77.12 44.00 24.47
CA LEU KA 36 76.96 44.70 23.19
C LEU KA 36 75.49 44.95 22.88
N VAL KA 37 75.12 46.20 22.60
CA VAL KA 37 73.77 46.60 22.19
C VAL KA 37 73.75 46.99 20.72
N ILE KA 38 72.90 46.34 19.93
CA ILE KA 38 72.78 46.57 18.49
C ILE KA 38 71.38 47.06 18.13
N ASN KA 39 71.31 48.23 17.50
CA ASN KA 39 70.09 48.83 16.97
C ASN KA 39 70.07 48.79 15.43
N GLY KA 40 68.97 48.33 14.85
CA GLY KA 40 68.78 48.22 13.40
C GLY KA 40 68.48 49.53 12.68
N PRO KA 41 68.00 49.46 11.43
CA PRO KA 41 67.67 50.64 10.64
C PRO KA 41 66.53 51.44 11.27
N ASN KA 42 66.48 52.74 10.99
CA ASN KA 42 65.45 53.69 11.45
C ASN KA 42 65.40 53.99 12.97
N ILE KA 43 66.05 53.22 13.84
CA ILE KA 43 65.99 53.42 15.29
C ILE KA 43 66.59 54.77 15.73
N ASN KA 44 67.58 55.30 15.01
CA ASN KA 44 68.16 56.62 15.26
C ASN KA 44 67.17 57.78 15.09
N PHE KA 45 66.02 57.56 14.45
CA PHE KA 45 64.95 58.54 14.27
C PHE KA 45 63.83 58.44 15.32
N LEU KA 46 64.03 57.76 16.45
CA LEU KA 46 63.15 57.90 17.62
C LEU KA 46 62.98 59.37 18.00
N GLY KA 47 61.75 59.77 18.30
CA GLY KA 47 61.38 61.16 18.61
C GLY KA 47 61.20 62.06 17.39
N ILE KA 48 61.55 61.58 16.19
CA ILE KA 48 61.20 62.20 14.90
C ILE KA 48 60.07 61.38 14.25
N PRO KA 56 58.44 62.52 23.41
CA PRO KA 56 59.54 63.46 23.22
C PRO KA 56 60.94 62.82 23.39
N LEU KA 57 61.04 61.62 23.97
CA LEU KA 57 62.34 60.95 24.14
C LEU KA 57 62.92 60.51 22.81
N ASN KA 58 64.19 60.85 22.56
CA ASN KA 58 64.88 60.56 21.32
C ASN KA 58 65.97 59.48 21.49
N TYR KA 59 66.72 59.19 20.43
CA TYR KA 59 67.76 58.18 20.46
C TYR KA 59 68.92 58.51 21.42
N ASP KA 60 69.31 59.78 21.59
CA ASP KA 60 70.35 60.15 22.54
C ASP KA 60 69.89 59.96 23.99
N ASP KA 61 68.62 60.17 24.30
CA ASP KA 61 68.04 59.86 25.60
C ASP KA 61 68.12 58.35 25.90
N LEU KA 62 67.76 57.51 24.93
CA LEU KA 62 67.89 56.06 25.05
C LEU KA 62 69.34 55.63 25.29
N VAL KA 63 70.29 56.19 24.54
CA VAL KA 63 71.72 55.86 24.72
C VAL KA 63 72.20 56.25 26.11
N GLU KA 64 71.82 57.42 26.62
CA GLU KA 64 72.21 57.83 27.98
C GLU KA 64 71.58 56.95 29.05
N MET KA 65 70.31 56.55 28.92
CA MET KA 65 69.68 55.61 29.84
C MET KA 65 70.41 54.26 29.88
N ILE KA 66 70.80 53.73 28.72
CA ILE KA 66 71.56 52.47 28.64
C ILE KA 66 72.94 52.62 29.27
N LYS KA 67 73.70 53.67 28.94
CA LYS KA 67 75.04 53.89 29.53
C LYS KA 67 75.00 54.13 31.03
N GLY KA 68 74.01 54.85 31.55
CA GLY KA 68 73.86 55.07 32.99
C GLY KA 68 73.47 53.78 33.72
N THR KA 69 72.60 52.97 33.15
CA THR KA 69 72.24 51.67 33.71
C THR KA 69 73.41 50.70 33.74
N ALA KA 70 74.29 50.72 32.74
CA ALA KA 70 75.49 49.87 32.73
C ALA KA 70 76.40 50.12 33.94
N LYS KA 71 76.65 51.40 34.29
CA LYS KA 71 77.39 51.74 35.52
C LYS KA 71 76.67 51.24 36.77
N GLY KA 72 75.36 51.37 36.83
CA GLY KA 72 74.55 50.86 37.94
C GLY KA 72 74.68 49.36 38.14
N LEU KA 73 74.64 48.59 37.05
CA LEU KA 73 74.82 47.13 37.06
C LEU KA 73 76.30 46.68 37.15
N LYS KA 74 77.26 47.61 37.16
CA LYS KA 74 78.72 47.34 37.16
C LYS KA 74 79.18 46.51 35.95
N VAL KA 75 78.68 46.82 34.75
CA VAL KA 75 79.06 46.19 33.48
C VAL KA 75 79.59 47.23 32.49
N LYS KA 76 80.44 46.80 31.54
CA LYS KA 76 80.83 47.63 30.39
C LYS KA 76 79.84 47.43 29.25
N VAL KA 77 79.49 48.49 28.52
CA VAL KA 77 78.55 48.44 27.40
C VAL KA 77 79.08 49.18 26.18
N GLU KA 78 78.89 48.58 25.01
CA GLU KA 78 79.01 49.25 23.71
C GLU KA 78 77.63 49.34 23.06
N VAL KA 79 77.24 50.52 22.59
CA VAL KA 79 75.98 50.73 21.88
C VAL KA 79 76.25 51.10 20.43
N PHE KA 80 75.63 50.38 19.49
CA PHE KA 80 75.87 50.51 18.06
C PHE KA 80 74.56 50.62 17.28
N GLN KA 81 74.53 51.44 16.24
CA GLN KA 81 73.39 51.54 15.31
C GLN KA 81 73.86 51.66 13.86
N SER KA 82 73.19 50.99 12.92
CA SER KA 82 73.40 51.18 11.49
C SER KA 82 72.16 50.94 10.66
N ASN KA 83 72.04 51.63 9.53
CA ASN KA 83 70.99 51.38 8.53
C ASN KA 83 71.36 50.24 7.56
N HIS KA 84 72.59 49.73 7.57
CA HIS KA 84 73.04 48.67 6.66
C HIS KA 84 72.94 47.29 7.30
N GLU KA 85 72.24 46.35 6.66
CA GLU KA 85 72.14 44.95 7.08
C GLU KA 85 73.53 44.29 7.21
N GLY KA 86 74.42 44.53 6.26
CA GLY KA 86 75.78 43.98 6.29
C GLY KA 86 76.65 44.52 7.42
N ALA KA 87 76.47 45.77 7.84
CA ALA KA 87 77.23 46.33 8.96
C ALA KA 87 76.83 45.71 10.30
N ILE KA 88 75.57 45.31 10.45
CA ILE KA 88 75.11 44.54 11.61
C ILE KA 88 75.78 43.17 11.62
N ILE KA 89 75.82 42.46 10.48
CA ILE KA 89 76.48 41.16 10.38
C ILE KA 89 77.98 41.28 10.67
N ASP KA 90 78.66 42.31 10.17
CA ASP KA 90 80.05 42.57 10.53
C ASP KA 90 80.24 42.82 12.04
N LYS KA 91 79.34 43.56 12.69
CA LYS KA 91 79.36 43.81 14.13
C LYS KA 91 79.16 42.52 14.93
N LEU KA 92 78.24 41.65 14.53
CA LEU KA 92 78.03 40.35 15.15
C LEU KA 92 79.24 39.43 15.00
N GLN KA 93 79.89 39.42 13.84
CA GLN KA 93 81.11 38.64 13.63
C GLN KA 93 82.28 39.23 14.43
N GLU KA 94 82.41 40.56 14.52
CA GLU KA 94 83.41 41.18 15.39
C GLU KA 94 83.21 40.82 16.87
N ALA KA 95 81.97 40.73 17.34
CA ALA KA 95 81.67 40.36 18.72
C ALA KA 95 82.24 38.97 19.09
N TYR KA 96 82.21 38.01 18.17
CA TYR KA 96 82.76 36.67 18.40
C TYR KA 96 84.27 36.68 18.66
N TYR KA 97 85.02 37.56 17.99
CA TYR KA 97 86.46 37.71 18.19
C TYR KA 97 86.85 38.58 19.38
N ASN KA 98 85.91 39.26 20.03
CA ASN KA 98 86.16 40.24 21.08
C ASN KA 98 85.60 39.86 22.46
N ASP KA 99 85.17 38.60 22.64
CA ASP KA 99 84.72 38.06 23.93
C ASP KA 99 83.61 38.89 24.59
N VAL KA 100 82.60 39.28 23.81
CA VAL KA 100 81.35 39.81 24.35
C VAL KA 100 80.64 38.73 25.17
N ASP KA 101 80.16 39.07 26.36
CA ASP KA 101 79.50 38.11 27.26
C ASP KA 101 78.01 37.95 26.98
N GLY KA 102 77.36 38.94 26.34
CA GLY KA 102 75.97 38.86 25.92
C GLY KA 102 75.56 40.00 25.00
N ILE KA 103 74.52 39.77 24.19
CA ILE KA 103 74.06 40.70 23.15
C ILE KA 103 72.61 41.11 23.37
N VAL KA 104 72.32 42.41 23.30
CA VAL KA 104 70.95 42.93 23.21
C VAL KA 104 70.75 43.45 21.79
N ILE KA 105 69.71 43.00 21.08
CA ILE KA 105 69.48 43.42 19.70
C ILE KA 105 68.04 43.86 19.44
N ASN KA 106 67.89 45.00 18.77
CA ASN KA 106 66.62 45.46 18.23
C ASN KA 106 66.76 45.57 16.71
N PRO KA 107 66.34 44.57 15.93
CA PRO KA 107 66.57 44.55 14.49
C PRO KA 107 65.73 45.57 13.70
N GLY KA 108 64.74 46.24 14.30
CA GLY KA 108 63.75 47.00 13.55
C GLY KA 108 63.00 46.11 12.56
N ALA KA 109 62.74 46.61 11.34
CA ALA KA 109 61.99 45.88 10.31
C ALA KA 109 62.65 44.57 9.84
N PHE KA 110 63.98 44.41 9.96
CA PHE KA 110 64.69 43.17 9.59
C PHE KA 110 64.17 41.92 10.33
N THR KA 111 63.52 42.11 11.47
CA THR KA 111 62.80 41.06 12.23
C THR KA 111 61.83 40.26 11.38
N HIS KA 112 61.24 40.88 10.36
CA HIS KA 112 60.14 40.34 9.58
C HIS KA 112 60.56 39.79 8.21
N TYR KA 113 61.84 39.90 7.83
CA TYR KA 113 62.32 39.39 6.53
C TYR KA 113 63.81 39.01 6.44
N SER KA 114 64.71 39.45 7.32
CA SER KA 114 66.15 39.21 7.14
C SER KA 114 66.58 37.82 7.62
N TYR KA 115 66.51 36.84 6.72
CA TYR KA 115 67.11 35.53 6.97
C TYR KA 115 68.64 35.60 7.05
N ALA KA 116 69.28 36.62 6.47
CA ALA KA 116 70.72 36.82 6.61
C ALA KA 116 71.11 37.17 8.06
N VAL KA 117 70.39 38.07 8.73
CA VAL KA 117 70.64 38.42 10.14
C VAL KA 117 70.25 37.27 11.07
N ARG KA 118 69.15 36.55 10.79
CA ARG KA 118 68.84 35.30 11.50
C ARG KA 118 70.02 34.33 11.48
N ASP KA 119 70.53 34.02 10.30
CA ASP KA 119 71.63 33.07 10.17
C ASP KA 119 72.94 33.60 10.74
N ALA KA 120 73.16 34.93 10.76
CA ALA KA 120 74.29 35.52 11.48
C ALA KA 120 74.19 35.28 12.99
N LEU KA 121 73.02 35.50 13.60
CA LEU KA 121 72.78 35.21 15.01
C LEU KA 121 72.90 33.72 15.30
N ALA KA 122 72.47 32.85 14.39
CA ALA KA 122 72.66 31.41 14.54
C ALA KA 122 74.14 31.00 14.48
N SER KA 123 74.98 31.72 13.73
CA SER KA 123 76.41 31.41 13.62
C SER KA 123 77.22 31.65 14.91
N ILE KA 124 76.71 32.47 15.83
CA ILE KA 124 77.38 32.83 17.10
C ILE KA 124 76.67 32.24 18.32
N ALA KA 125 76.18 31.00 18.22
CA ALA KA 125 75.38 30.34 19.24
C ALA KA 125 76.03 30.21 20.64
N ALA KA 126 77.35 30.39 20.76
CA ALA KA 126 78.03 30.41 22.04
C ALA KA 126 77.69 31.64 22.90
N ILE KA 127 77.19 32.73 22.31
CA ILE KA 127 76.90 33.99 23.02
C ILE KA 127 75.38 34.10 23.26
N PRO KA 128 74.93 34.38 24.49
CA PRO KA 128 73.51 34.58 24.78
C PRO KA 128 73.02 35.92 24.21
N LYS KA 129 71.85 35.93 23.56
CA LYS KA 129 71.24 37.14 23.00
C LYS KA 129 69.79 37.30 23.39
N ILE KA 130 69.39 38.54 23.66
CA ILE KA 130 68.00 38.95 23.92
C ILE KA 130 67.54 39.89 22.80
N GLU KA 131 66.40 39.60 22.19
CA GLU KA 131 65.77 40.48 21.21
C GLU KA 131 64.81 41.50 21.87
N VAL KA 132 64.80 42.75 21.41
CA VAL KA 132 64.00 43.84 22.00
C VAL KA 132 63.15 44.54 20.94
N HIS KA 133 61.88 44.82 21.25
CA HIS KA 133 61.02 45.72 20.48
C HIS KA 133 60.37 46.79 21.34
N ILE KA 134 60.44 48.04 20.89
CA ILE KA 134 59.96 49.20 21.66
C ILE KA 134 58.43 49.23 21.68
N SER KA 135 57.79 49.13 20.51
CA SER KA 135 56.35 49.02 20.35
C SER KA 135 55.89 47.56 20.17
N ASN KA 136 54.59 47.29 20.27
CA ASN KA 136 53.98 45.96 20.32
C ASN KA 136 53.93 45.25 18.95
N VAL KA 137 55.07 45.08 18.26
CA VAL KA 137 55.15 44.70 16.83
C VAL KA 137 54.31 43.49 16.44
N THR KA 146 54.58 37.62 12.83
CA THR KA 146 55.55 36.53 13.09
C THR KA 146 56.97 36.98 12.69
N SER KA 147 57.99 36.49 13.41
CA SER KA 147 59.37 37.00 13.35
C SER KA 147 60.39 35.92 13.01
N VAL KA 148 61.42 36.24 12.23
CA VAL KA 148 62.44 35.27 11.79
C VAL KA 148 63.63 35.14 12.74
N THR KA 149 63.92 36.18 13.54
CA THR KA 149 65.08 36.28 14.45
C THR KA 149 64.84 35.77 15.89
N VAL KA 150 63.59 35.57 16.30
CA VAL KA 150 63.23 35.14 17.67
C VAL KA 150 63.76 33.73 18.04
N PRO KA 151 63.59 32.67 17.24
CA PRO KA 151 63.95 31.31 17.68
C PRO KA 151 65.46 31.06 17.79
N VAL KA 152 66.31 31.94 17.24
CA VAL KA 152 67.78 31.88 17.36
C VAL KA 152 68.31 32.69 18.55
N CYS KA 153 67.43 33.18 19.43
CA CYS KA 153 67.74 33.98 20.62
C CYS KA 153 67.21 33.35 21.92
N GLN KA 154 67.80 33.68 23.07
CA GLN KA 154 67.43 33.11 24.37
C GLN KA 154 66.22 33.77 25.04
N GLY KA 155 65.70 34.87 24.49
CA GLY KA 155 64.48 35.53 24.94
C GLY KA 155 64.12 36.76 24.10
N GLU KA 156 62.87 37.19 24.21
CA GLU KA 156 62.38 38.44 23.61
C GLU KA 156 61.68 39.32 24.65
N VAL KA 157 61.87 40.63 24.57
CA VAL KA 157 61.17 41.65 25.38
C VAL KA 157 60.42 42.59 24.43
N VAL KA 158 59.10 42.70 24.56
CA VAL KA 158 58.26 43.40 23.56
C VAL KA 158 57.30 44.38 24.22
N GLY KA 159 57.20 45.59 23.68
CA GLY KA 159 56.15 46.56 24.02
C GLY KA 159 56.34 47.33 25.33
N LEU KA 160 57.50 47.21 25.99
CA LEU KA 160 57.79 47.91 27.25
C LEU KA 160 58.43 49.30 27.05
N GLY KA 161 58.37 49.86 25.84
CA GLY KA 161 59.00 51.15 25.53
C GLY KA 161 60.52 51.10 25.65
N LEU KA 162 61.15 52.22 26.03
CA LEU KA 162 62.60 52.29 26.25
C LEU KA 162 63.04 51.46 27.46
N GLY KA 163 62.12 51.10 28.36
CA GLY KA 163 62.38 50.19 29.47
C GLY KA 163 62.75 48.75 29.06
N GLY KA 164 62.38 48.31 27.85
CA GLY KA 164 62.69 46.95 27.38
C GLY KA 164 64.18 46.65 27.30
N TYR KA 165 65.02 47.62 26.96
CA TYR KA 165 66.48 47.45 26.98
C TYR KA 165 67.01 47.21 28.39
N LEU KA 166 66.41 47.84 29.40
CA LEU KA 166 66.84 47.71 30.78
C LEU KA 166 66.52 46.33 31.35
N ALA KA 167 65.34 45.79 31.02
CA ALA KA 167 65.05 44.39 31.30
C ALA KA 167 66.03 43.45 30.60
N ALA KA 168 66.32 43.65 29.31
CA ALA KA 168 67.23 42.79 28.59
C ALA KA 168 68.65 42.77 29.19
N MET KA 169 69.19 43.93 29.60
CA MET KA 169 70.46 43.98 30.33
C MET KA 169 70.38 43.24 31.68
N GLY KA 170 69.27 43.39 32.42
CA GLY KA 170 69.04 42.64 33.65
C GLY KA 170 69.04 41.13 33.42
N MET KA 171 68.31 40.65 32.40
CA MET KA 171 68.27 39.24 32.04
C MET KA 171 69.62 38.66 31.62
N LEU KA 172 70.57 39.47 31.14
CA LEU KA 172 71.92 39.01 30.82
C LEU KA 172 72.85 39.02 32.04
N VAL KA 173 72.64 39.89 33.01
CA VAL KA 173 73.39 39.89 34.28
C VAL KA 173 72.97 38.71 35.17
N GLU KA 174 71.70 38.29 35.11
CA GLU KA 174 71.15 37.15 35.84
C GLU KA 174 71.61 35.77 35.31
N MET LA 33 62.97 63.53 40.46
CA MET LA 33 61.90 62.50 40.50
C MET LA 33 62.16 61.50 41.63
N LYS LA 34 61.11 61.09 42.35
CA LYS LA 34 61.13 60.15 43.48
C LYS LA 34 60.27 58.91 43.18
N ILE LA 35 60.87 57.72 43.24
CA ILE LA 35 60.21 56.42 42.99
C ILE LA 35 60.11 55.63 44.31
N LEU LA 36 58.99 54.93 44.52
CA LEU LA 36 58.81 54.00 45.63
C LEU LA 36 58.65 52.55 45.13
N VAL LA 37 59.47 51.64 45.62
CA VAL LA 37 59.41 50.21 45.29
C VAL LA 37 58.91 49.41 46.49
N ILE LA 38 57.81 48.68 46.34
CA ILE LA 38 57.19 47.88 47.39
C ILE LA 38 57.23 46.40 47.03
N ASN LA 39 57.82 45.60 47.92
CA ASN LA 39 57.86 44.14 47.84
C ASN LA 39 56.95 43.50 48.90
N GLY LA 40 56.12 42.54 48.49
CA GLY LA 40 55.17 41.83 49.35
C GLY LA 40 55.79 40.77 50.26
N PRO LA 41 54.95 39.91 50.86
CA PRO LA 41 55.41 38.83 51.73
C PRO LA 41 56.28 37.83 50.98
N ASN LA 42 57.18 37.15 51.70
CA ASN LA 42 58.11 36.12 51.20
C ASN LA 42 59.19 36.56 50.20
N ILE LA 43 59.11 37.75 49.61
CA ILE LA 43 60.10 38.25 48.62
C ILE LA 43 61.50 38.38 49.23
N ASN LA 44 61.63 38.63 50.53
CA ASN LA 44 62.92 38.68 51.20
C ASN LA 44 63.66 37.33 51.25
N PHE LA 45 62.99 36.23 50.96
CA PHE LA 45 63.56 34.88 50.88
C PHE LA 45 63.96 34.44 49.46
N LEU LA 46 64.10 35.36 48.50
CA LEU LA 46 64.79 35.07 47.23
C LEU LA 46 66.17 34.45 47.49
N GLY LA 47 66.53 33.44 46.70
CA GLY LA 47 67.78 32.70 46.84
C GLY LA 47 67.80 31.67 47.98
N ILE LA 48 66.78 31.66 48.84
CA ILE LA 48 66.49 30.56 49.79
C ILE LA 48 65.32 29.73 49.26
N PRO LA 56 71.04 31.70 42.14
CA PRO LA 56 71.85 32.03 43.31
C PRO LA 56 71.69 33.48 43.80
N LEU LA 57 71.06 34.37 43.01
CA LEU LA 57 70.84 35.77 43.42
C LEU LA 57 69.83 35.87 44.57
N ASN LA 58 70.12 36.72 45.55
CA ASN LA 58 69.27 36.91 46.73
C ASN LA 58 68.62 38.30 46.76
N TYR LA 59 67.85 38.59 47.81
CA TYR LA 59 67.13 39.86 47.94
C TYR LA 59 68.07 41.08 48.02
N ASP LA 60 69.23 40.98 48.66
CA ASP LA 60 70.17 42.10 48.72
C ASP LA 60 70.81 42.39 47.35
N ASP LA 61 71.01 41.38 46.50
CA ASP LA 61 71.43 41.59 45.13
C ASP LA 61 70.40 42.39 44.33
N LEU LA 62 69.11 42.09 44.48
CA LEU LA 62 68.03 42.84 43.86
C LEU LA 62 68.00 44.30 44.35
N VAL LA 63 68.17 44.54 45.64
CA VAL LA 63 68.22 45.91 46.17
C VAL LA 63 69.39 46.67 45.59
N GLU LA 64 70.58 46.08 45.48
CA GLU LA 64 71.74 46.76 44.89
C GLU LA 64 71.54 47.05 43.40
N MET LA 65 70.97 46.13 42.61
CA MET LA 65 70.62 46.40 41.22
C MET LA 65 69.66 47.58 41.08
N ILE LA 66 68.63 47.67 41.93
CA ILE LA 66 67.66 48.78 41.91
C ILE LA 66 68.33 50.10 42.31
N LYS LA 67 69.11 50.13 43.40
CA LYS LA 67 69.79 51.36 43.83
C LYS LA 67 70.84 51.84 42.84
N GLY LA 68 71.57 50.95 42.19
CA GLY LA 68 72.50 51.29 41.13
C GLY LA 68 71.81 51.83 39.88
N THR LA 69 70.71 51.20 39.47
CA THR LA 69 69.92 51.67 38.31
C THR LA 69 69.27 53.03 38.59
N ALA LA 70 68.85 53.32 39.81
CA ALA LA 70 68.29 54.61 40.18
C ALA LA 70 69.29 55.76 39.94
N LYS LA 71 70.54 55.61 40.37
CA LYS LA 71 71.61 56.57 40.04
C LYS LA 71 71.81 56.71 38.54
N GLY LA 72 71.80 55.60 37.79
CA GLY LA 72 71.91 55.61 36.34
C GLY LA 72 70.81 56.42 35.65
N LEU LA 73 69.55 56.21 36.05
CA LEU LA 73 68.39 56.94 35.55
C LEU LA 73 68.24 58.36 36.15
N LYS LA 74 69.11 58.78 37.05
CA LYS LA 74 69.07 60.08 37.75
C LYS LA 74 67.77 60.31 38.54
N VAL LA 75 67.31 59.30 39.27
CA VAL LA 75 66.12 59.33 40.14
C VAL LA 75 66.46 58.96 41.57
N LYS LA 76 65.67 59.44 42.54
CA LYS LA 76 65.74 58.97 43.94
C LYS LA 76 64.80 57.78 44.12
N VAL LA 77 65.23 56.77 44.88
CA VAL LA 77 64.44 55.55 45.11
C VAL LA 77 64.38 55.18 46.58
N GLU LA 78 63.20 54.76 47.04
CA GLU LA 78 63.01 54.05 48.32
C GLU LA 78 62.58 52.62 48.02
N VAL LA 79 63.23 51.63 48.65
CA VAL LA 79 62.87 50.21 48.52
C VAL LA 79 62.37 49.68 49.86
N PHE LA 80 61.19 49.07 49.87
CA PHE LA 80 60.51 48.60 51.08
C PHE LA 80 60.01 47.15 50.91
N GLN LA 81 60.11 46.35 51.97
CA GLN LA 81 59.51 45.01 52.02
C GLN LA 81 58.84 44.77 53.37
N SER LA 82 57.68 44.12 53.39
CA SER LA 82 57.06 43.64 54.63
C SER LA 82 56.24 42.38 54.42
N ASN LA 83 56.16 41.52 55.43
CA ASN LA 83 55.26 40.38 55.44
C ASN LA 83 53.83 40.75 55.88
N HIS LA 84 53.57 41.97 56.35
CA HIS LA 84 52.25 42.40 56.83
C HIS LA 84 51.46 43.16 55.76
N GLU LA 85 50.27 42.67 55.43
CA GLU LA 85 49.33 43.34 54.50
C GLU LA 85 49.03 44.78 54.92
N GLY LA 86 48.82 45.02 56.22
CA GLY LA 86 48.55 46.36 56.74
C GLY LA 86 49.74 47.31 56.68
N ALA LA 87 50.97 46.82 56.76
CA ALA LA 87 52.15 47.68 56.62
C ALA LA 87 52.34 48.15 55.17
N ILE LA 88 51.95 47.34 54.19
CA ILE LA 88 51.92 47.75 52.79
C ILE LA 88 50.84 48.81 52.56
N ILE LA 89 49.63 48.64 53.09
CA ILE LA 89 48.58 49.66 52.99
C ILE LA 89 49.01 50.97 53.67
N ASP LA 90 49.63 50.91 54.85
CA ASP LA 90 50.21 52.09 55.49
C ASP LA 90 51.28 52.78 54.61
N LYS LA 91 52.18 52.02 53.98
CA LYS LA 91 53.20 52.55 53.09
C LYS LA 91 52.58 53.21 51.85
N LEU LA 92 51.54 52.63 51.26
CA LEU LA 92 50.81 53.24 50.15
C LEU LA 92 50.11 54.53 50.58
N GLN LA 93 49.50 54.58 51.76
CA GLN LA 93 48.91 55.82 52.28
C GLN LA 93 49.96 56.88 52.60
N GLU LA 94 51.11 56.49 53.15
CA GLU LA 94 52.22 57.42 53.40
C GLU LA 94 52.77 58.03 52.10
N ALA LA 95 52.84 57.27 51.01
CA ALA LA 95 53.33 57.76 49.72
C ALA LA 95 52.54 58.97 49.22
N TYR LA 96 51.22 58.96 49.41
CA TYR LA 96 50.33 60.04 49.01
C TYR LA 96 50.62 61.37 49.72
N TYR LA 97 51.06 61.33 50.98
CA TYR LA 97 51.45 62.52 51.74
C TYR LA 97 52.90 62.97 51.49
N ASN LA 98 53.68 62.23 50.70
CA ASN LA 98 55.12 62.45 50.51
C ASN LA 98 55.53 62.74 49.06
N ASP LA 99 54.57 62.99 48.18
CA ASP LA 99 54.80 63.41 46.78
C ASP LA 99 55.69 62.43 45.98
N VAL LA 100 55.48 61.13 46.16
CA VAL LA 100 56.04 60.09 45.30
C VAL LA 100 55.52 60.26 43.88
N ASP LA 101 56.41 60.20 42.88
CA ASP LA 101 56.07 60.41 41.47
C ASP LA 101 55.58 59.14 40.77
N GLY LA 102 55.97 57.97 41.24
CA GLY LA 102 55.50 56.69 40.73
C GLY LA 102 55.88 55.51 41.64
N ILE LA 103 55.11 54.43 41.55
CA ILE LA 103 55.22 53.25 42.42
C ILE LA 103 55.49 52.00 41.59
N VAL LA 104 56.47 51.19 41.99
CA VAL LA 104 56.67 49.83 41.47
C VAL LA 104 56.28 48.85 42.56
N ILE LA 105 55.38 47.91 42.29
CA ILE LA 105 54.89 46.98 43.30
C ILE LA 105 54.93 45.52 42.86
N ASN LA 106 55.44 44.65 43.72
CA ASN LA 106 55.37 43.20 43.58
C ASN LA 106 54.63 42.63 44.79
N PRO LA 107 53.31 42.41 44.72
CA PRO LA 107 52.53 41.99 45.88
C PRO LA 107 52.79 40.56 46.36
N GLY LA 108 53.55 39.74 45.63
CA GLY LA 108 53.62 38.31 45.88
C GLY LA 108 52.25 37.66 45.79
N ALA LA 109 51.93 36.74 46.72
CA ALA LA 109 50.67 36.01 46.74
C ALA LA 109 49.42 36.89 46.95
N PHE LA 110 49.53 38.08 47.56
CA PHE LA 110 48.38 39.00 47.74
C PHE LA 110 47.72 39.40 46.42
N THR LA 111 48.43 39.27 45.31
CA THR LA 111 47.93 39.46 43.93
C THR LA 111 46.67 38.65 43.64
N HIS LA 112 46.54 37.49 44.29
CA HIS LA 112 45.51 36.48 43.99
C HIS LA 112 44.35 36.47 45.00
N TYR LA 113 44.37 37.31 46.04
CA TYR LA 113 43.28 37.39 47.03
C TYR LA 113 43.09 38.72 47.79
N SER LA 114 44.08 39.62 47.85
CA SER LA 114 43.94 40.82 48.69
C SER LA 114 43.14 41.93 48.01
N TYR LA 115 41.82 41.89 48.17
CA TYR LA 115 40.98 43.02 47.78
C TYR LA 115 41.26 44.27 48.62
N ALA LA 116 41.84 44.14 49.83
CA ALA LA 116 42.24 45.30 50.62
C ALA LA 116 43.40 46.07 49.99
N VAL LA 117 44.43 45.39 49.48
CA VAL LA 117 45.55 46.04 48.78
C VAL LA 117 45.11 46.57 47.41
N ARG LA 118 44.24 45.86 46.69
CA ARG LA 118 43.59 46.41 45.48
C ARG LA 118 42.93 47.75 45.76
N ASP LA 119 42.06 47.80 46.76
CA ASP LA 119 41.34 49.03 47.09
C ASP LA 119 42.26 50.11 47.68
N ALA LA 120 43.38 49.75 48.30
CA ALA LA 120 44.42 50.71 48.69
C ALA LA 120 45.06 51.36 47.46
N LEU LA 121 45.45 50.57 46.45
CA LEU LA 121 45.97 51.09 45.18
C LEU LA 121 44.93 51.94 44.44
N ALA LA 122 43.65 51.57 44.48
CA ALA LA 122 42.58 52.39 43.91
C ALA LA 122 42.43 53.74 44.63
N SER LA 123 42.67 53.81 45.95
CA SER LA 123 42.53 55.04 46.72
C SER LA 123 43.55 56.13 46.35
N ILE LA 124 44.70 55.76 45.79
CA ILE LA 124 45.77 56.68 45.36
C ILE LA 124 45.85 56.80 43.84
N ALA LA 125 44.70 56.85 43.15
CA ALA LA 125 44.61 56.89 41.69
C ALA LA 125 45.39 58.03 41.01
N ALA LA 126 45.76 59.08 41.72
CA ALA LA 126 46.59 60.17 41.21
C ALA LA 126 48.05 59.77 40.90
N ILE LA 127 48.56 58.68 41.45
CA ILE LA 127 49.96 58.26 41.29
C ILE LA 127 50.03 57.08 40.31
N PRO LA 128 50.90 57.09 39.28
CA PRO LA 128 51.07 55.97 38.37
C PRO LA 128 51.80 54.80 39.06
N LYS LA 129 51.31 53.57 38.84
CA LYS LA 129 51.95 52.36 39.38
C LYS LA 129 52.13 51.27 38.33
N ILE LA 130 53.24 50.55 38.41
CA ILE LA 130 53.52 49.35 37.62
C ILE LA 130 53.58 48.13 38.54
N GLU LA 131 52.85 47.07 38.22
CA GLU LA 131 52.93 45.79 38.92
C GLU LA 131 54.01 44.87 38.31
N VAL LA 132 54.77 44.16 39.15
CA VAL LA 132 55.89 43.31 38.72
C VAL LA 132 55.76 41.89 39.28
N HIS LA 133 55.99 40.86 38.47
CA HIS LA 133 56.18 39.47 38.90
C HIS LA 133 57.48 38.87 38.40
N ILE LA 134 58.27 38.26 39.29
CA ILE LA 134 59.58 37.70 38.95
C ILE LA 134 59.41 36.44 38.09
N SER LA 135 58.56 35.51 38.52
CA SER LA 135 58.19 34.30 37.77
C SER LA 135 56.87 34.48 37.00
N ASN LA 136 56.58 33.56 36.08
CA ASN LA 136 55.43 33.60 35.17
C ASN LA 136 54.09 33.24 35.86
N VAL LA 137 53.71 33.95 36.93
CA VAL LA 137 52.63 33.56 37.85
C VAL LA 137 51.30 33.20 37.16
N THR LA 146 44.45 34.29 37.49
CA THR LA 146 43.81 35.63 37.42
C THR LA 146 44.19 36.44 38.66
N SER LA 147 44.29 37.77 38.52
CA SER LA 147 44.86 38.68 39.52
C SER LA 147 43.94 39.85 39.83
N VAL LA 148 43.83 40.24 41.11
CA VAL LA 148 42.89 41.29 41.55
C VAL LA 148 43.47 42.71 41.49
N THR LA 149 44.80 42.86 41.55
CA THR LA 149 45.52 44.15 41.63
C THR LA 149 45.88 44.79 40.26
N VAL LA 150 45.86 44.01 39.17
CA VAL LA 150 46.24 44.49 37.82
C VAL LA 150 45.39 45.65 37.28
N PRO LA 151 44.04 45.63 37.31
CA PRO LA 151 43.23 46.65 36.63
C PRO LA 151 43.30 48.06 37.26
N VAL LA 152 43.84 48.18 38.48
CA VAL LA 152 44.07 49.47 39.17
C VAL LA 152 45.51 50.01 39.00
N CYS LA 153 46.27 49.44 38.06
CA CYS LA 153 47.65 49.85 37.72
C CYS LA 153 47.77 50.27 36.25
N GLN LA 154 48.79 51.07 35.92
CA GLN LA 154 49.03 51.51 34.53
C GLN LA 154 49.66 50.43 33.64
N GLY LA 155 50.25 49.38 34.21
CA GLY LA 155 50.79 48.24 33.47
C GLY LA 155 51.29 47.13 34.38
N GLU LA 156 51.54 45.96 33.80
CA GLU LA 156 52.16 44.81 34.45
C GLU LA 156 53.41 44.35 33.67
N VAL LA 157 54.44 43.91 34.39
CA VAL LA 157 55.65 43.27 33.85
C VAL LA 157 55.79 41.89 34.47
N VAL LA 158 55.83 40.82 33.67
CA VAL LA 158 55.75 39.45 34.18
C VAL LA 158 56.83 38.54 33.58
N GLY LA 159 57.50 37.76 34.42
CA GLY LA 159 58.34 36.64 33.99
C GLY LA 159 59.74 37.02 33.47
N LEU LA 160 60.15 38.28 33.57
CA LEU LA 160 61.48 38.74 33.14
C LEU LA 160 62.55 38.59 34.25
N GLY LA 161 62.28 37.83 35.30
CA GLY LA 161 63.20 37.66 36.43
C GLY LA 161 63.42 38.97 37.19
N LEU LA 162 64.62 39.18 37.72
CA LEU LA 162 64.96 40.44 38.40
C LEU LA 162 65.07 41.63 37.42
N GLY LA 163 65.12 41.40 36.11
CA GLY LA 163 65.09 42.45 35.11
C GLY LA 163 63.76 43.21 35.05
N GLY LA 164 62.65 42.63 35.52
CA GLY LA 164 61.32 43.24 35.47
C GLY LA 164 61.20 44.56 36.24
N TYR LA 165 61.90 44.69 37.37
CA TYR LA 165 61.96 45.94 38.13
C TYR LA 165 62.64 47.06 37.32
N LEU LA 166 63.65 46.74 36.54
CA LEU LA 166 64.40 47.71 35.75
C LEU LA 166 63.55 48.23 34.59
N ALA LA 167 62.80 47.35 33.92
CA ALA LA 167 61.80 47.80 32.95
C ALA LA 167 60.72 48.66 33.59
N ALA LA 168 60.20 48.29 34.76
CA ALA LA 168 59.18 49.08 35.45
C ALA LA 168 59.68 50.49 35.80
N MET LA 169 60.91 50.65 36.30
CA MET LA 169 61.50 51.97 36.50
C MET LA 169 61.66 52.74 35.18
N GLY LA 170 62.07 52.07 34.10
CA GLY LA 170 62.11 52.69 32.77
C GLY LA 170 60.75 53.20 32.32
N MET LA 171 59.70 52.39 32.46
CA MET LA 171 58.33 52.77 32.12
C MET LA 171 57.80 53.96 32.96
N LEU LA 172 58.28 54.17 34.18
CA LEU LA 172 57.91 55.32 35.00
C LEU LA 172 58.69 56.59 34.64
N VAL LA 173 59.94 56.47 34.19
CA VAL LA 173 60.73 57.62 33.72
C VAL LA 173 60.22 58.13 32.37
N GLU LA 174 59.73 57.24 31.51
CA GLU LA 174 59.13 57.54 30.20
C GLU LA 174 57.78 58.29 30.28
N MET MA 33 61.80 75.93 -4.91
CA MET MA 33 61.48 74.53 -4.57
C MET MA 33 62.65 73.61 -4.86
N LYS MA 34 62.95 72.68 -3.95
CA LYS MA 34 64.00 71.65 -4.05
C LYS MA 34 63.39 70.24 -4.08
N ILE MA 35 63.68 69.46 -5.12
CA ILE MA 35 63.20 68.08 -5.31
C ILE MA 35 64.37 67.10 -5.16
N LEU MA 36 64.12 65.91 -4.61
CA LEU MA 36 65.09 64.82 -4.54
C LEU MA 36 64.57 63.59 -5.30
N VAL MA 37 65.35 63.07 -6.24
CA VAL MA 37 65.03 61.85 -6.98
C VAL MA 37 65.94 60.71 -6.52
N ILE MA 38 65.35 59.60 -6.08
CA ILE MA 38 66.08 58.41 -5.59
C ILE MA 38 65.77 57.21 -6.47
N ASN MA 39 66.82 56.61 -7.03
CA ASN MA 39 66.77 55.38 -7.81
C ASN MA 39 67.40 54.21 -7.02
N GLY MA 40 66.72 53.09 -6.95
CA GLY MA 40 67.16 51.90 -6.22
C GLY MA 40 68.21 51.05 -6.97
N PRO MA 41 68.44 49.80 -6.53
CA PRO MA 41 69.38 48.89 -7.17
C PRO MA 41 69.01 48.58 -8.62
N ASN MA 42 70.01 48.25 -9.44
CA ASN MA 42 69.90 47.88 -10.85
C ASN MA 42 69.46 48.98 -11.83
N ILE MA 43 68.90 50.12 -11.38
CA ILE MA 43 68.41 51.18 -12.27
C ILE MA 43 69.53 51.81 -13.11
N ASN MA 44 70.78 51.83 -12.62
CA ASN MA 44 71.92 52.32 -13.40
C ASN MA 44 72.25 51.46 -14.63
N PHE MA 45 71.71 50.24 -14.74
CA PHE MA 45 71.87 49.34 -15.88
C PHE MA 45 70.72 49.40 -16.90
N LEU MA 46 69.85 50.42 -16.87
CA LEU MA 46 68.93 50.70 -17.99
C LEU MA 46 69.69 50.77 -19.32
N GLY MA 47 69.12 50.16 -20.36
CA GLY MA 47 69.75 50.07 -21.69
C GLY MA 47 70.81 48.98 -21.83
N ILE MA 48 71.28 48.39 -20.74
CA ILE MA 48 72.03 47.13 -20.72
C ILE MA 48 71.06 45.98 -20.40
N PRO MA 56 66.97 51.58 -26.39
CA PRO MA 56 68.35 52.02 -26.48
C PRO MA 56 68.70 53.13 -25.47
N LEU MA 57 67.73 53.77 -24.83
CA LEU MA 57 67.97 54.82 -23.82
C LEU MA 57 68.59 54.25 -22.56
N ASN MA 58 69.59 54.93 -22.00
CA ASN MA 58 70.31 54.49 -20.81
C ASN MA 58 70.09 55.42 -19.60
N TYR MA 59 70.73 55.12 -18.48
CA TYR MA 59 70.57 55.89 -17.26
C TYR MA 59 71.03 57.35 -17.39
N ASP MA 60 72.08 57.66 -18.16
CA ASP MA 60 72.52 59.03 -18.37
C ASP MA 60 71.48 59.85 -19.17
N ASP MA 61 70.78 59.22 -20.11
CA ASP MA 61 69.67 59.86 -20.83
C ASP MA 61 68.53 60.22 -19.88
N LEU MA 62 68.17 59.32 -18.96
CA LEU MA 62 67.17 59.59 -17.94
C LEU MA 62 67.59 60.74 -17.01
N VAL MA 63 68.86 60.78 -16.57
CA VAL MA 63 69.35 61.89 -15.74
C VAL MA 63 69.25 63.22 -16.49
N GLU MA 64 69.66 63.27 -17.76
CA GLU MA 64 69.55 64.49 -18.56
C GLU MA 64 68.10 64.95 -18.79
N MET MA 65 67.17 64.03 -19.05
CA MET MA 65 65.75 64.36 -19.12
C MET MA 65 65.22 64.96 -17.81
N ILE MA 66 65.59 64.41 -16.65
CA ILE MA 66 65.19 64.93 -15.35
C ILE MA 66 65.79 66.32 -15.12
N LYS MA 67 67.10 66.50 -15.34
CA LYS MA 67 67.77 67.80 -15.15
C LYS MA 67 67.27 68.88 -16.10
N GLY MA 68 66.98 68.54 -17.36
CA GLY MA 68 66.39 69.49 -18.30
C GLY MA 68 64.97 69.90 -17.90
N THR MA 69 64.15 68.95 -17.48
CA THR MA 69 62.78 69.23 -17.01
C THR MA 69 62.76 70.08 -15.75
N ALA MA 70 63.73 69.90 -14.84
CA ALA MA 70 63.85 70.74 -13.65
C ALA MA 70 64.03 72.22 -13.98
N LYS MA 71 64.90 72.56 -14.94
CA LYS MA 71 65.02 73.95 -15.43
C LYS MA 71 63.71 74.45 -16.02
N GLY MA 72 63.02 73.63 -16.81
CA GLY MA 72 61.72 73.98 -17.39
C GLY MA 72 60.65 74.30 -16.35
N LEU MA 73 60.55 73.49 -15.30
CA LEU MA 73 59.63 73.71 -14.17
C LEU MA 73 60.12 74.76 -13.17
N LYS MA 74 61.32 75.31 -13.34
CA LYS MA 74 61.95 76.29 -12.44
C LYS MA 74 62.13 75.75 -11.00
N VAL MA 75 62.58 74.51 -10.87
CA VAL MA 75 62.88 73.84 -9.59
C VAL MA 75 64.33 73.36 -9.54
N LYS MA 76 64.93 73.29 -8.35
CA LYS MA 76 66.23 72.62 -8.15
C LYS MA 76 66.00 71.12 -7.94
N VAL MA 77 66.87 70.27 -8.49
CA VAL MA 77 66.77 68.82 -8.36
C VAL MA 77 68.13 68.20 -8.02
N GLU MA 78 68.12 67.22 -7.11
CA GLU MA 78 69.22 66.30 -6.87
C GLU MA 78 68.81 64.89 -7.31
N VAL MA 79 69.64 64.22 -8.10
CA VAL MA 79 69.40 62.84 -8.55
C VAL MA 79 70.42 61.90 -7.93
N PHE MA 80 69.95 60.83 -7.29
CA PHE MA 80 70.77 59.86 -6.56
C PHE MA 80 70.44 58.42 -6.96
N GLN MA 81 71.46 57.56 -7.05
CA GLN MA 81 71.30 56.12 -7.22
C GLN MA 81 72.28 55.35 -6.34
N SER MA 82 71.83 54.24 -5.73
CA SER MA 82 72.72 53.30 -5.04
C SER MA 82 72.16 51.88 -5.07
N ASN MA 83 73.05 50.89 -5.05
CA ASN MA 83 72.68 49.48 -4.90
C ASN MA 83 72.49 49.06 -3.43
N HIS MA 84 72.81 49.91 -2.46
CA HIS MA 84 72.74 49.59 -1.03
C HIS MA 84 71.44 50.10 -0.40
N GLU MA 85 70.65 49.20 0.21
CA GLU MA 85 69.43 49.55 0.96
C GLU MA 85 69.71 50.57 2.07
N GLY MA 86 70.82 50.43 2.79
CA GLY MA 86 71.20 51.35 3.86
C GLY MA 86 71.58 52.74 3.37
N ALA MA 87 72.18 52.88 2.19
CA ALA MA 87 72.53 54.18 1.63
C ALA MA 87 71.29 54.97 1.21
N ILE MA 88 70.22 54.29 0.77
CA ILE MA 88 68.93 54.91 0.50
C ILE MA 88 68.31 55.44 1.78
N ILE MA 89 68.31 54.65 2.86
CA ILE MA 89 67.78 55.08 4.16
C ILE MA 89 68.58 56.27 4.70
N ASP MA 90 69.90 56.26 4.59
CA ASP MA 90 70.73 57.42 4.94
C ASP MA 90 70.36 58.66 4.12
N LYS MA 91 70.13 58.53 2.81
CA LYS MA 91 69.72 59.64 1.93
C LYS MA 91 68.33 60.18 2.30
N LEU MA 92 67.37 59.33 2.64
CA LEU MA 92 66.06 59.78 3.14
C LEU MA 92 66.18 60.51 4.48
N GLN MA 93 66.99 60.01 5.42
CA GLN MA 93 67.23 60.68 6.69
C GLN MA 93 67.96 62.02 6.48
N GLU MA 94 68.91 62.10 5.55
CA GLU MA 94 69.56 63.36 5.21
C GLU MA 94 68.58 64.38 4.62
N ALA MA 95 67.62 63.95 3.80
CA ALA MA 95 66.63 64.84 3.21
C ALA MA 95 65.80 65.59 4.25
N TYR MA 96 65.47 64.93 5.38
CA TYR MA 96 64.74 65.55 6.48
C TYR MA 96 65.51 66.71 7.14
N TYR MA 97 66.83 66.64 7.21
CA TYR MA 97 67.67 67.71 7.74
C TYR MA 97 67.99 68.83 6.73
N ASN MA 98 67.66 68.64 5.45
CA ASN MA 98 68.02 69.54 4.36
C ASN MA 98 66.83 70.27 3.71
N ASP MA 99 65.64 70.20 4.32
CA ASP MA 99 64.43 70.91 3.89
C ASP MA 99 64.03 70.64 2.42
N VAL MA 100 64.17 69.39 1.98
CA VAL MA 100 63.67 68.94 0.68
C VAL MA 100 62.14 69.10 0.63
N ASP MA 101 61.60 69.66 -0.45
CA ASP MA 101 60.17 69.96 -0.57
C ASP MA 101 59.34 68.78 -1.09
N GLY MA 102 59.95 67.84 -1.79
CA GLY MA 102 59.28 66.63 -2.27
C GLY MA 102 60.26 65.59 -2.82
N ILE MA 103 59.85 64.32 -2.76
CA ILE MA 103 60.69 63.17 -3.11
C ILE MA 103 60.05 62.35 -4.24
N VAL MA 104 60.83 62.00 -5.26
CA VAL MA 104 60.45 61.00 -6.26
C VAL MA 104 61.30 59.76 -6.03
N ILE MA 105 60.69 58.59 -5.85
CA ILE MA 105 61.44 57.36 -5.58
C ILE MA 105 61.05 56.21 -6.50
N ASN MA 106 62.05 55.52 -7.05
CA ASN MA 106 61.89 54.26 -7.76
C ASN MA 106 62.72 53.20 -7.02
N PRO MA 107 62.11 52.41 -6.12
CA PRO MA 107 62.86 51.48 -5.28
C PRO MA 107 63.47 50.29 -6.03
N GLY MA 108 63.12 50.05 -7.29
CA GLY MA 108 63.42 48.77 -7.93
C GLY MA 108 62.76 47.60 -7.18
N ALA MA 109 63.44 46.48 -7.06
CA ALA MA 109 62.92 45.26 -6.40
C ALA MA 109 62.59 45.43 -4.90
N PHE MA 110 63.19 46.40 -4.19
CA PHE MA 110 62.87 46.67 -2.78
C PHE MA 110 61.38 46.98 -2.53
N THR MA 111 60.66 47.41 -3.57
CA THR MA 111 59.20 47.58 -3.58
C THR MA 111 58.44 46.36 -3.08
N HIS MA 112 58.98 45.16 -3.27
CA HIS MA 112 58.31 43.89 -3.04
C HIS MA 112 58.76 43.16 -1.76
N TYR MA 113 59.73 43.70 -1.01
CA TYR MA 113 60.21 43.07 0.24
C TYR MA 113 60.86 43.98 1.29
N SER MA 114 61.30 45.21 0.97
CA SER MA 114 62.01 46.03 1.96
C SER MA 114 61.06 46.76 2.91
N TYR MA 115 60.69 46.10 4.00
CA TYR MA 115 59.99 46.76 5.10
C TYR MA 115 60.88 47.81 5.80
N ALA MA 116 62.20 47.73 5.69
CA ALA MA 116 63.08 48.79 6.19
C ALA MA 116 62.93 50.09 5.40
N VAL MA 117 62.90 50.05 4.07
CA VAL MA 117 62.70 51.26 3.24
C VAL MA 117 61.28 51.79 3.40
N ARG MA 118 60.26 50.93 3.51
CA ARG MA 118 58.89 51.33 3.85
C ARG MA 118 58.87 52.16 5.13
N ASP MA 119 59.44 51.64 6.22
CA ASP MA 119 59.45 52.33 7.50
C ASP MA 119 60.33 53.58 7.49
N ALA MA 120 61.35 53.66 6.64
CA ALA MA 120 62.12 54.89 6.43
C ALA MA 120 61.25 55.98 5.80
N LEU MA 121 60.50 55.66 4.75
CA LEU MA 121 59.53 56.58 4.14
C LEU MA 121 58.44 57.00 5.14
N ALA MA 122 57.97 56.09 5.99
CA ALA MA 122 57.01 56.42 7.05
C ALA MA 122 57.61 57.36 8.12
N SER MA 123 58.91 57.30 8.39
CA SER MA 123 59.56 58.16 9.38
C SER MA 123 59.66 59.64 8.99
N ILE MA 124 59.48 59.98 7.71
CA ILE MA 124 59.58 61.35 7.17
C ILE MA 124 58.24 61.86 6.61
N ALA MA 125 57.13 61.49 7.24
CA ALA MA 125 55.77 61.77 6.76
C ALA MA 125 55.42 63.25 6.52
N ALA MA 126 56.22 64.20 7.04
CA ALA MA 126 56.08 65.62 6.75
C ALA MA 126 56.39 66.00 5.28
N ILE MA 127 57.12 65.15 4.54
CA ILE MA 127 57.54 65.43 3.16
C ILE MA 127 56.67 64.61 2.19
N PRO MA 128 56.10 65.20 1.13
CA PRO MA 128 55.34 64.46 0.13
C PRO MA 128 56.26 63.63 -0.77
N LYS MA 129 55.87 62.37 -1.06
CA LYS MA 129 56.62 61.47 -1.96
C LYS MA 129 55.74 60.80 -2.99
N ILE MA 130 56.27 60.66 -4.20
CA ILE MA 130 55.68 59.91 -5.31
C ILE MA 130 56.55 58.70 -5.63
N GLU MA 131 55.95 57.51 -5.71
CA GLU MA 131 56.65 56.30 -6.17
C GLU MA 131 56.53 56.12 -7.69
N VAL MA 132 57.60 55.69 -8.36
CA VAL MA 132 57.68 55.55 -9.82
C VAL MA 132 58.15 54.17 -10.23
N HIS MA 133 57.51 53.55 -11.22
CA HIS MA 133 58.00 52.33 -11.90
C HIS MA 133 58.01 52.49 -13.42
N ILE MA 134 59.12 52.14 -14.05
CA ILE MA 134 59.33 52.30 -15.49
C ILE MA 134 58.49 51.28 -16.27
N SER MA 135 58.59 50.00 -15.90
CA SER MA 135 57.79 48.91 -16.44
C SER MA 135 56.55 48.64 -15.60
N ASN MA 136 55.59 47.89 -16.15
CA ASN MA 136 54.27 47.60 -15.58
C ASN MA 136 54.31 46.59 -14.42
N VAL MA 137 55.11 46.84 -13.36
CA VAL MA 137 55.48 45.85 -12.33
C VAL MA 137 54.32 45.08 -11.71
N THR MA 146 51.94 42.83 -5.69
CA THR MA 146 51.61 43.69 -4.52
C THR MA 146 52.88 44.31 -3.93
N SER MA 147 52.79 45.53 -3.43
CA SER MA 147 53.94 46.38 -3.08
C SER MA 147 53.87 46.91 -1.65
N VAL MA 148 54.98 46.92 -0.91
CA VAL MA 148 55.02 47.31 0.51
C VAL MA 148 55.21 48.82 0.73
N THR MA 149 55.80 49.53 -0.25
CA THR MA 149 56.14 50.97 -0.17
C THR MA 149 55.04 51.93 -0.63
N VAL MA 150 54.00 51.44 -1.32
CA VAL MA 150 52.91 52.28 -1.86
C VAL MA 150 52.08 53.03 -0.81
N PRO MA 151 51.56 52.40 0.27
CA PRO MA 151 50.62 53.07 1.19
C PRO MA 151 51.25 54.17 2.06
N VAL MA 152 52.59 54.24 2.12
CA VAL MA 152 53.33 55.31 2.83
C VAL MA 152 53.70 56.49 1.91
N CYS MA 153 53.17 56.53 0.68
CA CYS MA 153 53.39 57.57 -0.33
C CYS MA 153 52.08 58.27 -0.75
N GLN MA 154 52.19 59.50 -1.26
CA GLN MA 154 51.03 60.28 -1.71
C GLN MA 154 50.52 59.91 -3.13
N GLY MA 155 51.26 59.09 -3.87
CA GLY MA 155 50.85 58.59 -5.18
C GLY MA 155 51.86 57.63 -5.80
N GLU MA 156 51.41 56.86 -6.79
CA GLU MA 156 52.25 55.99 -7.62
C GLU MA 156 52.05 56.31 -9.12
N VAL MA 157 53.13 56.24 -9.91
CA VAL MA 157 53.09 56.33 -11.38
C VAL MA 157 53.73 55.07 -11.94
N VAL MA 158 53.00 54.30 -12.74
CA VAL MA 158 53.44 52.96 -13.18
C VAL MA 158 53.30 52.78 -14.68
N GLY MA 159 54.34 52.23 -15.33
CA GLY MA 159 54.26 51.72 -16.71
C GLY MA 159 54.32 52.78 -17.81
N LEU MA 160 54.61 54.04 -17.48
CA LEU MA 160 54.74 55.14 -18.45
C LEU MA 160 56.18 55.33 -18.97
N GLY MA 161 57.05 54.34 -18.78
CA GLY MA 161 58.45 54.41 -19.18
C GLY MA 161 59.22 55.51 -18.44
N LEU MA 162 60.18 56.13 -19.12
CA LEU MA 162 60.92 57.26 -18.56
C LEU MA 162 60.03 58.49 -18.39
N GLY MA 163 58.86 58.55 -19.06
CA GLY MA 163 57.87 59.60 -18.85
C GLY MA 163 57.28 59.64 -17.43
N GLY MA 164 57.34 58.53 -16.68
CA GLY MA 164 56.79 58.47 -15.33
C GLY MA 164 57.44 59.43 -14.34
N TYR MA 165 58.75 59.68 -14.47
CA TYR MA 165 59.45 60.67 -13.64
C TYR MA 165 58.95 62.09 -13.91
N LEU MA 166 58.63 62.41 -15.16
CA LEU MA 166 58.19 63.75 -15.54
C LEU MA 166 56.78 64.02 -14.99
N ALA MA 167 55.89 63.03 -15.00
CA ALA MA 167 54.62 63.15 -14.30
C ALA MA 167 54.82 63.37 -12.79
N ALA MA 168 55.67 62.57 -12.14
CA ALA MA 168 55.90 62.69 -10.71
C ALA MA 168 56.42 64.08 -10.30
N MET MA 169 57.34 64.68 -11.07
CA MET MA 169 57.77 66.06 -10.82
C MET MA 169 56.62 67.07 -11.00
N GLY MA 170 55.81 66.92 -12.04
CA GLY MA 170 54.61 67.73 -12.22
C GLY MA 170 53.65 67.63 -11.03
N MET MA 171 53.37 66.42 -10.55
CA MET MA 171 52.51 66.18 -9.40
C MET MA 171 53.06 66.76 -8.09
N LEU MA 172 54.37 67.01 -7.96
CA LEU MA 172 54.96 67.67 -6.80
C LEU MA 172 54.94 69.20 -6.93
N VAL MA 173 55.01 69.74 -8.14
CA VAL MA 173 54.87 71.17 -8.40
C VAL MA 173 53.42 71.64 -8.23
N GLU MA 174 52.45 70.77 -8.49
CA GLU MA 174 51.01 70.97 -8.26
C GLU MA 174 50.59 70.78 -6.78
N MET NA 33 90.65 31.66 -20.06
CA MET NA 33 89.30 31.81 -19.46
C MET NA 33 89.39 32.39 -18.06
N LYS NA 34 88.50 33.32 -17.72
CA LYS NA 34 88.40 34.01 -16.42
C LYS NA 34 87.08 33.67 -15.72
N ILE NA 35 87.14 33.13 -14.52
CA ILE NA 35 85.98 32.76 -13.69
C ILE NA 35 85.87 33.71 -12.48
N LEU NA 36 84.65 34.06 -12.09
CA LEU NA 36 84.38 34.83 -10.87
C LEU NA 36 83.56 34.01 -9.87
N VAL NA 37 84.05 33.86 -8.64
CA VAL NA 37 83.34 33.17 -7.56
C VAL NA 37 82.86 34.18 -6.53
N ILE NA 38 81.55 34.19 -6.26
CA ILE NA 38 80.91 35.12 -5.31
C ILE NA 38 80.27 34.34 -4.16
N ASN NA 39 80.67 34.65 -2.93
CA ASN NA 39 80.10 34.12 -1.70
C ASN NA 39 79.30 35.18 -0.95
N GLY NA 40 78.08 34.83 -0.54
CA GLY NA 40 77.16 35.73 0.18
C GLY NA 40 77.49 35.97 1.64
N PRO NA 41 76.55 36.52 2.43
CA PRO NA 41 76.74 36.76 3.86
C PRO NA 41 76.95 35.45 4.63
N ASN NA 42 77.63 35.52 5.76
CA ASN NA 42 77.92 34.40 6.68
C ASN NA 42 78.86 33.30 6.16
N ILE NA 43 79.12 33.18 4.85
CA ILE NA 43 79.95 32.09 4.30
C ILE NA 43 81.39 32.12 4.82
N ASN NA 44 81.92 33.30 5.18
CA ASN NA 44 83.24 33.43 5.78
C ASN NA 44 83.37 32.77 7.17
N PHE NA 45 82.26 32.44 7.82
CA PHE NA 45 82.23 31.76 9.12
C PHE NA 45 82.06 30.23 9.01
N LEU NA 46 82.30 29.61 7.84
CA LEU NA 46 82.47 28.16 7.75
C LEU NA 46 83.48 27.65 8.79
N GLY NA 47 83.16 26.53 9.43
CA GLY NA 47 83.97 25.95 10.50
C GLY NA 47 83.86 26.65 11.86
N ILE NA 48 83.23 27.82 11.94
CA ILE NA 48 82.75 28.43 13.20
C ILE NA 48 81.25 28.14 13.35
N PRO NA 56 85.48 20.41 10.32
CA PRO NA 56 86.68 21.14 10.69
C PRO NA 56 87.21 22.07 9.59
N LEU NA 57 86.81 21.91 8.33
CA LEU NA 57 87.25 22.79 7.24
C LEU NA 57 86.65 24.19 7.37
N ASN NA 58 87.47 25.22 7.15
CA ASN NA 58 87.07 26.62 7.26
C ASN NA 58 87.11 27.33 5.90
N TYR NA 59 86.81 28.64 5.88
CA TYR NA 59 86.74 29.41 4.64
C TYR NA 59 88.08 29.51 3.90
N ASP NA 60 89.22 29.54 4.60
CA ASP NA 60 90.52 29.58 3.94
C ASP NA 60 90.85 28.26 3.24
N ASP NA 61 90.40 27.13 3.78
CA ASP NA 61 90.52 25.83 3.12
C ASP NA 61 89.74 25.79 1.81
N LEU NA 62 88.52 26.31 1.80
CA LEU NA 62 87.70 26.44 0.60
C LEU NA 62 88.37 27.33 -0.46
N VAL NA 63 88.92 28.48 -0.06
CA VAL NA 63 89.63 29.36 -1.00
C VAL NA 63 90.85 28.65 -1.60
N GLU NA 64 91.63 27.91 -0.80
CA GLU NA 64 92.78 27.16 -1.32
C GLU NA 64 92.36 26.04 -2.28
N MET NA 65 91.29 25.30 -2.00
CA MET NA 65 90.76 24.28 -2.91
C MET NA 65 90.34 24.88 -4.25
N ILE NA 66 89.67 26.03 -4.25
CA ILE NA 66 89.26 26.72 -5.47
C ILE NA 66 90.47 27.25 -6.26
N LYS NA 67 91.42 27.92 -5.60
CA LYS NA 67 92.62 28.44 -6.28
C LYS NA 67 93.52 27.33 -6.82
N GLY NA 68 93.63 26.20 -6.13
CA GLY NA 68 94.37 25.03 -6.63
C GLY NA 68 93.67 24.38 -7.83
N THR NA 69 92.35 24.22 -7.77
CA THR NA 69 91.58 23.62 -8.88
C THR NA 69 91.61 24.50 -10.13
N ALA NA 70 91.63 25.83 -10.00
CA ALA NA 70 91.76 26.73 -11.13
C ALA NA 70 93.05 26.50 -11.94
N LYS NA 71 94.19 26.29 -11.27
CA LYS NA 71 95.44 25.90 -11.94
C LYS NA 71 95.31 24.56 -12.64
N GLY NA 72 94.67 23.59 -11.99
CA GLY NA 72 94.41 22.27 -12.58
C GLY NA 72 93.59 22.34 -13.88
N LEU NA 73 92.53 23.15 -13.89
CA LEU NA 73 91.70 23.39 -15.08
C LEU NA 73 92.29 24.40 -16.07
N LYS NA 74 93.46 24.98 -15.80
CA LYS NA 74 94.12 26.02 -16.61
C LYS NA 74 93.26 27.27 -16.83
N VAL NA 75 92.60 27.76 -15.79
CA VAL NA 75 91.77 28.99 -15.81
C VAL NA 75 92.24 30.00 -14.76
N LYS NA 76 91.96 31.28 -14.97
CA LYS NA 76 92.13 32.32 -13.95
C LYS NA 76 90.86 32.44 -13.11
N VAL NA 77 90.99 32.65 -11.81
CA VAL NA 77 89.84 32.77 -10.90
C VAL NA 77 90.00 33.95 -9.94
N GLU NA 78 88.93 34.69 -9.71
CA GLU NA 78 88.79 35.64 -8.61
C GLU NA 78 87.76 35.12 -7.61
N VAL NA 79 88.08 35.09 -6.32
CA VAL NA 79 87.15 34.70 -5.26
C VAL NA 79 86.82 35.89 -4.38
N PHE NA 80 85.54 36.17 -4.18
CA PHE NA 80 85.03 37.33 -3.45
C PHE NA 80 83.96 36.94 -2.43
N GLN NA 81 83.96 37.59 -1.27
CA GLN NA 81 82.91 37.44 -0.26
C GLN NA 81 82.54 38.81 0.33
N SER NA 82 81.26 39.06 0.58
CA SER NA 82 80.82 40.22 1.35
C SER NA 82 79.53 39.94 2.09
N ASN NA 83 79.33 40.60 3.24
CA ASN NA 83 78.06 40.56 3.98
C ASN NA 83 77.03 41.57 3.47
N HIS NA 84 77.39 42.47 2.55
CA HIS NA 84 76.49 43.51 2.04
C HIS NA 84 75.83 43.10 0.72
N GLU NA 85 74.50 43.13 0.65
CA GLU NA 85 73.73 42.85 -0.56
C GLU NA 85 74.14 43.78 -1.72
N GLY NA 86 74.34 45.07 -1.43
CA GLY NA 86 74.76 46.04 -2.46
C GLY NA 86 76.17 45.81 -2.99
N ALA NA 87 77.10 45.31 -2.18
CA ALA NA 87 78.45 45.03 -2.64
C ALA NA 87 78.49 43.83 -3.61
N ILE NA 88 77.59 42.86 -3.45
CA ILE NA 88 77.43 41.76 -4.40
C ILE NA 88 76.89 42.30 -5.72
N ILE NA 89 75.87 43.16 -5.71
CA ILE NA 89 75.33 43.78 -6.92
C ILE NA 89 76.39 44.62 -7.62
N ASP NA 90 77.18 45.42 -6.89
CA ASP NA 90 78.32 46.13 -7.48
C ASP NA 90 79.33 45.19 -8.15
N LYS NA 91 79.67 44.06 -7.51
CA LYS NA 91 80.60 43.06 -8.05
C LYS NA 91 80.04 42.41 -9.32
N LEU NA 92 78.74 42.09 -9.36
CA LEU NA 92 78.09 41.58 -10.57
C LEU NA 92 78.10 42.60 -11.71
N GLN NA 93 77.84 43.88 -11.42
CA GLN NA 93 77.95 44.93 -12.44
C GLN NA 93 79.39 45.14 -12.89
N GLU NA 94 80.38 45.05 -12.00
CA GLU NA 94 81.79 45.13 -12.39
C GLU NA 94 82.20 43.99 -13.32
N ALA NA 95 81.70 42.77 -13.12
CA ALA NA 95 82.02 41.63 -13.96
C ALA NA 95 81.64 41.86 -15.43
N TYR NA 96 80.51 42.52 -15.69
CA TYR NA 96 80.05 42.84 -17.04
C TYR NA 96 81.01 43.75 -17.81
N TYR NA 97 81.69 44.67 -17.13
CA TYR NA 97 82.71 45.52 -17.74
C TYR NA 97 84.11 44.91 -17.83
N ASN NA 98 84.32 43.72 -17.25
CA ASN NA 98 85.64 43.10 -17.14
C ASN NA 98 85.77 41.77 -17.91
N ASP NA 99 84.80 41.44 -18.77
CA ASP NA 99 84.83 40.26 -19.63
C ASP NA 99 85.06 38.95 -18.86
N VAL NA 100 84.35 38.77 -17.75
CA VAL NA 100 84.26 37.49 -17.05
C VAL NA 100 83.56 36.47 -17.95
N ASP NA 101 84.10 35.26 -18.04
CA ASP NA 101 83.58 34.21 -18.92
C ASP NA 101 82.51 33.34 -18.26
N GLY NA 102 82.47 33.28 -16.94
CA GLY NA 102 81.44 32.59 -16.18
C GLY NA 102 81.49 32.90 -14.68
N ILE NA 103 80.35 32.77 -14.02
CA ILE NA 103 80.16 33.12 -12.60
C ILE NA 103 79.74 31.89 -11.79
N VAL NA 104 80.38 31.64 -10.67
CA VAL NA 104 79.90 30.70 -9.65
C VAL NA 104 79.41 31.52 -8.47
N ILE NA 105 78.18 31.33 -8.02
CA ILE NA 105 77.62 32.12 -6.92
C ILE NA 105 76.97 31.26 -5.84
N ASN NA 106 77.28 31.55 -4.59
CA ASN NA 106 76.61 31.01 -3.42
C ASN NA 106 75.98 32.17 -2.64
N PRO NA 107 74.69 32.48 -2.83
CA PRO NA 107 74.07 33.65 -2.21
C PRO NA 107 73.90 33.55 -0.69
N GLY NA 108 74.08 32.37 -0.08
CA GLY NA 108 73.64 32.14 1.29
C GLY NA 108 72.12 32.37 1.44
N ALA NA 109 71.72 33.02 2.53
CA ALA NA 109 70.31 33.27 2.83
C ALA NA 109 69.58 34.19 1.81
N PHE NA 110 70.29 35.03 1.06
CA PHE NA 110 69.69 35.87 0.02
C PHE NA 110 68.91 35.08 -1.05
N THR NA 111 69.22 33.80 -1.22
CA THR NA 111 68.51 32.84 -2.09
C THR NA 111 67.01 32.84 -1.89
N HIS NA 112 66.56 33.09 -0.65
CA HIS NA 112 65.17 32.91 -0.23
C HIS NA 112 64.37 34.21 -0.15
N TYR NA 113 64.98 35.38 -0.39
CA TYR NA 113 64.27 36.67 -0.31
C TYR NA 113 64.84 37.83 -1.15
N SER NA 114 66.09 37.80 -1.62
CA SER NA 114 66.68 38.94 -2.32
C SER NA 114 66.25 39.02 -3.79
N TYR NA 115 65.11 39.64 -4.05
CA TYR NA 115 64.70 39.96 -5.41
C TYR NA 115 65.64 40.98 -6.07
N ALA NA 116 66.38 41.79 -5.31
CA ALA NA 116 67.39 42.67 -5.88
C ALA NA 116 68.56 41.91 -6.49
N VAL NA 117 69.09 40.88 -5.82
CA VAL NA 117 70.17 40.04 -6.36
C VAL NA 117 69.68 39.18 -7.52
N ARG NA 118 68.45 38.66 -7.47
CA ARG NA 118 67.81 38.02 -8.62
C ARG NA 118 67.82 38.93 -9.85
N ASP NA 119 67.31 40.15 -9.72
CA ASP NA 119 67.26 41.08 -10.83
C ASP NA 119 68.65 41.56 -11.27
N ALA NA 120 69.64 41.60 -10.38
CA ALA NA 120 71.01 41.86 -10.76
C ALA NA 120 71.57 40.74 -11.65
N LEU NA 121 71.35 39.47 -11.30
CA LEU NA 121 71.73 38.33 -12.14
C LEU NA 121 70.98 38.33 -13.47
N ALA NA 122 69.70 38.72 -13.48
CA ALA NA 122 68.95 38.88 -14.72
C ALA NA 122 69.50 40.00 -15.62
N SER NA 123 70.09 41.06 -15.06
CA SER NA 123 70.64 42.16 -15.84
C SER NA 123 71.88 41.80 -16.68
N ILE NA 124 72.61 40.74 -16.31
CA ILE NA 124 73.84 40.29 -16.98
C ILE NA 124 73.65 38.96 -17.72
N ALA NA 125 72.49 38.75 -18.33
CA ALA NA 125 72.08 37.50 -18.97
C ALA NA 125 73.05 36.94 -20.05
N ALA NA 126 73.94 37.76 -20.61
CA ALA NA 126 74.97 37.33 -21.55
C ALA NA 126 76.05 36.42 -20.93
N ILE NA 127 76.22 36.41 -19.60
CA ILE NA 127 77.27 35.65 -18.91
C ILE NA 127 76.64 34.40 -18.27
N PRO NA 128 77.20 33.19 -18.46
CA PRO NA 128 76.70 31.99 -17.82
C PRO NA 128 77.00 31.98 -16.31
N LYS NA 129 76.03 31.60 -15.47
CA LYS NA 129 76.20 31.49 -14.02
C LYS NA 129 75.70 30.15 -13.48
N ILE NA 130 76.41 29.59 -12.51
CA ILE NA 130 75.99 28.42 -11.73
C ILE NA 130 75.76 28.84 -10.27
N GLU NA 131 74.60 28.51 -9.71
CA GLU NA 131 74.33 28.68 -8.28
C GLU NA 131 74.79 27.47 -7.46
N VAL NA 132 75.36 27.69 -6.27
CA VAL NA 132 75.91 26.64 -5.41
C VAL NA 132 75.37 26.74 -3.98
N HIS NA 133 74.95 25.62 -3.40
CA HIS NA 133 74.66 25.49 -1.97
C HIS NA 133 75.45 24.35 -1.33
N ILE NA 134 76.12 24.63 -0.20
CA ILE NA 134 76.96 23.67 0.50
C ILE NA 134 76.12 22.58 1.17
N SER NA 135 75.05 22.98 1.85
CA SER NA 135 74.08 22.08 2.49
C SER NA 135 72.78 21.96 1.70
N ASN NA 136 71.94 20.99 2.05
CA ASN NA 136 70.72 20.62 1.32
C ASN NA 136 69.55 21.62 1.52
N VAL NA 137 69.76 22.92 1.24
CA VAL NA 137 68.86 24.01 1.65
C VAL NA 137 67.38 23.82 1.30
N THR NA 146 61.90 26.88 -1.42
CA THR NA 146 61.88 27.44 -2.79
C THR NA 146 62.78 28.67 -2.88
N SER NA 147 63.42 28.88 -4.04
CA SER NA 147 64.50 29.87 -4.22
C SER NA 147 64.19 30.88 -5.33
N VAL NA 148 64.52 32.16 -5.12
CA VAL NA 148 64.22 33.23 -6.10
C VAL NA 148 65.32 33.45 -7.16
N THR NA 149 66.56 33.06 -6.86
CA THR NA 149 67.74 33.27 -7.72
C THR NA 149 68.02 32.15 -8.75
N VAL NA 150 67.44 30.95 -8.58
CA VAL NA 150 67.68 29.79 -9.46
C VAL NA 150 67.24 30.00 -10.93
N PRO NA 151 66.00 30.45 -11.25
CA PRO NA 151 65.50 30.44 -12.63
C PRO NA 151 66.18 31.45 -13.58
N VAL NA 152 67.08 32.30 -13.08
CA VAL NA 152 67.91 33.22 -13.87
C VAL NA 152 69.37 32.77 -14.00
N CYS NA 153 69.71 31.56 -13.51
CA CYS NA 153 71.00 30.90 -13.66
C CYS NA 153 70.92 29.73 -14.66
N GLN NA 154 72.07 29.28 -15.19
CA GLN NA 154 72.13 28.15 -16.12
C GLN NA 154 72.16 26.78 -15.44
N GLY NA 155 72.33 26.73 -14.11
CA GLY NA 155 72.22 25.51 -13.32
C GLY NA 155 72.40 25.76 -11.82
N GLU NA 156 72.02 24.78 -11.00
CA GLU NA 156 72.24 24.77 -9.55
C GLU NA 156 72.96 23.48 -9.12
N VAL NA 157 73.87 23.57 -8.15
CA VAL NA 157 74.55 22.45 -7.50
C VAL NA 157 74.26 22.51 -6.00
N VAL NA 158 73.71 21.46 -5.41
CA VAL NA 158 73.20 21.48 -4.03
C VAL NA 158 73.67 20.28 -3.22
N GLY NA 159 74.12 20.52 -1.99
CA GLY NA 159 74.31 19.49 -0.96
C GLY NA 159 75.57 18.64 -1.09
N LEU NA 160 76.46 18.94 -2.05
CA LEU NA 160 77.71 18.20 -2.27
C LEU NA 160 78.88 18.70 -1.41
N GLY NA 161 78.61 19.47 -0.34
CA GLY NA 161 79.64 20.05 0.50
C GLY NA 161 80.51 21.06 -0.27
N LEU NA 162 81.79 21.15 0.08
CA LEU NA 162 82.73 22.03 -0.62
C LEU NA 162 83.04 21.54 -2.05
N GLY NA 163 82.72 20.28 -2.38
CA GLY NA 163 82.81 19.75 -3.73
C GLY NA 163 81.88 20.42 -4.75
N GLY NA 164 80.79 21.06 -4.31
CA GLY NA 164 79.85 21.73 -5.20
C GLY NA 164 80.48 22.86 -6.04
N TYR NA 165 81.44 23.59 -5.48
CA TYR NA 165 82.19 24.60 -6.22
C TYR NA 165 83.04 23.99 -7.34
N LEU NA 166 83.61 22.81 -7.11
CA LEU NA 166 84.48 22.14 -8.08
C LEU NA 166 83.66 21.60 -9.26
N ALA NA 167 82.48 21.06 -8.99
CA ALA NA 167 81.53 20.74 -10.06
C ALA NA 167 81.12 21.98 -10.85
N ALA NA 168 80.78 23.09 -10.19
CA ALA NA 168 80.39 24.32 -10.87
C ALA NA 168 81.49 24.85 -11.79
N MET NA 169 82.75 24.86 -11.35
CA MET NA 169 83.86 25.24 -12.23
C MET NA 169 84.01 24.28 -13.42
N GLY NA 170 83.84 22.97 -13.20
CA GLY NA 170 83.82 22.00 -14.30
C GLY NA 170 82.70 22.28 -15.31
N MET NA 171 81.48 22.52 -14.84
CA MET NA 171 80.34 22.85 -15.69
C MET NA 171 80.51 24.14 -16.48
N LEU NA 172 81.34 25.09 -16.03
CA LEU NA 172 81.65 26.30 -16.80
C LEU NA 172 82.77 26.08 -17.83
N VAL NA 173 83.70 25.16 -17.59
CA VAL NA 173 84.73 24.79 -18.58
C VAL NA 173 84.16 23.94 -19.71
N GLU NA 174 83.15 23.12 -19.43
CA GLU NA 174 82.42 22.30 -20.42
C GLU NA 174 81.49 23.12 -21.33
N MET OA 33 63.00 67.40 -33.46
CA MET OA 33 61.65 66.83 -33.26
C MET OA 33 60.62 67.93 -33.00
N LYS OA 34 59.45 67.83 -33.62
CA LYS OA 34 58.31 68.75 -33.51
C LYS OA 34 57.08 68.05 -32.90
N ILE OA 35 56.55 68.56 -31.80
CA ILE OA 35 55.37 68.03 -31.10
C ILE OA 35 54.19 69.00 -31.22
N LEU OA 36 52.98 68.48 -31.36
CA LEU OA 36 51.74 69.27 -31.34
C LEU OA 36 50.86 68.88 -30.16
N VAL OA 37 50.48 69.85 -29.32
CA VAL OA 37 49.57 69.65 -28.19
C VAL OA 37 48.22 70.27 -28.52
N ILE OA 38 47.15 69.48 -28.46
CA ILE OA 38 45.79 69.92 -28.76
C ILE OA 38 44.90 69.79 -27.52
N ASN OA 39 44.29 70.90 -27.12
CA ASN OA 39 43.32 70.97 -26.04
C ASN OA 39 41.90 71.21 -26.57
N GLY OA 40 40.93 70.42 -26.14
CA GLY OA 40 39.55 70.50 -26.57
C GLY OA 40 38.75 71.65 -25.93
N PRO OA 41 37.41 71.62 -26.03
CA PRO OA 41 36.55 72.64 -25.44
C PRO OA 41 36.66 72.68 -23.92
N ASN OA 42 36.35 73.82 -23.32
CA ASN OA 42 36.37 74.07 -21.86
C ASN OA 42 37.75 74.03 -21.17
N ILE OA 43 38.80 73.51 -21.78
CA ILE OA 43 40.13 73.40 -21.12
C ILE OA 43 40.74 74.77 -20.80
N ASN OA 44 40.43 75.82 -21.56
CA ASN OA 44 40.91 77.18 -21.26
C ASN OA 44 40.34 77.77 -19.95
N PHE OA 45 39.32 77.16 -19.35
CA PHE OA 45 38.73 77.58 -18.08
C PHE OA 45 39.24 76.77 -16.87
N LEU OA 46 40.38 76.06 -16.97
CA LEU OA 46 41.08 75.54 -15.79
C LEU OA 46 41.31 76.64 -14.75
N GLY OA 47 41.06 76.33 -13.48
CA GLY OA 47 41.17 77.30 -12.37
C GLY OA 47 40.00 78.27 -12.26
N ILE OA 48 39.07 78.29 -13.21
CA ILE OA 48 37.74 78.91 -13.08
C ILE OA 48 36.70 77.80 -12.82
N PRO OA 56 44.34 76.13 -7.74
CA PRO OA 56 44.62 77.52 -8.11
C PRO OA 56 45.36 77.67 -9.45
N LEU OA 57 45.93 76.60 -10.00
CA LEU OA 57 46.63 76.65 -11.29
C LEU OA 57 45.65 76.85 -12.45
N ASN OA 58 46.02 77.66 -13.44
CA ASN OA 58 45.18 77.99 -14.57
C ASN OA 58 45.79 77.57 -15.92
N TYR OA 59 45.10 77.85 -17.03
CA TYR OA 59 45.55 77.43 -18.36
C TYR OA 59 46.89 78.04 -18.79
N ASP OA 60 47.20 79.27 -18.39
CA ASP OA 60 48.51 79.87 -18.73
C ASP OA 60 49.65 79.20 -17.95
N ASP OA 61 49.40 78.73 -16.73
CA ASP OA 61 50.39 77.93 -15.99
C ASP OA 61 50.70 76.62 -16.70
N LEU OA 62 49.67 75.92 -17.17
CA LEU OA 62 49.83 74.69 -17.96
C LEU OA 62 50.64 74.93 -19.24
N VAL OA 63 50.35 76.01 -19.98
CA VAL OA 63 51.10 76.34 -21.20
C VAL OA 63 52.57 76.62 -20.88
N GLU OA 64 52.88 77.35 -19.82
CA GLU OA 64 54.27 77.61 -19.42
C GLU OA 64 55.02 76.32 -19.01
N MET OA 65 54.38 75.44 -18.24
CA MET OA 65 54.96 74.13 -17.90
C MET OA 65 55.28 73.30 -19.13
N ILE OA 66 54.39 73.26 -20.12
CA ILE OA 66 54.62 72.54 -21.38
C ILE OA 66 55.77 73.18 -22.17
N LYS OA 67 55.78 74.50 -22.36
CA LYS OA 67 56.85 75.18 -23.11
C LYS OA 67 58.21 75.09 -22.43
N GLY OA 68 58.28 75.15 -21.11
CA GLY OA 68 59.52 74.95 -20.36
C GLY OA 68 60.03 73.51 -20.46
N THR OA 69 59.14 72.53 -20.36
CA THR OA 69 59.50 71.11 -20.52
C THR OA 69 60.00 70.80 -21.93
N ALA OA 70 59.44 71.44 -22.96
CA ALA OA 70 59.92 71.26 -24.33
C ALA OA 70 61.39 71.65 -24.51
N LYS OA 71 61.82 72.79 -23.94
CA LYS OA 71 63.24 73.15 -23.89
C LYS OA 71 64.07 72.12 -23.13
N GLY OA 72 63.56 71.63 -22.00
CA GLY OA 72 64.20 70.58 -21.22
C GLY OA 72 64.45 69.30 -22.01
N LEU OA 73 63.47 68.83 -22.77
CA LEU OA 73 63.57 67.65 -23.64
C LEU OA 73 64.26 67.93 -24.99
N LYS OA 74 64.65 69.17 -25.29
CA LYS OA 74 65.24 69.61 -26.57
C LYS OA 74 64.33 69.33 -27.77
N VAL OA 75 63.05 69.66 -27.66
CA VAL OA 75 62.03 69.53 -28.72
C VAL OA 75 61.34 70.87 -28.99
N LYS OA 76 60.76 71.03 -30.18
CA LYS OA 76 59.91 72.18 -30.53
C LYS OA 76 58.45 71.81 -30.28
N VAL OA 77 57.66 72.69 -29.67
CA VAL OA 77 56.25 72.42 -29.34
C VAL OA 77 55.33 73.54 -29.81
N GLU OA 78 54.18 73.16 -30.36
CA GLU OA 78 53.03 74.04 -30.59
C GLU OA 78 51.89 73.64 -29.66
N VAL OA 79 51.29 74.59 -28.95
CA VAL OA 79 50.13 74.35 -28.09
C VAL OA 79 48.90 75.07 -28.67
N PHE OA 80 47.81 74.34 -28.87
CA PHE OA 80 46.57 74.83 -29.48
C PHE OA 80 45.36 74.48 -28.62
N GLN OA 81 44.40 75.41 -28.51
CA GLN OA 81 43.09 75.15 -27.91
C GLN OA 81 41.98 75.77 -28.74
N SER OA 82 40.86 75.06 -28.91
CA SER OA 82 39.64 75.63 -29.48
C SER OA 82 38.38 74.96 -28.93
N ASN OA 83 37.28 75.71 -28.85
CA ASN OA 83 35.98 75.18 -28.47
C ASN OA 83 35.21 74.52 -29.63
N HIS OA 84 35.70 74.62 -30.87
CA HIS OA 84 35.03 74.10 -32.06
C HIS OA 84 35.57 72.72 -32.45
N GLU OA 85 34.71 71.72 -32.58
CA GLU OA 85 35.06 70.37 -33.05
C GLU OA 85 35.72 70.43 -34.44
N GLY OA 86 35.21 71.24 -35.36
CA GLY OA 86 35.76 71.38 -36.69
C GLY OA 86 37.15 72.01 -36.73
N ALA OA 87 37.47 72.92 -35.80
CA ALA OA 87 38.79 73.52 -35.74
C ALA OA 87 39.86 72.53 -35.24
N ILE OA 88 39.48 71.59 -34.37
CA ILE OA 88 40.36 70.48 -33.99
C ILE OA 88 40.65 69.59 -35.20
N ILE OA 89 39.62 69.23 -35.97
CA ILE OA 89 39.81 68.40 -37.17
C ILE OA 89 40.66 69.14 -38.21
N ASP OA 90 40.46 70.44 -38.43
CA ASP OA 90 41.35 71.23 -39.29
C ASP OA 90 42.80 71.23 -38.79
N LYS OA 91 43.03 71.33 -37.48
CA LYS OA 91 44.37 71.30 -36.89
C LYS OA 91 45.04 69.93 -37.06
N LEU OA 92 44.30 68.84 -36.92
CA LEU OA 92 44.81 67.49 -37.19
C LEU OA 92 45.13 67.28 -38.68
N GLN OA 93 44.30 67.78 -39.59
CA GLN OA 93 44.60 67.74 -41.02
C GLN OA 93 45.79 68.63 -41.38
N GLU OA 94 45.96 69.78 -40.74
CA GLU OA 94 47.13 70.63 -40.94
C GLU OA 94 48.42 69.93 -40.47
N ALA OA 95 48.38 69.21 -39.35
CA ALA OA 95 49.54 68.50 -38.82
C ALA OA 95 50.10 67.48 -39.82
N TYR OA 96 49.25 66.79 -40.56
CA TYR OA 96 49.66 65.82 -41.59
C TYR OA 96 50.50 66.45 -42.70
N TYR OA 97 50.17 67.67 -43.13
CA TYR OA 97 50.93 68.41 -44.13
C TYR OA 97 52.14 69.16 -43.58
N ASN OA 98 52.37 69.17 -42.27
CA ASN OA 98 53.42 69.95 -41.62
C ASN OA 98 54.49 69.10 -40.91
N ASP OA 99 54.51 67.79 -41.15
CA ASP OA 99 55.53 66.87 -40.64
C ASP OA 99 55.71 66.92 -39.12
N VAL OA 100 54.61 66.97 -38.37
CA VAL OA 100 54.59 66.80 -36.92
C VAL OA 100 55.05 65.39 -36.57
N ASP OA 101 55.95 65.24 -35.60
CA ASP OA 101 56.52 63.94 -35.22
C ASP OA 101 55.66 63.19 -34.20
N GLY OA 102 54.82 63.88 -33.43
CA GLY OA 102 53.88 63.26 -32.49
C GLY OA 102 52.86 64.24 -31.92
N ILE OA 103 51.72 63.72 -31.50
CA ILE OA 103 50.56 64.51 -31.05
C ILE OA 103 50.19 64.16 -29.60
N VAL OA 104 50.00 65.17 -28.75
CA VAL OA 104 49.37 65.02 -27.44
C VAL OA 104 47.99 65.64 -27.52
N ILE OA 105 46.93 64.91 -27.16
CA ILE OA 105 45.56 65.44 -27.26
C ILE OA 105 44.75 65.22 -25.99
N ASN OA 106 44.06 66.26 -25.53
CA ASN OA 106 43.06 66.20 -24.48
C ASN OA 106 41.72 66.66 -25.05
N PRO OA 107 40.85 65.76 -25.52
CA PRO OA 107 39.61 66.15 -26.17
C PRO OA 107 38.56 66.80 -25.26
N GLY OA 108 38.75 66.79 -23.93
CA GLY OA 108 37.65 67.10 -23.02
C GLY OA 108 36.47 66.15 -23.21
N ALA OA 109 35.25 66.68 -23.19
CA ALA OA 109 34.02 65.90 -23.30
C ALA OA 109 33.85 65.15 -24.65
N PHE OA 110 34.48 65.61 -25.74
CA PHE OA 110 34.42 64.94 -27.05
C PHE OA 110 34.91 63.48 -27.00
N THR OA 111 35.71 63.12 -26.01
CA THR OA 111 36.14 61.74 -25.70
C THR OA 111 34.99 60.76 -25.63
N HIS OA 112 33.81 61.22 -25.22
CA HIS OA 112 32.65 60.38 -24.91
C HIS OA 112 31.55 60.42 -25.98
N TYR OA 113 31.72 61.19 -27.06
CA TYR OA 113 30.69 61.27 -28.12
C TYR OA 113 31.17 61.67 -29.54
N SER OA 114 32.35 62.26 -29.74
CA SER OA 114 32.77 62.72 -31.07
C SER OA 114 33.37 61.60 -31.91
N TYR OA 115 32.52 60.87 -32.64
CA TYR OA 115 33.00 59.96 -33.67
C TYR OA 115 33.69 60.70 -34.83
N ALA OA 116 33.41 61.99 -35.05
CA ALA OA 116 34.14 62.78 -36.04
C ALA OA 116 35.61 62.97 -35.68
N VAL OA 117 35.94 63.30 -34.41
CA VAL OA 117 37.33 63.43 -33.96
C VAL OA 117 38.02 62.08 -33.87
N ARG OA 118 37.33 61.00 -33.47
CA ARG OA 118 37.85 59.64 -33.60
C ARG OA 118 38.31 59.35 -35.02
N ASP OA 119 37.43 59.54 -36.00
CA ASP OA 119 37.75 59.24 -37.39
C ASP OA 119 38.80 60.20 -37.97
N ALA OA 120 38.90 61.43 -37.47
CA ALA OA 120 40.01 62.32 -37.80
C ALA OA 120 41.35 61.76 -37.32
N LEU OA 121 41.44 61.29 -36.08
CA LEU OA 121 42.64 60.64 -35.55
C LEU OA 121 42.96 59.33 -36.30
N ALA OA 122 41.95 58.57 -36.72
CA ALA OA 122 42.17 57.40 -37.57
C ALA OA 122 42.71 57.77 -38.96
N SER OA 123 42.32 58.91 -39.53
CA SER OA 123 42.76 59.34 -40.85
C SER OA 123 44.26 59.71 -40.95
N ILE OA 124 44.93 59.93 -39.81
CA ILE OA 124 46.35 60.29 -39.74
C ILE OA 124 47.18 59.21 -39.01
N ALA OA 125 46.87 57.93 -39.23
CA ALA OA 125 47.47 56.79 -38.53
C ALA OA 125 49.00 56.69 -38.59
N ALA OA 126 49.66 57.36 -39.53
CA ALA OA 126 51.12 57.42 -39.63
C ALA OA 126 51.80 58.19 -38.48
N ILE OA 127 51.08 59.03 -37.73
CA ILE OA 127 51.62 59.88 -36.66
C ILE OA 127 51.25 59.27 -35.29
N PRO OA 128 52.18 59.09 -34.35
CA PRO OA 128 51.88 58.60 -33.02
C PRO OA 128 51.14 59.67 -32.20
N LYS OA 129 50.10 59.27 -31.45
CA LYS OA 129 49.36 60.17 -30.56
C LYS OA 129 49.14 59.57 -29.18
N ILE OA 130 49.23 60.42 -28.15
CA ILE OA 130 48.89 60.09 -26.77
C ILE OA 130 47.67 60.90 -26.34
N GLU OA 131 46.65 60.25 -25.81
CA GLU OA 131 45.49 60.92 -25.21
C GLU OA 131 45.73 61.24 -23.73
N VAL OA 132 45.32 62.42 -23.27
CA VAL OA 132 45.54 62.89 -21.90
C VAL OA 132 44.25 63.33 -21.23
N HIS OA 133 44.01 62.91 -19.99
CA HIS OA 133 42.94 63.43 -19.12
C HIS OA 133 43.48 63.90 -17.78
N ILE OA 134 43.12 65.12 -17.39
CA ILE OA 134 43.59 65.76 -16.15
C ILE OA 134 42.98 65.06 -14.93
N SER OA 135 41.66 64.89 -14.92
CA SER OA 135 40.91 64.20 -13.87
C SER OA 135 40.60 62.74 -14.24
N ASN OA 136 40.16 61.94 -13.26
CA ASN OA 136 39.97 60.48 -13.37
C ASN OA 136 38.70 60.09 -14.16
N VAL OA 137 38.52 60.58 -15.39
CA VAL OA 137 37.22 60.58 -16.10
C VAL OA 137 36.52 59.22 -16.20
N THR OA 146 33.32 54.95 -20.68
CA THR OA 146 33.89 54.37 -21.92
C THR OA 146 34.11 55.47 -22.96
N SER OA 147 35.15 55.34 -23.78
CA SER OA 147 35.68 56.42 -24.63
C SER OA 147 35.78 56.01 -26.11
N VAL OA 148 35.50 56.93 -27.03
CA VAL OA 148 35.52 56.65 -28.49
C VAL OA 148 36.89 56.91 -29.14
N THR OA 149 37.73 57.78 -28.56
CA THR OA 149 39.03 58.22 -29.13
C THR OA 149 40.25 57.38 -28.69
N VAL OA 150 40.15 56.60 -27.61
CA VAL OA 150 41.27 55.78 -27.08
C VAL OA 150 41.83 54.73 -28.06
N PRO OA 151 41.03 53.89 -28.75
CA PRO OA 151 41.58 52.79 -29.54
C PRO OA 151 42.32 53.22 -30.84
N VAL OA 152 42.23 54.50 -31.21
CA VAL OA 152 42.96 55.09 -32.36
C VAL OA 152 44.21 55.86 -31.94
N CYS OA 153 44.64 55.73 -30.68
CA CYS OA 153 45.84 56.34 -30.09
C CYS OA 153 46.82 55.29 -29.55
N GLN OA 154 48.12 55.59 -29.50
CA GLN OA 154 49.15 54.65 -29.01
C GLN OA 154 49.16 54.48 -27.48
N GLY OA 155 48.55 55.39 -26.73
CA GLY OA 155 48.41 55.29 -25.28
C GLY OA 155 47.48 56.36 -24.71
N GLU OA 156 47.05 56.17 -23.47
CA GLU OA 156 46.30 57.14 -22.67
C GLU OA 156 47.00 57.40 -21.33
N VAL OA 157 46.95 58.64 -20.85
CA VAL OA 157 47.43 59.05 -19.52
C VAL OA 157 46.27 59.72 -18.77
N VAL OA 158 45.87 59.19 -17.63
CA VAL OA 158 44.64 59.61 -16.93
C VAL OA 158 44.87 59.89 -15.45
N GLY OA 159 44.33 61.00 -14.95
CA GLY OA 159 44.23 61.28 -13.51
C GLY OA 159 45.50 61.81 -12.83
N LEU OA 160 46.54 62.15 -13.59
CA LEU OA 160 47.82 62.66 -13.06
C LEU OA 160 47.89 64.19 -12.97
N GLY OA 161 46.76 64.89 -13.09
CA GLY OA 161 46.72 66.36 -13.08
C GLY OA 161 47.47 66.96 -14.26
N LEU OA 162 48.11 68.12 -14.06
CA LEU OA 162 48.93 68.76 -15.08
C LEU OA 162 50.22 67.97 -15.39
N GLY OA 163 50.59 66.98 -14.57
CA GLY OA 163 51.69 66.06 -14.85
C GLY OA 163 51.44 65.12 -16.03
N GLY OA 164 50.19 64.86 -16.41
CA GLY OA 164 49.86 63.93 -17.50
C GLY OA 164 50.41 64.34 -18.86
N TYR OA 165 50.42 65.65 -19.16
CA TYR OA 165 51.03 66.18 -20.37
C TYR OA 165 52.54 65.92 -20.44
N LEU OA 166 53.23 66.02 -19.30
CA LEU OA 166 54.67 65.85 -19.23
C LEU OA 166 55.07 64.39 -19.44
N ALA OA 167 54.31 63.44 -18.89
CA ALA OA 167 54.47 62.03 -19.22
C ALA OA 167 54.24 61.78 -20.71
N ALA OA 168 53.18 62.33 -21.30
CA ALA OA 168 52.89 62.14 -22.72
C ALA OA 168 54.02 62.66 -23.63
N MET OA 169 54.59 63.83 -23.36
CA MET OA 169 55.77 64.29 -24.09
C MET OA 169 56.97 63.35 -23.91
N GLY OA 170 57.19 62.82 -22.70
CA GLY OA 170 58.20 61.81 -22.46
C GLY OA 170 57.98 60.54 -23.28
N MET OA 171 56.76 60.01 -23.30
CA MET OA 171 56.39 58.83 -24.08
C MET OA 171 56.55 59.00 -25.59
N LEU OA 172 56.49 60.22 -26.12
CA LEU OA 172 56.74 60.49 -27.54
C LEU OA 172 58.23 60.67 -27.86
N VAL OA 173 59.03 61.14 -26.91
CA VAL OA 173 60.50 61.23 -27.07
C VAL OA 173 61.16 59.86 -26.95
N GLU OA 174 60.59 58.96 -26.13
CA GLU OA 174 61.05 57.57 -25.95
C GLU OA 174 60.82 56.67 -27.16
N MET PA 33 66.51 17.36 69.99
CA MET PA 33 65.52 17.78 68.97
C MET PA 33 64.71 18.98 69.47
N LYS PA 34 64.52 19.99 68.61
CA LYS PA 34 63.74 21.21 68.85
C LYS PA 34 62.50 21.26 67.94
N ILE PA 35 61.31 21.39 68.51
CA ILE PA 35 60.02 21.48 67.80
C ILE PA 35 59.44 22.88 67.94
N LEU PA 36 58.81 23.39 66.89
CA LEU PA 36 58.07 24.65 66.90
C LEU PA 36 56.57 24.41 66.64
N VAL PA 37 55.70 24.89 67.53
CA VAL PA 37 54.24 24.81 67.39
C VAL PA 37 53.69 26.21 67.10
N ILE PA 38 52.98 26.37 65.98
CA ILE PA 38 52.36 27.64 65.57
C ILE PA 38 50.84 27.51 65.54
N ASN PA 39 50.18 28.37 66.29
CA ASN PA 39 48.72 28.52 66.32
C ASN PA 39 48.29 29.82 65.63
N GLY PA 40 47.30 29.73 64.74
CA GLY PA 40 46.77 30.85 63.98
C GLY PA 40 45.84 31.79 64.75
N PRO PA 41 45.09 32.65 64.05
CA PRO PA 41 44.14 33.57 64.66
C PRO PA 41 43.00 32.83 65.36
N ASN PA 42 42.39 33.46 66.36
CA ASN PA 42 41.27 32.96 67.16
C ASN PA 42 41.56 31.74 68.06
N ILE PA 43 42.65 31.00 67.88
CA ILE PA 43 42.95 29.78 68.65
C ILE PA 43 43.12 30.08 70.15
N ASN PA 44 43.57 31.27 70.53
CA ASN PA 44 43.65 31.69 71.93
C ASN PA 44 42.29 31.78 72.65
N PHE PA 45 41.17 31.76 71.92
CA PHE PA 45 39.81 31.79 72.45
C PHE PA 45 39.15 30.39 72.55
N LEU PA 46 39.91 29.29 72.45
CA LEU PA 46 39.40 27.97 72.84
C LEU PA 46 38.79 28.01 74.25
N GLY PA 47 37.62 27.41 74.42
CA GLY PA 47 36.87 27.41 75.69
C GLY PA 47 36.03 28.66 75.94
N ILE PA 48 36.23 29.74 75.18
CA ILE PA 48 35.31 30.87 75.07
C ILE PA 48 34.43 30.68 73.82
N PRO PA 56 35.05 22.43 77.99
CA PRO PA 56 35.51 23.31 79.06
C PRO PA 56 37.02 23.59 79.04
N LEU PA 57 37.81 22.82 78.27
CA LEU PA 57 39.26 23.02 78.15
C LEU PA 57 39.57 24.32 77.40
N ASN PA 58 40.57 25.06 77.86
CA ASN PA 58 40.96 26.34 77.25
C ASN PA 58 42.38 26.31 76.64
N TYR PA 59 42.83 27.42 76.08
CA TYR PA 59 44.13 27.50 75.42
C TYR PA 59 45.31 27.21 76.36
N ASP PA 60 45.25 27.60 77.63
CA ASP PA 60 46.32 27.31 78.59
C ASP PA 60 46.37 25.82 78.96
N ASP PA 61 45.24 25.12 78.96
CA ASP PA 61 45.22 23.67 79.13
C ASP PA 61 45.94 22.97 77.98
N LEU PA 62 45.70 23.41 76.73
CA LEU PA 62 46.40 22.90 75.55
C LEU PA 62 47.92 23.16 75.63
N VAL PA 63 48.33 24.35 76.01
CA VAL PA 63 49.76 24.67 76.17
C VAL PA 63 50.40 23.79 77.23
N GLU PA 64 49.74 23.55 78.36
CA GLU PA 64 50.27 22.64 79.38
C GLU PA 64 50.35 21.18 78.89
N MET PA 65 49.36 20.68 78.16
CA MET PA 65 49.43 19.35 77.54
C MET PA 65 50.62 19.23 76.57
N ILE PA 66 50.88 20.25 75.73
CA ILE PA 66 52.01 20.25 74.80
C ILE PA 66 53.34 20.31 75.55
N LYS PA 67 53.50 21.24 76.49
CA LYS PA 67 54.74 21.36 77.27
C LYS PA 67 55.02 20.12 78.14
N GLY PA 68 54.00 19.49 78.70
CA GLY PA 68 54.14 18.24 79.45
C GLY PA 68 54.53 17.07 78.55
N THR PA 69 53.92 16.96 77.37
CA THR PA 69 54.24 15.91 76.40
C THR PA 69 55.65 16.06 75.84
N ALA PA 70 56.16 17.28 75.65
CA ALA PA 70 57.52 17.49 75.17
C ALA PA 70 58.58 16.88 76.10
N LYS PA 71 58.44 17.05 77.43
CA LYS PA 71 59.30 16.38 78.41
C LYS PA 71 59.20 14.86 78.32
N GLY PA 72 57.99 14.32 78.15
CA GLY PA 72 57.77 12.89 77.98
C GLY PA 72 58.50 12.32 76.76
N LEU PA 73 58.43 13.01 75.62
CA LEU PA 73 59.12 12.62 74.39
C LEU PA 73 60.62 12.98 74.37
N LYS PA 74 61.14 13.65 75.40
CA LYS PA 74 62.54 14.15 75.49
C LYS PA 74 62.91 15.11 74.35
N VAL PA 75 62.02 16.05 74.03
CA VAL PA 75 62.24 17.12 73.03
C VAL PA 75 62.07 18.50 73.65
N LYS PA 76 62.72 19.51 73.09
CA LYS PA 76 62.47 20.92 73.43
C LYS PA 76 61.34 21.46 72.54
N VAL PA 77 60.43 22.25 73.09
CA VAL PA 77 59.30 22.82 72.36
C VAL PA 77 59.16 24.32 72.57
N GLU PA 78 58.86 25.04 71.51
CA GLU PA 78 58.38 26.43 71.55
C GLU PA 78 56.95 26.49 71.03
N VAL PA 79 56.04 27.14 71.76
CA VAL PA 79 54.64 27.31 71.36
C VAL PA 79 54.34 28.78 71.13
N PHE PA 80 53.80 29.14 69.96
CA PHE PA 80 53.54 30.51 69.53
C PHE PA 80 52.11 30.66 69.02
N GLN PA 81 51.46 31.78 69.32
CA GLN PA 81 50.16 32.15 68.75
C GLN PA 81 50.14 33.63 68.36
N SER PA 82 49.53 33.98 67.23
CA SER PA 82 49.24 35.37 66.89
C SER PA 82 48.00 35.49 66.02
N ASN PA 83 47.29 36.63 66.11
CA ASN PA 83 46.20 36.96 65.20
C ASN PA 83 46.70 37.58 63.89
N HIS PA 84 47.98 37.92 63.75
CA HIS PA 84 48.52 38.55 62.54
C HIS PA 84 49.15 37.54 61.58
N GLU PA 85 48.66 37.52 60.33
CA GLU PA 85 49.22 36.69 59.24
C GLU PA 85 50.72 36.96 59.03
N GLY PA 86 51.13 38.22 59.06
CA GLY PA 86 52.54 38.59 58.90
C GLY PA 86 53.45 38.12 60.03
N ALA PA 87 52.96 38.05 61.27
CA ALA PA 87 53.76 37.58 62.39
C ALA PA 87 53.99 36.06 62.33
N ILE PA 88 53.04 35.30 61.76
CA ILE PA 88 53.23 33.88 61.48
C ILE PA 88 54.29 33.69 60.39
N ILE PA 89 54.26 34.48 59.31
CA ILE PA 89 55.30 34.41 58.27
C ILE PA 89 56.68 34.80 58.85
N ASP PA 90 56.78 35.82 59.69
CA ASP PA 90 58.02 36.14 60.39
C ASP PA 90 58.52 35.00 61.27
N LYS PA 91 57.64 34.33 62.02
CA LYS PA 91 58.00 33.18 62.86
C LYS PA 91 58.48 31.99 62.01
N LEU PA 92 57.85 31.71 60.87
CA LEU PA 92 58.31 30.68 59.93
C LEU PA 92 59.68 31.02 59.33
N GLN PA 93 59.93 32.28 58.96
CA GLN PA 93 61.24 32.70 58.47
C GLN PA 93 62.31 32.65 59.56
N GLU PA 94 61.98 33.02 60.80
CA GLU PA 94 62.89 32.92 61.94
C GLU PA 94 63.29 31.46 62.23
N ALA PA 95 62.37 30.51 62.11
CA ALA PA 95 62.65 29.10 62.34
C ALA PA 95 63.76 28.55 61.45
N TYR PA 96 63.84 29.01 60.20
CA TYR PA 96 64.89 28.63 59.26
C TYR PA 96 66.29 29.03 59.72
N TYR PA 97 66.45 30.19 60.35
CA TYR PA 97 67.73 30.64 60.89
C TYR PA 97 68.07 30.06 62.27
N ASN PA 98 67.15 29.34 62.92
CA ASN PA 98 67.28 28.83 64.28
C ASN PA 98 67.35 27.29 64.36
N ASP PA 99 67.48 26.59 63.22
CA ASP PA 99 67.67 25.14 63.14
C ASP PA 99 66.59 24.32 63.87
N VAL PA 100 65.32 24.73 63.72
CA VAL PA 100 64.16 23.94 64.16
C VAL PA 100 64.11 22.62 63.40
N ASP PA 101 63.88 21.50 64.09
CA ASP PA 101 63.89 20.17 63.50
C ASP PA 101 62.54 19.76 62.90
N GLY PA 102 61.44 20.36 63.34
CA GLY PA 102 60.10 20.13 62.79
C GLY PA 102 59.06 21.13 63.29
N ILE PA 103 58.01 21.33 62.50
CA ILE PA 103 56.96 22.33 62.74
C ILE PA 103 55.58 21.67 62.85
N VAL PA 104 54.81 22.02 63.87
CA VAL PA 104 53.38 21.70 63.95
C VAL PA 104 52.61 22.99 63.75
N ILE PA 105 51.69 23.07 62.80
CA ILE PA 105 50.94 24.31 62.52
C ILE PA 105 49.42 24.08 62.48
N ASN PA 106 48.68 24.96 63.15
CA ASN PA 106 47.22 25.05 63.06
C ASN PA 106 46.86 26.45 62.56
N PRO PA 107 46.65 26.66 61.25
CA PRO PA 107 46.43 28.00 60.71
C PRO PA 107 45.07 28.62 61.06
N GLY PA 108 44.14 27.87 61.68
CA GLY PA 108 42.75 28.32 61.77
C GLY PA 108 42.18 28.60 60.37
N ALA PA 109 41.43 29.70 60.23
CA ALA PA 109 40.78 30.08 58.97
C ALA PA 109 41.74 30.35 57.80
N PHE PA 110 43.01 30.73 58.04
CA PHE PA 110 43.99 30.97 56.97
C PHE PA 110 44.19 29.75 56.05
N THR PA 111 43.87 28.55 56.53
CA THR PA 111 43.85 27.30 55.76
C THR PA 111 43.04 27.38 54.46
N HIS PA 112 42.04 28.26 54.42
CA HIS PA 112 41.05 28.35 53.35
C HIS PA 112 41.22 29.57 52.43
N TYR PA 113 42.21 30.43 52.67
CA TYR PA 113 42.46 31.60 51.81
C TYR PA 113 43.89 32.16 51.80
N SER PA 114 44.77 31.88 52.78
CA SER PA 114 46.09 32.51 52.83
C SER PA 114 47.10 31.83 51.90
N TYR PA 115 47.15 32.26 50.64
CA TYR PA 115 48.23 31.88 49.75
C TYR PA 115 49.59 32.43 50.21
N ALA PA 116 49.63 33.50 51.01
CA ALA PA 116 50.88 34.00 51.57
C ALA PA 116 51.49 33.05 52.60
N VAL PA 117 50.71 32.46 53.51
CA VAL PA 117 51.20 31.45 54.46
C VAL PA 117 51.55 30.14 53.75
N ARG PA 118 50.77 29.73 52.74
CA ARG PA 118 51.14 28.60 51.86
C ARG PA 118 52.53 28.79 51.26
N ASP PA 119 52.77 29.91 50.60
CA ASP PA 119 54.06 30.18 49.97
C ASP PA 119 55.19 30.39 51.01
N ALA PA 120 54.87 30.84 52.22
CA ALA PA 120 55.84 30.87 53.32
C ALA PA 120 56.27 29.46 53.73
N LEU PA 121 55.33 28.52 53.90
CA LEU PA 121 55.62 27.12 54.17
C LEU PA 121 56.37 26.46 53.02
N ALA PA 122 56.08 26.80 51.77
CA ALA PA 122 56.84 26.34 50.62
C ALA PA 122 58.30 26.85 50.62
N SER PA 123 58.56 28.05 51.14
CA SER PA 123 59.92 28.62 51.17
C SER PA 123 60.90 27.90 52.10
N ILE PA 124 60.40 27.09 53.04
CA ILE PA 124 61.21 26.35 54.02
C ILE PA 124 61.07 24.83 53.85
N ALA PA 125 61.02 24.34 52.62
CA ALA PA 125 60.84 22.93 52.26
C ALA PA 125 61.85 21.95 52.89
N ALA PA 126 63.00 22.44 53.37
CA ALA PA 126 63.98 21.64 54.12
C ALA PA 126 63.49 21.13 55.49
N ILE PA 127 62.46 21.76 56.08
CA ILE PA 127 61.96 21.44 57.42
C ILE PA 127 60.63 20.67 57.30
N PRO PA 128 60.45 19.52 57.98
CA PRO PA 128 59.19 18.79 57.97
C PRO PA 128 58.11 19.53 58.77
N LYS PA 129 56.88 19.59 58.24
CA LYS PA 129 55.74 20.20 58.92
C LYS PA 129 54.51 19.31 58.90
N ILE PA 130 53.77 19.31 59.99
CA ILE PA 130 52.45 18.66 60.12
C ILE PA 130 51.37 19.74 60.35
N GLU PA 131 50.32 19.72 59.56
CA GLU PA 131 49.15 20.58 59.77
C GLU PA 131 48.14 19.93 60.74
N VAL PA 132 47.53 20.71 61.63
CA VAL PA 132 46.58 20.22 62.66
C VAL PA 132 45.28 21.02 62.62
N HIS PA 133 44.13 20.33 62.68
CA HIS PA 133 42.81 20.94 62.93
C HIS PA 133 42.08 20.28 64.08
N ILE PA 134 41.59 21.08 65.01
CA ILE PA 134 40.92 20.60 66.23
C ILE PA 134 39.55 20.01 65.89
N SER PA 135 38.75 20.74 65.10
CA SER PA 135 37.45 20.31 64.60
C SER PA 135 37.54 19.72 63.19
N ASN PA 136 36.49 19.04 62.73
CA ASN PA 136 36.42 18.31 61.46
C ASN PA 136 36.25 19.24 60.24
N VAL PA 137 37.14 20.22 60.06
CA VAL PA 137 36.96 21.37 59.14
C VAL PA 137 36.54 21.00 57.71
N THR PA 146 37.95 22.29 51.12
CA THR PA 146 39.30 22.09 50.53
C THR PA 146 40.25 23.19 51.00
N SER PA 147 41.54 22.87 51.14
CA SER PA 147 42.53 23.67 51.89
C SER PA 147 43.77 24.00 51.06
N VAL PA 148 44.34 25.20 51.24
CA VAL PA 148 45.48 25.69 50.43
C VAL PA 148 46.86 25.33 51.02
N THR PA 149 46.96 25.15 52.34
CA THR PA 149 48.22 24.88 53.07
C THR PA 149 48.60 23.39 53.20
N VAL PA 150 47.66 22.47 52.91
CA VAL PA 150 47.88 21.02 53.02
C VAL PA 150 48.98 20.46 52.09
N PRO PA 151 49.02 20.75 50.77
CA PRO PA 151 49.95 20.08 49.86
C PRO PA 151 51.43 20.46 50.05
N VAL PA 152 51.71 21.54 50.80
CA VAL PA 152 53.08 21.99 51.15
C VAL PA 152 53.55 21.44 52.52
N CYS PA 153 52.81 20.51 53.12
CA CYS PA 153 53.12 19.86 54.40
C CYS PA 153 53.27 18.33 54.23
N GLN PA 154 54.01 17.69 55.14
CA GLN PA 154 54.25 16.25 55.10
C GLN PA 154 53.09 15.39 55.64
N GLY PA 155 52.08 16.00 56.26
CA GLY PA 155 50.85 15.34 56.69
C GLY PA 155 49.85 16.29 57.34
N GLU PA 156 48.61 15.84 57.51
CA GLU PA 156 47.55 16.56 58.23
C GLU PA 156 46.90 15.65 59.29
N VAL PA 157 46.56 16.21 60.44
CA VAL PA 157 45.79 15.55 61.51
C VAL PA 157 44.51 16.34 61.76
N VAL PA 158 43.34 15.73 61.62
CA VAL PA 158 42.06 16.46 61.62
C VAL PA 158 41.02 15.81 62.53
N GLY PA 159 40.33 16.62 63.34
CA GLY PA 159 39.13 16.19 64.07
C GLY PA 159 39.38 15.37 65.33
N LEU PA 160 40.64 15.17 65.75
CA LEU PA 160 40.99 14.43 66.97
C LEU PA 160 41.00 15.32 68.23
N GLY PA 161 40.42 16.52 68.16
CA GLY PA 161 40.42 17.48 69.28
C GLY PA 161 41.82 17.94 69.64
N LEU PA 162 42.07 18.21 70.92
CA LEU PA 162 43.38 18.60 71.42
C LEU PA 162 44.39 17.45 71.34
N GLY PA 163 43.95 16.21 71.15
CA GLY PA 163 44.81 15.05 70.89
C GLY PA 163 45.58 15.15 69.57
N GLY PA 164 45.11 15.92 68.59
CA GLY PA 164 45.77 16.03 67.29
C GLY PA 164 47.20 16.61 67.35
N TYR PA 165 47.47 17.51 68.29
CA TYR PA 165 48.82 18.03 68.53
C TYR PA 165 49.77 16.94 69.05
N LEU PA 166 49.28 16.01 69.85
CA LEU PA 166 50.11 14.95 70.43
C LEU PA 166 50.50 13.93 69.37
N ALA PA 167 49.57 13.57 68.49
CA ALA PA 167 49.91 12.77 67.31
C ALA PA 167 50.92 13.47 66.42
N ALA PA 168 50.75 14.77 66.14
CA ALA PA 168 51.68 15.51 65.30
C ALA PA 168 53.11 15.53 65.87
N MET PA 169 53.29 15.74 67.18
CA MET PA 169 54.61 15.61 67.80
C MET PA 169 55.17 14.19 67.69
N GLY PA 170 54.34 13.16 67.86
CA GLY PA 170 54.77 11.78 67.65
C GLY PA 170 55.25 11.53 66.21
N MET PA 171 54.49 11.97 65.21
CA MET PA 171 54.86 11.86 63.80
C MET PA 171 56.15 12.60 63.44
N LEU PA 172 56.51 13.67 64.16
CA LEU PA 172 57.79 14.36 63.95
C LEU PA 172 58.96 13.68 64.66
N VAL PA 173 58.73 12.99 65.78
CA VAL PA 173 59.76 12.21 66.47
C VAL PA 173 60.07 10.90 65.74
N GLU PA 174 59.09 10.31 65.05
CA GLU PA 174 59.23 9.10 64.22
C GLU PA 174 60.00 9.33 62.91
N MET QA 33 97.42 11.52 0.68
CA MET QA 33 96.18 10.82 0.32
C MET QA 33 96.26 10.28 -1.11
N LYS QA 34 95.82 9.04 -1.33
CA LYS QA 34 95.77 8.33 -2.61
C LYS QA 34 94.33 8.02 -3.02
N ILE QA 35 93.90 8.48 -4.19
CA ILE QA 35 92.55 8.29 -4.75
C ILE QA 35 92.62 7.34 -5.96
N LEU QA 36 91.64 6.46 -6.12
CA LEU QA 36 91.49 5.62 -7.31
C LEU QA 36 90.21 5.97 -8.07
N VAL QA 37 90.33 6.26 -9.36
CA VAL QA 37 89.19 6.52 -10.25
C VAL QA 37 89.00 5.36 -11.21
N ILE QA 38 87.82 4.76 -11.22
CA ILE QA 38 87.48 3.61 -12.06
C ILE QA 38 86.35 3.97 -13.03
N ASN QA 39 86.59 3.79 -14.32
CA ASN QA 39 85.62 3.97 -15.39
C ASN QA 39 85.23 2.62 -16.01
N GLY QA 40 83.94 2.35 -16.16
CA GLY QA 40 83.41 1.12 -16.71
C GLY QA 40 83.48 1.03 -18.25
N PRO QA 41 82.74 0.10 -18.86
CA PRO QA 41 82.71 -0.07 -20.31
C PRO QA 41 82.18 1.16 -21.04
N ASN QA 42 82.60 1.35 -22.28
CA ASN QA 42 82.22 2.44 -23.18
C ASN QA 42 82.66 3.86 -22.81
N ILE QA 43 83.09 4.13 -21.57
CA ILE QA 43 83.48 5.49 -21.13
C ILE QA 43 84.67 6.04 -21.93
N ASN QA 44 85.56 5.19 -22.45
CA ASN QA 44 86.67 5.61 -23.31
C ASN QA 44 86.22 6.20 -24.66
N PHE QA 45 84.96 6.01 -25.06
CA PHE QA 45 84.37 6.52 -26.30
C PHE QA 45 83.57 7.83 -26.12
N LEU QA 46 83.71 8.53 -24.98
CA LEU QA 46 83.22 9.92 -24.86
C LEU QA 46 83.72 10.79 -26.02
N GLY QA 47 82.84 11.65 -26.54
CA GLY QA 47 83.14 12.53 -27.67
C GLY QA 47 83.12 11.84 -29.04
N ILE QA 48 83.10 10.51 -29.09
CA ILE QA 48 82.71 9.72 -30.26
C ILE QA 48 81.22 9.36 -30.14
N PRO QA 56 81.94 18.00 -27.48
CA PRO QA 56 83.19 17.74 -28.18
C PRO QA 56 84.33 17.24 -27.27
N LEU QA 57 84.20 17.30 -25.94
CA LEU QA 57 85.22 16.79 -25.01
C LEU QA 57 85.31 15.26 -25.06
N ASN QA 58 86.54 14.73 -25.11
CA ASN QA 58 86.80 13.29 -25.19
C ASN QA 58 87.39 12.73 -23.89
N TYR QA 59 87.70 11.44 -23.85
CA TYR QA 59 88.21 10.78 -22.66
C TYR QA 59 89.58 11.31 -22.20
N ASP QA 60 90.47 11.70 -23.11
CA ASP QA 60 91.77 12.27 -22.71
C ASP QA 60 91.63 13.65 -22.07
N ASP QA 61 90.64 14.45 -22.49
CA ASP QA 61 90.29 15.70 -21.83
C ASP QA 61 89.86 15.46 -20.38
N LEU QA 62 88.99 14.47 -20.15
CA LEU QA 62 88.56 14.08 -18.81
C LEU QA 62 89.73 13.61 -17.94
N VAL QA 63 90.64 12.79 -18.47
CA VAL QA 63 91.81 12.35 -17.73
C VAL QA 63 92.69 13.53 -17.33
N GLU QA 64 92.92 14.50 -18.23
CA GLU QA 64 93.71 15.68 -17.90
C GLU QA 64 93.03 16.57 -16.84
N MET QA 65 91.71 16.76 -16.89
CA MET QA 65 90.98 17.47 -15.84
C MET QA 65 91.13 16.80 -14.48
N ILE QA 66 91.05 15.47 -14.40
CA ILE QA 66 91.21 14.73 -13.14
C ILE QA 66 92.66 14.86 -12.63
N LYS QA 67 93.66 14.61 -13.47
CA LYS QA 67 95.07 14.71 -13.07
C LYS QA 67 95.49 16.13 -12.67
N GLY QA 68 94.97 17.16 -13.34
CA GLY QA 68 95.20 18.56 -12.95
C GLY QA 68 94.54 18.92 -11.62
N THR QA 69 93.30 18.49 -11.40
CA THR QA 69 92.59 18.73 -10.14
C THR QA 69 93.23 18.00 -8.96
N ALA QA 70 93.81 16.81 -9.18
CA ALA QA 70 94.53 16.09 -8.13
C ALA QA 70 95.71 16.91 -7.58
N LYS QA 71 96.52 17.53 -8.46
CA LYS QA 71 97.56 18.47 -8.04
C LYS QA 71 97.01 19.67 -7.29
N GLY QA 72 95.87 20.21 -7.73
CA GLY QA 72 95.17 21.30 -7.04
C GLY QA 72 94.76 20.96 -5.61
N LEU QA 73 94.15 19.79 -5.41
CA LEU QA 73 93.77 19.27 -4.09
C LEU QA 73 94.94 18.66 -3.30
N LYS QA 74 96.15 18.61 -3.85
CA LYS QA 74 97.35 17.99 -3.26
C LYS QA 74 97.18 16.51 -2.91
N VAL QA 75 96.58 15.73 -3.81
CA VAL QA 75 96.37 14.28 -3.68
C VAL QA 75 97.01 13.52 -4.83
N LYS QA 76 97.40 12.25 -4.61
CA LYS QA 76 97.79 11.35 -5.71
C LYS QA 76 96.56 10.66 -6.28
N VAL QA 77 96.52 10.46 -7.60
CA VAL QA 77 95.41 9.81 -8.28
C VAL QA 77 95.88 8.78 -9.29
N GLU QA 78 95.20 7.64 -9.34
CA GLU QA 78 95.28 6.67 -10.43
C GLU QA 78 93.93 6.66 -11.17
N VAL QA 79 93.95 6.78 -12.50
CA VAL QA 79 92.76 6.68 -13.34
C VAL QA 79 92.82 5.41 -14.18
N PHE QA 80 91.76 4.59 -14.12
CA PHE QA 80 91.69 3.29 -14.78
C PHE QA 80 90.38 3.14 -15.56
N GLN QA 81 90.44 2.51 -16.73
CA GLN QA 81 89.26 2.15 -17.52
C GLN QA 81 89.41 0.74 -18.09
N SER QA 82 88.33 -0.04 -18.12
CA SER QA 82 88.30 -1.33 -18.82
C SER QA 82 86.89 -1.67 -19.30
N ASN QA 83 86.78 -2.36 -20.43
CA ASN QA 83 85.52 -2.91 -20.91
C ASN QA 83 85.15 -4.25 -20.25
N HIS QA 84 86.02 -4.86 -19.43
CA HIS QA 84 85.79 -6.15 -18.80
C HIS QA 84 85.27 -6.03 -17.37
N GLU QA 85 84.13 -6.64 -17.06
CA GLU QA 85 83.56 -6.68 -15.70
C GLU QA 85 84.54 -7.31 -14.70
N GLY QA 86 85.23 -8.40 -15.08
CA GLY QA 86 86.20 -9.06 -14.21
C GLY QA 86 87.44 -8.22 -13.93
N ALA QA 87 87.88 -7.37 -14.86
CA ALA QA 87 89.04 -6.51 -14.65
C ALA QA 87 88.75 -5.38 -13.65
N ILE QA 88 87.51 -4.90 -13.60
CA ILE QA 88 87.07 -3.95 -12.57
C ILE QA 88 87.10 -4.61 -11.20
N ILE QA 89 86.58 -5.83 -11.07
CA ILE QA 89 86.60 -6.57 -9.80
C ILE QA 89 88.04 -6.86 -9.37
N ASP QA 90 88.94 -7.24 -10.28
CA ASP QA 90 90.36 -7.36 -9.95
C ASP QA 90 90.98 -6.05 -9.46
N LYS QA 91 90.65 -4.91 -10.10
CA LYS QA 91 91.15 -3.58 -9.70
C LYS QA 91 90.65 -3.19 -8.31
N LEU QA 92 89.38 -3.45 -8.00
CA LEU QA 92 88.82 -3.21 -6.67
C LEU QA 92 89.49 -4.08 -5.59
N GLN QA 93 89.77 -5.34 -5.89
CA GLN QA 93 90.51 -6.21 -4.99
C GLN QA 93 91.97 -5.76 -4.83
N GLU QA 94 92.63 -5.31 -5.88
CA GLU QA 94 93.98 -4.75 -5.79
C GLU QA 94 94.02 -3.50 -4.90
N ALA QA 95 93.01 -2.63 -4.97
CA ALA QA 95 92.94 -1.41 -4.17
C ALA QA 95 92.98 -1.69 -2.66
N TYR QA 96 92.33 -2.77 -2.22
CA TYR QA 96 92.31 -3.17 -0.81
C TYR QA 96 93.69 -3.55 -0.26
N TYR QA 97 94.54 -4.17 -1.08
CA TYR QA 97 95.92 -4.50 -0.70
C TYR QA 97 96.92 -3.35 -0.88
N ASN QA 98 96.49 -2.20 -1.42
CA ASN QA 98 97.36 -1.07 -1.74
C ASN QA 98 97.02 0.21 -0.97
N ASP QA 99 96.16 0.13 0.06
CA ASP QA 99 95.83 1.24 0.97
C ASP QA 99 95.35 2.50 0.25
N VAL QA 100 94.47 2.34 -0.74
CA VAL QA 100 93.74 3.45 -1.35
C VAL QA 100 92.84 4.11 -0.30
N ASP QA 101 92.83 5.44 -0.23
CA ASP QA 101 92.08 6.18 0.79
C ASP QA 101 90.63 6.45 0.39
N GLY QA 102 90.30 6.45 -0.90
CA GLY QA 102 88.94 6.59 -1.39
C GLY QA 102 88.82 6.28 -2.88
N ILE QA 103 87.62 5.87 -3.32
CA ILE QA 103 87.36 5.41 -4.69
C ILE QA 103 86.27 6.26 -5.34
N VAL QA 104 86.52 6.72 -6.57
CA VAL QA 104 85.48 7.30 -7.43
C VAL QA 104 85.18 6.29 -8.53
N ILE QA 105 83.92 5.90 -8.72
CA ILE QA 105 83.57 4.90 -9.73
C ILE QA 105 82.42 5.36 -10.62
N ASN QA 106 82.57 5.18 -11.93
CA ASN QA 106 81.52 5.33 -12.91
C ASN QA 106 81.33 3.98 -13.62
N PRO QA 107 80.37 3.15 -13.23
CA PRO QA 107 80.20 1.81 -13.80
C PRO QA 107 79.70 1.79 -15.25
N GLY QA 108 79.24 2.90 -15.82
CA GLY QA 108 78.46 2.87 -17.06
C GLY QA 108 77.20 2.00 -16.90
N ALA QA 109 76.88 1.18 -17.90
CA ALA QA 109 75.68 0.34 -17.90
C ALA QA 109 75.62 -0.73 -16.80
N PHE QA 110 76.77 -1.17 -16.24
CA PHE QA 110 76.81 -2.17 -15.16
C PHE QA 110 76.03 -1.73 -13.91
N THR QA 111 75.81 -0.44 -13.74
CA THR QA 111 74.96 0.17 -12.71
C THR QA 111 73.57 -0.47 -12.60
N HIS QA 112 73.03 -0.95 -13.71
CA HIS QA 112 71.65 -1.41 -13.82
C HIS QA 112 71.50 -2.93 -13.81
N TYR QA 113 72.59 -3.70 -13.76
CA TYR QA 113 72.51 -5.18 -13.79
C TYR QA 113 73.67 -5.96 -13.15
N SER QA 114 74.85 -5.38 -12.93
CA SER QA 114 75.99 -6.16 -12.41
C SER QA 114 75.93 -6.34 -10.90
N TYR QA 115 75.27 -7.41 -10.45
CA TYR QA 115 75.33 -7.81 -9.05
C TYR QA 115 76.73 -8.27 -8.63
N ALA QA 116 77.59 -8.70 -9.58
CA ALA QA 116 78.97 -9.03 -9.26
C ALA QA 116 79.79 -7.80 -8.85
N VAL QA 117 79.68 -6.67 -9.58
CA VAL QA 117 80.37 -5.42 -9.22
C VAL QA 117 79.79 -4.82 -7.94
N ARG QA 118 78.47 -4.90 -7.73
CA ARG QA 118 77.83 -4.56 -6.45
C ARG QA 118 78.48 -5.31 -5.29
N ASP QA 119 78.54 -6.62 -5.37
CA ASP QA 119 79.11 -7.43 -4.30
C ASP QA 119 80.63 -7.25 -4.16
N ALA QA 120 81.35 -6.89 -5.23
CA ALA QA 120 82.74 -6.49 -5.12
C ALA QA 120 82.91 -5.21 -4.29
N LEU QA 121 82.11 -4.19 -4.55
CA LEU QA 121 82.09 -2.96 -3.76
C LEU QA 121 81.67 -3.22 -2.30
N ALA QA 122 80.72 -4.12 -2.06
CA ALA QA 122 80.36 -4.54 -0.71
C ALA QA 122 81.50 -5.26 0.02
N SER QA 123 82.36 -5.99 -0.69
CA SER QA 123 83.48 -6.72 -0.08
C SER QA 123 84.57 -5.82 0.51
N ILE QA 124 84.73 -4.60 0.00
CA ILE QA 124 85.74 -3.62 0.45
C ILE QA 124 85.13 -2.50 1.30
N ALA QA 125 84.18 -2.83 2.17
CA ALA QA 125 83.38 -1.87 2.94
C ALA QA 125 84.19 -0.88 3.82
N ALA QA 126 85.46 -1.18 4.13
CA ALA QA 126 86.34 -0.29 4.87
C ALA QA 126 86.75 0.98 4.10
N ILE QA 127 86.62 1.01 2.77
CA ILE QA 127 87.08 2.10 1.91
C ILE QA 127 85.88 2.96 1.46
N PRO QA 128 85.91 4.29 1.61
CA PRO QA 128 84.83 5.15 1.14
C PRO QA 128 84.79 5.24 -0.38
N LYS QA 129 83.61 5.13 -0.99
CA LYS QA 129 83.42 5.25 -2.45
C LYS QA 129 82.27 6.17 -2.83
N ILE QA 130 82.45 6.93 -3.90
CA ILE QA 130 81.42 7.76 -4.53
C ILE QA 130 81.13 7.23 -5.93
N GLU QA 131 79.86 7.06 -6.27
CA GLU QA 131 79.44 6.71 -7.62
C GLU QA 131 79.16 7.97 -8.48
N VAL QA 132 79.57 7.97 -9.75
CA VAL QA 132 79.43 9.12 -10.67
C VAL QA 132 78.72 8.71 -11.96
N HIS QA 133 77.75 9.53 -12.41
CA HIS QA 133 77.16 9.45 -13.75
C HIS QA 133 77.22 10.79 -14.48
N ILE QA 134 77.70 10.77 -15.71
CA ILE QA 134 77.87 11.97 -16.54
C ILE QA 134 76.52 12.53 -16.99
N SER QA 135 75.63 11.67 -17.48
CA SER QA 135 74.26 12.00 -17.89
C SER QA 135 73.22 11.59 -16.85
N ASN QA 136 72.00 12.09 -16.98
CA ASN QA 136 70.91 11.93 -16.00
C ASN QA 136 70.26 10.53 -16.02
N VAL QA 137 71.04 9.45 -15.85
CA VAL QA 137 70.63 8.06 -16.11
C VAL QA 137 69.32 7.64 -15.43
N THR QA 146 66.39 2.61 -11.83
CA THR QA 146 66.89 2.19 -10.51
C THR QA 146 68.23 1.46 -10.65
N SER QA 147 69.13 1.61 -9.68
CA SER QA 147 70.53 1.20 -9.75
C SER QA 147 70.90 0.19 -8.66
N VAL QA 148 71.72 -0.82 -8.99
CA VAL QA 148 72.11 -1.88 -8.04
C VAL QA 148 73.37 -1.55 -7.21
N THR QA 149 74.23 -0.65 -7.69
CA THR QA 149 75.54 -0.30 -7.08
C THR QA 149 75.49 0.89 -6.09
N VAL QA 150 74.41 1.68 -6.07
CA VAL QA 150 74.29 2.87 -5.19
C VAL QA 150 74.30 2.57 -3.69
N PRO QA 151 73.55 1.60 -3.15
CA PRO QA 151 73.41 1.46 -1.69
C PRO QA 151 74.66 0.92 -0.98
N VAL QA 152 75.66 0.45 -1.73
CA VAL QA 152 76.98 0.00 -1.23
C VAL QA 152 78.05 1.11 -1.32
N CYS QA 153 77.65 2.36 -1.59
CA CYS QA 153 78.51 3.55 -1.69
C CYS QA 153 78.10 4.65 -0.70
N GLN QA 154 79.03 5.54 -0.35
CA GLN QA 154 78.76 6.67 0.55
C GLN QA 154 77.94 7.81 -0.10
N GLY QA 155 77.85 7.86 -1.42
CA GLY QA 155 77.04 8.84 -2.14
C GLY QA 155 77.10 8.68 -3.65
N GLU QA 156 76.19 9.37 -4.36
CA GLU QA 156 76.15 9.40 -5.82
C GLU QA 156 76.12 10.86 -6.34
N VAL QA 157 76.78 11.11 -7.46
CA VAL QA 157 76.76 12.39 -8.18
C VAL QA 157 76.27 12.16 -9.59
N VAL QA 158 75.19 12.81 -10.01
CA VAL QA 158 74.49 12.49 -11.26
C VAL QA 158 74.21 13.74 -12.09
N GLY QA 159 74.50 13.69 -13.39
CA GLY QA 159 74.02 14.67 -14.36
C GLY QA 159 74.79 15.99 -14.42
N LEU QA 160 75.91 16.12 -13.71
CA LEU QA 160 76.76 17.32 -13.72
C LEU QA 160 77.81 17.32 -14.83
N GLY QA 161 77.67 16.47 -15.85
CA GLY QA 161 78.66 16.33 -16.91
C GLY QA 161 80.01 15.82 -16.40
N LEU QA 162 81.11 16.28 -16.99
CA LEU QA 162 82.45 15.94 -16.52
C LEU QA 162 82.77 16.58 -15.15
N GLY QA 163 82.00 17.58 -14.71
CA GLY QA 163 82.15 18.18 -13.38
C GLY QA 163 81.84 17.24 -12.22
N GLY QA 164 81.08 16.17 -12.43
CA GLY QA 164 80.71 15.22 -11.37
C GLY QA 164 81.91 14.50 -10.74
N TYR QA 165 82.97 14.23 -11.51
CA TYR QA 165 84.21 13.67 -10.97
C TYR QA 165 84.90 14.63 -10.00
N LEU QA 166 84.85 15.94 -10.30
CA LEU QA 166 85.51 16.95 -9.49
C LEU QA 166 84.79 17.15 -8.16
N ALA QA 167 83.45 17.13 -8.16
CA ALA QA 167 82.70 17.05 -6.92
C ALA QA 167 83.05 15.80 -6.11
N ALA QA 168 83.08 14.62 -6.74
CA ALA QA 168 83.39 13.38 -6.04
C ALA QA 168 84.78 13.39 -5.39
N MET QA 169 85.80 13.90 -6.07
CA MET QA 169 87.13 14.08 -5.44
C MET QA 169 87.09 15.05 -4.26
N GLY QA 170 86.34 16.15 -4.35
CA GLY QA 170 86.13 17.06 -3.23
C GLY QA 170 85.46 16.37 -2.04
N MET QA 171 84.39 15.61 -2.29
CA MET QA 171 83.68 14.86 -1.26
C MET QA 171 84.53 13.80 -0.57
N LEU QA 172 85.57 13.26 -1.22
CA LEU QA 172 86.51 12.34 -0.58
C LEU QA 172 87.60 13.06 0.23
N VAL QA 173 88.01 14.26 -0.18
CA VAL QA 173 88.96 15.08 0.59
C VAL QA 173 88.31 15.66 1.85
N GLU QA 174 87.02 15.97 1.81
CA GLU QA 174 86.23 16.47 2.95
C GLU QA 174 85.96 15.41 4.04
N MET RA 33 25.33 52.61 78.94
CA MET RA 33 25.62 51.73 77.79
C MET RA 33 26.89 52.16 77.07
N LYS RA 34 27.73 51.20 76.67
CA LYS RA 34 29.00 51.39 75.96
C LYS RA 34 28.99 50.71 74.58
N ILE RA 35 29.22 51.46 73.52
CA ILE RA 35 29.25 51.00 72.13
C ILE RA 35 30.70 51.03 71.60
N LEU RA 36 31.07 50.05 70.78
CA LEU RA 36 32.34 50.03 70.06
C LEU RA 36 32.14 50.10 68.55
N VAL RA 37 32.79 51.04 67.87
CA VAL RA 37 32.74 51.19 66.42
C VAL RA 37 34.10 50.82 65.81
N ILE RA 38 34.12 49.87 64.89
CA ILE RA 38 35.33 49.38 64.23
C ILE RA 38 35.26 49.65 62.72
N ASN RA 39 36.25 50.37 62.21
CA ASN RA 39 36.45 50.62 60.78
C ASN RA 39 37.64 49.84 60.23
N GLY RA 40 37.46 49.16 59.11
CA GLY RA 40 38.47 48.33 58.45
C GLY RA 40 39.53 49.11 57.68
N PRO RA 41 40.30 48.44 56.81
CA PRO RA 41 41.33 49.07 56.01
C PRO RA 41 40.75 50.09 55.02
N ASN RA 42 41.55 51.09 54.65
CA ASN RA 42 41.22 52.16 53.70
C ASN RA 42 40.13 53.16 54.12
N ILE RA 43 39.34 52.90 55.17
CA ILE RA 43 38.24 53.80 55.58
C ILE RA 43 38.76 55.17 56.03
N ASN RA 44 39.97 55.27 56.58
CA ASN RA 44 40.58 56.54 56.94
C ASN RA 44 40.86 57.47 55.74
N PHE RA 45 40.82 56.96 54.52
CA PHE RA 45 40.97 57.72 53.27
C PHE RA 45 39.64 58.16 52.63
N LEU RA 46 38.50 58.10 53.34
CA LEU RA 46 37.27 58.79 52.92
C LEU RA 46 37.56 60.27 52.59
N GLY RA 47 36.97 60.78 51.51
CA GLY RA 47 37.17 62.15 51.03
C GLY RA 47 38.49 62.36 50.25
N ILE RA 48 39.42 61.41 50.32
CA ILE RA 48 40.58 61.33 49.40
C ILE RA 48 40.24 60.32 48.28
N PRO RA 56 32.74 65.66 49.58
CA PRO RA 56 33.75 66.42 50.31
C PRO RA 56 33.93 66.00 51.77
N LEU RA 57 33.02 65.21 52.35
CA LEU RA 57 33.13 64.73 53.74
C LEU RA 57 34.26 63.72 53.91
N ASN RA 58 35.04 63.84 54.99
CA ASN RA 58 36.19 62.98 55.26
C ASN RA 58 36.02 62.12 56.52
N TYR RA 59 37.03 61.34 56.87
CA TYR RA 59 36.98 60.45 58.03
C TYR RA 59 36.80 61.20 59.37
N ASP RA 60 37.39 62.39 59.54
CA ASP RA 60 37.19 63.16 60.77
C ASP RA 60 35.77 63.71 60.90
N ASP RA 61 35.12 64.03 59.79
CA ASP RA 61 33.70 64.41 59.79
C ASP RA 61 32.82 63.27 60.27
N LEU RA 62 33.07 62.04 59.80
CA LEU RA 62 32.37 60.84 60.26
C LEU RA 62 32.57 60.61 61.76
N VAL RA 63 33.80 60.75 62.27
CA VAL RA 63 34.06 60.56 63.70
C VAL RA 63 33.30 61.59 64.54
N GLU RA 64 33.27 62.86 64.13
CA GLU RA 64 32.50 63.87 64.86
C GLU RA 64 30.99 63.62 64.81
N MET RA 65 30.43 63.19 63.68
CA MET RA 65 29.02 62.78 63.59
C MET RA 65 28.70 61.63 64.56
N ILE RA 66 29.56 60.62 64.65
CA ILE RA 66 29.37 59.49 65.57
C ILE RA 66 29.47 59.96 67.03
N LYS RA 67 30.51 60.72 67.40
CA LYS RA 67 30.67 61.21 68.78
C LYS RA 67 29.57 62.16 69.22
N GLY RA 68 29.07 63.02 68.32
CA GLY RA 68 27.94 63.89 68.61
C GLY RA 68 26.64 63.11 68.79
N THR RA 69 26.39 62.10 67.95
CA THR RA 69 25.21 61.24 68.06
C THR RA 69 25.21 60.40 69.33
N ALA RA 70 26.39 59.94 69.80
CA ALA RA 70 26.49 59.21 71.05
C ALA RA 70 25.99 60.02 72.25
N LYS RA 71 26.40 61.30 72.37
CA LYS RA 71 25.86 62.22 73.39
C LYS RA 71 24.36 62.39 73.26
N GLY RA 72 23.84 62.53 72.04
CA GLY RA 72 22.41 62.62 71.78
C GLY RA 72 21.63 61.40 72.28
N LEU RA 73 22.10 60.19 71.98
CA LEU RA 73 21.52 58.93 72.44
C LEU RA 73 21.83 58.60 73.92
N LYS RA 74 22.63 59.42 74.61
CA LYS RA 74 23.09 59.20 75.99
C LYS RA 74 23.87 57.88 76.18
N VAL RA 75 24.76 57.57 75.25
CA VAL RA 75 25.66 56.39 75.28
C VAL RA 75 27.13 56.79 75.24
N LYS RA 76 28.01 55.97 75.79
CA LYS RA 76 29.47 56.08 75.59
C LYS RA 76 29.89 55.36 74.31
N VAL RA 77 30.83 55.92 73.56
CA VAL RA 77 31.32 55.32 72.31
C VAL RA 77 32.84 55.35 72.21
N GLU RA 78 33.44 54.28 71.71
CA GLU RA 78 34.82 54.23 71.25
C GLU RA 78 34.85 53.99 69.74
N VAL RA 79 35.62 54.78 69.00
CA VAL RA 79 35.79 54.62 67.55
C VAL RA 79 37.23 54.21 67.24
N PHE RA 80 37.41 53.12 66.49
CA PHE RA 80 38.70 52.53 66.16
C PHE RA 80 38.82 52.27 64.65
N GLN RA 81 40.01 52.51 64.08
CA GLN RA 81 40.33 52.13 62.71
C GLN RA 81 41.73 51.53 62.64
N SER RA 82 41.93 50.49 61.82
CA SER RA 82 43.26 49.97 61.50
C SER RA 82 43.31 49.34 60.12
N ASN RA 83 44.45 49.41 59.45
CA ASN RA 83 44.68 48.68 58.20
C ASN RA 83 45.10 47.21 58.44
N HIS RA 84 45.39 46.80 59.67
CA HIS RA 84 45.83 45.43 59.98
C HIS RA 84 44.66 44.52 60.38
N GLU RA 85 44.47 43.41 59.66
CA GLU RA 85 43.46 42.39 59.97
C GLU RA 85 43.60 41.86 61.41
N GLY RA 86 44.83 41.61 61.86
CA GLY RA 86 45.09 41.12 63.21
C GLY RA 86 44.79 42.14 64.32
N ALA RA 87 44.90 43.44 64.06
CA ALA RA 87 44.56 44.46 65.05
C ALA RA 87 43.05 44.56 65.26
N ILE RA 88 42.25 44.30 64.21
CA ILE RA 88 40.80 44.20 64.34
C ILE RA 88 40.41 42.97 65.16
N ILE RA 89 41.04 41.81 64.94
CA ILE RA 89 40.80 40.61 65.75
C ILE RA 89 41.22 40.85 67.22
N ASP RA 90 42.36 41.48 67.48
CA ASP RA 90 42.74 41.87 68.84
C ASP RA 90 41.72 42.81 69.48
N LYS RA 91 41.18 43.80 68.75
CA LYS RA 91 40.16 44.73 69.25
C LYS RA 91 38.85 44.01 69.56
N LEU RA 92 38.41 43.08 68.73
CA LEU RA 92 37.23 42.25 69.01
C LEU RA 92 37.44 41.36 70.25
N GLN RA 93 38.62 40.76 70.41
CA GLN RA 93 38.92 39.97 71.61
C GLN RA 93 39.03 40.84 72.86
N GLU RA 94 39.58 42.05 72.76
CA GLU RA 94 39.61 42.99 73.88
C GLU RA 94 38.20 43.39 74.32
N ALA RA 95 37.27 43.60 73.38
CA ALA RA 95 35.90 44.01 73.68
C ALA RA 95 35.18 43.02 74.61
N TYR RA 96 35.41 41.72 74.43
CA TYR RA 96 34.82 40.67 75.26
C TYR RA 96 35.24 40.76 76.73
N TYR RA 97 36.47 41.18 77.02
CA TYR RA 97 36.97 41.37 78.38
C TYR RA 97 36.57 42.72 79.00
N ASN RA 98 35.95 43.63 78.24
CA ASN RA 98 35.66 45.00 78.65
C ASN RA 98 34.17 45.33 78.74
N ASP RA 99 33.28 44.34 78.63
CA ASP RA 99 31.82 44.47 78.77
C ASP RA 99 31.20 45.53 77.84
N VAL RA 100 31.64 45.56 76.58
CA VAL RA 100 31.00 46.32 75.51
C VAL RA 100 29.57 45.80 75.29
N ASP RA 101 28.58 46.69 75.20
CA ASP RA 101 27.17 46.31 75.08
C ASP RA 101 26.73 46.04 73.63
N GLY RA 102 27.42 46.60 72.63
CA GLY RA 102 27.16 46.35 71.22
C GLY RA 102 28.27 46.88 70.31
N ILE RA 103 28.40 46.26 69.14
CA ILE RA 103 29.47 46.56 68.16
C ILE RA 103 28.89 47.03 66.83
N VAL RA 104 29.42 48.12 66.28
CA VAL RA 104 29.19 48.51 64.89
C VAL RA 104 30.46 48.27 64.11
N ILE RA 105 30.42 47.52 63.01
CA ILE RA 105 31.62 47.19 62.23
C ILE RA 105 31.44 47.44 60.74
N ASN RA 106 32.42 48.11 60.13
CA ASN RA 106 32.56 48.26 58.69
C ASN RA 106 33.88 47.62 58.26
N PRO RA 107 33.89 46.36 57.79
CA PRO RA 107 35.13 45.66 57.48
C PRO RA 107 35.87 46.19 56.24
N GLY RA 108 35.27 47.09 55.45
CA GLY RA 108 35.77 47.38 54.10
C GLY RA 108 35.85 46.11 53.25
N ALA RA 109 36.92 45.96 52.48
CA ALA RA 109 37.11 44.81 51.58
C ALA RA 109 37.19 43.43 52.29
N PHE RA 110 37.54 43.35 53.58
CA PHE RA 110 37.59 42.09 54.33
C PHE RA 110 36.25 41.34 54.36
N THR RA 111 35.14 42.05 54.13
CA THR RA 111 33.79 41.51 53.96
C THR RA 111 33.71 40.38 52.93
N HIS RA 112 34.58 40.41 51.93
CA HIS RA 112 34.53 39.54 50.75
C HIS RA 112 35.54 38.40 50.76
N TYR RA 113 36.42 38.31 51.78
CA TYR RA 113 37.43 37.24 51.87
C TYR RA 113 37.96 36.87 53.27
N SER RA 114 37.81 37.70 54.31
CA SER RA 114 38.42 37.42 55.62
C SER RA 114 37.60 36.43 56.45
N TYR RA 115 37.84 35.14 56.25
CA TYR RA 115 37.28 34.12 57.13
C TYR RA 115 37.83 34.21 58.56
N ALA RA 116 39.02 34.80 58.78
CA ALA RA 116 39.53 35.02 60.13
C ALA RA 116 38.70 36.04 60.91
N VAL RA 117 38.31 37.17 60.31
CA VAL RA 117 37.45 38.18 60.96
C VAL RA 117 36.03 37.66 61.13
N ARG RA 118 35.49 36.90 60.17
CA ARG RA 118 34.23 36.16 60.35
C ARG RA 118 34.26 35.30 61.61
N ASP RA 119 35.27 34.44 61.73
CA ASP RA 119 35.36 33.54 62.88
C ASP RA 119 35.69 34.28 64.18
N ALA RA 120 36.34 35.44 64.14
CA ALA RA 120 36.48 36.31 65.31
C ALA RA 120 35.13 36.85 65.78
N LEU RA 121 34.28 37.35 64.88
CA LEU RA 121 32.93 37.78 65.21
C LEU RA 121 32.06 36.61 65.72
N ALA RA 122 32.23 35.41 65.18
CA ALA RA 122 31.56 34.21 65.70
C ALA RA 122 32.01 33.86 67.13
N SER RA 123 33.27 34.10 67.49
CA SER RA 123 33.80 33.76 68.82
C SER RA 123 33.20 34.59 69.96
N ILE RA 124 32.58 35.73 69.67
CA ILE RA 124 31.99 36.65 70.66
C ILE RA 124 30.45 36.76 70.51
N ALA RA 125 29.79 35.65 70.19
CA ALA RA 125 28.35 35.60 69.91
C ALA RA 125 27.42 36.15 71.02
N ALA RA 126 27.91 36.32 72.25
CA ALA RA 126 27.17 36.95 73.35
C ALA RA 126 26.90 38.45 73.12
N ILE RA 127 27.65 39.13 72.26
CA ILE RA 127 27.56 40.58 72.03
C ILE RA 127 26.82 40.83 70.69
N PRO RA 128 25.79 41.69 70.65
CA PRO RA 128 25.11 42.04 69.41
C PRO RA 128 26.00 42.92 68.52
N LYS RA 129 26.03 42.64 67.21
CA LYS RA 129 26.79 43.44 66.24
C LYS RA 129 25.98 43.78 64.99
N ILE RA 130 26.17 44.99 64.46
CA ILE RA 130 25.62 45.44 63.18
C ILE RA 130 26.77 45.68 62.19
N GLU RA 131 26.65 45.13 60.99
CA GLU RA 131 27.59 45.42 59.90
C GLU RA 131 27.14 46.62 59.06
N VAL RA 132 28.07 47.50 58.66
CA VAL RA 132 27.77 48.74 57.93
C VAL RA 132 28.59 48.86 56.65
N HIS RA 133 27.95 49.25 55.53
CA HIS RA 133 28.62 49.64 54.29
C HIS RA 133 28.17 51.02 53.81
N ILE RA 134 29.12 51.87 53.47
CA ILE RA 134 28.87 53.25 53.05
C ILE RA 134 28.25 53.31 51.64
N SER RA 135 28.81 52.55 50.70
CA SER RA 135 28.29 52.39 49.33
C SER RA 135 27.57 51.05 49.13
N ASN RA 136 26.84 50.91 48.03
CA ASN RA 136 25.98 49.77 47.71
C ASN RA 136 26.78 48.50 47.30
N VAL RA 137 27.70 48.02 48.13
CA VAL RA 137 28.72 47.00 47.78
C VAL RA 137 28.16 45.74 47.13
N THR RA 146 28.61 38.88 47.15
CA THR RA 146 28.35 37.98 48.30
C THR RA 146 29.39 38.19 49.39
N SER RA 147 29.00 38.05 50.67
CA SER RA 147 29.77 38.49 51.83
C SER RA 147 29.91 37.39 52.90
N VAL RA 148 31.09 37.26 53.53
CA VAL RA 148 31.36 36.17 54.49
C VAL RA 148 31.11 36.55 55.96
N THR RA 149 31.10 37.84 56.30
CA THR RA 149 30.89 38.37 57.67
C THR RA 149 29.42 38.60 58.06
N VAL RA 150 28.49 38.66 57.09
CA VAL RA 150 27.07 38.95 57.30
C VAL RA 150 26.34 37.98 58.25
N PRO RA 151 26.38 36.65 58.08
CA PRO RA 151 25.48 35.75 58.83
C PRO RA 151 25.79 35.61 60.32
N VAL RA 152 26.97 36.07 60.77
CA VAL RA 152 27.39 36.08 62.18
C VAL RA 152 27.11 37.42 62.88
N CYS RA 153 26.37 38.33 62.23
CA CYS RA 153 25.90 39.61 62.76
C CYS RA 153 24.36 39.66 62.87
N GLN RA 154 23.85 40.51 63.75
CA GLN RA 154 22.40 40.63 63.98
C GLN RA 154 21.67 41.55 62.98
N GLY RA 155 22.42 42.23 62.10
CA GLY RA 155 21.85 43.01 61.00
C GLY RA 155 22.94 43.63 60.11
N GLU RA 156 22.55 44.06 58.91
CA GLU RA 156 23.38 44.85 58.00
C GLU RA 156 22.68 46.16 57.60
N VAL RA 157 23.43 47.24 57.46
CA VAL RA 157 22.97 48.52 56.91
C VAL RA 157 23.85 48.88 55.72
N VAL RA 158 23.25 49.07 54.54
CA VAL RA 158 24.00 49.21 53.28
C VAL RA 158 23.54 50.42 52.48
N GLY RA 159 24.49 51.19 51.95
CA GLY RA 159 24.24 52.19 50.90
C GLY RA 159 23.62 53.51 51.38
N LEU RA 160 23.45 53.72 52.69
CA LEU RA 160 22.91 54.95 53.26
C LEU RA 160 23.98 56.02 53.52
N GLY RA 161 25.16 55.90 52.93
CA GLY RA 161 26.27 56.83 53.14
C GLY RA 161 26.76 56.83 54.59
N LEU RA 162 27.17 57.99 55.10
CA LEU RA 162 27.59 58.15 56.49
C LEU RA 162 26.39 58.05 57.45
N GLY RA 163 25.15 58.15 56.97
CA GLY RA 163 23.95 57.93 57.77
C GLY RA 163 23.80 56.48 58.26
N GLY RA 164 24.43 55.50 57.61
CA GLY RA 164 24.31 54.09 58.00
C GLY RA 164 24.84 53.78 59.40
N TYR RA 165 25.89 54.47 59.86
CA TYR RA 165 26.39 54.34 61.22
C TYR RA 165 25.37 54.81 62.26
N LEU RA 166 24.59 55.85 61.94
CA LEU RA 166 23.61 56.42 62.86
C LEU RA 166 22.41 55.49 63.02
N ALA RA 167 21.96 54.85 61.94
CA ALA RA 167 20.97 53.78 62.04
C ALA RA 167 21.48 52.61 62.88
N ALA RA 168 22.72 52.16 62.66
CA ALA RA 168 23.28 51.04 63.41
C ALA RA 168 23.33 51.32 64.92
N MET RA 169 23.72 52.52 65.34
CA MET RA 169 23.64 52.90 66.76
C MET RA 169 22.20 52.92 67.27
N GLY RA 170 21.24 53.43 66.50
CA GLY RA 170 19.83 53.36 66.86
C GLY RA 170 19.35 51.92 67.05
N MET RA 171 19.68 51.03 66.13
CA MET RA 171 19.34 49.60 66.22
C MET RA 171 19.97 48.89 67.43
N LEU RA 172 21.08 49.38 67.99
CA LEU RA 172 21.68 48.82 69.20
C LEU RA 172 21.09 49.40 70.48
N VAL RA 173 20.57 50.63 70.46
CA VAL RA 173 19.83 51.22 71.59
C VAL RA 173 18.43 50.62 71.72
N GLU RA 174 17.81 50.26 70.60
CA GLU RA 174 16.50 49.60 70.53
C GLU RA 174 16.48 48.15 71.04
N MET SA 33 21.50 74.93 59.62
CA MET SA 33 20.57 74.06 58.86
C MET SA 33 19.32 73.76 59.69
N LYS SA 34 18.13 73.79 59.06
CA LYS SA 34 16.82 73.50 59.66
C LYS SA 34 16.17 72.26 59.02
N ILE SA 35 15.85 71.24 59.82
CA ILE SA 35 15.18 70.01 59.39
C ILE SA 35 13.75 69.98 59.91
N LEU SA 36 12.81 69.50 59.09
CA LEU SA 36 11.43 69.23 59.49
C LEU SA 36 11.13 67.74 59.45
N VAL SA 37 10.64 67.18 60.55
CA VAL SA 37 10.22 65.78 60.65
C VAL SA 37 8.69 65.70 60.75
N ILE SA 38 8.06 64.97 59.83
CA ILE SA 38 6.61 64.80 59.76
C ILE SA 38 6.23 63.33 59.97
N ASN SA 39 5.39 63.06 60.96
CA ASN SA 39 4.81 61.76 61.24
C ASN SA 39 3.32 61.74 60.90
N GLY SA 40 2.88 60.71 60.18
CA GLY SA 40 1.49 60.53 59.75
C GLY SA 40 0.54 60.03 60.84
N PRO SA 41 -0.67 59.58 60.45
CA PRO SA 41 -1.66 59.04 61.38
C PRO SA 41 -1.14 57.80 62.10
N ASN SA 42 -1.67 57.54 63.31
CA ASN SA 42 -1.35 56.38 64.16
C ASN SA 42 0.08 56.32 64.73
N ILE SA 43 1.06 57.06 64.22
CA ILE SA 43 2.46 56.99 64.70
C ILE SA 43 2.60 57.39 66.17
N ASN SA 44 1.74 58.27 66.69
CA ASN SA 44 1.73 58.62 68.11
C ASN SA 44 1.38 57.47 69.06
N PHE SA 45 0.84 56.35 68.53
CA PHE SA 45 0.50 55.14 69.29
C PHE SA 45 1.59 54.06 69.23
N LEU SA 46 2.83 54.38 68.81
CA LEU SA 46 3.98 53.48 69.04
C LEU SA 46 4.04 53.03 70.50
N GLY SA 47 4.30 51.74 70.72
CA GLY SA 47 4.35 51.13 72.05
C GLY SA 47 2.98 50.81 72.67
N ILE SA 48 1.88 51.30 72.09
CA ILE SA 48 0.52 50.83 72.37
C ILE SA 48 0.11 49.85 71.26
N PRO SA 56 9.00 48.03 73.75
CA PRO SA 56 8.60 48.89 74.87
C PRO SA 56 8.84 50.38 74.63
N LEU SA 57 9.59 50.76 73.58
CA LEU SA 57 9.81 52.17 73.23
C LEU SA 57 8.55 52.81 72.67
N ASN SA 58 8.25 54.04 73.08
CA ASN SA 58 7.05 54.77 72.68
C ASN SA 58 7.38 56.03 71.86
N TYR SA 59 6.36 56.80 71.48
CA TYR SA 59 6.55 57.98 70.64
C TYR SA 59 7.39 59.08 71.30
N ASP SA 60 7.30 59.29 72.61
CA ASP SA 60 8.13 60.30 73.28
C ASP SA 60 9.61 59.90 73.32
N ASP SA 61 9.92 58.61 73.35
CA ASP SA 61 11.29 58.13 73.21
C ASP SA 61 11.86 58.46 71.82
N LEU SA 62 11.09 58.22 70.77
CA LEU SA 62 11.46 58.58 69.40
C LEU SA 62 11.71 60.09 69.26
N VAL SA 63 10.83 60.93 69.82
CA VAL SA 63 11.02 62.38 69.79
C VAL SA 63 12.30 62.79 70.52
N GLU SA 64 12.58 62.24 71.70
CA GLU SA 64 13.82 62.55 72.42
C GLU SA 64 15.07 62.09 71.66
N MET SA 65 15.05 60.91 71.04
CA MET SA 65 16.16 60.45 70.19
C MET SA 65 16.42 61.38 69.01
N ILE SA 66 15.37 61.87 68.33
CA ILE SA 66 15.51 62.83 67.23
C ILE SA 66 16.06 64.15 67.73
N LYS SA 67 15.51 64.72 68.81
CA LYS SA 67 15.99 66.00 69.37
C LYS SA 67 17.42 65.93 69.88
N GLY SA 68 17.83 64.83 70.51
CA GLY SA 68 19.22 64.63 70.93
C GLY SA 68 20.17 64.48 69.75
N THR SA 69 19.79 63.73 68.73
CA THR SA 69 20.61 63.55 67.53
C THR SA 69 20.78 64.86 66.75
N ALA SA 70 19.76 65.72 66.71
CA ALA SA 70 19.87 67.03 66.07
C ALA SA 70 20.97 67.90 66.69
N LYS SA 71 21.06 67.96 68.03
CA LYS SA 71 22.17 68.63 68.71
C LYS SA 71 23.52 68.01 68.38
N GLY SA 72 23.59 66.68 68.31
CA GLY SA 72 24.80 65.97 67.91
C GLY SA 72 25.28 66.33 66.50
N LEU SA 73 24.36 66.40 65.53
CA LEU SA 73 24.64 66.82 64.15
C LEU SA 73 24.77 68.34 63.97
N LYS SA 74 24.56 69.15 65.02
CA LYS SA 74 24.55 70.62 64.98
C LYS SA 74 23.52 71.21 64.01
N VAL SA 75 22.29 70.68 64.01
CA VAL SA 75 21.15 71.15 63.21
C VAL SA 75 19.96 71.52 64.08
N LYS SA 76 19.09 72.42 63.62
CA LYS SA 76 17.79 72.68 64.25
C LYS SA 76 16.75 71.70 63.71
N VAL SA 77 15.85 71.22 64.55
CA VAL SA 77 14.80 70.27 64.15
C VAL SA 77 13.44 70.67 64.69
N GLU SA 78 12.41 70.52 63.87
CA GLU SA 78 11.00 70.56 64.27
C GLU SA 78 10.37 69.19 64.04
N VAL SA 79 9.70 68.63 65.05
CA VAL SA 79 8.99 67.35 64.95
C VAL SA 79 7.48 67.56 65.04
N PHE SA 80 6.73 67.05 64.07
CA PHE SA 80 5.29 67.23 63.94
C PHE SA 80 4.57 65.89 63.71
N GLN SA 81 3.41 65.71 64.32
CA GLN SA 81 2.52 64.58 64.06
C GLN SA 81 1.07 65.02 63.99
N SER SA 82 0.29 64.47 63.05
CA SER SA 82 -1.17 64.65 63.03
C SER SA 82 -1.88 63.45 62.42
N ASN SA 83 -3.12 63.19 62.85
CA ASN SA 83 -3.98 62.20 62.25
C ASN SA 83 -4.75 62.72 61.02
N HIS SA 84 -4.71 64.03 60.72
CA HIS SA 84 -5.41 64.63 59.60
C HIS SA 84 -4.54 64.75 58.35
N GLU SA 85 -4.98 64.17 57.22
CA GLU SA 85 -4.30 64.29 55.93
C GLU SA 85 -4.10 65.75 55.50
N GLY SA 86 -5.11 66.61 55.70
CA GLY SA 86 -5.01 68.03 55.35
C GLY SA 86 -4.01 68.81 56.21
N ALA SA 87 -3.82 68.43 57.47
CA ALA SA 87 -2.86 69.12 58.34
C ALA SA 87 -1.41 68.84 57.93
N ILE SA 88 -1.14 67.65 57.40
CA ILE SA 88 0.16 67.31 56.80
C ILE SA 88 0.41 68.17 55.57
N ILE SA 89 -0.58 68.32 54.68
CA ILE SA 89 -0.46 69.18 53.49
C ILE SA 89 -0.26 70.65 53.89
N ASP SA 90 -0.98 71.16 54.89
CA ASP SA 90 -0.71 72.50 55.43
C ASP SA 90 0.71 72.64 55.98
N LYS SA 91 1.24 71.65 56.71
CA LYS SA 91 2.61 71.67 57.24
C LYS SA 91 3.64 71.66 56.12
N LEU SA 92 3.44 70.88 55.05
CA LEU SA 92 4.31 70.86 53.87
C LEU SA 92 4.27 72.21 53.13
N GLN SA 93 3.10 72.82 52.95
CA GLN SA 93 3.01 74.15 52.36
C GLN SA 93 3.65 75.23 53.24
N GLU SA 94 3.49 75.16 54.56
CA GLU SA 94 4.16 76.07 55.49
C GLU SA 94 5.70 75.96 55.40
N ALA SA 95 6.24 74.77 55.22
CA ALA SA 95 7.68 74.56 55.10
C ALA SA 95 8.30 75.34 53.94
N TYR SA 96 7.60 75.43 52.80
CA TYR SA 96 8.05 76.17 51.63
C TYR SA 96 8.24 77.68 51.89
N TYR SA 97 7.39 78.28 52.74
CA TYR SA 97 7.50 79.68 53.12
C TYR SA 97 8.48 79.95 54.29
N ASN SA 98 9.05 78.92 54.89
CA ASN SA 98 9.87 79.02 56.11
C ASN SA 98 11.32 78.55 55.93
N ASP SA 99 11.76 78.33 54.69
CA ASP SA 99 13.15 78.00 54.34
C ASP SA 99 13.69 76.77 55.09
N VAL SA 100 12.87 75.72 55.20
CA VAL SA 100 13.30 74.40 55.65
C VAL SA 100 14.33 73.84 54.66
N ASP SA 101 15.45 73.32 55.15
CA ASP SA 101 16.54 72.83 54.30
C ASP SA 101 16.38 71.37 53.88
N GLY SA 102 15.58 70.58 54.60
CA GLY SA 102 15.24 69.21 54.24
C GLY SA 102 14.13 68.63 55.10
N ILE SA 103 13.41 67.63 54.56
CA ILE SA 103 12.22 67.04 55.19
C ILE SA 103 12.41 65.54 55.39
N VAL SA 104 12.14 65.04 56.59
CA VAL SA 104 12.01 63.60 56.86
C VAL SA 104 10.53 63.29 57.08
N ILE SA 105 9.95 62.36 56.33
CA ILE SA 105 8.53 62.06 56.43
C ILE SA 105 8.24 60.57 56.58
N ASN SA 106 7.37 60.22 57.51
CA ASN SA 106 6.80 58.88 57.66
C ASN SA 106 5.28 58.98 57.51
N PRO SA 107 4.71 58.70 56.33
CA PRO SA 107 3.28 58.88 56.09
C PRO SA 107 2.37 57.88 56.82
N GLY SA 108 2.89 56.82 57.44
CA GLY SA 108 2.06 55.70 57.89
C GLY SA 108 1.27 55.09 56.73
N ALA SA 109 -0.01 54.77 56.95
CA ALA SA 109 -0.87 54.16 55.94
C ALA SA 109 -1.10 55.01 54.67
N PHE SA 110 -0.98 56.35 54.73
CA PHE SA 110 -1.15 57.22 53.56
C PHE SA 110 -0.17 56.91 52.41
N THR SA 111 0.93 56.24 52.69
CA THR SA 111 1.90 55.71 51.72
C THR SA 111 1.26 54.89 50.60
N HIS SA 112 0.14 54.22 50.91
CA HIS SA 112 -0.49 53.24 50.04
C HIS SA 112 -1.76 53.74 49.34
N TYR SA 113 -2.22 54.98 49.60
CA TYR SA 113 -3.42 55.53 48.95
C TYR SA 113 -3.51 57.06 48.81
N SER SA 114 -2.74 57.87 49.55
CA SER SA 114 -2.90 59.33 49.50
C SER SA 114 -2.20 59.96 48.30
N TYR SA 115 -2.89 60.04 47.17
CA TYR SA 115 -2.41 60.82 46.03
C TYR SA 115 -2.40 62.33 46.33
N ALA SA 116 -3.17 62.82 47.30
CA ALA SA 116 -3.10 64.21 47.74
C ALA SA 116 -1.76 64.54 48.40
N VAL SA 117 -1.25 63.69 49.30
CA VAL SA 117 0.06 63.89 49.94
C VAL SA 117 1.20 63.69 48.95
N ARG SA 118 1.08 62.74 48.02
CA ARG SA 118 2.02 62.61 46.89
C ARG SA 118 2.13 63.92 46.12
N ASP SA 119 1.02 64.48 45.67
CA ASP SA 119 1.04 65.71 44.90
C ASP SA 119 1.47 66.94 45.73
N ALA SA 120 1.24 66.93 47.05
CA ALA SA 120 1.78 67.95 47.94
C ALA SA 120 3.32 67.91 47.98
N LEU SA 121 3.90 66.72 48.12
CA LEU SA 121 5.36 66.52 48.06
C LEU SA 121 5.92 66.89 46.69
N ALA SA 122 5.21 66.60 45.60
CA ALA SA 122 5.60 67.02 44.26
C ALA SA 122 5.59 68.55 44.10
N SER SA 123 4.69 69.27 44.78
CA SER SA 123 4.58 70.73 44.69
C SER SA 123 5.77 71.50 45.30
N ILE SA 124 6.58 70.86 46.15
CA ILE SA 124 7.73 71.46 46.84
C ILE SA 124 9.06 70.82 46.41
N ALA SA 125 9.20 70.49 45.13
CA ALA SA 125 10.35 69.79 44.55
C ALA SA 125 11.73 70.47 44.77
N ALA SA 126 11.76 71.76 45.12
CA ALA SA 126 12.97 72.48 45.50
C ALA SA 126 13.61 71.96 46.81
N ILE SA 127 12.84 71.30 47.69
CA ILE SA 127 13.28 70.87 49.02
C ILE SA 127 13.57 69.36 48.99
N PRO SA 128 14.74 68.89 49.46
CA PRO SA 128 15.04 67.46 49.52
C PRO SA 128 14.23 66.78 50.62
N LYS SA 129 13.64 65.61 50.32
CA LYS SA 129 12.86 64.82 51.29
C LYS SA 129 13.27 63.37 51.30
N ILE SA 130 13.35 62.77 52.49
CA ILE SA 130 13.57 61.33 52.70
C ILE SA 130 12.31 60.71 53.32
N GLU SA 131 11.85 59.60 52.78
CA GLU SA 131 10.71 58.85 53.32
C GLU SA 131 11.18 57.71 54.26
N VAL SA 132 10.52 57.54 55.41
CA VAL SA 132 10.93 56.58 56.46
C VAL SA 132 9.79 55.64 56.82
N HIS SA 133 10.07 54.34 56.90
CA HIS SA 133 9.17 53.32 57.47
C HIS SA 133 9.83 52.51 58.59
N ILE SA 134 9.16 52.41 59.74
CA ILE SA 134 9.70 51.75 60.93
C ILE SA 134 9.74 50.22 60.73
N SER SA 135 8.64 49.62 60.29
CA SER SA 135 8.55 48.20 59.95
C SER SA 135 8.73 47.97 58.44
N ASN SA 136 8.93 46.71 58.04
CA ASN SA 136 9.29 46.29 56.67
C ASN SA 136 8.11 46.36 55.68
N VAL SA 137 7.40 47.50 55.58
CA VAL SA 137 6.06 47.62 54.96
C VAL SA 137 5.89 46.98 53.59
N THR SA 146 3.30 48.15 47.11
CA THR SA 146 3.72 49.27 46.26
C THR SA 146 3.20 50.59 46.84
N SER SA 147 3.94 51.68 46.65
CA SER SA 147 3.75 52.95 47.36
C SER SA 147 3.59 54.14 46.41
N VAL SA 148 2.74 55.12 46.77
CA VAL SA 148 2.45 56.29 45.91
C VAL SA 148 3.38 57.49 46.17
N THR SA 149 3.95 57.63 47.38
CA THR SA 149 4.78 58.77 47.82
C THR SA 149 6.28 58.62 47.53
N VAL SA 150 6.77 57.41 47.26
CA VAL SA 150 8.21 57.12 47.05
C VAL SA 150 8.84 57.86 45.85
N PRO SA 151 8.25 57.89 44.63
CA PRO SA 151 8.97 58.41 43.45
C PRO SA 151 9.16 59.93 43.46
N VAL SA 152 8.49 60.66 44.36
CA VAL SA 152 8.62 62.12 44.53
C VAL SA 152 9.56 62.50 45.70
N CYS SA 153 10.32 61.55 46.23
CA CYS SA 153 11.31 61.73 47.31
C CYS SA 153 12.73 61.33 46.88
N GLN SA 154 13.75 61.93 47.47
CA GLN SA 154 15.15 61.69 47.11
C GLN SA 154 15.72 60.37 47.66
N GLY SA 155 15.03 59.72 48.59
CA GLY SA 155 15.37 58.38 49.09
C GLY SA 155 14.30 57.82 50.03
N GLU SA 156 14.34 56.51 50.25
CA GLU SA 156 13.54 55.80 51.26
C GLU SA 156 14.45 55.02 52.22
N VAL SA 157 14.07 54.96 53.49
CA VAL SA 157 14.71 54.13 54.52
C VAL SA 157 13.64 53.22 55.14
N VAL SA 158 13.84 51.90 55.12
CA VAL SA 158 12.79 50.93 55.48
C VAL SA 158 13.28 49.86 56.44
N GLY SA 159 12.49 49.55 57.46
CA GLY SA 159 12.66 48.35 58.29
C GLY SA 159 13.79 48.42 59.33
N LEU SA 160 14.44 49.57 59.51
CA LEU SA 160 15.52 49.75 60.48
C LEU SA 160 15.02 50.16 61.88
N GLY SA 161 13.73 50.03 62.16
CA GLY SA 161 13.13 50.46 63.44
C GLY SA 161 13.22 51.97 63.63
N LEU SA 162 13.35 52.42 64.89
CA LEU SA 162 13.49 53.84 65.21
C LEU SA 162 14.83 54.43 64.72
N GLY SA 163 15.80 53.58 64.38
CA GLY SA 163 17.08 53.99 63.78
C GLY SA 163 16.94 54.60 62.38
N GLY SA 164 15.86 54.32 61.64
CA GLY SA 164 15.65 54.82 60.29
C GLY SA 164 15.57 56.35 60.19
N TYR SA 165 15.02 57.02 61.20
CA TYR SA 165 15.03 58.48 61.27
C TYR SA 165 16.43 59.05 61.39
N LEU SA 166 17.32 58.39 62.11
CA LEU SA 166 18.69 58.86 62.34
C LEU SA 166 19.51 58.73 61.06
N ALA SA 167 19.33 57.65 60.29
CA ALA SA 167 19.90 57.58 58.95
C ALA SA 167 19.37 58.69 58.05
N ALA SA 168 18.06 58.93 58.02
CA ALA SA 168 17.49 59.97 57.19
C ALA SA 168 18.03 61.37 57.53
N MET SA 169 18.17 61.71 58.81
CA MET SA 169 18.83 62.96 59.21
C MET SA 169 20.29 63.00 58.75
N GLY SA 170 21.03 61.90 58.87
CA GLY SA 170 22.39 61.81 58.34
C GLY SA 170 22.44 62.03 56.83
N MET SA 171 21.55 61.40 56.06
CA MET SA 171 21.47 61.56 54.61
C MET SA 171 21.12 62.99 54.18
N LEU SA 172 20.40 63.76 54.98
CA LEU SA 172 20.15 65.18 54.69
C LEU SA 172 21.33 66.09 55.06
N VAL SA 173 22.13 65.71 56.05
CA VAL SA 173 23.36 66.45 56.40
C VAL SA 173 24.47 66.20 55.38
N GLU SA 174 24.50 65.04 54.74
CA GLU SA 174 25.44 64.66 53.67
C GLU SA 174 25.14 65.34 52.31
N MET TA 33 19.86 95.11 -13.82
CA MET TA 33 20.05 93.66 -14.09
C MET TA 33 20.23 93.40 -15.58
N LYS TA 34 21.18 92.52 -15.94
CA LYS TA 34 21.51 92.11 -17.31
C LYS TA 34 21.23 90.62 -17.51
N ILE TA 35 20.39 90.26 -18.47
CA ILE TA 35 20.03 88.88 -18.83
C ILE TA 35 20.64 88.51 -20.17
N LEU TA 36 21.11 87.28 -20.34
CA LEU TA 36 21.54 86.73 -21.62
C LEU TA 36 20.64 85.58 -22.08
N VAL TA 37 20.11 85.66 -23.29
CA VAL TA 37 19.29 84.61 -23.91
C VAL TA 37 20.08 83.94 -25.03
N ILE TA 38 20.24 82.61 -24.96
CA ILE TA 38 20.98 81.82 -25.95
C ILE TA 38 20.07 80.81 -26.61
N ASN TA 39 19.97 80.87 -27.93
CA ASN TA 39 19.24 79.92 -28.77
C ASN TA 39 20.22 79.03 -29.57
N GLY TA 40 20.01 77.73 -29.54
CA GLY TA 40 20.85 76.75 -30.21
C GLY TA 40 20.61 76.62 -31.73
N PRO TA 41 21.10 75.55 -32.35
CA PRO TA 41 20.93 75.30 -33.78
C PRO TA 41 19.46 75.14 -34.17
N ASN TA 42 19.14 75.44 -35.42
CA ASN TA 42 17.79 75.34 -36.01
C ASN TA 42 16.72 76.31 -35.48
N ILE TA 43 16.89 76.96 -34.33
CA ILE TA 43 15.84 77.80 -33.72
C ILE TA 43 15.49 79.01 -34.61
N ASN TA 44 16.43 79.54 -35.40
CA ASN TA 44 16.14 80.62 -36.34
C ASN TA 44 15.15 80.24 -37.45
N PHE TA 45 14.87 78.96 -37.68
CA PHE TA 45 13.89 78.47 -38.64
C PHE TA 45 12.50 78.21 -38.04
N LEU TA 46 12.19 78.68 -36.82
CA LEU TA 46 10.79 78.72 -36.33
C LEU TA 46 9.85 79.38 -37.35
N GLY TA 47 8.68 78.78 -37.57
CA GLY TA 47 7.71 79.22 -38.56
C GLY TA 47 8.03 78.83 -40.00
N ILE TA 48 9.24 78.34 -40.29
CA ILE TA 48 9.55 77.60 -41.52
C ILE TA 48 9.46 76.08 -41.23
N PRO TA 56 2.15 80.25 -37.24
CA PRO TA 56 2.63 81.32 -38.12
C PRO TA 56 3.71 82.22 -37.51
N LEU TA 57 3.94 82.18 -36.19
CA LEU TA 57 4.96 83.02 -35.54
C LEU TA 57 6.38 82.59 -35.93
N ASN TA 58 7.24 83.55 -36.26
CA ASN TA 58 8.61 83.30 -36.67
C ASN TA 58 9.65 83.73 -35.61
N TYR TA 59 10.93 83.56 -35.91
CA TYR TA 59 12.00 83.89 -34.95
C TYR TA 59 12.08 85.39 -34.62
N ASP TA 60 11.83 86.29 -35.57
CA ASP TA 60 11.83 87.73 -35.27
C ASP TA 60 10.67 88.15 -34.38
N ASP TA 61 9.52 87.46 -34.46
CA ASP TA 61 8.41 87.66 -33.53
C ASP TA 61 8.81 87.31 -32.10
N LEU TA 62 9.49 86.17 -31.90
CA LEU TA 62 10.01 85.78 -30.59
C LEU TA 62 11.01 86.79 -30.04
N VAL TA 63 11.93 87.30 -30.87
CA VAL TA 63 12.89 88.32 -30.43
C VAL TA 63 12.19 89.61 -30.00
N GLU TA 64 11.17 90.05 -30.73
CA GLU TA 64 10.40 91.24 -30.33
C GLU TA 64 9.63 91.02 -29.02
N MET TA 65 9.01 89.84 -28.81
CA MET TA 65 8.36 89.51 -27.54
C MET TA 65 9.33 89.54 -26.36
N ILE TA 66 10.54 89.01 -26.51
CA ILE TA 66 11.57 89.03 -25.47
C ILE TA 66 12.04 90.46 -25.20
N LYS TA 67 12.38 91.25 -26.23
CA LYS TA 67 12.84 92.63 -26.04
C LYS TA 67 11.76 93.55 -25.43
N GLY TA 68 10.50 93.37 -25.81
CA GLY TA 68 9.38 94.11 -25.21
C GLY TA 68 9.17 93.74 -23.74
N THR TA 69 9.25 92.45 -23.41
CA THR TA 69 9.13 91.99 -22.02
C THR TA 69 10.27 92.48 -21.15
N ALA TA 70 11.51 92.58 -21.67
CA ALA TA 70 12.63 93.11 -20.91
C ALA TA 70 12.40 94.56 -20.45
N LYS TA 71 11.85 95.42 -21.31
CA LYS TA 71 11.43 96.77 -20.91
C LYS TA 71 10.36 96.75 -19.82
N GLY TA 72 9.37 95.85 -19.96
CA GLY TA 72 8.32 95.68 -18.97
C GLY TA 72 8.84 95.29 -17.58
N LEU TA 73 9.78 94.34 -17.53
CA LEU TA 73 10.47 93.91 -16.31
C LEU TA 73 11.57 94.86 -15.83
N LYS TA 74 11.88 95.93 -16.56
CA LYS TA 74 12.97 96.88 -16.28
C LYS TA 74 14.36 96.23 -16.19
N VAL TA 75 14.67 95.34 -17.15
CA VAL TA 75 15.96 94.64 -17.28
C VAL TA 75 16.59 94.89 -18.66
N LYS TA 76 17.92 94.79 -18.76
CA LYS TA 76 18.62 94.76 -20.04
C LYS TA 76 18.75 93.31 -20.52
N VAL TA 77 18.56 93.06 -21.82
CA VAL TA 77 18.63 91.72 -22.39
C VAL TA 77 19.49 91.69 -23.66
N GLU TA 78 20.31 90.67 -23.80
CA GLU TA 78 20.98 90.31 -25.05
C GLU TA 78 20.41 88.99 -25.56
N VAL TA 79 20.03 88.92 -26.84
CA VAL TA 79 19.53 87.70 -27.47
C VAL TA 79 20.50 87.22 -28.53
N PHE TA 80 20.95 85.97 -28.45
CA PHE TA 80 21.95 85.38 -29.32
C PHE TA 80 21.48 84.04 -29.89
N GLN TA 81 21.79 83.78 -31.17
CA GLN TA 81 21.57 82.48 -31.80
C GLN TA 81 22.77 82.08 -32.66
N SER TA 82 23.17 80.80 -32.63
CA SER TA 82 24.13 80.27 -33.59
C SER TA 82 23.91 78.78 -33.84
N ASN TA 83 24.25 78.32 -35.05
CA ASN TA 83 24.24 76.90 -35.39
C ASN TA 83 25.52 76.16 -34.96
N HIS TA 84 26.58 76.86 -34.54
CA HIS TA 84 27.84 76.26 -34.12
C HIS TA 84 27.88 75.97 -32.61
N GLU TA 85 28.18 74.74 -32.22
CA GLU TA 85 28.36 74.34 -30.81
C GLU TA 85 29.46 75.16 -30.11
N GLY TA 86 30.59 75.37 -30.78
CA GLY TA 86 31.70 76.15 -30.20
C GLY TA 86 31.38 77.63 -30.00
N ALA TA 87 30.50 78.22 -30.82
CA ALA TA 87 30.08 79.61 -30.64
C ALA TA 87 29.19 79.80 -29.40
N ILE TA 88 28.38 78.80 -29.06
CA ILE TA 88 27.63 78.79 -27.79
C ILE TA 88 28.60 78.75 -26.61
N ILE TA 89 29.61 77.87 -26.64
CA ILE TA 89 30.60 77.79 -25.57
C ILE TA 89 31.39 79.11 -25.45
N ASP TA 90 31.82 79.73 -26.55
CA ASP TA 90 32.45 81.05 -26.51
C ASP TA 90 31.53 82.11 -25.89
N LYS TA 91 30.24 82.13 -26.20
CA LYS TA 91 29.26 83.07 -25.66
C LYS TA 91 29.05 82.86 -24.17
N LEU TA 92 29.02 81.62 -23.68
CA LEU TA 92 28.96 81.32 -22.25
C LEU TA 92 30.23 81.74 -21.51
N GLN TA 93 31.41 81.54 -22.11
CA GLN TA 93 32.66 82.03 -21.53
C GLN TA 93 32.74 83.56 -21.57
N GLU TA 94 32.23 84.22 -22.60
CA GLU TA 94 32.15 85.68 -22.63
C GLU TA 94 31.24 86.22 -21.53
N ALA TA 95 30.10 85.57 -21.27
CA ALA TA 95 29.16 85.98 -20.24
C ALA TA 95 29.80 86.03 -18.85
N TYR TA 96 30.69 85.09 -18.54
CA TYR TA 96 31.42 85.06 -17.27
C TYR TA 96 32.29 86.29 -17.05
N TYR TA 97 32.91 86.84 -18.09
CA TYR TA 97 33.74 88.05 -18.00
C TYR TA 97 32.92 89.37 -18.07
N ASN TA 98 31.62 89.31 -18.35
CA ASN TA 98 30.77 90.48 -18.59
C ASN TA 98 29.69 90.70 -17.52
N ASP TA 99 29.76 89.98 -16.39
CA ASP TA 99 28.86 90.15 -15.24
C ASP TA 99 27.35 90.02 -15.60
N VAL TA 100 27.02 89.07 -16.46
CA VAL TA 100 25.65 88.65 -16.72
C VAL TA 100 25.02 88.13 -15.42
N ASP TA 101 23.84 88.63 -15.06
CA ASP TA 101 23.17 88.27 -13.81
C ASP TA 101 22.36 86.97 -13.90
N GLY TA 102 22.00 86.54 -15.10
CA GLY TA 102 21.29 85.27 -15.33
C GLY TA 102 21.18 84.90 -16.80
N ILE TA 103 21.07 83.60 -17.08
CA ILE TA 103 21.06 83.05 -18.45
C ILE TA 103 19.77 82.29 -18.73
N VAL TA 104 19.14 82.54 -19.87
CA VAL TA 104 18.07 81.70 -20.41
C VAL TA 104 18.62 80.95 -21.61
N ILE TA 105 18.53 79.63 -21.65
CA ILE TA 105 19.10 78.85 -22.76
C ILE TA 105 18.13 77.84 -23.33
N ASN TA 106 18.03 77.78 -24.66
CA ASN TA 106 17.34 76.73 -25.39
C ASN TA 106 18.37 76.04 -26.30
N PRO TA 107 18.97 74.91 -25.90
CA PRO TA 107 20.01 74.25 -26.67
C PRO TA 107 19.53 73.60 -27.97
N GLY TA 108 18.23 73.49 -28.22
CA GLY TA 108 17.71 72.65 -29.30
C GLY TA 108 18.18 71.20 -29.15
N ALA TA 109 18.55 70.54 -30.24
CA ALA TA 109 18.98 69.14 -30.25
C ALA TA 109 20.23 68.83 -29.40
N PHE TA 110 21.11 69.81 -29.13
CA PHE TA 110 22.28 69.62 -28.27
C PHE TA 110 21.94 69.16 -26.85
N THR TA 111 20.71 69.40 -26.39
CA THR TA 111 20.16 68.89 -25.13
C THR TA 111 20.34 67.39 -24.95
N HIS TA 112 20.34 66.64 -26.06
CA HIS TA 112 20.28 65.18 -26.07
C HIS TA 112 21.64 64.51 -26.33
N TYR TA 113 22.71 65.28 -26.58
CA TYR TA 113 24.05 64.71 -26.82
C TYR TA 113 25.27 65.60 -26.48
N SER TA 114 25.15 66.93 -26.35
CA SER TA 114 26.33 67.78 -26.18
C SER TA 114 26.84 67.82 -24.74
N TYR TA 115 27.69 66.86 -24.39
CA TYR TA 115 28.41 66.89 -23.12
C TYR TA 115 29.39 68.07 -23.05
N ALA TA 116 29.85 68.61 -24.18
CA ALA TA 116 30.67 69.82 -24.16
C ALA TA 116 29.89 71.05 -23.69
N VAL TA 117 28.64 71.24 -24.13
CA VAL TA 117 27.79 72.35 -23.66
C VAL TA 117 27.34 72.12 -22.21
N ARG TA 118 27.05 70.89 -21.80
CA ARG TA 118 26.83 70.54 -20.39
C ARG TA 118 28.00 71.02 -19.53
N ASP TA 119 29.21 70.64 -19.88
CA ASP TA 119 30.39 70.99 -19.09
C ASP TA 119 30.74 72.49 -19.18
N ALA TA 120 30.36 73.17 -20.27
CA ALA TA 120 30.47 74.63 -20.34
C ALA TA 120 29.54 75.31 -19.33
N LEU TA 121 28.28 74.87 -19.23
CA LEU TA 121 27.34 75.35 -18.22
C LEU TA 121 27.80 75.02 -16.80
N ALA TA 122 28.40 73.85 -16.58
CA ALA TA 122 29.00 73.51 -15.29
C ALA TA 122 30.20 74.42 -14.93
N SER TA 123 30.97 74.88 -15.91
CA SER TA 123 32.12 75.75 -15.67
C SER TA 123 31.78 77.15 -15.14
N ILE TA 124 30.54 77.61 -15.33
CA ILE TA 124 30.05 78.93 -14.90
C ILE TA 124 29.01 78.85 -13.78
N ALA TA 125 29.15 77.93 -12.85
CA ALA TA 125 28.18 77.64 -11.77
C ALA TA 125 27.81 78.85 -10.87
N ALA TA 126 28.59 79.92 -10.87
CA ALA TA 126 28.26 81.17 -10.18
C ALA TA 126 27.04 81.93 -10.77
N ILE TA 127 26.65 81.65 -12.02
CA ILE TA 127 25.57 82.35 -12.72
C ILE TA 127 24.32 81.45 -12.75
N PRO TA 128 23.13 81.94 -12.37
CA PRO TA 128 21.90 81.17 -12.47
C PRO TA 128 21.45 81.02 -13.92
N LYS TA 129 21.07 79.80 -14.33
CA LYS TA 129 20.54 79.53 -15.67
C LYS TA 129 19.25 78.75 -15.65
N ILE TA 130 18.33 79.10 -16.56
CA ILE TA 130 17.09 78.39 -16.82
C ILE TA 130 17.14 77.79 -18.22
N GLU TA 131 16.79 76.51 -18.36
CA GLU TA 131 16.69 75.85 -19.66
C GLU TA 131 15.26 75.88 -20.20
N VAL TA 132 15.07 76.15 -21.49
CA VAL TA 132 13.76 76.34 -22.14
C VAL TA 132 13.58 75.39 -23.32
N HIS TA 133 12.44 74.71 -23.42
CA HIS TA 133 12.01 73.99 -24.62
C HIS TA 133 10.62 74.44 -25.10
N ILE TA 134 10.51 74.80 -26.37
CA ILE TA 134 9.27 75.31 -26.97
C ILE TA 134 8.21 74.19 -27.07
N SER TA 135 8.61 73.03 -27.61
CA SER TA 135 7.77 71.84 -27.71
C SER TA 135 8.08 70.83 -26.60
N ASN TA 136 7.20 69.84 -26.42
CA ASN TA 136 7.22 68.87 -25.32
C ASN TA 136 8.30 67.79 -25.47
N VAL TA 137 9.58 68.18 -25.61
CA VAL TA 137 10.69 67.31 -26.06
C VAL TA 137 10.80 65.97 -25.32
N THR TA 146 15.47 61.86 -22.42
CA THR TA 146 16.41 62.24 -21.34
C THR TA 146 17.43 63.25 -21.86
N SER TA 147 17.93 64.13 -20.97
CA SER TA 147 18.70 65.34 -21.33
C SER TA 147 20.02 65.44 -20.55
N VAL TA 148 21.09 65.89 -21.20
CA VAL TA 148 22.41 66.05 -20.56
C VAL TA 148 22.62 67.41 -19.89
N THR TA 149 21.92 68.46 -20.34
CA THR TA 149 22.07 69.86 -19.86
C THR TA 149 21.18 70.24 -18.66
N VAL TA 150 20.16 69.44 -18.33
CA VAL TA 150 19.21 69.73 -17.24
C VAL TA 150 19.83 69.81 -15.84
N PRO TA 151 20.66 68.85 -15.37
CA PRO TA 151 21.10 68.83 -13.96
C PRO TA 151 22.09 69.95 -13.60
N VAL TA 152 22.62 70.68 -14.59
CA VAL TA 152 23.56 71.81 -14.42
C VAL TA 152 22.87 73.19 -14.47
N CYS TA 153 21.52 73.22 -14.39
CA CYS TA 153 20.69 74.43 -14.43
C CYS TA 153 19.77 74.55 -13.19
N GLN TA 154 19.34 75.75 -12.84
CA GLN TA 154 18.46 76.00 -11.68
C GLN TA 154 17.00 75.58 -11.92
N GLY TA 155 16.59 75.38 -13.17
CA GLY TA 155 15.26 74.89 -13.52
C GLY TA 155 15.07 74.72 -15.03
N GLU TA 156 14.02 73.99 -15.41
CA GLU TA 156 13.61 73.82 -16.81
C GLU TA 156 12.15 74.28 -17.00
N VAL TA 157 11.87 74.87 -18.17
CA VAL TA 157 10.51 75.23 -18.61
C VAL TA 157 10.24 74.53 -19.94
N VAL TA 158 9.20 73.70 -20.03
CA VAL TA 158 8.96 72.83 -21.19
C VAL TA 158 7.53 72.94 -21.71
N GLY TA 159 7.36 73.02 -23.02
CA GLY TA 159 6.07 72.82 -23.70
C GLY TA 159 5.10 74.01 -23.62
N LEU TA 160 5.51 75.16 -23.10
CA LEU TA 160 4.67 76.36 -22.99
C LEU TA 160 4.73 77.25 -24.25
N GLY TA 161 5.20 76.71 -25.38
CA GLY TA 161 5.38 77.47 -26.61
C GLY TA 161 6.37 78.62 -26.44
N LEU TA 162 6.14 79.76 -27.11
CA LEU TA 162 6.98 80.94 -26.96
C LEU TA 162 6.81 81.60 -25.58
N GLY TA 163 5.79 81.24 -24.80
CA GLY TA 163 5.62 81.71 -23.42
C GLY TA 163 6.68 81.22 -22.45
N GLY TA 164 7.40 80.13 -22.76
CA GLY TA 164 8.43 79.58 -21.87
C GLY TA 164 9.60 80.51 -21.60
N TYR TA 165 10.01 81.33 -22.59
CA TYR TA 165 11.03 82.36 -22.39
C TYR TA 165 10.58 83.44 -21.40
N LEU TA 166 9.31 83.79 -21.40
CA LEU TA 166 8.75 84.82 -20.53
C LEU TA 166 8.69 84.35 -19.09
N ALA TA 167 8.31 83.09 -18.87
CA ALA TA 167 8.43 82.48 -17.55
C ALA TA 167 9.89 82.44 -17.08
N ALA TA 168 10.82 82.02 -17.92
CA ALA TA 168 12.23 81.96 -17.57
C ALA TA 168 12.78 83.33 -17.15
N MET TA 169 12.47 84.41 -17.88
CA MET TA 169 12.84 85.77 -17.45
C MET TA 169 12.21 86.15 -16.10
N GLY TA 170 10.94 85.80 -15.88
CA GLY TA 170 10.29 86.03 -14.59
C GLY TA 170 10.97 85.27 -13.45
N MET TA 171 11.32 84.00 -13.66
CA MET TA 171 12.02 83.18 -12.67
C MET TA 171 13.43 83.70 -12.35
N LEU TA 172 14.08 84.43 -13.23
CA LEU TA 172 15.38 85.07 -12.96
C LEU TA 172 15.26 86.42 -12.25
N VAL TA 173 14.16 87.14 -12.42
CA VAL TA 173 13.88 88.38 -11.67
C VAL TA 173 13.46 88.07 -10.23
N GLU TA 174 12.76 86.96 -10.00
CA GLU TA 174 12.34 86.48 -8.67
C GLU TA 174 13.51 86.03 -7.77
N MET UA 33 43.47 10.01 87.36
CA MET UA 33 42.93 9.21 86.23
C MET UA 33 43.85 8.04 85.90
N LYS UA 34 43.29 6.86 85.67
CA LYS UA 34 43.97 5.60 85.33
C LYS UA 34 43.59 5.12 83.92
N ILE UA 35 44.57 4.94 83.04
CA ILE UA 35 44.41 4.49 81.66
C ILE UA 35 44.98 3.07 81.49
N LEU UA 36 44.33 2.24 80.69
CA LEU UA 36 44.84 0.92 80.30
C LEU UA 36 45.09 0.86 78.79
N VAL UA 37 46.30 0.47 78.38
CA VAL UA 37 46.66 0.26 76.97
C VAL UA 37 46.81 -1.23 76.70
N ILE UA 38 46.06 -1.76 75.72
CA ILE UA 38 46.09 -3.17 75.33
C ILE UA 38 46.58 -3.30 73.88
N ASN UA 39 47.64 -4.08 73.70
CA ASN UA 39 48.20 -4.43 72.39
C ASN UA 39 47.94 -5.92 72.07
N GLY UA 40 47.45 -6.20 70.87
CA GLY UA 40 47.10 -7.55 70.41
C GLY UA 40 48.30 -8.41 70.00
N PRO UA 41 48.06 -9.52 69.28
CA PRO UA 41 49.12 -10.40 68.80
C PRO UA 41 50.06 -9.67 67.83
N ASN UA 42 51.30 -10.15 67.73
CA ASN UA 42 52.35 -9.64 66.83
C ASN UA 42 52.88 -8.22 67.10
N ILE UA 43 52.20 -7.37 67.86
CA ILE UA 43 52.63 -5.97 68.09
C ILE UA 43 54.01 -5.90 68.77
N ASN UA 44 54.36 -6.86 69.62
CA ASN UA 44 55.69 -6.92 70.25
C ASN UA 44 56.84 -7.10 69.25
N PHE UA 45 56.57 -7.51 68.02
CA PHE UA 45 57.56 -7.63 66.94
C PHE UA 45 57.66 -6.38 66.05
N LEU UA 46 57.10 -5.22 66.45
CA LEU UA 46 57.42 -3.94 65.79
C LEU UA 46 58.94 -3.74 65.65
N GLY UA 47 59.37 -3.26 64.49
CA GLY UA 47 60.80 -3.07 64.17
C GLY UA 47 61.56 -4.35 63.81
N ILE UA 48 60.97 -5.53 64.03
CA ILE UA 48 61.41 -6.78 63.40
C ILE UA 48 60.53 -7.06 62.17
N PRO UA 56 62.96 1.86 62.18
CA PRO UA 56 63.89 1.34 63.18
C PRO UA 56 63.33 1.34 64.61
N LEU UA 57 62.22 2.03 64.90
CA LEU UA 57 61.60 2.04 66.23
C LEU UA 57 60.98 0.69 66.58
N ASN UA 58 61.20 0.23 67.81
CA ASN UA 58 60.71 -1.06 68.28
C ASN UA 58 59.63 -0.92 69.37
N TYR UA 59 59.13 -2.04 69.87
CA TYR UA 59 58.07 -2.05 70.88
C TYR UA 59 58.48 -1.39 72.21
N ASP UA 60 59.74 -1.48 72.63
CA ASP UA 60 60.20 -0.82 73.85
C ASP UA 60 60.24 0.72 73.69
N ASP UA 61 60.55 1.22 72.50
CA ASP UA 61 60.46 2.65 72.19
C ASP UA 61 59.02 3.16 72.32
N LEU UA 62 58.05 2.40 71.80
CA LEU UA 62 56.62 2.72 71.92
C LEU UA 62 56.18 2.73 73.38
N VAL UA 63 56.59 1.74 74.17
CA VAL UA 63 56.25 1.70 75.60
C VAL UA 63 56.85 2.89 76.35
N GLU UA 64 58.09 3.28 76.07
CA GLU UA 64 58.70 4.45 76.69
C GLU UA 64 58.00 5.75 76.28
N MET UA 65 57.60 5.91 75.01
CA MET UA 65 56.81 7.07 74.58
C MET UA 65 55.47 7.15 75.30
N ILE UA 66 54.77 6.03 75.48
CA ILE UA 66 53.49 5.99 76.20
C ILE UA 66 53.71 6.34 77.68
N LYS UA 67 54.67 5.72 78.36
CA LYS UA 67 54.96 5.99 79.78
C LYS UA 67 55.45 7.42 80.01
N GLY UA 68 56.22 7.99 79.10
CA GLY UA 68 56.64 9.39 79.17
C GLY UA 68 55.48 10.37 78.98
N THR UA 69 54.63 10.12 77.99
CA THR UA 69 53.44 10.95 77.74
C THR UA 69 52.45 10.89 78.90
N ALA UA 70 52.29 9.75 79.57
CA ALA UA 70 51.43 9.64 80.73
C ALA UA 70 51.83 10.60 81.86
N LYS UA 71 53.13 10.70 82.18
CA LYS UA 71 53.63 11.71 83.13
C LYS UA 71 53.33 13.13 82.69
N GLY UA 72 53.47 13.42 81.40
CA GLY UA 72 53.16 14.74 80.84
C GLY UA 72 51.69 15.12 81.00
N LEU UA 73 50.77 14.20 80.73
CA LEU UA 73 49.33 14.39 80.90
C LEU UA 73 48.85 14.24 82.36
N LYS UA 74 49.74 13.92 83.30
CA LYS UA 74 49.44 13.66 84.72
C LYS UA 74 48.41 12.54 84.94
N VAL UA 75 48.57 11.43 84.21
CA VAL UA 75 47.73 10.22 84.33
C VAL UA 75 48.57 8.99 84.67
N LYS UA 76 47.99 8.00 85.35
CA LYS UA 76 48.61 6.69 85.53
C LYS UA 76 48.30 5.80 84.32
N VAL UA 77 49.26 5.02 83.86
CA VAL UA 77 49.08 4.11 82.72
C VAL UA 77 49.61 2.71 83.00
N GLU UA 78 48.87 1.70 82.60
CA GLU UA 78 49.34 0.32 82.46
C GLU UA 78 49.36 -0.05 80.98
N VAL UA 79 50.47 -0.63 80.51
CA VAL UA 79 50.60 -1.12 79.13
C VAL UA 79 50.74 -2.64 79.12
N PHE UA 80 49.89 -3.32 78.36
CA PHE UA 80 49.80 -4.77 78.29
C PHE UA 80 49.84 -5.27 76.85
N GLN UA 81 50.50 -6.40 76.61
CA GLN UA 81 50.49 -7.09 75.32
C GLN UA 81 50.38 -8.61 75.52
N SER UA 82 49.62 -9.29 74.67
CA SER UA 82 49.61 -10.75 74.62
C SER UA 82 49.29 -11.28 73.23
N ASN UA 83 49.81 -12.46 72.88
CA ASN UA 83 49.43 -13.17 71.66
C ASN UA 83 48.16 -14.01 71.81
N HIS UA 84 47.61 -14.16 73.02
CA HIS UA 84 46.43 -14.96 73.29
C HIS UA 84 45.14 -14.12 73.30
N GLU UA 85 44.16 -14.48 72.48
CA GLU UA 85 42.83 -13.86 72.46
C GLU UA 85 42.15 -13.91 73.84
N GLY UA 86 42.25 -15.02 74.56
CA GLY UA 86 41.65 -15.17 75.89
C GLY UA 86 42.30 -14.29 76.96
N ALA UA 87 43.61 -14.05 76.88
CA ALA UA 87 44.28 -13.18 77.86
C ALA UA 87 43.85 -11.72 77.72
N ILE UA 88 43.51 -11.28 76.52
CA ILE UA 88 42.94 -9.95 76.28
C ILE UA 88 41.55 -9.84 76.89
N ILE UA 89 40.69 -10.85 76.70
CA ILE UA 89 39.36 -10.87 77.31
C ILE UA 89 39.46 -10.88 78.84
N ASP UA 90 40.37 -11.67 79.42
CA ASP UA 90 40.62 -11.63 80.87
C ASP UA 90 41.07 -10.25 81.35
N LYS UA 91 41.95 -9.58 80.61
CA LYS UA 91 42.43 -8.23 80.94
C LYS UA 91 41.31 -7.19 80.85
N LEU UA 92 40.43 -7.27 79.85
CA LEU UA 92 39.26 -6.40 79.76
C LEU UA 92 38.27 -6.64 80.91
N GLN UA 93 38.05 -7.89 81.31
CA GLN UA 93 37.22 -8.20 82.47
C GLN UA 93 37.87 -7.75 83.79
N GLU UA 94 39.19 -7.86 83.93
CA GLU UA 94 39.90 -7.33 85.09
C GLU UA 94 39.76 -5.81 85.20
N ALA UA 95 39.79 -5.08 84.07
CA ALA UA 95 39.64 -3.64 84.07
C ALA UA 95 38.31 -3.16 84.67
N TYR UA 96 37.22 -3.89 84.43
CA TYR UA 96 35.90 -3.58 85.00
C TYR UA 96 35.90 -3.60 86.54
N TYR UA 97 36.63 -4.54 87.15
CA TYR UA 97 36.76 -4.64 88.61
C TYR UA 97 37.81 -3.70 89.22
N ASN UA 98 38.63 -3.03 88.41
CA ASN UA 98 39.76 -2.23 88.87
C ASN UA 98 39.61 -0.72 88.60
N ASP UA 99 38.41 -0.26 88.23
CA ASP UA 99 38.07 1.16 88.06
C ASP UA 99 38.98 1.91 87.08
N VAL UA 100 39.31 1.29 85.95
CA VAL UA 100 39.97 1.96 84.83
C VAL UA 100 39.07 3.05 84.27
N ASP UA 101 39.60 4.24 84.03
CA ASP UA 101 38.83 5.39 83.54
C ASP UA 101 38.69 5.44 82.02
N GLY UA 102 39.57 4.76 81.28
CA GLY UA 102 39.50 4.65 79.83
C GLY UA 102 40.51 3.67 79.27
N ILE UA 103 40.21 3.11 78.10
CA ILE UA 103 40.99 2.04 77.45
C ILE UA 103 41.48 2.47 76.06
N VAL UA 104 42.75 2.26 75.77
CA VAL UA 104 43.29 2.36 74.42
C VAL UA 104 43.59 0.95 73.94
N ILE UA 105 43.08 0.53 72.78
CA ILE UA 105 43.29 -0.84 72.29
C ILE UA 105 43.73 -0.88 70.83
N ASN UA 106 44.75 -1.67 70.54
CA ASN UA 106 45.16 -2.02 69.20
C ASN UA 106 45.06 -3.55 69.04
N PRO UA 107 43.97 -4.08 68.46
CA PRO UA 107 43.76 -5.52 68.41
C PRO UA 107 44.69 -6.28 67.44
N GLY UA 108 45.46 -5.61 66.58
CA GLY UA 108 46.13 -6.27 65.46
C GLY UA 108 45.11 -6.94 64.53
N ALA UA 109 45.43 -8.14 64.03
CA ALA UA 109 44.56 -8.88 63.10
C ALA UA 109 43.19 -9.27 63.67
N PHE UA 110 43.02 -9.39 65.00
CA PHE UA 110 41.72 -9.71 65.62
C PHE UA 110 40.61 -8.71 65.26
N THR UA 111 40.97 -7.50 64.85
CA THR UA 111 40.07 -6.48 64.31
C THR UA 111 39.17 -6.99 63.20
N HIS UA 112 39.62 -7.98 62.43
CA HIS UA 112 38.96 -8.44 61.21
C HIS UA 112 38.22 -9.77 61.37
N TYR UA 113 38.28 -10.42 62.54
CA TYR UA 113 37.57 -11.70 62.76
C TYR UA 113 37.17 -12.02 64.20
N SER UA 114 37.71 -11.38 65.24
CA SER UA 114 37.41 -11.75 66.63
C SER UA 114 36.09 -11.18 67.13
N TYR UA 115 34.98 -11.85 66.84
CA TYR UA 115 33.70 -11.52 67.45
C TYR UA 115 33.71 -11.73 68.97
N ALA UA 116 34.58 -12.58 69.51
CA ALA UA 116 34.73 -12.71 70.96
C ALA UA 116 35.30 -11.45 71.61
N VAL UA 117 36.33 -10.81 71.04
CA VAL UA 117 36.88 -9.55 71.57
C VAL UA 117 35.89 -8.39 71.37
N ARG UA 118 35.15 -8.35 70.24
CA ARG UA 118 34.05 -7.40 70.06
C ARG UA 118 33.04 -7.50 71.20
N ASP UA 119 32.53 -8.69 71.47
CA ASP UA 119 31.53 -8.88 72.52
C ASP UA 119 32.11 -8.66 73.91
N ALA UA 120 33.40 -8.87 74.14
CA ALA UA 120 34.06 -8.48 75.39
C ALA UA 120 34.07 -6.97 75.57
N LEU UA 121 34.40 -6.19 74.53
CA LEU UA 121 34.33 -4.73 74.57
C LEU UA 121 32.89 -4.23 74.74
N ALA UA 122 31.90 -4.90 74.16
CA ALA UA 122 30.49 -4.59 74.40
C ALA UA 122 30.06 -4.86 75.85
N SER UA 123 30.64 -5.85 76.52
CA SER UA 123 30.28 -6.20 77.90
C SER UA 123 30.70 -5.15 78.94
N ILE UA 124 31.62 -4.24 78.61
CA ILE UA 124 32.13 -3.19 79.51
C ILE UA 124 31.78 -1.78 79.01
N ALA UA 125 30.57 -1.58 78.50
CA ALA UA 125 30.12 -0.33 77.88
C ALA UA 125 30.18 0.92 78.77
N ALA UA 126 30.29 0.76 80.09
CA ALA UA 126 30.47 1.88 81.04
C ALA UA 126 31.85 2.57 80.90
N ILE UA 127 32.85 1.93 80.30
CA ILE UA 127 34.21 2.46 80.16
C ILE UA 127 34.42 2.97 78.73
N PRO UA 128 34.92 4.21 78.51
CA PRO UA 128 35.22 4.72 77.19
C PRO UA 128 36.47 4.05 76.60
N LYS UA 129 36.42 3.63 75.34
CA LYS UA 129 37.56 3.00 74.64
C LYS UA 129 37.84 3.64 73.28
N ILE UA 130 39.11 3.79 72.95
CA ILE UA 130 39.60 4.22 71.63
C ILE UA 130 40.36 3.08 70.97
N GLU UA 131 40.04 2.77 69.71
CA GLU UA 131 40.77 1.78 68.91
C GLU UA 131 41.89 2.43 68.09
N VAL UA 132 43.07 1.82 68.03
CA VAL UA 132 44.26 2.37 67.39
C VAL UA 132 44.85 1.42 66.35
N HIS UA 133 45.20 1.92 65.16
CA HIS UA 133 45.98 1.20 64.14
C HIS UA 133 47.19 2.00 63.68
N ILE UA 134 48.38 1.36 63.71
CA ILE UA 134 49.64 2.02 63.37
C ILE UA 134 49.72 2.29 61.86
N SER UA 135 49.40 1.30 61.04
CA SER UA 135 49.34 1.38 59.58
C SER UA 135 47.89 1.56 59.09
N ASN UA 136 47.73 1.94 57.81
CA ASN UA 136 46.44 2.30 57.19
C ASN UA 136 45.57 1.07 56.87
N VAL UA 137 45.28 0.21 57.85
CA VAL UA 137 44.72 -1.14 57.64
C VAL UA 137 43.48 -1.20 56.75
N THR UA 146 37.06 -3.80 56.29
CA THR UA 146 35.99 -3.59 57.28
C THR UA 146 36.31 -4.31 58.60
N SER UA 147 35.89 -3.74 59.72
CA SER UA 147 36.36 -4.12 61.07
C SER UA 147 35.20 -4.44 62.02
N VAL UA 148 35.36 -5.46 62.88
CA VAL UA 148 34.29 -5.92 63.79
C VAL UA 148 34.27 -5.19 65.14
N THR UA 149 35.41 -4.65 65.60
CA THR UA 149 35.59 -4.01 66.92
C THR UA 149 35.33 -2.49 66.93
N VAL UA 150 35.27 -1.82 65.76
CA VAL UA 150 35.07 -0.36 65.66
C VAL UA 150 33.75 0.14 66.26
N PRO UA 151 32.56 -0.42 65.95
CA PRO UA 151 31.29 0.18 66.37
C PRO UA 151 30.98 0.06 67.87
N VAL UA 152 31.75 -0.73 68.62
CA VAL UA 152 31.65 -0.86 70.10
C VAL UA 152 32.66 0.04 70.84
N CYS UA 153 33.33 0.96 70.14
CA CYS UA 153 34.29 1.93 70.68
C CYS UA 153 33.84 3.39 70.45
N GLN UA 154 34.31 4.33 71.28
CA GLN UA 154 33.97 5.75 71.16
C GLN UA 154 34.71 6.48 70.03
N GLY UA 155 35.77 5.87 69.47
CA GLY UA 155 36.49 6.40 68.32
C GLY UA 155 37.58 5.45 67.82
N GLU UA 156 38.08 5.74 66.61
CA GLU UA 156 39.23 5.06 66.02
C GLU UA 156 40.30 6.08 65.58
N VAL UA 157 41.57 5.73 65.72
CA VAL UA 157 42.72 6.50 65.21
C VAL UA 157 43.52 5.59 64.29
N VAL UA 158 43.72 5.98 63.04
CA VAL UA 158 44.30 5.10 62.00
C VAL UA 158 45.42 5.78 61.23
N GLY UA 159 46.54 5.07 61.03
CA GLY UA 159 47.57 5.46 60.08
C GLY UA 159 48.51 6.59 60.52
N LEU UA 160 48.43 7.04 61.79
CA LEU UA 160 49.31 8.08 62.33
C LEU UA 160 50.61 7.53 62.91
N GLY UA 161 50.98 6.29 62.59
CA GLY UA 161 52.17 5.64 63.14
C GLY UA 161 52.08 5.46 64.66
N LEU UA 162 53.21 5.56 65.35
CA LEU UA 162 53.23 5.47 66.82
C LEU UA 162 52.55 6.68 67.49
N GLY UA 163 52.33 7.78 66.77
CA GLY UA 163 51.60 8.95 67.27
C GLY UA 163 50.12 8.68 67.55
N GLY UA 164 49.52 7.64 66.97
CA GLY UA 164 48.11 7.31 67.18
C GLY UA 164 47.75 7.00 68.64
N TYR UA 165 48.66 6.39 69.40
CA TYR UA 165 48.48 6.16 70.84
C TYR UA 165 48.41 7.47 71.63
N LEU UA 166 49.20 8.47 71.23
CA LEU UA 166 49.27 9.75 71.92
C LEU UA 166 48.00 10.57 71.67
N ALA UA 167 47.47 10.54 70.45
CA ALA UA 167 46.15 11.08 70.17
C ALA UA 167 45.06 10.39 70.99
N ALA UA 168 45.05 9.05 71.04
CA ALA UA 168 44.04 8.33 71.81
C ALA UA 168 44.08 8.66 73.31
N MET UA 169 45.27 8.75 73.91
CA MET UA 169 45.39 9.23 75.30
C MET UA 169 44.91 10.68 75.45
N GLY UA 170 45.19 11.56 74.49
CA GLY UA 170 44.65 12.91 74.50
C GLY UA 170 43.12 12.92 74.45
N MET UA 171 42.52 12.14 73.55
CA MET UA 171 41.07 12.02 73.42
C MET UA 171 40.40 11.47 74.67
N LEU UA 172 41.07 10.63 75.48
CA LEU UA 172 40.51 10.15 76.74
C LEU UA 172 40.66 11.15 77.89
N VAL UA 173 41.66 12.03 77.88
CA VAL UA 173 41.79 13.12 78.86
C VAL UA 173 40.77 14.22 78.59
N GLU UA 174 40.40 14.44 77.33
CA GLU UA 174 39.41 15.44 76.89
C GLU UA 174 37.95 15.07 77.26
N MET VA 33 88.26 -41.42 -10.58
CA MET VA 33 87.28 -40.34 -10.81
C MET VA 33 87.94 -38.97 -10.72
N LYS VA 34 87.58 -38.03 -11.61
CA LYS VA 34 88.07 -36.65 -11.68
C LYS VA 34 86.94 -35.64 -11.46
N ILE VA 35 87.08 -34.79 -10.44
CA ILE VA 35 86.11 -33.73 -10.08
C ILE VA 35 86.69 -32.35 -10.44
N LEU VA 36 85.85 -31.46 -10.96
CA LEU VA 36 86.19 -30.04 -11.15
C LEU VA 36 85.35 -29.15 -10.24
N VAL VA 37 86.00 -28.28 -9.47
CA VAL VA 37 85.34 -27.29 -8.61
C VAL VA 37 85.56 -25.89 -9.17
N ILE VA 38 84.47 -25.16 -9.45
CA ILE VA 38 84.51 -23.79 -9.99
C ILE VA 38 83.91 -22.80 -8.99
N ASN VA 39 84.69 -21.79 -8.62
CA ASN VA 39 84.27 -20.66 -7.79
C ASN VA 39 84.17 -19.37 -8.62
N GLY VA 40 83.06 -18.67 -8.50
CA GLY VA 40 82.77 -17.44 -9.24
C GLY VA 40 83.48 -16.18 -8.70
N PRO VA 41 83.03 -14.98 -9.12
CA PRO VA 41 83.60 -13.72 -8.67
C PRO VA 41 83.41 -13.51 -7.16
N ASN VA 42 84.31 -12.74 -6.55
CA ASN VA 42 84.34 -12.40 -5.12
C ASN VA 42 84.61 -13.55 -4.13
N ILE VA 43 84.52 -14.81 -4.53
CA ILE VA 43 84.71 -15.95 -3.61
C ILE VA 43 86.13 -16.02 -3.03
N ASN VA 44 87.15 -15.52 -3.73
CA ASN VA 44 88.51 -15.43 -3.21
C ASN VA 44 88.67 -14.46 -2.02
N PHE VA 45 87.68 -13.61 -1.73
CA PHE VA 45 87.68 -12.65 -0.62
C PHE VA 45 86.86 -13.14 0.60
N LEU VA 46 86.54 -14.43 0.72
CA LEU VA 46 86.07 -15.02 1.98
C LEU VA 46 87.00 -14.67 3.15
N GLY VA 47 86.43 -14.34 4.31
CA GLY VA 47 87.19 -13.91 5.50
C GLY VA 47 87.71 -12.47 5.45
N ILE VA 48 87.59 -11.78 4.31
CA ILE VA 48 87.73 -10.32 4.18
C ILE VA 48 86.33 -9.70 4.07
N PRO VA 56 86.41 -16.31 10.65
CA PRO VA 56 87.84 -16.16 10.41
C PRO VA 56 88.39 -17.04 9.29
N LEU VA 57 87.64 -18.05 8.81
CA LEU VA 57 88.09 -18.93 7.73
C LEU VA 57 88.15 -18.20 6.38
N ASN VA 58 89.22 -18.40 5.62
CA ASN VA 58 89.46 -17.74 4.35
C ASN VA 58 89.44 -18.72 3.15
N TYR VA 59 89.70 -18.22 1.95
CA TYR VA 59 89.66 -19.05 0.74
C TYR VA 59 90.73 -20.14 0.71
N ASP VA 60 91.92 -19.91 1.26
CA ASP VA 60 92.96 -20.96 1.32
C ASP VA 60 92.57 -22.10 2.27
N ASP VA 61 91.85 -21.79 3.35
CA ASP VA 61 91.29 -22.80 4.25
C ASP VA 61 90.26 -23.67 3.54
N LEU VA 62 89.38 -23.07 2.73
CA LEU VA 62 88.40 -23.79 1.92
C LEU VA 62 89.07 -24.70 0.88
N VAL VA 63 90.12 -24.21 0.20
CA VAL VA 63 90.86 -25.03 -0.77
C VAL VA 63 91.53 -26.22 -0.09
N GLU VA 64 92.16 -26.03 1.08
CA GLU VA 64 92.76 -27.15 1.81
C GLU VA 64 91.72 -28.17 2.28
N MET VA 65 90.55 -27.74 2.77
CA MET VA 65 89.45 -28.66 3.12
C MET VA 65 89.00 -29.49 1.91
N ILE VA 66 88.85 -28.87 0.74
CA ILE VA 66 88.48 -29.59 -0.49
C ILE VA 66 89.58 -30.59 -0.90
N LYS VA 67 90.84 -30.16 -0.97
CA LYS VA 67 91.95 -31.04 -1.36
C LYS VA 67 92.19 -32.19 -0.38
N GLY VA 68 92.03 -31.96 0.92
CA GLY VA 68 92.12 -33.02 1.93
C GLY VA 68 90.96 -34.02 1.82
N THR VA 69 89.74 -33.55 1.61
CA THR VA 69 88.57 -34.41 1.43
C THR VA 69 88.68 -35.26 0.16
N ALA VA 70 89.24 -34.73 -0.93
CA ALA VA 70 89.44 -35.49 -2.16
C ALA VA 70 90.29 -36.73 -1.96
N LYS VA 71 91.39 -36.64 -1.19
CA LYS VA 71 92.21 -37.81 -0.83
C LYS VA 71 91.43 -38.81 0.01
N GLY VA 72 90.62 -38.34 0.94
CA GLY VA 72 89.74 -39.17 1.75
C GLY VA 72 88.72 -39.97 0.93
N LEU VA 73 88.06 -39.32 -0.03
CA LEU VA 73 87.13 -39.96 -0.97
C LEU VA 73 87.82 -40.74 -2.10
N LYS VA 74 89.16 -40.72 -2.20
CA LYS VA 74 89.96 -41.34 -3.26
C LYS VA 74 89.61 -40.83 -4.67
N VAL VA 75 89.48 -39.51 -4.83
CA VAL VA 75 89.20 -38.83 -6.11
C VAL VA 75 90.27 -37.79 -6.42
N LYS VA 76 90.49 -37.50 -7.70
CA LYS VA 76 91.30 -36.35 -8.14
C LYS VA 76 90.41 -35.11 -8.23
N VAL VA 77 90.92 -33.95 -7.81
CA VAL VA 77 90.18 -32.69 -7.83
C VAL VA 77 91.01 -31.54 -8.41
N GLU VA 78 90.39 -30.71 -9.22
CA GLU VA 78 90.92 -29.40 -9.64
C GLU VA 78 90.02 -28.30 -9.06
N VAL VA 79 90.60 -27.30 -8.41
CA VAL VA 79 89.87 -26.14 -7.87
C VAL VA 79 90.25 -24.88 -8.64
N PHE VA 80 89.27 -24.17 -9.17
CA PHE VA 80 89.44 -22.99 -10.02
C PHE VA 80 88.62 -21.81 -9.51
N GLN VA 81 89.17 -20.60 -9.58
CA GLN VA 81 88.45 -19.36 -9.30
C GLN VA 81 88.79 -18.27 -10.31
N SER VA 82 87.81 -17.50 -10.76
CA SER VA 82 88.03 -16.30 -11.56
C SER VA 82 86.94 -15.27 -11.37
N ASN VA 83 87.28 -13.99 -11.51
CA ASN VA 83 86.31 -12.89 -11.53
C ASN VA 83 85.69 -12.66 -12.93
N HIS VA 84 86.17 -13.32 -13.98
CA HIS VA 84 85.68 -13.15 -15.34
C HIS VA 84 84.62 -14.19 -15.73
N GLU VA 85 83.43 -13.74 -16.12
CA GLU VA 85 82.35 -14.60 -16.62
C GLU VA 85 82.81 -15.46 -17.80
N GLY VA 86 83.60 -14.89 -18.72
CA GLY VA 86 84.12 -15.62 -19.88
C GLY VA 86 85.16 -16.69 -19.53
N ALA VA 87 85.94 -16.52 -18.46
CA ALA VA 87 86.92 -17.52 -18.05
C ALA VA 87 86.24 -18.75 -17.45
N ILE VA 88 85.10 -18.58 -16.77
CA ILE VA 88 84.28 -19.69 -16.29
C ILE VA 88 83.71 -20.48 -17.46
N ILE VA 89 83.18 -19.81 -18.48
CA ILE VA 89 82.66 -20.48 -19.68
C ILE VA 89 83.78 -21.22 -20.42
N ASP VA 90 84.98 -20.64 -20.56
CA ASP VA 90 86.13 -21.36 -21.11
C ASP VA 90 86.51 -22.60 -20.29
N LYS VA 91 86.48 -22.52 -18.95
CA LYS VA 91 86.78 -23.65 -18.07
C LYS VA 91 85.74 -24.75 -18.19
N LEU VA 92 84.44 -24.42 -18.30
CA LEU VA 92 83.39 -25.40 -18.56
C LEU VA 92 83.54 -26.06 -19.94
N GLN VA 93 83.90 -25.32 -20.97
CA GLN VA 93 84.18 -25.89 -22.29
C GLN VA 93 85.44 -26.74 -22.29
N GLU VA 94 86.48 -26.37 -21.55
CA GLU VA 94 87.66 -27.21 -21.37
C GLU VA 94 87.34 -28.53 -20.66
N ALA VA 95 86.43 -28.52 -19.66
CA ALA VA 95 86.04 -29.72 -18.94
C ALA VA 95 85.44 -30.79 -19.86
N TYR VA 96 84.63 -30.39 -20.85
CA TYR VA 96 84.05 -31.30 -21.82
C TYR VA 96 85.09 -32.05 -22.66
N TYR VA 97 86.21 -31.40 -23.01
CA TYR VA 97 87.30 -32.01 -23.76
C TYR VA 97 88.29 -32.82 -22.89
N ASN VA 98 88.14 -32.80 -21.56
CA ASN VA 98 89.08 -33.41 -20.62
C ASN VA 98 88.48 -34.55 -19.77
N ASP VA 99 87.29 -35.03 -20.13
CA ASP VA 99 86.63 -36.18 -19.49
C ASP VA 99 86.48 -36.03 -17.96
N VAL VA 100 86.11 -34.84 -17.50
CA VAL VA 100 85.70 -34.60 -16.11
C VAL VA 100 84.46 -35.44 -15.78
N ASP VA 101 84.43 -36.09 -14.62
CA ASP VA 101 83.34 -36.98 -14.23
C ASP VA 101 82.18 -36.26 -13.51
N GLY VA 102 82.43 -35.11 -12.90
CA GLY VA 102 81.41 -34.29 -12.27
C GLY VA 102 81.93 -32.90 -11.88
N ILE VA 103 81.01 -31.93 -11.78
CA ILE VA 103 81.32 -30.52 -11.53
C ILE VA 103 80.64 -30.02 -10.27
N VAL VA 104 81.38 -29.35 -9.39
CA VAL VA 104 80.82 -28.55 -8.28
C VAL VA 104 80.99 -27.09 -8.64
N ILE VA 105 79.92 -26.30 -8.66
CA ILE VA 105 80.00 -24.88 -9.05
C ILE VA 105 79.34 -23.96 -8.02
N ASN VA 106 80.04 -22.91 -7.62
CA ASN VA 106 79.50 -21.81 -6.84
C ASN VA 106 79.60 -20.53 -7.69
N PRO VA 107 78.54 -20.11 -8.39
CA PRO VA 107 78.62 -18.99 -9.31
C PRO VA 107 78.77 -17.61 -8.64
N GLY VA 108 78.60 -17.51 -7.32
CA GLY VA 108 78.43 -16.21 -6.68
C GLY VA 108 77.21 -15.46 -7.24
N ALA VA 109 77.33 -14.16 -7.45
CA ALA VA 109 76.24 -13.30 -7.94
C ALA VA 109 75.73 -13.67 -9.35
N PHE VA 110 76.53 -14.32 -10.21
CA PHE VA 110 76.10 -14.75 -11.55
C PHE VA 110 74.87 -15.68 -11.54
N THR VA 111 74.60 -16.31 -10.41
CA THR VA 111 73.38 -17.11 -10.15
C THR VA 111 72.10 -16.36 -10.45
N HIS VA 112 72.10 -15.04 -10.28
CA HIS VA 112 70.92 -14.18 -10.34
C HIS VA 112 70.77 -13.39 -11.64
N TYR VA 113 71.71 -13.50 -12.59
CA TYR VA 113 71.63 -12.79 -13.87
C TYR VA 113 72.38 -13.39 -15.07
N SER VA 114 73.37 -14.29 -14.90
CA SER VA 114 74.15 -14.77 -16.04
C SER VA 114 73.44 -15.86 -16.84
N TYR VA 115 72.61 -15.46 -17.81
CA TYR VA 115 72.06 -16.40 -18.77
C TYR VA 115 73.16 -17.01 -19.67
N ALA VA 116 74.32 -16.36 -19.81
CA ALA VA 116 75.45 -16.96 -20.52
C ALA VA 116 76.03 -18.17 -19.78
N VAL VA 117 76.22 -18.11 -18.46
CA VAL VA 117 76.71 -19.24 -17.66
C VAL VA 117 75.65 -20.34 -17.56
N ARG VA 118 74.35 -20.00 -17.46
CA ARG VA 118 73.27 -20.97 -17.58
C ARG VA 118 73.39 -21.78 -18.87
N ASP VA 119 73.48 -21.10 -19.99
CA ASP VA 119 73.55 -21.76 -21.29
C ASP VA 119 74.89 -22.49 -21.51
N ALA VA 120 75.98 -22.07 -20.86
CA ALA VA 120 77.22 -22.84 -20.83
C ALA VA 120 77.03 -24.17 -20.10
N LEU VA 121 76.41 -24.17 -18.93
CA LEU VA 121 76.07 -25.39 -18.19
C LEU VA 121 75.10 -26.28 -18.98
N ALA VA 122 74.14 -25.70 -19.68
CA ALA VA 122 73.24 -26.45 -20.55
C ALA VA 122 73.98 -27.11 -21.73
N SER VA 123 75.04 -26.49 -22.26
CA SER VA 123 75.79 -27.04 -23.40
C SER VA 123 76.59 -28.30 -23.08
N ILE VA 124 76.87 -28.60 -21.81
CA ILE VA 124 77.64 -29.78 -21.36
C ILE VA 124 76.78 -30.78 -20.61
N ALA VA 125 75.53 -30.96 -21.03
CA ALA VA 125 74.52 -31.80 -20.36
C ALA VA 125 74.89 -33.27 -20.11
N ALA VA 126 75.92 -33.80 -20.78
CA ALA VA 126 76.45 -35.14 -20.49
C ALA VA 126 77.12 -35.27 -19.11
N ILE VA 127 77.56 -34.17 -18.49
CA ILE VA 127 78.32 -34.17 -17.24
C ILE VA 127 77.40 -33.75 -16.07
N PRO VA 128 77.35 -34.50 -14.95
CA PRO VA 128 76.55 -34.10 -13.80
C PRO VA 128 77.18 -32.92 -13.05
N LYS VA 129 76.37 -31.93 -12.66
CA LYS VA 129 76.82 -30.76 -11.89
C LYS VA 129 75.97 -30.53 -10.65
N ILE VA 130 76.60 -30.10 -9.56
CA ILE VA 130 75.96 -29.63 -8.32
C ILE VA 130 76.25 -28.15 -8.12
N GLU VA 131 75.23 -27.35 -7.87
CA GLU VA 131 75.40 -25.94 -7.50
C GLU VA 131 75.51 -25.76 -5.98
N VAL VA 132 76.41 -24.90 -5.52
CA VAL VA 132 76.69 -24.66 -4.10
C VAL VA 132 76.57 -23.19 -3.75
N HIS VA 133 75.88 -22.86 -2.65
CA HIS VA 133 75.90 -21.53 -2.01
C HIS VA 133 76.29 -21.61 -0.54
N ILE VA 134 77.28 -20.81 -0.14
CA ILE VA 134 77.78 -20.78 1.25
C ILE VA 134 76.73 -20.19 2.19
N SER VA 135 76.15 -19.06 1.82
CA SER VA 135 75.08 -18.38 2.58
C SER VA 135 73.70 -18.67 1.99
N ASN VA 136 72.65 -18.32 2.75
CA ASN VA 136 71.25 -18.66 2.48
C ASN VA 136 70.63 -17.80 1.35
N VAL VA 137 71.24 -17.72 0.18
CA VAL VA 137 70.95 -16.71 -0.86
C VAL VA 137 69.47 -16.55 -1.23
N THR VA 146 65.30 -15.84 -6.58
CA THR VA 146 65.16 -16.80 -7.70
C THR VA 146 66.43 -16.82 -8.55
N SER VA 147 66.77 -17.99 -9.10
CA SER VA 147 68.09 -18.28 -9.69
C SER VA 147 67.98 -18.85 -11.11
N VAL VA 148 68.91 -18.48 -12.00
CA VAL VA 148 68.87 -18.90 -13.43
C VAL VA 148 69.68 -20.18 -13.70
N THR VA 149 70.69 -20.49 -12.90
CA THR VA 149 71.60 -21.63 -13.08
C THR VA 149 71.13 -22.95 -12.42
N VAL VA 150 70.14 -22.90 -11.52
CA VAL VA 150 69.62 -24.07 -10.79
C VAL VA 150 69.00 -25.16 -11.70
N PRO VA 151 68.07 -24.86 -12.64
CA PRO VA 151 67.33 -25.91 -13.35
C PRO VA 151 68.17 -26.69 -14.38
N VAL VA 152 69.38 -26.22 -14.71
CA VAL VA 152 70.34 -26.90 -15.59
C VAL VA 152 71.38 -27.75 -14.83
N CYS VA 153 71.18 -27.95 -13.52
CA CYS VA 153 72.05 -28.73 -12.62
C CYS VA 153 71.28 -29.90 -11.96
N GLN VA 154 71.98 -30.94 -11.54
CA GLN VA 154 71.39 -32.15 -10.94
C GLN VA 154 71.06 -32.01 -9.44
N GLY VA 155 71.50 -30.92 -8.79
CA GLY VA 155 71.13 -30.59 -7.41
C GLY VA 155 71.70 -29.26 -6.95
N GLU VA 156 71.16 -28.71 -5.87
CA GLU VA 156 71.67 -27.52 -5.19
C GLU VA 156 71.92 -27.80 -3.70
N VAL VA 157 73.00 -27.27 -3.13
CA VAL VA 157 73.30 -27.27 -1.70
C VAL VA 157 73.43 -25.84 -1.22
N VAL VA 158 72.62 -25.41 -0.25
CA VAL VA 158 72.50 -23.99 0.14
C VAL VA 158 72.59 -23.80 1.66
N GLY VA 159 73.37 -22.82 2.09
CA GLY VA 159 73.36 -22.34 3.48
C GLY VA 159 74.13 -23.19 4.50
N LEU VA 160 74.85 -24.24 4.07
CA LEU VA 160 75.64 -25.11 4.95
C LEU VA 160 77.06 -24.61 5.20
N GLY VA 161 77.35 -23.34 4.89
CA GLY VA 161 78.69 -22.77 5.03
C GLY VA 161 79.70 -23.45 4.10
N LEU VA 162 80.93 -23.63 4.56
CA LEU VA 162 81.96 -24.34 3.81
C LEU VA 162 81.69 -25.85 3.74
N GLY VA 163 80.82 -26.40 4.59
CA GLY VA 163 80.40 -27.80 4.52
C GLY VA 163 79.61 -28.17 3.27
N GLY VA 164 79.01 -27.19 2.57
CA GLY VA 164 78.23 -27.44 1.36
C GLY VA 164 79.05 -28.06 0.21
N TYR VA 165 80.32 -27.69 0.07
CA TYR VA 165 81.22 -28.29 -0.92
C TYR VA 165 81.47 -29.78 -0.63
N LEU VA 166 81.54 -30.16 0.65
CA LEU VA 166 81.80 -31.53 1.05
C LEU VA 166 80.58 -32.43 0.79
N ALA VA 167 79.37 -31.93 1.04
CA ALA VA 167 78.16 -32.62 0.60
C ALA VA 167 78.13 -32.78 -0.91
N ALA VA 168 78.41 -31.72 -1.69
CA ALA VA 168 78.39 -31.80 -3.15
C ALA VA 168 79.39 -32.83 -3.71
N MET VA 169 80.59 -32.94 -3.16
CA MET VA 169 81.52 -34.01 -3.55
C MET VA 169 80.97 -35.40 -3.19
N GLY VA 170 80.38 -35.57 -2.02
CA GLY VA 170 79.70 -36.82 -1.64
C GLY VA 170 78.57 -37.19 -2.60
N MET VA 171 77.72 -36.23 -2.97
CA MET VA 171 76.64 -36.44 -3.94
C MET VA 171 77.14 -36.79 -5.35
N LEU VA 172 78.37 -36.45 -5.72
CA LEU VA 172 78.95 -36.87 -7.01
C LEU VA 172 79.60 -38.25 -6.93
N VAL VA 173 80.15 -38.65 -5.78
CA VAL VA 173 80.69 -40.00 -5.60
C VAL VA 173 79.57 -41.04 -5.49
N GLU VA 174 78.41 -40.67 -4.97
CA GLU VA 174 77.19 -41.50 -4.90
C GLU VA 174 76.47 -41.66 -6.25
N MET WA 33 84.03 -3.74 -50.33
CA MET WA 33 83.25 -3.72 -49.07
C MET WA 33 83.83 -4.72 -48.06
N LYS WA 34 83.96 -4.30 -46.80
CA LYS WA 34 84.45 -5.10 -45.66
C LYS WA 34 83.35 -5.35 -44.63
N ILE WA 35 83.08 -6.61 -44.31
CA ILE WA 35 82.07 -7.06 -43.34
C ILE WA 35 82.74 -7.65 -42.10
N LEU WA 36 82.19 -7.37 -40.92
CA LEU WA 36 82.60 -7.99 -39.67
C LEU WA 36 81.48 -8.85 -39.09
N VAL WA 37 81.76 -10.12 -38.80
CA VAL WA 37 80.81 -11.05 -38.16
C VAL WA 37 81.25 -11.33 -36.73
N ILE WA 38 80.39 -11.08 -35.75
CA ILE WA 38 80.65 -11.29 -34.32
C ILE WA 38 79.69 -12.33 -33.75
N ASN WA 39 80.25 -13.40 -33.18
CA ASN WA 39 79.54 -14.44 -32.47
C ASN WA 39 79.79 -14.35 -30.95
N GLY WA 40 78.73 -14.42 -30.16
CA GLY WA 40 78.78 -14.30 -28.70
C GLY WA 40 79.25 -15.56 -27.97
N PRO WA 41 79.04 -15.63 -26.64
CA PRO WA 41 79.40 -16.79 -25.85
C PRO WA 41 78.63 -18.06 -26.26
N ASN WA 42 79.21 -19.23 -26.04
CA ASN WA 42 78.65 -20.55 -26.34
C ASN WA 42 78.42 -20.91 -27.81
N ILE WA 43 78.45 -19.96 -28.75
CA ILE WA 43 78.20 -20.22 -30.17
C ILE WA 43 79.23 -21.18 -30.79
N ASN WA 44 80.46 -21.21 -30.28
CA ASN WA 44 81.49 -22.15 -30.73
C ASN WA 44 81.16 -23.63 -30.42
N PHE WA 45 80.19 -23.90 -29.55
CA PHE WA 45 79.72 -25.26 -29.21
C PHE WA 45 78.50 -25.71 -30.04
N LEU WA 46 78.20 -25.08 -31.18
CA LEU WA 46 77.28 -25.65 -32.17
C LEU WA 46 77.67 -27.09 -32.54
N GLY WA 47 76.68 -27.97 -32.66
CA GLY WA 47 76.89 -29.40 -32.92
C GLY WA 47 77.32 -30.22 -31.70
N ILE WA 48 77.61 -29.58 -30.56
CA ILE WA 48 77.79 -30.22 -29.26
C ILE WA 48 76.59 -29.91 -28.35
N PRO WA 56 73.72 -31.94 -37.05
CA PRO WA 56 75.11 -32.40 -37.11
C PRO WA 56 76.12 -31.30 -37.54
N LEU WA 57 75.67 -30.16 -38.09
CA LEU WA 57 76.57 -29.06 -38.48
C LEU WA 57 77.18 -28.38 -37.25
N ASN WA 58 78.48 -28.10 -37.31
CA ASN WA 58 79.22 -27.46 -36.21
C ASN WA 58 79.69 -26.05 -36.56
N TYR WA 59 80.40 -25.41 -35.62
CA TYR WA 59 80.85 -24.03 -35.80
C TYR WA 59 81.82 -23.84 -37.00
N ASP WA 60 82.68 -24.81 -37.30
CA ASP WA 60 83.58 -24.71 -38.46
C ASP WA 60 82.82 -24.80 -39.79
N ASP WA 61 81.71 -25.54 -39.83
CA ASP WA 61 80.83 -25.56 -41.00
C ASP WA 61 80.19 -24.20 -41.24
N LEU WA 62 79.72 -23.54 -40.17
CA LEU WA 62 79.20 -22.18 -40.24
C LEU WA 62 80.26 -21.18 -40.72
N VAL WA 63 81.48 -21.26 -40.21
CA VAL WA 63 82.56 -20.39 -40.69
C VAL WA 63 82.87 -20.63 -42.16
N GLU WA 64 82.92 -21.88 -42.63
CA GLU WA 64 83.15 -22.16 -44.05
C GLU WA 64 82.01 -21.66 -44.94
N MET WA 65 80.75 -21.81 -44.54
CA MET WA 65 79.62 -21.25 -45.27
C MET WA 65 79.70 -19.73 -45.39
N ILE WA 66 80.08 -19.03 -44.32
CA ILE WA 66 80.22 -17.56 -44.34
C ILE WA 66 81.39 -17.14 -45.24
N LYS WA 67 82.56 -17.76 -45.11
CA LYS WA 67 83.73 -17.42 -45.94
C LYS WA 67 83.50 -17.73 -47.41
N GLY WA 68 82.82 -18.83 -47.75
CA GLY WA 68 82.45 -19.15 -49.12
C GLY WA 68 81.43 -18.17 -49.71
N THR WA 69 80.42 -17.79 -48.92
CA THR WA 69 79.42 -16.81 -49.36
C THR WA 69 80.02 -15.42 -49.58
N ALA WA 70 80.99 -15.00 -48.78
CA ALA WA 70 81.66 -13.72 -48.96
C ALA WA 70 82.35 -13.61 -50.33
N LYS WA 71 83.04 -14.66 -50.79
CA LYS WA 71 83.58 -14.72 -52.15
C LYS WA 71 82.49 -14.65 -53.22
N GLY WA 72 81.35 -15.31 -52.99
CA GLY WA 72 80.20 -15.25 -53.88
C GLY WA 72 79.64 -13.84 -54.04
N LEU WA 73 79.47 -13.11 -52.94
CA LEU WA 73 79.02 -11.72 -52.92
C LEU WA 73 80.10 -10.69 -53.29
N LYS WA 74 81.35 -11.12 -53.52
CA LYS WA 74 82.52 -10.27 -53.78
C LYS WA 74 82.80 -9.25 -52.66
N VAL WA 75 82.74 -9.69 -51.40
CA VAL WA 75 83.04 -8.88 -50.20
C VAL WA 75 84.17 -9.52 -49.38
N LYS WA 76 84.91 -8.72 -48.61
CA LYS WA 76 85.85 -9.24 -47.60
C LYS WA 76 85.13 -9.46 -46.28
N VAL WA 77 85.43 -10.55 -45.58
CA VAL WA 77 84.81 -10.88 -44.30
C VAL WA 77 85.83 -11.23 -43.23
N GLU WA 78 85.63 -10.73 -42.02
CA GLU WA 78 86.29 -11.19 -40.79
C GLU WA 78 85.26 -11.86 -39.89
N VAL WA 79 85.54 -13.06 -39.39
CA VAL WA 79 84.66 -13.80 -38.49
C VAL WA 79 85.31 -13.96 -37.12
N PHE WA 80 84.63 -13.56 -36.06
CA PHE WA 80 85.15 -13.52 -34.69
C PHE WA 80 84.18 -14.14 -33.69
N GLN WA 81 84.69 -14.88 -32.70
CA GLN WA 81 83.91 -15.39 -31.57
C GLN WA 81 84.67 -15.22 -30.25
N SER WA 82 83.98 -14.86 -29.17
CA SER WA 82 84.54 -14.88 -27.82
C SER WA 82 83.48 -15.16 -26.76
N ASN WA 83 83.89 -15.80 -25.66
CA ASN WA 83 83.04 -15.96 -24.48
C ASN WA 83 83.07 -14.74 -23.53
N HIS WA 84 83.98 -13.78 -23.74
CA HIS WA 84 84.11 -12.59 -22.91
C HIS WA 84 83.28 -11.42 -23.44
N GLU WA 85 82.39 -10.88 -22.61
CA GLU WA 85 81.60 -9.67 -22.93
C GLU WA 85 82.50 -8.49 -23.29
N GLY WA 86 83.60 -8.29 -22.56
CA GLY WA 86 84.53 -7.19 -22.82
C GLY WA 86 85.31 -7.34 -24.13
N ALA WA 87 85.61 -8.55 -24.58
CA ALA WA 87 86.30 -8.76 -25.85
C ALA WA 87 85.41 -8.40 -27.05
N ILE WA 88 84.10 -8.60 -26.94
CA ILE WA 88 83.13 -8.17 -27.94
C ILE WA 88 83.08 -6.65 -28.02
N ILE WA 89 83.05 -5.95 -26.88
CA ILE WA 89 83.07 -4.48 -26.86
C ILE WA 89 84.39 -3.95 -27.43
N ASP WA 90 85.53 -4.56 -27.13
CA ASP WA 90 86.80 -4.21 -27.76
C ASP WA 90 86.77 -4.40 -29.28
N LYS WA 91 86.20 -5.50 -29.78
CA LYS WA 91 86.07 -5.77 -31.22
C LYS WA 91 85.16 -4.75 -31.91
N LEU WA 92 84.04 -4.36 -31.29
CA LEU WA 92 83.18 -3.30 -31.80
C LEU WA 92 83.87 -1.94 -31.84
N GLN WA 93 84.65 -1.58 -30.82
CA GLN WA 93 85.44 -0.36 -30.83
C GLN WA 93 86.58 -0.41 -31.86
N GLU WA 94 87.23 -1.55 -32.05
CA GLU WA 94 88.26 -1.71 -33.08
C GLU WA 94 87.68 -1.51 -34.49
N ALA WA 95 86.46 -2.00 -34.75
CA ALA WA 95 85.81 -1.85 -36.04
C ALA WA 95 85.63 -0.38 -36.45
N TYR WA 96 85.34 0.51 -35.51
CA TYR WA 96 85.18 1.94 -35.77
C TYR WA 96 86.45 2.59 -36.32
N TYR WA 97 87.63 2.17 -35.87
CA TYR WA 97 88.92 2.66 -36.35
C TYR WA 97 89.43 1.95 -37.62
N ASN WA 98 88.75 0.90 -38.08
CA ASN WA 98 89.21 0.06 -39.20
C ASN WA 98 88.28 0.10 -40.43
N ASP WA 99 87.37 1.06 -40.49
CA ASP WA 99 86.50 1.34 -41.65
C ASP WA 99 85.68 0.13 -42.13
N VAL WA 100 85.15 -0.65 -41.18
CA VAL WA 100 84.17 -1.70 -41.45
C VAL WA 100 82.89 -1.09 -42.04
N ASP WA 101 82.37 -1.67 -43.12
CA ASP WA 101 81.20 -1.14 -43.82
C ASP WA 101 79.86 -1.66 -43.27
N GLY WA 102 79.87 -2.77 -42.54
CA GLY WA 102 78.68 -3.32 -41.88
C GLY WA 102 79.00 -4.48 -40.95
N ILE WA 103 78.14 -4.69 -39.96
CA ILE WA 103 78.33 -5.67 -38.89
C ILE WA 103 77.19 -6.68 -38.84
N VAL WA 104 77.50 -7.97 -38.75
CA VAL WA 104 76.53 -9.02 -38.43
C VAL WA 104 76.84 -9.50 -37.02
N ILE WA 105 75.88 -9.48 -36.10
CA ILE WA 105 76.13 -9.91 -34.72
C ILE WA 105 75.10 -10.92 -34.22
N ASN WA 106 75.58 -11.98 -33.58
CA ASN WA 106 74.76 -12.93 -32.83
C ASN WA 106 75.23 -12.94 -31.38
N PRO WA 107 74.61 -12.18 -30.47
CA PRO WA 107 75.08 -12.05 -29.09
C PRO WA 107 74.91 -13.30 -28.22
N GLY WA 108 74.22 -14.36 -28.68
CA GLY WA 108 73.78 -15.43 -27.79
C GLY WA 108 72.92 -14.90 -26.63
N ALA WA 109 73.15 -15.39 -25.42
CA ALA WA 109 72.38 -15.00 -24.23
C ALA WA 109 72.52 -13.51 -23.83
N PHE WA 110 73.60 -12.82 -24.21
CA PHE WA 110 73.78 -11.38 -23.93
C PHE WA 110 72.66 -10.51 -24.52
N THR WA 111 71.93 -11.01 -25.50
CA THR WA 111 70.73 -10.40 -26.08
C THR WA 111 69.68 -10.02 -25.03
N HIS WA 112 69.62 -10.78 -23.94
CA HIS WA 112 68.54 -10.69 -22.94
C HIS WA 112 68.95 -9.97 -21.66
N TYR WA 113 70.21 -9.52 -21.52
CA TYR WA 113 70.67 -8.79 -20.32
C TYR WA 113 71.86 -7.83 -20.50
N SER WA 114 72.66 -7.88 -21.56
CA SER WA 114 73.87 -7.05 -21.66
C SER WA 114 73.58 -5.62 -22.13
N TYR WA 115 73.24 -4.75 -21.18
CA TYR WA 115 73.15 -3.31 -21.47
C TYR WA 115 74.52 -2.71 -21.84
N ALA WA 116 75.64 -3.29 -21.44
CA ALA WA 116 76.96 -2.85 -21.88
C ALA WA 116 77.17 -3.06 -23.39
N VAL WA 117 76.78 -4.22 -23.94
CA VAL WA 117 76.88 -4.49 -25.39
C VAL WA 117 75.85 -3.67 -26.17
N ARG WA 118 74.64 -3.47 -25.65
CA ARG WA 118 73.67 -2.51 -26.24
C ARG WA 118 74.31 -1.14 -26.40
N ASP WA 119 74.86 -0.58 -25.33
CA ASP WA 119 75.45 0.76 -25.37
C ASP WA 119 76.72 0.82 -26.23
N ALA WA 120 77.47 -0.28 -26.38
CA ALA WA 120 78.56 -0.35 -27.33
C ALA WA 120 78.06 -0.25 -28.78
N LEU WA 121 77.02 -0.99 -29.14
CA LEU WA 121 76.39 -0.89 -30.46
C LEU WA 121 75.78 0.49 -30.71
N ALA WA 122 75.21 1.12 -29.69
CA ALA WA 122 74.72 2.50 -29.78
C ALA WA 122 75.86 3.51 -29.99
N SER WA 123 77.06 3.26 -29.50
CA SER WA 123 78.21 4.17 -29.66
C SER WA 123 78.77 4.23 -31.09
N ILE WA 124 78.50 3.24 -31.93
CA ILE WA 124 78.99 3.14 -33.32
C ILE WA 124 77.87 3.28 -34.36
N ALA WA 125 76.89 4.16 -34.11
CA ALA WA 125 75.69 4.35 -34.94
C ALA WA 125 75.95 4.71 -36.42
N ALA WA 126 77.17 5.15 -36.77
CA ALA WA 126 77.56 5.38 -38.16
C ALA WA 126 77.65 4.09 -39.00
N ILE WA 127 77.79 2.92 -38.37
CA ILE WA 127 77.96 1.63 -39.06
C ILE WA 127 76.63 0.85 -39.02
N PRO WA 128 76.12 0.34 -40.15
CA PRO WA 128 74.90 -0.47 -40.16
C PRO WA 128 75.16 -1.86 -39.54
N LYS WA 129 74.25 -2.34 -38.70
CA LYS WA 129 74.35 -3.66 -38.07
C LYS WA 129 73.07 -4.47 -38.17
N ILE WA 130 73.20 -5.77 -38.41
CA ILE WA 130 72.10 -6.74 -38.40
C ILE WA 130 72.31 -7.73 -37.25
N GLU WA 131 71.28 -7.96 -36.45
CA GLU WA 131 71.31 -8.98 -35.40
C GLU WA 131 70.78 -10.33 -35.91
N VAL WA 132 71.41 -11.44 -35.52
CA VAL WA 132 71.07 -12.79 -36.00
C VAL WA 132 70.84 -13.75 -34.85
N HIS WA 133 69.79 -14.57 -34.92
CA HIS WA 133 69.55 -15.72 -34.05
C HIS WA 133 69.29 -17.01 -34.83
N ILE WA 134 70.00 -18.08 -34.47
CA ILE WA 134 69.91 -19.37 -35.15
C ILE WA 134 68.57 -20.06 -34.84
N SER WA 135 68.21 -20.13 -33.56
CA SER WA 135 66.94 -20.67 -33.07
C SER WA 135 65.91 -19.56 -32.84
N ASN WA 136 64.64 -19.94 -32.66
CA ASN WA 136 63.49 -19.04 -32.56
C ASN WA 136 63.37 -18.32 -31.19
N VAL WA 137 64.43 -17.64 -30.73
CA VAL WA 137 64.59 -17.22 -29.32
C VAL WA 137 63.41 -16.44 -28.72
N THR WA 146 61.85 -10.85 -24.95
CA THR WA 146 62.21 -9.46 -25.33
C THR WA 146 63.72 -9.24 -25.22
N SER WA 147 64.29 -8.36 -26.05
CA SER WA 147 65.73 -8.23 -26.28
C SER WA 147 66.24 -6.79 -26.11
N VAL WA 148 67.43 -6.59 -25.53
CA VAL WA 148 68.00 -5.25 -25.29
C VAL WA 148 68.81 -4.70 -26.46
N THR WA 149 69.33 -5.56 -27.34
CA THR WA 149 70.20 -5.20 -28.48
C THR WA 149 69.45 -4.90 -29.79
N VAL WA 150 68.20 -5.33 -29.93
CA VAL WA 150 67.38 -5.10 -31.14
C VAL WA 150 67.17 -3.62 -31.49
N PRO WA 151 66.73 -2.72 -30.59
CA PRO WA 151 66.37 -1.35 -30.96
C PRO WA 151 67.56 -0.47 -31.39
N VAL WA 152 68.80 -0.93 -31.20
CA VAL WA 152 70.03 -0.25 -31.63
C VAL WA 152 70.62 -0.84 -32.92
N CYS WA 153 69.87 -1.70 -33.63
CA CYS WA 153 70.26 -2.34 -34.90
C CYS WA 153 69.30 -2.00 -36.04
N GLN WA 154 69.77 -2.08 -37.29
CA GLN WA 154 68.97 -1.74 -38.48
C GLN WA 154 68.06 -2.90 -38.94
N GLY WA 155 68.22 -4.10 -38.39
CA GLY WA 155 67.34 -5.24 -38.64
C GLY WA 155 67.70 -6.44 -37.77
N GLU WA 156 66.78 -7.40 -37.68
CA GLU WA 156 66.99 -8.70 -37.04
C GLU WA 156 66.58 -9.85 -37.97
N VAL WA 157 67.31 -10.96 -37.94
CA VAL WA 157 66.97 -12.21 -38.63
C VAL WA 157 66.88 -13.33 -37.60
N VAL WA 158 65.75 -14.03 -37.51
CA VAL WA 158 65.49 -14.98 -36.41
C VAL WA 158 64.96 -16.31 -36.92
N GLY WA 159 65.49 -17.41 -36.39
CA GLY WA 159 64.93 -18.76 -36.57
C GLY WA 159 65.17 -19.42 -37.92
N LEU WA 160 65.98 -18.83 -38.79
CA LEU WA 160 66.32 -19.39 -40.11
C LEU WA 160 67.54 -20.34 -40.08
N GLY WA 161 67.93 -20.82 -38.90
CA GLY WA 161 69.09 -21.70 -38.76
C GLY WA 161 70.40 -21.01 -39.16
N LEU WA 162 71.35 -21.76 -39.71
CA LEU WA 162 72.60 -21.21 -40.21
C LEU WA 162 72.38 -20.32 -41.46
N GLY WA 163 71.20 -20.38 -42.10
CA GLY WA 163 70.83 -19.50 -43.20
C GLY WA 163 70.64 -18.03 -42.79
N GLY WA 164 70.40 -17.74 -41.51
CA GLY WA 164 70.18 -16.36 -41.04
C GLY WA 164 71.38 -15.43 -41.26
N TYR WA 165 72.60 -15.95 -41.15
CA TYR WA 165 73.82 -15.19 -41.47
C TYR WA 165 73.91 -14.81 -42.95
N LEU WA 166 73.45 -15.68 -43.85
CA LEU WA 166 73.52 -15.44 -45.29
C LEU WA 166 72.52 -14.37 -45.71
N ALA WA 167 71.31 -14.38 -45.15
CA ALA WA 167 70.39 -13.26 -45.32
C ALA WA 167 70.96 -11.95 -44.77
N ALA WA 168 71.56 -11.96 -43.58
CA ALA WA 168 72.15 -10.75 -43.00
C ALA WA 168 73.26 -10.15 -43.88
N MET WA 169 74.15 -10.98 -44.44
CA MET WA 169 75.14 -10.49 -45.40
C MET WA 169 74.48 -9.93 -46.67
N GLY WA 170 73.44 -10.59 -47.19
CA GLY WA 170 72.67 -10.05 -48.32
C GLY WA 170 72.04 -8.69 -48.01
N MET WA 171 71.42 -8.54 -46.84
CA MET WA 171 70.83 -7.28 -46.41
C MET WA 171 71.86 -6.15 -46.24
N LEU WA 172 73.13 -6.44 -45.99
CA LEU WA 172 74.20 -5.42 -45.94
C LEU WA 172 74.74 -5.05 -47.32
N VAL WA 173 74.73 -5.98 -48.28
CA VAL WA 173 75.13 -5.70 -49.66
C VAL WA 173 74.06 -4.88 -50.40
N GLU WA 174 72.79 -5.07 -50.05
CA GLU WA 174 71.65 -4.32 -50.59
C GLU WA 174 71.59 -2.85 -50.10
N MET XA 33 17.55 72.52 -63.79
CA MET XA 33 17.58 71.91 -62.45
C MET XA 33 18.91 72.20 -61.75
N LYS XA 34 18.86 72.53 -60.45
CA LYS XA 34 20.01 72.83 -59.58
C LYS XA 34 20.11 71.80 -58.45
N ILE XA 35 21.25 71.13 -58.31
CA ILE XA 35 21.54 70.13 -57.28
C ILE XA 35 22.61 70.65 -56.31
N LEU XA 36 22.49 70.34 -55.04
CA LEU XA 36 23.51 70.64 -54.03
C LEU XA 36 24.08 69.35 -53.42
N VAL XA 37 25.41 69.19 -53.45
CA VAL XA 37 26.11 68.06 -52.85
C VAL XA 37 26.87 68.51 -51.61
N ILE XA 38 26.59 67.88 -50.46
CA ILE XA 38 27.22 68.22 -49.18
C ILE XA 38 28.02 67.04 -48.65
N ASN XA 39 29.30 67.25 -48.39
CA ASN XA 39 30.21 66.30 -47.78
C ASN XA 39 30.57 66.72 -46.35
N GLY XA 40 30.47 65.80 -45.40
CA GLY XA 40 30.73 66.03 -43.99
C GLY XA 40 32.23 66.06 -43.61
N PRO XA 41 32.54 65.96 -42.31
CA PRO XA 41 33.92 65.98 -41.83
C PRO XA 41 34.71 64.79 -42.33
N ASN XA 42 36.04 64.96 -42.44
CA ASN XA 42 37.01 63.95 -42.88
C ASN XA 42 36.93 63.50 -44.36
N ILE XA 43 35.85 63.78 -45.10
CA ILE XA 43 35.69 63.30 -46.48
C ILE XA 43 36.76 63.88 -47.42
N ASN XA 44 37.30 65.07 -47.15
CA ASN XA 44 38.38 65.65 -47.94
C ASN XA 44 39.71 64.86 -47.86
N PHE XA 45 39.85 63.93 -46.92
CA PHE XA 45 41.01 63.05 -46.77
C PHE XA 45 40.82 61.67 -47.42
N LEU XA 46 39.83 61.47 -48.31
CA LEU XA 46 39.81 60.31 -49.21
C LEU XA 46 41.16 60.13 -49.92
N GLY XA 47 41.64 58.89 -50.00
CA GLY XA 47 42.94 58.57 -50.61
C GLY XA 47 44.15 58.84 -49.70
N ILE XA 48 43.96 59.48 -48.55
CA ILE XA 48 44.94 59.58 -47.46
C ILE XA 48 44.51 58.62 -46.32
N PRO XA 56 43.40 54.42 -54.53
CA PRO XA 56 44.22 55.56 -54.94
C PRO XA 56 43.41 56.82 -55.29
N LEU XA 57 42.09 56.72 -55.47
CA LEU XA 57 41.25 57.89 -55.80
C LEU XA 57 41.11 58.84 -54.62
N ASN XA 58 41.22 60.13 -54.87
CA ASN XA 58 41.17 61.19 -53.86
C ASN XA 58 39.94 62.09 -54.01
N TYR XA 59 39.79 63.08 -53.14
CA TYR XA 59 38.62 63.97 -53.14
C TYR XA 59 38.51 64.80 -54.42
N ASP XA 60 39.60 65.23 -55.04
CA ASP XA 60 39.53 65.97 -56.30
C ASP XA 60 39.04 65.09 -57.46
N ASP XA 61 39.36 63.80 -57.45
CA ASP XA 61 38.81 62.84 -58.42
C ASP XA 61 37.30 62.71 -58.28
N LEU XA 62 36.79 62.62 -57.04
CA LEU XA 62 35.36 62.57 -56.77
C LEU XA 62 34.64 63.84 -57.25
N VAL XA 63 35.20 65.02 -56.97
CA VAL XA 63 34.61 66.29 -57.42
C VAL XA 63 34.54 66.35 -58.94
N GLU XA 64 35.59 65.94 -59.65
CA GLU XA 64 35.60 65.93 -61.11
C GLU XA 64 34.57 64.94 -61.68
N MET XA 65 34.42 63.75 -61.12
CA MET XA 65 33.38 62.79 -61.52
C MET XA 65 31.97 63.36 -61.34
N ILE XA 66 31.69 64.03 -60.22
CA ILE XA 66 30.39 64.66 -59.97
C ILE XA 66 30.14 65.79 -60.97
N LYS XA 67 31.10 66.69 -61.18
CA LYS XA 67 30.95 67.79 -62.14
C LYS XA 67 30.80 67.32 -63.59
N GLY XA 68 31.54 66.29 -64.01
CA GLY XA 68 31.40 65.71 -65.34
C GLY XA 68 30.04 65.04 -65.54
N THR XA 69 29.55 64.33 -64.53
CA THR XA 69 28.22 63.70 -64.56
C THR XA 69 27.09 64.73 -64.62
N ALA XA 70 27.23 65.88 -63.97
CA ALA XA 70 26.23 66.94 -64.04
C ALA XA 70 26.03 67.48 -65.46
N LYS XA 71 27.11 67.65 -66.24
CA LYS XA 71 27.01 67.99 -67.66
C LYS XA 71 26.31 66.90 -68.46
N GLY XA 72 26.62 65.63 -68.17
CA GLY XA 72 25.97 64.48 -68.79
C GLY XA 72 24.45 64.45 -68.54
N LEU XA 73 24.03 64.66 -67.30
CA LEU XA 73 22.61 64.71 -66.91
C LEU XA 73 21.91 66.03 -67.27
N LYS XA 74 22.63 67.03 -67.80
CA LYS XA 74 22.13 68.38 -68.11
C LYS XA 74 21.55 69.11 -66.88
N VAL XA 75 22.32 69.17 -65.79
CA VAL XA 75 21.97 69.87 -64.55
C VAL XA 75 23.10 70.77 -64.08
N LYS XA 76 22.80 71.75 -63.22
CA LYS XA 76 23.81 72.56 -62.51
C LYS XA 76 24.05 71.97 -61.13
N VAL XA 77 25.31 71.88 -60.70
CA VAL XA 77 25.68 71.29 -59.42
C VAL XA 77 26.62 72.19 -58.63
N GLU XA 78 26.40 72.30 -57.32
CA GLU XA 78 27.35 72.85 -56.36
C GLU XA 78 27.85 71.73 -55.45
N VAL XA 79 29.16 71.63 -55.26
CA VAL XA 79 29.77 70.65 -54.35
C VAL XA 79 30.44 71.36 -53.19
N PHE XA 80 30.09 71.00 -51.96
CA PHE XA 80 30.52 71.66 -50.73
C PHE XA 80 31.05 70.66 -49.71
N GLN XA 81 32.11 71.02 -48.99
CA GLN XA 81 32.64 70.22 -47.87
C GLN XA 81 33.02 71.12 -46.71
N SER XA 82 32.77 70.69 -45.47
CA SER XA 82 33.29 71.33 -44.26
C SER XA 82 33.45 70.35 -43.11
N ASN XA 83 34.42 70.58 -42.25
CA ASN XA 83 34.59 69.84 -41.00
C ASN XA 83 33.69 70.34 -39.87
N HIS XA 84 32.99 71.45 -40.02
CA HIS XA 84 32.15 72.05 -38.98
C HIS XA 84 30.68 71.65 -39.12
N GLU XA 85 30.08 71.12 -38.06
CA GLU XA 85 28.66 70.77 -37.99
C GLU XA 85 27.77 71.99 -38.28
N GLY XA 86 28.10 73.15 -37.73
CA GLY XA 86 27.34 74.39 -37.94
C GLY XA 86 27.39 74.91 -39.37
N ALA XA 87 28.49 74.70 -40.09
CA ALA XA 87 28.61 75.15 -41.48
C ALA XA 87 27.74 74.30 -42.43
N ILE XA 88 27.55 73.02 -42.12
CA ILE XA 88 26.60 72.16 -42.82
C ILE XA 88 25.18 72.66 -42.58
N ILE XA 89 24.80 72.96 -41.34
CA ILE XA 89 23.48 73.48 -41.02
C ILE XA 89 23.24 74.84 -41.72
N ASP XA 90 24.21 75.74 -41.74
CA ASP XA 90 24.12 76.98 -42.50
C ASP XA 90 23.94 76.74 -44.01
N LYS XA 91 24.68 75.80 -44.61
CA LYS XA 91 24.55 75.47 -46.04
C LYS XA 91 23.17 74.91 -46.36
N LEU XA 92 22.60 74.07 -45.49
CA LEU XA 92 21.22 73.59 -45.62
C LEU XA 92 20.19 74.71 -45.50
N GLN XA 93 20.36 75.63 -44.55
CA GLN XA 93 19.47 76.79 -44.45
C GLN XA 93 19.62 77.73 -45.64
N GLU XA 94 20.82 77.89 -46.19
CA GLU XA 94 21.03 78.67 -47.41
C GLU XA 94 20.33 78.03 -48.62
N ALA XA 95 20.34 76.71 -48.75
CA ALA XA 95 19.67 76.00 -49.83
C ALA XA 95 18.16 76.30 -49.88
N TYR XA 96 17.51 76.45 -48.74
CA TYR XA 96 16.08 76.79 -48.66
C TYR XA 96 15.75 78.14 -49.30
N TYR XA 97 16.63 79.14 -49.18
CA TYR XA 97 16.45 80.46 -49.79
C TYR XA 97 16.94 80.55 -51.24
N ASN XA 98 17.59 79.52 -51.77
CA ASN XA 98 18.23 79.53 -53.10
C ASN XA 98 17.57 78.62 -54.13
N ASP XA 99 16.42 78.03 -53.82
CA ASP XA 99 15.63 77.19 -54.74
C ASP XA 99 16.43 76.01 -55.32
N VAL XA 100 17.19 75.33 -54.48
CA VAL XA 100 17.79 74.04 -54.79
C VAL XA 100 16.71 72.99 -55.05
N ASP XA 101 16.81 72.22 -56.12
CA ASP XA 101 15.79 71.24 -56.51
C ASP XA 101 15.98 69.89 -55.81
N GLY XA 102 17.19 69.56 -55.34
CA GLY XA 102 17.46 68.35 -54.59
C GLY XA 102 18.86 68.34 -53.97
N ILE XA 103 19.02 67.57 -52.89
CA ILE XA 103 20.25 67.53 -52.09
C ILE XA 103 20.83 66.11 -52.06
N VAL XA 104 22.14 65.97 -52.30
CA VAL XA 104 22.88 64.74 -52.03
C VAL XA 104 23.76 64.99 -50.82
N ILE XA 105 23.68 64.18 -49.77
CA ILE XA 105 24.46 64.40 -48.55
C ILE XA 105 25.20 63.14 -48.08
N ASN XA 106 26.47 63.31 -47.72
CA ASN XA 106 27.25 62.30 -47.03
C ASN XA 106 27.74 62.89 -45.70
N PRO XA 107 27.05 62.63 -44.58
CA PRO XA 107 27.38 63.25 -43.29
C PRO XA 107 28.69 62.74 -42.66
N GLY XA 108 29.33 61.71 -43.19
CA GLY XA 108 30.42 61.02 -42.48
C GLY XA 108 29.94 60.50 -41.12
N ALA XA 109 30.75 60.66 -40.08
CA ALA XA 109 30.43 60.18 -38.72
C ALA XA 109 29.22 60.86 -38.06
N PHE XA 110 28.84 62.09 -38.47
CA PHE XA 110 27.64 62.77 -37.92
C PHE XA 110 26.35 61.97 -38.10
N THR XA 111 26.33 61.04 -39.05
CA THR XA 111 25.25 60.06 -39.26
C THR XA 111 24.84 59.30 -38.00
N HIS XA 112 25.78 59.10 -37.07
CA HIS XA 112 25.60 58.25 -35.90
C HIS XA 112 25.38 59.01 -34.58
N TYR XA 113 25.40 60.35 -34.59
CA TYR XA 113 25.18 61.15 -33.38
C TYR XA 113 24.62 62.57 -33.54
N SER XA 114 24.68 63.19 -34.74
CA SER XA 114 24.24 64.58 -34.88
C SER XA 114 22.72 64.71 -35.03
N TYR XA 115 22.03 64.78 -33.89
CA TYR XA 115 20.61 65.14 -33.90
C TYR XA 115 20.39 66.58 -34.39
N ALA XA 116 21.39 67.46 -34.31
CA ALA XA 116 21.28 68.80 -34.88
C ALA XA 116 21.19 68.79 -36.41
N VAL XA 117 22.02 68.02 -37.11
CA VAL XA 117 21.94 67.88 -38.58
C VAL XA 117 20.68 67.13 -39.00
N ARG XA 118 20.26 66.10 -38.25
CA ARG XA 118 18.95 65.45 -38.47
C ARG XA 118 17.82 66.48 -38.47
N ASP XA 119 17.73 67.29 -37.43
CA ASP XA 119 16.66 68.28 -37.31
C ASP XA 119 16.80 69.42 -38.33
N ALA XA 120 18.01 69.74 -38.80
CA ALA XA 120 18.20 70.67 -39.90
C ALA XA 120 17.59 70.12 -41.20
N LEU XA 121 17.85 68.85 -41.54
CA LEU XA 121 17.22 68.18 -42.68
C LEU XA 121 15.70 68.09 -42.53
N ALA XA 122 15.19 67.87 -41.32
CA ALA XA 122 13.74 67.91 -41.07
C ALA XA 122 13.14 69.31 -41.29
N SER XA 123 13.88 70.38 -41.03
CA SER XA 123 13.39 71.75 -41.21
C SER XA 123 13.16 72.14 -42.68
N ILE XA 124 13.79 71.45 -43.63
CA ILE XA 124 13.67 71.71 -45.07
C ILE XA 124 12.93 70.58 -45.80
N ALA XA 125 11.86 70.05 -45.20
CA ALA XA 125 11.08 68.92 -45.70
C ALA XA 125 10.52 69.07 -47.13
N ALA XA 126 10.40 70.29 -47.64
CA ALA XA 126 9.98 70.58 -49.00
C ALA XA 126 10.98 70.15 -50.09
N ILE XA 127 12.25 69.93 -49.76
CA ILE XA 127 13.32 69.61 -50.71
C ILE XA 127 13.68 68.11 -50.62
N PRO XA 128 13.73 67.37 -51.73
CA PRO XA 128 14.12 65.96 -51.70
C PRO XA 128 15.62 65.81 -51.43
N LYS XA 129 15.99 64.87 -50.55
CA LYS XA 129 17.38 64.56 -50.23
C LYS XA 129 17.68 63.06 -50.28
N ILE XA 130 18.85 62.71 -50.80
CA ILE XA 130 19.40 61.35 -50.79
C ILE XA 130 20.66 61.34 -49.91
N GLU XA 131 20.72 60.40 -48.96
CA GLU XA 131 21.91 60.17 -48.15
C GLU XA 131 22.86 59.15 -48.81
N VAL XA 132 24.18 59.38 -48.75
CA VAL XA 132 25.19 58.55 -49.42
C VAL XA 132 26.29 58.12 -48.45
N HIS XA 133 26.65 56.83 -48.45
CA HIS XA 133 27.85 56.30 -47.76
C HIS XA 133 28.76 55.55 -48.73
N ILE XA 134 30.04 55.95 -48.75
CA ILE XA 134 31.04 55.37 -49.65
C ILE XA 134 31.33 53.91 -49.28
N SER XA 135 31.62 53.67 -47.99
CA SER XA 135 31.85 52.34 -47.42
C SER XA 135 30.60 51.79 -46.73
N ASN XA 136 30.60 50.49 -46.42
CA ASN XA 136 29.43 49.74 -45.92
C ASN XA 136 29.10 50.04 -44.43
N VAL XA 137 28.91 51.30 -44.04
CA VAL XA 137 28.92 51.75 -42.63
C VAL XA 137 27.99 50.95 -41.69
N THR XA 146 23.17 51.64 -36.79
CA THR XA 146 21.92 52.38 -36.99
C THR XA 146 22.19 53.89 -37.07
N SER XA 147 21.41 54.62 -37.85
CA SER XA 147 21.69 56.01 -38.26
C SER XA 147 20.55 56.97 -37.89
N VAL XA 148 20.88 58.21 -37.51
CA VAL XA 148 19.88 59.21 -37.08
C VAL XA 148 19.33 60.08 -38.23
N THR XA 149 20.07 60.24 -39.32
CA THR XA 149 19.72 61.10 -40.48
C THR XA 149 18.90 60.41 -41.58
N VAL XA 150 18.89 59.07 -41.66
CA VAL XA 150 18.16 58.30 -42.69
C VAL XA 150 16.65 58.58 -42.76
N PRO XA 151 15.88 58.54 -41.66
CA PRO XA 151 14.41 58.60 -41.73
C PRO XA 151 13.84 59.97 -42.17
N VAL XA 152 14.67 61.01 -42.25
CA VAL XA 152 14.29 62.35 -42.75
C VAL XA 152 14.73 62.60 -44.20
N CYS XA 153 15.13 61.55 -44.93
CA CYS XA 153 15.55 61.56 -46.33
C CYS XA 153 14.65 60.68 -47.21
N GLN XA 154 14.62 60.93 -48.52
CA GLN XA 154 13.82 60.14 -49.47
C GLN XA 154 14.47 58.79 -49.85
N GLY XA 155 15.76 58.59 -49.56
CA GLY XA 155 16.46 57.33 -49.78
C GLY XA 155 17.90 57.37 -49.29
N GLU XA 156 18.52 56.20 -49.20
CA GLU XA 156 19.93 56.03 -48.88
C GLU XA 156 20.64 55.15 -49.93
N VAL XA 157 21.89 55.46 -50.24
CA VAL XA 157 22.77 54.66 -51.10
C VAL XA 157 24.03 54.31 -50.31
N VAL XA 158 24.34 53.01 -50.18
CA VAL XA 158 25.40 52.55 -49.26
C VAL XA 158 26.33 51.56 -49.93
N GLY XA 159 27.64 51.73 -49.73
CA GLY XA 159 28.65 50.71 -50.05
C GLY XA 159 29.00 50.56 -51.53
N LEU XA 160 28.51 51.44 -52.40
CA LEU XA 160 28.81 51.42 -53.84
C LEU XA 160 30.06 52.23 -54.22
N GLY XA 161 30.90 52.60 -53.25
CA GLY XA 161 32.08 53.43 -53.47
C GLY XA 161 31.72 54.82 -53.97
N LEU XA 162 32.56 55.42 -54.81
CA LEU XA 162 32.31 56.72 -55.42
C LEU XA 162 31.13 56.67 -56.42
N GLY XA 163 30.69 55.49 -56.85
CA GLY XA 163 29.49 55.31 -57.67
C GLY XA 163 28.19 55.70 -56.97
N GLY XA 164 28.13 55.69 -55.63
CA GLY XA 164 26.92 56.01 -54.89
C GLY XA 164 26.41 57.44 -55.08
N TYR XA 165 27.32 58.40 -55.29
CA TYR XA 165 26.95 59.77 -55.66
C TYR XA 165 26.26 59.84 -57.01
N LEU XA 166 26.67 59.01 -57.97
CA LEU XA 166 26.12 59.03 -59.31
C LEU XA 166 24.72 58.41 -59.33
N ALA XA 167 24.50 57.33 -58.58
CA ALA XA 167 23.14 56.85 -58.34
C ALA XA 167 22.26 57.91 -57.69
N ALA XA 168 22.74 58.59 -56.64
CA ALA XA 168 21.98 59.64 -55.98
C ALA XA 168 21.58 60.78 -56.93
N MET XA 169 22.48 61.26 -57.79
CA MET XA 169 22.12 62.25 -58.81
C MET XA 169 21.08 61.71 -59.80
N GLY XA 170 21.19 60.45 -60.23
CA GLY XA 170 20.18 59.83 -61.08
C GLY XA 170 18.82 59.74 -60.41
N MET XA 171 18.76 59.34 -59.14
CA MET XA 171 17.53 59.26 -58.37
C MET XA 171 16.85 60.62 -58.16
N LEU XA 172 17.58 61.73 -58.16
CA LEU XA 172 16.99 63.08 -58.06
C LEU XA 172 16.49 63.59 -59.41
N VAL XA 173 17.09 63.18 -60.52
CA VAL XA 173 16.61 63.49 -61.88
C VAL XA 173 15.34 62.70 -62.23
N GLU XA 174 15.23 61.45 -61.76
CA GLU XA 174 14.06 60.57 -61.95
C GLU XA 174 12.81 61.04 -61.18
N MET YA 33 71.99 -28.32 60.33
CA MET YA 33 70.68 -27.70 60.05
C MET YA 33 69.66 -28.06 61.13
N LYS YA 34 68.87 -27.09 61.58
CA LYS YA 34 67.79 -27.21 62.58
C LYS YA 34 66.42 -26.92 61.96
N ILE YA 35 65.48 -27.85 62.05
CA ILE YA 35 64.11 -27.73 61.52
C ILE YA 35 63.10 -27.67 62.68
N LEU YA 36 62.05 -26.86 62.53
CA LEU YA 36 60.93 -26.79 63.46
C LEU YA 36 59.63 -27.24 62.79
N VAL YA 37 58.94 -28.22 63.37
CA VAL YA 37 57.64 -28.71 62.91
C VAL YA 37 56.55 -28.27 63.86
N ILE YA 38 55.54 -27.55 63.37
CA ILE YA 38 54.42 -27.04 64.16
C ILE YA 38 53.11 -27.66 63.68
N ASN YA 39 52.40 -28.30 64.59
CA ASN YA 39 51.07 -28.87 64.40
C ASN YA 39 50.02 -28.05 65.16
N GLY YA 40 48.93 -27.67 64.49
CA GLY YA 40 47.85 -26.87 65.04
C GLY YA 40 46.86 -27.64 65.93
N PRO YA 41 45.68 -27.07 66.21
CA PRO YA 41 44.67 -27.71 67.04
C PRO YA 41 44.12 -28.99 66.39
N ASN YA 42 43.62 -29.91 67.21
CA ASN YA 42 43.04 -31.20 66.81
C ASN YA 42 44.00 -32.23 66.19
N ILE YA 43 45.21 -31.86 65.75
CA ILE YA 43 46.15 -32.78 65.10
C ILE YA 43 46.62 -33.91 66.04
N ASN YA 44 46.65 -33.69 67.35
CA ASN YA 44 46.96 -34.74 68.33
C ASN YA 44 45.91 -35.86 68.42
N PHE YA 45 44.72 -35.68 67.84
CA PHE YA 45 43.63 -36.67 67.82
C PHE YA 45 43.55 -37.48 66.51
N LEU YA 46 44.58 -37.46 65.66
CA LEU YA 46 44.71 -38.44 64.56
C LEU YA 46 44.55 -39.88 65.05
N GLY YA 47 43.81 -40.68 64.30
CA GLY YA 47 43.50 -42.08 64.65
C GLY YA 47 42.38 -42.24 65.69
N ILE YA 48 41.95 -41.16 66.35
CA ILE YA 48 40.67 -41.08 67.07
C ILE YA 48 39.62 -40.43 66.15
N PRO YA 56 44.52 -46.46 60.91
CA PRO YA 56 44.94 -46.87 62.25
C PRO YA 56 46.13 -46.06 62.80
N LEU YA 57 46.89 -45.34 61.96
CA LEU YA 57 48.04 -44.55 62.42
C LEU YA 57 47.62 -43.35 63.25
N ASN YA 58 48.33 -43.10 64.35
CA ASN YA 58 48.03 -42.03 65.30
C ASN YA 58 49.11 -40.93 65.31
N TYR YA 59 48.98 -39.94 66.18
CA TYR YA 59 49.92 -38.84 66.28
C TYR YA 59 51.33 -39.27 66.70
N ASP YA 60 51.49 -40.25 67.60
CA ASP YA 60 52.81 -40.74 68.00
C ASP YA 60 53.52 -41.49 66.87
N ASP YA 61 52.77 -42.16 66.00
CA ASP YA 61 53.33 -42.77 64.78
C ASP YA 61 53.90 -41.71 63.85
N LEU YA 62 53.16 -40.61 63.61
CA LEU YA 62 53.63 -39.48 62.83
C LEU YA 62 54.89 -38.85 63.42
N VAL YA 63 54.95 -38.66 64.74
CA VAL YA 63 56.14 -38.11 65.39
C VAL YA 63 57.35 -39.02 65.19
N GLU YA 64 57.20 -40.33 65.35
CA GLU YA 64 58.32 -41.25 65.14
C GLU YA 64 58.79 -41.28 63.68
N MET YA 65 57.87 -41.21 62.70
CA MET YA 65 58.24 -41.06 61.29
C MET YA 65 59.06 -39.79 61.04
N ILE YA 66 58.66 -38.65 61.60
CA ILE YA 66 59.39 -37.39 61.45
C ILE YA 66 60.78 -37.49 62.09
N LYS YA 67 60.89 -37.98 63.33
CA LYS YA 67 62.17 -38.10 64.03
C LYS YA 67 63.12 -39.09 63.37
N GLY YA 68 62.62 -40.22 62.86
CA GLY YA 68 63.45 -41.17 62.11
C GLY YA 68 63.95 -40.58 60.79
N THR YA 69 63.09 -39.88 60.05
CA THR YA 69 63.48 -39.22 58.80
C THR YA 69 64.51 -38.12 59.03
N ALA YA 70 64.43 -37.37 60.14
CA ALA YA 70 65.43 -36.36 60.47
C ALA YA 70 66.85 -36.94 60.59
N LYS YA 71 67.02 -38.10 61.24
CA LYS YA 71 68.31 -38.81 61.29
C LYS YA 71 68.78 -39.25 59.91
N GLY YA 72 67.86 -39.72 59.06
CA GLY YA 72 68.15 -40.08 57.67
C GLY YA 72 68.67 -38.91 56.84
N LEU YA 73 68.08 -37.73 56.98
CA LEU YA 73 68.51 -36.50 56.33
C LEU YA 73 69.69 -35.79 57.02
N LYS YA 74 70.14 -36.29 58.19
CA LYS YA 74 71.17 -35.69 59.04
C LYS YA 74 70.84 -34.26 59.49
N VAL YA 75 69.60 -34.01 59.91
CA VAL YA 75 69.13 -32.72 60.45
C VAL YA 75 68.63 -32.88 61.87
N LYS YA 76 68.72 -31.83 62.68
CA LYS YA 76 68.04 -31.78 63.99
C LYS YA 76 66.61 -31.29 63.79
N VAL YA 77 65.65 -31.88 64.52
CA VAL YA 77 64.24 -31.52 64.41
C VAL YA 77 63.60 -31.32 65.78
N GLU YA 78 62.78 -30.29 65.91
CA GLU YA 78 61.85 -30.10 67.03
C GLU YA 78 60.42 -30.26 66.52
N VAL YA 79 59.59 -31.05 67.20
CA VAL YA 79 58.17 -31.23 66.85
C VAL YA 79 57.29 -30.69 67.98
N PHE YA 80 56.35 -29.81 67.65
CA PHE YA 80 55.49 -29.10 68.60
C PHE YA 80 54.02 -29.15 68.20
N GLN YA 81 53.12 -29.34 69.17
CA GLN YA 81 51.67 -29.24 68.96
C GLN YA 81 51.01 -28.45 70.09
N SER YA 82 50.04 -27.61 69.76
CA SER YA 82 49.18 -26.96 70.76
C SER YA 82 47.80 -26.67 70.21
N ASN YA 83 46.79 -26.68 71.07
CA ASN YA 83 45.44 -26.25 70.74
C ASN YA 83 45.24 -24.73 70.84
N HIS YA 84 46.20 -23.97 71.36
CA HIS YA 84 46.11 -22.52 71.54
C HIS YA 84 46.75 -21.74 70.40
N GLU YA 85 45.98 -20.88 69.73
CA GLU YA 85 46.47 -19.98 68.67
C GLU YA 85 47.65 -19.11 69.15
N GLY YA 86 47.59 -18.58 70.37
CA GLY YA 86 48.65 -17.77 70.94
C GLY YA 86 49.95 -18.54 71.24
N ALA YA 87 49.86 -19.84 71.58
CA ALA YA 87 51.07 -20.65 71.81
C ALA YA 87 51.82 -20.93 70.52
N ILE YA 88 51.11 -21.07 69.40
CA ILE YA 88 51.73 -21.17 68.08
C ILE YA 88 52.46 -19.87 67.73
N ILE YA 89 51.83 -18.71 67.95
CA ILE YA 89 52.47 -17.42 67.69
C ILE YA 89 53.69 -17.22 68.60
N ASP YA 90 53.64 -17.61 69.87
CA ASP YA 90 54.82 -17.61 70.74
C ASP YA 90 55.94 -18.52 70.21
N LYS YA 91 55.62 -19.73 69.74
CA LYS YA 91 56.60 -20.68 69.18
C LYS YA 91 57.24 -20.13 67.92
N LEU YA 92 56.48 -19.49 67.01
CA LEU YA 92 57.03 -18.82 65.84
C LEU YA 92 57.94 -17.63 66.21
N GLN YA 93 57.57 -16.83 67.21
CA GLN YA 93 58.44 -15.76 67.71
C GLN YA 93 59.70 -16.31 68.39
N GLU YA 94 59.60 -17.41 69.13
CA GLU YA 94 60.78 -18.07 69.73
C GLU YA 94 61.73 -18.61 68.65
N ALA YA 95 61.22 -19.13 67.53
CA ALA YA 95 62.03 -19.63 66.43
C ALA YA 95 62.98 -18.57 65.86
N TYR YA 96 62.50 -17.33 65.72
CA TYR YA 96 63.31 -16.21 65.24
C TYR YA 96 64.53 -15.91 66.12
N TYR YA 97 64.42 -16.07 67.43
CA TYR YA 97 65.54 -15.88 68.36
C TYR YA 97 66.45 -17.09 68.52
N ASN YA 98 66.08 -18.26 67.96
CA ASN YA 98 66.80 -19.52 68.12
C ASN YA 98 67.48 -20.03 66.84
N ASP YA 99 67.53 -19.22 65.79
CA ASP YA 99 68.24 -19.52 64.52
C ASP YA 99 67.78 -20.84 63.86
N VAL YA 100 66.47 -21.08 63.84
CA VAL YA 100 65.85 -22.17 63.07
C VAL YA 100 66.07 -21.94 61.58
N ASP YA 101 66.47 -22.98 60.84
CA ASP YA 101 66.79 -22.86 59.40
C ASP YA 101 65.57 -23.00 58.49
N GLY YA 102 64.50 -23.63 58.95
CA GLY YA 102 63.25 -23.75 58.19
C GLY YA 102 62.11 -24.33 59.04
N ILE YA 103 60.87 -24.01 58.66
CA ILE YA 103 59.66 -24.36 59.40
C ILE YA 103 58.73 -25.22 58.54
N VAL YA 104 58.21 -26.30 59.10
CA VAL YA 104 57.10 -27.07 58.51
C VAL YA 104 55.87 -26.81 59.37
N ILE YA 105 54.76 -26.34 58.80
CA ILE YA 105 53.56 -26.01 59.59
C ILE YA 105 52.29 -26.64 59.03
N ASN YA 106 51.50 -27.28 59.90
CA ASN YA 106 50.14 -27.72 59.61
C ASN YA 106 49.19 -26.99 60.55
N PRO YA 107 48.56 -25.88 60.13
CA PRO YA 107 47.73 -25.07 61.03
C PRO YA 107 46.42 -25.73 61.47
N GLY YA 108 46.02 -26.87 60.91
CA GLY YA 108 44.66 -27.38 61.08
C GLY YA 108 43.62 -26.37 60.58
N ALA YA 109 42.53 -26.18 61.32
CA ALA YA 109 41.44 -25.27 60.95
C ALA YA 109 41.83 -23.78 60.87
N PHE YA 110 42.88 -23.33 61.58
CA PHE YA 110 43.35 -21.94 61.54
C PHE YA 110 43.71 -21.45 60.14
N THR YA 111 44.01 -22.37 59.22
CA THR YA 111 44.23 -22.13 57.78
C THR YA 111 43.15 -21.28 57.12
N HIS YA 112 41.92 -21.40 57.59
CA HIS YA 112 40.73 -20.82 56.96
C HIS YA 112 40.20 -19.57 57.65
N TYR YA 113 40.82 -19.12 58.76
CA TYR YA 113 40.35 -17.92 59.50
C TYR YA 113 41.39 -17.16 60.33
N SER YA 114 42.54 -17.74 60.71
CA SER YA 114 43.48 -17.05 61.59
C SER YA 114 44.37 -16.06 60.84
N TYR YA 115 43.91 -14.82 60.71
CA TYR YA 115 44.75 -13.74 60.21
C TYR YA 115 45.88 -13.39 61.21
N ALA YA 116 45.75 -13.71 62.49
CA ALA YA 116 46.83 -13.54 63.45
C ALA YA 116 48.02 -14.46 63.17
N VAL YA 117 47.79 -15.75 62.86
CA VAL YA 117 48.85 -16.69 62.50
C VAL YA 117 49.45 -16.36 61.13
N ARG YA 118 48.64 -15.92 60.16
CA ARG YA 118 49.15 -15.37 58.89
C ARG YA 118 50.14 -14.24 59.13
N ASP YA 119 49.76 -13.24 59.90
CA ASP YA 119 50.63 -12.10 60.16
C ASP YA 119 51.84 -12.48 61.05
N ALA YA 120 51.73 -13.50 61.90
CA ALA YA 120 52.88 -14.04 62.63
C ALA YA 120 53.90 -14.67 61.68
N LEU YA 121 53.46 -15.48 60.71
CA LEU YA 121 54.32 -16.04 59.66
C LEU YA 121 54.92 -14.94 58.79
N ALA YA 122 54.16 -13.88 58.47
CA ALA YA 122 54.69 -12.73 57.75
C ALA YA 122 55.77 -11.97 58.54
N SER YA 123 55.68 -11.92 59.87
CA SER YA 123 56.65 -11.21 60.71
C SER YA 123 58.05 -11.83 60.74
N ILE YA 124 58.20 -13.09 60.31
CA ILE YA 124 59.48 -13.83 60.31
C ILE YA 124 59.94 -14.21 58.90
N ALA YA 125 59.71 -13.34 57.91
CA ALA YA 125 59.99 -13.60 56.48
C ALA YA 125 61.44 -13.99 56.13
N ALA YA 126 62.41 -13.79 57.02
CA ALA YA 126 63.78 -14.28 56.85
C ALA YA 126 63.90 -15.82 56.86
N ILE YA 127 62.93 -16.54 57.42
CA ILE YA 127 62.95 -18.00 57.58
C ILE YA 127 62.03 -18.64 56.53
N PRO YA 128 62.46 -19.66 55.78
CA PRO YA 128 61.62 -20.37 54.83
C PRO YA 128 60.61 -21.28 55.55
N LYS YA 129 59.36 -21.30 55.09
CA LYS YA 129 58.30 -22.16 55.63
C LYS YA 129 57.56 -22.92 54.54
N ILE YA 130 57.22 -24.18 54.82
CA ILE YA 130 56.35 -25.03 54.00
C ILE YA 130 55.08 -25.35 54.78
N GLU YA 131 53.91 -25.15 54.17
CA GLU YA 131 52.62 -25.49 54.77
C GLU YA 131 52.16 -26.90 54.37
N VAL YA 132 51.58 -27.68 55.29
CA VAL YA 132 51.20 -29.09 55.08
C VAL YA 132 49.75 -29.34 55.45
N HIS YA 133 49.01 -30.06 54.60
CA HIS YA 133 47.68 -30.61 54.92
C HIS YA 133 47.60 -32.11 54.64
N ILE YA 134 47.17 -32.89 55.64
CA ILE YA 134 47.11 -34.35 55.57
C ILE YA 134 46.02 -34.81 54.60
N SER YA 135 44.82 -34.23 54.71
CA SER YA 135 43.70 -34.45 53.78
C SER YA 135 43.57 -33.31 52.78
N ASN YA 136 42.78 -33.52 51.72
CA ASN YA 136 42.65 -32.63 50.56
C ASN YA 136 41.79 -31.37 50.85
N VAL YA 137 42.14 -30.58 51.87
CA VAL YA 137 41.26 -29.54 52.45
C VAL YA 137 40.64 -28.57 51.44
N THR YA 146 39.53 -21.86 50.21
CA THR YA 146 40.61 -20.85 50.10
C THR YA 146 41.24 -20.60 51.47
N SER YA 147 42.54 -20.29 51.51
CA SER YA 147 43.36 -20.27 52.74
C SER YA 147 44.06 -18.93 52.97
N VAL YA 148 44.17 -18.49 54.21
CA VAL YA 148 44.80 -17.19 54.56
C VAL YA 148 46.32 -17.29 54.80
N THR YA 149 46.84 -18.46 55.14
CA THR YA 149 48.26 -18.69 55.52
C THR YA 149 49.19 -19.06 54.34
N VAL YA 150 48.64 -19.47 53.19
CA VAL YA 150 49.42 -19.94 52.02
C VAL YA 150 50.36 -18.89 51.40
N PRO YA 151 49.93 -17.65 51.09
CA PRO YA 151 50.76 -16.72 50.30
C PRO YA 151 51.98 -16.17 51.04
N VAL YA 152 52.07 -16.35 52.37
CA VAL YA 152 53.22 -15.97 53.20
C VAL YA 152 54.22 -17.14 53.40
N CYS YA 153 54.09 -18.23 52.65
CA CYS YA 153 54.95 -19.43 52.70
C CYS YA 153 55.61 -19.73 51.34
N GLN YA 154 56.73 -20.44 51.34
CA GLN YA 154 57.46 -20.78 50.11
C GLN YA 154 56.82 -21.89 49.28
N GLY YA 155 55.97 -22.72 49.89
CA GLY YA 155 55.21 -23.76 49.20
C GLY YA 155 54.18 -24.44 50.10
N GLU YA 156 53.27 -25.20 49.50
CA GLU YA 156 52.29 -26.02 50.20
C GLU YA 156 52.32 -27.48 49.71
N VAL YA 157 52.10 -28.43 50.61
CA VAL YA 157 51.94 -29.85 50.30
C VAL YA 157 50.57 -30.32 50.80
N VAL YA 158 49.73 -30.87 49.92
CA VAL YA 158 48.33 -31.17 50.23
C VAL YA 158 47.93 -32.60 49.84
N GLY YA 159 47.24 -33.31 50.73
CA GLY YA 159 46.56 -34.56 50.40
C GLY YA 159 47.44 -35.81 50.28
N LEU YA 160 48.74 -35.71 50.58
CA LEU YA 160 49.68 -36.85 50.54
C LEU YA 160 49.71 -37.66 51.85
N GLY YA 161 48.71 -37.48 52.72
CA GLY YA 161 48.65 -38.16 54.02
C GLY YA 161 49.81 -37.76 54.94
N LEU YA 162 50.31 -38.70 55.74
CA LEU YA 162 51.48 -38.48 56.60
C LEU YA 162 52.77 -38.32 55.76
N GLY YA 163 52.76 -38.73 54.49
CA GLY YA 163 53.87 -38.50 53.56
C GLY YA 163 54.14 -37.01 53.28
N GLY YA 164 53.16 -36.13 53.48
CA GLY YA 164 53.32 -34.69 53.19
C GLY YA 164 54.41 -34.01 54.04
N TYR YA 165 54.58 -34.41 55.30
CA TYR YA 165 55.66 -33.91 56.14
C TYR YA 165 57.05 -34.32 55.63
N LEU YA 166 57.15 -35.51 55.04
CA LEU YA 166 58.43 -36.02 54.52
C LEU YA 166 58.83 -35.26 53.26
N ALA YA 167 57.88 -34.97 52.36
CA ALA YA 167 58.13 -34.05 51.27
C ALA YA 167 58.56 -32.68 51.77
N ALA YA 168 57.85 -32.09 52.75
CA ALA YA 168 58.19 -30.78 53.26
C ALA YA 168 59.61 -30.71 53.86
N MET YA 169 60.05 -31.71 54.62
CA MET YA 169 61.43 -31.76 55.11
C MET YA 169 62.44 -31.89 53.96
N GLY YA 170 62.15 -32.70 52.95
CA GLY YA 170 62.98 -32.80 51.75
C GLY YA 170 63.09 -31.47 51.02
N MET YA 171 61.99 -30.75 50.83
CA MET YA 171 61.98 -29.42 50.20
C MET YA 171 62.76 -28.37 50.98
N LEU YA 172 62.93 -28.49 52.30
CA LEU YA 172 63.76 -27.57 53.08
C LEU YA 172 65.24 -27.93 53.04
N VAL YA 173 65.61 -29.20 52.89
CA VAL YA 173 67.00 -29.62 52.69
C VAL YA 173 67.51 -29.19 51.31
N GLU YA 174 66.65 -29.19 50.29
CA GLU YA 174 66.96 -28.77 48.91
C GLU YA 174 67.19 -27.26 48.73
N MET ZA 33 -5.83 93.60 -28.83
CA MET ZA 33 -6.19 92.44 -27.98
C MET ZA 33 -6.38 92.89 -26.53
N LYS ZA 34 -7.43 92.39 -25.85
CA LYS ZA 34 -7.79 92.67 -24.46
C LYS ZA 34 -7.73 91.40 -23.61
N ILE ZA 35 -6.94 91.39 -22.54
CA ILE ZA 35 -6.77 90.27 -21.61
C ILE ZA 35 -7.34 90.61 -20.24
N LEU ZA 36 -7.94 89.62 -19.56
CA LEU ZA 36 -8.42 89.76 -18.19
C LEU ZA 36 -7.68 88.78 -17.26
N VAL ZA 37 -7.08 89.30 -16.19
CA VAL ZA 37 -6.39 88.52 -15.16
C VAL ZA 37 -7.23 88.51 -13.89
N ILE ZA 38 -7.59 87.33 -13.40
CA ILE ZA 38 -8.41 87.14 -12.19
C ILE ZA 38 -7.62 86.39 -11.12
N ASN ZA 39 -7.48 86.99 -9.94
CA ASN ZA 39 -6.87 86.41 -8.76
C ASN ZA 39 -7.94 86.10 -7.70
N GLY ZA 40 -7.92 84.88 -7.16
CA GLY ZA 40 -8.86 84.40 -6.14
C GLY ZA 40 -8.58 84.89 -4.72
N PRO ZA 41 -9.18 84.26 -3.71
CA PRO ZA 41 -8.98 84.62 -2.31
C PRO ZA 41 -7.54 84.42 -1.86
N ASN ZA 42 -7.13 85.19 -0.85
CA ASN ZA 42 -5.79 85.17 -0.23
C ASN ZA 42 -4.62 85.64 -1.10
N ILE ZA 43 -4.76 85.77 -2.41
CA ILE ZA 43 -3.64 86.15 -3.31
C ILE ZA 43 -3.11 87.56 -3.03
N ASN ZA 44 -3.95 88.49 -2.56
CA ASN ZA 44 -3.50 89.82 -2.17
C ASN ZA 44 -2.52 89.85 -0.97
N PHE ZA 45 -2.40 88.75 -0.22
CA PHE ZA 45 -1.48 88.58 0.90
C PHE ZA 45 -0.16 87.87 0.52
N LEU ZA 46 0.18 87.75 -0.77
CA LEU ZA 46 1.55 87.40 -1.18
C LEU ZA 46 2.59 88.30 -0.50
N GLY ZA 47 3.69 87.70 -0.02
CA GLY ZA 47 4.74 88.41 0.72
C GLY ZA 47 4.43 88.66 2.20
N ILE ZA 48 3.17 88.47 2.63
CA ILE ZA 48 2.79 88.34 4.05
C ILE ZA 48 2.66 86.85 4.40
N PRO ZA 56 10.31 87.98 -0.69
CA PRO ZA 56 9.99 89.36 -0.34
C PRO ZA 56 9.05 90.06 -1.33
N LEU ZA 57 8.82 89.50 -2.53
CA LEU ZA 57 7.91 90.08 -3.53
C LEU ZA 57 6.45 90.00 -3.06
N ASN ZA 58 5.71 91.09 -3.23
CA ASN ZA 58 4.31 91.21 -2.79
C ASN ZA 58 3.33 91.30 -3.98
N TYR ZA 59 2.04 91.43 -3.68
CA TYR ZA 59 1.01 91.48 -4.71
C TYR ZA 59 1.14 92.71 -5.64
N ASP ZA 60 1.55 93.88 -5.13
CA ASP ZA 60 1.76 95.06 -5.98
C ASP ZA 60 2.93 94.88 -6.96
N ASP ZA 61 3.97 94.14 -6.57
CA ASP ZA 61 5.06 93.79 -7.47
C ASP ZA 61 4.57 92.91 -8.63
N LEU ZA 62 3.72 91.91 -8.34
CA LEU ZA 62 3.10 91.08 -9.35
C LEU ZA 62 2.21 91.89 -10.31
N VAL ZA 63 1.41 92.83 -9.80
CA VAL ZA 63 0.61 93.70 -10.66
C VAL ZA 63 1.50 94.54 -11.58
N GLU ZA 64 2.60 95.11 -11.08
CA GLU ZA 64 3.52 95.88 -11.92
C GLU ZA 64 4.22 95.01 -12.98
N MET ZA 65 4.65 93.79 -12.65
CA MET ZA 65 5.21 92.86 -13.63
C MET ZA 65 4.20 92.53 -14.74
N ILE ZA 66 2.94 92.30 -14.40
CA ILE ZA 66 1.88 92.02 -15.38
C ILE ZA 66 1.62 93.25 -16.26
N LYS ZA 67 1.43 94.42 -15.67
CA LYS ZA 67 1.16 95.66 -16.44
C LYS ZA 67 2.33 96.07 -17.34
N GLY ZA 68 3.57 95.90 -16.89
CA GLY ZA 68 4.75 96.14 -17.72
C GLY ZA 68 4.86 95.15 -18.88
N THR ZA 69 4.61 93.87 -18.63
CA THR ZA 69 4.64 92.85 -19.68
C THR ZA 69 3.53 93.05 -20.72
N ALA ZA 70 2.35 93.53 -20.32
CA ALA ZA 70 1.28 93.83 -21.26
C ALA ZA 70 1.68 94.86 -22.31
N LYS ZA 71 2.37 95.94 -21.91
CA LYS ZA 71 2.95 96.91 -22.85
C LYS ZA 71 3.98 96.29 -23.78
N GLY ZA 72 4.83 95.42 -23.25
CA GLY ZA 72 5.82 94.68 -24.03
C GLY ZA 72 5.19 93.81 -25.12
N LEU ZA 73 4.14 93.07 -24.78
CA LEU ZA 73 3.38 92.23 -25.72
C LEU ZA 73 2.39 93.03 -26.60
N LYS ZA 74 2.25 94.35 -26.39
CA LYS ZA 74 1.29 95.23 -27.08
C LYS ZA 74 -0.17 94.79 -26.91
N VAL ZA 75 -0.56 94.46 -25.69
CA VAL ZA 75 -1.94 94.09 -25.31
C VAL ZA 75 -2.48 95.01 -24.21
N LYS ZA 76 -3.81 95.19 -24.15
CA LYS ZA 76 -4.46 95.82 -22.99
C LYS ZA 76 -4.78 94.76 -21.95
N VAL ZA 77 -4.61 95.09 -20.66
CA VAL ZA 77 -4.85 94.15 -19.56
C VAL ZA 77 -5.69 94.79 -18.45
N GLU ZA 78 -6.62 94.04 -17.89
CA GLU ZA 78 -7.31 94.34 -16.64
C GLU ZA 78 -6.92 93.31 -15.59
N VAL ZA 79 -6.52 93.75 -14.39
CA VAL ZA 79 -6.15 92.86 -13.28
C VAL ZA 79 -7.14 93.02 -12.13
N PHE ZA 80 -7.74 91.92 -11.68
CA PHE ZA 80 -8.79 91.90 -10.66
C PHE ZA 80 -8.49 90.89 -9.56
N GLN ZA 81 -8.80 91.24 -8.31
CA GLN ZA 81 -8.74 90.32 -7.18
C GLN ZA 81 -9.95 90.47 -6.26
N SER ZA 82 -10.50 89.38 -5.76
CA SER ZA 82 -11.52 89.41 -4.71
C SER ZA 82 -11.49 88.17 -3.83
N ASN ZA 83 -11.88 88.30 -2.57
CA ASN ZA 83 -12.07 87.18 -1.65
C ASN ZA 83 -13.47 86.53 -1.77
N HIS ZA 84 -14.39 87.09 -2.55
CA HIS ZA 84 -15.74 86.58 -2.72
C HIS ZA 84 -15.89 85.71 -3.97
N GLU ZA 85 -16.32 84.45 -3.82
CA GLU ZA 85 -16.61 83.53 -4.92
C GLU ZA 85 -17.62 84.11 -5.91
N GLY ZA 86 -18.68 84.77 -5.41
CA GLY ZA 86 -19.70 85.40 -6.26
C GLY ZA 86 -19.19 86.59 -7.06
N ALA ZA 87 -18.23 87.36 -6.55
CA ALA ZA 87 -17.65 88.49 -7.27
C ALA ZA 87 -16.79 88.02 -8.46
N ILE ZA 88 -16.12 86.87 -8.32
CA ILE ZA 88 -15.40 86.23 -9.42
C ILE ZA 88 -16.39 85.78 -10.51
N ILE ZA 89 -17.49 85.14 -10.14
CA ILE ZA 89 -18.51 84.72 -11.10
C ILE ZA 89 -19.14 85.92 -11.80
N ASP ZA 90 -19.43 87.01 -11.09
CA ASP ZA 90 -19.88 88.26 -11.73
C ASP ZA 90 -18.85 88.81 -12.71
N LYS ZA 91 -17.55 88.79 -12.37
CA LYS ZA 91 -16.47 89.26 -13.26
C LYS ZA 91 -16.34 88.39 -14.51
N LEU ZA 92 -16.45 87.06 -14.39
CA LEU ZA 92 -16.48 86.15 -15.54
C LEU ZA 92 -17.70 86.41 -16.43
N GLN ZA 93 -18.88 86.63 -15.85
CA GLN ZA 93 -20.07 86.97 -16.63
C GLN ZA 93 -19.94 88.35 -17.30
N GLU ZA 94 -19.35 89.34 -16.64
CA GLU ZA 94 -19.09 90.64 -17.24
C GLU ZA 94 -18.11 90.54 -18.42
N ALA ZA 95 -17.09 89.68 -18.35
CA ALA ZA 95 -16.13 89.48 -19.42
C ALA ZA 95 -16.79 89.05 -20.73
N TYR ZA 96 -17.81 88.19 -20.66
CA TYR ZA 96 -18.57 87.75 -21.82
C TYR ZA 96 -19.31 88.88 -22.54
N TYR ZA 97 -19.80 89.89 -21.81
CA TYR ZA 97 -20.46 91.07 -22.39
C TYR ZA 97 -19.49 92.15 -22.89
N ASN ZA 98 -18.19 92.03 -22.61
CA ASN ZA 98 -17.18 93.05 -22.89
C ASN ZA 98 -16.13 92.64 -23.94
N ASP ZA 99 -16.35 91.52 -24.64
CA ASP ZA 99 -15.48 91.03 -25.71
C ASP ZA 99 -14.01 90.89 -25.30
N VAL ZA 100 -13.76 90.35 -24.11
CA VAL ZA 100 -12.41 89.94 -23.67
C VAL ZA 100 -11.90 88.83 -24.59
N ASP ZA 101 -10.65 88.93 -25.02
CA ASP ZA 101 -10.05 87.97 -25.96
C ASP ZA 101 -9.44 86.74 -25.28
N GLY ZA 102 -9.08 86.82 -24.00
CA GLY ZA 102 -8.58 85.69 -23.23
C GLY ZA 102 -8.47 85.97 -21.74
N ILE ZA 103 -8.55 84.93 -20.92
CA ILE ZA 103 -8.59 85.03 -19.46
C ILE ZA 103 -7.40 84.27 -18.85
N VAL ZA 104 -6.71 84.89 -17.89
CA VAL ZA 104 -5.76 84.21 -17.01
C VAL ZA 104 -6.38 84.15 -15.62
N ILE ZA 105 -6.49 82.96 -15.02
CA ILE ZA 105 -7.14 82.83 -13.72
C ILE ZA 105 -6.30 82.03 -12.72
N ASN ZA 106 -6.17 82.54 -11.49
CA ASN ZA 106 -5.59 81.83 -10.36
C ASN ZA 106 -6.65 81.74 -9.26
N PRO ZA 107 -7.40 80.63 -9.15
CA PRO ZA 107 -8.52 80.52 -8.21
C PRO ZA 107 -8.11 80.46 -6.73
N GLY ZA 108 -6.83 80.32 -6.39
CA GLY ZA 108 -6.42 79.98 -5.03
C GLY ZA 108 -7.03 78.64 -4.60
N ALA ZA 109 -7.52 78.56 -3.36
CA ALA ZA 109 -8.11 77.33 -2.81
C ALA ZA 109 -9.40 76.86 -3.53
N PHE ZA 110 -10.15 77.74 -4.20
CA PHE ZA 110 -11.37 77.37 -4.94
C PHE ZA 110 -11.12 76.30 -6.02
N THR ZA 111 -9.89 76.14 -6.47
CA THR ZA 111 -9.42 75.07 -7.36
C THR ZA 111 -9.81 73.67 -6.89
N HIS ZA 112 -9.93 73.47 -5.59
CA HIS ZA 112 -10.09 72.16 -4.95
C HIS ZA 112 -11.51 71.89 -4.43
N TYR ZA 113 -12.46 72.82 -4.59
CA TYR ZA 113 -13.85 72.62 -4.16
C TYR ZA 113 -14.94 73.43 -4.89
N SER ZA 114 -14.62 74.54 -5.58
CA SER ZA 114 -15.68 75.38 -6.16
C SER ZA 114 -16.21 74.84 -7.48
N TYR ZA 115 -17.23 73.99 -7.41
CA TYR ZA 115 -17.97 73.60 -8.60
C TYR ZA 115 -18.76 74.77 -9.20
N ALA ZA 116 -19.08 75.81 -8.44
CA ALA ZA 116 -19.72 77.01 -8.98
C ALA ZA 116 -18.79 77.79 -9.93
N VAL ZA 117 -17.52 77.98 -9.57
CA VAL ZA 117 -16.54 78.65 -10.44
C VAL ZA 117 -16.18 77.76 -11.64
N ARG ZA 118 -16.08 76.45 -11.47
CA ARG ZA 118 -15.96 75.51 -12.60
C ARG ZA 118 -17.08 75.71 -13.61
N ASP ZA 119 -18.34 75.68 -13.17
CA ASP ZA 119 -19.48 75.83 -14.07
C ASP ZA 119 -19.61 77.26 -14.63
N ALA ZA 120 -19.10 78.27 -13.92
CA ALA ZA 120 -19.00 79.63 -14.48
C ALA ZA 120 -18.01 79.68 -15.65
N LEU ZA 121 -16.82 79.10 -15.50
CA LEU ZA 121 -15.84 78.97 -16.58
C LEU ZA 121 -16.40 78.14 -17.75
N ALA ZA 122 -17.18 77.10 -17.47
CA ALA ZA 122 -17.86 76.33 -18.51
C ALA ZA 122 -18.93 77.14 -19.26
N SER ZA 123 -19.62 78.08 -18.60
CA SER ZA 123 -20.67 78.90 -19.22
C SER ZA 123 -20.15 79.87 -20.29
N ILE ZA 124 -18.86 80.22 -20.27
CA ILE ZA 124 -18.22 81.15 -21.22
C ILE ZA 124 -17.25 80.43 -22.17
N ALA ZA 125 -17.63 79.25 -22.66
CA ALA ZA 125 -16.79 78.37 -23.48
C ALA ZA 125 -16.20 79.00 -24.76
N ALA ZA 126 -16.76 80.11 -25.26
CA ALA ZA 126 -16.24 80.82 -26.42
C ALA ZA 126 -14.91 81.55 -26.17
N ILE ZA 127 -14.52 81.79 -24.91
CA ILE ZA 127 -13.31 82.55 -24.55
C ILE ZA 127 -12.21 81.59 -24.08
N PRO ZA 128 -10.97 81.68 -24.59
CA PRO ZA 128 -9.86 80.85 -24.13
C PRO ZA 128 -9.40 81.29 -22.73
N LYS ZA 129 -9.13 80.33 -21.84
CA LYS ZA 129 -8.62 80.58 -20.48
C LYS ZA 129 -7.42 79.71 -20.14
N ILE ZA 130 -6.45 80.29 -19.42
CA ILE ZA 130 -5.31 79.59 -18.84
C ILE ZA 130 -5.39 79.67 -17.30
N GLU ZA 131 -5.31 78.54 -16.62
CA GLU ZA 131 -5.24 78.49 -15.16
C GLU ZA 131 -3.79 78.59 -14.65
N VAL ZA 132 -3.54 79.33 -13.57
CA VAL ZA 132 -2.19 79.58 -13.03
C VAL ZA 132 -2.11 79.22 -11.55
N HIS ZA 133 -1.05 78.51 -11.14
CA HIS ZA 133 -0.69 78.29 -9.73
C HIS ZA 133 0.76 78.66 -9.44
N ILE ZA 134 0.97 79.48 -8.41
CA ILE ZA 134 2.29 80.01 -8.06
C ILE ZA 134 3.18 78.92 -7.47
N SER ZA 135 2.67 78.15 -6.51
CA SER ZA 135 3.36 76.99 -5.93
C SER ZA 135 2.85 75.67 -6.52
N ASN ZA 136 3.55 74.57 -6.26
CA ASN ZA 136 3.33 73.25 -6.84
C ASN ZA 136 2.10 72.51 -6.28
N VAL ZA 137 0.91 73.13 -6.31
CA VAL ZA 137 -0.29 72.68 -5.55
C VAL ZA 137 -0.66 71.20 -5.72
N THR ZA 146 -5.89 66.88 -6.73
CA THR ZA 146 -6.76 66.92 -7.93
C THR ZA 146 -7.59 68.21 -7.94
N SER ZA 147 -7.85 68.75 -9.13
CA SER ZA 147 -8.44 70.09 -9.33
C SER ZA 147 -9.73 70.05 -10.15
N VAL ZA 148 -10.74 70.83 -9.77
CA VAL ZA 148 -12.06 70.83 -10.46
C VAL ZA 148 -12.18 71.82 -11.62
N THR ZA 149 -11.35 72.87 -11.65
CA THR ZA 149 -11.37 73.96 -12.66
C THR ZA 149 -10.48 73.73 -13.89
N VAL ZA 150 -9.56 72.77 -13.86
CA VAL ZA 150 -8.63 72.46 -14.96
C VAL ZA 150 -9.28 71.99 -16.27
N PRO ZA 151 -10.22 71.01 -16.29
CA PRO ZA 151 -10.71 70.43 -17.54
C PRO ZA 151 -11.61 71.35 -18.38
N VAL ZA 152 -12.01 72.51 -17.85
CA VAL ZA 152 -12.79 73.55 -18.56
C VAL ZA 152 -11.91 74.70 -19.09
N CYS ZA 153 -10.58 74.54 -19.08
CA CYS ZA 153 -9.59 75.52 -19.51
C CYS ZA 153 -8.69 74.98 -20.64
N GLN ZA 154 -8.09 75.87 -21.44
CA GLN ZA 154 -7.20 75.47 -22.54
C GLN ZA 154 -5.78 75.08 -22.08
N GLY ZA 155 -5.40 75.34 -20.84
CA GLY ZA 155 -4.12 74.95 -20.28
C GLY ZA 155 -3.95 75.35 -18.81
N GLU ZA 156 -2.94 74.78 -18.16
CA GLU ZA 156 -2.52 75.13 -16.80
C GLU ZA 156 -1.01 75.39 -16.74
N VAL ZA 157 -0.60 76.38 -15.95
CA VAL ZA 157 0.81 76.69 -15.65
C VAL ZA 157 1.02 76.59 -14.14
N VAL ZA 158 1.93 75.73 -13.69
CA VAL ZA 158 2.04 75.37 -12.26
C VAL ZA 158 3.48 75.43 -11.77
N GLY ZA 159 3.71 76.05 -10.60
CA GLY ZA 159 4.99 75.96 -9.88
C GLY ZA 159 6.12 76.85 -10.41
N LEU ZA 160 5.85 77.73 -11.37
CA LEU ZA 160 6.85 78.65 -11.93
C LEU ZA 160 6.93 79.99 -11.18
N GLY ZA 161 6.38 80.09 -9.98
CA GLY ZA 161 6.36 81.33 -9.21
C GLY ZA 161 5.56 82.44 -9.90
N LEU ZA 162 5.99 83.69 -9.74
CA LEU ZA 162 5.35 84.83 -10.42
C LEU ZA 162 5.56 84.77 -11.94
N GLY ZA 163 6.53 84.00 -12.44
CA GLY ZA 163 6.74 83.80 -13.88
C GLY ZA 163 5.58 83.08 -14.58
N GLY ZA 164 4.75 82.32 -13.88
CA GLY ZA 164 3.65 81.58 -14.49
C GLY ZA 164 2.59 82.47 -15.16
N TYR ZA 165 2.36 83.67 -14.65
CA TYR ZA 165 1.46 84.64 -15.28
C TYR ZA 165 2.00 85.13 -16.63
N LEU ZA 166 3.32 85.28 -16.75
CA LEU ZA 166 3.94 85.78 -17.97
C LEU ZA 166 3.88 84.73 -19.09
N ALA ZA 167 4.10 83.45 -18.75
CA ALA ZA 167 3.86 82.37 -19.70
C ALA ZA 167 2.39 82.30 -20.14
N ALA ZA 168 1.44 82.42 -19.21
CA ALA ZA 168 0.02 82.39 -19.53
C ALA ZA 168 -0.38 83.52 -20.50
N MET ZA 169 0.12 84.73 -20.33
CA MET ZA 169 -0.09 85.81 -21.31
C MET ZA 169 0.53 85.50 -22.66
N GLY ZA 170 1.76 84.96 -22.69
CA GLY ZA 170 2.39 84.51 -23.93
C GLY ZA 170 1.57 83.45 -24.65
N MET ZA 171 1.06 82.45 -23.95
CA MET ZA 171 0.20 81.42 -24.52
C MET ZA 171 -1.13 81.95 -25.06
N LEU ZA 172 -1.63 83.09 -24.59
CA LEU ZA 172 -2.84 83.71 -25.14
C LEU ZA 172 -2.55 84.57 -26.37
N VAL ZA 173 -1.37 85.19 -26.46
CA VAL ZA 173 -0.94 85.94 -27.66
C VAL ZA 173 -0.64 84.99 -28.82
N GLU ZA 174 -0.16 83.78 -28.54
CA GLU ZA 174 0.08 82.68 -29.49
C GLU ZA 174 -1.21 81.96 -29.93
N MET AB 33 -29.05 84.39 40.53
CA MET AB 33 -28.41 83.05 40.57
C MET AB 33 -27.16 83.08 41.42
N LYS AB 34 -26.96 82.06 42.28
CA LYS AB 34 -25.80 81.87 43.17
C LYS AB 34 -25.00 80.63 42.80
N ILE AB 35 -23.71 80.78 42.50
CA ILE AB 35 -22.79 79.70 42.15
C ILE AB 35 -21.79 79.46 43.29
N LEU AB 36 -21.45 78.21 43.57
CA LEU AB 36 -20.39 77.83 44.49
C LEU AB 36 -19.23 77.15 43.76
N VAL AB 37 -18.02 77.66 43.93
CA VAL AB 37 -16.79 77.08 43.36
C VAL AB 37 -15.95 76.45 44.46
N ILE AB 38 -15.65 75.15 44.33
CA ILE AB 38 -14.88 74.39 45.30
C ILE AB 38 -13.58 73.89 44.68
N ASN AB 39 -12.45 74.25 45.28
CA ASN AB 39 -11.12 73.79 44.91
C ASN AB 39 -10.54 72.83 45.96
N GLY AB 40 -10.04 71.68 45.53
CA GLY AB 40 -9.47 70.65 46.39
C GLY AB 40 -8.07 70.94 46.93
N PRO AB 41 -7.38 69.92 47.47
CA PRO AB 41 -6.03 70.07 47.99
C PRO AB 41 -5.03 70.49 46.91
N ASN AB 42 -3.97 71.17 47.32
CA ASN AB 42 -2.87 71.65 46.46
C ASN AB 42 -3.19 72.73 45.42
N ILE AB 43 -4.46 73.02 45.12
CA ILE AB 43 -4.83 74.01 44.08
C ILE AB 43 -4.35 75.43 44.44
N ASN AB 44 -4.26 75.77 45.72
CA ASN AB 44 -3.73 77.06 46.17
C ASN AB 44 -2.24 77.28 45.82
N PHE AB 45 -1.51 76.23 45.44
CA PHE AB 45 -0.11 76.29 45.02
C PHE AB 45 0.06 76.36 43.49
N LEU AB 46 -0.98 76.65 42.70
CA LEU AB 46 -0.81 77.08 41.30
C LEU AB 46 0.25 78.18 41.18
N GLY AB 47 1.15 78.07 40.20
CA GLY AB 47 2.23 79.03 39.98
C GLY AB 47 3.44 78.84 40.91
N ILE AB 48 3.34 78.01 41.95
CA ILE AB 48 4.48 77.47 42.72
C ILE AB 48 4.79 76.05 42.22
N PRO AB 56 3.17 81.43 34.78
CA PRO AB 56 3.33 82.47 35.79
C PRO AB 56 2.03 82.82 36.54
N LEU AB 57 0.85 82.40 36.05
CA LEU AB 57 -0.43 82.66 36.71
C LEU AB 57 -0.56 81.88 38.02
N ASN AB 58 -1.02 82.53 39.09
CA ASN AB 58 -1.18 81.94 40.40
C ASN AB 58 -2.65 81.81 40.82
N TYR AB 59 -2.91 81.31 42.03
CA TYR AB 59 -4.26 81.11 42.52
C TYR AB 59 -5.07 82.41 42.68
N ASP AB 60 -4.45 83.53 43.05
CA ASP AB 60 -5.17 84.81 43.15
C ASP AB 60 -5.59 85.35 41.77
N ASP AB 61 -4.80 85.09 40.72
CA ASP AB 61 -5.20 85.41 39.35
C ASP AB 61 -6.46 84.64 38.94
N LEU AB 62 -6.52 83.34 39.27
CA LEU AB 62 -7.68 82.51 39.02
C LEU AB 62 -8.91 83.01 39.79
N VAL AB 63 -8.77 83.40 41.05
CA VAL AB 63 -9.88 83.96 41.82
C VAL AB 63 -10.39 85.26 41.20
N GLU AB 64 -9.50 86.16 40.77
CA GLU AB 64 -9.93 87.40 40.12
C GLU AB 64 -10.63 87.15 38.77
N MET AB 65 -10.16 86.20 37.96
CA MET AB 65 -10.85 85.82 36.72
C MET AB 65 -12.25 85.30 36.99
N ILE AB 66 -12.44 84.46 38.01
CA ILE AB 66 -13.75 83.92 38.38
C ILE AB 66 -14.68 85.04 38.88
N LYS AB 67 -14.21 85.88 39.80
CA LYS AB 67 -15.02 86.99 40.34
C LYS AB 67 -15.38 88.04 39.29
N GLY AB 68 -14.48 88.35 38.36
CA GLY AB 68 -14.75 89.24 37.25
C GLY AB 68 -15.76 88.66 36.26
N THR AB 69 -15.64 87.37 35.94
CA THR AB 69 -16.59 86.68 35.05
C THR AB 69 -17.98 86.59 35.67
N ALA AB 70 -18.09 86.40 36.99
CA ALA AB 70 -19.39 86.36 37.66
C ALA AB 70 -20.18 87.66 37.48
N LYS AB 71 -19.54 88.83 37.65
CA LYS AB 71 -20.17 90.12 37.37
C LYS AB 71 -20.59 90.24 35.90
N GLY AB 72 -19.76 89.77 34.98
CA GLY AB 72 -20.08 89.74 33.55
C GLY AB 72 -21.31 88.92 33.21
N LEU AB 73 -21.46 87.74 33.82
CA LEU AB 73 -22.62 86.87 33.68
C LEU AB 73 -23.82 87.26 34.56
N LYS AB 74 -23.71 88.31 35.37
CA LYS AB 74 -24.74 88.78 36.32
C LYS AB 74 -25.16 87.71 37.34
N VAL AB 75 -24.20 86.97 37.89
CA VAL AB 75 -24.40 85.94 38.93
C VAL AB 75 -23.58 86.26 40.18
N LYS AB 76 -24.03 85.80 41.35
CA LYS AB 76 -23.21 85.82 42.58
C LYS AB 76 -22.35 84.57 42.66
N VAL AB 77 -21.13 84.68 43.16
CA VAL AB 77 -20.20 83.55 43.27
C VAL AB 77 -19.51 83.53 44.63
N GLU AB 78 -19.35 82.33 45.19
CA GLU AB 78 -18.47 82.06 46.33
C GLU AB 78 -17.36 81.12 45.87
N VAL AB 79 -16.10 81.46 46.16
CA VAL AB 79 -14.93 80.61 45.84
C VAL AB 79 -14.30 80.12 47.13
N PHE AB 80 -14.13 78.80 47.26
CA PHE AB 80 -13.63 78.13 48.45
C PHE AB 80 -12.50 77.15 48.09
N GLN AB 81 -11.48 77.05 48.94
CA GLN AB 81 -10.42 76.05 48.83
C GLN AB 81 -10.08 75.48 50.20
N SER AB 82 -9.83 74.17 50.28
CA SER AB 82 -9.27 73.55 51.48
C SER AB 82 -8.44 72.32 51.16
N ASN AB 83 -7.42 72.04 51.98
CA ASN AB 83 -6.66 70.80 51.91
C ASN AB 83 -7.32 69.63 52.64
N HIS AB 84 -8.41 69.85 53.38
CA HIS AB 84 -9.09 68.81 54.15
C HIS AB 84 -10.29 68.21 53.40
N GLU AB 85 -10.30 66.90 53.20
CA GLU AB 85 -11.42 66.17 52.58
C GLU AB 85 -12.74 66.42 53.32
N GLY AB 86 -12.73 66.39 54.64
CA GLY AB 86 -13.92 66.64 55.46
C GLY AB 86 -14.43 68.08 55.41
N ALA AB 87 -13.58 69.08 55.18
CA ALA AB 87 -14.02 70.46 55.04
C ALA AB 87 -14.76 70.69 53.71
N ILE AB 88 -14.38 69.97 52.67
CA ILE AB 88 -15.10 69.97 51.40
C ILE AB 88 -16.47 69.31 51.55
N ILE AB 89 -16.56 68.18 52.25
CA ILE AB 89 -17.85 67.54 52.53
C ILE AB 89 -18.74 68.44 53.39
N ASP AB 90 -18.21 69.12 54.40
CA ASP AB 90 -18.97 70.13 55.15
C ASP AB 90 -19.48 71.27 54.26
N LYS AB 91 -18.65 71.80 53.34
CA LYS AB 91 -19.03 72.86 52.41
C LYS AB 91 -20.13 72.40 51.46
N LEU AB 92 -20.07 71.18 50.94
CA LEU AB 92 -21.14 70.61 50.12
C LEU AB 92 -22.45 70.45 50.90
N GLN AB 93 -22.40 69.97 52.14
CA GLN AB 93 -23.59 69.89 52.99
C GLN AB 93 -24.14 71.26 53.35
N GLU AB 94 -23.29 72.27 53.59
CA GLU AB 94 -23.74 73.64 53.82
C GLU AB 94 -24.46 74.21 52.60
N ALA AB 95 -23.99 73.94 51.39
CA ALA AB 95 -24.61 74.41 50.16
C ALA AB 95 -26.08 73.97 50.03
N TYR AB 96 -26.41 72.75 50.44
CA TYR AB 96 -27.77 72.22 50.40
C TYR AB 96 -28.75 73.02 51.27
N TYR AB 97 -28.30 73.58 52.40
CA TYR AB 97 -29.12 74.43 53.25
C TYR AB 97 -29.16 75.92 52.83
N ASN AB 98 -28.40 76.31 51.82
CA ASN AB 98 -28.19 77.71 51.43
C ASN AB 98 -28.69 78.06 50.02
N ASP AB 99 -29.44 77.16 49.38
CA ASP AB 99 -30.07 77.38 48.07
C ASP AB 99 -29.08 77.81 46.97
N VAL AB 100 -27.90 77.17 46.93
CA VAL AB 100 -26.95 77.28 45.82
C VAL AB 100 -27.60 76.74 44.55
N ASP AB 101 -27.51 77.47 43.44
CA ASP AB 101 -28.15 77.09 42.17
C ASP AB 101 -27.29 76.17 41.31
N GLY AB 102 -25.98 76.14 41.51
CA GLY AB 102 -25.06 75.25 40.81
C GLY AB 102 -23.67 75.25 41.42
N ILE AB 103 -22.94 74.14 41.25
CA ILE AB 103 -21.62 73.91 41.84
C ILE AB 103 -20.57 73.66 40.76
N VAL AB 104 -19.44 74.33 40.85
CA VAL AB 104 -18.24 74.01 40.07
C VAL AB 104 -17.22 73.40 41.00
N ILE AB 105 -16.70 72.21 40.72
CA ILE AB 105 -15.74 71.54 41.61
C ILE AB 105 -14.50 71.05 40.87
N ASN AB 106 -13.33 71.33 41.43
CA ASN AB 106 -12.06 70.75 41.02
C ASN AB 106 -11.47 69.98 42.21
N PRO AB 107 -11.67 68.66 42.33
CA PRO AB 107 -11.23 67.90 43.49
C PRO AB 107 -9.71 67.75 43.62
N GLY AB 108 -8.92 68.12 42.62
CA GLY AB 108 -7.51 67.71 42.56
C GLY AB 108 -7.38 66.19 42.59
N ALA AB 109 -6.42 65.67 43.36
CA ALA AB 109 -6.14 64.24 43.47
C ALA AB 109 -7.29 63.38 44.04
N PHE AB 110 -8.22 63.95 44.83
CA PHE AB 110 -9.36 63.22 45.38
C PHE AB 110 -10.26 62.59 44.31
N THR AB 111 -10.21 63.10 43.08
CA THR AB 111 -10.86 62.53 41.89
C THR AB 111 -10.57 61.04 41.67
N HIS AB 112 -9.39 60.59 42.09
CA HIS AB 112 -8.85 59.26 41.80
C HIS AB 112 -8.97 58.27 42.96
N TYR AB 113 -9.46 58.69 44.14
CA TYR AB 113 -9.61 57.81 45.30
C TYR AB 113 -10.68 58.17 46.34
N SER AB 114 -11.21 59.40 46.40
CA SER AB 114 -12.15 59.78 47.45
C SER AB 114 -13.58 59.34 47.16
N TYR AB 115 -13.92 58.12 47.55
CA TYR AB 115 -15.30 57.67 47.52
C TYR AB 115 -16.18 58.45 48.53
N ALA AB 116 -15.61 59.05 49.57
CA ALA AB 116 -16.38 59.90 50.47
C ALA AB 116 -16.87 61.18 49.80
N VAL AB 117 -16.04 61.85 48.99
CA VAL AB 117 -16.46 63.04 48.22
C VAL AB 117 -17.43 62.66 47.11
N ARG AB 118 -17.23 61.52 46.43
CA ARG AB 118 -18.21 60.98 45.49
C ARG AB 118 -19.59 60.85 46.13
N ASP AB 119 -19.68 60.17 47.27
CA ASP AB 119 -20.94 59.97 47.94
C ASP AB 119 -21.52 61.26 48.55
N ALA AB 120 -20.69 62.24 48.90
CA ALA AB 120 -21.17 63.57 49.27
C ALA AB 120 -21.85 64.27 48.09
N LEU AB 121 -21.24 64.26 46.91
CA LEU AB 121 -21.85 64.79 45.69
C LEU AB 121 -23.12 64.04 45.30
N ALA AB 122 -23.17 62.71 45.46
CA ALA AB 122 -24.39 61.93 45.24
C ALA AB 122 -25.51 62.32 46.21
N SER AB 123 -25.20 62.72 47.45
CA SER AB 123 -26.21 63.07 48.46
C SER AB 123 -26.99 64.35 48.14
N ILE AB 124 -26.46 65.26 47.32
CA ILE AB 124 -27.07 66.55 46.97
C ILE AB 124 -27.56 66.60 45.51
N ALA AB 125 -28.09 65.49 45.00
CA ALA AB 125 -28.47 65.31 43.59
C ALA AB 125 -29.47 66.35 43.02
N ALA AB 126 -30.19 67.09 43.86
CA ALA AB 126 -31.06 68.18 43.43
C ALA AB 126 -30.30 69.38 42.80
N ILE AB 127 -29.00 69.53 43.07
CA ILE AB 127 -28.19 70.66 42.62
C ILE AB 127 -27.30 70.23 41.44
N PRO AB 128 -27.27 70.96 40.31
CA PRO AB 128 -26.40 70.63 39.19
C PRO AB 128 -24.94 70.94 39.51
N LYS AB 129 -24.01 70.06 39.13
CA LYS AB 129 -22.57 70.26 39.32
C LYS AB 129 -21.76 69.97 38.07
N ILE AB 130 -20.71 70.75 37.84
CA ILE AB 130 -19.71 70.54 36.80
C ILE AB 130 -18.35 70.25 37.44
N GLU AB 131 -17.68 69.19 37.03
CA GLU AB 131 -16.31 68.90 37.45
C GLU AB 131 -15.26 69.53 36.51
N VAL AB 132 -14.19 70.09 37.05
CA VAL AB 132 -13.15 70.81 36.28
C VAL AB 132 -11.76 70.26 36.57
N HIS AB 133 -10.96 70.00 35.54
CA HIS AB 133 -9.51 69.75 35.64
C HIS AB 133 -8.69 70.70 34.78
N ILE AB 134 -7.70 71.35 35.38
CA ILE AB 134 -6.86 72.35 34.70
C ILE AB 134 -5.96 71.68 33.66
N SER AB 135 -5.27 70.61 34.05
CA SER AB 135 -4.42 69.80 33.17
C SER AB 135 -5.14 68.53 32.69
N ASN AB 136 -4.58 67.86 31.68
CA ASN AB 136 -5.18 66.73 30.97
C ASN AB 136 -5.13 65.42 31.76
N VAL AB 137 -5.67 65.38 32.98
CA VAL AB 137 -5.48 64.30 33.98
C VAL AB 137 -5.72 62.88 33.45
N THR AB 146 -8.80 57.06 35.15
CA THR AB 146 -10.24 56.92 35.44
C THR AB 146 -10.59 57.62 36.76
N SER AB 147 -11.81 58.16 36.87
CA SER AB 147 -12.22 59.07 37.95
C SER AB 147 -13.48 58.59 38.69
N VAL AB 148 -13.51 58.70 40.02
CA VAL AB 148 -14.64 58.22 40.85
C VAL AB 148 -15.78 59.26 40.97
N THR AB 149 -15.47 60.55 40.84
CA THR AB 149 -16.41 61.68 41.05
C THR AB 149 -17.17 62.11 39.79
N VAL AB 150 -16.75 61.74 38.58
CA VAL AB 150 -17.39 62.14 37.31
C VAL AB 150 -18.84 61.67 37.14
N PRO AB 151 -19.21 60.39 37.37
CA PRO AB 151 -20.55 59.91 37.02
C PRO AB 151 -21.69 60.48 37.90
N VAL AB 152 -21.36 61.20 38.99
CA VAL AB 152 -22.33 61.89 39.86
C VAL AB 152 -22.42 63.41 39.56
N CYS AB 153 -21.87 63.87 38.44
CA CYS AB 153 -21.91 65.26 37.96
C CYS AB 153 -22.59 65.37 36.58
N GLN AB 154 -23.17 66.53 36.25
CA GLN AB 154 -23.82 66.76 34.95
C GLN AB 154 -22.82 66.89 33.78
N GLY AB 155 -21.55 67.17 34.04
CA GLY AB 155 -20.50 67.23 33.03
C GLY AB 155 -19.11 67.39 33.62
N GLU AB 156 -18.10 67.16 32.79
CA GLU AB 156 -16.69 67.41 33.09
C GLU AB 156 -16.07 68.34 32.03
N VAL AB 157 -15.17 69.23 32.46
CA VAL AB 157 -14.35 70.08 31.59
C VAL AB 157 -12.88 69.81 31.91
N VAL AB 158 -12.09 69.39 30.93
CA VAL AB 158 -10.72 68.89 31.17
C VAL AB 158 -9.71 69.53 30.21
N GLY AB 159 -8.59 69.99 30.75
CA GLY AB 159 -7.40 70.36 29.95
C GLY AB 159 -7.44 71.74 29.29
N LEU AB 160 -8.46 72.57 29.55
CA LEU AB 160 -8.59 73.91 28.98
C LEU AB 160 -7.87 75.00 29.81
N GLY AB 161 -6.94 74.61 30.69
CA GLY AB 161 -6.24 75.52 31.59
C GLY AB 161 -7.19 76.21 32.57
N LEU AB 162 -6.90 77.47 32.94
CA LEU AB 162 -7.77 78.26 33.80
C LEU AB 162 -9.10 78.63 33.11
N GLY AB 163 -9.19 78.48 31.78
CA GLY AB 163 -10.43 78.68 31.02
C GLY AB 163 -11.53 77.66 31.32
N GLY AB 164 -11.20 76.49 31.87
CA GLY AB 164 -12.19 75.44 32.19
C GLY AB 164 -13.25 75.88 33.20
N TYR AB 165 -12.88 76.70 34.19
CA TYR AB 165 -13.83 77.29 35.13
C TYR AB 165 -14.84 78.21 34.44
N LEU AB 166 -14.41 78.93 33.40
CA LEU AB 166 -15.27 79.89 32.71
C LEU AB 166 -16.29 79.18 31.82
N ALA AB 167 -15.89 78.09 31.15
CA ALA AB 167 -16.86 77.22 30.49
C ALA AB 167 -17.85 76.59 31.48
N ALA AB 168 -17.38 76.10 32.62
CA ALA AB 168 -18.25 75.51 33.63
C ALA AB 168 -19.30 76.50 34.16
N MET AB 169 -18.92 77.74 34.45
CA MET AB 169 -19.88 78.78 34.81
C MET AB 169 -20.86 79.07 33.68
N GLY AB 170 -20.41 79.08 32.43
CA GLY AB 170 -21.30 79.22 31.27
C GLY AB 170 -22.31 78.09 31.18
N MET AB 171 -21.88 76.84 31.33
CA MET AB 171 -22.75 75.67 31.31
C MET AB 171 -23.77 75.66 32.44
N LEU AB 172 -23.51 76.29 33.58
CA LEU AB 172 -24.49 76.42 34.67
C LEU AB 172 -25.49 77.56 34.45
N VAL AB 173 -25.11 78.62 33.74
CA VAL AB 173 -26.06 79.70 33.38
C VAL AB 173 -27.01 79.26 32.26
N GLU AB 174 -26.54 78.41 31.35
CA GLU AB 174 -27.31 77.84 30.22
C GLU AB 174 -28.38 76.82 30.64
N MET BB 33 91.12 -31.93 17.50
CA MET BB 33 89.64 -32.01 17.62
C MET BB 33 89.17 -33.46 17.52
N LYS BB 34 88.23 -33.87 18.36
CA LYS BB 34 87.60 -35.20 18.42
C LYS BB 34 86.09 -35.11 18.13
N ILE BB 35 85.61 -35.87 17.14
CA ILE BB 35 84.21 -35.91 16.72
C ILE BB 35 83.60 -37.29 17.02
N LEU BB 36 82.32 -37.35 17.39
CA LEU BB 36 81.59 -38.59 17.57
C LEU BB 36 80.41 -38.68 16.60
N VAL BB 37 80.32 -39.77 15.84
CA VAL BB 37 79.22 -40.03 14.90
C VAL BB 37 78.35 -41.16 15.44
N ILE BB 38 77.07 -40.92 15.63
CA ILE BB 38 76.10 -41.89 16.17
C ILE BB 38 75.03 -42.20 15.14
N ASN BB 39 74.89 -43.48 14.80
CA ASN BB 39 73.87 -44.01 13.91
C ASN BB 39 72.83 -44.83 14.70
N GLY BB 40 71.55 -44.56 14.48
CA GLY BB 40 70.44 -45.22 15.16
C GLY BB 40 70.11 -46.62 14.65
N PRO BB 41 68.93 -47.16 15.01
CA PRO BB 41 68.47 -48.47 14.57
C PRO BB 41 68.31 -48.54 13.06
N ASN BB 42 68.47 -49.74 12.49
CA ASN BB 42 68.33 -50.06 11.07
C ASN BB 42 69.39 -49.46 10.12
N ILE BB 43 70.19 -48.47 10.52
CA ILE BB 43 71.16 -47.82 9.62
C ILE BB 43 72.24 -48.80 9.13
N ASN BB 44 72.59 -49.83 9.89
CA ASN BB 44 73.53 -50.86 9.44
C ASN BB 44 73.03 -51.69 8.25
N PHE BB 45 71.76 -51.62 7.90
CA PHE BB 45 71.14 -52.30 6.75
C PHE BB 45 71.00 -51.41 5.51
N LEU BB 46 71.67 -50.25 5.43
CA LEU BB 46 71.83 -49.52 4.16
C LEU BB 46 72.36 -50.45 3.06
N GLY BB 47 71.79 -50.33 1.86
CA GLY BB 47 72.13 -51.18 0.71
C GLY BB 47 71.49 -52.58 0.73
N ILE BB 48 70.86 -52.97 1.83
CA ILE BB 48 69.94 -54.12 1.92
C ILE BB 48 68.50 -53.59 1.91
N PRO BB 56 73.59 -49.05 -4.43
CA PRO BB 56 74.49 -50.17 -4.13
C PRO BB 56 75.44 -49.91 -2.95
N LEU BB 57 75.60 -48.66 -2.52
CA LEU BB 57 76.46 -48.31 -1.38
C LEU BB 57 75.89 -48.85 -0.06
N ASN BB 58 76.74 -49.44 0.77
CA ASN BB 58 76.34 -50.05 2.05
C ASN BB 58 76.92 -49.31 3.26
N TYR BB 59 76.66 -49.81 4.46
CA TYR BB 59 77.11 -49.17 5.69
C TYR BB 59 78.64 -49.14 5.83
N ASP BB 60 79.37 -50.15 5.35
CA ASP BB 60 80.84 -50.14 5.40
C ASP BB 60 81.44 -49.08 4.45
N ASP BB 61 80.80 -48.83 3.31
CA ASP BB 61 81.18 -47.73 2.41
C ASP BB 61 81.04 -46.38 3.11
N LEU BB 62 79.93 -46.16 3.81
CA LEU BB 62 79.68 -44.94 4.58
C LEU BB 62 80.73 -44.75 5.69
N VAL BB 63 81.07 -45.79 6.44
CA VAL BB 63 82.11 -45.70 7.47
C VAL BB 63 83.46 -45.33 6.88
N GLU BB 64 83.84 -45.90 5.75
CA GLU BB 64 85.11 -45.58 5.10
C GLU BB 64 85.16 -44.14 4.57
N MET BB 65 84.08 -43.64 3.98
CA MET BB 65 83.97 -42.23 3.57
C MET BB 65 84.14 -41.27 4.76
N ILE BB 66 83.53 -41.57 5.91
CA ILE BB 66 83.66 -40.76 7.13
C ILE BB 66 85.09 -40.81 7.67
N LYS BB 67 85.69 -42.00 7.80
CA LYS BB 67 87.07 -42.13 8.28
C LYS BB 67 88.10 -41.50 7.35
N GLY BB 68 87.91 -41.56 6.03
CA GLY BB 68 88.76 -40.89 5.06
C GLY BB 68 88.63 -39.36 5.11
N THR BB 69 87.41 -38.85 5.27
CA THR BB 69 87.16 -37.42 5.43
C THR BB 69 87.74 -36.87 6.73
N ALA BB 70 87.75 -37.65 7.81
CA ALA BB 70 88.36 -37.23 9.07
C ALA BB 70 89.86 -36.95 8.92
N LYS BB 71 90.60 -37.78 8.18
CA LYS BB 71 92.01 -37.50 7.84
C LYS BB 71 92.13 -36.24 6.99
N GLY BB 72 91.26 -36.07 6.01
CA GLY BB 72 91.23 -34.87 5.16
C GLY BB 72 91.04 -33.58 5.96
N LEU BB 73 90.12 -33.57 6.92
CA LEU BB 73 89.86 -32.44 7.81
C LEU BB 73 90.84 -32.33 9.00
N LYS BB 74 91.77 -33.28 9.16
CA LYS BB 74 92.73 -33.37 10.28
C LYS BB 74 92.05 -33.43 11.65
N VAL BB 75 91.05 -34.31 11.79
CA VAL BB 75 90.31 -34.57 13.04
C VAL BB 75 90.34 -36.04 13.40
N LYS BB 76 90.10 -36.37 14.67
CA LYS BB 76 89.86 -37.74 15.13
C LYS BB 76 88.35 -38.02 15.13
N VAL BB 77 87.93 -39.19 14.67
CA VAL BB 77 86.51 -39.56 14.61
C VAL BB 77 86.27 -40.96 15.20
N GLU BB 78 85.20 -41.09 15.97
CA GLU BB 78 84.62 -42.37 16.37
C GLU BB 78 83.26 -42.53 15.70
N VAL BB 79 83.02 -43.67 15.05
CA VAL BB 79 81.72 -44.00 14.43
C VAL BB 79 81.08 -45.16 15.19
N PHE BB 80 79.83 -44.99 15.62
CA PHE BB 80 79.09 -45.94 16.44
C PHE BB 80 77.69 -46.19 15.89
N GLN BB 81 77.21 -47.44 15.94
CA GLN BB 81 75.84 -47.80 15.60
C GLN BB 81 75.26 -48.79 16.61
N SER BB 82 74.01 -48.62 17.00
CA SER BB 82 73.28 -49.62 17.78
C SER BB 82 71.78 -49.61 17.49
N ASN BB 83 71.13 -50.77 17.60
CA ASN BB 83 69.68 -50.89 17.51
C ASN BB 83 68.95 -50.60 18.83
N HIS BB 84 69.67 -50.41 19.94
CA HIS BB 84 69.08 -50.17 21.27
C HIS BB 84 69.02 -48.69 21.62
N GLU BB 85 67.85 -48.17 21.96
CA GLU BB 85 67.67 -46.78 22.41
C GLU BB 85 68.55 -46.45 23.63
N GLY BB 86 68.64 -47.36 24.60
CA GLY BB 86 69.45 -47.16 25.79
C GLY BB 86 70.96 -47.13 25.52
N ALA BB 87 71.46 -47.87 24.53
CA ALA BB 87 72.87 -47.86 24.19
C ALA BB 87 73.31 -46.54 23.54
N ILE BB 88 72.41 -45.88 22.81
CA ILE BB 88 72.63 -44.52 22.32
C ILE BB 88 72.71 -43.54 23.48
N ILE BB 89 71.79 -43.61 24.44
CA ILE BB 89 71.81 -42.73 25.61
C ILE BB 89 73.07 -42.95 26.45
N ASP BB 90 73.51 -44.19 26.65
CA ASP BB 90 74.80 -44.47 27.29
C ASP BB 90 75.98 -43.85 26.52
N LYS BB 91 76.01 -43.95 25.19
CA LYS BB 91 77.07 -43.37 24.36
C LYS BB 91 77.10 -41.85 24.48
N LEU BB 92 75.95 -41.17 24.51
CA LEU BB 92 75.88 -39.73 24.74
C LEU BB 92 76.37 -39.32 26.13
N GLN BB 93 76.03 -40.07 27.17
CA GLN BB 93 76.57 -39.83 28.51
C GLN BB 93 78.06 -40.11 28.59
N GLU BB 94 78.58 -41.13 27.88
CA GLU BB 94 80.01 -41.38 27.80
C GLU BB 94 80.74 -40.23 27.11
N ALA BB 95 80.17 -39.64 26.05
CA ALA BB 95 80.76 -38.52 25.34
C ALA BB 95 81.01 -37.30 26.25
N TYR BB 96 80.09 -37.02 27.17
CA TYR BB 96 80.24 -35.93 28.13
C TYR BB 96 81.46 -36.10 29.05
N TYR BB 97 81.79 -37.32 29.45
CA TYR BB 97 82.97 -37.60 30.27
C TYR BB 97 84.29 -37.71 29.49
N ASN BB 98 84.25 -37.71 28.15
CA ASN BB 98 85.40 -37.97 27.29
C ASN BB 98 85.83 -36.77 26.43
N ASP BB 99 85.31 -35.57 26.70
CA ASP BB 99 85.71 -34.33 26.03
C ASP BB 99 85.59 -34.38 24.49
N VAL BB 100 84.50 -34.96 23.99
CA VAL BB 100 84.12 -34.89 22.58
C VAL BB 100 83.82 -33.45 22.20
N ASP BB 101 84.38 -32.98 21.09
CA ASP BB 101 84.24 -31.58 20.65
C ASP BB 101 82.97 -31.31 19.85
N GLY BB 102 82.39 -32.33 19.22
CA GLY BB 102 81.12 -32.22 18.52
C GLY BB 102 80.52 -33.58 18.13
N ILE BB 103 79.21 -33.62 17.97
CA ILE BB 103 78.44 -34.85 17.71
C ILE BB 103 77.69 -34.75 16.37
N VAL BB 104 77.82 -35.77 15.53
CA VAL BB 104 76.93 -35.96 14.37
C VAL BB 104 75.99 -37.12 14.68
N ILE BB 105 74.68 -36.93 14.58
CA ILE BB 105 73.72 -37.97 14.92
C ILE BB 105 72.66 -38.19 13.84
N ASN BB 106 72.42 -39.45 13.49
CA ASN BB 106 71.30 -39.88 12.66
C ASN BB 106 70.44 -40.86 13.47
N PRO BB 107 69.37 -40.41 14.13
CA PRO BB 107 68.57 -41.27 15.01
C PRO BB 107 67.74 -42.34 14.28
N GLY BB 108 67.67 -42.34 12.96
CA GLY BB 108 66.68 -43.15 12.24
C GLY BB 108 65.25 -42.82 12.71
N ALA BB 109 64.41 -43.85 12.89
CA ALA BB 109 63.01 -43.68 13.27
C ALA BB 109 62.78 -43.06 14.67
N PHE BB 110 63.75 -43.13 15.60
CA PHE BB 110 63.64 -42.51 16.93
C PHE BB 110 63.40 -40.99 16.87
N THR BB 111 63.76 -40.35 15.76
CA THR BB 111 63.47 -38.93 15.46
C THR BB 111 62.01 -38.55 15.65
N HIS BB 112 61.11 -39.50 15.46
CA HIS BB 112 59.66 -39.25 15.40
C HIS BB 112 58.88 -39.70 16.65
N TYR BB 113 59.57 -40.26 17.66
CA TYR BB 113 58.91 -40.70 18.90
C TYR BB 113 59.79 -40.75 20.17
N SER BB 114 61.12 -40.78 20.09
CA SER BB 114 61.95 -40.93 21.29
C SER BB 114 62.18 -39.62 22.04
N TYR BB 115 61.26 -39.29 22.95
CA TYR BB 115 61.49 -38.19 23.88
C TYR BB 115 62.63 -38.49 24.86
N ALA BB 116 63.00 -39.76 25.08
CA ALA BB 116 64.16 -40.11 25.88
C ALA BB 116 65.48 -39.68 25.23
N VAL BB 117 65.65 -39.91 23.92
CA VAL BB 117 66.85 -39.47 23.18
C VAL BB 117 66.85 -37.94 23.02
N ARG BB 118 65.70 -37.29 22.82
CA ARG BB 118 65.60 -35.82 22.89
C ARG BB 118 66.16 -35.30 24.22
N ASP BB 119 65.66 -35.80 25.34
CA ASP BB 119 66.09 -35.33 26.65
C ASP BB 119 67.54 -35.72 26.98
N ALA BB 120 68.06 -36.81 26.41
CA ALA BB 120 69.48 -37.14 26.49
C ALA BB 120 70.33 -36.08 25.80
N LEU BB 121 69.98 -35.68 24.58
CA LEU BB 121 70.66 -34.61 23.85
C LEU BB 121 70.54 -33.26 24.58
N ALA BB 122 69.40 -32.96 25.19
CA ALA BB 122 69.23 -31.77 26.02
C ALA BB 122 70.14 -31.79 27.27
N SER BB 123 70.40 -32.96 27.85
CA SER BB 123 71.24 -33.08 29.04
C SER BB 123 72.72 -32.75 28.82
N ILE BB 124 73.21 -32.74 27.58
CA ILE BB 124 74.61 -32.46 27.22
C ILE BB 124 74.75 -31.18 26.38
N ALA BB 125 73.97 -30.15 26.71
CA ALA BB 125 73.88 -28.89 25.96
C ALA BB 125 75.21 -28.12 25.77
N ALA BB 126 76.26 -28.42 26.54
CA ALA BB 126 77.60 -27.88 26.35
C ALA BB 126 78.28 -28.33 25.05
N ILE BB 127 77.85 -29.45 24.44
CA ILE BB 127 78.49 -30.03 23.25
C ILE BB 127 77.64 -29.71 22.01
N PRO BB 128 78.22 -29.17 20.92
CA PRO BB 128 77.49 -28.90 19.68
C PRO BB 128 77.13 -30.21 18.95
N LYS BB 129 75.89 -30.33 18.47
CA LYS BB 129 75.43 -31.48 17.70
C LYS BB 129 74.73 -31.08 16.40
N ILE BB 130 74.97 -31.84 15.33
CA ILE BB 130 74.25 -31.74 14.06
C ILE BB 130 73.45 -33.03 13.84
N GLU BB 131 72.16 -32.90 13.53
CA GLU BB 131 71.32 -34.03 13.13
C GLU BB 131 71.36 -34.29 11.62
N VAL BB 132 71.40 -35.56 11.20
CA VAL BB 132 71.54 -35.96 9.79
C VAL BB 132 70.44 -36.94 9.38
N HIS BB 133 69.80 -36.71 8.24
CA HIS BB 133 68.92 -37.69 7.55
C HIS BB 133 69.33 -37.94 6.12
N ILE BB 134 69.49 -39.21 5.76
CA ILE BB 134 69.96 -39.64 4.44
C ILE BB 134 68.91 -39.35 3.36
N SER BB 135 67.66 -39.73 3.61
CA SER BB 135 66.51 -39.49 2.74
C SER BB 135 65.65 -38.32 3.26
N ASN BB 136 64.71 -37.85 2.45
CA ASN BB 136 63.93 -36.62 2.67
C ASN BB 136 62.82 -36.76 3.74
N VAL BB 137 63.15 -37.21 4.96
CA VAL BB 137 62.17 -37.72 5.95
C VAL BB 137 60.98 -36.81 6.23
N THR BB 146 57.02 -34.20 11.40
CA THR BB 146 57.61 -33.38 12.46
C THR BB 146 58.52 -34.22 13.36
N SER BB 147 59.64 -33.65 13.83
CA SER BB 147 60.73 -34.36 14.51
C SER BB 147 60.94 -33.83 15.93
N VAL BB 148 61.15 -34.72 16.92
CA VAL BB 148 61.29 -34.32 18.34
C VAL BB 148 62.72 -33.97 18.75
N THR BB 149 63.74 -34.40 17.99
CA THR BB 149 65.18 -34.22 18.29
C THR BB 149 65.83 -32.99 17.64
N VAL BB 150 65.20 -32.34 16.66
CA VAL BB 150 65.75 -31.16 15.97
C VAL BB 150 65.99 -29.94 16.88
N PRO BB 151 65.06 -29.50 17.74
CA PRO BB 151 65.21 -28.22 18.46
C PRO BB 151 66.30 -28.24 19.56
N VAL BB 152 66.77 -29.43 19.95
CA VAL BB 152 67.88 -29.61 20.90
C VAL BB 152 69.26 -29.75 20.22
N CYS BB 153 69.36 -29.46 18.91
CA CYS BB 153 70.57 -29.52 18.10
C CYS BB 153 70.88 -28.15 17.44
N GLN BB 154 72.14 -27.91 17.08
CA GLN BB 154 72.56 -26.65 16.44
C GLN BB 154 72.19 -26.55 14.95
N GLY BB 155 71.87 -27.67 14.30
CA GLY BB 155 71.38 -27.69 12.92
C GLY BB 155 70.97 -29.08 12.46
N GLU BB 156 70.27 -29.16 11.33
CA GLU BB 156 69.89 -30.40 10.67
C GLU BB 156 70.34 -30.40 9.20
N VAL BB 157 70.76 -31.55 8.69
CA VAL BB 157 71.08 -31.78 7.28
C VAL BB 157 70.20 -32.92 6.75
N VAL BB 158 69.40 -32.68 5.71
CA VAL BB 158 68.35 -33.62 5.26
C VAL BB 158 68.41 -33.86 3.76
N GLY BB 159 68.29 -35.12 3.34
CA GLY BB 159 68.04 -35.50 1.94
C GLY BB 159 69.25 -35.42 1.00
N LEU BB 160 70.46 -35.17 1.51
CA LEU BB 160 71.68 -35.09 0.69
C LEU BB 160 72.37 -36.45 0.51
N GLY BB 161 71.69 -37.57 0.80
CA GLY BB 161 72.28 -38.90 0.74
C GLY BB 161 73.42 -39.08 1.75
N LEU BB 162 74.43 -39.87 1.41
CA LEU BB 162 75.60 -40.07 2.25
C LEU BB 162 76.49 -38.81 2.35
N GLY BB 163 76.29 -37.81 1.47
CA GLY BB 163 76.96 -36.52 1.57
C GLY BB 163 76.57 -35.70 2.79
N GLY BB 164 75.41 -35.94 3.41
CA GLY BB 164 74.96 -35.19 4.58
C GLY BB 164 75.88 -35.30 5.80
N TYR BB 165 76.51 -36.45 6.01
CA TYR BB 165 77.51 -36.63 7.06
C TYR BB 165 78.74 -35.75 6.84
N LEU BB 166 79.16 -35.59 5.58
CA LEU BB 166 80.35 -34.80 5.24
C LEU BB 166 80.08 -33.31 5.45
N ALA BB 167 78.89 -32.83 5.09
CA ALA BB 167 78.47 -31.49 5.46
C ALA BB 167 78.45 -31.30 6.97
N ALA BB 168 77.88 -32.23 7.74
CA ALA BB 168 77.84 -32.11 9.19
C ALA BB 168 79.24 -32.04 9.82
N MET BB 169 80.20 -32.86 9.37
CA MET BB 169 81.58 -32.74 9.84
C MET BB 169 82.19 -31.38 9.48
N GLY BB 170 81.92 -30.85 8.28
CA GLY BB 170 82.35 -29.51 7.90
C GLY BB 170 81.75 -28.44 8.81
N MET BB 171 80.45 -28.49 9.07
CA MET BB 171 79.77 -27.54 9.95
C MET BB 171 80.27 -27.57 11.39
N LEU BB 172 80.83 -28.67 11.87
CA LEU BB 172 81.45 -28.74 13.20
C LEU BB 172 82.90 -28.25 13.23
N VAL BB 173 83.63 -28.36 12.13
CA VAL BB 173 84.98 -27.78 12.00
C VAL BB 173 84.94 -26.26 11.85
N GLU BB 174 83.91 -25.73 11.19
CA GLU BB 174 83.66 -24.29 11.00
C GLU BB 174 83.24 -23.55 12.28
N MET CB 33 -5.11 94.39 26.05
CA MET CB 33 -5.28 93.27 25.11
C MET CB 33 -6.58 93.42 24.33
N LYS CB 34 -6.55 93.18 23.01
CA LYS CB 34 -7.70 93.23 22.09
C LYS CB 34 -7.98 91.85 21.49
N ILE CB 35 -9.20 91.35 21.65
CA ILE CB 35 -9.67 90.07 21.12
C ILE CB 35 -10.67 90.29 19.98
N LEU CB 36 -10.63 89.45 18.95
CA LEU CB 36 -11.61 89.43 17.87
C LEU CB 36 -12.39 88.11 17.85
N VAL CB 37 -13.71 88.18 17.90
CA VAL CB 37 -14.61 87.02 17.83
C VAL CB 37 -15.32 86.99 16.49
N ILE CB 38 -15.17 85.92 15.72
CA ILE CB 38 -15.78 85.74 14.40
C ILE CB 38 -16.76 84.57 14.42
N ASN CB 39 -18.01 84.83 14.06
CA ASN CB 39 -19.06 83.84 13.87
C ASN CB 39 -19.40 83.65 12.39
N GLY CB 40 -19.46 82.41 11.93
CA GLY CB 40 -19.74 82.06 10.54
C GLY CB 40 -21.23 82.16 10.15
N PRO CB 41 -21.61 81.54 9.02
CA PRO CB 41 -22.99 81.53 8.55
C PRO CB 41 -23.93 80.83 9.53
N ASN CB 42 -25.21 81.20 9.51
CA ASN CB 42 -26.29 80.64 10.34
C ASN CB 42 -26.21 80.89 11.85
N ILE CB 43 -25.07 81.30 12.42
CA ILE CB 43 -24.93 81.47 13.89
C ILE CB 43 -25.88 82.55 14.43
N ASN CB 44 -26.21 83.59 13.66
CA ASN CB 44 -27.18 84.61 14.07
C ASN CB 44 -28.60 84.06 14.30
N PHE CB 45 -28.90 82.84 13.85
CA PHE CB 45 -30.18 82.16 14.03
C PHE CB 45 -30.20 81.18 15.21
N LEU CB 46 -29.23 81.23 16.14
CA LEU CB 46 -29.37 80.56 17.45
C LEU CB 46 -30.71 80.89 18.12
N GLY CB 47 -31.36 79.89 18.72
CA GLY CB 47 -32.67 80.04 19.36
C GLY CB 47 -33.85 80.05 18.40
N ILE CB 48 -33.63 80.26 17.11
CA ILE CB 48 -34.60 79.96 16.03
C ILE CB 48 -34.33 78.55 15.51
N PRO CB 56 -33.66 78.07 24.69
CA PRO CB 56 -34.31 79.37 24.51
C PRO CB 56 -33.31 80.54 24.31
N LEU CB 57 -32.02 80.34 24.60
CA LEU CB 57 -31.00 81.38 24.42
C LEU CB 57 -30.75 81.68 22.93
N ASN CB 58 -30.62 82.96 22.59
CA ASN CB 58 -30.43 83.41 21.22
C ASN CB 58 -29.07 84.12 21.01
N TYR CB 59 -28.83 84.62 19.81
CA TYR CB 59 -27.57 85.25 19.46
C TYR CB 59 -27.28 86.54 20.27
N ASP CB 60 -28.30 87.32 20.64
CA ASP CB 60 -28.09 88.52 21.46
C ASP CB 60 -27.67 88.16 22.89
N ASP CB 61 -28.17 87.05 23.42
CA ASP CB 61 -27.74 86.53 24.73
C ASP CB 61 -26.26 86.14 24.71
N LEU CB 62 -25.82 85.47 23.63
CA LEU CB 62 -24.42 85.11 23.45
C LEU CB 62 -23.52 86.35 23.35
N VAL CB 63 -23.92 87.37 22.59
CA VAL CB 63 -23.15 88.61 22.49
C VAL CB 63 -23.03 89.31 23.83
N GLU CB 64 -24.11 89.36 24.64
CA GLU CB 64 -24.05 89.96 25.96
C GLU CB 64 -23.15 89.16 26.93
N MET CB 65 -23.18 87.82 26.90
CA MET CB 65 -22.25 87.00 27.68
C MET CB 65 -20.79 87.27 27.31
N ILE CB 66 -20.47 87.37 26.02
CA ILE CB 66 -19.09 87.65 25.56
C ILE CB 66 -18.66 89.06 25.99
N LYS CB 67 -19.48 90.08 25.77
CA LYS CB 67 -19.14 91.46 26.15
C LYS CB 67 -19.03 91.67 27.66
N GLY CB 68 -19.88 91.02 28.45
CA GLY CB 68 -19.77 91.04 29.91
C GLY CB 68 -18.52 90.33 30.41
N THR CB 69 -18.17 89.18 29.83
CA THR CB 69 -16.96 88.45 30.21
C THR CB 69 -15.69 89.20 29.83
N ALA CB 70 -15.67 89.94 28.73
CA ALA CB 70 -14.52 90.76 28.35
C ALA CB 70 -14.19 91.83 29.41
N LYS CB 71 -15.20 92.53 29.95
CA LYS CB 71 -15.01 93.44 31.10
C LYS CB 71 -14.49 92.71 32.33
N GLY CB 72 -14.99 91.51 32.59
CA GLY CB 72 -14.51 90.66 33.69
C GLY CB 72 -13.02 90.32 33.57
N LEU CB 73 -12.56 89.91 32.38
CA LEU CB 73 -11.16 89.60 32.08
C LEU CB 73 -10.29 90.84 31.83
N LYS CB 74 -10.85 92.05 31.83
CA LYS CB 74 -10.18 93.33 31.54
C LYS CB 74 -9.53 93.38 30.15
N VAL CB 75 -10.25 92.90 29.13
CA VAL CB 75 -9.83 92.92 27.71
C VAL CB 75 -10.86 93.68 26.86
N LYS CB 76 -10.41 94.26 25.73
CA LYS CB 76 -11.33 94.78 24.71
C LYS CB 76 -11.73 93.66 23.75
N VAL CB 77 -12.98 93.64 23.30
CA VAL CB 77 -13.48 92.63 22.36
C VAL CB 77 -14.30 93.25 21.24
N GLU CB 78 -14.11 92.74 20.02
CA GLU CB 78 -15.01 92.97 18.89
C GLU CB 78 -15.70 91.66 18.53
N VAL CB 79 -17.03 91.67 18.36
CA VAL CB 79 -17.80 90.50 17.94
C VAL CB 79 -18.39 90.74 16.56
N PHE CB 80 -18.12 89.85 15.61
CA PHE CB 80 -18.52 89.96 14.21
C PHE CB 80 -19.21 88.69 13.72
N GLN CB 81 -20.25 88.83 12.89
CA GLN CB 81 -20.90 87.72 12.20
C GLN CB 81 -21.21 88.08 10.75
N SER CB 82 -21.03 87.13 9.83
CA SER CB 82 -21.50 87.27 8.45
C SER CB 82 -21.85 85.93 7.83
N ASN CB 83 -22.80 85.90 6.90
CA ASN CB 83 -23.10 84.73 6.09
C ASN CB 83 -22.18 84.58 4.86
N HIS CB 84 -21.37 85.58 4.54
CA HIS CB 84 -20.46 85.56 3.39
C HIS CB 84 -19.05 85.07 3.76
N GLU CB 85 -18.58 84.00 3.12
CA GLU CB 85 -17.22 83.48 3.24
C GLU CB 85 -16.16 84.56 2.95
N GLY CB 86 -16.37 85.39 1.93
CA GLY CB 86 -15.45 86.46 1.58
C GLY CB 86 -15.38 87.59 2.62
N ALA CB 87 -16.47 87.89 3.32
CA ALA CB 87 -16.48 88.90 4.37
C ALA CB 87 -15.70 88.45 5.62
N ILE CB 88 -15.71 87.13 5.90
CA ILE CB 88 -14.88 86.55 6.95
C ILE CB 88 -13.40 86.67 6.58
N ILE CB 89 -13.02 86.36 5.35
CA ILE CB 89 -11.64 86.49 4.89
C ILE CB 89 -11.19 87.97 4.92
N ASP CB 90 -12.03 88.92 4.50
CA ASP CB 90 -11.73 90.34 4.66
C ASP CB 90 -11.54 90.74 6.13
N LYS CB 91 -12.36 90.24 7.05
CA LYS CB 91 -12.23 90.51 8.49
C LYS CB 91 -10.94 89.94 9.06
N LEU CB 92 -10.55 88.73 8.66
CA LEU CB 92 -9.26 88.14 9.05
C LEU CB 92 -8.08 88.95 8.52
N GLN CB 93 -8.13 89.45 7.28
CA GLN CB 93 -7.09 90.32 6.74
C GLN CB 93 -7.06 91.68 7.42
N GLU CB 94 -8.22 92.27 7.75
CA GLU CB 94 -8.28 93.52 8.51
C GLU CB 94 -7.65 93.38 9.90
N ALA CB 95 -7.84 92.23 10.57
CA ALA CB 95 -7.28 91.99 11.89
C ALA CB 95 -5.75 92.11 11.91
N TYR CB 96 -5.07 91.60 10.87
CA TYR CB 96 -3.61 91.66 10.76
C TYR CB 96 -3.06 93.09 10.70
N TYR CB 97 -3.78 94.03 10.09
CA TYR CB 97 -3.40 95.44 10.04
C TYR CB 97 -3.79 96.25 11.28
N ASN CB 98 -4.52 95.66 12.23
CA ASN CB 98 -5.10 96.34 13.39
C ASN CB 98 -4.58 95.81 14.75
N ASP CB 99 -3.52 95.00 14.74
CA ASP CB 99 -2.83 94.51 15.94
C ASP CB 99 -3.76 93.79 16.94
N VAL CB 100 -4.65 92.93 16.43
CA VAL CB 100 -5.43 92.00 17.27
C VAL CB 100 -4.48 91.04 17.98
N ASP CB 101 -4.67 90.83 19.28
CA ASP CB 101 -3.80 89.96 20.09
C ASP CB 101 -4.21 88.49 20.05
N GLY CB 102 -5.47 88.19 19.74
CA GLY CB 102 -5.96 86.82 19.60
C GLY CB 102 -7.34 86.75 18.96
N ILE CB 103 -7.63 85.63 18.31
CA ILE CB 103 -8.87 85.42 17.54
C ILE CB 103 -9.64 84.22 18.07
N VAL CB 104 -10.94 84.37 18.31
CA VAL CB 104 -11.85 83.25 18.56
C VAL CB 104 -12.75 83.08 17.33
N ILE CB 105 -12.81 81.91 16.73
CA ILE CB 105 -13.59 81.69 15.51
C ILE CB 105 -14.51 80.48 15.61
N ASN CB 106 -15.77 80.65 15.24
CA ASN CB 106 -16.72 79.57 15.03
C ASN CB 106 -17.16 79.58 13.56
N PRO CB 107 -16.52 78.78 12.68
CA PRO CB 107 -16.80 78.83 11.26
C PRO CB 107 -18.19 78.32 10.86
N GLY CB 108 -18.96 77.70 11.75
CA GLY CB 108 -20.15 76.94 11.36
C GLY CB 108 -19.78 75.84 10.35
N ALA CB 109 -20.60 75.65 9.31
CA ALA CB 109 -20.38 74.61 8.30
C ALA CB 109 -19.08 74.77 7.47
N PHE CB 110 -18.50 75.97 7.36
CA PHE CB 110 -17.25 76.19 6.63
C PHE CB 110 -16.08 75.35 7.17
N THR CB 111 -16.17 74.89 8.41
CA THR CB 111 -15.27 73.92 9.05
C THR CB 111 -15.03 72.67 8.21
N HIS CB 112 -16.02 72.25 7.43
CA HIS CB 112 -16.06 70.95 6.75
C HIS CB 112 -15.78 71.03 5.25
N TYR CB 113 -15.57 72.23 4.68
CA TYR CB 113 -15.27 72.39 3.26
C TYR CB 113 -14.51 73.66 2.83
N SER CB 114 -14.45 74.73 3.62
CA SER CB 114 -13.82 75.98 3.17
C SER CB 114 -12.30 75.96 3.29
N TYR CB 115 -11.64 75.44 2.26
CA TYR CB 115 -10.18 75.55 2.15
C TYR CB 115 -9.74 77.01 1.98
N ALA CB 116 -10.60 77.92 1.49
CA ALA CB 116 -10.27 79.34 1.45
C ALA CB 116 -10.14 79.96 2.84
N VAL CB 117 -11.04 79.66 3.78
CA VAL CB 117 -10.93 80.15 5.17
C VAL CB 117 -9.77 79.49 5.91
N ARG CB 118 -9.50 78.19 5.68
CA ARG CB 118 -8.30 77.53 6.18
C ARG CB 118 -7.04 78.29 5.77
N ASP CB 119 -6.87 78.54 4.48
CA ASP CB 119 -5.69 79.23 3.98
C ASP CB 119 -5.64 80.70 4.41
N ALA CB 120 -6.79 81.35 4.67
CA ALA CB 120 -6.80 82.68 5.27
C ALA CB 120 -6.24 82.67 6.70
N LEU CB 121 -6.65 81.72 7.54
CA LEU CB 121 -6.09 81.55 8.88
C LEU CB 121 -4.59 81.21 8.83
N ALA CB 122 -4.16 80.38 7.87
CA ALA CB 122 -2.75 80.09 7.66
C ALA CB 122 -1.94 81.34 7.27
N SER CB 123 -2.53 82.29 6.55
CA SER CB 123 -1.83 83.52 6.13
C SER CB 123 -1.51 84.48 7.29
N ILE CB 124 -2.18 84.37 8.43
CA ILE CB 124 -1.99 85.23 9.61
C ILE CB 124 -1.41 84.47 10.80
N ALA CB 125 -0.49 83.54 10.54
CA ALA CB 125 0.12 82.65 11.53
C ALA CB 125 0.80 83.33 12.75
N ALA CB 126 1.11 84.63 12.67
CA ALA CB 126 1.64 85.40 13.79
C ALA CB 126 0.63 85.59 14.94
N ILE CB 127 -0.67 85.46 14.70
CA ILE CB 127 -1.74 85.74 15.67
C ILE CB 127 -2.31 84.41 16.20
N PRO CB 128 -2.43 84.20 17.54
CA PRO CB 128 -3.01 82.98 18.10
C PRO CB 128 -4.53 82.93 17.87
N LYS CB 129 -5.05 81.77 17.44
CA LYS CB 129 -6.49 81.56 17.24
C LYS CB 129 -7.00 80.30 17.91
N ILE CB 130 -8.22 80.35 18.46
CA ILE CB 130 -8.96 79.21 18.99
C ILE CB 130 -10.22 78.98 18.15
N GLU CB 131 -10.46 77.75 17.73
CA GLU CB 131 -11.70 77.36 17.06
C GLU CB 131 -12.76 76.88 18.06
N VAL CB 132 -14.02 77.28 17.88
CA VAL CB 132 -15.13 76.97 18.80
C VAL CB 132 -16.29 76.32 18.07
N HIS CB 133 -16.84 75.22 18.59
CA HIS CB 133 -18.12 74.65 18.18
C HIS CB 133 -19.09 74.48 19.35
N ILE CB 134 -20.32 74.97 19.18
CA ILE CB 134 -21.36 74.96 20.22
C ILE CB 134 -21.84 73.53 20.49
N SER CB 135 -22.13 72.77 19.43
CA SER CB 135 -22.54 71.36 19.49
C SER CB 135 -21.41 70.41 19.10
N ASN CB 136 -21.60 69.12 19.36
CA ASN CB 136 -20.59 68.06 19.24
C ASN CB 136 -20.30 67.66 17.79
N VAL CB 137 -19.97 68.60 16.90
CA VAL CB 137 -19.94 68.42 15.43
C VAL CB 137 -19.16 67.18 14.95
N THR CB 146 -14.57 65.17 10.33
CA THR CB 146 -13.20 65.72 10.17
C THR CB 146 -13.26 67.17 9.68
N SER CB 147 -12.33 68.00 10.13
CA SER CB 147 -12.36 69.47 9.94
C SER CB 147 -11.12 69.98 9.19
N VAL CB 148 -11.28 70.97 8.30
CA VAL CB 148 -10.17 71.52 7.52
C VAL CB 148 -9.45 72.69 8.21
N THR CB 149 -10.12 73.41 9.12
CA THR CB 149 -9.62 74.62 9.81
C THR CB 149 -8.86 74.38 11.13
N VAL CB 150 -8.98 73.19 11.73
CA VAL CB 150 -8.34 72.85 13.02
C VAL CB 150 -6.80 72.93 13.03
N PRO CB 151 -6.05 72.35 12.06
CA PRO CB 151 -4.59 72.26 12.17
C PRO CB 151 -3.84 73.59 12.03
N VAL CB 152 -4.52 74.66 11.63
CA VAL CB 152 -3.97 76.03 11.51
C VAL CB 152 -4.33 76.93 12.71
N CYS CB 153 -4.87 76.35 13.79
CA CYS CB 153 -5.23 77.02 15.04
C CYS CB 153 -4.44 76.45 16.24
N GLN CB 154 -4.30 77.23 17.31
CA GLN CB 154 -3.60 76.78 18.54
C GLN CB 154 -4.44 75.83 19.40
N GLY CB 155 -5.75 75.74 19.20
CA GLY CB 155 -6.63 74.81 19.92
C GLY CB 155 -8.07 74.83 19.41
N GLU CB 156 -8.84 73.83 19.83
CA GLU CB 156 -10.28 73.74 19.56
C GLU CB 156 -11.07 73.49 20.86
N VAL CB 157 -12.25 74.10 20.98
CA VAL CB 157 -13.21 73.88 22.07
C VAL CB 157 -14.53 73.39 21.48
N VAL CB 158 -15.03 72.22 21.89
CA VAL CB 158 -16.17 71.56 21.23
C VAL CB 158 -17.22 71.08 22.22
N GLY CB 159 -18.50 71.34 21.94
CA GLY CB 159 -19.64 70.72 22.64
C GLY CB 159 -19.98 71.29 24.02
N LEU CB 160 -19.30 72.35 24.46
CA LEU CB 160 -19.54 73.01 25.75
C LEU CB 160 -20.65 74.08 25.69
N GLY CB 161 -21.51 74.04 24.68
CA GLY CB 161 -22.59 75.02 24.49
C GLY CB 161 -22.06 76.43 24.30
N LEU CB 162 -22.76 77.43 24.82
CA LEU CB 162 -22.31 78.83 24.78
C LEU CB 162 -21.11 79.06 25.71
N GLY CB 163 -20.83 78.15 26.65
CA GLY CB 163 -19.66 78.20 27.52
C GLY CB 163 -18.32 78.06 26.78
N GLY CB 164 -18.30 77.46 25.58
CA GLY CB 164 -17.07 77.26 24.81
C GLY CB 164 -16.36 78.55 24.40
N TYR CB 165 -17.10 79.63 24.14
CA TYR CB 165 -16.52 80.95 23.89
C TYR CB 165 -15.76 81.49 25.10
N LEU CB 166 -16.26 81.23 26.31
CA LEU CB 166 -15.67 81.75 27.54
C LEU CB 166 -14.38 81.01 27.88
N ALA CB 167 -14.33 79.70 27.67
CA ALA CB 167 -13.08 78.96 27.73
C ALA CB 167 -12.06 79.48 26.70
N ALA CB 168 -12.47 79.70 25.45
CA ALA CB 168 -11.58 80.20 24.42
C ALA CB 168 -10.97 81.57 24.79
N MET CB 169 -11.76 82.50 25.31
CA MET CB 169 -11.23 83.77 25.81
C MET CB 169 -10.26 83.58 26.98
N GLY CB 170 -10.54 82.65 27.90
CA GLY CB 170 -9.60 82.29 28.96
C GLY CB 170 -8.27 81.77 28.40
N MET CB 171 -8.32 80.86 27.44
CA MET CB 171 -7.13 80.30 26.79
C MET CB 171 -6.30 81.33 26.04
N LEU CB 172 -6.89 82.42 25.55
CA LEU CB 172 -6.13 83.51 24.92
C LEU CB 172 -5.51 84.47 25.95
N VAL CB 173 -6.14 84.67 27.10
CA VAL CB 173 -5.57 85.47 28.19
C VAL CB 173 -4.41 84.76 28.89
N GLU CB 174 -4.45 83.44 28.99
CA GLU CB 174 -3.40 82.58 29.59
C GLU CB 174 -2.13 82.48 28.73
N MET DB 33 59.17 -54.80 55.86
CA MET DB 33 58.64 -54.31 54.56
C MET DB 33 59.79 -54.00 53.60
N LYS DB 34 59.68 -54.42 52.35
CA LYS DB 34 60.64 -54.23 51.25
C LYS DB 34 60.07 -53.31 50.16
N ILE DB 35 60.77 -52.23 49.84
CA ILE DB 35 60.40 -51.26 48.80
C ILE DB 35 61.39 -51.31 47.63
N LEU DB 36 60.91 -51.14 46.41
CA LEU DB 36 61.74 -51.00 45.21
C LEU DB 36 61.57 -49.61 44.58
N VAL DB 37 62.68 -48.91 44.35
CA VAL DB 37 62.69 -47.62 43.67
C VAL DB 37 63.30 -47.76 42.28
N ILE DB 38 62.57 -47.37 41.24
CA ILE DB 38 63.00 -47.45 39.84
C ILE DB 38 63.09 -46.06 39.24
N ASN DB 39 64.26 -45.71 38.73
CA ASN DB 39 64.53 -44.49 37.98
C ASN DB 39 64.75 -44.81 36.49
N GLY DB 40 64.09 -44.06 35.61
CA GLY DB 40 64.16 -44.23 34.16
C GLY DB 40 65.41 -43.64 33.50
N PRO DB 41 65.40 -43.46 32.17
CA PRO DB 41 66.52 -42.91 31.44
C PRO DB 41 66.80 -41.45 31.84
N ASN DB 42 68.04 -41.01 31.66
CA ASN DB 42 68.54 -39.66 31.97
C ASN DB 42 68.56 -39.26 33.46
N ILE DB 43 67.86 -39.94 34.36
CA ILE DB 43 67.78 -39.54 35.78
C ILE DB 43 69.15 -39.56 36.48
N ASN DB 44 70.08 -40.40 36.05
CA ASN DB 44 71.44 -40.43 36.60
C ASN DB 44 72.26 -39.16 36.30
N PHE DB 45 71.80 -38.29 35.40
CA PHE DB 45 72.43 -37.01 35.07
C PHE DB 45 71.82 -35.81 35.81
N LEU DB 46 71.04 -36.01 36.88
CA LEU DB 46 70.69 -34.92 37.81
C LEU DB 46 71.93 -34.15 38.26
N GLY DB 47 71.83 -32.82 38.30
CA GLY DB 47 72.95 -31.93 38.63
C GLY DB 47 73.95 -31.70 37.49
N ILE DB 48 73.81 -32.40 36.37
CA ILE DB 48 74.49 -32.11 35.09
C ILE DB 48 73.47 -31.54 34.10
N PRO DB 56 72.34 -27.78 42.79
CA PRO DB 56 73.65 -28.41 42.95
C PRO DB 56 73.58 -29.89 43.36
N LEU DB 57 72.44 -30.40 43.83
CA LEU DB 57 72.28 -31.80 44.22
C LEU DB 57 72.34 -32.74 43.01
N ASN DB 58 73.05 -33.87 43.14
CA ASN DB 58 73.21 -34.86 42.08
C ASN DB 58 72.49 -36.19 42.39
N TYR DB 59 72.63 -37.18 41.52
CA TYR DB 59 71.96 -38.47 41.69
C TYR DB 59 72.44 -39.24 42.94
N ASP DB 60 73.72 -39.18 43.28
CA ASP DB 60 74.23 -39.85 44.49
C ASP DB 60 73.69 -39.21 45.78
N ASP DB 61 73.43 -37.90 45.78
CA ASP DB 61 72.76 -37.23 46.90
C ASP DB 61 71.33 -37.77 47.08
N LEU DB 62 70.57 -37.93 45.99
CA LEU DB 62 69.23 -38.50 46.03
C LEU DB 62 69.24 -39.94 46.55
N VAL DB 63 70.17 -40.79 46.09
CA VAL DB 63 70.26 -42.17 46.59
C VAL DB 63 70.52 -42.19 48.10
N GLU DB 64 71.40 -41.34 48.61
CA GLU DB 64 71.69 -41.29 50.04
C GLU DB 64 70.52 -40.76 50.88
N MET DB 65 69.78 -39.76 50.39
CA MET DB 65 68.53 -39.34 51.01
C MET DB 65 67.50 -40.46 51.09
N ILE DB 66 67.34 -41.26 50.03
CA ILE DB 66 66.42 -42.40 50.01
C ILE DB 66 66.87 -43.49 51.00
N LYS DB 67 68.15 -43.89 50.98
CA LYS DB 67 68.68 -44.91 51.90
C LYS DB 67 68.62 -44.48 53.37
N GLY DB 68 68.88 -43.21 53.68
CA GLY DB 68 68.73 -42.68 55.03
C GLY DB 68 67.28 -42.66 55.49
N THR DB 69 66.36 -42.26 54.63
CA THR DB 69 64.93 -42.26 54.95
C THR DB 69 64.40 -43.68 55.16
N ALA DB 70 64.89 -44.68 54.43
CA ALA DB 70 64.49 -46.07 54.63
C ALA DB 70 64.82 -46.58 56.04
N LYS DB 71 66.01 -46.25 56.58
CA LYS DB 71 66.34 -46.55 57.99
C LYS DB 71 65.41 -45.83 58.96
N GLY DB 72 65.09 -44.57 58.69
CA GLY DB 72 64.15 -43.79 59.48
C GLY DB 72 62.76 -44.42 59.54
N LEU DB 73 62.23 -44.86 58.40
CA LEU DB 73 60.93 -45.54 58.31
C LEU DB 73 60.97 -47.01 58.74
N LYS DB 74 62.13 -47.59 59.04
CA LYS DB 74 62.32 -49.01 59.35
C LYS DB 74 61.88 -49.95 58.21
N VAL DB 75 62.32 -49.66 56.99
CA VAL DB 75 62.06 -50.46 55.79
C VAL DB 75 63.37 -50.81 55.06
N LYS DB 76 63.35 -51.86 54.24
CA LYS DB 76 64.45 -52.19 53.33
C LYS DB 76 64.16 -51.61 51.95
N VAL DB 77 65.15 -50.99 51.32
CA VAL DB 77 64.98 -50.36 50.01
C VAL DB 77 66.05 -50.82 49.02
N GLU DB 78 65.65 -51.09 47.80
CA GLU DB 78 66.53 -51.24 46.64
C GLU DB 78 66.31 -50.07 45.69
N VAL DB 79 67.38 -49.41 45.24
CA VAL DB 79 67.31 -48.31 44.28
C VAL DB 79 67.98 -48.72 42.98
N PHE DB 80 67.27 -48.59 41.86
CA PHE DB 80 67.71 -49.03 40.54
C PHE DB 80 67.54 -47.93 39.49
N GLN DB 81 68.51 -47.79 38.58
CA GLN DB 81 68.40 -46.91 37.42
C GLN DB 81 68.92 -47.62 36.17
N SER DB 82 68.25 -47.44 35.03
CA SER DB 82 68.76 -47.87 33.73
C SER DB 82 68.24 -46.98 32.61
N ASN DB 83 69.03 -46.82 31.55
CA ASN DB 83 68.61 -46.12 30.33
C ASN DB 83 67.83 -47.02 29.36
N HIS DB 84 67.70 -48.32 29.62
CA HIS DB 84 67.02 -49.26 28.73
C HIS DB 84 65.59 -49.54 29.17
N GLU DB 85 64.62 -49.33 28.27
CA GLU DB 85 63.20 -49.65 28.50
C GLU DB 85 63.00 -51.13 28.87
N GLY DB 86 63.70 -52.04 28.20
CA GLY DB 86 63.62 -53.48 28.49
C GLY DB 86 64.18 -53.87 29.85
N ALA DB 87 65.21 -53.20 30.36
CA ALA DB 87 65.77 -53.49 31.67
C ALA DB 87 64.84 -53.06 32.81
N ILE DB 88 64.09 -51.98 32.62
CA ILE DB 88 63.02 -51.57 33.54
C ILE DB 88 61.93 -52.64 33.57
N ILE DB 89 61.48 -53.14 32.41
CA ILE DB 89 60.47 -54.21 32.36
C ILE DB 89 61.00 -55.49 33.01
N ASP DB 90 62.25 -55.90 32.79
CA ASP DB 90 62.85 -57.03 33.50
C ASP DB 90 62.86 -56.82 35.01
N LYS DB 91 63.20 -55.63 35.50
CA LYS DB 91 63.22 -55.31 36.94
C LYS DB 91 61.80 -55.39 37.54
N LEU DB 92 60.77 -54.90 36.84
CA LEU DB 92 59.39 -55.04 37.29
C LEU DB 92 58.94 -56.51 37.34
N GLN DB 93 59.31 -57.32 36.34
CA GLN DB 93 59.01 -58.75 36.35
C GLN DB 93 59.79 -59.50 37.44
N GLU DB 94 61.03 -59.11 37.72
CA GLU DB 94 61.80 -59.66 38.84
C GLU DB 94 61.16 -59.34 40.19
N ALA DB 95 60.63 -58.12 40.37
CA ALA DB 95 59.98 -57.71 41.60
C ALA DB 95 58.80 -58.61 41.99
N TYR DB 96 58.02 -59.06 41.00
CA TYR DB 96 56.90 -59.97 41.20
C TYR DB 96 57.33 -61.32 41.82
N TYR DB 97 58.48 -61.85 41.43
CA TYR DB 97 59.01 -63.10 41.99
C TYR DB 97 59.77 -62.93 43.32
N ASN DB 98 59.99 -61.70 43.78
CA ASN DB 98 60.81 -61.39 44.95
C ASN DB 98 60.02 -60.77 46.12
N ASP DB 99 58.68 -60.76 46.05
CA ASP DB 99 57.79 -60.30 47.11
C ASP DB 99 58.10 -58.87 47.60
N VAL DB 100 58.32 -57.96 46.66
CA VAL DB 100 58.35 -56.51 46.93
C VAL DB 100 56.98 -56.06 47.43
N ASP DB 101 56.94 -55.28 48.50
CA ASP DB 101 55.69 -54.81 49.11
C ASP DB 101 55.14 -53.53 48.48
N GLY DB 102 55.97 -52.75 47.79
CA GLY DB 102 55.54 -51.56 47.04
C GLY DB 102 56.65 -50.97 46.17
N ILE DB 103 56.25 -50.25 45.12
CA ILE DB 103 57.15 -49.71 44.09
C ILE DB 103 57.03 -48.19 44.01
N VAL DB 104 58.17 -47.48 43.99
CA VAL DB 104 58.25 -46.07 43.63
C VAL DB 104 58.89 -45.96 42.26
N ILE DB 105 58.26 -45.29 41.29
CA ILE DB 105 58.80 -45.21 39.93
C ILE DB 105 58.83 -43.78 39.38
N ASN DB 106 59.96 -43.39 38.79
CA ASN DB 106 60.08 -42.19 37.98
C ASN DB 106 60.50 -42.60 36.55
N PRO DB 107 59.57 -42.72 35.60
CA PRO DB 107 59.88 -43.21 34.26
C PRO DB 107 60.69 -42.22 33.41
N GLY DB 108 60.91 -40.98 33.84
CA GLY DB 108 61.45 -39.94 32.97
C GLY DB 108 60.55 -39.73 31.75
N ALA DB 109 61.15 -39.59 30.56
CA ALA DB 109 60.42 -39.35 29.31
C ALA DB 109 59.47 -40.50 28.88
N PHE DB 110 59.72 -41.74 29.30
CA PHE DB 110 58.85 -42.89 28.98
C PHE DB 110 57.40 -42.69 29.43
N THR DB 111 57.16 -41.82 30.40
CA THR DB 111 55.84 -41.39 30.89
C THR DB 111 54.90 -40.96 29.77
N HIS DB 112 55.43 -40.40 28.68
CA HIS DB 112 54.67 -39.76 27.61
C HIS DB 112 54.56 -40.59 26.32
N TYR DB 113 55.15 -41.80 26.28
CA TYR DB 113 55.08 -42.66 25.09
C TYR DB 113 55.24 -44.17 25.31
N SER DB 114 55.79 -44.66 26.41
CA SER DB 114 56.04 -46.09 26.59
C SER DB 114 54.78 -46.86 27.01
N TYR DB 115 53.98 -47.28 26.05
CA TYR DB 115 52.89 -48.22 26.32
C TYR DB 115 53.40 -49.59 26.77
N ALA DB 116 54.66 -49.95 26.48
CA ALA DB 116 55.25 -51.18 27.00
C ALA DB 116 55.46 -51.14 28.52
N VAL DB 117 55.97 -50.03 29.07
CA VAL DB 117 56.12 -49.86 30.53
C VAL DB 117 54.76 -49.71 31.21
N ARG DB 118 53.79 -49.03 30.58
CA ARG DB 118 52.39 -49.03 31.06
C ARG DB 118 51.88 -50.45 31.23
N ASP DB 119 51.96 -51.27 30.18
CA ASP DB 119 51.44 -52.62 30.23
C ASP DB 119 52.25 -53.53 31.17
N ALA DB 120 53.54 -53.27 31.37
CA ALA DB 120 54.32 -53.95 32.40
C ALA DB 120 53.78 -53.64 33.80
N LEU DB 121 53.52 -52.37 34.13
CA LEU DB 121 52.91 -51.99 35.40
C LEU DB 121 51.51 -52.58 35.56
N ALA DB 122 50.72 -52.63 34.49
CA ALA DB 122 49.42 -53.29 34.51
C ALA DB 122 49.51 -54.80 34.78
N SER DB 123 50.58 -55.47 34.34
CA SER DB 123 50.77 -56.91 34.53
C SER DB 123 51.05 -57.34 35.97
N ILE DB 124 51.43 -56.41 36.85
CA ILE DB 124 51.75 -56.67 38.26
C ILE DB 124 50.78 -55.96 39.22
N ALA DB 125 49.50 -55.94 38.90
CA ALA DB 125 48.44 -55.24 39.63
C ALA DB 125 48.31 -55.60 41.13
N ALA DB 126 48.86 -56.75 41.55
CA ALA DB 126 48.92 -57.14 42.96
C ALA DB 126 49.79 -56.22 43.84
N ILE DB 127 50.72 -55.46 43.26
CA ILE DB 127 51.69 -54.64 44.00
C ILE DB 127 51.28 -53.15 43.91
N PRO DB 128 51.23 -52.40 45.02
CA PRO DB 128 50.97 -50.97 44.99
C PRO DB 128 52.18 -50.20 44.44
N LYS DB 129 51.93 -49.23 43.55
CA LYS DB 129 52.99 -48.37 43.00
C LYS DB 129 52.60 -46.90 43.05
N ILE DB 130 53.58 -46.04 43.35
CA ILE DB 130 53.48 -44.59 43.27
C ILE DB 130 54.39 -44.07 42.15
N GLU DB 131 53.86 -43.26 41.25
CA GLU DB 131 54.65 -42.58 40.23
C GLU DB 131 55.16 -41.22 40.74
N VAL DB 132 56.41 -40.86 40.41
CA VAL DB 132 57.08 -39.65 40.91
C VAL DB 132 57.67 -38.82 39.78
N HIS DB 133 57.45 -37.51 39.78
CA HIS DB 133 58.12 -36.54 38.89
C HIS DB 133 58.79 -35.40 39.68
N ILE DB 134 60.07 -35.15 39.40
CA ILE DB 134 60.87 -34.15 40.11
C ILE DB 134 60.43 -32.73 39.74
N SER DB 135 60.24 -32.46 38.45
CA SER DB 135 59.72 -31.19 37.92
C SER DB 135 58.26 -31.29 37.49
N ASN DB 136 57.62 -30.14 37.25
CA ASN DB 136 56.18 -30.00 36.99
C ASN DB 136 55.75 -30.45 35.57
N VAL DB 137 56.09 -31.68 35.17
CA VAL DB 137 56.01 -32.16 33.76
C VAL DB 137 54.67 -31.91 33.06
N THR DB 146 49.81 -34.89 29.14
CA THR DB 146 49.06 -36.09 29.57
C THR DB 146 49.95 -37.34 29.51
N SER DB 147 49.76 -38.27 30.43
CA SER DB 147 50.70 -39.37 30.72
C SER DB 147 50.07 -40.76 30.57
N VAL DB 148 50.84 -41.74 30.10
CA VAL DB 148 50.33 -43.11 29.82
C VAL DB 148 50.46 -44.08 31.00
N THR DB 149 51.41 -43.85 31.91
CA THR DB 149 51.71 -44.74 33.07
C THR DB 149 50.91 -44.42 34.35
N VAL DB 150 50.28 -43.24 34.46
CA VAL DB 150 49.55 -42.78 35.65
C VAL DB 150 48.33 -43.65 36.03
N PRO DB 151 47.39 -44.00 35.13
CA PRO DB 151 46.15 -44.68 35.52
C PRO DB 151 46.30 -46.14 35.98
N VAL DB 152 47.51 -46.71 35.85
CA VAL DB 152 47.88 -48.06 36.35
C VAL DB 152 48.71 -48.03 37.64
N CYS DB 153 48.76 -46.87 38.32
CA CYS DB 153 49.41 -46.65 39.62
C CYS DB 153 48.38 -46.19 40.68
N GLN DB 154 48.67 -46.40 41.97
CA GLN DB 154 47.77 -45.96 43.05
C GLN DB 154 47.77 -44.44 43.29
N GLY DB 155 48.81 -43.74 42.83
CA GLY DB 155 48.90 -42.28 42.93
C GLY DB 155 50.12 -41.73 42.22
N GLU DB 156 50.14 -40.40 42.04
CA GLU DB 156 51.26 -39.65 41.47
C GLU DB 156 51.70 -38.52 42.43
N VAL DB 157 53.00 -38.25 42.48
CA VAL DB 157 53.60 -37.11 43.19
C VAL DB 157 54.39 -36.28 42.20
N VAL DB 158 54.09 -34.98 42.07
CA VAL DB 158 54.64 -34.15 40.98
C VAL DB 158 55.18 -32.82 41.51
N GLY DB 159 56.37 -32.44 41.05
CA GLY DB 159 56.91 -31.09 41.22
C GLY DB 159 57.45 -30.73 42.60
N LEU DB 160 57.53 -31.69 43.53
CA LEU DB 160 58.05 -31.47 44.89
C LEU DB 160 59.59 -31.64 44.98
N GLY DB 161 60.29 -31.59 43.86
CA GLY DB 161 61.74 -31.81 43.80
C GLY DB 161 62.13 -33.21 44.25
N LEU DB 162 63.27 -33.33 44.92
CA LEU DB 162 63.73 -34.61 45.48
C LEU DB 162 62.85 -35.07 46.66
N GLY DB 163 62.05 -34.18 47.27
CA GLY DB 163 61.10 -34.53 48.32
C GLY DB 163 59.97 -35.47 47.87
N GLY DB 164 59.65 -35.52 46.57
CA GLY DB 164 58.58 -36.38 46.07
C GLY DB 164 58.81 -37.88 46.29
N TYR DB 165 60.06 -38.35 46.26
CA TYR DB 165 60.41 -39.73 46.61
C TYR DB 165 60.10 -40.04 48.07
N LEU DB 166 60.33 -39.07 48.98
CA LEU DB 166 60.11 -39.27 50.40
C LEU DB 166 58.61 -39.30 50.72
N ALA DB 167 57.81 -38.48 50.06
CA ALA DB 167 56.36 -38.61 50.13
C ALA DB 167 55.89 -39.97 49.64
N ALA DB 168 56.38 -40.44 48.48
CA ALA DB 168 55.99 -41.73 47.94
C ALA DB 168 56.33 -42.89 48.88
N MET DB 169 57.52 -42.92 49.49
CA MET DB 169 57.84 -43.93 50.51
C MET DB 169 56.90 -43.85 51.71
N GLY DB 170 56.55 -42.64 52.16
CA GLY DB 170 55.56 -42.46 53.23
C GLY DB 170 54.20 -43.02 52.86
N MET DB 171 53.70 -42.71 51.66
CA MET DB 171 52.42 -43.20 51.16
C MET DB 171 52.36 -44.72 51.02
N LEU DB 172 53.49 -45.42 50.84
CA LEU DB 172 53.52 -46.88 50.80
C LEU DB 172 53.59 -47.52 52.20
N VAL DB 173 54.14 -46.83 53.19
CA VAL DB 173 54.11 -47.27 54.59
C VAL DB 173 52.73 -47.07 55.22
N GLU DB 174 52.01 -46.02 54.84
CA GLU DB 174 50.63 -45.71 55.28
C GLU DB 174 49.57 -46.68 54.76
N MET EB 33 -21.52 49.30 82.09
CA MET EB 33 -20.89 49.14 80.76
C MET EB 33 -21.04 50.41 79.93
N LYS EB 34 -19.97 50.83 79.24
CA LYS EB 34 -19.89 52.02 78.38
C LYS EB 34 -19.64 51.63 76.91
N ILE EB 35 -20.54 52.03 76.01
CA ILE EB 35 -20.45 51.78 74.57
C ILE EB 35 -20.18 53.08 73.81
N LEU EB 36 -19.36 53.03 72.76
CA LEU EB 36 -19.14 54.15 71.84
C LEU EB 36 -19.63 53.81 70.44
N VAL EB 37 -20.46 54.67 69.86
CA VAL EB 37 -20.96 54.55 68.47
C VAL EB 37 -20.30 55.61 67.60
N ILE EB 38 -19.63 55.22 66.52
CA ILE EB 38 -18.96 56.12 65.58
C ILE EB 38 -19.60 56.01 64.19
N ASN EB 39 -20.08 57.13 63.67
CA ASN EB 39 -20.62 57.26 62.33
C ASN EB 39 -19.66 58.08 61.43
N GLY EB 40 -19.34 57.56 60.26
CA GLY EB 40 -18.43 58.17 59.29
C GLY EB 40 -19.02 59.35 58.50
N PRO EB 41 -18.36 59.76 57.40
CA PRO EB 41 -18.83 60.84 56.55
C PRO EB 41 -20.18 60.52 55.89
N ASN EB 42 -20.94 61.57 55.58
CA ASN EB 42 -22.27 61.51 54.94
C ASN EB 42 -23.42 60.88 55.74
N ILE EB 43 -23.17 60.16 56.83
CA ILE EB 43 -24.23 59.49 57.61
C ILE EB 43 -25.22 60.49 58.23
N ASN EB 44 -24.79 61.71 58.55
CA ASN EB 44 -25.69 62.75 59.07
C ASN EB 44 -26.76 63.22 58.05
N PHE EB 45 -26.61 62.88 56.77
CA PHE EB 45 -27.57 63.19 55.70
C PHE EB 45 -28.55 62.05 55.39
N LEU EB 46 -28.69 61.03 56.26
CA LEU EB 46 -29.81 60.08 56.17
C LEU EB 46 -31.16 60.81 56.04
N GLY EB 47 -32.02 60.31 55.15
CA GLY EB 47 -33.34 60.90 54.88
C GLY EB 47 -33.33 62.15 54.00
N ILE EB 48 -32.16 62.75 53.76
CA ILE EB 48 -31.92 63.68 52.64
C ILE EB 48 -31.39 62.89 51.45
N PRO EB 56 -38.21 57.80 55.09
CA PRO EB 56 -38.45 59.08 55.74
C PRO EB 56 -37.65 59.29 57.03
N LEU EB 57 -37.09 58.23 57.63
CA LEU EB 57 -36.29 58.34 58.86
C LEU EB 57 -34.97 59.06 58.62
N ASN EB 58 -34.60 59.97 59.53
CA ASN EB 58 -33.38 60.76 59.44
C ASN EB 58 -32.35 60.41 60.52
N TYR EB 59 -31.23 61.13 60.57
CA TYR EB 59 -30.16 60.87 61.55
C TYR EB 59 -30.58 61.12 63.00
N ASP EB 60 -31.45 62.09 63.29
CA ASP EB 60 -31.94 62.31 64.66
C ASP EB 60 -32.84 61.17 65.13
N ASP EB 61 -33.61 60.57 64.23
CA ASP EB 61 -34.40 59.37 64.54
C ASP EB 61 -33.50 58.20 64.92
N LEU EB 62 -32.41 57.97 64.19
CA LEU EB 62 -31.42 56.95 64.51
C LEU EB 62 -30.77 57.19 65.87
N VAL EB 63 -30.36 58.43 66.18
CA VAL EB 63 -29.78 58.74 67.49
C VAL EB 63 -30.77 58.49 68.62
N GLU EB 64 -32.05 58.85 68.45
CA GLU EB 64 -33.07 58.55 69.45
C GLU EB 64 -33.30 57.04 69.63
N MET EB 65 -33.32 56.25 68.56
CA MET EB 65 -33.41 54.78 68.66
C MET EB 65 -32.23 54.19 69.43
N ILE EB 66 -31.00 54.65 69.18
CA ILE EB 66 -29.81 54.18 69.89
C ILE EB 66 -29.86 54.57 71.37
N LYS EB 67 -30.17 55.83 71.70
CA LYS EB 67 -30.25 56.29 73.09
C LYS EB 67 -31.39 55.63 73.88
N GLY EB 68 -32.52 55.34 73.26
CA GLY EB 68 -33.61 54.61 73.89
C GLY EB 68 -33.24 53.16 74.16
N THR EB 69 -32.60 52.50 73.20
CA THR EB 69 -32.15 51.11 73.35
C THR EB 69 -31.10 50.95 74.44
N ALA EB 70 -30.19 51.92 74.59
CA ALA EB 70 -29.19 51.89 75.65
C ALA EB 70 -29.81 51.82 77.06
N LYS EB 71 -30.87 52.60 77.34
CA LYS EB 71 -31.63 52.49 78.59
C LYS EB 71 -32.26 51.11 78.77
N GLY EB 72 -32.82 50.55 77.71
CA GLY EB 72 -33.38 49.20 77.73
C GLY EB 72 -32.36 48.12 78.09
N LEU EB 73 -31.16 48.19 77.53
CA LEU EB 73 -30.05 47.28 77.81
C LEU EB 73 -29.29 47.61 79.11
N LYS EB 74 -29.63 48.71 79.80
CA LYS EB 74 -28.93 49.22 81.00
C LYS EB 74 -27.44 49.51 80.76
N VAL EB 75 -27.11 50.17 79.65
CA VAL EB 75 -25.74 50.60 79.29
C VAL EB 75 -25.66 52.11 79.08
N LYS EB 76 -24.47 52.70 79.26
CA LYS EB 76 -24.20 54.09 78.87
C LYS EB 76 -23.70 54.11 77.42
N VAL EB 77 -24.14 55.07 76.63
CA VAL EB 77 -23.77 55.19 75.21
C VAL EB 77 -23.35 56.62 74.87
N GLU EB 78 -22.30 56.75 74.08
CA GLU EB 78 -21.92 57.99 73.38
C GLU EB 78 -22.08 57.77 71.88
N VAL EB 79 -22.75 58.69 71.18
CA VAL EB 79 -22.90 58.65 69.72
C VAL EB 79 -22.16 59.82 69.08
N PHE EB 80 -21.28 59.56 68.13
CA PHE EB 80 -20.42 60.54 67.49
C PHE EB 80 -20.48 60.43 65.95
N GLN EB 81 -20.45 61.57 65.26
CA GLN EB 81 -20.34 61.62 63.80
C GLN EB 81 -19.36 62.72 63.37
N SER EB 82 -18.56 62.44 62.34
CA SER EB 82 -17.73 63.46 61.69
C SER EB 82 -17.49 63.14 60.22
N ASN EB 83 -17.29 64.19 59.42
CA ASN EB 83 -16.86 64.04 58.02
C ASN EB 83 -15.33 63.94 57.88
N HIS EB 84 -14.55 64.13 58.93
CA HIS EB 84 -13.09 64.11 58.91
C HIS EB 84 -12.53 62.75 59.33
N GLU EB 85 -11.74 62.11 58.46
CA GLU EB 85 -11.03 60.85 58.75
C GLU EB 85 -10.15 60.98 60.00
N GLY EB 86 -9.45 62.09 60.18
CA GLY EB 86 -8.59 62.32 61.35
C GLY EB 86 -9.36 62.49 62.65
N ALA EB 87 -10.58 63.03 62.63
CA ALA EB 87 -11.40 63.17 63.83
C ALA EB 87 -11.91 61.81 64.34
N ILE EB 88 -12.16 60.87 63.43
CA ILE EB 88 -12.49 59.49 63.78
C ILE EB 88 -11.29 58.79 64.43
N ILE EB 89 -10.09 58.95 63.88
CA ILE EB 89 -8.88 58.38 64.46
C ILE EB 89 -8.60 58.99 65.85
N ASP EB 90 -8.78 60.30 66.03
CA ASP EB 90 -8.70 60.91 67.36
C ASP EB 90 -9.73 60.34 68.32
N LYS EB 91 -10.98 60.14 67.90
CA LYS EB 91 -12.04 59.56 68.75
C LYS EB 91 -11.72 58.11 69.13
N LEU EB 92 -11.19 57.29 68.22
CA LEU EB 92 -10.72 55.94 68.54
C LEU EB 92 -9.55 55.95 69.52
N GLN EB 93 -8.59 56.86 69.37
CA GLN EB 93 -7.49 57.01 70.33
C GLN EB 93 -7.99 57.52 71.68
N GLU EB 94 -8.95 58.43 71.73
CA GLU EB 94 -9.57 58.86 72.98
C GLU EB 94 -10.31 57.72 73.69
N ALA EB 95 -10.97 56.82 72.96
CA ALA EB 95 -11.66 55.69 73.54
C ALA EB 95 -10.73 54.79 74.36
N TYR EB 96 -9.51 54.55 73.88
CA TYR EB 96 -8.49 53.77 74.58
C TYR EB 96 -8.11 54.36 75.96
N TYR EB 97 -8.10 55.68 76.09
CA TYR EB 97 -7.81 56.36 77.36
C TYR EB 97 -9.02 56.50 78.29
N ASN EB 98 -10.23 56.15 77.85
CA ASN EB 98 -11.48 56.39 78.58
C ASN EB 98 -12.21 55.11 79.00
N ASP EB 99 -11.57 53.95 78.87
CA ASP EB 99 -12.11 52.64 79.29
C ASP EB 99 -13.49 52.33 78.70
N VAL EB 100 -13.65 52.58 77.40
CA VAL EB 100 -14.81 52.12 76.62
C VAL EB 100 -14.80 50.59 76.54
N ASP EB 101 -15.95 49.96 76.78
CA ASP EB 101 -16.06 48.50 76.85
C ASP EB 101 -16.30 47.85 75.49
N GLY EB 102 -16.83 48.59 74.51
CA GLY EB 102 -17.02 48.10 73.14
C GLY EB 102 -17.40 49.22 72.19
N ILE EB 103 -17.07 49.05 70.91
CA ILE EB 103 -17.24 50.06 69.86
C ILE EB 103 -18.18 49.55 68.76
N VAL EB 104 -19.15 50.37 68.35
CA VAL EB 104 -19.92 50.15 67.13
C VAL EB 104 -19.47 51.17 66.10
N ILE EB 105 -19.08 50.76 64.90
CA ILE EB 105 -18.59 51.69 63.88
C ILE EB 105 -19.26 51.49 62.52
N ASN EB 106 -19.68 52.58 61.89
CA ASN EB 106 -20.14 52.61 60.51
C ASN EB 106 -19.25 53.59 59.72
N PRO EB 107 -18.21 53.12 59.02
CA PRO EB 107 -17.26 54.01 58.36
C PRO EB 107 -17.82 54.76 57.14
N GLY EB 108 -19.01 54.44 56.65
CA GLY EB 108 -19.45 54.91 55.33
C GLY EB 108 -18.48 54.46 54.23
N ALA EB 109 -18.13 55.36 53.31
CA ALA EB 109 -17.24 55.05 52.18
C ALA EB 109 -15.79 54.71 52.58
N PHE EB 110 -15.30 55.13 53.75
CA PHE EB 110 -13.94 54.80 54.22
C PHE EB 110 -13.68 53.29 54.33
N THR EB 111 -14.74 52.49 54.44
CA THR EB 111 -14.73 51.02 54.37
C THR EB 111 -13.96 50.47 53.18
N HIS EB 112 -13.95 51.20 52.07
CA HIS EB 112 -13.44 50.74 50.78
C HIS EB 112 -12.08 51.33 50.40
N TYR EB 113 -11.50 52.21 51.22
CA TYR EB 113 -10.18 52.80 50.94
C TYR EB 113 -9.34 53.29 52.13
N SER EB 114 -9.89 53.53 53.33
CA SER EB 114 -9.12 54.10 54.43
C SER EB 114 -8.27 53.05 55.17
N TYR EB 115 -7.05 52.84 54.69
CA TYR EB 115 -6.08 52.05 55.44
C TYR EB 115 -5.64 52.76 56.73
N ALA EB 116 -5.77 54.08 56.85
CA ALA EB 116 -5.49 54.78 58.10
C ALA EB 116 -6.49 54.42 59.21
N VAL EB 117 -7.78 54.35 58.90
CA VAL EB 117 -8.82 53.96 59.88
C VAL EB 117 -8.73 52.47 60.19
N ARG EB 118 -8.42 51.61 59.22
CA ARG EB 118 -8.09 50.20 59.48
C ARG EB 118 -6.99 50.08 60.52
N ASP EB 119 -5.87 50.74 60.30
CA ASP EB 119 -4.74 50.65 61.21
C ASP EB 119 -5.01 51.32 62.57
N ALA EB 120 -5.89 52.32 62.64
CA ALA EB 120 -6.36 52.85 63.92
C ALA EB 120 -7.15 51.79 64.69
N LEU EB 121 -8.09 51.08 64.05
CA LEU EB 121 -8.82 49.98 64.67
C LEU EB 121 -7.90 48.83 65.07
N ALA EB 122 -6.87 48.52 64.29
CA ALA EB 122 -5.84 47.56 64.68
C ALA EB 122 -5.03 48.00 65.91
N SER EB 123 -4.78 49.30 66.08
CA SER EB 123 -3.97 49.81 67.19
C SER EB 123 -4.65 49.65 68.57
N ILE EB 124 -5.98 49.58 68.62
CA ILE EB 124 -6.77 49.47 69.86
C ILE EB 124 -7.32 48.05 70.08
N ALA EB 125 -6.58 47.02 69.71
CA ALA EB 125 -7.03 45.61 69.69
C ALA EB 125 -7.57 45.03 71.01
N ALA EB 126 -7.29 45.65 72.15
CA ALA EB 126 -7.86 45.26 73.45
C ALA EB 126 -9.39 45.47 73.55
N ILE EB 127 -9.97 46.32 72.70
CA ILE EB 127 -11.39 46.70 72.74
C ILE EB 127 -12.15 45.96 71.62
N PRO EB 128 -13.28 45.29 71.91
CA PRO EB 128 -14.09 44.64 70.89
C PRO EB 128 -14.86 45.66 70.04
N LYS EB 129 -14.90 45.47 68.72
CA LYS EB 129 -15.62 46.35 67.79
C LYS EB 129 -16.51 45.57 66.83
N ILE EB 130 -17.69 46.11 66.55
CA ILE EB 130 -18.62 45.63 65.53
C ILE EB 130 -18.74 46.67 64.41
N GLU EB 131 -18.60 46.25 63.16
CA GLU EB 131 -18.82 47.12 62.01
C GLU EB 131 -20.25 47.03 61.48
N VAL EB 132 -20.86 48.15 61.10
CA VAL EB 132 -22.26 48.24 60.68
C VAL EB 132 -22.40 48.89 59.31
N HIS EB 133 -23.21 48.32 58.42
CA HIS EB 133 -23.66 48.96 57.18
C HIS EB 133 -25.18 48.95 57.03
N ILE EB 134 -25.75 50.12 56.75
CA ILE EB 134 -27.21 50.30 56.64
C ILE EB 134 -27.75 49.61 55.39
N SER EB 135 -27.13 49.88 54.24
CA SER EB 135 -27.45 49.25 52.95
C SER EB 135 -26.52 48.07 52.64
N ASN EB 136 -26.87 47.27 51.63
CA ASN EB 136 -26.21 46.01 51.27
C ASN EB 136 -24.86 46.22 50.52
N VAL EB 137 -23.92 46.99 51.11
CA VAL EB 137 -22.73 47.53 50.40
C VAL EB 137 -21.91 46.49 49.62
N THR EB 146 -15.47 44.54 48.22
CA THR EB 146 -14.52 44.09 49.25
C THR EB 146 -14.11 45.27 50.15
N SER EB 147 -13.84 45.00 51.43
CA SER EB 147 -13.72 46.01 52.50
C SER EB 147 -12.42 45.88 53.28
N VAL EB 148 -11.80 47.01 53.65
CA VAL EB 148 -10.48 47.03 54.34
C VAL EB 148 -10.58 46.99 55.88
N THR EB 149 -11.69 47.43 56.46
CA THR EB 149 -11.90 47.55 57.93
C THR EB 149 -12.50 46.30 58.61
N VAL EB 150 -13.10 45.37 57.85
CA VAL EB 150 -13.77 44.18 58.42
C VAL EB 150 -12.84 43.23 59.19
N PRO EB 151 -11.65 42.81 58.69
CA PRO EB 151 -10.88 41.75 59.34
C PRO EB 151 -10.22 42.16 60.67
N VAL EB 152 -10.23 43.45 61.02
CA VAL EB 152 -9.74 43.97 62.32
C VAL EB 152 -10.85 44.16 63.37
N CYS EB 153 -12.05 43.64 63.10
CA CYS EB 153 -13.24 43.73 63.97
C CYS EB 153 -13.77 42.34 64.36
N GLN EB 154 -14.51 42.25 65.47
CA GLN EB 154 -15.09 40.98 65.95
C GLN EB 154 -16.32 40.52 65.15
N GLY EB 155 -16.94 41.39 64.36
CA GLY EB 155 -18.06 41.02 63.48
C GLY EB 155 -18.54 42.18 62.61
N GLU EB 156 -19.35 41.87 61.60
CA GLU EB 156 -20.04 42.83 60.76
C GLU EB 156 -21.55 42.57 60.72
N VAL EB 157 -22.35 43.62 60.69
CA VAL EB 157 -23.81 43.57 60.49
C VAL EB 157 -24.15 44.39 59.26
N VAL EB 158 -24.76 43.79 58.23
CA VAL EB 158 -24.93 44.43 56.92
C VAL EB 158 -26.35 44.30 56.39
N GLY EB 159 -26.90 45.39 55.86
CA GLY EB 159 -28.15 45.39 55.09
C GLY EB 159 -29.44 45.30 55.91
N LEU EB 160 -29.36 45.36 57.23
CA LEU EB 160 -30.53 45.34 58.13
C LEU EB 160 -31.12 46.74 58.40
N GLY EB 161 -30.76 47.75 57.61
CA GLY EB 161 -31.22 49.13 57.81
C GLY EB 161 -30.76 49.72 59.14
N LEU EB 162 -31.59 50.56 59.75
CA LEU EB 162 -31.28 51.13 61.07
C LEU EB 162 -31.31 50.07 62.18
N GLY EB 163 -31.90 48.90 61.95
CA GLY EB 163 -31.86 47.77 62.88
C GLY EB 163 -30.47 47.20 63.12
N GLY EB 164 -29.51 47.40 62.20
CA GLY EB 164 -28.16 46.86 62.33
C GLY EB 164 -27.40 47.37 63.55
N TYR EB 165 -27.62 48.62 63.95
CA TYR EB 165 -27.05 49.19 65.18
C TYR EB 165 -27.56 48.48 66.44
N LEU EB 166 -28.82 48.07 66.45
CA LEU EB 166 -29.43 47.44 67.63
C LEU EB 166 -28.89 46.02 67.80
N ALA EB 167 -28.72 45.27 66.71
CA ALA EB 167 -28.01 44.00 66.76
C ALA EB 167 -26.58 44.17 67.26
N ALA EB 168 -25.82 45.15 66.75
CA ALA EB 168 -24.45 45.38 67.18
C ALA EB 168 -24.33 45.67 68.68
N MET EB 169 -25.23 46.48 69.25
CA MET EB 169 -25.27 46.68 70.70
C MET EB 169 -25.60 45.38 71.44
N GLY EB 170 -26.56 44.60 70.97
CA GLY EB 170 -26.86 43.29 71.54
C GLY EB 170 -25.65 42.35 71.53
N MET EB 171 -24.93 42.27 70.41
CA MET EB 171 -23.71 41.47 70.29
C MET EB 171 -22.59 41.91 71.22
N LEU EB 172 -22.54 43.18 71.66
CA LEU EB 172 -21.56 43.64 72.64
C LEU EB 172 -22.00 43.42 74.09
N VAL EB 173 -23.30 43.38 74.37
CA VAL EB 173 -23.82 43.02 75.69
C VAL EB 173 -23.70 41.52 75.96
N GLU EB 174 -23.78 40.69 74.92
CA GLU EB 174 -23.57 39.23 74.96
C GLU EB 174 -22.10 38.82 75.12
N MET FB 33 39.37 54.00 -71.82
CA MET FB 33 38.58 52.86 -71.31
C MET FB 33 37.30 52.68 -72.14
N LYS FB 34 36.93 51.44 -72.47
CA LYS FB 34 35.74 51.05 -73.24
C LYS FB 34 34.79 50.21 -72.40
N ILE FB 35 33.53 50.65 -72.25
CA ILE FB 35 32.47 49.96 -71.49
C ILE FB 35 31.41 49.41 -72.45
N LEU FB 36 30.85 48.23 -72.14
CA LEU FB 36 29.70 47.67 -72.85
C LEU FB 36 28.50 47.53 -71.92
N VAL FB 37 27.35 48.08 -72.31
CA VAL FB 37 26.10 47.96 -71.56
C VAL FB 37 25.14 47.04 -72.32
N ILE FB 38 24.67 45.98 -71.68
CA ILE FB 38 23.76 44.99 -72.26
C ILE FB 38 22.43 45.00 -71.52
N ASN FB 39 21.34 45.25 -72.23
CA ASN FB 39 19.97 45.19 -71.74
C ASN FB 39 19.24 43.96 -72.32
N GLY FB 40 18.58 43.19 -71.46
CA GLY FB 40 17.86 41.98 -71.84
C GLY FB 40 16.49 42.22 -72.49
N PRO FB 41 15.64 41.18 -72.55
CA PRO FB 41 14.31 41.28 -73.14
C PRO FB 41 13.41 42.24 -72.36
N ASN FB 42 12.42 42.82 -73.03
CA ASN FB 42 11.42 43.77 -72.50
C ASN FB 42 11.94 45.15 -72.04
N ILE FB 43 13.24 45.35 -71.86
CA ILE FB 43 13.78 46.63 -71.35
C ILE FB 43 13.51 47.79 -72.31
N ASN FB 44 13.42 47.55 -73.62
CA ASN FB 44 13.04 48.58 -74.59
C ASN FB 44 11.61 49.13 -74.42
N PHE FB 45 10.76 48.47 -73.62
CA PHE FB 45 9.40 48.91 -73.30
C PHE FB 45 9.29 49.64 -71.94
N LEU FB 46 10.39 50.07 -71.33
CA LEU FB 46 10.34 51.07 -70.25
C LEU FB 46 9.47 52.28 -70.65
N GLY FB 47 8.62 52.74 -69.74
CA GLY FB 47 7.69 53.85 -69.98
C GLY FB 47 6.42 53.46 -70.76
N ILE FB 48 6.33 52.22 -71.24
CA ILE FB 48 5.09 51.60 -71.75
C ILE FB 48 4.61 50.56 -70.74
N PRO FB 56 7.27 58.46 -66.32
CA PRO FB 56 7.24 58.93 -67.70
C PRO FB 56 8.54 58.69 -68.48
N LEU FB 57 9.67 58.36 -67.82
CA LEU FB 57 10.93 58.10 -68.50
C LEU FB 57 10.88 56.80 -69.30
N ASN FB 58 11.42 56.83 -70.52
CA ASN FB 58 11.45 55.69 -71.43
C ASN FB 58 12.88 55.20 -71.73
N TYR FB 59 13.02 54.21 -72.60
CA TYR FB 59 14.32 53.62 -72.93
C TYR FB 59 15.28 54.61 -73.60
N ASP FB 60 14.81 55.52 -74.47
CA ASP FB 60 15.69 56.51 -75.09
C ASP FB 60 16.23 57.53 -74.07
N ASP FB 61 15.47 57.85 -73.03
CA ASP FB 61 15.95 58.69 -71.93
C ASP FB 61 17.10 58.02 -71.16
N LEU FB 62 16.98 56.72 -70.88
CA LEU FB 62 18.03 55.92 -70.26
C LEU FB 62 19.29 55.87 -71.13
N VAL FB 63 19.16 55.68 -72.44
CA VAL FB 63 20.31 55.69 -73.35
C VAL FB 63 21.01 57.05 -73.36
N GLU FB 64 20.27 58.16 -73.37
CA GLU FB 64 20.87 59.50 -73.31
C GLU FB 64 21.56 59.74 -71.96
N MET FB 65 20.98 59.31 -70.84
CA MET FB 65 21.64 59.41 -69.53
C MET FB 65 22.95 58.62 -69.48
N ILE FB 66 23.00 57.40 -70.03
CA ILE FB 66 24.22 56.60 -70.09
C ILE FB 66 25.26 57.27 -70.99
N LYS FB 67 24.90 57.69 -72.21
CA LYS FB 67 25.84 58.34 -73.14
C LYS FB 67 26.37 59.68 -72.62
N GLY FB 68 25.55 60.47 -71.95
CA GLY FB 68 26.00 61.72 -71.33
C GLY FB 68 26.95 61.47 -70.15
N THR FB 69 26.65 60.49 -69.30
CA THR FB 69 27.53 60.11 -68.19
C THR FB 69 28.87 59.56 -68.67
N ALA FB 70 28.90 58.83 -69.79
CA ALA FB 70 30.14 58.33 -70.38
C ALA FB 70 31.12 59.47 -70.74
N LYS FB 71 30.63 60.54 -71.37
CA LYS FB 71 31.45 61.75 -71.61
C LYS FB 71 31.95 62.37 -70.31
N GLY FB 72 31.09 62.46 -69.31
CA GLY FB 72 31.45 62.97 -67.99
C GLY FB 72 32.58 62.18 -67.32
N LEU FB 73 32.51 60.85 -67.35
CA LEU FB 73 33.54 59.96 -66.81
C LEU FB 73 34.76 59.78 -67.75
N LYS FB 74 34.75 60.39 -68.94
CA LYS FB 74 35.80 60.25 -69.97
C LYS FB 74 36.03 58.80 -70.43
N VAL FB 75 34.95 58.06 -70.65
CA VAL FB 75 34.96 56.67 -71.17
C VAL FB 75 34.19 56.55 -72.47
N LYS FB 76 34.55 55.60 -73.33
CA LYS FB 76 33.73 55.21 -74.49
C LYS FB 76 32.70 54.17 -74.06
N VAL FB 77 31.48 54.25 -74.56
CA VAL FB 77 30.41 53.30 -74.21
C VAL FB 77 29.67 52.79 -75.44
N GLU FB 78 29.37 51.50 -75.46
CA GLU FB 78 28.41 50.89 -76.39
C GLU FB 78 27.19 50.40 -75.61
N VAL FB 79 25.98 50.74 -76.06
CA VAL FB 79 24.73 50.30 -75.43
C VAL FB 79 23.97 49.39 -76.39
N PHE FB 80 23.61 48.19 -75.94
CA PHE FB 80 22.98 47.14 -76.73
C PHE FB 80 21.73 46.58 -76.03
N GLN FB 81 20.68 46.29 -76.80
CA GLN FB 81 19.49 45.59 -76.31
C GLN FB 81 19.01 44.56 -77.32
N SER FB 82 18.59 43.38 -76.86
CA SER FB 82 17.89 42.40 -77.70
C SER FB 82 16.92 41.56 -76.89
N ASN FB 83 15.85 41.08 -77.54
CA ASN FB 83 14.93 40.11 -76.96
C ASN FB 83 15.40 38.65 -77.09
N HIS FB 84 16.46 38.37 -77.86
CA HIS FB 84 16.96 37.03 -78.10
C HIS FB 84 18.10 36.66 -77.13
N GLU FB 85 17.93 35.58 -76.36
CA GLU FB 85 18.96 35.04 -75.46
C GLU FB 85 20.27 34.74 -76.20
N GLY FB 86 20.20 34.19 -77.41
CA GLY FB 86 21.38 33.89 -78.22
C GLY FB 86 22.13 35.12 -78.72
N ALA FB 87 21.45 36.24 -78.99
CA ALA FB 87 22.10 37.46 -79.42
C ALA FB 87 22.89 38.11 -78.28
N ILE FB 88 22.43 37.96 -77.04
CA ILE FB 88 23.17 38.39 -75.85
C ILE FB 88 24.45 37.56 -75.71
N ILE FB 89 24.36 36.23 -75.84
CA ILE FB 89 25.54 35.36 -75.77
C ILE FB 89 26.53 35.67 -76.90
N ASP FB 90 26.06 35.92 -78.13
CA ASP FB 90 26.94 36.39 -79.21
C ASP FB 90 27.63 37.71 -78.87
N LYS FB 91 26.91 38.67 -78.28
CA LYS FB 91 27.46 39.98 -77.89
C LYS FB 91 28.51 39.84 -76.77
N LEU FB 92 28.29 38.98 -75.78
CA LEU FB 92 29.30 38.68 -74.76
C LEU FB 92 30.54 38.00 -75.35
N GLN FB 93 30.38 37.07 -76.30
CA GLN FB 93 31.51 36.44 -76.97
C GLN FB 93 32.25 37.43 -77.88
N GLU FB 94 31.56 38.36 -78.53
CA GLU FB 94 32.19 39.42 -79.29
C GLU FB 94 33.00 40.37 -78.40
N ALA FB 95 32.52 40.69 -77.20
CA ALA FB 95 33.21 41.57 -76.27
C ALA FB 95 34.60 41.06 -75.89
N TYR FB 96 34.75 39.73 -75.73
CA TYR FB 96 36.04 39.10 -75.45
C TYR FB 96 37.07 39.31 -76.57
N TYR FB 97 36.64 39.33 -77.84
CA TYR FB 97 37.53 39.58 -78.98
C TYR FB 97 37.81 41.07 -79.25
N ASN FB 98 37.10 41.98 -78.59
CA ASN FB 98 37.15 43.42 -78.85
C ASN FB 98 37.75 44.24 -77.71
N ASP FB 99 38.38 43.59 -76.73
CA ASP FB 99 39.09 44.22 -75.61
C ASP FB 99 38.23 45.22 -74.81
N VAL FB 100 36.97 44.87 -74.56
CA VAL FB 100 36.09 45.61 -73.64
C VAL FB 100 36.68 45.57 -72.22
N ASP FB 101 36.71 46.71 -71.53
CA ASP FB 101 37.35 46.83 -70.22
C ASP FB 101 36.41 46.48 -69.05
N GLY FB 102 35.10 46.60 -69.23
CA GLY FB 102 34.10 46.23 -68.24
C GLY FB 102 32.69 46.17 -68.83
N ILE FB 103 31.82 45.36 -68.23
CA ILE FB 103 30.46 45.10 -68.73
C ILE FB 103 29.43 45.48 -67.67
N VAL FB 104 28.39 46.21 -68.07
CA VAL FB 104 27.19 46.43 -67.25
C VAL FB 104 26.05 45.64 -67.88
N ILE FB 105 25.38 44.76 -67.13
CA ILE FB 105 24.32 43.92 -67.68
C ILE FB 105 23.04 43.95 -66.85
N ASN FB 106 21.91 44.14 -67.52
CA ASN FB 106 20.58 43.99 -66.94
C ASN FB 106 19.85 42.86 -67.68
N PRO FB 107 19.86 41.62 -67.18
CA PRO FB 107 19.31 40.49 -67.91
C PRO FB 107 17.80 40.49 -68.09
N GLY FB 108 17.05 41.35 -67.39
CA GLY FB 108 15.60 41.17 -67.26
C GLY FB 108 15.27 39.82 -66.60
N ALA FB 109 14.23 39.15 -67.08
CA ALA FB 109 13.76 37.88 -66.54
C ALA FB 109 14.78 36.72 -66.61
N PHE FB 110 15.75 36.74 -67.54
CA PHE FB 110 16.80 35.71 -67.65
C PHE FB 110 17.62 35.53 -66.37
N THR FB 111 17.63 36.52 -65.49
CA THR FB 111 18.20 36.48 -64.14
C THR FB 111 17.74 35.27 -63.33
N HIS FB 112 16.51 34.81 -63.57
CA HIS FB 112 15.82 33.82 -62.75
C HIS FB 112 15.77 32.41 -63.36
N TYR FB 113 16.27 32.23 -64.60
CA TYR FB 113 16.24 30.92 -65.27
C TYR FB 113 17.31 30.65 -66.34
N SER FB 114 18.01 31.64 -66.90
CA SER FB 114 18.96 31.40 -67.99
C SER FB 114 20.32 30.91 -67.49
N TYR FB 115 20.46 29.60 -67.33
CA TYR FB 115 21.77 29.00 -67.07
C TYR FB 115 22.72 29.15 -68.28
N ALA FB 116 22.20 29.36 -69.49
CA ALA FB 116 23.04 29.63 -70.64
C ALA FB 116 23.74 30.99 -70.56
N VAL FB 117 23.03 32.06 -70.17
CA VAL FB 117 23.63 33.39 -69.96
C VAL FB 117 24.56 33.40 -68.75
N ARG FB 118 24.24 32.67 -67.68
CA ARG FB 118 25.17 32.45 -66.56
C ARG FB 118 26.49 31.87 -67.06
N ASP FB 119 26.43 30.76 -67.79
CA ASP FB 119 27.64 30.10 -68.28
C ASP FB 119 28.38 30.91 -69.35
N ALA FB 120 27.69 31.76 -70.11
CA ALA FB 120 28.33 32.71 -71.00
C ALA FB 120 29.16 33.74 -70.22
N LEU FB 121 28.59 34.34 -69.18
CA LEU FB 121 29.30 35.27 -68.30
C LEU FB 121 30.47 34.58 -67.57
N ALA FB 122 30.32 33.32 -67.17
CA ALA FB 122 31.42 32.54 -66.60
C ALA FB 122 32.54 32.26 -67.62
N SER FB 123 32.23 32.12 -68.92
CA SER FB 123 33.25 31.86 -69.95
C SER FB 123 34.18 33.04 -70.20
N ILE FB 124 33.83 34.26 -69.78
CA ILE FB 124 34.64 35.48 -69.98
C ILE FB 124 35.13 36.09 -68.67
N ALA FB 125 35.52 35.25 -67.72
CA ALA FB 125 35.96 35.63 -66.37
C ALA FB 125 37.10 36.67 -66.29
N ALA FB 126 37.85 36.88 -67.37
CA ALA FB 126 38.88 37.91 -67.46
C ALA FB 126 38.33 39.35 -67.43
N ILE FB 127 37.05 39.56 -67.72
CA ILE FB 127 36.43 40.90 -67.81
C ILE FB 127 35.55 41.13 -66.57
N PRO FB 128 35.67 42.26 -65.87
CA PRO FB 128 34.79 42.59 -64.75
C PRO FB 128 33.38 42.95 -65.23
N LYS FB 129 32.35 42.44 -64.56
CA LYS FB 129 30.94 42.73 -64.88
C LYS FB 129 30.14 43.12 -63.64
N ILE FB 130 29.24 44.09 -63.80
CA ILE FB 130 28.27 44.50 -62.77
C ILE FB 130 26.85 44.18 -63.28
N GLU FB 131 26.06 43.48 -62.47
CA GLU FB 131 24.65 43.24 -62.77
C GLU FB 131 23.74 44.36 -62.24
N VAL FB 132 22.72 44.76 -63.00
CA VAL FB 132 21.83 45.89 -62.66
C VAL FB 132 20.36 45.49 -62.73
N HIS FB 133 19.56 45.87 -61.73
CA HIS FB 133 18.09 45.79 -61.77
C HIS FB 133 17.43 47.12 -61.39
N ILE FB 134 16.48 47.57 -62.20
CA ILE FB 134 15.81 48.86 -62.04
C ILE FB 134 14.87 48.85 -60.83
N SER FB 135 14.02 47.84 -60.73
CA SER FB 135 13.14 47.60 -59.58
C SER FB 135 13.70 46.54 -58.63
N ASN FB 136 13.13 46.44 -57.43
CA ASN FB 136 13.63 45.62 -56.30
C ASN FB 136 13.37 44.11 -56.48
N VAL FB 137 13.82 43.50 -57.58
CA VAL FB 137 13.40 42.16 -58.04
C VAL FB 137 13.48 41.05 -56.98
N THR FB 146 15.68 34.53 -55.80
CA THR FB 146 17.09 34.10 -55.94
C THR FB 146 17.47 34.06 -57.44
N SER FB 147 18.75 34.31 -57.76
CA SER FB 147 19.20 34.65 -59.12
C SER FB 147 20.38 33.79 -59.58
N VAL FB 148 20.38 33.37 -60.85
CA VAL FB 148 21.42 32.47 -61.40
C VAL FB 148 22.66 33.21 -61.92
N THR FB 149 22.52 34.47 -62.34
CA THR FB 149 23.60 35.28 -62.94
C THR FB 149 24.45 36.08 -61.94
N VAL FB 150 23.99 36.26 -60.69
CA VAL FB 150 24.70 37.05 -59.65
C VAL FB 150 26.09 36.51 -59.28
N PRO FB 151 26.29 35.22 -58.95
CA PRO FB 151 27.56 34.76 -58.39
C PRO FB 151 28.73 34.73 -59.39
N VAL FB 152 28.45 34.85 -60.69
CA VAL FB 152 29.47 34.93 -61.76
C VAL FB 152 29.84 36.39 -62.12
N CYS FB 153 29.37 37.38 -61.34
CA CYS FB 153 29.62 38.81 -61.52
C CYS FB 153 30.35 39.42 -60.31
N GLN FB 154 31.05 40.55 -60.53
CA GLN FB 154 31.84 41.22 -59.49
C GLN FB 154 31.03 42.23 -58.64
N GLY FB 155 29.72 42.34 -58.87
CA GLY FB 155 28.80 43.13 -58.05
C GLY FB 155 27.38 43.16 -58.63
N GLU FB 156 26.41 43.51 -57.80
CA GLU FB 156 25.02 43.76 -58.20
C GLU FB 156 24.51 45.10 -57.66
N VAL FB 157 23.74 45.84 -58.45
CA VAL FB 157 23.07 47.09 -58.05
C VAL FB 157 21.58 46.94 -58.28
N VAL FB 158 20.77 47.07 -57.25
CA VAL FB 158 19.34 46.71 -57.29
C VAL FB 158 18.45 47.80 -56.72
N GLY FB 159 17.36 48.13 -57.42
CA GLY FB 159 16.28 48.95 -56.89
C GLY FB 159 16.52 50.47 -56.87
N LEU FB 160 17.63 50.94 -57.44
CA LEU FB 160 17.95 52.38 -57.51
C LEU FB 160 17.37 53.08 -58.76
N GLY FB 161 16.40 52.48 -59.43
CA GLY FB 161 15.82 53.03 -60.64
C GLY FB 161 16.82 53.10 -61.80
N LEU FB 162 16.70 54.10 -62.66
CA LEU FB 162 17.66 54.35 -63.73
C LEU FB 162 19.03 54.79 -63.19
N GLY FB 163 19.11 55.21 -61.93
CA GLY FB 163 20.39 55.53 -61.27
C GLY FB 163 21.31 54.33 -61.09
N GLY FB 164 20.81 53.10 -61.10
CA GLY FB 164 21.63 51.90 -60.92
C GLY FB 164 22.70 51.72 -62.00
N TYR FB 165 22.42 52.11 -63.24
CA TYR FB 165 23.40 52.10 -64.32
C TYR FB 165 24.55 53.07 -64.07
N LEU FB 166 24.28 54.22 -63.45
CA LEU FB 166 25.29 55.25 -63.18
C LEU FB 166 26.22 54.81 -62.05
N ALA FB 167 25.69 54.17 -61.01
CA ALA FB 167 26.54 53.53 -60.01
C ALA FB 167 27.40 52.42 -60.62
N ALA FB 168 26.84 51.57 -61.47
CA ALA FB 168 27.59 50.48 -62.10
C ALA FB 168 28.75 50.99 -62.96
N MET FB 169 28.57 52.08 -63.73
CA MET FB 169 29.68 52.70 -64.45
C MET FB 169 30.73 53.28 -63.50
N GLY FB 170 30.32 53.94 -62.42
CA GLY FB 170 31.24 54.42 -61.39
C GLY FB 170 32.07 53.28 -60.78
N MET FB 171 31.44 52.17 -60.42
CA MET FB 171 32.13 51.00 -59.87
C MET FB 171 33.12 50.35 -60.84
N LEU FB 172 32.98 50.53 -62.15
CA LEU FB 172 33.95 50.03 -63.14
C LEU FB 172 35.10 51.00 -63.37
N VAL FB 173 34.90 52.31 -63.22
CA VAL FB 173 35.99 53.30 -63.28
C VAL FB 173 36.86 53.24 -62.04
N GLU FB 174 36.28 52.93 -60.88
CA GLU FB 174 36.97 52.78 -59.59
C GLU FB 174 37.88 51.54 -59.51
N MET GB 33 24.77 -41.57 85.19
CA MET GB 33 25.06 -40.74 84.00
C MET GB 33 25.87 -39.52 84.39
N LYS GB 34 26.90 -39.17 83.61
CA LYS GB 34 27.79 -38.00 83.78
C LYS GB 34 27.61 -37.00 82.62
N ILE GB 35 27.30 -35.75 82.93
CA ILE GB 35 27.11 -34.66 81.96
C ILE GB 35 28.24 -33.64 82.09
N LEU GB 36 28.70 -33.08 80.99
CA LEU GB 36 29.64 -31.95 80.96
C LEU GB 36 29.00 -30.71 80.33
N VAL GB 37 29.01 -29.59 81.04
CA VAL GB 37 28.50 -28.30 80.55
C VAL GB 37 29.67 -27.37 80.28
N ILE GB 38 29.79 -26.87 79.04
CA ILE GB 38 30.87 -25.98 78.60
C ILE GB 38 30.30 -24.62 78.21
N ASN GB 39 30.78 -23.56 78.87
CA ASN GB 39 30.46 -22.18 78.56
C ASN GB 39 31.66 -21.46 77.92
N GLY GB 40 31.44 -20.76 76.82
CA GLY GB 40 32.46 -20.06 76.06
C GLY GB 40 32.91 -18.72 76.65
N PRO GB 41 33.61 -17.89 75.86
CA PRO GB 41 34.05 -16.57 76.30
C PRO GB 41 32.87 -15.65 76.64
N ASN GB 42 33.11 -14.69 77.54
CA ASN GB 42 32.13 -13.69 78.00
C ASN GB 42 30.93 -14.20 78.81
N ILE GB 43 30.61 -15.49 78.83
CA ILE GB 43 29.43 -16.02 79.55
C ILE GB 43 29.50 -15.77 81.07
N ASN GB 44 30.70 -15.71 81.66
CA ASN GB 44 30.88 -15.38 83.07
C ASN GB 44 30.43 -13.96 83.44
N PHE GB 45 30.23 -13.08 82.46
CA PHE GB 45 29.75 -11.70 82.65
C PHE GB 45 28.23 -11.56 82.44
N LEU GB 46 27.45 -12.63 82.42
CA LEU GB 46 25.97 -12.54 82.56
C LEU GB 46 25.59 -11.66 83.75
N GLY GB 47 24.58 -10.80 83.57
CA GLY GB 47 24.11 -9.86 84.59
C GLY GB 47 25.00 -8.62 84.78
N ILE GB 48 26.17 -8.57 84.14
CA ILE GB 48 26.99 -7.36 83.96
C ILE GB 48 26.82 -6.86 82.52
N PRO GB 56 18.58 -9.32 86.10
CA PRO GB 56 19.36 -9.30 87.33
C PRO GB 56 20.08 -10.63 87.63
N LEU GB 57 19.74 -11.73 86.96
CA LEU GB 57 20.38 -13.03 87.15
C LEU GB 57 21.83 -13.01 86.63
N ASN GB 58 22.76 -13.62 87.37
CA ASN GB 58 24.18 -13.67 87.02
C ASN GB 58 24.66 -15.10 86.74
N TYR GB 59 25.96 -15.26 86.47
CA TYR GB 59 26.54 -16.56 86.16
C TYR GB 59 26.48 -17.56 87.35
N ASP GB 60 26.61 -17.10 88.59
CA ASP GB 60 26.49 -17.98 89.75
C ASP GB 60 25.05 -18.49 89.93
N ASP GB 61 24.05 -17.68 89.61
CA ASP GB 61 22.65 -18.13 89.61
C ASP GB 61 22.42 -19.25 88.59
N LEU GB 62 22.97 -19.11 87.39
CA LEU GB 62 22.93 -20.15 86.36
C LEU GB 62 23.63 -21.43 86.82
N VAL GB 63 24.82 -21.33 87.43
CA VAL GB 63 25.51 -22.52 87.94
C VAL GB 63 24.69 -23.21 89.02
N GLU GB 64 24.06 -22.48 89.94
CA GLU GB 64 23.21 -23.10 90.96
C GLU GB 64 21.96 -23.76 90.35
N MET GB 65 21.31 -23.16 89.35
CA MET GB 65 20.19 -23.79 88.66
C MET GB 65 20.60 -25.10 87.96
N ILE GB 66 21.78 -25.15 87.33
CA ILE GB 66 22.29 -26.36 86.68
C ILE GB 66 22.61 -27.45 87.72
N LYS GB 67 23.36 -27.11 88.78
CA LYS GB 67 23.70 -28.07 89.84
C LYS GB 67 22.48 -28.59 90.59
N GLY GB 68 21.48 -27.75 90.85
CA GLY GB 68 20.21 -28.16 91.45
C GLY GB 68 19.40 -29.07 90.55
N THR GB 69 19.31 -28.77 89.25
CA THR GB 69 18.60 -29.61 88.29
C THR GB 69 19.26 -30.98 88.10
N ALA GB 70 20.59 -31.07 88.16
CA ALA GB 70 21.29 -32.34 88.06
C ALA GB 70 20.88 -33.32 89.18
N LYS GB 71 20.77 -32.86 90.44
CA LYS GB 71 20.22 -33.68 91.53
C LYS GB 71 18.79 -34.12 91.28
N GLY GB 72 17.96 -33.24 90.74
CA GLY GB 72 16.59 -33.55 90.36
C GLY GB 72 16.49 -34.67 89.32
N LEU GB 73 17.28 -34.60 88.26
CA LEU GB 73 17.38 -35.63 87.22
C LEU GB 73 18.19 -36.86 87.64
N LYS GB 74 18.78 -36.87 88.84
CA LYS GB 74 19.66 -37.93 89.35
C LYS GB 74 20.88 -38.22 88.45
N VAL GB 75 21.56 -37.17 88.00
CA VAL GB 75 22.78 -37.22 87.18
C VAL GB 75 23.93 -36.46 87.85
N LYS GB 76 25.17 -36.83 87.53
CA LYS GB 76 26.36 -36.02 87.89
C LYS GB 76 26.64 -34.98 86.82
N VAL GB 77 27.04 -33.78 87.21
CA VAL GB 77 27.36 -32.69 86.28
C VAL GB 77 28.67 -32.01 86.63
N GLU GB 78 29.48 -31.69 85.62
CA GLU GB 78 30.60 -30.76 85.71
C GLU GB 78 30.29 -29.52 84.89
N VAL GB 79 30.48 -28.33 85.45
CA VAL GB 79 30.27 -27.06 84.75
C VAL GB 79 31.61 -26.33 84.61
N PHE GB 80 31.96 -25.95 83.39
CA PHE GB 80 33.23 -25.34 83.03
C PHE GB 80 33.03 -24.07 82.19
N GLN GB 81 33.85 -23.06 82.41
CA GLN GB 81 33.89 -21.85 81.58
C GLN GB 81 35.32 -21.40 81.34
N SER GB 82 35.64 -20.94 80.13
CA SER GB 82 36.91 -20.28 79.85
C SER GB 82 36.80 -19.26 78.72
N ASN GB 83 37.61 -18.21 78.77
CA ASN GB 83 37.75 -17.25 77.68
C ASN GB 83 38.73 -17.70 76.59
N HIS GB 84 39.47 -18.79 76.77
CA HIS GB 84 40.44 -19.29 75.79
C HIS GB 84 39.85 -20.37 74.88
N GLU GB 85 39.92 -20.18 73.56
CA GLU GB 85 39.49 -21.18 72.57
C GLU GB 85 40.22 -22.52 72.76
N GLY GB 86 41.53 -22.49 73.01
CA GLY GB 86 42.33 -23.70 73.21
C GLY GB 86 41.98 -24.47 74.48
N ALA GB 87 41.53 -23.80 75.55
CA ALA GB 87 41.16 -24.47 76.78
C ALA GB 87 39.83 -25.24 76.63
N ILE GB 88 38.92 -24.77 75.79
CA ILE GB 88 37.70 -25.49 75.43
C ILE GB 88 38.03 -26.74 74.63
N ILE GB 89 38.94 -26.66 73.66
CA ILE GB 89 39.39 -27.83 72.89
C ILE GB 89 40.08 -28.85 73.80
N ASP GB 90 40.93 -28.42 74.74
CA ASP GB 90 41.50 -29.30 75.75
C ASP GB 90 40.43 -29.98 76.63
N LYS GB 91 39.39 -29.26 77.05
CA LYS GB 91 38.28 -29.81 77.84
C LYS GB 91 37.47 -30.84 77.04
N LEU GB 92 37.20 -30.60 75.76
CA LEU GB 92 36.54 -31.57 74.89
C LEU GB 92 37.38 -32.83 74.68
N GLN GB 93 38.69 -32.69 74.48
CA GLN GB 93 39.60 -33.83 74.39
C GLN GB 93 39.70 -34.58 75.72
N GLU GB 94 39.74 -33.89 76.85
CA GLU GB 94 39.73 -34.54 78.17
C GLU GB 94 38.44 -35.35 78.39
N ALA GB 95 37.29 -34.84 77.95
CA ALA GB 95 36.01 -35.54 78.08
C ALA GB 95 36.01 -36.92 77.42
N TYR GB 96 36.65 -37.05 76.26
CA TYR GB 96 36.77 -38.32 75.54
C TYR GB 96 37.52 -39.40 76.32
N TYR GB 97 38.49 -39.02 77.14
CA TYR GB 97 39.22 -39.94 78.02
C TYR GB 97 38.54 -40.21 79.37
N ASN GB 98 37.45 -39.50 79.69
CA ASN GB 98 36.80 -39.55 81.01
C ASN GB 98 35.37 -40.12 80.98
N ASP GB 99 34.94 -40.71 79.86
CA ASP GB 99 33.64 -41.37 79.71
C ASP GB 99 32.44 -40.48 80.08
N VAL GB 100 32.46 -39.23 79.62
CA VAL GB 100 31.29 -38.34 79.66
C VAL GB 100 30.17 -38.94 78.79
N ASP GB 101 28.94 -38.96 79.30
CA ASP GB 101 27.79 -39.52 78.59
C ASP GB 101 27.09 -38.53 77.66
N GLY GB 102 27.26 -37.22 77.88
CA GLY GB 102 26.74 -36.19 76.99
C GLY GB 102 27.26 -34.80 77.32
N ILE GB 103 27.26 -33.91 76.33
CA ILE GB 103 27.82 -32.56 76.43
C ILE GB 103 26.75 -31.51 76.15
N VAL GB 104 26.66 -30.50 77.01
CA VAL GB 104 25.92 -29.27 76.73
C VAL GB 104 26.94 -28.17 76.48
N ILE GB 105 26.86 -27.46 75.36
CA ILE GB 105 27.82 -26.40 75.03
C ILE GB 105 27.14 -25.10 74.62
N ASN GB 106 27.61 -23.98 75.17
CA ASN GB 106 27.28 -22.63 74.72
C ASN GB 106 28.58 -21.94 74.29
N PRO GB 107 28.93 -21.92 72.99
CA PRO GB 107 30.20 -21.37 72.53
C PRO GB 107 30.31 -19.84 72.64
N GLY GB 108 29.23 -19.11 72.94
CA GLY GB 108 29.22 -17.66 72.76
C GLY GB 108 29.53 -17.26 71.31
N ALA GB 109 30.33 -16.23 71.10
CA ALA GB 109 30.66 -15.72 69.76
C ALA GB 109 31.42 -16.72 68.87
N PHE GB 110 32.15 -17.71 69.42
CA PHE GB 110 32.86 -18.73 68.64
C PHE GB 110 31.94 -19.52 67.69
N THR GB 111 30.64 -19.57 67.97
CA THR GB 111 29.59 -20.14 67.12
C THR GB 111 29.65 -19.67 65.66
N HIS GB 112 30.11 -18.44 65.45
CA HIS GB 112 30.05 -17.75 64.16
C HIS GB 112 31.38 -17.70 63.42
N TYR GB 113 32.46 -18.25 63.99
CA TYR GB 113 33.78 -18.23 63.32
C TYR GB 113 34.78 -19.34 63.71
N SER GB 114 34.62 -20.04 64.84
CA SER GB 114 35.64 -21.02 65.28
C SER GB 114 35.50 -22.36 64.56
N TYR GB 115 36.15 -22.50 63.41
CA TYR GB 115 36.30 -23.79 62.76
C TYR GB 115 37.16 -24.76 63.58
N ALA GB 116 38.03 -24.28 64.47
CA ALA GB 116 38.78 -25.16 65.37
C ALA GB 116 37.89 -25.86 66.40
N VAL GB 117 36.94 -25.14 67.02
CA VAL GB 117 35.98 -25.74 67.96
C VAL GB 117 34.99 -26.65 67.22
N ARG GB 118 34.54 -26.26 66.02
CA ARG GB 118 33.74 -27.14 65.15
C ARG GB 118 34.44 -28.48 64.95
N ASP GB 119 35.69 -28.46 64.50
CA ASP GB 119 36.44 -29.67 64.22
C ASP GB 119 36.80 -30.45 65.50
N ALA GB 120 36.93 -29.79 66.66
CA ALA GB 120 37.05 -30.47 67.93
C ALA GB 120 35.77 -31.27 68.27
N LEU GB 121 34.60 -30.66 68.12
CA LEU GB 121 33.32 -31.35 68.30
C LEU GB 121 33.15 -32.50 67.30
N ALA GB 122 33.58 -32.33 66.05
CA ALA GB 122 33.57 -33.40 65.06
C ALA GB 122 34.50 -34.56 65.44
N SER GB 123 35.61 -34.31 66.12
CA SER GB 123 36.56 -35.35 66.52
C SER GB 123 36.05 -36.30 67.60
N ILE GB 124 35.03 -35.91 68.37
CA ILE GB 124 34.46 -36.70 69.48
C ILE GB 124 33.04 -37.23 69.16
N ALA GB 125 32.78 -37.59 67.91
CA ALA GB 125 31.45 -37.97 67.41
C ALA GB 125 30.76 -39.14 68.16
N ALA GB 126 31.48 -39.95 68.93
CA ALA GB 126 30.90 -40.96 69.80
C ALA GB 126 30.05 -40.41 70.95
N ILE GB 127 30.22 -39.14 71.34
CA ILE GB 127 29.53 -38.51 72.46
C ILE GB 127 28.42 -37.58 71.93
N PRO GB 128 27.17 -37.69 72.41
CA PRO GB 128 26.10 -36.80 72.01
C PRO GB 128 26.27 -35.39 72.60
N LYS GB 129 26.02 -34.34 71.81
CA LYS GB 129 26.12 -32.95 72.26
C LYS GB 129 24.91 -32.12 71.85
N ILE GB 130 24.50 -31.20 72.71
CA ILE GB 130 23.46 -30.19 72.45
C ILE GB 130 24.09 -28.79 72.53
N GLU GB 131 23.86 -27.96 71.52
CA GLU GB 131 24.29 -26.55 71.55
C GLU GB 131 23.20 -25.63 72.13
N VAL GB 132 23.58 -24.67 72.97
CA VAL GB 132 22.65 -23.76 73.66
C VAL GB 132 22.99 -22.29 73.38
N HIS GB 133 22.00 -21.47 73.04
CA HIS GB 133 22.09 -20.01 73.05
C HIS GB 133 21.02 -19.38 73.93
N ILE GB 134 21.46 -18.50 74.84
CA ILE GB 134 20.58 -17.82 75.79
C ILE GB 134 19.64 -16.84 75.07
N SER GB 135 20.21 -15.96 74.25
CA SER GB 135 19.48 -15.01 73.42
C SER GB 135 19.30 -15.52 71.98
N ASN GB 136 18.42 -14.85 71.22
CA ASN GB 136 17.96 -15.25 69.90
C ASN GB 136 18.99 -15.00 68.78
N VAL GB 137 20.23 -15.49 68.92
CA VAL GB 137 21.40 -15.09 68.11
C VAL GB 137 21.18 -15.13 66.60
N THR GB 146 24.04 -17.31 60.68
CA THR GB 146 24.36 -18.72 60.41
C THR GB 146 25.58 -19.16 61.23
N SER GB 147 25.62 -20.43 61.65
CA SER GB 147 26.55 -20.96 62.65
C SER GB 147 27.39 -22.12 62.13
N VAL GB 148 28.66 -22.22 62.54
CA VAL GB 148 29.58 -23.28 62.07
C VAL GB 148 29.59 -24.53 62.96
N THR GB 149 29.18 -24.43 64.23
CA THR GB 149 29.18 -25.52 65.23
C THR GB 149 27.89 -26.36 65.28
N VAL GB 150 26.76 -25.88 64.72
CA VAL GB 150 25.46 -26.58 64.74
C VAL GB 150 25.46 -27.95 64.04
N PRO GB 151 25.97 -28.12 62.80
CA PRO GB 151 25.76 -29.37 62.05
C PRO GB 151 26.52 -30.58 62.63
N VAL GB 152 27.46 -30.37 63.55
CA VAL GB 152 28.21 -31.42 64.26
C VAL GB 152 27.62 -31.75 65.64
N CYS GB 153 26.40 -31.28 65.95
CA CYS GB 153 25.66 -31.53 67.19
C CYS GB 153 24.32 -32.25 66.94
N GLN GB 154 23.80 -32.96 67.94
CA GLN GB 154 22.52 -33.69 67.82
C GLN GB 154 21.28 -32.79 67.89
N GLY GB 155 21.42 -31.55 68.36
CA GLY GB 155 20.36 -30.56 68.40
C GLY GB 155 20.85 -29.20 68.91
N GLU GB 156 20.04 -28.17 68.72
CA GLU GB 156 20.28 -26.81 69.23
C GLU GB 156 19.06 -26.31 70.01
N VAL GB 157 19.29 -25.55 71.08
CA VAL GB 157 18.25 -24.85 71.86
C VAL GB 157 18.56 -23.36 71.85
N VAL GB 158 17.64 -22.52 71.40
CA VAL GB 158 17.89 -21.09 71.16
C VAL GB 158 16.81 -20.20 71.76
N GLY GB 159 17.21 -19.12 72.43
CA GLY GB 159 16.31 -18.02 72.81
C GLY GB 159 15.43 -18.28 74.04
N LEU GB 160 15.58 -19.42 74.72
CA LEU GB 160 14.79 -19.76 75.92
C LEU GB 160 15.38 -19.21 77.23
N GLY GB 161 16.29 -18.23 77.16
CA GLY GB 161 16.95 -17.68 78.33
C GLY GB 161 17.80 -18.72 79.06
N LEU GB 162 17.88 -18.65 80.38
CA LEU GB 162 18.62 -19.62 81.18
C LEU GB 162 17.91 -20.99 81.22
N GLY GB 163 16.63 -21.06 80.86
CA GLY GB 163 15.89 -22.32 80.72
C GLY GB 163 16.43 -23.24 79.62
N GLY GB 164 17.16 -22.73 78.63
CA GLY GB 164 17.69 -23.53 77.53
C GLY GB 164 18.67 -24.63 77.96
N TYR GB 165 19.45 -24.41 79.02
CA TYR GB 165 20.30 -25.45 79.59
C TYR GB 165 19.49 -26.60 80.20
N LEU GB 166 18.33 -26.30 80.78
CA LEU GB 166 17.49 -27.29 81.44
C LEU GB 166 16.81 -28.19 80.41
N ALA GB 167 16.35 -27.63 79.29
CA ALA GB 167 15.93 -28.45 78.17
C ALA GB 167 17.06 -29.33 77.64
N ALA GB 168 18.27 -28.77 77.44
CA ALA GB 168 19.39 -29.54 76.94
C ALA GB 168 19.75 -30.73 77.86
N MET GB 169 19.76 -30.55 79.18
CA MET GB 169 19.96 -31.66 80.12
C MET GB 169 18.85 -32.69 80.02
N GLY GB 170 17.58 -32.28 79.91
CA GLY GB 170 16.46 -33.20 79.69
C GLY GB 170 16.61 -34.00 78.40
N MET GB 171 16.97 -33.35 77.30
CA MET GB 171 17.20 -33.98 76.01
C MET GB 171 18.36 -34.99 76.01
N LEU GB 172 19.35 -34.85 76.90
CA LEU GB 172 20.42 -35.84 77.06
C LEU GB 172 20.01 -37.04 77.93
N VAL GB 173 19.13 -36.83 78.90
CA VAL GB 173 18.59 -37.93 79.72
C VAL GB 173 17.61 -38.81 78.92
N GLU GB 174 16.85 -38.21 78.00
CA GLU GB 174 15.91 -38.88 77.11
C GLU GB 174 16.58 -39.77 76.04
N MET HB 33 75.02 -31.79 -54.64
CA MET HB 33 73.64 -31.30 -54.44
C MET HB 33 73.23 -30.35 -55.56
N LYS HB 34 72.01 -30.50 -56.09
CA LYS HB 34 71.40 -29.68 -57.16
C LYS HB 34 70.17 -28.93 -56.65
N ILE HB 35 70.14 -27.60 -56.79
CA ILE HB 35 69.05 -26.71 -56.38
C ILE HB 35 68.37 -26.11 -57.61
N LEU HB 36 67.05 -25.94 -57.56
CA LEU HB 36 66.27 -25.23 -58.57
C LEU HB 36 65.61 -23.98 -57.97
N VAL HB 37 65.83 -22.82 -58.60
CA VAL HB 37 65.23 -21.54 -58.19
C VAL HB 37 64.20 -21.11 -59.23
N ILE HB 38 62.96 -20.90 -58.82
CA ILE HB 38 61.84 -20.50 -59.69
C ILE HB 38 61.31 -19.13 -59.28
N ASN HB 39 61.33 -18.19 -60.22
CA ASN HB 39 60.76 -16.86 -60.09
C ASN HB 39 59.48 -16.73 -60.94
N GLY HB 40 58.40 -16.23 -60.34
CA GLY HB 40 57.10 -16.07 -60.98
C GLY HB 40 56.99 -14.86 -61.92
N PRO HB 41 55.75 -14.44 -62.26
CA PRO HB 41 55.51 -13.31 -63.14
C PRO HB 41 56.01 -11.99 -62.55
N ASN HB 42 56.37 -11.04 -63.41
CA ASN HB 42 56.84 -9.69 -63.07
C ASN HB 42 58.20 -9.60 -62.33
N ILE HB 43 58.75 -10.67 -61.77
CA ILE HB 43 60.02 -10.64 -61.02
C ILE HB 43 61.20 -10.17 -61.89
N ASN HB 44 61.18 -10.43 -63.19
CA ASN HB 44 62.21 -9.93 -64.11
C ASN HB 44 62.25 -8.41 -64.25
N PHE HB 45 61.25 -7.67 -63.77
CA PHE HB 45 61.19 -6.21 -63.78
C PHE HB 45 61.62 -5.56 -62.44
N LEU HB 46 62.28 -6.29 -61.54
CA LEU HB 46 63.01 -5.68 -60.41
C LEU HB 46 63.93 -4.55 -60.89
N GLY HB 47 63.94 -3.42 -60.17
CA GLY HB 47 64.70 -2.23 -60.52
C GLY HB 47 64.05 -1.34 -61.59
N ILE HB 48 62.98 -1.80 -62.23
CA ILE HB 48 62.08 -1.00 -63.07
C ILE HB 48 60.78 -0.72 -62.30
N PRO HB 56 67.93 0.28 -56.53
CA PRO HB 56 68.66 0.27 -57.80
C PRO HB 56 69.07 -1.13 -58.28
N LEU HB 57 69.05 -2.16 -57.43
CA LEU HB 57 69.39 -3.52 -57.84
C LEU HB 57 68.34 -4.11 -58.78
N ASN HB 58 68.78 -4.74 -59.86
CA ASN HB 58 67.91 -5.32 -60.87
C ASN HB 58 67.91 -6.87 -60.85
N TYR HB 59 67.16 -7.49 -61.75
CA TYR HB 59 67.06 -8.95 -61.80
C TYR HB 59 68.39 -9.65 -62.12
N ASP HB 60 69.26 -9.09 -62.96
CA ASP HB 60 70.56 -9.69 -63.24
C ASP HB 60 71.51 -9.62 -62.04
N ASP HB 61 71.39 -8.60 -61.18
CA ASP HB 61 72.13 -8.54 -59.92
C ASP HB 61 71.72 -9.68 -58.99
N LEU HB 62 70.43 -9.95 -58.85
CA LEU HB 62 69.91 -11.08 -58.07
C LEU HB 62 70.41 -12.42 -58.62
N VAL HB 63 70.38 -12.61 -59.94
CA VAL HB 63 70.89 -13.84 -60.54
C VAL HB 63 72.37 -14.03 -60.28
N GLU HB 64 73.19 -12.98 -60.36
CA GLU HB 64 74.62 -13.09 -60.03
C GLU HB 64 74.86 -13.38 -58.55
N MET HB 65 74.12 -12.76 -57.63
CA MET HB 65 74.20 -13.08 -56.20
C MET HB 65 73.88 -14.56 -55.92
N ILE HB 66 72.84 -15.10 -56.54
CA ILE HB 66 72.47 -16.51 -56.39
C ILE HB 66 73.56 -17.42 -56.98
N LYS HB 67 74.03 -17.17 -58.20
CA LYS HB 67 75.08 -17.99 -58.82
C LYS HB 67 76.41 -17.95 -58.07
N GLY HB 68 76.81 -16.80 -57.53
CA GLY HB 68 78.01 -16.69 -56.69
C GLY HB 68 77.86 -17.42 -55.36
N THR HB 69 76.69 -17.30 -54.72
CA THR HB 69 76.41 -18.03 -53.47
C THR HB 69 76.39 -19.54 -53.67
N ALA HB 70 75.93 -20.05 -54.82
CA ALA HB 70 75.95 -21.48 -55.11
C ALA HB 70 77.37 -22.05 -55.09
N LYS HB 71 78.33 -21.36 -55.73
CA LYS HB 71 79.75 -21.74 -55.64
C LYS HB 71 80.27 -21.69 -54.21
N GLY HB 72 79.90 -20.67 -53.44
CA GLY HB 72 80.25 -20.56 -52.04
C GLY HB 72 79.78 -21.75 -51.18
N LEU HB 73 78.54 -22.19 -51.38
CA LEU HB 73 77.96 -23.34 -50.70
C LEU HB 73 78.35 -24.70 -51.30
N LYS HB 74 79.11 -24.73 -52.40
CA LYS HB 74 79.49 -25.96 -53.14
C LYS HB 74 78.28 -26.76 -53.65
N VAL HB 75 77.30 -26.09 -54.24
CA VAL HB 75 76.09 -26.69 -54.84
C VAL HB 75 75.94 -26.25 -56.30
N LYS HB 76 75.26 -27.06 -57.11
CA LYS HB 76 74.85 -26.66 -58.46
C LYS HB 76 73.48 -25.98 -58.40
N VAL HB 77 73.28 -24.92 -59.18
CA VAL HB 77 72.01 -24.18 -59.20
C VAL HB 77 71.52 -23.93 -60.62
N GLU HB 78 70.22 -24.10 -60.82
CA GLU HB 78 69.50 -23.62 -62.00
C GLU HB 78 68.52 -22.51 -61.59
N VAL HB 79 68.54 -21.38 -62.28
CA VAL HB 79 67.66 -20.24 -62.02
C VAL HB 79 66.73 -20.01 -63.20
N PHE HB 80 65.43 -19.96 -62.95
CA PHE HB 80 64.39 -19.89 -63.99
C PHE HB 80 63.34 -18.81 -63.68
N GLN HB 81 62.87 -18.10 -64.69
CA GLN HB 81 61.76 -17.14 -64.58
C GLN HB 81 60.81 -17.27 -65.77
N SER HB 82 59.51 -17.17 -65.53
CA SER HB 82 58.51 -17.05 -66.60
C SER HB 82 57.28 -16.28 -66.15
N ASN HB 83 56.61 -15.59 -67.05
CA ASN HB 83 55.32 -14.95 -66.80
C ASN HB 83 54.14 -15.94 -66.95
N HIS HB 84 54.33 -17.11 -67.55
CA HIS HB 84 53.28 -18.09 -67.77
C HIS HB 84 53.12 -19.05 -66.59
N GLU HB 85 51.91 -19.12 -66.00
CA GLU HB 85 51.56 -20.07 -64.94
C GLU HB 85 51.83 -21.52 -65.36
N GLY HB 86 51.49 -21.89 -66.59
CA GLY HB 86 51.71 -23.23 -67.11
C GLY HB 86 53.18 -23.59 -67.29
N ALA HB 87 54.05 -22.63 -67.59
CA ALA HB 87 55.49 -22.89 -67.73
C ALA HB 87 56.15 -23.17 -66.36
N ILE HB 88 55.65 -22.55 -65.29
CA ILE HB 88 56.07 -22.86 -63.92
C ILE HB 88 55.66 -24.29 -63.56
N ILE HB 89 54.43 -24.70 -63.85
CA ILE HB 89 53.97 -26.06 -63.58
C ILE HB 89 54.76 -27.09 -64.41
N ASP HB 90 55.06 -26.82 -65.68
CA ASP HB 90 55.94 -27.66 -66.47
C ASP HB 90 57.35 -27.77 -65.87
N LYS HB 91 57.93 -26.68 -65.36
CA LYS HB 91 59.25 -26.68 -64.71
C LYS HB 91 59.23 -27.50 -63.42
N LEU HB 92 58.18 -27.41 -62.61
CA LEU HB 92 58.01 -28.24 -61.41
C LEU HB 92 57.86 -29.73 -61.77
N GLN HB 93 57.10 -30.07 -62.81
CA GLN HB 93 57.01 -31.46 -63.27
C GLN HB 93 58.34 -31.96 -63.85
N GLU HB 94 59.09 -31.13 -64.55
CA GLU HB 94 60.43 -31.50 -65.04
C GLU HB 94 61.41 -31.78 -63.90
N ALA HB 95 61.35 -31.02 -62.81
CA ALA HB 95 62.24 -31.19 -61.66
C ALA HB 95 62.13 -32.59 -61.04
N TYR HB 96 60.92 -33.15 -60.97
CA TYR HB 96 60.68 -34.50 -60.45
C TYR HB 96 61.41 -35.59 -61.25
N TYR HB 97 61.52 -35.44 -62.57
CA TYR HB 97 62.24 -36.38 -63.43
C TYR HB 97 63.75 -36.15 -63.49
N ASN HB 98 64.26 -35.05 -62.91
CA ASN HB 98 65.66 -34.64 -63.01
C ASN HB 98 66.43 -34.69 -61.68
N ASP HB 99 65.86 -35.29 -60.63
CA ASP HB 99 66.50 -35.52 -59.32
C ASP HB 99 67.03 -34.23 -58.67
N VAL HB 100 66.26 -33.15 -58.72
CA VAL HB 100 66.50 -31.92 -57.96
C VAL HB 100 66.41 -32.22 -56.46
N ASP HB 101 67.37 -31.74 -55.67
CA ASP HB 101 67.44 -32.01 -54.23
C ASP HB 101 66.65 -31.02 -53.37
N GLY HB 102 66.34 -29.83 -53.89
CA GLY HB 102 65.49 -28.84 -53.22
C GLY HB 102 65.12 -27.68 -54.13
N ILE HB 103 63.98 -27.04 -53.84
CA ILE HB 103 63.40 -25.97 -54.66
C ILE HB 103 63.27 -24.68 -53.84
N VAL HB 104 63.70 -23.55 -54.40
CA VAL HB 104 63.40 -22.22 -53.88
C VAL HB 104 62.40 -21.58 -54.84
N ILE HB 105 61.26 -21.10 -54.35
CA ILE HB 105 60.23 -20.53 -55.22
C ILE HB 105 59.73 -19.17 -54.73
N ASN HB 106 59.63 -18.21 -55.64
CA ASN HB 106 58.96 -16.93 -55.43
C ASN HB 106 57.82 -16.81 -56.43
N PRO HB 107 56.57 -17.16 -56.07
CA PRO HB 107 55.46 -17.17 -57.00
C PRO HB 107 55.00 -15.78 -57.46
N GLY HB 108 55.49 -14.68 -56.86
CA GLY HB 108 54.90 -13.36 -57.06
C GLY HB 108 53.41 -13.35 -56.67
N ALA HB 109 52.56 -12.74 -57.50
CA ALA HB 109 51.12 -12.65 -57.25
C ALA HB 109 50.39 -14.00 -57.20
N PHE HB 110 50.89 -15.06 -57.86
CA PHE HB 110 50.25 -16.39 -57.84
C PHE HB 110 50.10 -16.97 -56.44
N THR HB 111 50.89 -16.51 -55.47
CA THR HB 111 50.78 -16.81 -54.03
C THR HB 111 49.37 -16.62 -53.46
N HIS HB 112 48.63 -15.66 -54.02
CA HIS HB 112 47.34 -15.20 -53.50
C HIS HB 112 46.14 -15.75 -54.25
N TYR HB 113 46.32 -16.50 -55.35
CA TYR HB 113 45.18 -17.03 -56.12
C TYR HB 113 45.42 -18.32 -56.94
N SER HB 114 46.65 -18.75 -57.22
CA SER HB 114 46.88 -19.92 -58.07
C SER HB 114 46.77 -21.24 -57.32
N TYR HB 115 45.56 -21.80 -57.26
CA TYR HB 115 45.37 -23.16 -56.76
C TYR HB 115 46.02 -24.20 -57.69
N ALA HB 116 46.24 -23.90 -58.97
CA ALA HB 116 46.97 -24.81 -59.87
C ALA HB 116 48.44 -24.97 -59.48
N VAL HB 117 49.15 -23.88 -59.14
CA VAL HB 117 50.54 -23.95 -58.68
C VAL HB 117 50.64 -24.56 -57.29
N ARG HB 118 49.71 -24.27 -56.37
CA ARG HB 118 49.61 -25.00 -55.09
C ARG HB 118 49.55 -26.50 -55.31
N ASP HB 119 48.63 -26.97 -56.14
CA ASP HB 119 48.47 -28.40 -56.38
C ASP HB 119 49.65 -29.00 -57.17
N ALA HB 120 50.37 -28.22 -57.98
CA ALA HB 120 51.62 -28.66 -58.57
C ALA HB 120 52.69 -28.90 -57.50
N LEU HB 121 52.86 -27.97 -56.55
CA LEU HB 121 53.78 -28.14 -55.43
C LEU HB 121 53.38 -29.33 -54.55
N ALA HB 122 52.09 -29.57 -54.32
CA ALA HB 122 51.62 -30.75 -53.61
C ALA HB 122 51.92 -32.06 -54.36
N SER HB 123 51.92 -32.06 -55.69
CA SER HB 123 52.21 -33.26 -56.49
C SER HB 123 53.66 -33.75 -56.40
N ILE HB 124 54.60 -32.93 -55.91
CA ILE HB 124 56.02 -33.27 -55.77
C ILE HB 124 56.48 -33.27 -54.30
N ALA HB 125 55.65 -33.79 -53.39
CA ALA HB 125 55.90 -33.81 -51.95
C ALA HB 125 57.22 -34.50 -51.49
N ALA HB 126 57.83 -35.33 -52.33
CA ALA HB 126 59.13 -35.93 -52.08
C ALA HB 126 60.29 -34.94 -52.06
N ILE HB 127 60.13 -33.74 -52.64
CA ILE HB 127 61.20 -32.73 -52.75
C ILE HB 127 60.93 -31.59 -51.74
N PRO HB 128 61.91 -31.16 -50.94
CA PRO HB 128 61.75 -30.03 -50.04
C PRO HB 128 61.72 -28.70 -50.80
N LYS HB 129 60.82 -27.79 -50.42
CA LYS HB 129 60.73 -26.45 -51.03
C LYS HB 129 60.62 -25.36 -49.98
N ILE HB 130 61.27 -24.22 -50.24
CA ILE HB 130 61.15 -22.99 -49.46
C ILE HB 130 60.50 -21.91 -50.34
N GLU HB 131 59.45 -21.27 -49.84
CA GLU HB 131 58.85 -20.11 -50.49
C GLU HB 131 59.53 -18.80 -50.08
N VAL HB 132 59.72 -17.87 -51.01
CA VAL HB 132 60.44 -16.60 -50.78
C VAL HB 132 59.62 -15.41 -51.25
N HIS HB 133 59.57 -14.33 -50.46
CA HIS HB 133 59.04 -13.02 -50.85
C HIS HB 133 60.01 -11.89 -50.56
N ILE HB 134 60.25 -11.03 -51.55
CA ILE HB 134 61.21 -9.93 -51.45
C ILE HB 134 60.68 -8.83 -50.51
N SER HB 135 59.43 -8.40 -50.73
CA SER HB 135 58.72 -7.42 -49.90
C SER HB 135 57.80 -8.09 -48.88
N ASN HB 136 57.31 -7.33 -47.89
CA ASN HB 136 56.52 -7.82 -46.75
C ASN HB 136 55.05 -8.14 -47.12
N VAL HB 137 54.82 -9.01 -48.11
CA VAL HB 137 53.51 -9.22 -48.77
C VAL HB 137 52.33 -9.45 -47.82
N THR HB 146 46.80 -13.30 -46.91
CA THR HB 146 46.75 -14.77 -46.77
C THR HB 146 47.14 -15.45 -48.09
N SER HB 147 47.80 -16.61 -48.01
CA SER HB 147 48.52 -17.25 -49.12
C SER HB 147 48.16 -18.73 -49.30
N VAL HB 148 48.00 -19.19 -50.54
CA VAL HB 148 47.55 -20.58 -50.84
C VAL HB 148 48.70 -21.57 -51.05
N THR HB 149 49.91 -21.11 -51.38
CA THR HB 149 51.12 -21.94 -51.64
C THR HB 149 51.98 -22.25 -50.40
N VAL HB 150 51.80 -21.52 -49.28
CA VAL HB 150 52.61 -21.69 -48.04
C VAL HB 150 52.51 -23.09 -47.41
N PRO HB 151 51.32 -23.68 -47.16
CA PRO HB 151 51.21 -24.91 -46.36
C PRO HB 151 51.71 -26.18 -47.06
N VAL HB 152 52.01 -26.11 -48.37
CA VAL HB 152 52.59 -27.21 -49.16
C VAL HB 152 54.12 -27.11 -49.29
N CYS HB 153 54.76 -26.21 -48.54
CA CYS HB 153 56.20 -25.97 -48.49
C CYS HB 153 56.77 -26.19 -47.07
N GLN HB 154 58.07 -26.49 -46.97
CA GLN HB 154 58.73 -26.75 -45.68
C GLN HB 154 59.10 -25.47 -44.91
N GLY HB 155 59.01 -24.29 -45.53
CA GLY HB 155 59.24 -23.00 -44.89
C GLY HB 155 58.92 -21.82 -45.82
N GLU HB 156 58.74 -20.65 -45.23
CA GLU HB 156 58.63 -19.37 -45.92
C GLU HB 156 59.68 -18.38 -45.40
N VAL HB 157 60.22 -17.54 -46.27
CA VAL HB 157 61.11 -16.42 -45.94
C VAL HB 157 60.54 -15.14 -46.52
N VAL HB 158 60.29 -14.11 -45.71
CA VAL HB 158 59.52 -12.93 -46.12
C VAL HB 158 60.19 -11.63 -45.69
N GLY HB 159 60.23 -10.65 -46.60
CA GLY HB 159 60.56 -9.25 -46.27
C GLY HB 159 62.05 -8.97 -46.05
N LEU HB 160 62.94 -9.93 -46.30
CA LEU HB 160 64.39 -9.76 -46.17
C LEU HB 160 65.07 -9.22 -47.43
N GLY HB 161 64.30 -8.68 -48.37
CA GLY HB 161 64.82 -8.21 -49.65
C GLY HB 161 65.41 -9.35 -50.46
N LEU HB 162 66.48 -9.07 -51.22
CA LEU HB 162 67.18 -10.09 -52.00
C LEU HB 162 67.94 -11.09 -51.11
N GLY HB 163 68.16 -10.77 -49.84
CA GLY HB 163 68.77 -11.69 -48.87
C GLY HB 163 67.95 -12.94 -48.58
N GLY HB 164 66.63 -12.90 -48.81
CA GLY HB 164 65.74 -14.04 -48.55
C GLY HB 164 66.06 -15.28 -49.37
N TYR HB 165 66.53 -15.13 -50.61
CA TYR HB 165 67.00 -16.26 -51.43
C TYR HB 165 68.23 -16.93 -50.81
N LEU HB 166 69.12 -16.16 -50.18
CA LEU HB 166 70.36 -16.67 -49.60
C LEU HB 166 70.07 -17.46 -48.33
N ALA HB 167 69.15 -16.99 -47.50
CA ALA HB 167 68.63 -17.80 -46.40
C ALA HB 167 67.99 -19.09 -46.91
N ALA HB 168 67.14 -19.02 -47.94
CA ALA HB 168 66.47 -20.21 -48.46
C ALA HB 168 67.45 -21.27 -48.96
N MET HB 169 68.51 -20.90 -49.68
CA MET HB 169 69.56 -21.85 -50.06
C MET HB 169 70.28 -22.43 -48.84
N GLY HB 170 70.56 -21.62 -47.82
CA GLY HB 170 71.13 -22.09 -46.56
C GLY HB 170 70.23 -23.11 -45.85
N MET HB 171 68.93 -22.81 -45.76
CA MET HB 171 67.94 -23.73 -45.18
C MET HB 171 67.84 -25.05 -45.93
N LEU HB 172 68.08 -25.09 -47.24
CA LEU HB 172 68.09 -26.34 -48.01
C LEU HB 172 69.39 -27.14 -47.86
N VAL HB 173 70.52 -26.47 -47.67
CA VAL HB 173 71.82 -27.14 -47.42
C VAL HB 173 71.88 -27.74 -46.01
N GLU HB 174 71.20 -27.14 -45.04
CA GLU HB 174 71.08 -27.62 -43.66
C GLU HB 174 70.20 -28.88 -43.50
#